data_8GTN
#
_entry.id   8GTN
#
_cell.length_a   1.00
_cell.length_b   1.00
_cell.length_c   1.00
_cell.angle_alpha   90.00
_cell.angle_beta   90.00
_cell.angle_gamma   90.00
#
_symmetry.space_group_name_H-M   'P 1'
#
_entity_poly.entity_id   1
_entity_poly.type   'polypeptide(L)'
_entity_poly.pdbx_seq_one_letter_code
;SGRPMFSVFEEITRIVVKEMDAGGDMIAVRSLVDADRFRCFHLVGEKRTFFGCRHYTTGLTLMDILDTDGDKWLDELDSG
LQGQKAEFQILDNVDSTGELIVRLPKEITISGSFQGFHHQKIKISENRISQQYLATLENRKLKRELPFSFRSINTRENLY
LVTETLETVKEETLKSDRQYKFWSQISQGHLSYKHKGQREVTIPPNRVLSYRVKQLVFPNKETMNIHFRGKTKSFPEGKS
LEVLFQ
;
_entity_poly.pdbx_strand_id   A,B,C,D,E,F,G,H,I,J,K,L,M,N,O,P,Q,R,S,T,V,W,X,Y,Z,AA,BA
#
# COMPACT_ATOMS: atom_id res chain seq x y z
CA MET A 5 87.44 13.35 32.04
C MET A 5 88.08 14.22 33.12
N PHE A 6 87.31 15.20 33.61
CA PHE A 6 87.80 16.14 34.60
C PHE A 6 86.76 16.29 35.70
N SER A 7 87.21 16.76 36.86
CA SER A 7 86.31 17.03 37.97
C SER A 7 85.33 18.13 37.58
N VAL A 8 84.16 18.13 38.23
CA VAL A 8 83.18 19.19 37.97
C VAL A 8 83.75 20.54 38.36
N PHE A 9 84.42 20.60 39.52
CA PHE A 9 85.08 21.82 39.93
C PHE A 9 86.16 22.24 38.94
N GLU A 10 86.86 21.25 38.36
CA GLU A 10 87.84 21.57 37.32
C GLU A 10 87.17 22.25 36.14
N GLU A 11 86.02 21.73 35.70
CA GLU A 11 85.32 22.33 34.57
C GLU A 11 84.85 23.73 34.89
N ILE A 12 84.27 23.95 36.07
CA ILE A 12 83.77 25.28 36.39
C ILE A 12 84.92 26.26 36.52
N THR A 13 86.07 25.83 37.05
CA THR A 13 87.20 26.73 37.13
C THR A 13 87.76 27.05 35.75
N ARG A 14 87.78 26.07 34.86
CA ARG A 14 88.24 26.34 33.50
C ARG A 14 87.32 27.35 32.81
N ILE A 15 86.00 27.21 33.00
CA ILE A 15 85.07 28.17 32.42
C ILE A 15 85.29 29.56 33.02
N VAL A 16 85.46 29.65 34.34
CA VAL A 16 85.63 30.95 34.97
C VAL A 16 86.91 31.61 34.51
N VAL A 17 87.98 30.83 34.32
CA VAL A 17 89.22 31.44 33.85
C VAL A 17 89.08 31.87 32.39
N LYS A 18 88.46 31.06 31.56
CA LYS A 18 88.29 31.44 30.15
C LYS A 18 87.42 32.68 30.01
N GLU A 19 86.51 32.92 30.96
CA GLU A 19 85.63 34.08 30.83
C GLU A 19 86.17 35.31 31.55
N MET A 20 86.36 35.21 32.86
CA MET A 20 86.73 36.38 33.66
C MET A 20 88.13 36.91 33.33
N ASP A 21 88.97 36.13 32.65
CA ASP A 21 90.28 36.65 32.28
C ASP A 21 90.63 36.09 30.90
N ALA A 22 90.28 36.85 29.87
CA ALA A 22 90.69 36.50 28.53
C ALA A 22 92.19 36.70 28.40
N GLY A 23 92.89 35.66 27.96
CA GLY A 23 94.34 35.73 27.95
C GLY A 23 94.87 35.92 29.36
N GLY A 24 95.65 36.97 29.55
CA GLY A 24 96.12 37.30 30.88
C GLY A 24 97.03 36.23 31.45
N ASP A 25 97.01 36.08 32.77
CA ASP A 25 97.88 35.13 33.46
C ASP A 25 97.16 34.27 34.49
N MET A 26 95.88 34.51 34.76
CA MET A 26 95.19 33.76 35.80
C MET A 26 95.12 32.28 35.44
N ILE A 27 95.42 31.44 36.42
CA ILE A 27 95.33 29.99 36.30
C ILE A 27 94.21 29.49 37.20
N ALA A 28 93.57 28.41 36.77
CA ALA A 28 92.39 27.90 37.43
C ALA A 28 92.78 26.88 38.51
N VAL A 29 92.18 27.03 39.69
CA VAL A 29 92.35 26.02 40.74
C VAL A 29 91.80 24.70 40.25
N ARG A 30 92.55 23.62 40.50
CA ARG A 30 92.18 22.31 40.01
C ARG A 30 91.32 21.54 41.00
N SER A 31 91.77 21.44 42.25
CA SER A 31 91.10 20.63 43.26
C SER A 31 90.55 21.53 44.35
N LEU A 32 89.32 21.26 44.77
CA LEU A 32 88.70 22.12 45.78
C LEU A 32 89.05 21.72 47.20
N VAL A 33 89.75 20.60 47.40
CA VAL A 33 90.24 20.29 48.73
C VAL A 33 91.28 21.31 49.17
N ASP A 34 92.18 21.68 48.27
CA ASP A 34 93.20 22.68 48.53
C ASP A 34 92.86 24.03 47.91
N ALA A 35 91.58 24.26 47.61
CA ALA A 35 91.17 25.59 47.17
C ALA A 35 91.38 26.62 48.27
N ASP A 36 91.08 26.24 49.51
CA ASP A 36 91.26 27.16 50.63
C ASP A 36 92.74 27.52 50.82
N ARG A 37 93.64 26.65 50.36
CA ARG A 37 95.07 26.95 50.50
C ARG A 37 95.62 27.77 49.34
N PHE A 38 94.79 28.14 48.37
CA PHE A 38 95.19 29.05 47.30
C PHE A 38 94.69 30.47 47.54
N ARG A 39 94.19 30.75 48.73
CA ARG A 39 93.72 32.08 49.08
C ARG A 39 94.87 33.08 49.01
N CYS A 40 94.53 34.36 49.10
CA CYS A 40 95.53 35.42 49.02
C CYS A 40 96.52 35.31 50.16
N PHE A 41 97.77 35.67 49.86
CA PHE A 41 98.96 35.63 50.71
C PHE A 41 99.51 34.21 50.88
N HIS A 42 98.84 33.17 50.40
CA HIS A 42 99.34 31.81 50.57
C HIS A 42 100.48 31.55 49.58
N LEU A 43 101.63 31.14 50.10
CA LEU A 43 102.76 30.82 49.24
C LEU A 43 102.46 29.57 48.42
N VAL A 44 102.98 29.56 47.20
CA VAL A 44 102.75 28.48 46.25
C VAL A 44 104.09 28.09 45.64
N GLY A 45 104.21 26.85 45.19
CA GLY A 45 105.41 26.40 44.54
C GLY A 45 105.09 25.82 43.18
N GLU A 46 106.14 25.69 42.38
CA GLU A 46 106.03 25.15 41.03
C GLU A 46 106.59 23.73 40.98
N LYS A 47 106.17 22.98 39.96
CA LYS A 47 106.70 21.65 39.73
C LYS A 47 106.67 21.37 38.23
N ARG A 48 107.75 20.80 37.73
CA ARG A 48 107.91 20.55 36.30
C ARG A 48 107.58 19.10 35.97
N THR A 49 106.91 18.90 34.84
CA THR A 49 106.51 17.57 34.39
C THR A 49 106.83 17.43 32.91
N PHE A 50 106.82 16.19 32.42
CA PHE A 50 107.03 15.95 31.01
C PHE A 50 105.92 16.56 30.16
N PHE A 51 104.70 16.63 30.70
CA PHE A 51 103.63 17.33 30.01
C PHE A 51 103.80 18.84 30.08
N GLY A 52 104.27 19.35 31.22
CA GLY A 52 104.43 20.78 31.39
C GLY A 52 104.81 21.16 32.81
N CYS A 53 104.19 22.21 33.34
CA CYS A 53 104.43 22.66 34.70
C CYS A 53 103.10 22.90 35.40
N ARG A 54 103.10 22.70 36.71
CA ARG A 54 101.91 22.89 37.54
C ARG A 54 102.29 23.53 38.85
N HIS A 55 101.28 23.90 39.63
CA HIS A 55 101.47 24.56 40.92
C HIS A 55 100.95 23.69 42.05
N TYR A 56 101.57 23.84 43.21
CA TYR A 56 101.11 23.21 44.44
C TYR A 56 101.09 24.26 45.54
N THR A 57 100.36 23.98 46.60
CA THR A 57 100.26 24.90 47.72
C THR A 57 101.06 24.35 48.90
N THR A 58 102.03 25.13 49.36
CA THR A 58 102.76 24.76 50.56
C THR A 58 101.90 24.88 51.81
N GLY A 59 100.83 25.67 51.76
CA GLY A 59 100.05 25.98 52.93
C GLY A 59 100.61 27.08 53.79
N LEU A 60 101.64 27.79 53.32
CA LEU A 60 102.28 28.87 54.06
C LEU A 60 101.71 30.20 53.59
N THR A 61 101.17 30.96 54.53
CA THR A 61 100.86 32.36 54.24
C THR A 61 102.15 33.18 54.33
N LEU A 62 102.06 34.44 53.87
CA LEU A 62 103.25 35.29 53.86
C LEU A 62 103.74 35.57 55.28
N MET A 63 102.81 35.64 56.25
CA MET A 63 103.20 35.94 57.62
C MET A 63 104.15 34.91 58.19
N ASP A 64 104.19 33.71 57.62
CA ASP A 64 105.13 32.69 58.08
C ASP A 64 106.56 33.10 57.79
N ILE A 65 106.82 33.69 56.63
CA ILE A 65 108.17 34.04 56.21
C ILE A 65 108.34 35.55 56.12
N LEU A 66 107.55 36.33 56.86
CA LEU A 66 107.67 37.78 56.88
C LEU A 66 108.08 38.22 58.28
N ASP A 67 109.17 38.99 58.37
CA ASP A 67 109.72 39.37 59.67
C ASP A 67 108.70 40.14 60.50
N THR A 68 108.00 41.09 59.87
CA THR A 68 106.99 41.90 60.55
C THR A 68 107.55 42.61 61.77
N LYS A 85 83.10 43.53 46.96
CA LYS A 85 84.08 43.96 45.98
C LYS A 85 83.50 43.92 44.57
N ALA A 86 83.99 42.99 43.76
CA ALA A 86 83.51 42.79 42.39
C ALA A 86 82.89 41.40 42.31
N GLU A 87 81.61 41.36 41.91
CA GLU A 87 80.82 40.14 41.94
C GLU A 87 80.32 39.83 40.54
N PHE A 88 80.66 38.65 40.03
CA PHE A 88 80.31 38.23 38.68
C PHE A 88 79.47 36.97 38.74
N GLN A 89 78.31 36.99 38.12
CA GLN A 89 77.38 35.86 38.12
C GLN A 89 77.43 35.19 36.76
N ILE A 90 78.12 34.07 36.67
CA ILE A 90 78.23 33.32 35.43
C ILE A 90 77.14 32.24 35.44
N LEU A 91 76.63 31.92 34.25
CA LEU A 91 75.62 30.87 34.12
C LEU A 91 75.66 30.37 32.68
N ASP A 92 75.80 29.06 32.51
CA ASP A 92 75.88 28.54 31.15
C ASP A 92 75.48 27.07 31.12
N ASN A 93 75.16 26.62 29.91
CA ASN A 93 74.91 25.22 29.60
C ASN A 93 75.64 24.88 28.33
N VAL A 94 76.25 23.69 28.29
CA VAL A 94 77.08 23.26 27.19
C VAL A 94 76.62 21.89 26.72
N ASP A 95 76.52 21.73 25.40
CA ASP A 95 76.15 20.45 24.80
C ASP A 95 77.14 20.15 23.68
N SER A 96 78.01 19.17 23.89
CA SER A 96 79.03 18.81 22.92
C SER A 96 78.89 17.35 22.53
N THR A 97 79.31 17.03 21.31
CA THR A 97 79.25 15.65 20.81
C THR A 97 80.32 15.48 19.74
N GLY A 98 81.05 14.37 19.81
CA GLY A 98 82.04 14.06 18.80
C GLY A 98 82.06 12.59 18.43
N GLU A 99 81.91 12.32 17.13
CA GLU A 99 81.84 10.92 16.66
C GLU A 99 82.92 10.68 15.61
N LEU A 100 83.72 9.64 15.77
CA LEU A 100 84.78 9.30 14.84
C LEU A 100 84.66 7.84 14.43
N ILE A 101 85.11 7.55 13.21
CA ILE A 101 85.11 6.20 12.66
C ILE A 101 86.46 5.96 11.98
N VAL A 102 87.04 4.79 12.22
CA VAL A 102 88.33 4.43 11.64
C VAL A 102 88.23 3.03 11.06
N ARG A 103 88.81 2.83 9.88
CA ARG A 103 88.86 1.52 9.25
C ARG A 103 90.30 1.17 8.91
N LEU A 104 90.60 -0.13 8.97
CA LEU A 104 91.98 -0.61 8.69
C LEU A 104 91.87 -1.85 7.80
N PRO A 105 92.84 -2.10 6.90
CA PRO A 105 92.84 -3.29 6.04
C PRO A 105 92.95 -4.60 6.80
N LYS A 106 93.22 -4.56 8.10
CA LYS A 106 93.27 -5.75 8.94
C LYS A 106 91.91 -6.11 9.51
N GLU A 107 90.83 -5.71 8.83
CA GLU A 107 89.46 -5.95 9.27
C GLU A 107 89.21 -5.35 10.65
N ILE A 108 89.70 -4.14 10.88
CA ILE A 108 89.51 -3.43 12.14
C ILE A 108 88.71 -2.16 11.89
N THR A 109 87.44 -2.17 12.24
CA THR A 109 86.55 -1.02 12.06
C THR A 109 86.09 -0.55 13.43
N ILE A 110 86.61 0.60 13.86
CA ILE A 110 86.28 1.16 15.16
C ILE A 110 85.42 2.39 14.96
N SER A 111 84.60 2.70 15.96
CA SER A 111 83.75 3.88 15.92
C SER A 111 83.45 4.30 17.35
N GLY A 112 83.67 5.58 17.65
CA GLY A 112 83.46 6.09 18.99
C GLY A 112 82.77 7.43 19.05
N SER A 113 81.80 7.56 19.95
CA SER A 113 81.06 8.80 20.17
C SER A 113 81.26 9.24 21.61
N PHE A 114 81.48 10.53 21.81
CA PHE A 114 81.73 11.10 23.13
C PHE A 114 80.90 12.37 23.25
N GLN A 115 79.93 12.38 24.14
CA GLN A 115 79.03 13.50 24.29
C GLN A 115 79.03 13.99 25.74
N GLY A 116 78.71 15.27 25.89
CA GLY A 116 78.69 15.89 27.20
C GLY A 116 77.64 16.98 27.32
N PHE A 117 77.02 17.06 28.49
CA PHE A 117 75.99 18.04 28.79
C PHE A 117 76.30 18.63 30.16
N HIS A 118 76.66 19.91 30.19
CA HIS A 118 77.07 20.58 31.41
C HIS A 118 76.11 21.70 31.72
N HIS A 119 75.81 21.90 33.02
CA HIS A 119 75.00 23.03 33.44
C HIS A 119 75.61 23.60 34.72
N GLN A 120 75.96 24.89 34.67
CA GLN A 120 76.58 25.55 35.80
C GLN A 120 75.97 26.92 35.99
N LYS A 121 75.81 27.31 37.26
CA LYS A 121 75.41 28.65 37.64
C LYS A 121 76.17 28.99 38.91
N ILE A 122 77.00 30.03 38.84
CA ILE A 122 77.91 30.34 39.94
C ILE A 122 77.99 31.86 40.08
N LYS A 123 78.28 32.31 41.30
CA LYS A 123 78.41 33.72 41.62
C LYS A 123 79.74 33.91 42.35
N ILE A 124 80.73 34.43 41.64
CA ILE A 124 82.07 34.56 42.19
C ILE A 124 82.31 36.01 42.57
N SER A 125 83.34 36.22 43.39
CA SER A 125 83.77 37.56 43.79
C SER A 125 85.28 37.62 43.70
N GLU A 126 85.80 38.82 43.51
CA GLU A 126 87.22 39.02 43.33
C GLU A 126 87.85 39.67 44.56
N ASN A 127 89.02 39.17 44.95
CA ASN A 127 89.82 39.81 45.98
C ASN A 127 91.26 39.87 45.48
N ARG A 128 91.99 40.86 45.98
CA ARG A 128 93.36 41.06 45.50
C ARG A 128 94.11 41.92 46.50
N ILE A 129 95.41 41.66 46.61
CA ILE A 129 96.27 42.44 47.48
C ILE A 129 96.64 43.74 46.78
N SER A 130 96.46 44.86 47.48
CA SER A 130 96.69 46.16 46.88
C SER A 130 98.16 46.33 46.52
N GLN A 131 98.40 47.06 45.42
CA GLN A 131 99.76 47.32 44.99
C GLN A 131 100.56 48.12 46.01
N GLN A 132 99.88 48.79 46.94
CA GLN A 132 100.58 49.40 48.05
C GLN A 132 101.32 48.36 48.89
N TYR A 133 100.66 47.23 49.15
CA TYR A 133 101.30 46.17 49.91
C TYR A 133 102.52 45.62 49.17
N LEU A 134 102.35 45.29 47.89
CA LEU A 134 103.48 44.81 47.09
C LEU A 134 104.59 45.84 47.05
N ALA A 135 104.25 47.13 47.10
CA ALA A 135 105.27 48.16 47.24
C ALA A 135 105.98 48.04 48.58
N THR A 136 105.25 47.75 49.65
CA THR A 136 105.86 47.58 50.96
C THR A 136 106.62 46.27 51.10
N LEU A 137 106.15 45.21 50.47
CA LEU A 137 106.78 43.89 50.59
C LEU A 137 107.92 43.73 49.60
N GLU A 138 108.87 44.65 49.59
CA GLU A 138 109.99 44.60 48.67
C GLU A 138 111.28 44.34 49.44
N ASN A 139 111.97 43.26 49.07
CA ASN A 139 113.26 42.89 49.65
C ASN A 139 113.20 42.87 51.17
N ARG A 140 112.13 42.27 51.69
CA ARG A 140 111.97 42.13 53.13
C ARG A 140 112.86 41.03 53.68
N LYS A 141 113.26 41.17 54.93
CA LYS A 141 113.91 40.08 55.64
C LYS A 141 112.86 39.09 56.12
N LEU A 142 113.18 37.82 56.06
CA LEU A 142 112.26 36.78 56.48
C LEU A 142 112.27 36.67 58.00
N LYS A 143 111.60 35.66 58.53
CA LYS A 143 111.66 35.37 59.96
C LYS A 143 112.86 34.50 60.27
N ARG A 144 113.53 34.80 61.38
CA ARG A 144 114.63 33.96 61.82
C ARG A 144 114.17 32.55 62.18
N GLU A 145 112.88 32.38 62.45
CA GLU A 145 112.30 31.07 62.74
C GLU A 145 111.97 30.36 61.42
N LEU A 146 113.03 29.95 60.73
CA LEU A 146 112.91 29.21 59.47
C LEU A 146 112.16 27.91 59.70
N PRO A 147 110.93 27.78 59.20
CA PRO A 147 110.21 26.51 59.36
C PRO A 147 110.80 25.46 58.43
N PHE A 148 110.85 24.22 58.93
CA PHE A 148 111.28 23.12 58.08
C PHE A 148 110.36 22.96 56.87
N SER A 149 109.12 23.42 56.98
CA SER A 149 108.23 23.43 55.83
C SER A 149 108.82 24.23 54.68
N PHE A 150 109.41 25.39 54.98
CA PHE A 150 110.05 26.21 53.97
C PHE A 150 111.55 25.92 53.86
N ARG A 151 112.22 25.66 54.98
CA ARG A 151 113.66 25.46 54.95
C ARG A 151 114.06 24.32 54.05
N SER A 152 113.21 23.31 53.93
CA SER A 152 113.50 22.12 53.12
C SER A 152 113.00 22.24 51.70
N ILE A 153 112.46 23.39 51.30
CA ILE A 153 111.96 23.53 49.94
C ILE A 153 113.12 23.40 48.97
N ASN A 154 112.95 22.58 47.94
CA ASN A 154 113.99 22.36 46.96
C ASN A 154 114.23 23.65 46.17
N THR A 155 115.48 24.12 46.16
CA THR A 155 115.81 25.36 45.49
C THR A 155 115.75 25.24 43.96
N ARG A 156 115.70 24.02 43.42
CA ARG A 156 115.58 23.85 41.98
C ARG A 156 114.28 24.43 41.45
N GLU A 157 113.18 24.21 42.17
CA GLU A 157 111.88 24.74 41.79
C GLU A 157 111.73 26.18 42.29
N ASN A 158 110.64 26.82 41.88
CA ASN A 158 110.42 28.23 42.14
C ASN A 158 109.52 28.43 43.35
N LEU A 159 109.17 29.68 43.64
CA LEU A 159 108.30 30.01 44.75
C LEU A 159 107.57 31.30 44.42
N TYR A 160 106.27 31.33 44.69
CA TYR A 160 105.41 32.44 44.29
C TYR A 160 104.48 32.81 45.43
N LEU A 161 103.94 34.02 45.35
CA LEU A 161 102.94 34.50 46.27
C LEU A 161 101.64 34.72 45.51
N VAL A 162 100.54 34.22 46.06
CA VAL A 162 99.24 34.38 45.43
C VAL A 162 98.76 35.82 45.63
N THR A 163 98.42 36.48 44.52
CA THR A 163 98.12 37.90 44.50
C THR A 163 96.62 38.18 44.42
N GLU A 164 95.93 37.61 43.44
CA GLU A 164 94.51 37.85 43.25
C GLU A 164 93.78 36.51 43.16
N THR A 165 92.54 36.50 43.64
CA THR A 165 91.76 35.28 43.74
C THR A 165 90.29 35.54 43.42
N LEU A 166 89.70 34.64 42.64
CA LEU A 166 88.27 34.61 42.41
C LEU A 166 87.68 33.49 43.26
N GLU A 167 86.80 33.85 44.19
CA GLU A 167 86.26 32.90 45.15
C GLU A 167 84.75 33.00 45.18
N THR A 168 84.09 31.85 45.28
CA THR A 168 82.64 31.86 45.33
C THR A 168 82.16 32.52 46.63
N VAL A 169 80.90 32.95 46.64
CA VAL A 169 80.32 33.57 47.82
C VAL A 169 78.98 32.92 48.14
N LYS A 170 78.64 31.85 47.43
CA LYS A 170 77.36 31.21 47.61
C LYS A 170 77.51 29.71 47.42
N GLU A 171 76.66 28.94 48.10
CA GLU A 171 76.69 27.49 47.98
C GLU A 171 76.20 27.08 46.60
N GLU A 172 77.06 26.48 45.81
CA GLU A 172 76.76 26.16 44.42
C GLU A 172 76.48 24.68 44.24
N THR A 173 75.82 24.37 43.12
CA THR A 173 75.43 22.99 42.79
C THR A 173 75.57 22.83 41.29
N LEU A 174 76.67 22.23 40.86
CA LEU A 174 77.01 22.12 39.45
C LEU A 174 76.69 20.73 38.94
N LYS A 175 76.27 20.65 37.66
CA LYS A 175 75.84 19.37 37.10
C LYS A 175 76.56 19.08 35.79
N SER A 176 76.85 17.81 35.57
CA SER A 176 77.46 17.35 34.33
C SER A 176 76.85 16.01 33.94
N ASP A 177 77.04 15.64 32.69
CA ASP A 177 76.55 14.36 32.20
C ASP A 177 77.39 13.94 31.00
N ARG A 178 78.13 12.85 31.13
CA ARG A 178 79.02 12.37 30.10
C ARG A 178 78.50 11.06 29.51
N GLN A 179 78.84 10.83 28.23
CA GLN A 179 78.48 9.57 27.57
C GLN A 179 79.61 9.18 26.64
N TYR A 180 80.14 7.98 26.83
CA TYR A 180 81.20 7.42 25.99
C TYR A 180 80.69 6.12 25.41
N LYS A 181 80.39 6.12 24.11
CA LYS A 181 79.88 4.93 23.43
C LYS A 181 80.85 4.60 22.30
N PHE A 182 81.77 3.66 22.54
CA PHE A 182 82.74 3.34 21.50
C PHE A 182 82.94 1.84 21.39
N TRP A 183 83.04 1.37 20.15
CA TRP A 183 83.23 -0.04 19.85
C TRP A 183 84.24 -0.21 18.73
N SER A 184 84.59 -1.46 18.46
CA SER A 184 85.60 -1.79 17.48
C SER A 184 85.44 -3.24 17.09
N GLN A 185 85.27 -3.49 15.79
CA GLN A 185 85.24 -4.84 15.25
C GLN A 185 86.62 -5.23 14.74
N ILE A 186 87.05 -6.43 15.10
CA ILE A 186 88.34 -6.96 14.67
C ILE A 186 88.07 -8.10 13.69
N SER A 187 89.16 -8.61 13.10
CA SER A 187 89.04 -9.70 12.14
C SER A 187 88.39 -10.92 12.77
N GLN A 188 88.60 -11.13 14.07
CA GLN A 188 88.03 -12.28 14.78
C GLN A 188 86.72 -11.91 15.46
N GLY A 189 86.76 -10.91 16.33
CA GLY A 189 85.61 -10.56 17.15
C GLY A 189 85.41 -9.05 17.25
N HIS A 190 84.64 -8.66 18.26
CA HIS A 190 84.26 -7.27 18.48
C HIS A 190 84.58 -6.88 19.92
N LEU A 191 84.41 -5.60 20.22
CA LEU A 191 84.57 -5.10 21.59
C LEU A 191 83.89 -3.74 21.68
N SER A 192 82.93 -3.61 22.59
CA SER A 192 82.16 -2.39 22.73
C SER A 192 82.12 -1.95 24.18
N TYR A 193 81.89 -0.65 24.39
CA TYR A 193 81.77 -0.10 25.73
C TYR A 193 80.87 1.13 25.68
N LYS A 194 79.83 1.13 26.51
CA LYS A 194 78.89 2.22 26.61
C LYS A 194 78.79 2.69 28.05
N HIS A 195 79.11 3.95 28.29
CA HIS A 195 79.07 4.54 29.62
C HIS A 195 78.21 5.79 29.56
N LYS A 196 77.29 5.92 30.53
CA LYS A 196 76.46 7.10 30.68
C LYS A 196 76.46 7.49 32.14
N GLY A 197 77.00 8.66 32.45
CA GLY A 197 77.09 9.08 33.83
C GLY A 197 76.66 10.51 34.08
N GLN A 198 75.67 10.68 34.95
CA GLN A 198 75.22 12.00 35.40
C GLN A 198 75.85 12.27 36.76
N ARG A 199 76.46 13.45 36.90
CA ARG A 199 77.21 13.80 38.09
C ARG A 199 76.76 15.17 38.58
N GLU A 200 76.84 15.37 39.89
CA GLU A 200 76.39 16.61 40.50
C GLU A 200 77.19 16.85 41.77
N VAL A 201 77.66 18.08 41.95
CA VAL A 201 78.52 18.39 43.10
C VAL A 201 78.03 19.68 43.75
N THR A 202 78.34 19.83 45.03
CA THR A 202 77.98 20.99 45.81
C THR A 202 79.23 21.64 46.39
N ILE A 203 79.21 22.96 46.48
CA ILE A 203 80.39 23.73 46.85
C ILE A 203 80.03 24.76 47.90
N PRO A 204 80.80 24.86 48.98
CA PRO A 204 80.57 25.90 49.99
C PRO A 204 81.11 27.24 49.52
N PRO A 205 80.82 28.32 50.24
CA PRO A 205 81.35 29.63 49.84
C PRO A 205 82.85 29.70 50.04
N ASN A 206 83.43 30.77 49.47
CA ASN A 206 84.83 31.16 49.64
C ASN A 206 85.81 30.16 49.04
N ARG A 207 85.36 29.33 48.11
CA ARG A 207 86.27 28.40 47.44
C ARG A 207 86.96 29.12 46.28
N VAL A 208 88.29 29.23 46.36
CA VAL A 208 89.05 29.97 45.36
C VAL A 208 88.98 29.23 44.03
N LEU A 209 88.45 29.91 43.01
CA LEU A 209 88.31 29.31 41.69
C LEU A 209 89.49 29.59 40.77
N SER A 210 90.23 30.67 41.00
CA SER A 210 91.39 30.97 40.17
C SER A 210 92.31 31.91 40.92
N TYR A 211 93.56 31.97 40.47
CA TYR A 211 94.55 32.79 41.14
C TYR A 211 95.65 33.17 40.15
N ARG A 212 96.41 34.19 40.53
CA ARG A 212 97.60 34.62 39.80
C ARG A 212 98.71 34.86 40.81
N VAL A 213 99.95 34.79 40.35
CA VAL A 213 101.09 34.72 41.26
C VAL A 213 102.15 35.76 40.90
N LYS A 214 102.91 36.17 41.90
CA LYS A 214 104.10 37.00 41.73
C LYS A 214 105.29 36.28 42.36
N GLN A 215 106.40 36.20 41.63
CA GLN A 215 107.48 35.33 42.07
C GLN A 215 108.18 35.93 43.29
N LEU A 216 108.87 35.07 44.03
CA LEU A 216 109.72 35.51 45.14
C LEU A 216 111.09 34.87 44.97
N VAL A 217 112.08 35.65 44.55
CA VAL A 217 113.45 35.18 44.43
C VAL A 217 114.21 35.52 45.71
N PHE A 218 115.09 34.62 46.12
CA PHE A 218 115.83 34.70 47.39
C PHE A 218 117.32 34.56 47.12
N PRO A 219 118.03 35.66 46.85
CA PRO A 219 119.49 35.58 46.77
C PRO A 219 120.15 35.11 48.05
N ASN A 220 119.53 35.32 49.21
CA ASN A 220 120.00 34.80 50.47
C ASN A 220 118.80 34.54 51.37
N LYS A 221 119.05 34.35 52.66
CA LYS A 221 118.01 33.98 53.62
C LYS A 221 117.29 35.18 54.23
N GLU A 222 117.64 36.40 53.82
CA GLU A 222 117.00 37.60 54.34
C GLU A 222 116.46 38.48 53.22
N THR A 223 116.34 37.93 52.01
CA THR A 223 115.94 38.70 50.82
C THR A 223 114.67 38.10 50.25
N MET A 224 113.53 38.69 50.61
CA MET A 224 112.25 38.33 50.00
C MET A 224 112.02 39.16 48.74
N ASN A 225 112.88 38.94 47.75
CA ASN A 225 112.90 39.81 46.58
C ASN A 225 111.70 39.49 45.71
N ILE A 226 110.71 40.39 45.69
CA ILE A 226 109.45 40.13 44.99
C ILE A 226 109.63 40.47 43.52
N HIS A 227 109.48 39.46 42.67
CA HIS A 227 109.71 39.58 41.23
C HIS A 227 108.36 39.67 40.53
N PHE A 228 108.16 40.75 39.78
CA PHE A 228 106.91 41.00 39.06
C PHE A 228 106.94 40.43 37.66
N ARG A 229 107.90 40.87 36.85
CA ARG A 229 107.99 40.48 35.45
C ARG A 229 109.32 39.79 35.21
N GLY A 230 109.30 38.73 34.41
CA GLY A 230 110.52 38.07 34.02
C GLY A 230 110.62 36.62 34.45
N LYS A 231 110.83 35.73 33.49
CA LYS A 231 111.06 34.32 33.78
C LYS A 231 112.49 34.16 34.28
N THR A 232 112.65 33.78 35.55
CA THR A 232 113.96 33.70 36.18
C THR A 232 113.94 32.56 37.17
N LYS A 233 115.00 32.47 37.98
CA LYS A 233 115.14 31.46 39.02
C LYS A 233 114.80 32.08 40.37
N SER A 234 113.92 31.42 41.12
CA SER A 234 113.45 31.94 42.39
C SER A 234 114.37 31.62 43.55
N PHE A 235 115.46 30.90 43.30
CA PHE A 235 116.44 30.58 44.34
C PHE A 235 117.83 30.63 43.74
N PRO A 236 118.41 31.83 43.62
CA PRO A 236 119.77 31.94 43.09
C PRO A 236 120.86 31.71 44.12
N GLU A 237 120.49 31.53 45.39
CA GLU A 237 121.46 31.34 46.47
C GLU A 237 122.21 30.01 46.30
CA MET B 5 84.22 -6.00 41.50
C MET B 5 84.87 -5.37 42.73
N PHE B 6 84.23 -4.32 43.25
CA PHE B 6 84.76 -3.59 44.39
C PHE B 6 83.64 -3.35 45.39
N SER B 7 84.03 -3.08 46.63
CA SER B 7 83.07 -2.74 47.67
C SER B 7 82.34 -1.47 47.32
N VAL B 8 81.13 -1.29 47.85
CA VAL B 8 80.38 -0.06 47.61
C VAL B 8 81.13 1.13 48.20
N PHE B 9 81.67 0.96 49.42
CA PHE B 9 82.48 1.99 50.03
C PHE B 9 83.72 2.28 49.19
N GLU B 10 84.30 1.25 48.58
CA GLU B 10 85.43 1.47 47.69
C GLU B 10 85.03 2.37 46.52
N GLU B 11 83.86 2.12 45.92
CA GLU B 11 83.41 2.94 44.80
C GLU B 11 83.16 4.38 45.23
N ILE B 12 82.49 4.57 46.37
CA ILE B 12 82.20 5.94 46.79
C ILE B 12 83.47 6.68 47.13
N THR B 13 84.46 6.00 47.72
CA THR B 13 85.73 6.67 48.01
C THR B 13 86.48 7.00 46.74
N ARG B 14 86.43 6.12 45.74
CA ARG B 14 87.08 6.43 44.47
C ARG B 14 86.44 7.65 43.82
N ILE B 15 85.10 7.73 43.86
CA ILE B 15 84.43 8.90 43.30
C ILE B 15 84.80 10.16 44.06
N VAL B 16 84.83 10.09 45.40
CA VAL B 16 85.16 11.28 46.19
C VAL B 16 86.58 11.73 45.92
N VAL B 17 87.51 10.79 45.75
CA VAL B 17 88.88 11.20 45.47
C VAL B 17 89.00 11.79 44.07
N LYS B 18 88.33 11.18 43.09
CA LYS B 18 88.39 11.71 41.73
C LYS B 18 87.77 13.11 41.65
N GLU B 19 86.82 13.42 42.52
CA GLU B 19 86.17 14.72 42.44
C GLU B 19 86.83 15.76 43.34
N MET B 20 86.85 15.52 44.65
CA MET B 20 87.33 16.51 45.60
C MET B 20 88.81 16.81 45.46
N ASP B 21 89.59 15.95 44.79
CA ASP B 21 91.00 16.25 44.61
C ASP B 21 91.41 15.76 43.21
N ALA B 22 91.31 16.67 42.24
CA ALA B 22 91.80 16.37 40.91
C ALA B 22 93.33 16.31 40.96
N GLY B 23 93.88 15.20 40.47
CA GLY B 23 95.31 14.99 40.61
C GLY B 23 95.69 14.96 42.07
N GLY B 24 96.62 15.83 42.46
CA GLY B 24 96.99 15.94 43.85
C GLY B 24 97.63 14.67 44.38
N ASP B 25 97.43 14.41 45.67
CA ASP B 25 98.04 13.26 46.32
C ASP B 25 97.07 12.46 47.18
N MET B 26 95.83 12.90 47.35
CA MET B 26 94.91 12.19 48.23
C MET B 26 94.63 10.79 47.71
N ILE B 27 94.65 9.82 48.61
CA ILE B 27 94.33 8.44 48.31
C ILE B 27 93.05 8.06 49.04
N ALA B 28 92.29 7.17 48.44
CA ALA B 28 90.96 6.82 48.93
C ALA B 28 91.04 5.65 49.91
N VAL B 29 90.34 5.80 51.04
CA VAL B 29 90.22 4.69 51.99
C VAL B 29 89.51 3.53 51.30
N ARG B 30 90.04 2.32 51.51
CA ARG B 30 89.49 1.15 50.84
C ARG B 30 88.40 0.47 51.65
N SER B 31 88.68 0.17 52.91
CA SER B 31 87.79 -0.59 53.76
C SER B 31 87.28 0.30 54.89
N LEU B 32 85.98 0.22 55.16
CA LEU B 32 85.41 1.07 56.19
C LEU B 32 85.52 0.49 57.59
N VAL B 33 85.98 -0.76 57.72
CA VAL B 33 86.25 -1.28 59.06
C VAL B 33 87.40 -0.51 59.70
N ASP B 34 88.46 -0.23 58.93
CA ASP B 34 89.59 0.54 59.41
C ASP B 34 89.56 1.98 58.91
N ALA B 35 88.39 2.47 58.52
CA ALA B 35 88.26 3.89 58.19
C ALA B 35 88.53 4.75 59.41
N ASP B 36 88.02 4.32 60.57
CA ASP B 36 88.24 5.09 61.80
C ASP B 36 89.72 5.15 62.16
N ARG B 37 90.51 4.18 61.70
CA ARG B 37 91.94 4.18 62.01
C ARG B 37 92.76 4.99 61.01
N PHE B 38 92.11 5.61 60.00
CA PHE B 38 92.78 6.52 59.09
C PHE B 38 92.51 7.97 59.44
N ARG B 39 91.94 8.23 60.60
CA ARG B 39 91.66 9.59 61.04
C ARG B 39 92.98 10.36 61.20
N CYS B 40 92.85 11.68 61.39
CA CYS B 40 94.02 12.54 61.52
C CYS B 40 94.84 12.14 62.73
N PHE B 41 96.17 12.28 62.61
CA PHE B 41 97.22 11.95 63.55
C PHE B 41 97.50 10.44 63.61
N HIS B 42 96.72 9.59 62.96
CA HIS B 42 96.96 8.16 63.02
C HIS B 42 98.13 7.78 62.12
N LEU B 43 99.13 7.12 62.70
CA LEU B 43 100.28 6.68 61.92
C LEU B 43 99.86 5.58 60.95
N VAL B 44 100.51 5.59 59.78
CA VAL B 44 100.20 4.67 58.70
C VAL B 44 101.51 4.10 58.18
N GLY B 45 101.46 2.91 57.61
CA GLY B 45 102.63 2.30 57.03
C GLY B 45 102.38 1.91 55.59
N GLU B 46 103.47 1.67 54.88
CA GLU B 46 103.42 1.29 53.48
C GLU B 46 103.73 -0.19 53.32
N LYS B 47 103.31 -0.75 52.19
CA LYS B 47 103.63 -2.14 51.87
C LYS B 47 103.71 -2.28 50.36
N ARG B 48 104.74 -2.98 49.89
CA ARG B 48 105.00 -3.12 48.46
C ARG B 48 104.47 -4.45 47.95
N THR B 49 103.90 -4.41 46.74
CA THR B 49 103.34 -5.61 46.11
C THR B 49 103.80 -5.65 44.66
N PHE B 50 103.62 -6.83 44.05
CA PHE B 50 103.95 -6.97 42.64
C PHE B 50 103.07 -6.09 41.76
N PHE B 51 101.82 -5.85 42.19
CA PHE B 51 100.97 -4.91 41.48
C PHE B 51 101.39 -3.47 41.73
N GLY B 52 101.80 -3.16 42.96
CA GLY B 52 102.20 -1.80 43.31
C GLY B 52 102.48 -1.63 44.79
N CYS B 53 101.99 -0.54 45.37
CA CYS B 53 102.15 -0.26 46.79
C CYS B 53 100.81 0.15 47.38
N ARG B 54 100.62 -0.17 48.66
CA ARG B 54 99.40 0.16 49.38
C ARG B 54 99.74 0.59 50.79
N HIS B 55 98.71 1.06 51.51
CA HIS B 55 98.87 1.57 52.87
C HIS B 55 98.08 0.70 53.83
N TYR B 56 98.59 0.62 55.06
CA TYR B 56 97.89 -0.02 56.16
C TYR B 56 97.93 0.92 57.37
N THR B 57 97.04 0.67 58.32
CA THR B 57 96.97 1.49 59.52
C THR B 57 97.53 0.70 60.70
N THR B 58 98.56 1.24 61.34
CA THR B 58 99.07 0.63 62.55
C THR B 58 98.11 0.78 63.72
N GLY B 59 97.21 1.76 63.65
CA GLY B 59 96.37 2.09 64.77
C GLY B 59 97.01 3.01 65.79
N LEU B 60 98.19 3.54 65.51
CA LEU B 60 98.91 4.41 66.42
C LEU B 60 98.65 5.87 66.06
N THR B 61 98.15 6.63 67.02
CA THR B 61 98.12 8.08 66.86
C THR B 61 99.51 8.64 67.16
N LEU B 62 99.69 9.92 66.83
CA LEU B 62 101.00 10.54 67.04
C LEU B 62 101.37 10.60 68.52
N MET B 63 100.36 10.75 69.39
CA MET B 63 100.63 10.84 70.82
C MET B 63 101.33 9.59 71.36
N ASP B 64 101.22 8.46 70.67
CA ASP B 64 101.91 7.26 71.10
C ASP B 64 103.42 7.42 71.00
N ILE B 65 103.91 8.06 69.94
CA ILE B 65 105.33 8.20 69.69
C ILE B 65 105.78 9.66 69.78
N LEU B 66 105.05 10.48 70.53
CA LEU B 66 105.42 11.88 70.72
C LEU B 66 105.74 12.10 72.19
N ASP B 67 106.93 12.65 72.47
CA ASP B 67 107.38 12.81 73.85
C ASP B 67 106.42 13.66 74.66
N THR B 68 105.98 14.77 74.08
CA THR B 68 105.05 15.70 74.74
C THR B 68 105.59 16.18 76.09
N LYS B 85 83.50 22.96 59.21
CA LYS B 85 84.65 23.28 58.38
C LYS B 85 84.23 23.47 56.92
N ALA B 86 84.64 22.55 56.07
CA ALA B 86 84.30 22.56 54.65
C ALA B 86 83.45 21.34 54.34
N GLU B 87 82.24 21.57 53.83
CA GLU B 87 81.25 20.52 53.65
C GLU B 87 80.87 20.43 52.17
N PHE B 88 81.05 19.27 51.58
CA PHE B 88 80.80 19.04 50.16
C PHE B 88 79.75 17.95 50.01
N GLN B 89 78.68 18.25 49.28
CA GLN B 89 77.59 17.31 49.07
C GLN B 89 77.67 16.77 47.65
N ILE B 90 78.17 15.57 47.50
CA ILE B 90 78.27 14.92 46.20
C ILE B 90 77.03 14.06 45.99
N LEU B 91 76.61 13.94 44.73
CA LEU B 91 75.46 13.13 44.39
C LEU B 91 75.57 12.75 42.91
N ASP B 92 75.50 11.46 42.61
CA ASP B 92 75.64 11.07 41.21
C ASP B 92 74.99 9.71 40.98
N ASN B 93 74.74 9.43 39.71
CA ASN B 93 74.29 8.15 39.23
C ASN B 93 75.10 7.79 37.99
N VAL B 94 75.49 6.52 37.88
CA VAL B 94 76.35 6.05 36.82
C VAL B 94 75.71 4.83 36.16
N ASP B 95 75.74 4.81 34.83
CA ASP B 95 75.22 3.68 34.06
C ASP B 95 76.26 3.32 33.01
N SER B 96 76.92 2.17 33.19
CA SER B 96 77.97 1.73 32.29
C SER B 96 77.62 0.35 31.74
N THR B 97 78.12 0.07 30.53
CA THR B 97 77.88 -1.21 29.88
C THR B 97 79.00 -1.48 28.89
N GLY B 98 79.53 -2.71 28.92
CA GLY B 98 80.56 -3.10 27.98
C GLY B 98 80.36 -4.50 27.44
N GLU B 99 80.31 -4.62 26.11
CA GLU B 99 80.06 -5.93 25.49
C GLU B 99 81.20 -6.27 24.52
N LEU B 100 81.78 -7.45 24.64
CA LEU B 100 82.86 -7.89 23.79
C LEU B 100 82.54 -9.26 23.20
N ILE B 101 83.06 -9.52 22.01
CA ILE B 101 82.90 -10.79 21.32
C ILE B 101 84.25 -11.21 20.75
N VAL B 102 84.60 -12.48 20.91
CA VAL B 102 85.86 -13.01 20.42
C VAL B 102 85.57 -14.31 19.68
N ARG B 103 86.25 -14.50 18.55
CA ARG B 103 86.14 -15.74 17.77
C ARG B 103 87.52 -16.31 17.54
N LEU B 104 87.59 -17.65 17.49
CA LEU B 104 88.88 -18.35 17.29
C LEU B 104 88.66 -19.45 16.26
N PRO B 105 89.68 -19.80 15.44
CA PRO B 105 89.57 -20.88 14.44
C PRO B 105 89.36 -22.26 15.06
N LYS B 106 89.48 -22.38 16.38
CA LYS B 106 89.24 -23.63 17.09
C LYS B 106 87.77 -23.79 17.48
N GLU B 107 86.87 -23.14 16.75
CA GLU B 107 85.43 -23.16 17.03
C GLU B 107 85.13 -22.66 18.44
N ILE B 108 85.80 -21.57 18.84
CA ILE B 108 85.59 -20.97 20.15
C ILE B 108 85.06 -19.56 19.97
N THR B 109 83.76 -19.37 20.19
CA THR B 109 83.11 -18.07 20.06
C THR B 109 82.61 -17.63 21.42
N ILE B 110 83.26 -16.65 22.02
CA ILE B 110 82.88 -16.17 23.34
C ILE B 110 82.28 -14.78 23.19
N SER B 111 81.41 -14.42 24.14
CA SER B 111 80.79 -13.11 24.16
C SER B 111 80.40 -12.77 25.59
N GLY B 112 80.81 -11.59 26.04
CA GLY B 112 80.55 -11.17 27.40
C GLY B 112 80.09 -9.73 27.55
N SER B 113 79.06 -9.52 28.37
CA SER B 113 78.54 -8.19 28.65
C SER B 113 78.63 -7.94 30.14
N PHE B 114 79.05 -6.73 30.50
CA PHE B 114 79.25 -6.33 31.89
C PHE B 114 78.65 -4.95 32.07
N GLN B 115 77.59 -4.85 32.87
CA GLN B 115 76.89 -3.59 33.05
C GLN B 115 76.81 -3.25 34.53
N GLY B 116 76.71 -1.95 34.81
CA GLY B 116 76.64 -1.46 36.17
C GLY B 116 75.79 -0.22 36.30
N PHE B 117 75.06 -0.13 37.41
CA PHE B 117 74.19 1.00 37.72
C PHE B 117 74.44 1.39 39.17
N HIS B 118 75.02 2.56 39.38
CA HIS B 118 75.39 3.03 40.70
C HIS B 118 74.61 4.28 41.04
N HIS B 119 74.20 4.41 42.31
CA HIS B 119 73.56 5.62 42.78
C HIS B 119 74.11 5.96 44.16
N GLN B 120 74.68 7.16 44.29
CA GLN B 120 75.27 7.58 45.55
C GLN B 120 74.89 9.02 45.83
N LYS B 121 74.66 9.31 47.12
CA LYS B 121 74.46 10.67 47.60
C LYS B 121 75.12 10.74 48.97
N ILE B 122 76.12 11.61 49.10
CA ILE B 122 76.94 11.65 50.30
C ILE B 122 77.26 13.09 50.62
N LYS B 123 77.49 13.37 51.91
CA LYS B 123 77.82 14.70 52.39
C LYS B 123 79.07 14.58 53.25
N ILE B 124 80.22 14.97 52.71
CA ILE B 124 81.48 14.80 53.39
C ILE B 124 81.93 16.14 53.96
N SER B 125 82.87 16.09 54.89
CA SER B 125 83.47 17.27 55.47
C SER B 125 84.98 17.06 55.53
N GLU B 126 85.72 18.16 55.53
CA GLU B 126 87.17 18.12 55.50
C GLU B 126 87.75 18.52 56.85
N ASN B 127 88.76 17.78 57.29
CA ASN B 127 89.55 18.16 58.46
C ASN B 127 91.02 18.01 58.11
N ARG B 128 91.85 18.79 58.79
CA ARG B 128 93.28 18.78 58.47
C ARG B 128 94.05 19.39 59.63
N ILE B 129 95.26 18.88 59.83
CA ILE B 129 96.14 19.40 60.86
C ILE B 129 96.81 20.67 60.34
N SER B 130 96.74 21.74 61.14
CA SER B 130 97.27 23.03 60.71
C SER B 130 98.77 22.96 60.51
N GLN B 131 99.26 23.73 59.53
CA GLN B 131 100.69 23.78 59.26
C GLN B 131 101.48 24.31 60.44
N GLN B 132 100.83 25.01 61.37
CA GLN B 132 101.51 25.38 62.61
C GLN B 132 101.94 24.14 63.38
N TYR B 133 101.08 23.13 63.46
CA TYR B 133 101.44 21.91 64.15
C TYR B 133 102.61 21.22 63.47
N LEU B 134 102.53 21.04 62.15
CA LEU B 134 103.64 20.44 61.42
C LEU B 134 104.92 21.25 61.60
N ALA B 135 104.80 22.56 61.77
CA ALA B 135 105.96 23.37 62.11
C ALA B 135 106.49 23.00 63.49
N THR B 136 105.59 22.75 64.44
CA THR B 136 106.01 22.35 65.78
C THR B 136 106.52 20.92 65.85
N LEU B 137 105.95 20.02 65.07
CA LEU B 137 106.31 18.61 65.09
C LEU B 137 107.52 18.32 64.21
N GLU B 138 108.61 19.07 64.38
CA GLU B 138 109.81 18.89 63.58
C GLU B 138 110.93 18.32 64.43
N ASN B 139 111.46 17.18 64.01
CA ASN B 139 112.60 16.52 64.67
C ASN B 139 112.36 16.38 66.17
N ARG B 140 111.15 15.93 66.51
CA ARG B 140 110.80 15.70 67.91
C ARG B 140 111.42 14.40 68.41
N LYS B 141 111.70 14.36 69.70
CA LYS B 141 112.06 13.10 70.35
C LYS B 141 110.81 12.28 70.61
N LEU B 142 110.91 10.98 70.44
CA LEU B 142 109.78 10.09 70.65
C LEU B 142 109.61 9.85 72.15
N LYS B 143 108.71 8.93 72.50
CA LYS B 143 108.55 8.51 73.88
C LYS B 143 109.55 7.41 74.20
N ARG B 144 110.13 7.48 75.40
CA ARG B 144 111.01 6.41 75.85
C ARG B 144 110.27 5.08 76.00
N GLU B 145 108.94 5.12 76.12
CA GLU B 145 108.12 3.92 76.21
C GLU B 145 107.83 3.40 74.80
N LEU B 146 108.88 2.88 74.17
CA LEU B 146 108.76 2.29 72.83
C LEU B 146 107.78 1.14 72.84
N PRO B 147 106.61 1.28 72.22
CA PRO B 147 105.67 0.16 72.16
C PRO B 147 106.17 -0.90 71.19
N PHE B 148 105.95 -2.16 71.54
CA PHE B 148 106.27 -3.24 70.61
C PHE B 148 105.48 -3.12 69.32
N SER B 149 104.34 -2.44 69.36
CA SER B 149 103.59 -2.16 68.14
C SER B 149 104.45 -1.38 67.15
N PHE B 150 105.18 -0.38 67.63
CA PHE B 150 106.07 0.39 66.78
C PHE B 150 107.50 -0.16 66.78
N ARG B 151 107.99 -0.63 67.92
CA ARG B 151 109.37 -1.09 68.01
C ARG B 151 109.66 -2.21 67.02
N SER B 152 108.66 -3.03 66.71
CA SER B 152 108.84 -4.17 65.82
C SER B 152 108.52 -3.83 64.37
N ILE B 153 108.24 -2.57 64.05
CA ILE B 153 107.94 -2.21 62.68
C ILE B 153 109.16 -2.46 61.81
N ASN B 154 108.96 -3.14 60.69
CA ASN B 154 110.05 -3.45 59.79
C ASN B 154 110.61 -2.16 59.18
N THR B 155 111.90 -1.93 59.34
CA THR B 155 112.52 -0.72 58.84
C THR B 155 112.62 -0.68 57.31
N ARG B 156 112.42 -1.82 56.64
CA ARG B 156 112.44 -1.83 55.18
C ARG B 156 111.32 -0.97 54.60
N GLU B 157 110.12 -1.06 55.18
CA GLU B 157 108.99 -0.25 54.74
C GLU B 157 109.04 1.14 55.38
N ASN B 158 108.13 1.99 54.95
CA ASN B 158 108.13 3.39 55.34
C ASN B 158 107.14 3.63 56.48
N LEU B 159 106.99 4.90 56.86
CA LEU B 159 106.06 5.28 57.92
C LEU B 159 105.62 6.71 57.67
N TYR B 160 104.31 6.96 57.81
CA TYR B 160 103.71 8.23 57.46
C TYR B 160 102.74 8.67 58.54
N LEU B 161 102.42 9.96 58.53
CA LEU B 161 101.42 10.53 59.41
C LEU B 161 100.28 11.05 58.56
N VAL B 162 99.05 10.71 58.95
CA VAL B 162 97.87 11.17 58.21
C VAL B 162 97.64 12.65 58.52
N THR B 163 97.55 13.45 57.47
CA THR B 163 97.50 14.91 57.57
C THR B 163 96.09 15.46 57.39
N GLU B 164 95.43 15.12 56.28
CA GLU B 164 94.10 15.64 55.99
C GLU B 164 93.17 14.46 55.69
N THR B 165 91.90 14.64 56.05
CA THR B 165 90.91 13.58 55.93
C THR B 165 89.56 14.14 55.50
N LEU B 166 88.91 13.43 54.57
CA LEU B 166 87.53 13.69 54.21
C LEU B 166 86.66 12.62 54.87
N GLU B 167 85.76 13.05 55.74
CA GLU B 167 84.97 12.13 56.54
C GLU B 167 83.49 12.50 56.43
N THR B 168 82.63 11.49 56.34
CA THR B 168 81.22 11.77 56.26
C THR B 168 80.71 12.37 57.57
N VAL B 169 79.55 13.02 57.51
CA VAL B 169 78.96 13.63 58.69
C VAL B 169 77.50 13.21 58.81
N LYS B 170 77.06 12.30 57.95
CA LYS B 170 75.67 11.89 57.93
C LYS B 170 75.59 10.40 57.59
N GLU B 171 74.55 9.76 58.10
CA GLU B 171 74.33 8.34 57.82
C GLU B 171 73.94 8.15 56.36
N GLU B 172 74.77 7.48 55.60
CA GLU B 172 74.58 7.36 54.16
C GLU B 172 74.07 5.98 53.79
N THR B 173 73.50 5.89 52.59
CA THR B 173 72.92 4.65 52.07
C THR B 173 73.19 4.60 50.58
N LEU B 174 74.22 3.86 50.19
CA LEU B 174 74.69 3.82 48.82
C LEU B 174 74.19 2.56 48.12
N LYS B 175 73.90 2.67 46.81
CA LYS B 175 73.33 1.55 46.08
C LYS B 175 74.13 1.26 44.82
N SER B 176 74.23 -0.02 44.49
CA SER B 176 74.88 -0.46 43.26
C SER B 176 74.09 -1.62 42.67
N ASP B 177 74.36 -1.91 41.41
CA ASP B 177 73.71 -3.04 40.74
C ASP B 177 74.60 -3.48 39.58
N ARG B 178 75.11 -4.71 39.66
CA ARG B 178 76.02 -5.24 38.67
C ARG B 178 75.36 -6.36 37.89
N GLN B 179 75.79 -6.54 36.64
CA GLN B 179 75.30 -7.64 35.82
C GLN B 179 76.45 -8.15 34.96
N TYR B 180 76.73 -9.43 35.06
CA TYR B 180 77.77 -10.10 34.27
C TYR B 180 77.11 -11.23 33.49
N LYS B 181 76.95 -11.05 32.18
CA LYS B 181 76.34 -12.05 31.33
C LYS B 181 77.35 -12.45 30.27
N PHE B 182 78.06 -13.56 30.48
CA PHE B 182 79.08 -13.96 29.52
C PHE B 182 79.03 -15.46 29.26
N TRP B 183 79.18 -15.82 27.99
CA TRP B 183 79.15 -17.22 27.56
C TRP B 183 80.24 -17.45 26.52
N SER B 184 80.39 -18.72 26.15
CA SER B 184 81.45 -19.13 25.24
C SER B 184 81.08 -20.49 24.68
N GLN B 185 81.01 -20.59 23.35
CA GLN B 185 80.81 -21.85 22.66
C GLN B 185 82.16 -22.44 22.25
N ILE B 186 82.32 -23.73 22.51
CA ILE B 186 83.55 -24.45 22.15
C ILE B 186 83.20 -25.42 21.03
N SER B 187 84.24 -26.06 20.49
CA SER B 187 84.04 -27.02 19.40
C SER B 187 83.12 -28.16 19.83
N GLN B 188 83.15 -28.51 21.11
CA GLN B 188 82.31 -29.60 21.63
C GLN B 188 81.01 -29.06 22.23
N GLY B 189 81.12 -28.17 23.21
CA GLY B 189 79.98 -27.70 23.94
C GLY B 189 80.03 -26.19 24.19
N HIS B 190 79.23 -25.76 25.16
CA HIS B 190 79.06 -24.35 25.49
C HIS B 190 79.29 -24.16 26.99
N LEU B 191 79.31 -22.89 27.41
CA LEU B 191 79.39 -22.57 28.83
C LEU B 191 78.96 -21.13 29.02
N SER B 192 77.93 -20.90 29.84
CA SER B 192 77.37 -19.57 30.04
C SER B 192 77.25 -19.27 31.52
N TYR B 193 77.23 -17.98 31.85
CA TYR B 193 77.06 -17.54 33.22
C TYR B 193 76.39 -16.17 33.23
N LYS B 194 75.28 -16.06 33.95
CA LYS B 194 74.53 -14.81 34.08
C LYS B 194 74.36 -14.48 35.56
N HIS B 195 74.87 -13.33 35.96
CA HIS B 195 74.77 -12.86 37.33
C HIS B 195 74.15 -11.48 37.33
N LYS B 196 73.17 -11.27 38.22
CA LYS B 196 72.55 -9.97 38.42
C LYS B 196 72.44 -9.73 39.91
N GLY B 197 73.14 -8.71 40.39
CA GLY B 197 73.15 -8.44 41.82
C GLY B 197 72.93 -6.99 42.18
N GLN B 198 71.90 -6.72 42.97
CA GLN B 198 71.65 -5.40 43.52
C GLN B 198 72.16 -5.36 44.95
N ARG B 199 72.94 -4.34 45.28
CA ARG B 199 73.60 -4.25 46.57
C ARG B 199 73.34 -2.86 47.16
N GLU B 200 73.30 -2.80 48.49
CA GLU B 200 73.01 -1.56 49.18
C GLU B 200 73.68 -1.59 50.54
N VAL B 201 74.34 -0.50 50.91
CA VAL B 201 75.10 -0.45 52.15
C VAL B 201 74.78 0.84 52.89
N THR B 202 74.95 0.80 54.21
CA THR B 202 74.72 1.95 55.08
C THR B 202 75.99 2.29 55.83
N ILE B 203 76.19 3.58 56.07
CA ILE B 203 77.44 4.09 56.64
C ILE B 203 77.14 5.06 57.77
N PRO B 204 77.80 4.92 58.92
CA PRO B 204 77.62 5.88 60.00
C PRO B 204 78.43 7.14 59.74
N PRO B 205 78.26 8.18 60.54
CA PRO B 205 79.05 9.41 60.34
C PRO B 205 80.52 9.18 60.69
N ASN B 206 81.33 10.17 60.30
CA ASN B 206 82.75 10.28 60.65
C ASN B 206 83.60 9.18 60.03
N ARG B 207 83.12 8.53 58.98
CA ARG B 207 83.93 7.52 58.30
C ARG B 207 84.86 8.20 57.30
N VAL B 208 86.16 8.06 57.51
CA VAL B 208 87.16 8.73 56.68
C VAL B 208 87.11 8.14 55.28
N LEU B 209 86.82 9.00 54.29
CA LEU B 209 86.73 8.57 52.91
C LEU B 209 88.04 8.71 52.14
N SER B 210 88.93 9.60 52.57
CA SER B 210 90.21 9.75 51.88
C SER B 210 91.19 10.44 52.82
N TYR B 211 92.47 10.31 52.50
CA TYR B 211 93.51 10.87 53.35
C TYR B 211 94.76 11.13 52.52
N ARG B 212 95.64 11.96 53.07
CA ARG B 212 96.96 12.22 52.52
C ARG B 212 97.97 12.16 53.65
N VAL B 213 99.23 11.90 53.31
CA VAL B 213 100.23 11.55 54.30
C VAL B 213 101.48 12.40 54.16
N LYS B 214 102.19 12.57 55.27
CA LYS B 214 103.52 13.19 55.31
C LYS B 214 104.48 12.20 55.96
N GLN B 215 105.63 11.98 55.33
CA GLN B 215 106.48 10.88 55.77
C GLN B 215 107.13 11.23 57.12
N LEU B 216 107.59 10.20 57.83
CA LEU B 216 108.37 10.37 59.04
C LEU B 216 109.61 9.50 58.95
N VAL B 217 110.77 10.13 58.71
CA VAL B 217 112.03 9.41 58.67
C VAL B 217 112.69 9.50 60.04
N PHE B 218 113.36 8.42 60.44
CA PHE B 218 113.95 8.25 61.76
C PHE B 218 115.41 7.86 61.62
N PRO B 219 116.32 8.83 61.55
CA PRO B 219 117.75 8.49 61.60
C PRO B 219 118.17 7.78 62.88
N ASN B 220 117.46 8.01 63.98
CA ASN B 220 117.70 7.28 65.22
C ASN B 220 116.37 7.17 65.97
N LYS B 221 116.43 6.82 67.25
CA LYS B 221 115.24 6.57 68.05
C LYS B 221 114.68 7.81 68.72
N GLU B 222 115.28 8.98 68.49
CA GLU B 222 114.80 10.23 69.07
C GLU B 222 114.56 11.29 68.01
N THR B 223 114.47 10.89 66.74
CA THR B 223 114.36 11.82 65.62
C THR B 223 113.08 11.52 64.86
N MET B 224 112.02 12.27 65.18
CA MET B 224 110.78 12.21 64.42
C MET B 224 110.84 13.19 63.24
N ASN B 225 111.75 12.90 62.31
CA ASN B 225 112.05 13.86 61.25
C ASN B 225 110.92 13.86 60.24
N ILE B 226 110.11 14.90 60.23
CA ILE B 226 108.92 14.95 59.40
C ILE B 226 109.32 15.39 57.99
N HIS B 227 109.09 14.51 57.02
CA HIS B 227 109.50 14.71 55.63
C HIS B 227 108.27 15.12 54.82
N PHE B 228 108.36 16.29 54.18
CA PHE B 228 107.26 16.82 53.39
C PHE B 228 107.35 16.39 51.93
N ARG B 229 108.45 16.72 51.27
CA ARG B 229 108.62 16.44 49.85
C ARG B 229 109.84 15.56 49.66
N GLY B 230 109.73 14.59 48.75
CA GLY B 230 110.85 13.75 48.41
C GLY B 230 110.65 12.28 48.68
N LYS B 231 110.82 11.45 47.65
CA LYS B 231 110.76 10.01 47.81
C LYS B 231 112.07 9.54 48.43
N THR B 232 112.01 9.02 49.65
CA THR B 232 113.21 8.65 50.38
C THR B 232 112.89 7.43 51.24
N LYS B 233 113.82 7.08 52.13
CA LYS B 233 113.65 5.98 53.06
C LYS B 233 113.28 6.52 54.43
N SER B 234 112.22 5.96 55.01
CA SER B 234 111.70 6.45 56.28
C SER B 234 112.41 5.85 57.48
N PHE B 235 113.40 4.97 57.27
CA PHE B 235 114.17 4.38 58.35
C PHE B 235 115.61 4.23 57.90
N PRO B 236 116.40 5.31 57.96
CA PRO B 236 117.82 5.22 57.58
C PRO B 236 118.72 4.70 58.68
N GLU B 237 118.18 4.47 59.88
CA GLU B 237 118.97 4.00 61.01
C GLU B 237 119.50 2.58 60.77
CA MET C 5 76.64 -25.20 48.39
C MET C 5 77.24 -24.82 49.74
N PHE C 6 76.74 -23.73 50.31
CA PHE C 6 77.25 -23.21 51.57
C PHE C 6 76.09 -22.86 52.48
N SER C 7 76.38 -22.78 53.78
CA SER C 7 75.37 -22.37 54.75
C SER C 7 74.93 -20.95 54.47
N VAL C 8 73.71 -20.61 54.90
CA VAL C 8 73.22 -19.24 54.73
C VAL C 8 74.09 -18.28 55.52
N PHE C 9 74.44 -18.66 56.76
CA PHE C 9 75.35 -17.84 57.55
C PHE C 9 76.71 -17.71 56.87
N GLU C 10 77.17 -18.77 56.21
CA GLU C 10 78.41 -18.68 55.46
C GLU C 10 78.31 -17.62 54.37
N GLU C 11 77.19 -17.60 53.64
CA GLU C 11 77.03 -16.61 52.58
C GLU C 11 76.97 -15.19 53.13
N ILE C 12 76.23 -14.99 54.22
CA ILE C 12 76.12 -13.64 54.76
C ILE C 12 77.47 -13.18 55.30
N THR C 13 78.25 -14.08 55.90
CA THR C 13 79.57 -13.68 56.38
C THR C 13 80.50 -13.37 55.23
N ARG C 14 80.43 -14.14 54.15
CA ARG C 14 81.25 -13.83 52.98
C ARG C 14 80.91 -12.47 52.41
N ILE C 15 79.62 -12.14 52.34
CA ILE C 15 79.21 -10.82 51.85
C ILE C 15 79.72 -9.73 52.79
N VAL C 16 79.59 -9.93 54.10
CA VAL C 16 80.01 -8.90 55.05
C VAL C 16 81.52 -8.69 54.97
N VAL C 17 82.29 -9.77 54.78
CA VAL C 17 83.73 -9.60 54.68
C VAL C 17 84.10 -8.92 53.37
N LYS C 18 83.45 -9.30 52.27
CA LYS C 18 83.76 -8.66 50.99
C LYS C 18 83.40 -7.17 51.00
N GLU C 19 82.43 -6.77 51.81
CA GLU C 19 82.03 -5.37 51.81
C GLU C 19 82.75 -4.55 52.88
N MET C 20 82.58 -4.92 54.15
CA MET C 20 83.12 -4.12 55.25
C MET C 20 84.63 -4.09 55.29
N ASP C 21 85.32 -5.01 54.60
CA ASP C 21 86.78 -4.97 54.59
C ASP C 21 87.24 -5.39 53.19
N ALA C 22 87.41 -4.39 52.32
CA ALA C 22 88.01 -4.64 51.02
C ALA C 22 89.48 -5.00 51.20
N GLY C 23 89.88 -6.14 50.65
CA GLY C 23 91.23 -6.62 50.90
C GLY C 23 91.42 -6.85 52.37
N GLY C 24 92.44 -6.21 52.95
CA GLY C 24 92.67 -6.30 54.37
C GLY C 24 93.01 -7.71 54.81
N ASP C 25 92.62 -8.05 56.04
CA ASP C 25 92.94 -9.34 56.61
C ASP C 25 91.76 -10.03 57.29
N MET C 26 90.60 -9.38 57.39
CA MET C 26 89.48 -9.99 58.10
C MET C 26 89.02 -11.27 57.39
N ILE C 27 88.78 -12.30 58.18
CA ILE C 27 88.26 -13.56 57.70
C ILE C 27 86.85 -13.76 58.26
N ALA C 28 86.02 -14.44 57.48
CA ALA C 28 84.61 -14.59 57.81
C ALA C 28 84.38 -15.83 58.66
N VAL C 29 83.59 -15.66 59.73
CA VAL C 29 83.17 -16.81 60.52
C VAL C 29 82.36 -17.75 59.65
N ARG C 30 82.64 -19.04 59.77
CA ARG C 30 81.98 -20.03 58.92
C ARG C 30 80.70 -20.58 59.55
N SER C 31 80.78 -21.04 60.79
CA SER C 31 79.66 -21.70 61.46
C SER C 31 79.19 -20.85 62.63
N LEU C 32 77.89 -20.70 62.76
CA LEU C 32 77.36 -19.85 63.82
C LEU C 32 77.20 -20.57 65.15
N VAL C 33 77.43 -21.90 65.19
CA VAL C 33 77.45 -22.58 66.48
C VAL C 33 78.63 -22.10 67.31
N ASP C 34 79.80 -21.94 66.68
CA ASP C 34 80.99 -21.44 67.34
C ASP C 34 81.27 -19.98 67.01
N ALA C 35 80.25 -19.24 66.56
CA ALA C 35 80.41 -17.81 66.39
C ALA C 35 80.69 -17.13 67.72
N ASP C 36 79.98 -17.56 68.77
CA ASP C 36 80.18 -16.96 70.09
C ASP C 36 81.61 -17.21 70.59
N ARG C 37 82.26 -18.27 70.11
CA ARG C 37 83.62 -18.54 70.54
C ARG C 37 84.68 -17.81 69.72
N PHE C 38 84.27 -17.01 68.74
CA PHE C 38 85.18 -16.16 67.99
C PHE C 38 85.13 -14.71 68.48
N ARG C 39 84.48 -14.46 69.60
CA ARG C 39 84.40 -13.12 70.17
C ARG C 39 85.81 -12.62 70.54
N CYS C 40 85.88 -11.33 70.86
CA CYS C 40 87.16 -10.71 71.19
C CYS C 40 87.77 -11.37 72.43
N PHE C 41 89.09 -11.45 72.44
CA PHE C 41 89.97 -12.07 73.43
C PHE C 41 89.97 -13.59 73.36
N HIS C 42 89.13 -14.23 72.54
CA HIS C 42 89.11 -15.68 72.47
C HIS C 42 90.30 -16.18 71.65
N LEU C 43 91.09 -17.07 72.24
CA LEU C 43 92.22 -17.63 71.53
C LEU C 43 91.75 -18.54 70.41
N VAL C 44 92.50 -18.55 69.32
CA VAL C 44 92.16 -19.29 68.11
C VAL C 44 93.41 -20.04 67.66
N GLY C 45 93.22 -21.15 66.96
CA GLY C 45 94.33 -21.90 66.43
C GLY C 45 94.17 -22.10 64.94
N GLU C 46 95.27 -22.46 64.31
CA GLU C 46 95.32 -22.71 62.88
C GLU C 46 95.39 -24.20 62.59
N LYS C 47 95.00 -24.57 61.37
CA LYS C 47 95.11 -25.95 60.92
C LYS C 47 95.34 -25.96 59.42
N ARG C 48 96.28 -26.80 58.98
CA ARG C 48 96.67 -26.86 57.58
C ARG C 48 95.98 -28.01 56.87
N THR C 49 95.57 -27.76 55.63
CA THR C 49 94.89 -28.76 54.82
C THR C 49 95.49 -28.76 53.42
N PHE C 50 95.18 -29.83 52.67
CA PHE C 50 95.64 -29.89 51.28
C PHE C 50 95.03 -28.78 50.44
N PHE C 51 93.81 -28.35 50.76
CA PHE C 51 93.21 -27.21 50.08
C PHE C 51 93.85 -25.90 50.53
N GLY C 52 94.17 -25.78 51.82
CA GLY C 52 94.75 -24.57 52.36
C GLY C 52 94.89 -24.58 53.86
N CYS C 53 94.53 -23.49 54.51
CA CYS C 53 94.56 -23.38 55.97
C CYS C 53 93.27 -22.78 56.47
N ARG C 54 92.88 -23.18 57.68
CA ARG C 54 91.65 -22.70 58.32
C ARG C 54 91.91 -22.47 59.80
N HIS C 55 90.90 -21.88 60.46
CA HIS C 55 90.99 -21.55 61.87
C HIS C 55 89.96 -22.33 62.66
N TYR C 56 90.30 -22.61 63.91
CA TYR C 56 89.38 -23.22 64.86
C TYR C 56 89.45 -22.43 66.16
N THR C 57 88.43 -22.58 66.99
CA THR C 57 88.36 -21.89 68.27
C THR C 57 88.63 -22.87 69.39
N THR C 58 89.67 -22.59 70.18
CA THR C 58 89.93 -23.39 71.36
C THR C 58 88.88 -23.17 72.44
N GLY C 59 88.18 -22.04 72.41
CA GLY C 59 87.29 -21.67 73.47
C GLY C 59 87.96 -20.99 74.64
N LEU C 60 89.23 -20.66 74.53
CA LEU C 60 89.99 -20.02 75.60
C LEU C 60 90.02 -18.52 75.38
N THR C 61 89.55 -17.76 76.36
CA THR C 61 89.79 -16.34 76.37
C THR C 61 91.22 -16.06 76.85
N LEU C 62 91.65 -14.81 76.69
CA LEU C 62 93.02 -14.47 77.09
C LEU C 62 93.22 -14.61 78.60
N MET C 63 92.17 -14.36 79.38
CA MET C 63 92.28 -14.46 80.84
C MET C 63 92.69 -15.85 81.30
N ASP C 64 92.47 -16.87 80.48
CA ASP C 64 92.89 -18.22 80.83
C ASP C 64 94.40 -18.33 80.89
N ILE C 65 95.10 -17.70 79.96
CA ILE C 65 96.55 -17.80 79.86
C ILE C 65 97.22 -16.47 80.17
N LEU C 66 96.58 -15.58 80.92
CA LEU C 66 97.15 -14.31 81.30
C LEU C 66 97.34 -14.29 82.82
N ASP C 67 98.56 -13.99 83.26
CA ASP C 67 98.88 -14.05 84.69
C ASP C 67 98.00 -13.11 85.50
N THR C 68 97.82 -11.88 85.01
CA THR C 68 97.00 -10.87 85.67
C THR C 68 97.46 -10.63 87.11
N LYS C 85 78.94 1.63 69.06
CA LYS C 85 80.22 1.81 68.39
C LYS C 85 80.01 2.21 66.93
N ALA C 86 80.34 1.31 66.02
CA ALA C 86 80.17 1.52 64.59
C ALA C 86 79.17 0.51 64.07
N GLU C 87 78.08 1.00 63.47
CA GLU C 87 76.95 0.17 63.08
C GLU C 87 76.73 0.30 61.57
N PHE C 88 76.77 -0.82 60.87
CA PHE C 88 76.65 -0.87 59.42
C PHE C 88 75.45 -1.73 59.05
N GLN C 89 74.54 -1.17 58.26
CA GLN C 89 73.32 -1.87 57.84
C GLN C 89 73.48 -2.28 56.39
N ILE C 90 73.77 -3.54 56.15
CA ILE C 90 73.91 -4.07 54.80
C ILE C 90 72.57 -4.66 54.38
N LEU C 91 72.28 -4.58 53.08
CA LEU C 91 71.05 -5.14 52.54
C LEU C 91 71.27 -5.38 51.05
N ASP C 92 71.01 -6.60 50.60
CA ASP C 92 71.23 -6.90 49.20
C ASP C 92 70.39 -8.09 48.75
N ASN C 93 70.24 -8.18 47.43
CA ASN C 93 69.63 -9.33 46.77
C ASN C 93 70.50 -9.70 45.59
N VAL C 94 70.68 -11.00 45.38
CA VAL C 94 71.56 -11.53 44.36
C VAL C 94 70.80 -12.53 43.50
N ASP C 95 70.97 -12.45 42.19
CA ASP C 95 70.35 -13.39 41.26
C ASP C 95 71.44 -13.83 40.27
N SER C 96 71.86 -15.09 40.39
CA SER C 96 72.90 -15.64 39.54
C SER C 96 72.40 -16.87 38.81
N THR C 97 72.97 -17.12 37.63
CA THR C 97 72.59 -18.27 36.82
C THR C 97 73.75 -18.65 35.93
N GLY C 98 74.05 -19.94 35.86
CA GLY C 98 75.10 -20.43 34.99
C GLY C 98 74.72 -21.72 34.29
N GLU C 99 74.80 -21.71 32.96
CA GLU C 99 74.40 -22.89 32.16
C GLU C 99 75.56 -23.34 31.28
N LEU C 100 75.91 -24.62 31.32
CA LEU C 100 77.00 -25.16 30.53
C LEU C 100 76.51 -26.39 29.77
N ILE C 101 77.11 -26.63 28.61
CA ILE C 101 76.81 -27.78 27.77
C ILE C 101 78.12 -28.38 27.28
N VAL C 102 78.22 -29.70 27.34
CA VAL C 102 79.42 -30.42 26.92
C VAL C 102 79.00 -31.57 26.01
N ARG C 103 79.75 -31.78 24.93
CA ARG C 103 79.53 -32.90 24.02
C ARG C 103 80.81 -33.69 23.86
N LEU C 104 80.64 -35.00 23.66
CA LEU C 104 81.81 -35.91 23.51
C LEU C 104 81.52 -36.86 22.35
N PRO C 105 82.55 -37.29 21.59
CA PRO C 105 82.37 -38.25 20.48
C PRO C 105 81.86 -39.61 20.92
N LYS C 106 81.80 -39.88 22.22
CA LYS C 106 81.26 -41.12 22.76
C LYS C 106 79.75 -41.05 22.99
N GLU C 107 79.07 -40.17 22.25
CA GLU C 107 77.63 -39.96 22.39
C GLU C 107 77.26 -39.54 23.81
N ILE C 108 78.05 -38.64 24.40
CA ILE C 108 77.80 -38.13 25.73
C ILE C 108 77.56 -36.63 25.66
N THR C 109 76.30 -36.23 25.78
CA THR C 109 75.90 -34.82 25.73
C THR C 109 75.32 -34.43 27.08
N ILE C 110 76.06 -33.65 27.85
CA ILE C 110 75.63 -33.22 29.17
C ILE C 110 75.29 -31.74 29.12
N SER C 111 74.40 -31.32 30.02
CA SER C 111 74.02 -29.92 30.12
C SER C 111 73.53 -29.65 31.53
N GLY C 112 74.09 -28.62 32.16
CA GLY C 112 73.74 -28.28 33.52
C GLY C 112 73.54 -26.81 33.78
N SER C 113 72.48 -26.48 34.52
CA SER C 113 72.16 -25.11 34.90
C SER C 113 72.13 -25.02 36.41
N PHE C 114 72.70 -23.94 36.94
CA PHE C 114 72.81 -23.73 38.38
C PHE C 114 72.44 -22.28 38.65
N GLN C 115 71.33 -22.06 39.35
CA GLN C 115 70.85 -20.71 39.60
C GLN C 115 70.65 -20.50 41.10
N GLY C 116 70.75 -19.24 41.51
CA GLY C 116 70.62 -18.87 42.91
C GLY C 116 69.99 -17.51 43.09
N PHE C 117 69.17 -17.39 44.13
CA PHE C 117 68.47 -16.16 44.47
C PHE C 117 68.61 -15.96 45.97
N HIS C 118 69.36 -14.93 46.36
CA HIS C 118 69.66 -14.67 47.77
C HIS C 118 69.07 -13.33 48.17
N HIS C 119 68.55 -13.25 49.40
CA HIS C 119 68.08 -11.99 49.94
C HIS C 119 68.52 -11.88 51.39
N GLN C 120 69.26 -10.83 51.71
CA GLN C 120 69.78 -10.63 53.06
C GLN C 120 69.62 -9.19 53.46
N LYS C 121 69.30 -8.97 54.74
CA LYS C 121 69.27 -7.66 55.35
C LYS C 121 69.78 -7.83 56.78
N ILE C 122 70.90 -7.18 57.10
CA ILE C 122 71.57 -7.40 58.37
C ILE C 122 72.11 -6.08 58.88
N LYS C 123 72.22 -5.97 60.20
CA LYS C 123 72.73 -4.77 60.86
C LYS C 123 73.83 -5.20 61.82
N ILE C 124 75.08 -4.98 61.43
CA ILE C 124 76.21 -5.44 62.20
C ILE C 124 76.81 -4.26 62.96
N SER C 125 77.62 -4.57 63.96
CA SER C 125 78.36 -3.58 64.73
C SER C 125 79.79 -4.07 64.91
N GLU C 126 80.70 -3.13 65.11
CA GLU C 126 82.11 -3.44 65.21
C GLU C 126 82.59 -3.28 66.64
N ASN C 127 83.41 -4.22 67.09
CA ASN C 127 84.11 -4.10 68.36
C ASN C 127 85.56 -4.50 68.14
N ARG C 128 86.44 -3.95 68.98
CA ARG C 128 87.86 -4.19 68.79
C ARG C 128 88.59 -3.85 70.08
N ILE C 129 89.67 -4.58 70.34
CA ILE C 129 90.50 -4.32 71.50
C ILE C 129 91.43 -3.16 71.20
N SER C 130 91.46 -2.17 72.10
CA SER C 130 92.25 -0.98 71.87
C SER C 130 93.74 -1.30 71.81
N GLN C 131 94.45 -0.55 70.97
CA GLN C 131 95.89 -0.74 70.84
C GLN C 131 96.63 -0.47 72.15
N GLN C 132 96.01 0.25 73.08
CA GLN C 132 96.59 0.38 74.41
C GLN C 132 96.72 -0.99 75.08
N TYR C 133 95.68 -1.82 74.95
CA TYR C 133 95.74 -3.16 75.55
C TYR C 133 96.85 -3.99 74.91
N LEU C 134 96.89 -4.02 73.57
CA LEU C 134 97.97 -4.75 72.89
C LEU C 134 99.32 -4.20 73.27
N ALA C 135 99.42 -2.92 73.58
CA ALA C 135 100.65 -2.36 74.12
C ALA C 135 100.96 -2.95 75.50
N THR C 136 99.93 -3.12 76.32
CA THR C 136 100.12 -3.71 77.64
C THR C 136 100.35 -5.21 77.59
N LEU C 137 99.72 -5.92 76.67
CA LEU C 137 99.83 -7.37 76.57
C LEU C 137 101.06 -7.78 75.77
N GLU C 138 102.24 -7.28 76.14
CA GLU C 138 103.48 -7.59 75.43
C GLU C 138 104.38 -8.44 76.33
N ASN C 139 104.74 -9.61 75.83
CA ASN C 139 105.67 -10.53 76.51
C ASN C 139 105.24 -10.77 77.96
N ARG C 140 103.95 -11.01 78.14
CA ARG C 140 103.40 -11.30 79.46
C ARG C 140 103.72 -12.73 79.86
N LYS C 141 103.84 -12.94 81.17
CA LYS C 141 103.91 -14.30 81.70
C LYS C 141 102.51 -14.89 81.75
N LEU C 142 102.40 -16.17 81.44
CA LEU C 142 101.12 -16.86 81.45
C LEU C 142 100.73 -17.19 82.89
N LYS C 143 99.66 -17.97 83.05
CA LYS C 143 99.27 -18.48 84.35
C LYS C 143 100.02 -19.76 84.64
N ARG C 144 100.47 -19.92 85.89
CA ARG C 144 101.09 -21.17 86.30
C ARG C 144 100.12 -22.34 86.23
N GLU C 145 98.82 -22.06 86.23
CA GLU C 145 97.79 -23.10 86.11
C GLU C 145 97.59 -23.41 84.62
N LEU C 146 98.58 -24.08 84.04
CA LEU C 146 98.53 -24.49 82.64
C LEU C 146 97.36 -25.45 82.43
N PRO C 147 96.31 -25.04 81.72
CA PRO C 147 95.20 -25.96 81.44
C PRO C 147 95.62 -26.99 80.41
N PHE C 148 95.14 -28.22 80.60
CA PHE C 148 95.38 -29.25 79.60
C PHE C 148 94.78 -28.87 78.25
N SER C 149 93.77 -27.99 78.25
CA SER C 149 93.23 -27.47 77.01
C SER C 149 94.31 -26.77 76.20
N PHE C 150 95.15 -25.98 76.86
CA PHE C 150 96.26 -25.30 76.19
C PHE C 150 97.55 -26.10 76.26
N ARG C 151 97.81 -26.77 77.39
CA ARG C 151 99.08 -27.47 77.56
C ARG C 151 99.29 -28.52 76.48
N SER C 152 98.20 -29.12 75.99
CA SER C 152 98.28 -30.18 74.99
C SER C 152 98.20 -29.66 73.57
N ILE C 153 98.17 -28.35 73.36
CA ILE C 153 98.10 -27.81 72.02
C ILE C 153 99.34 -28.20 71.25
N ASN C 154 99.16 -28.73 70.05
CA ASN C 154 100.28 -29.15 69.23
C ASN C 154 101.11 -27.94 68.81
N THR C 155 102.39 -27.97 69.12
CA THR C 155 103.27 -26.84 68.82
C THR C 155 103.54 -26.68 67.33
N ARG C 156 103.23 -27.70 66.51
CA ARG C 156 103.41 -27.58 65.08
C ARG C 156 102.53 -26.48 64.49
N GLU C 157 101.29 -26.39 64.94
CA GLU C 157 100.37 -25.36 64.49
C GLU C 157 100.58 -24.07 65.28
N ASN C 158 99.88 -23.02 64.86
CA ASN C 158 100.08 -21.69 65.39
C ASN C 158 99.03 -21.38 66.46
N LEU C 159 99.05 -20.14 66.96
CA LEU C 159 98.09 -19.70 67.97
C LEU C 159 97.93 -18.20 67.84
N TYR C 160 96.68 -17.72 67.88
CA TYR C 160 96.36 -16.33 67.61
C TYR C 160 95.36 -15.83 68.64
N LEU C 161 95.27 -14.51 68.75
CA LEU C 161 94.30 -13.85 69.58
C LEU C 161 93.36 -13.05 68.69
N VAL C 162 92.06 -13.19 68.92
CA VAL C 162 91.08 -12.46 68.14
C VAL C 162 91.06 -11.00 68.58
N THR C 163 91.24 -10.10 67.63
CA THR C 163 91.42 -8.67 67.88
C THR C 163 90.16 -7.85 67.63
N GLU C 164 89.59 -7.96 66.43
CA GLU C 164 88.41 -7.19 66.07
C GLU C 164 87.33 -8.13 65.55
N THR C 165 86.07 -7.76 65.81
CA THR C 165 84.94 -8.61 65.47
C THR C 165 83.76 -7.77 64.99
N LEU C 166 83.12 -8.26 63.94
CA LEU C 166 81.84 -7.72 63.46
C LEU C 166 80.74 -8.66 63.92
N GLU C 167 79.84 -8.16 64.75
CA GLU C 167 78.80 -8.98 65.35
C GLU C 167 77.43 -8.34 65.15
N THR C 168 76.44 -9.16 64.87
CA THR C 168 75.09 -8.63 64.68
C THR C 168 74.56 -8.06 65.99
N VAL C 169 73.56 -7.20 65.90
CA VAL C 169 72.94 -6.60 67.07
C VAL C 169 71.43 -6.75 67.01
N LYS C 170 70.94 -7.49 66.01
CA LYS C 170 69.50 -7.64 65.82
C LYS C 170 69.21 -9.05 65.31
N GLU C 171 68.01 -9.54 65.64
CA GLU C 171 67.60 -10.86 65.20
C GLU C 171 67.35 -10.83 63.69
N GLU C 172 68.13 -11.58 62.94
CA GLU C 172 68.09 -11.52 61.49
C GLU C 172 67.39 -12.75 60.91
N THR C 173 66.95 -12.62 59.66
CA THR C 173 66.22 -13.68 58.96
C THR C 173 66.65 -13.64 57.50
N LEU C 174 67.58 -14.52 57.14
CA LEU C 174 68.18 -14.51 55.81
C LEU C 174 67.55 -15.59 54.93
N LYS C 175 67.45 -15.31 53.63
CA LYS C 175 66.77 -16.23 52.73
C LYS C 175 67.65 -16.55 51.52
N SER C 176 67.56 -17.78 51.06
CA SER C 176 68.26 -18.23 49.86
C SER C 176 67.35 -19.17 49.08
N ASP C 177 67.72 -19.38 47.82
CA ASP C 177 66.96 -20.30 46.97
C ASP C 177 67.88 -20.79 45.86
N ARG C 178 68.16 -22.09 45.85
CA ARG C 178 69.08 -22.68 44.90
C ARG C 178 68.31 -23.59 43.93
N GLN C 179 68.85 -23.73 42.72
CA GLN C 179 68.28 -24.63 41.74
C GLN C 179 69.40 -25.26 40.94
N TYR C 180 69.45 -26.59 40.93
CA TYR C 180 70.44 -27.36 40.17
C TYR C 180 69.68 -28.27 39.21
N LYS C 181 69.72 -27.94 37.92
CA LYS C 181 69.03 -28.73 36.91
C LYS C 181 70.08 -29.22 35.91
N PHE C 182 70.55 -30.45 36.07
CA PHE C 182 71.59 -30.94 35.16
C PHE C 182 71.31 -32.37 34.74
N TRP C 183 71.55 -32.64 33.46
CA TRP C 183 71.32 -33.96 32.87
C TRP C 183 72.46 -34.29 31.92
N SER C 184 72.43 -35.52 31.43
CA SER C 184 73.50 -36.04 30.58
C SER C 184 72.97 -37.25 29.83
N GLN C 185 73.03 -37.21 28.51
CA GLN C 185 72.70 -38.35 27.67
C GLN C 185 73.96 -39.12 27.32
N ILE C 186 73.87 -40.45 27.45
CA ILE C 186 74.98 -41.34 27.13
C ILE C 186 74.61 -42.12 25.88
N SER C 187 75.57 -42.90 25.38
CA SER C 187 75.33 -43.70 24.18
C SER C 187 74.18 -44.68 24.39
N GLN C 188 74.00 -45.15 25.62
CA GLN C 188 72.93 -46.10 25.93
C GLN C 188 71.69 -45.39 26.46
N GLY C 189 71.85 -44.64 27.53
CA GLY C 189 70.72 -44.03 28.20
C GLY C 189 71.00 -42.59 28.62
N HIS C 190 70.19 -42.10 29.55
CA HIS C 190 70.23 -40.73 30.02
C HIS C 190 70.31 -40.72 31.55
N LEU C 191 70.50 -39.53 32.11
CA LEU C 191 70.49 -39.36 33.56
C LEU C 191 70.29 -37.88 33.86
N SER C 192 69.23 -37.55 34.60
CA SER C 192 68.89 -36.17 34.89
C SER C 192 68.65 -35.98 36.38
N TYR C 193 68.81 -34.75 36.85
CA TYR C 193 68.56 -34.41 38.24
C TYR C 193 68.15 -32.94 38.33
N LYS C 194 67.01 -32.70 38.96
CA LYS C 194 66.47 -31.36 39.15
C LYS C 194 66.20 -31.13 40.63
N HIS C 195 66.84 -30.13 41.20
CA HIS C 195 66.68 -29.79 42.61
C HIS C 195 66.32 -28.32 42.71
N LYS C 196 65.29 -28.02 43.51
CA LYS C 196 64.88 -26.65 43.79
C LYS C 196 64.65 -26.53 45.28
N GLY C 197 65.45 -25.71 45.95
CA GLY C 197 65.34 -25.58 47.38
C GLY C 197 65.35 -24.15 47.88
N GLN C 198 64.29 -23.78 48.59
CA GLN C 198 64.21 -22.48 49.26
C GLN C 198 64.56 -22.67 50.73
N ARG C 199 65.46 -21.85 51.24
CA ARG C 199 65.98 -21.99 52.59
C ARG C 199 65.90 -20.65 53.31
N GLU C 200 65.72 -20.71 54.62
CA GLU C 200 65.56 -19.50 55.41
C GLU C 200 66.07 -19.78 56.82
N VAL C 201 66.86 -18.87 57.38
CA VAL C 201 67.47 -19.08 58.68
C VAL C 201 67.29 -17.82 59.52
N THR C 202 67.31 -18.01 60.84
CA THR C 202 67.17 -16.93 61.80
C THR C 202 68.39 -16.90 62.71
N ILE C 203 68.78 -15.70 63.11
CA ILE C 203 70.03 -15.48 63.85
C ILE C 203 69.78 -14.58 65.04
N PRO C 204 70.26 -14.95 66.22
CA PRO C 204 70.14 -14.07 67.39
C PRO C 204 71.19 -12.97 67.35
N PRO C 205 71.10 -11.98 68.23
CA PRO C 205 72.11 -10.92 68.25
C PRO C 205 73.47 -11.43 68.71
N ASN C 206 74.48 -10.58 68.52
CA ASN C 206 75.84 -10.78 69.01
C ASN C 206 76.56 -11.95 68.36
N ARG C 207 76.10 -12.40 67.20
CA ARG C 207 76.78 -13.47 66.48
C ARG C 207 77.94 -12.89 65.66
N VAL C 208 79.16 -13.28 65.99
CA VAL C 208 80.34 -12.73 65.33
C VAL C 208 80.35 -13.17 63.87
N LEU C 209 80.33 -12.18 62.96
CA LEU C 209 80.32 -12.46 61.53
C LEU C 209 81.72 -12.50 60.92
N SER C 210 82.69 -11.83 61.52
CA SER C 210 84.05 -11.85 60.99
C SER C 210 85.01 -11.44 62.08
N TYR C 211 86.28 -11.78 61.88
CA TYR C 211 87.30 -11.50 62.88
C TYR C 211 88.66 -11.40 62.19
N ARG C 212 89.60 -10.80 62.92
CA ARG C 212 91.00 -10.73 62.52
C ARG C 212 91.86 -11.08 63.74
N VAL C 213 93.08 -11.53 63.49
CA VAL C 213 93.88 -12.16 64.53
C VAL C 213 95.27 -11.54 64.60
N LYS C 214 95.87 -11.61 65.79
CA LYS C 214 97.27 -11.26 66.02
C LYS C 214 97.97 -12.45 66.64
N GLN C 215 99.12 -12.82 66.11
CA GLN C 215 99.72 -14.10 66.51
C GLN C 215 100.26 -14.00 67.94
N LEU C 216 100.45 -15.16 68.57
CA LEU C 216 101.10 -15.25 69.86
C LEU C 216 102.18 -16.31 69.79
N VAL C 217 103.45 -15.90 69.74
CA VAL C 217 104.57 -16.82 69.74
C VAL C 217 105.07 -16.99 71.17
N PHE C 218 105.49 -18.20 71.50
CA PHE C 218 105.89 -18.60 72.85
C PHE C 218 107.27 -19.24 72.81
N PRO C 219 108.34 -18.45 72.93
CA PRO C 219 109.67 -19.06 73.07
C PRO C 219 109.81 -19.94 74.30
N ASN C 220 109.03 -19.69 75.35
CA ASN C 220 109.00 -20.56 76.53
C ASN C 220 107.59 -20.49 77.12
N LYS C 221 107.45 -20.96 78.36
CA LYS C 221 106.15 -21.06 79.00
C LYS C 221 105.73 -19.81 79.75
N GLU C 222 106.55 -18.76 79.71
CA GLU C 222 106.24 -17.50 80.38
C GLU C 222 106.30 -16.32 79.43
N THR C 223 106.30 -16.57 78.12
CA THR C 223 106.47 -15.54 77.10
C THR C 223 105.25 -15.52 76.20
N MET C 224 104.32 -14.62 76.49
CA MET C 224 103.17 -14.38 75.61
C MET C 224 103.54 -13.33 74.56
N ASN C 225 104.48 -13.70 73.70
CA ASN C 225 105.07 -12.71 72.79
C ASN C 225 104.07 -12.43 71.68
N ILE C 226 103.47 -11.24 71.71
CA ILE C 226 102.40 -10.90 70.78
C ILE C 226 103.02 -10.42 69.47
N HIS C 227 102.76 -11.15 68.39
CA HIS C 227 103.35 -10.90 67.08
C HIS C 227 102.31 -10.19 66.21
N PHE C 228 102.67 -9.01 65.71
CA PHE C 228 101.78 -8.21 64.88
C PHE C 228 101.95 -8.52 63.40
N ARG C 229 103.16 -8.33 62.89
CA ARG C 229 103.45 -8.50 61.47
C ARG C 229 104.51 -9.58 61.30
N GLY C 230 104.34 -10.41 60.28
CA GLY C 230 105.34 -11.41 59.96
C GLY C 230 104.85 -12.84 60.05
N LYS C 231 104.98 -13.58 58.94
CA LYS C 231 104.66 -15.01 58.94
C LYS C 231 105.80 -15.76 59.62
N THR C 232 105.50 -16.36 60.76
CA THR C 232 106.52 -17.02 61.56
C THR C 232 105.90 -18.23 62.25
N LYS C 233 106.65 -18.83 63.18
CA LYS C 233 106.19 -19.96 63.96
C LYS C 233 105.76 -19.50 65.34
N SER C 234 104.57 -19.90 65.76
CA SER C 234 103.99 -19.45 67.01
C SER C 234 104.46 -20.27 68.21
N PHE C 235 105.28 -21.30 67.99
CA PHE C 235 105.83 -22.11 69.07
C PHE C 235 107.26 -22.49 68.74
N PRO C 236 108.21 -21.58 68.99
CA PRO C 236 109.62 -21.90 68.74
C PRO C 236 110.29 -22.67 69.86
N GLU C 237 109.59 -22.90 70.96
CA GLU C 237 110.14 -23.62 72.11
C GLU C 237 110.45 -25.07 71.76
CA MET D 5 65.10 -43.24 52.36
C MET D 5 65.61 -43.10 53.78
N PHE D 6 65.24 -41.99 54.43
CA PHE D 6 65.69 -41.69 55.77
C PHE D 6 64.51 -41.21 56.60
N SER D 7 64.65 -41.32 57.92
CA SER D 7 63.64 -40.83 58.84
C SER D 7 63.47 -39.33 58.68
N VAL D 8 62.30 -38.81 59.02
CA VAL D 8 62.07 -37.36 58.96
C VAL D 8 63.00 -36.65 59.93
N PHE D 9 63.14 -37.20 61.14
CA PHE D 9 64.08 -36.65 62.11
C PHE D 9 65.50 -36.71 61.58
N GLU D 10 65.85 -37.77 60.85
CA GLU D 10 67.17 -37.83 60.23
C GLU D 10 67.37 -36.68 59.27
N GLU D 11 66.37 -36.39 58.44
CA GLU D 11 66.49 -35.29 57.49
C GLU D 11 66.62 -33.95 58.19
N ILE D 12 65.81 -33.71 59.22
CA ILE D 12 65.88 -32.41 59.88
C ILE D 12 67.22 -32.26 60.61
N THR D 13 67.75 -33.34 61.17
CA THR D 13 69.05 -33.25 61.82
C THR D 13 70.16 -33.01 60.80
N ARG D 14 70.07 -33.65 59.64
CA ARG D 14 71.06 -33.39 58.59
C ARG D 14 71.04 -31.93 58.15
N ILE D 15 69.83 -31.37 57.99
CA ILE D 15 69.72 -29.96 57.62
C ILE D 15 70.30 -29.08 58.71
N VAL D 16 69.99 -29.36 59.98
CA VAL D 16 70.47 -28.52 61.07
C VAL D 16 71.99 -28.59 61.16
N VAL D 17 72.58 -29.76 60.93
CA VAL D 17 74.03 -29.85 60.98
C VAL D 17 74.66 -29.13 59.80
N LYS D 18 74.09 -29.29 58.61
CA LYS D 18 74.65 -28.60 57.44
C LYS D 18 74.55 -27.09 57.58
N GLU D 19 73.57 -26.58 58.33
CA GLU D 19 73.43 -25.14 58.45
C GLU D 19 74.15 -24.58 59.68
N MET D 20 73.78 -25.03 60.87
CA MET D 20 74.32 -24.44 62.10
C MET D 20 75.81 -24.69 62.29
N ASP D 21 76.39 -25.65 61.56
CA ASP D 21 77.83 -25.87 61.70
C ASP D 21 78.37 -26.24 60.31
N ALA D 22 78.80 -25.22 59.58
CA ALA D 22 79.48 -25.46 58.32
C ALA D 22 80.85 -26.09 58.60
N GLY D 23 81.10 -27.23 57.97
CA GLY D 23 82.32 -27.96 58.29
C GLY D 23 82.30 -28.37 59.75
N GLY D 24 83.34 -27.98 60.47
CA GLY D 24 83.38 -28.24 61.89
C GLY D 24 83.43 -29.72 62.21
N ASP D 25 82.85 -30.10 63.35
CA ASP D 25 82.87 -31.48 63.80
C ASP D 25 81.52 -32.00 64.28
N MET D 26 80.48 -31.16 64.34
CA MET D 26 79.20 -31.61 64.86
C MET D 26 78.61 -32.71 63.98
N ILE D 27 78.11 -33.75 64.62
CA ILE D 27 77.42 -34.85 63.96
C ILE D 27 75.97 -34.83 64.36
N ALA D 28 75.12 -35.28 63.44
CA ALA D 28 73.67 -35.19 63.61
C ALA D 28 73.14 -36.44 64.29
N VAL D 29 72.27 -36.23 65.29
CA VAL D 29 71.57 -37.35 65.91
C VAL D 29 70.71 -38.04 64.86
N ARG D 30 70.75 -39.37 64.87
CA ARG D 30 70.03 -40.13 63.85
C ARG D 30 68.61 -40.50 64.29
N SER D 31 68.46 -41.07 65.47
CA SER D 31 67.19 -41.58 65.96
C SER D 31 66.75 -40.76 67.16
N LEU D 32 65.47 -40.39 67.18
CA LEU D 32 64.98 -39.56 68.28
C LEU D 32 64.55 -40.37 69.50
N VAL D 33 64.54 -41.70 69.41
CA VAL D 33 64.31 -42.49 70.62
C VAL D 33 65.45 -42.32 71.60
N ASP D 34 66.68 -42.32 71.11
CA ASP D 34 67.87 -42.11 71.93
C ASP D 34 68.43 -40.71 71.79
N ALA D 35 67.61 -39.75 71.34
CA ALA D 35 68.03 -38.36 71.33
C ALA D 35 68.27 -37.86 72.75
N ASP D 36 67.39 -38.25 73.68
CA ASP D 36 67.54 -37.83 75.07
C ASP D 36 68.83 -38.38 75.67
N ARG D 37 69.34 -39.49 75.14
CA ARG D 37 70.58 -40.06 75.67
C ARG D 37 71.83 -39.46 75.04
N PHE D 38 71.68 -38.51 74.12
CA PHE D 38 72.80 -37.76 73.56
C PHE D 38 72.95 -36.39 74.20
N ARG D 39 72.23 -36.13 75.28
CA ARG D 39 72.32 -34.85 75.98
C ARG D 39 73.74 -34.66 76.53
N CYS D 40 74.00 -33.44 77.00
CA CYS D 40 75.32 -33.11 77.52
C CYS D 40 75.65 -33.97 78.73
N PHE D 41 76.94 -34.30 78.85
CA PHE D 41 77.57 -35.15 79.85
C PHE D 41 77.32 -36.64 79.61
N HIS D 42 76.49 -37.02 78.65
CA HIS D 42 76.22 -38.44 78.42
C HIS D 42 77.39 -39.07 77.66
N LEU D 43 77.94 -40.14 78.22
CA LEU D 43 79.03 -40.84 77.56
C LEU D 43 78.53 -41.53 76.30
N VAL D 44 79.40 -41.58 75.30
CA VAL D 44 79.08 -42.13 74.00
C VAL D 44 80.22 -43.06 73.59
N GLY D 45 79.92 -44.04 72.75
CA GLY D 45 80.93 -44.93 72.25
C GLY D 45 80.92 -44.96 70.73
N GLU D 46 82.00 -45.47 70.18
CA GLU D 46 82.17 -45.58 68.74
C GLU D 46 82.01 -47.03 68.29
N LYS D 47 81.71 -47.20 67.01
CA LYS D 47 81.63 -48.52 66.42
C LYS D 47 82.02 -48.44 64.95
N ARG D 48 82.84 -49.40 64.52
CA ARG D 48 83.38 -49.39 63.16
C ARG D 48 82.58 -50.32 62.27
N THR D 49 82.36 -49.90 61.03
CA THR D 49 81.61 -50.67 60.05
C THR D 49 82.36 -50.66 58.72
N PHE D 50 81.96 -51.57 57.83
CA PHE D 50 82.55 -51.59 56.50
C PHE D 50 82.25 -50.31 55.72
N PHE D 51 81.09 -49.70 55.98
CA PHE D 51 80.78 -48.41 55.37
C PHE D 51 81.58 -47.29 56.03
N GLY D 52 81.77 -47.36 57.35
CA GLY D 52 82.48 -46.32 58.07
C GLY D 52 82.43 -46.50 59.56
N CYS D 53 82.20 -45.42 60.30
CA CYS D 53 82.10 -45.45 61.76
C CYS D 53 80.87 -44.68 62.19
N ARG D 54 80.29 -45.11 63.31
CA ARG D 54 79.10 -44.47 63.88
C ARG D 54 79.22 -44.42 65.39
N HIS D 55 78.27 -43.72 66.01
CA HIS D 55 78.24 -43.55 67.46
C HIS D 55 77.01 -44.20 68.05
N TYR D 56 77.16 -44.65 69.29
CA TYR D 56 76.05 -45.17 70.08
C TYR D 56 76.09 -44.52 71.46
N THR D 57 74.98 -44.57 72.16
CA THR D 57 74.89 -43.99 73.50
C THR D 57 74.86 -45.10 74.53
N THR D 58 75.83 -45.10 75.44
CA THR D 58 75.81 -46.04 76.54
C THR D 58 74.70 -45.72 77.53
N GLY D 59 74.22 -44.49 77.56
CA GLY D 59 73.28 -44.06 78.57
C GLY D 59 73.92 -43.62 79.87
N LEU D 60 75.24 -43.52 79.91
CA LEU D 60 75.97 -43.14 81.11
C LEU D 60 76.28 -41.65 81.07
N THR D 61 75.85 -40.92 82.08
CA THR D 61 76.33 -39.57 82.27
C THR D 61 77.72 -39.61 82.91
N LEU D 62 78.38 -38.45 82.93
CA LEU D 62 79.73 -38.40 83.50
C LEU D 62 79.73 -38.71 84.98
N MET D 63 78.66 -38.35 85.69
CA MET D 63 78.59 -38.60 87.13
C MET D 63 78.69 -40.08 87.47
N ASP D 64 78.39 -40.96 86.52
CA ASP D 64 78.53 -42.39 86.77
C ASP D 64 79.98 -42.79 86.96
N ILE D 65 80.88 -42.21 86.17
CA ILE D 65 82.29 -42.57 86.20
C ILE D 65 83.15 -41.41 86.71
N LEU D 66 82.58 -40.50 87.50
CA LEU D 66 83.33 -39.39 88.07
C LEU D 66 83.34 -39.54 89.59
N ASP D 67 84.53 -39.53 90.18
CA ASP D 67 84.67 -39.77 91.62
C ASP D 67 83.88 -38.76 92.43
N THR D 68 83.98 -37.49 92.07
CA THR D 68 83.27 -36.41 92.76
C THR D 68 83.60 -36.38 94.25
N LYS D 85 69.66 -19.31 76.00
CA LYS D 85 71.02 -19.31 75.49
C LYS D 85 71.04 -18.75 74.06
N ALA D 86 71.32 -19.61 73.10
CA ALA D 86 71.35 -19.23 71.68
C ALA D 86 70.25 -19.99 70.96
N GLU D 87 69.34 -19.25 70.32
CA GLU D 87 68.14 -19.82 69.73
C GLU D 87 68.12 -19.52 68.24
N PHE D 88 68.04 -20.57 67.43
CA PHE D 88 68.08 -20.45 65.97
C PHE D 88 66.80 -21.03 65.39
N GLN D 89 66.10 -20.25 64.58
CA GLN D 89 64.84 -20.67 63.98
C GLN D 89 65.07 -20.96 62.50
N ILE D 90 65.17 -22.23 62.17
CA ILE D 90 65.37 -22.66 60.79
C ILE D 90 64.01 -22.95 60.18
N LEU D 91 63.88 -22.69 58.87
CA LEU D 91 62.64 -22.95 58.16
C LEU D 91 62.98 -23.10 56.68
N ASP D 92 62.57 -24.20 56.07
CA ASP D 92 62.89 -24.41 54.67
C ASP D 92 61.92 -25.37 54.02
N ASN D 93 61.91 -25.32 52.69
CA ASN D 93 61.19 -26.26 51.85
C ASN D 93 62.10 -26.68 50.72
N VAL D 94 62.08 -27.97 50.38
CA VAL D 94 62.96 -28.55 49.40
C VAL D 94 62.15 -29.32 48.38
N ASP D 95 62.47 -29.14 47.10
CA ASP D 95 61.82 -29.86 46.01
C ASP D 95 62.91 -30.40 45.09
N SER D 96 63.09 -31.72 45.10
CA SER D 96 64.12 -32.37 44.31
C SER D 96 63.49 -33.41 43.40
N THR D 97 64.14 -33.66 42.26
CA THR D 97 63.66 -34.64 41.29
C THR D 97 64.83 -35.14 40.48
N GLY D 98 64.90 -36.47 40.30
CA GLY D 98 65.95 -37.05 39.48
C GLY D 98 65.44 -38.18 38.61
N GLU D 99 65.66 -38.06 37.30
CA GLU D 99 65.15 -39.06 36.34
C GLU D 99 66.32 -39.63 35.53
N LEU D 100 66.44 -40.95 35.47
CA LEU D 100 67.49 -41.61 34.72
C LEU D 100 66.88 -42.66 33.79
N ILE D 101 67.57 -42.90 32.67
CA ILE D 101 67.16 -43.89 31.68
C ILE D 101 68.40 -44.67 31.26
N VAL D 102 68.27 -45.99 31.18
CA VAL D 102 69.36 -46.87 30.79
C VAL D 102 68.86 -47.83 29.72
N ARG D 103 69.68 -48.08 28.71
CA ARG D 103 69.36 -49.05 27.66
C ARG D 103 70.50 -50.04 27.54
N LEU D 104 70.13 -51.28 27.18
CA LEU D 104 71.13 -52.37 27.03
C LEU D 104 70.82 -53.14 25.76
N PRO D 105 71.84 -53.69 25.06
CA PRO D 105 71.61 -54.48 23.83
C PRO D 105 70.83 -55.76 24.07
N LYS D 106 70.58 -56.14 25.32
CA LYS D 106 69.78 -57.30 25.66
C LYS D 106 68.30 -56.97 25.76
N GLU D 107 67.86 -55.92 25.06
CA GLU D 107 66.47 -55.46 25.09
C GLU D 107 66.02 -55.11 26.50
N ILE D 108 66.89 -54.43 27.25
CA ILE D 108 66.57 -54.02 28.61
C ILE D 108 66.60 -52.49 28.68
N THR D 109 65.43 -51.88 28.72
CA THR D 109 65.30 -50.42 28.80
C THR D 109 64.63 -50.06 30.11
N ILE D 110 65.41 -49.51 31.03
CA ILE D 110 64.91 -49.13 32.35
C ILE D 110 64.85 -47.61 32.43
N SER D 111 63.94 -47.12 33.28
CA SER D 111 63.80 -45.69 33.50
C SER D 111 63.21 -45.46 34.88
N GLY D 112 63.86 -44.61 35.67
CA GLY D 112 63.43 -44.35 37.03
C GLY D 112 63.45 -42.89 37.43
N SER D 113 62.38 -42.44 38.09
CA SER D 113 62.27 -41.08 38.59
C SER D 113 62.09 -41.12 40.09
N PHE D 114 62.78 -40.23 40.79
CA PHE D 114 62.75 -40.17 42.25
C PHE D 114 62.61 -38.70 42.65
N GLN D 115 61.48 -38.35 43.25
CA GLN D 115 61.21 -36.97 43.61
C GLN D 115 60.89 -36.86 45.10
N GLY D 116 61.16 -35.69 45.64
CA GLY D 116 60.94 -35.42 47.06
C GLY D 116 60.53 -34.00 47.34
N PHE D 117 59.63 -33.83 48.29
CA PHE D 117 59.12 -32.53 48.70
C PHE D 117 59.13 -32.49 50.22
N HIS D 118 59.99 -31.66 50.79
CA HIS D 118 60.18 -31.59 52.24
C HIS D 118 59.78 -30.21 52.73
N HIS D 119 59.15 -30.14 53.91
CA HIS D 119 58.84 -28.88 54.54
C HIS D 119 59.12 -28.99 56.03
N GLN D 120 60.01 -28.12 56.54
CA GLN D 120 60.39 -28.15 57.93
C GLN D 120 60.44 -26.74 58.48
N LYS D 121 60.01 -26.60 59.74
CA LYS D 121 60.15 -25.37 60.49
C LYS D 121 60.46 -25.75 61.93
N ILE D 122 61.63 -25.35 62.42
CA ILE D 122 62.10 -25.81 63.72
C ILE D 122 62.80 -24.65 64.42
N LYS D 123 62.78 -24.69 65.75
CA LYS D 123 63.40 -23.67 66.58
C LYS D 123 64.30 -24.40 67.60
N ILE D 124 65.60 -24.37 67.35
CA ILE D 124 66.55 -25.10 68.18
C ILE D 124 67.25 -24.13 69.11
N SER D 125 67.87 -24.68 70.15
CA SER D 125 68.68 -23.91 71.08
C SER D 125 69.97 -24.66 71.34
N GLU D 126 71.00 -23.93 71.73
CA GLU D 126 72.32 -24.50 71.93
C GLU D 126 72.65 -24.57 73.41
N ASN D 127 73.24 -25.69 73.83
CA ASN D 127 73.80 -25.82 75.17
C ASN D 127 75.18 -26.44 75.04
N ARG D 128 76.04 -26.15 76.02
CA ARG D 128 77.41 -26.62 75.94
C ARG D 128 78.04 -26.54 77.32
N ILE D 129 78.93 -27.49 77.60
CA ILE D 129 79.66 -27.49 78.85
C ILE D 129 80.81 -26.50 78.77
N SER D 130 80.90 -25.62 79.77
CA SER D 130 81.91 -24.57 79.76
C SER D 130 83.31 -25.15 79.80
N GLN D 131 84.24 -24.48 79.12
CA GLN D 131 85.63 -24.92 79.11
C GLN D 131 86.25 -24.90 80.50
N GLN D 132 85.66 -24.18 81.44
CA GLN D 132 86.10 -24.29 82.83
C GLN D 132 85.92 -25.70 83.36
N TYR D 133 84.77 -26.32 83.04
CA TYR D 133 84.53 -27.69 83.49
C TYR D 133 85.54 -28.65 82.87
N LEU D 134 85.73 -28.56 81.54
CA LEU D 134 86.73 -29.41 80.89
C LEU D 134 88.12 -29.16 81.46
N ALA D 135 88.39 -27.94 81.91
CA ALA D 135 89.63 -27.69 82.62
C ALA D 135 89.67 -28.44 83.95
N THR D 136 88.54 -28.50 84.66
CA THR D 136 88.47 -29.23 85.91
C THR D 136 88.45 -30.74 85.72
N LEU D 137 87.82 -31.22 84.66
CA LEU D 137 87.68 -32.66 84.42
C LEU D 137 88.91 -33.22 83.70
N GLU D 138 90.11 -32.98 84.23
CA GLU D 138 91.34 -33.45 83.62
C GLU D 138 91.98 -34.52 84.49
N ASN D 139 92.19 -35.70 83.91
CA ASN D 139 92.85 -36.82 84.57
C ASN D 139 92.22 -37.11 85.92
N ARG D 140 90.90 -37.12 85.95
CA ARG D 140 90.17 -37.43 87.18
C ARG D 140 90.19 -38.93 87.45
N LYS D 141 90.12 -39.28 88.73
CA LYS D 141 89.89 -40.67 89.11
C LYS D 141 88.42 -40.99 88.97
N LEU D 142 88.12 -42.20 88.51
CA LEU D 142 86.74 -42.63 88.31
C LEU D 142 86.14 -43.03 89.66
N LYS D 143 84.95 -43.59 89.63
CA LYS D 143 84.33 -44.14 90.82
C LYS D 143 84.81 -45.57 91.04
N ARG D 144 85.07 -45.92 92.30
CA ARG D 144 85.42 -47.30 92.63
C ARG D 144 84.28 -48.26 92.33
N GLU D 145 83.05 -47.75 92.24
CA GLU D 145 81.88 -48.56 91.90
C GLU D 145 81.79 -48.70 90.38
N LEU D 146 82.72 -49.46 89.83
CA LEU D 146 82.75 -49.74 88.39
C LEU D 146 81.47 -50.43 87.96
N PRO D 147 80.59 -49.77 87.21
CA PRO D 147 79.38 -50.45 86.73
C PRO D 147 79.73 -51.44 85.64
N PHE D 148 79.02 -52.57 85.64
CA PHE D 148 79.20 -53.53 84.55
C PHE D 148 78.83 -52.92 83.21
N SER D 149 78.00 -51.88 83.22
CA SER D 149 77.69 -51.16 81.99
C SER D 149 78.97 -50.60 81.37
N PHE D 150 79.85 -50.03 82.19
CA PHE D 150 81.12 -49.52 81.71
C PHE D 150 82.24 -50.54 81.81
N ARG D 151 82.26 -51.34 82.88
CA ARG D 151 83.36 -52.28 83.08
C ARG D 151 83.49 -53.25 81.92
N SER D 152 82.38 -53.59 81.27
CA SER D 152 82.39 -54.56 80.17
C SER D 152 82.56 -53.90 78.81
N ILE D 153 82.78 -52.59 78.76
CA ILE D 153 82.96 -51.92 77.47
C ILE D 153 84.20 -52.46 76.79
N ASN D 154 84.06 -52.83 75.52
CA ASN D 154 85.18 -53.38 74.78
C ASN D 154 86.25 -52.31 74.58
N THR D 155 87.47 -52.60 75.01
CA THR D 155 88.55 -51.63 74.91
C THR D 155 89.02 -51.39 73.48
N ARG D 156 88.63 -52.25 72.53
CA ARG D 156 88.99 -52.03 71.14
C ARG D 156 88.38 -50.74 70.59
N GLU D 157 87.13 -50.47 70.93
CA GLU D 157 86.46 -49.25 70.52
C GLU D 157 86.81 -48.10 71.46
N ASN D 158 86.35 -46.91 71.10
CA ASN D 158 86.72 -45.69 71.79
C ASN D 158 85.62 -45.28 72.78
N LEU D 159 85.80 -44.13 73.41
CA LEU D 159 84.82 -43.61 74.37
C LEU D 159 84.94 -42.10 74.39
N TYR D 160 83.79 -41.41 74.37
CA TYR D 160 83.75 -39.96 74.23
C TYR D 160 82.75 -39.39 75.21
N LEU D 161 82.88 -38.09 75.46
CA LEU D 161 81.94 -37.34 76.26
C LEU D 161 81.27 -36.30 75.38
N VAL D 162 79.94 -36.22 75.47
CA VAL D 162 79.20 -35.25 74.68
C VAL D 162 79.38 -33.86 75.28
N THR D 163 79.82 -32.91 74.45
CA THR D 163 80.22 -31.59 74.88
C THR D 163 79.16 -30.54 74.60
N GLU D 164 78.71 -30.42 73.35
CA GLU D 164 77.73 -29.41 72.96
C GLU D 164 76.57 -30.09 72.25
N THR D 165 75.38 -29.51 72.42
CA THR D 165 74.15 -30.11 71.89
C THR D 165 73.21 -29.02 71.39
N LEU D 166 72.61 -29.29 70.23
CA LEU D 166 71.52 -28.48 69.71
C LEU D 166 70.22 -29.25 69.94
N GLU D 167 69.33 -28.66 70.73
CA GLU D 167 68.11 -29.33 71.15
C GLU D 167 66.90 -28.43 70.88
N THR D 168 65.81 -29.03 70.42
CA THR D 168 64.62 -28.23 70.16
C THR D 168 64.04 -27.71 71.48
N VAL D 169 63.22 -26.67 71.38
CA VAL D 169 62.59 -26.08 72.55
C VAL D 169 61.09 -25.95 72.33
N LYS D 170 60.59 -26.49 71.21
CA LYS D 170 59.19 -26.35 70.87
C LYS D 170 58.71 -27.62 70.18
N GLU D 171 57.43 -27.92 70.34
CA GLU D 171 56.83 -29.09 69.71
C GLU D 171 56.77 -28.88 68.21
N GLU D 172 57.49 -29.69 67.45
CA GLU D 172 57.62 -29.49 66.01
C GLU D 172 56.80 -30.51 65.25
N THR D 173 56.53 -30.18 63.98
CA THR D 173 55.72 -31.02 63.10
C THR D 173 56.31 -30.92 61.70
N LEU D 174 57.10 -31.93 61.33
CA LEU D 174 57.84 -31.91 60.08
C LEU D 174 57.14 -32.76 59.03
N LYS D 175 57.23 -32.35 57.76
CA LYS D 175 56.52 -33.04 56.70
C LYS D 175 57.45 -33.40 55.55
N SER D 176 57.21 -34.56 54.96
CA SER D 176 57.95 -35.01 53.78
C SER D 176 57.00 -35.68 52.82
N ASP D 177 57.44 -35.84 51.58
CA ASP D 177 56.65 -36.52 50.57
C ASP D 177 57.59 -37.07 49.50
N ARG D 178 57.64 -38.40 49.38
CA ARG D 178 58.54 -39.06 48.46
C ARG D 178 57.75 -39.72 47.33
N GLN D 179 58.38 -39.84 46.17
CA GLN D 179 57.77 -40.53 45.03
C GLN D 179 58.86 -41.28 44.28
N TYR D 180 58.68 -42.59 44.13
CA TYR D 180 59.60 -43.45 43.39
C TYR D 180 58.81 -44.10 42.27
N LYS D 181 59.05 -43.68 41.03
CA LYS D 181 58.35 -44.24 39.87
C LYS D 181 59.41 -44.81 38.94
N PHE D 182 59.64 -46.12 38.99
CA PHE D 182 60.68 -46.70 38.15
C PHE D 182 60.20 -48.01 37.54
N TRP D 183 60.53 -48.20 36.26
CA TRP D 183 60.15 -49.39 35.52
C TRP D 183 61.31 -49.84 34.65
N SER D 184 61.13 -51.00 34.03
CA SER D 184 62.18 -51.63 33.23
C SER D 184 61.53 -52.64 32.30
N GLN D 185 61.75 -52.49 31.00
CA GLN D 185 61.32 -53.46 30.02
C GLN D 185 62.46 -54.43 29.71
N ILE D 186 62.13 -55.71 29.68
CA ILE D 186 63.10 -56.76 29.37
C ILE D 186 62.74 -57.34 28.01
N SER D 187 63.61 -58.24 27.51
CA SER D 187 63.37 -58.85 26.22
C SER D 187 62.05 -59.63 26.21
N GLN D 188 61.66 -60.17 27.35
CA GLN D 188 60.41 -60.93 27.45
C GLN D 188 59.25 -60.07 27.94
N GLY D 189 59.42 -59.45 29.10
CA GLY D 189 58.34 -58.70 29.72
C GLY D 189 58.82 -57.39 30.32
N HIS D 190 58.00 -56.86 31.22
CA HIS D 190 58.23 -55.56 31.84
C HIS D 190 58.14 -55.70 33.36
N LEU D 191 58.47 -54.62 34.07
CA LEU D 191 58.32 -54.58 35.52
C LEU D 191 58.35 -53.13 35.97
N SER D 192 57.28 -52.68 36.63
CA SER D 192 57.16 -51.30 37.04
C SER D 192 56.79 -51.21 38.51
N TYR D 193 57.11 -50.08 39.13
CA TYR D 193 56.77 -49.82 40.52
C TYR D 193 56.60 -48.32 40.74
N LYS D 194 55.45 -47.93 41.27
CA LYS D 194 55.15 -46.54 41.56
C LYS D 194 54.74 -46.41 43.02
N HIS D 195 55.49 -45.60 43.76
CA HIS D 195 55.23 -45.36 45.18
C HIS D 195 55.11 -43.86 45.40
N LYS D 196 54.07 -43.46 46.13
CA LYS D 196 53.88 -42.06 46.52
C LYS D 196 53.50 -42.04 47.99
N GLY D 197 54.35 -41.45 48.81
CA GLY D 197 54.10 -41.44 50.24
C GLY D 197 54.30 -40.09 50.89
N GLN D 198 53.25 -39.59 51.53
CA GLN D 198 53.32 -38.37 52.33
C GLN D 198 53.45 -38.76 53.80
N ARG D 199 54.43 -38.16 54.49
CA ARG D 199 54.76 -38.52 55.85
C ARG D 199 54.82 -37.26 56.70
N GLU D 200 54.49 -37.40 57.97
CA GLU D 200 54.46 -36.27 58.88
C GLU D 200 54.74 -36.76 60.29
N VAL D 201 55.61 -36.07 61.01
CA VAL D 201 56.03 -36.50 62.34
C VAL D 201 55.97 -35.32 63.29
N THR D 202 55.81 -35.63 64.58
CA THR D 202 55.75 -34.64 65.64
C THR D 202 56.85 -34.92 66.66
N ILE D 203 57.40 -33.85 67.22
CA ILE D 203 58.57 -33.93 68.09
C ILE D 203 58.35 -33.11 69.35
N PRO D 204 58.62 -33.67 70.52
CA PRO D 204 58.52 -32.90 71.76
C PRO D 204 59.73 -32.02 71.95
N PRO D 205 59.72 -31.12 72.92
CA PRO D 205 60.90 -30.27 73.16
C PRO D 205 62.08 -31.06 73.68
N ASN D 206 63.23 -30.39 73.68
CA ASN D 206 64.49 -30.88 74.28
C ASN D 206 65.06 -32.09 73.57
N ARG D 207 64.66 -32.35 72.33
CA ARG D 207 65.22 -33.46 71.57
C ARG D 207 66.55 -33.02 70.93
N VAL D 208 67.64 -33.67 71.32
CA VAL D 208 68.96 -33.28 70.84
C VAL D 208 69.06 -33.57 69.36
N LEU D 209 69.31 -32.52 68.57
CA LEU D 209 69.42 -32.66 67.12
C LEU D 209 70.85 -32.90 66.64
N SER D 210 71.86 -32.48 67.41
CA SER D 210 73.23 -32.70 67.00
C SER D 210 74.14 -32.58 68.22
N TYR D 211 75.33 -33.12 68.10
CA TYR D 211 76.27 -33.13 69.22
C TYR D 211 77.69 -33.22 68.68
N ARG D 212 78.64 -32.88 69.57
CA ARG D 212 80.06 -33.03 69.31
C ARG D 212 80.69 -33.64 70.55
N VAL D 213 81.85 -34.28 70.37
CA VAL D 213 82.40 -35.14 71.41
C VAL D 213 83.86 -34.80 71.68
N LYS D 214 84.30 -35.08 72.90
CA LYS D 214 85.70 -35.01 73.30
C LYS D 214 86.11 -36.38 73.86
N GLN D 215 87.24 -36.90 73.40
CA GLN D 215 87.56 -38.29 73.71
C GLN D 215 87.94 -38.43 75.18
N LEU D 216 87.85 -39.66 75.69
CA LEU D 216 88.33 -39.98 77.03
C LEU D 216 89.21 -41.22 76.94
N VAL D 217 90.52 -41.04 77.05
CA VAL D 217 91.46 -42.15 77.06
C VAL D 217 91.75 -42.54 78.50
N PHE D 218 91.92 -43.84 78.73
CA PHE D 218 92.08 -44.42 80.06
C PHE D 218 93.33 -45.30 80.08
N PRO D 219 94.50 -44.74 80.40
CA PRO D 219 95.68 -45.59 80.60
C PRO D 219 95.52 -46.59 81.72
N ASN D 220 94.69 -46.30 82.72
CA ASN D 220 94.37 -47.25 83.77
C ASN D 220 92.94 -46.98 84.24
N LYS D 221 92.58 -47.53 85.40
CA LYS D 221 91.21 -47.46 85.90
C LYS D 221 90.94 -46.21 86.74
N GLU D 222 91.93 -45.33 86.89
CA GLU D 222 91.76 -44.11 87.67
C GLU D 222 92.14 -42.87 86.86
N THR D 223 92.24 -43.01 85.54
CA THR D 223 92.71 -41.93 84.66
C THR D 223 91.62 -41.60 83.66
N MET D 224 90.83 -40.58 83.96
CA MET D 224 89.84 -40.05 83.01
C MET D 224 90.50 -38.99 82.12
N ASN D 225 91.47 -39.44 81.32
CA ASN D 225 92.31 -38.51 80.58
C ASN D 225 91.51 -37.93 79.42
N ILE D 226 91.12 -36.67 79.53
CA ILE D 226 90.24 -36.05 78.54
C ILE D 226 91.08 -35.58 77.36
N HIS D 227 90.82 -36.14 76.18
CA HIS D 227 91.59 -35.88 74.97
C HIS D 227 90.81 -34.92 74.10
N PHE D 228 91.41 -33.79 73.76
CA PHE D 228 90.77 -32.76 72.94
C PHE D 228 91.06 -32.96 71.46
N ARG D 229 92.33 -32.95 71.09
CA ARG D 229 92.75 -33.04 69.70
C ARG D 229 93.61 -34.27 69.51
N GLY D 230 93.41 -34.97 68.39
CA GLY D 230 94.26 -36.09 68.05
C GLY D 230 93.52 -37.41 67.94
N LYS D 231 93.64 -38.06 66.78
CA LYS D 231 93.09 -39.39 66.58
C LYS D 231 93.99 -40.40 67.29
N THR D 232 93.47 -41.05 68.32
CA THR D 232 94.27 -41.95 69.14
C THR D 232 93.37 -43.09 69.62
N LYS D 233 93.89 -43.89 70.55
CA LYS D 233 93.16 -45.00 71.15
C LYS D 233 92.66 -44.58 72.52
N SER D 234 91.38 -44.79 72.77
CA SER D 234 90.75 -44.36 74.01
C SER D 234 90.92 -45.36 75.15
N PHE D 235 91.58 -46.50 74.89
CA PHE D 235 91.84 -47.50 75.92
C PHE D 235 93.23 -48.09 75.69
N PRO D 236 94.27 -47.41 76.13
CA PRO D 236 95.64 -47.95 75.99
C PRO D 236 96.02 -48.94 77.07
N GLU D 237 95.17 -49.14 78.07
CA GLU D 237 95.46 -50.05 79.18
C GLU D 237 95.55 -51.49 78.70
CA MET E 5 50.29 -59.13 53.19
C MET E 5 50.64 -59.21 54.67
N PHE E 6 50.40 -58.12 55.39
CA PHE E 6 50.74 -58.04 56.80
C PHE E 6 49.57 -57.43 57.56
N SER E 7 49.55 -57.67 58.87
CA SER E 7 48.54 -57.10 59.73
C SER E 7 48.65 -55.58 59.72
N VAL E 8 47.55 -54.88 60.01
CA VAL E 8 47.59 -53.43 60.10
C VAL E 8 48.51 -52.99 61.22
N PHE E 9 48.41 -53.67 62.37
CA PHE E 9 49.32 -53.39 63.47
C PHE E 9 50.76 -53.66 63.09
N GLU E 10 51.00 -54.69 62.27
CA GLU E 10 52.35 -54.95 61.78
C GLU E 10 52.86 -53.76 60.97
N GLU E 11 52.01 -53.21 60.09
CA GLU E 11 52.44 -52.08 59.28
C GLU E 11 52.72 -50.86 60.14
N ILE E 12 51.85 -50.57 61.11
CA ILE E 12 52.07 -49.37 61.92
C ILE E 12 53.32 -49.53 62.78
N THR E 13 53.59 -50.75 63.26
CA THR E 13 54.81 -50.95 64.04
C THR E 13 56.04 -50.83 63.16
N ARG E 14 55.98 -51.32 61.93
CA ARG E 14 57.11 -51.16 61.02
C ARG E 14 57.38 -49.69 60.74
N ILE E 15 56.32 -48.90 60.53
CA ILE E 15 56.50 -47.47 60.31
C ILE E 15 57.11 -46.81 61.55
N VAL E 16 56.61 -47.15 62.74
CA VAL E 16 57.10 -46.51 63.96
C VAL E 16 58.57 -46.87 64.19
N VAL E 17 58.96 -48.10 63.88
CA VAL E 17 60.36 -48.47 64.06
C VAL E 17 61.23 -47.77 63.03
N LYS E 18 60.78 -47.71 61.78
CA LYS E 18 61.58 -47.03 60.75
C LYS E 18 61.74 -45.54 61.06
N GLU E 19 60.78 -44.94 61.77
CA GLU E 19 60.88 -43.51 62.03
C GLU E 19 61.54 -43.21 63.37
N MET E 20 60.96 -43.68 64.46
CA MET E 20 61.45 -43.33 65.80
C MET E 20 62.84 -43.87 66.09
N ASP E 21 63.33 -44.85 65.33
CA ASP E 21 64.68 -45.34 65.58
C ASP E 21 65.30 -45.67 64.21
N ALA E 22 65.99 -44.69 63.64
CA ALA E 22 66.76 -44.93 62.44
C ALA E 22 67.95 -45.82 62.77
N GLY E 23 68.08 -46.92 62.05
CA GLY E 23 69.09 -47.89 62.39
C GLY E 23 68.84 -48.43 63.79
N GLY E 24 69.85 -48.30 64.65
CA GLY E 24 69.68 -48.70 66.04
C GLY E 24 69.43 -50.18 66.18
N ASP E 25 68.67 -50.54 67.21
CA ASP E 25 68.40 -51.94 67.51
C ASP E 25 66.94 -52.25 67.80
N MET E 26 66.07 -51.25 67.86
CA MET E 26 64.67 -51.50 68.20
C MET E 26 64.00 -52.38 67.14
N ILE E 27 63.25 -53.37 67.62
CA ILE E 27 62.48 -54.25 66.77
C ILE E 27 61.01 -54.01 67.03
N ALA E 28 60.20 -54.20 65.99
CA ALA E 28 58.79 -53.86 66.03
C ALA E 28 57.97 -55.05 66.52
N VAL E 29 57.04 -54.78 67.45
CA VAL E 29 56.10 -55.81 67.87
C VAL E 29 55.25 -56.23 66.68
N ARG E 30 55.06 -57.54 66.53
CA ARG E 30 54.33 -58.06 65.38
C ARG E 30 52.84 -58.19 65.64
N SER E 31 52.46 -58.84 66.73
CA SER E 31 51.07 -59.14 67.03
C SER E 31 50.64 -58.37 68.27
N LEU E 32 49.46 -57.77 68.21
CA LEU E 32 49.00 -56.98 69.35
C LEU E 32 48.30 -57.79 70.42
N VAL E 33 48.07 -59.09 70.18
CA VAL E 33 47.56 -59.93 71.26
C VAL E 33 48.60 -60.06 72.36
N ASP E 34 49.87 -60.25 71.99
CA ASP E 34 50.96 -60.34 72.94
C ASP E 34 51.77 -59.05 73.01
N ALA E 35 51.19 -57.92 72.59
CA ALA E 35 51.84 -56.64 72.78
C ALA E 35 51.99 -56.33 74.26
N ASP E 36 50.96 -56.64 75.05
CA ASP E 36 51.03 -56.38 76.49
C ASP E 36 52.12 -57.22 77.15
N ARG E 37 52.49 -58.34 76.55
CA ARG E 37 53.54 -59.17 77.12
C ARG E 37 54.94 -58.76 76.68
N PHE E 38 55.07 -57.72 75.87
CA PHE E 38 56.36 -57.14 75.51
C PHE E 38 56.67 -55.88 76.30
N ARG E 39 55.89 -55.59 77.33
CA ARG E 39 56.13 -54.43 78.18
C ARG E 39 57.48 -54.55 78.87
N CYS E 40 57.89 -53.45 79.50
CA CYS E 40 59.19 -53.41 80.18
C CYS E 40 59.22 -54.43 81.31
N PHE E 41 60.40 -55.00 81.52
CA PHE E 41 60.76 -56.05 82.48
C PHE E 41 60.28 -57.43 82.04
N HIS E 42 59.51 -57.57 80.98
CA HIS E 42 59.03 -58.88 80.56
C HIS E 42 60.15 -59.65 79.85
N LEU E 43 60.45 -60.84 80.35
CA LEU E 43 61.46 -61.67 79.72
C LEU E 43 61.00 -62.14 78.35
N VAL E 44 61.95 -62.26 77.43
CA VAL E 44 61.69 -62.60 76.05
C VAL E 44 62.70 -63.69 75.65
N GLY E 45 62.32 -64.52 74.68
CA GLY E 45 63.21 -65.53 74.18
C GLY E 45 63.37 -65.42 72.68
N GLU E 46 64.41 -66.06 72.18
CA GLU E 46 64.72 -66.07 70.76
C GLU E 46 64.36 -67.41 70.14
N LYS E 47 64.18 -67.41 68.82
CA LYS E 47 63.94 -68.64 68.08
C LYS E 47 64.51 -68.50 66.69
N ARG E 48 65.18 -69.54 66.22
CA ARG E 48 65.88 -69.50 64.93
C ARG E 48 65.03 -70.19 63.87
N THR E 49 65.03 -69.61 62.67
CA THR E 49 64.27 -70.15 61.54
C THR E 49 65.16 -70.15 60.30
N PHE E 50 64.72 -70.89 59.28
CA PHE E 50 65.44 -70.90 58.02
C PHE E 50 65.44 -69.52 57.36
N PHE E 51 64.39 -68.73 57.58
CA PHE E 51 64.39 -67.35 57.10
C PHE E 51 65.29 -66.46 57.94
N GLY E 52 65.30 -66.68 59.25
CA GLY E 52 66.11 -65.86 60.15
C GLY E 52 65.86 -66.18 61.61
N CYS E 53 65.74 -65.14 62.43
CA CYS E 53 65.46 -65.29 63.86
C CYS E 53 64.34 -64.35 64.26
N ARG E 54 63.58 -64.76 65.26
CA ARG E 54 62.46 -63.97 65.78
C ARG E 54 62.41 -64.09 67.29
N HIS E 55 61.53 -63.29 67.90
CA HIS E 55 61.38 -63.24 69.34
C HIS E 55 59.99 -63.70 69.74
N TYR E 56 59.90 -64.30 70.93
CA TYR E 56 58.64 -64.66 71.55
C TYR E 56 58.65 -64.17 72.99
N THR E 57 57.46 -64.07 73.58
CA THR E 57 57.33 -63.61 74.95
C THR E 57 56.99 -64.80 75.85
N THR E 58 57.84 -65.04 76.84
CA THR E 58 57.53 -66.07 77.82
C THR E 58 56.39 -65.65 78.74
N GLY E 59 56.12 -64.35 78.85
CA GLY E 59 55.17 -63.85 79.81
C GLY E 59 55.72 -63.66 81.20
N LEU E 60 57.03 -63.80 81.38
CA LEU E 60 57.67 -63.68 82.68
C LEU E 60 58.24 -62.28 82.83
N THR E 61 57.83 -61.57 83.87
CA THR E 61 58.51 -60.36 84.26
C THR E 61 59.79 -60.71 85.02
N LEU E 62 60.63 -59.71 85.23
CA LEU E 62 61.90 -59.96 85.92
C LEU E 62 61.67 -60.41 87.36
N MET E 63 60.61 -59.91 88.00
CA MET E 63 60.33 -60.28 89.38
C MET E 63 60.14 -61.77 89.57
N ASP E 64 59.79 -62.50 88.51
CA ASP E 64 59.65 -63.94 88.60
C ASP E 64 60.99 -64.61 88.89
N ILE E 65 62.06 -64.14 88.25
CA ILE E 65 63.38 -64.75 88.38
C ILE E 65 64.36 -63.83 89.10
N LEU E 66 63.87 -62.91 89.92
CA LEU E 66 64.73 -62.02 90.69
C LEU E 66 64.54 -62.30 92.17
N ASP E 67 65.65 -62.56 92.87
CA ASP E 67 65.57 -62.96 94.27
C ASP E 67 64.88 -61.90 95.12
N THR E 68 65.25 -60.64 94.91
CA THR E 68 64.65 -59.51 95.64
C THR E 68 64.81 -59.69 97.15
N LYS E 85 56.20 -38.74 79.68
CA LYS E 85 57.59 -38.94 79.30
C LYS E 85 57.88 -38.25 77.95
N ALA E 86 58.11 -39.05 76.92
CA ALA E 86 58.36 -38.57 75.57
C ALA E 86 57.23 -39.05 74.67
N GLU E 87 56.55 -38.10 74.03
CA GLU E 87 55.34 -38.38 73.27
C GLU E 87 55.53 -37.94 71.83
N PHE E 88 55.38 -38.88 70.90
CA PHE E 88 55.60 -38.63 69.48
C PHE E 88 54.32 -38.91 68.72
N GLN E 89 53.85 -37.94 67.94
CA GLN E 89 52.61 -38.07 67.17
C GLN E 89 52.97 -38.26 65.71
N ILE E 90 52.88 -39.49 65.24
CA ILE E 90 53.16 -39.81 63.85
C ILE E 90 51.84 -39.79 63.08
N LEU E 91 51.91 -39.39 61.81
CA LEU E 91 50.73 -39.36 60.95
C LEU E 91 51.21 -39.43 59.51
N ASP E 92 50.68 -40.38 58.74
CA ASP E 92 51.13 -40.50 57.36
C ASP E 92 50.07 -41.21 56.52
N ASN E 93 50.23 -41.04 55.21
CA ASN E 93 49.45 -41.74 54.20
C ASN E 93 50.41 -42.22 53.13
N VAL E 94 50.19 -43.44 52.65
CA VAL E 94 51.07 -44.09 51.69
C VAL E 94 50.25 -44.60 50.52
N ASP E 95 50.75 -44.36 49.31
CA ASP E 95 50.12 -44.84 48.09
C ASP E 95 51.18 -45.50 47.22
N SER E 96 51.13 -46.82 47.10
CA SER E 96 52.11 -47.56 46.34
C SER E 96 51.42 -48.39 45.27
N THR E 97 52.14 -48.64 44.18
CA THR E 97 51.62 -49.42 43.07
C THR E 97 52.77 -50.06 42.32
N GLY E 98 52.63 -51.35 41.99
CA GLY E 98 53.64 -52.04 41.22
C GLY E 98 53.04 -52.97 40.18
N GLU E 99 53.44 -52.77 38.92
CA GLU E 99 52.88 -53.57 37.82
C GLU E 99 54.01 -54.27 37.06
N LEU E 100 53.90 -55.57 36.85
CA LEU E 100 54.90 -56.35 36.15
C LEU E 100 54.24 -57.17 35.05
N ILE E 101 54.99 -57.42 33.99
CA ILE E 101 54.53 -58.24 32.86
C ILE E 101 55.66 -59.19 32.48
N VAL E 102 55.31 -60.45 32.24
CA VAL E 102 56.27 -61.48 31.86
C VAL E 102 55.72 -62.23 30.65
N ARG E 103 56.60 -62.52 29.69
CA ARG E 103 56.25 -63.32 28.52
C ARG E 103 57.20 -64.49 28.39
N LEU E 104 56.66 -65.60 27.87
CA LEU E 104 57.48 -66.83 27.70
C LEU E 104 57.18 -67.40 26.32
N PRO E 105 58.16 -68.07 25.66
CA PRO E 105 57.95 -68.70 24.35
C PRO E 105 56.93 -69.82 24.36
N LYS E 106 56.48 -70.26 25.53
CA LYS E 106 55.46 -71.28 25.66
C LYS E 106 54.05 -70.69 25.65
N GLU E 107 53.88 -69.52 25.04
CA GLU E 107 52.60 -68.81 24.98
C GLU E 107 52.06 -68.53 26.38
N ILE E 108 52.94 -68.09 27.28
CA ILE E 108 52.56 -67.75 28.65
C ILE E 108 52.83 -66.27 28.89
N THR E 109 51.79 -65.46 28.88
CA THR E 109 51.90 -64.02 29.10
C THR E 109 51.17 -63.66 30.38
N ILE E 110 51.93 -63.35 31.43
CA ILE E 110 51.35 -63.01 32.73
C ILE E 110 51.54 -61.52 32.97
N SER E 111 50.64 -60.95 33.78
CA SER E 111 50.73 -59.54 34.14
C SER E 111 50.03 -59.35 35.48
N GLY E 112 50.73 -58.70 36.41
CA GLY E 112 50.19 -58.49 37.74
C GLY E 112 50.42 -57.10 38.30
N SER E 113 49.39 -56.52 38.91
CA SER E 113 49.45 -55.21 39.54
C SER E 113 49.09 -55.36 41.00
N PHE E 114 49.85 -54.68 41.86
CA PHE E 114 49.66 -54.75 43.31
C PHE E 114 49.73 -53.33 43.85
N GLN E 115 48.62 -52.83 44.38
CA GLN E 115 48.56 -51.47 44.87
C GLN E 115 48.10 -51.44 46.32
N GLY E 116 48.50 -50.39 47.01
CA GLY E 116 48.17 -50.23 48.42
C GLY E 116 47.99 -48.78 48.82
N PHE E 117 47.02 -48.54 49.70
CA PHE E 117 46.70 -47.21 50.20
C PHE E 117 46.55 -47.31 51.71
N HIS E 118 47.46 -46.71 52.45
CA HIS E 118 47.50 -46.80 53.91
C HIS E 118 47.30 -45.42 54.51
N HIS E 119 46.56 -45.36 55.62
CA HIS E 119 46.41 -44.12 56.36
C HIS E 119 46.49 -44.42 57.84
N GLN E 120 47.45 -43.78 58.52
CA GLN E 120 47.65 -44.01 59.93
C GLN E 120 47.89 -42.69 60.64
N LYS E 121 47.35 -42.59 61.86
CA LYS E 121 47.62 -41.47 62.76
C LYS E 121 47.68 -42.04 64.16
N ILE E 122 48.84 -41.91 64.81
CA ILE E 122 49.07 -42.57 66.08
C ILE E 122 49.87 -41.63 66.97
N LYS E 123 49.70 -41.79 68.29
CA LYS E 123 50.40 -40.99 69.29
C LYS E 123 51.03 -41.95 70.28
N ILE E 124 52.34 -42.14 70.17
CA ILE E 124 53.05 -43.10 70.99
C ILE E 124 53.80 -42.37 72.09
N SER E 125 54.19 -43.11 73.11
CA SER E 125 55.01 -42.60 74.21
C SER E 125 56.11 -43.60 74.51
N GLU E 126 57.20 -43.11 75.06
CA GLU E 126 58.37 -43.93 75.33
C GLU E 126 58.52 -44.19 76.81
N ASN E 127 58.85 -45.43 77.16
CA ASN E 127 59.23 -45.78 78.53
C ASN E 127 60.48 -46.65 78.46
N ARG E 128 61.26 -46.60 79.54
CA ARG E 128 62.53 -47.31 79.54
C ARG E 128 63.00 -47.47 80.98
N ILE E 129 63.68 -48.59 81.23
CA ILE E 129 64.25 -48.84 82.54
C ILE E 129 65.55 -48.07 82.67
N SER E 130 65.68 -47.33 83.77
CA SER E 130 66.85 -46.48 83.97
C SER E 130 68.11 -47.32 84.08
N GLN E 131 69.22 -46.76 83.58
CA GLN E 131 70.50 -47.44 83.65
C GLN E 131 70.95 -47.68 85.09
N GLN E 132 70.40 -46.94 86.04
CA GLN E 132 70.65 -47.26 87.44
C GLN E 132 70.16 -48.66 87.79
N TYR E 133 68.98 -49.02 87.30
CA TYR E 133 68.45 -50.36 87.56
C TYR E 133 69.35 -51.42 86.94
N LEU E 134 69.69 -51.26 85.66
CA LEU E 134 70.60 -52.21 85.01
C LEU E 134 71.93 -52.28 85.73
N ALA E 135 72.36 -51.18 86.34
CA ALA E 135 73.54 -51.22 87.19
C ALA E 135 73.29 -52.09 88.43
N THR E 136 72.10 -51.99 89.01
CA THR E 136 71.77 -52.82 90.17
C THR E 136 71.51 -54.27 89.80
N LEU E 137 70.92 -54.53 88.64
CA LEU E 137 70.57 -55.89 88.23
C LEU E 137 71.76 -56.60 87.58
N GLU E 138 72.91 -56.63 88.24
CA GLU E 138 74.10 -57.26 87.70
C GLU E 138 74.43 -58.51 88.50
N ASN E 139 74.51 -59.64 87.81
CA ASN E 139 74.89 -60.92 88.40
C ASN E 139 74.07 -61.22 89.66
N ARG E 140 72.77 -60.99 89.56
CA ARG E 140 71.86 -61.27 90.66
C ARG E 140 71.59 -62.76 90.77
N LYS E 141 71.32 -63.21 91.99
CA LYS E 141 70.80 -64.56 92.19
C LYS E 141 69.32 -64.60 91.87
N LEU E 142 68.88 -65.68 91.25
CA LEU E 142 67.48 -65.83 90.88
C LEU E 142 66.68 -66.23 92.12
N LYS E 143 65.41 -66.56 91.91
CA LYS E 143 64.57 -67.10 92.97
C LYS E 143 64.77 -68.61 93.07
N ARG E 144 64.82 -69.11 94.30
CA ARG E 144 64.89 -70.56 94.51
C ARG E 144 63.64 -71.25 94.00
N GLU E 145 62.54 -70.52 93.85
CA GLU E 145 61.29 -71.07 93.32
C GLU E 145 61.35 -71.05 91.79
N LEU E 146 62.19 -71.92 91.24
CA LEU E 146 62.33 -72.06 89.79
C LEU E 146 61.01 -72.47 89.17
N PRO E 147 60.35 -71.59 88.41
CA PRO E 147 59.11 -71.99 87.76
C PRO E 147 59.40 -72.91 86.59
N PHE E 148 58.50 -73.90 86.40
CA PHE E 148 58.64 -74.76 85.24
C PHE E 148 58.53 -73.98 83.94
N SER E 149 57.90 -72.81 83.98
CA SER E 149 57.87 -71.93 82.82
C SER E 149 59.28 -71.56 82.39
N PHE E 150 60.14 -71.24 83.34
CA PHE E 150 61.54 -70.93 83.05
C PHE E 150 62.44 -72.15 83.14
N ARG E 151 62.20 -73.03 84.11
CA ARG E 151 63.08 -74.17 84.32
C ARG E 151 63.18 -75.04 83.07
N SER E 152 62.11 -75.10 82.28
CA SER E 152 62.09 -75.95 81.09
C SER E 152 62.51 -75.21 79.83
N ILE E 153 62.97 -73.96 79.95
CA ILE E 153 63.39 -73.23 78.77
C ILE E 153 64.59 -73.92 78.15
N ASN E 154 64.54 -74.14 76.84
CA ASN E 154 65.63 -74.81 76.15
C ASN E 154 66.88 -73.94 76.17
N THR E 155 67.97 -74.49 76.68
CA THR E 155 69.21 -73.74 76.80
C THR E 155 69.87 -73.46 75.45
N ARG E 156 69.44 -74.13 74.38
CA ARG E 156 70.00 -73.86 73.06
C ARG E 156 69.69 -72.44 72.61
N GLU E 157 68.47 -71.96 72.85
CA GLU E 157 68.08 -70.61 72.51
C GLU E 157 68.51 -69.64 73.61
N ASN E 158 68.31 -68.36 73.34
CA ASN E 158 68.80 -67.29 74.20
C ASN E 158 67.69 -66.79 75.12
N LEU E 159 67.99 -65.75 75.89
CA LEU E 159 67.01 -65.16 76.80
C LEU E 159 67.39 -63.69 77.00
N TYR E 160 66.39 -62.81 76.95
CA TYR E 160 66.61 -61.37 76.97
C TYR E 160 65.62 -60.71 77.90
N LEU E 161 65.95 -59.49 78.30
CA LEU E 161 65.06 -58.65 79.09
C LEU E 161 64.69 -57.43 78.27
N VAL E 162 63.39 -57.12 78.24
CA VAL E 162 62.92 -55.96 77.50
C VAL E 162 63.27 -54.70 78.26
N THR E 163 63.96 -53.77 77.59
CA THR E 163 64.54 -52.59 78.20
C THR E 163 63.71 -51.33 77.94
N GLU E 164 63.43 -51.03 76.68
CA GLU E 164 62.69 -49.82 76.31
C GLU E 164 61.52 -50.20 75.42
N THR E 165 60.43 -49.45 75.54
CA THR E 165 59.20 -49.74 74.83
C THR E 165 58.52 -48.47 74.37
N LEU E 166 58.02 -48.50 73.14
CA LEU E 166 57.14 -47.47 72.60
C LEU E 166 55.72 -47.99 72.63
N GLU E 167 54.86 -47.33 73.39
CA GLU E 167 53.50 -47.80 73.61
C GLU E 167 52.51 -46.68 73.33
N THR E 168 51.39 -47.02 72.70
CA THR E 168 50.39 -46.00 72.43
C THR E 168 49.77 -45.50 73.73
N VAL E 169 49.15 -44.32 73.67
CA VAL E 169 48.50 -43.75 74.84
C VAL E 169 47.09 -43.32 74.49
N LYS E 170 46.63 -43.65 73.27
CA LYS E 170 45.33 -43.22 72.82
C LYS E 170 44.71 -44.32 71.95
N GLU E 171 43.38 -44.38 71.96
CA GLU E 171 42.68 -45.37 71.15
C GLU E 171 42.82 -45.00 69.67
N GLU E 172 43.47 -45.85 68.90
CA GLU E 172 43.80 -45.55 67.52
C GLU E 172 42.90 -46.32 66.57
N THR E 173 42.84 -45.85 65.33
CA THR E 173 41.99 -46.43 64.28
C THR E 173 42.75 -46.33 62.97
N LEU E 174 43.39 -47.41 62.56
CA LEU E 174 44.26 -47.42 61.40
C LEU E 174 43.55 -48.03 60.20
N LYS E 175 43.86 -47.52 59.00
CA LYS E 175 43.16 -47.97 57.80
C LYS E 175 44.14 -48.39 56.72
N SER E 176 43.77 -49.42 55.98
CA SER E 176 44.55 -49.89 54.84
C SER E 176 43.61 -50.28 53.72
N ASP E 177 44.16 -50.41 52.52
CA ASP E 177 43.38 -50.84 51.37
C ASP E 177 44.33 -51.44 50.34
N ARG E 178 44.16 -52.74 50.07
CA ARG E 178 45.03 -53.47 49.17
C ARG E 178 44.27 -53.87 47.91
N GLN E 179 45.01 -54.00 46.81
CA GLN E 179 44.42 -54.45 45.55
C GLN E 179 45.44 -55.32 44.83
N TYR E 180 45.04 -56.55 44.52
CA TYR E 180 45.88 -57.50 43.77
C TYR E 180 45.12 -57.89 42.51
N LYS E 181 45.57 -57.39 41.36
CA LYS E 181 44.92 -57.70 40.09
C LYS E 181 45.97 -58.37 39.20
N PHE E 182 45.96 -59.70 39.13
CA PHE E 182 46.96 -60.39 38.33
C PHE E 182 46.34 -61.53 37.54
N TRP E 183 46.78 -61.65 36.28
CA TRP E 183 46.28 -62.68 35.38
C TRP E 183 47.45 -63.25 34.58
N SER E 184 47.13 -64.30 33.81
CA SER E 184 48.14 -65.03 33.06
C SER E 184 47.44 -65.82 31.97
N GLN E 185 47.83 -65.59 30.72
CA GLN E 185 47.35 -66.37 29.59
C GLN E 185 48.33 -67.49 29.29
N ILE E 186 47.79 -68.69 29.09
CA ILE E 186 48.59 -69.86 28.76
C ILE E 186 48.30 -70.24 27.31
N SER E 187 49.04 -71.23 26.80
CA SER E 187 48.85 -71.67 25.43
C SER E 187 47.43 -72.19 25.21
N GLN E 188 46.82 -72.75 26.24
CA GLN E 188 45.45 -73.28 26.14
C GLN E 188 44.43 -72.25 26.60
N GLY E 189 44.55 -71.80 27.84
CA GLY E 189 43.56 -70.93 28.44
C GLY E 189 44.19 -69.78 29.22
N HIS E 190 43.38 -69.19 30.09
CA HIS E 190 43.76 -68.02 30.88
C HIS E 190 43.47 -68.28 32.35
N LEU E 191 43.90 -67.36 33.20
CA LEU E 191 43.59 -67.43 34.63
C LEU E 191 43.82 -66.05 35.24
N SER E 192 42.78 -65.48 35.84
CA SER E 192 42.86 -64.13 36.39
C SER E 192 42.34 -64.12 37.82
N TYR E 193 42.78 -63.12 38.58
CA TYR E 193 42.33 -62.94 39.95
C TYR E 193 42.41 -61.47 40.32
N LYS E 194 41.29 -60.92 40.79
CA LYS E 194 41.19 -59.52 41.19
C LYS E 194 40.66 -59.46 42.61
N HIS E 195 41.44 -58.87 43.51
CA HIS E 195 41.07 -58.72 44.91
C HIS E 195 41.19 -57.26 45.29
N LYS E 196 40.15 -56.74 45.95
CA LYS E 196 40.17 -55.37 46.48
C LYS E 196 39.64 -55.42 47.90
N GLY E 197 40.49 -55.07 48.86
CA GLY E 197 40.08 -55.15 50.25
C GLY E 197 40.43 -53.92 51.06
N GLN E 198 39.42 -53.30 51.66
CA GLN E 198 39.60 -52.19 52.59
C GLN E 198 39.50 -52.73 54.01
N ARG E 199 40.48 -52.40 54.85
CA ARG E 199 40.57 -52.93 56.18
C ARG E 199 40.78 -51.79 57.18
N GLU E 200 40.27 -51.99 58.39
CA GLU E 200 40.35 -50.95 59.41
C GLU E 200 40.37 -51.62 60.77
N VAL E 201 41.27 -51.16 61.65
CA VAL E 201 41.44 -51.79 62.95
C VAL E 201 41.48 -50.71 64.03
N THR E 202 41.12 -51.10 65.25
CA THR E 202 41.12 -50.22 66.39
C THR E 202 42.03 -50.79 67.48
N ILE E 203 42.68 -49.89 68.20
CA ILE E 203 43.72 -50.27 69.17
C ILE E 203 43.50 -49.55 70.48
N PRO E 204 43.54 -50.25 71.61
CA PRO E 204 43.43 -49.59 72.91
C PRO E 204 44.75 -48.96 73.31
N PRO E 205 44.79 -48.17 74.37
CA PRO E 205 46.06 -47.58 74.82
C PRO E 205 47.02 -48.63 75.36
N ASN E 206 48.27 -48.18 75.54
CA ASN E 206 49.33 -48.94 76.19
C ASN E 206 49.76 -50.17 75.41
N ARG E 207 49.47 -50.23 74.12
CA ARG E 207 49.92 -51.35 73.29
C ARG E 207 51.35 -51.11 72.83
N VAL E 208 52.27 -51.97 73.26
CA VAL E 208 53.69 -51.80 72.95
C VAL E 208 53.91 -51.96 71.46
N LEU E 209 54.43 -50.91 70.82
CA LEU E 209 54.67 -50.94 69.39
C LEU E 209 56.08 -51.38 69.02
N SER E 210 57.05 -51.23 69.92
CA SER E 210 58.40 -51.66 69.63
C SER E 210 59.17 -51.82 70.93
N TYR E 211 60.26 -52.56 70.86
CA TYR E 211 61.05 -52.84 72.06
C TYR E 211 62.48 -53.15 71.66
N ARG E 212 63.37 -53.07 72.66
CA ARG E 212 64.76 -53.46 72.52
C ARG E 212 65.13 -54.28 73.74
N VAL E 213 66.17 -55.10 73.60
CA VAL E 213 66.45 -56.14 74.58
C VAL E 213 67.91 -56.10 75.03
N LYS E 214 68.15 -56.57 76.25
CA LYS E 214 69.48 -56.81 76.79
C LYS E 214 69.58 -58.27 77.22
N GLN E 215 70.64 -58.94 76.81
CA GLN E 215 70.68 -60.39 77.00
C GLN E 215 70.86 -60.73 78.48
N LEU E 216 70.51 -61.97 78.84
CA LEU E 216 70.76 -62.49 80.17
C LEU E 216 71.42 -63.86 80.02
N VAL E 217 72.73 -63.93 80.28
CA VAL E 217 73.45 -65.19 80.26
C VAL E 217 73.52 -65.76 81.67
N PHE E 218 73.42 -67.08 81.77
CA PHE E 218 73.33 -67.81 83.03
C PHE E 218 74.39 -68.89 83.07
N PRO E 219 75.60 -68.59 83.55
CA PRO E 219 76.58 -69.65 83.77
C PRO E 219 76.13 -70.71 84.76
N ASN E 220 75.25 -70.37 85.70
CA ASN E 220 74.66 -71.34 86.61
C ASN E 220 73.25 -70.85 86.96
N LYS E 221 72.67 -71.43 88.01
CA LYS E 221 71.29 -71.15 88.39
C LYS E 221 71.15 -69.96 89.33
N GLU E 222 72.25 -69.30 89.67
CA GLU E 222 72.21 -68.14 90.56
C GLU E 222 72.89 -66.92 89.94
N THR E 223 73.10 -66.95 88.62
CA THR E 223 73.85 -65.91 87.92
C THR E 223 72.95 -65.29 86.85
N MET E 224 72.32 -64.17 87.19
CA MET E 224 71.56 -63.39 86.21
C MET E 224 72.49 -62.39 85.52
N ASN E 225 73.44 -62.94 84.77
CA ASN E 225 74.51 -62.11 84.22
C ASN E 225 73.97 -61.29 83.06
N ILE E 226 73.79 -59.99 83.27
CA ILE E 226 73.15 -59.14 82.28
C ILE E 226 74.19 -58.72 81.25
N HIS E 227 73.96 -59.11 79.99
CA HIS E 227 74.91 -58.89 78.90
C HIS E 227 74.40 -57.72 78.06
N PHE E 228 75.23 -56.69 77.92
CA PHE E 228 74.88 -55.50 77.16
C PHE E 228 75.29 -55.60 75.70
N ARG E 229 76.58 -55.80 75.45
CA ARG E 229 77.13 -55.84 74.11
C ARG E 229 77.78 -57.19 73.87
N GLY E 230 77.59 -57.72 72.66
CA GLY E 230 78.26 -58.94 72.29
C GLY E 230 77.32 -60.09 71.96
N LYS E 231 77.47 -60.65 70.75
CA LYS E 231 76.71 -61.83 70.35
C LYS E 231 77.34 -63.04 71.02
N THR E 232 76.61 -63.67 71.92
CA THR E 232 77.13 -64.79 72.71
C THR E 232 76.00 -65.77 72.98
N LYS E 233 76.28 -66.74 73.85
CA LYS E 233 75.29 -67.74 74.25
C LYS E 233 74.73 -67.37 75.61
N SER E 234 73.40 -67.37 75.72
CA SER E 234 72.72 -66.95 76.93
C SER E 234 72.59 -68.06 77.95
N PHE E 235 73.07 -69.26 77.64
CA PHE E 235 73.04 -70.39 78.58
C PHE E 235 74.30 -71.21 78.41
N PRO E 236 75.41 -70.76 79.02
CA PRO E 236 76.65 -71.54 78.95
C PRO E 236 76.74 -72.68 79.95
N GLU E 237 75.76 -72.81 80.83
CA GLU E 237 75.76 -73.85 81.85
C GLU E 237 75.65 -75.24 81.24
CA MET F 5 32.89 -72.03 50.81
C MET F 5 33.07 -72.32 52.30
N PHE F 6 32.94 -71.27 53.12
CA PHE F 6 33.13 -71.38 54.55
C PHE F 6 31.99 -70.64 55.26
N SER F 7 31.79 -71.00 56.52
CA SER F 7 30.79 -70.32 57.34
C SER F 7 31.17 -68.86 57.52
N VAL F 8 30.18 -68.01 57.77
CA VAL F 8 30.46 -66.59 58.02
C VAL F 8 31.31 -66.44 59.27
N PHE F 9 30.97 -67.19 60.33
CA PHE F 9 31.78 -67.18 61.53
C PHE F 9 33.19 -67.68 61.26
N GLU F 10 33.33 -68.66 60.36
CA GLU F 10 34.66 -69.11 59.98
C GLU F 10 35.46 -67.97 59.36
N GLU F 11 34.84 -67.20 58.47
CA GLU F 11 35.53 -66.09 57.83
C GLU F 11 35.93 -65.02 58.84
N ILE F 12 35.01 -64.67 59.75
CA ILE F 12 35.35 -63.62 60.71
C ILE F 12 36.44 -64.09 61.66
N THR F 13 36.44 -65.37 62.03
CA THR F 13 37.51 -65.86 62.89
C THR F 13 38.84 -65.89 62.15
N ARG F 14 38.82 -66.25 60.87
CA ARG F 14 40.07 -66.21 60.10
C ARG F 14 40.62 -64.80 60.01
N ILE F 15 39.74 -63.81 59.79
CA ILE F 15 40.20 -62.42 59.75
C ILE F 15 40.76 -62.00 61.11
N VAL F 16 40.07 -62.35 62.19
CA VAL F 16 40.53 -61.94 63.52
C VAL F 16 41.87 -62.57 63.84
N VAL F 17 42.08 -63.83 63.44
CA VAL F 17 43.36 -64.46 63.72
C VAL F 17 44.47 -63.83 62.86
N LYS F 18 44.17 -63.58 61.58
CA LYS F 18 45.19 -62.96 60.72
C LYS F 18 45.56 -61.57 61.20
N GLU F 19 44.65 -60.87 61.87
CA GLU F 19 44.96 -59.51 62.30
C GLU F 19 45.51 -59.46 63.72
N MET F 20 44.74 -59.92 64.70
CA MET F 20 45.13 -59.78 66.10
C MET F 20 46.36 -60.60 66.47
N ASP F 21 46.75 -61.57 65.65
CA ASP F 21 47.96 -62.33 65.97
C ASP F 21 48.67 -62.64 64.64
N ALA F 22 49.58 -61.75 64.26
CA ALA F 22 50.42 -62.02 63.12
C ALA F 22 51.39 -63.14 63.46
N GLY F 23 51.41 -64.17 62.62
CA GLY F 23 52.20 -65.35 62.96
C GLY F 23 51.71 -65.95 64.26
N GLY F 24 52.61 -66.10 65.22
CA GLY F 24 52.22 -66.58 66.53
C GLY F 24 51.70 -67.99 66.48
N ASP F 25 50.78 -68.32 67.39
CA ASP F 25 50.24 -69.66 67.51
C ASP F 25 48.73 -69.71 67.62
N MET F 26 48.03 -68.57 67.70
CA MET F 26 46.58 -68.60 67.88
C MET F 26 45.91 -69.24 66.68
N ILE F 27 44.95 -70.12 66.97
CA ILE F 27 44.13 -70.76 65.96
C ILE F 27 42.70 -70.27 66.10
N ALA F 28 42.00 -70.21 64.97
CA ALA F 28 40.67 -69.62 64.91
C ALA F 28 39.60 -70.69 65.19
N VAL F 29 38.64 -70.34 66.04
CA VAL F 29 37.49 -71.21 66.26
C VAL F 29 36.73 -71.35 64.95
N ARG F 30 36.33 -72.58 64.64
CA ARG F 30 35.66 -72.86 63.37
C ARG F 30 34.14 -72.73 63.47
N SER F 31 33.54 -73.40 64.45
CA SER F 31 32.09 -73.47 64.58
C SER F 31 31.67 -72.74 65.85
N LEU F 32 30.61 -71.94 65.75
CA LEU F 32 30.17 -71.18 66.91
C LEU F 32 29.23 -71.95 67.82
N VAL F 33 28.81 -73.16 67.42
CA VAL F 33 28.04 -73.98 68.34
C VAL F 33 28.91 -74.41 69.52
N ASP F 34 30.16 -74.79 69.25
CA ASP F 34 31.10 -75.17 70.29
C ASP F 34 32.11 -74.06 70.58
N ALA F 35 31.78 -72.81 70.23
CA ALA F 35 32.62 -71.69 70.62
C ALA F 35 32.66 -71.55 72.14
N ASP F 36 31.51 -71.74 72.79
CA ASP F 36 31.45 -71.64 74.24
C ASP F 36 32.30 -72.71 74.90
N ARG F 37 32.54 -73.82 74.22
CA ARG F 37 33.36 -74.88 74.80
C ARG F 37 34.84 -74.69 74.54
N PHE F 38 35.25 -73.62 73.87
CA PHE F 38 36.65 -73.27 73.69
C PHE F 38 37.08 -72.16 74.65
N ARG F 39 36.25 -71.83 75.62
CA ARG F 39 36.59 -70.81 76.61
C ARG F 39 37.81 -71.25 77.42
N CYS F 40 38.34 -70.30 78.20
CA CYS F 40 39.52 -70.57 78.99
C CYS F 40 39.26 -71.68 80.01
N PHE F 41 40.30 -72.48 80.26
CA PHE F 41 40.36 -73.65 81.13
C PHE F 41 39.70 -74.88 80.50
N HIS F 42 39.05 -74.77 79.36
CA HIS F 42 38.39 -75.93 78.76
C HIS F 42 39.43 -76.81 78.07
N LEU F 43 39.45 -78.09 78.45
CA LEU F 43 40.38 -79.03 77.84
C LEU F 43 40.00 -79.27 76.39
N VAL F 44 41.02 -79.47 75.56
CA VAL F 44 40.86 -79.64 74.12
C VAL F 44 41.70 -80.85 73.70
N GLY F 45 41.30 -81.51 72.63
CA GLY F 45 42.06 -82.62 72.11
C GLY F 45 42.39 -82.40 70.65
N GLU F 46 43.36 -83.16 70.17
CA GLU F 46 43.82 -83.10 68.80
C GLU F 46 43.31 -84.29 68.00
N LYS F 47 43.29 -84.13 66.68
CA LYS F 47 42.92 -85.22 65.79
C LYS F 47 43.65 -85.06 64.47
N ARG F 48 44.19 -86.16 63.97
CA ARG F 48 45.02 -86.14 62.76
C ARG F 48 44.19 -86.56 61.55
N THR F 49 44.43 -85.88 60.43
CA THR F 49 43.73 -86.16 59.18
C THR F 49 44.73 -86.21 58.04
N PHE F 50 44.29 -86.75 56.90
CA PHE F 50 45.13 -86.78 55.73
C PHE F 50 45.46 -85.37 55.23
N PHE F 51 44.54 -84.42 55.43
CA PHE F 51 44.82 -83.03 55.10
C PHE F 51 45.76 -82.40 56.12
N GLY F 52 45.59 -82.74 57.40
CA GLY F 52 46.42 -82.18 58.46
C GLY F 52 45.95 -82.57 59.84
N CYS F 53 45.92 -81.61 60.76
CA CYS F 53 45.46 -81.84 62.13
C CYS F 53 44.49 -80.75 62.53
N ARG F 54 43.56 -81.10 63.40
CA ARG F 54 42.54 -80.18 63.89
C ARG F 54 42.29 -80.42 65.36
N HIS F 55 41.51 -79.53 65.97
CA HIS F 55 41.20 -79.58 67.39
C HIS F 55 39.72 -79.83 67.60
N TYR F 56 39.40 -80.49 68.70
CA TYR F 56 38.03 -80.68 69.15
C TYR F 56 37.96 -80.33 70.64
N THR F 57 36.75 -80.07 71.12
CA THR F 57 36.54 -79.72 72.51
C THR F 57 35.90 -80.90 73.23
N THR F 58 36.57 -81.40 74.27
CA THR F 58 35.98 -82.43 75.10
C THR F 58 34.84 -81.89 75.94
N GLY F 59 34.78 -80.59 76.17
CA GLY F 59 33.83 -80.01 77.09
C GLY F 59 34.25 -80.06 78.54
N LEU F 60 35.48 -80.46 78.83
CA LEU F 60 35.99 -80.57 80.19
C LEU F 60 36.77 -79.32 80.55
N THR F 61 36.36 -78.65 81.61
CA THR F 61 37.20 -77.62 82.19
C THR F 61 38.31 -78.27 83.03
N LEU F 62 39.28 -77.46 83.44
CA LEU F 62 40.40 -78.00 84.21
C LEU F 62 39.94 -78.53 85.56
N MET F 63 38.91 -77.92 86.15
CA MET F 63 38.42 -78.34 87.45
C MET F 63 37.95 -79.79 87.45
N ASP F 64 37.61 -80.34 86.28
CA ASP F 64 37.21 -81.74 86.20
C ASP F 64 38.36 -82.66 86.53
N ILE F 65 39.57 -82.35 86.06
CA ILE F 65 40.74 -83.20 86.25
C ILE F 65 41.77 -82.54 87.15
N LEU F 66 41.36 -81.62 88.02
CA LEU F 66 42.27 -80.98 88.96
C LEU F 66 41.87 -81.36 90.38
N ASP F 67 42.82 -81.88 91.15
CA ASP F 67 42.52 -82.39 92.48
C ASP F 67 41.93 -81.31 93.37
N THR F 68 42.53 -80.12 93.34
CA THR F 68 42.07 -78.97 94.14
C THR F 68 42.01 -79.31 95.62
N LYS F 85 39.21 -55.61 79.85
CA LYS F 85 40.58 -56.02 79.58
C LYS F 85 41.13 -55.29 78.36
N ALA F 86 41.33 -56.02 77.27
CA ALA F 86 41.82 -55.46 76.01
C ALA F 86 40.74 -55.64 74.96
N GLU F 87 40.30 -54.53 74.37
CA GLU F 87 39.16 -54.50 73.47
C GLU F 87 39.59 -53.98 72.11
N PHE F 88 39.38 -54.78 71.07
CA PHE F 88 39.80 -54.46 69.72
C PHE F 88 38.58 -54.42 68.81
N GLN F 89 38.38 -53.31 68.10
CA GLN F 89 37.24 -53.14 67.22
C GLN F 89 37.72 -53.25 65.78
N ILE F 90 37.47 -54.40 65.17
CA ILE F 90 37.84 -54.63 63.77
C ILE F 90 36.65 -54.30 62.90
N LEU F 91 36.93 -53.81 61.69
CA LEU F 91 35.88 -53.49 60.73
C LEU F 91 36.50 -53.51 59.35
N ASP F 92 35.90 -54.26 58.43
CA ASP F 92 36.48 -54.34 57.10
C ASP F 92 35.42 -54.77 56.09
N ASN F 93 35.75 -54.49 54.82
CA ASN F 93 34.98 -54.96 53.67
C ASN F 93 35.95 -55.50 52.65
N VAL F 94 35.58 -56.61 52.01
CA VAL F 94 36.45 -57.31 51.08
C VAL F 94 35.69 -57.55 49.79
N ASP F 95 36.35 -57.31 48.67
CA ASP F 95 35.78 -57.55 47.35
C ASP F 95 36.82 -58.30 46.51
N SER F 96 36.55 -59.58 46.24
CA SER F 96 37.47 -60.42 45.50
C SER F 96 36.78 -61.00 44.29
N THR F 97 37.56 -61.27 43.24
CA THR F 97 37.03 -61.84 42.01
C THR F 97 38.13 -62.61 41.30
N GLY F 98 37.81 -63.81 40.83
CA GLY F 98 38.77 -64.60 40.08
C GLY F 98 38.14 -65.30 38.89
N GLU F 99 38.71 -65.07 37.71
CA GLU F 99 38.14 -65.65 36.47
C GLU F 99 39.21 -66.47 35.76
N LEU F 100 38.91 -67.71 35.40
CA LEU F 100 39.83 -68.58 34.71
C LEU F 100 39.17 -69.16 33.47
N ILE F 101 39.98 -69.45 32.46
CA ILE F 101 39.52 -70.06 31.21
C ILE F 101 40.50 -71.16 30.83
N VAL F 102 39.96 -72.31 30.42
CA VAL F 102 40.77 -73.45 30.02
C VAL F 102 40.25 -73.98 28.69
N ARG F 103 41.16 -74.35 27.80
CA ARG F 103 40.81 -74.95 26.52
C ARG F 103 41.55 -76.26 26.35
N LEU F 104 40.89 -77.19 25.66
CA LEU F 104 41.49 -78.54 25.42
C LEU F 104 41.26 -78.92 23.97
N PRO F 105 42.18 -79.69 23.34
CA PRO F 105 42.02 -80.14 21.95
C PRO F 105 40.82 -81.06 21.74
N LYS F 106 40.17 -81.51 22.81
CA LYS F 106 38.97 -82.33 22.72
C LYS F 106 37.71 -81.50 22.65
N GLU F 107 37.81 -80.26 22.15
CA GLU F 107 36.68 -79.33 22.05
C GLU F 107 36.05 -79.08 23.42
N ILE F 108 36.88 -78.89 24.44
CA ILE F 108 36.41 -78.61 25.79
C ILE F 108 36.91 -77.25 26.22
N THR F 109 36.03 -76.25 26.21
CA THR F 109 36.36 -74.89 26.59
C THR F 109 35.57 -74.52 27.84
N ILE F 110 36.24 -74.45 28.98
CA ILE F 110 35.59 -74.13 30.24
C ILE F 110 36.00 -72.73 30.66
N SER F 111 35.14 -72.08 31.45
CA SER F 111 35.42 -70.75 31.97
C SER F 111 34.63 -70.55 33.24
N GLY F 112 35.31 -70.14 34.31
CA GLY F 112 34.67 -69.96 35.60
C GLY F 112 35.07 -68.70 36.32
N SER F 113 34.09 -68.00 36.89
CA SER F 113 34.31 -66.78 37.66
C SER F 113 33.77 -67.00 39.07
N PHE F 114 34.52 -66.56 40.07
CA PHE F 114 34.17 -66.72 41.47
C PHE F 114 34.43 -65.39 42.17
N GLN F 115 33.36 -64.76 42.65
CA GLN F 115 33.48 -63.44 43.27
C GLN F 115 32.87 -63.47 44.67
N GLY F 116 33.36 -62.58 45.51
CA GLY F 116 32.91 -62.49 46.89
C GLY F 116 32.94 -61.07 47.42
N PHE F 117 31.94 -60.74 48.24
CA PHE F 117 31.80 -59.43 48.85
C PHE F 117 31.45 -59.65 50.31
N HIS F 118 32.37 -59.29 51.19
CA HIS F 118 32.23 -59.52 52.63
C HIS F 118 32.20 -58.20 53.36
N HIS F 119 31.36 -58.09 54.40
CA HIS F 119 31.34 -56.92 55.25
C HIS F 119 31.20 -57.37 56.69
N GLN F 120 32.17 -56.98 57.53
CA GLN F 120 32.18 -57.38 58.92
C GLN F 120 32.56 -56.19 59.79
N LYS F 121 31.91 -56.10 60.96
CA LYS F 121 32.26 -55.14 61.99
C LYS F 121 32.07 -55.85 63.32
N ILE F 122 33.15 -55.99 64.09
CA ILE F 122 33.12 -56.79 65.30
C ILE F 122 33.96 -56.11 66.36
N LYS F 123 33.62 -56.35 67.62
CA LYS F 123 34.32 -55.78 68.76
C LYS F 123 34.67 -56.93 69.71
N ILE F 124 35.93 -57.35 69.71
CA ILE F 124 36.35 -58.50 70.47
C ILE F 124 37.09 -58.02 71.71
N SER F 125 37.24 -58.92 72.68
CA SER F 125 38.00 -58.66 73.90
C SER F 125 38.87 -59.88 74.19
N GLU F 126 39.95 -59.65 74.89
CA GLU F 126 40.93 -60.69 75.17
C GLU F 126 40.86 -61.11 76.63
N ASN F 127 40.93 -62.42 76.87
CA ASN F 127 41.08 -62.96 78.21
C ASN F 127 42.17 -64.02 78.18
N ARG F 128 42.81 -64.21 79.32
CA ARG F 128 43.93 -65.15 79.36
C ARG F 128 44.20 -65.53 80.81
N ILE F 129 44.65 -66.77 81.00
CA ILE F 129 45.01 -67.25 82.32
C ILE F 129 46.40 -66.75 82.67
N SER F 130 46.53 -66.15 83.85
CA SER F 130 47.80 -65.54 84.24
C SER F 130 48.88 -66.61 84.39
N GLN F 131 50.12 -66.22 84.05
CA GLN F 131 51.24 -67.13 84.17
C GLN F 131 51.48 -67.57 85.61
N GLN F 132 50.96 -66.84 86.59
CA GLN F 132 50.99 -67.32 87.96
C GLN F 132 50.23 -68.63 88.09
N TYR F 133 49.06 -68.73 87.46
CA TYR F 133 48.29 -69.97 87.52
C TYR F 133 49.05 -71.11 86.87
N LEU F 134 49.56 -70.90 85.65
CA LEU F 134 50.35 -71.93 85.00
C LEU F 134 51.57 -72.32 85.83
N ALA F 135 52.11 -71.37 86.60
CA ALA F 135 53.16 -71.71 87.55
C ALA F 135 52.62 -72.63 88.64
N THR F 136 51.40 -72.37 89.12
CA THR F 136 50.81 -73.23 90.14
C THR F 136 50.34 -74.56 89.59
N LEU F 137 49.86 -74.60 88.36
CA LEU F 137 49.33 -75.83 87.77
C LEU F 137 50.43 -76.68 87.15
N GLU F 138 51.48 -76.98 87.91
CA GLU F 138 52.60 -77.78 87.43
C GLU F 138 52.62 -79.13 88.11
N ASN F 139 52.57 -80.19 87.31
CA ASN F 139 52.66 -81.57 87.80
C ASN F 139 51.66 -81.83 88.92
N ARG F 140 50.44 -81.35 88.72
CA ARG F 140 49.38 -81.56 89.70
C ARG F 140 48.84 -82.98 89.62
N LYS F 141 48.35 -83.48 90.74
CA LYS F 141 47.61 -84.73 90.75
C LYS F 141 46.19 -84.46 90.28
N LEU F 142 45.63 -85.38 89.51
CA LEU F 142 44.27 -85.24 88.99
C LEU F 142 43.28 -85.60 90.09
N LYS F 143 42.00 -85.67 89.73
CA LYS F 143 40.97 -86.14 90.64
C LYS F 143 40.89 -87.66 90.59
N ARG F 144 40.72 -88.27 91.76
CA ARG F 144 40.51 -89.71 91.81
C ARG F 144 39.22 -90.13 91.11
N GLU F 145 38.29 -89.20 90.94
CA GLU F 145 37.04 -89.44 90.23
C GLU F 145 37.27 -89.29 88.72
N LEU F 146 38.00 -90.26 88.17
CA LEU F 146 38.29 -90.29 86.73
C LEU F 146 36.99 -90.38 85.94
N PRO F 147 36.59 -89.33 85.23
CA PRO F 147 35.37 -89.43 84.41
C PRO F 147 35.63 -90.28 83.19
N PHE F 148 34.61 -91.06 82.80
CA PHE F 148 34.72 -91.83 81.57
C PHE F 148 34.90 -90.92 80.37
N SER F 149 34.47 -89.66 80.47
CA SER F 149 34.73 -88.69 79.42
C SER F 149 36.22 -88.54 79.17
N PHE F 150 37.02 -88.49 80.23
CA PHE F 150 38.46 -88.40 80.11
C PHE F 150 39.13 -89.78 80.15
N ARG F 151 38.63 -90.69 80.99
CA ARG F 151 39.28 -91.99 81.15
C ARG F 151 39.36 -92.74 79.83
N SER F 152 38.40 -92.53 78.94
CA SER F 152 38.35 -93.23 77.66
C SER F 152 39.04 -92.48 76.54
N ILE F 153 39.69 -91.36 76.84
CA ILE F 153 40.38 -90.60 75.79
C ILE F 153 41.50 -91.45 75.23
N ASN F 154 41.56 -91.53 73.90
CA ASN F 154 42.58 -92.32 73.24
C ASN F 154 43.95 -91.70 73.48
N THR F 155 44.87 -92.49 74.03
CA THR F 155 46.20 -91.99 74.35
C THR F 155 47.05 -91.71 73.11
N ARG F 156 46.63 -92.20 71.93
CA ARG F 156 47.38 -91.91 70.72
C ARG F 156 47.37 -90.42 70.40
N GLU F 157 46.23 -89.76 70.57
CA GLU F 157 46.12 -88.33 70.34
C GLU F 157 46.59 -87.56 71.58
N ASN F 158 46.64 -86.24 71.44
CA ASN F 158 47.21 -85.37 72.45
C ASN F 158 46.10 -84.76 73.31
N LEU F 159 46.49 -83.86 74.22
CA LEU F 159 45.54 -83.19 75.09
C LEU F 159 46.14 -81.85 75.49
N TYR F 160 45.32 -80.79 75.44
CA TYR F 160 45.78 -79.43 75.64
C TYR F 160 44.82 -78.68 76.54
N LEU F 161 45.30 -77.59 77.11
CA LEU F 161 44.50 -76.68 77.90
C LEU F 161 44.44 -75.34 77.19
N VAL F 162 43.23 -74.79 77.07
CA VAL F 162 43.04 -73.51 76.42
C VAL F 162 43.52 -72.40 77.35
N THR F 163 44.43 -71.56 76.85
CA THR F 163 45.13 -70.57 77.65
C THR F 163 44.57 -69.16 77.45
N GLU F 164 44.50 -68.69 76.20
CA GLU F 164 44.03 -67.35 75.91
C GLU F 164 42.91 -67.42 74.87
N THR F 165 41.97 -66.48 74.97
CA THR F 165 40.79 -66.49 74.12
C THR F 165 40.39 -65.07 73.74
N LEU F 166 40.04 -64.90 72.47
CA LEU F 166 39.42 -63.68 71.97
C LEU F 166 37.94 -63.94 71.80
N GLU F 167 37.12 -63.19 72.55
CA GLU F 167 35.69 -63.42 72.58
C GLU F 167 34.94 -62.11 72.34
N THR F 168 33.86 -62.19 71.57
CA THR F 168 33.09 -60.98 71.32
C THR F 168 32.43 -60.50 72.61
N VAL F 169 32.03 -59.22 72.62
CA VAL F 169 31.36 -58.64 73.77
C VAL F 169 30.09 -57.93 73.34
N LYS F 170 29.73 -58.07 72.07
CA LYS F 170 28.57 -57.37 71.53
C LYS F 170 27.88 -58.25 70.50
N GLU F 171 26.57 -58.07 70.37
CA GLU F 171 25.80 -58.82 69.39
C GLU F 171 26.17 -58.35 67.98
N GLU F 172 26.75 -59.24 67.19
CA GLU F 172 27.28 -58.87 65.88
C GLU F 172 26.37 -59.38 64.77
N THR F 173 26.54 -58.78 63.59
CA THR F 173 25.73 -59.11 62.42
C THR F 173 26.64 -59.01 61.20
N LEU F 174 27.12 -60.16 60.74
CA LEU F 174 28.10 -60.22 59.67
C LEU F 174 27.43 -60.58 58.35
N LYS F 175 27.96 -60.03 57.24
CA LYS F 175 27.33 -60.23 55.94
C LYS F 175 28.35 -60.72 54.93
N SER F 176 27.89 -61.59 54.03
CA SER F 176 28.71 -62.08 52.93
C SER F 176 27.84 -62.19 51.69
N ASP F 177 28.49 -62.32 50.54
CA ASP F 177 27.78 -62.47 49.28
C ASP F 177 28.72 -63.15 48.28
N ARG F 178 28.37 -64.36 47.86
CA ARG F 178 29.19 -65.15 46.97
C ARG F 178 28.52 -65.28 45.61
N GLN F 179 29.34 -65.44 44.57
CA GLN F 179 28.84 -65.67 43.23
C GLN F 179 29.77 -66.64 42.51
N TYR F 180 29.21 -67.74 42.03
CA TYR F 180 29.94 -68.75 41.27
C TYR F 180 29.27 -68.88 39.90
N LYS F 181 29.93 -68.38 38.86
CA LYS F 181 29.39 -68.44 37.50
C LYS F 181 30.39 -69.20 36.65
N PHE F 182 30.16 -70.50 36.44
CA PHE F 182 31.12 -71.28 35.65
C PHE F 182 30.40 -72.20 34.69
N TRP F 183 30.95 -72.29 33.48
CA TRP F 183 30.39 -73.12 32.42
C TRP F 183 31.51 -73.83 31.68
N SER F 184 31.12 -74.71 30.77
CA SER F 184 32.07 -75.54 30.04
C SER F 184 31.36 -76.09 28.81
N GLN F 185 31.93 -75.83 27.64
CA GLN F 185 31.45 -76.39 26.39
C GLN F 185 32.25 -77.65 26.05
N ILE F 186 31.54 -78.70 25.67
CA ILE F 186 32.16 -79.97 25.29
C ILE F 186 31.96 -80.15 23.79
N SER F 187 32.59 -81.20 23.25
CA SER F 187 32.47 -81.48 21.82
C SER F 187 31.02 -81.70 21.41
N GLN F 188 30.20 -82.23 22.31
CA GLN F 188 28.79 -82.49 22.02
C GLN F 188 27.91 -81.34 22.50
N GLY F 189 27.97 -81.03 23.79
CA GLY F 189 27.09 -80.05 24.38
C GLY F 189 27.81 -79.12 25.34
N HIS F 190 27.02 -78.47 26.19
CA HIS F 190 27.51 -77.47 27.13
C HIS F 190 27.00 -77.81 28.53
N LEU F 191 27.49 -77.07 29.52
CA LEU F 191 27.02 -77.21 30.90
C LEU F 191 27.42 -75.95 31.67
N SER F 192 26.43 -75.26 32.24
CA SER F 192 26.67 -74.01 32.93
C SER F 192 26.00 -74.03 34.30
N TYR F 193 26.53 -73.20 35.21
CA TYR F 193 25.96 -73.07 36.54
C TYR F 193 26.25 -71.67 37.07
N LYS F 194 25.19 -70.98 37.49
CA LYS F 194 25.30 -69.64 38.04
C LYS F 194 24.62 -69.61 39.40
N HIS F 195 25.40 -69.26 40.43
CA HIS F 195 24.90 -69.17 41.80
C HIS F 195 25.22 -67.79 42.34
N LYS F 196 24.23 -67.16 42.96
CA LYS F 196 24.40 -65.87 43.63
C LYS F 196 23.72 -65.95 44.98
N GLY F 197 24.50 -65.85 46.05
CA GLY F 197 23.94 -65.98 47.38
C GLY F 197 24.40 -64.93 48.35
N GLN F 198 23.45 -64.18 48.91
CA GLN F 198 23.72 -63.22 49.98
C GLN F 198 23.37 -63.86 51.31
N ARG F 199 24.28 -63.79 52.27
CA ARG F 199 24.14 -64.46 53.55
C ARG F 199 24.41 -63.46 54.67
N GLU F 200 23.76 -63.68 55.80
CA GLU F 200 23.88 -62.78 56.94
C GLU F 200 23.64 -63.55 58.21
N VAL F 201 24.49 -63.35 59.21
CA VAL F 201 24.40 -64.12 60.45
C VAL F 201 24.51 -63.18 61.63
N THR F 202 23.96 -63.60 62.77
CA THR F 202 23.98 -62.84 64.00
C THR F 202 24.64 -63.67 65.09
N ILE F 203 25.35 -62.98 65.97
CA ILE F 203 26.19 -63.62 66.98
C ILE F 203 25.96 -63.01 68.35
N PRO F 204 25.74 -63.80 69.39
CA PRO F 204 25.61 -63.25 70.73
C PRO F 204 26.97 -62.92 71.33
N PRO F 205 27.01 -62.25 72.47
CA PRO F 205 28.30 -61.94 73.09
C PRO F 205 29.01 -63.20 73.60
N ASN F 206 30.28 -63.01 73.95
CA ASN F 206 31.11 -64.01 74.61
C ASN F 206 31.41 -65.23 73.74
N ARG F 207 31.27 -65.10 72.43
CA ARG F 207 31.60 -66.21 71.54
C ARG F 207 33.11 -66.19 71.25
N VAL F 208 33.80 -67.25 71.65
CA VAL F 208 35.25 -67.30 71.51
C VAL F 208 35.60 -67.37 70.03
N LEU F 209 36.36 -66.38 69.56
CA LEU F 209 36.76 -66.32 68.17
C LEU F 209 38.11 -66.98 67.88
N SER F 210 38.98 -67.09 68.88
CA SER F 210 40.27 -67.73 68.68
C SER F 210 40.84 -68.15 70.02
N TYR F 211 41.79 -69.07 69.98
CA TYR F 211 42.37 -69.60 71.20
C TYR F 211 43.77 -70.13 70.91
N ARG F 212 44.53 -70.30 71.99
CA ARG F 212 45.84 -70.93 71.94
C ARG F 212 45.93 -71.92 73.10
N VAL F 213 46.82 -72.91 72.97
CA VAL F 213 46.80 -74.06 73.85
C VAL F 213 48.18 -74.33 74.43
N LYS F 214 48.19 -74.95 75.61
CA LYS F 214 49.40 -75.47 76.24
C LYS F 214 49.20 -76.95 76.52
N GLN F 215 50.16 -77.78 76.15
CA GLN F 215 49.93 -79.21 76.16
C GLN F 215 49.89 -79.72 77.61
N LEU F 216 49.28 -80.90 77.79
CA LEU F 216 49.29 -81.59 79.08
C LEU F 216 49.71 -83.02 78.84
N VAL F 217 50.94 -83.37 79.22
CA VAL F 217 51.44 -84.73 79.12
C VAL F 217 51.24 -85.42 80.46
N PHE F 218 50.91 -86.71 80.40
CA PHE F 218 50.54 -87.52 81.56
C PHE F 218 51.40 -88.78 81.58
N PRO F 219 52.57 -88.75 82.20
CA PRO F 219 53.33 -90.00 82.40
C PRO F 219 52.59 -91.04 83.22
N ASN F 220 51.69 -90.63 84.10
CA ASN F 220 50.83 -91.55 84.83
C ASN F 220 49.50 -90.85 85.10
N LYS F 221 48.70 -91.40 86.02
CA LYS F 221 47.37 -90.91 86.29
C LYS F 221 47.32 -89.82 87.35
N GLU F 222 48.48 -89.39 87.86
CA GLU F 222 48.54 -88.34 88.87
C GLU F 222 49.48 -87.22 88.45
N THR F 223 49.84 -87.16 87.17
CA THR F 223 50.83 -86.21 86.66
C THR F 223 50.18 -85.34 85.59
N MET F 224 49.71 -84.16 85.99
CA MET F 224 49.22 -83.17 85.04
C MET F 224 50.39 -82.30 84.55
N ASN F 225 51.31 -82.94 83.83
CA ASN F 225 52.56 -82.27 83.49
C ASN F 225 52.30 -81.26 82.38
N ILE F 226 52.33 -79.98 82.71
CA ILE F 226 51.96 -78.93 81.76
C ILE F 226 53.17 -78.62 80.89
N HIS F 227 53.02 -78.85 79.59
CA HIS F 227 54.10 -78.71 78.62
C HIS F 227 53.90 -77.39 77.87
N PHE F 228 54.92 -76.52 77.92
CA PHE F 228 54.86 -75.22 77.28
C PHE F 228 55.41 -75.27 75.86
N ARG F 229 56.67 -75.67 75.72
CA ARG F 229 57.35 -75.68 74.43
C ARG F 229 57.79 -77.10 74.10
N GLY F 230 57.64 -77.48 72.83
CA GLY F 230 58.13 -78.76 72.39
C GLY F 230 57.06 -79.69 71.85
N LYS F 231 57.23 -80.14 70.61
CA LYS F 231 56.33 -81.12 70.01
C LYS F 231 56.66 -82.49 70.59
N THR F 232 55.73 -83.05 71.35
CA THR F 232 55.97 -84.31 72.05
C THR F 232 54.66 -85.09 72.09
N LYS F 233 54.65 -86.17 72.88
CA LYS F 233 53.48 -87.01 73.07
C LYS F 233 52.83 -86.67 74.40
N SER F 234 51.52 -86.42 74.38
CA SER F 234 50.79 -86.01 75.56
C SER F 234 50.35 -87.17 76.44
N PHE F 235 50.65 -88.40 76.04
CA PHE F 235 50.32 -89.59 76.84
C PHE F 235 51.44 -90.60 76.70
N PRO F 236 52.52 -90.43 77.46
CA PRO F 236 53.62 -91.41 77.42
C PRO F 236 53.39 -92.64 78.29
N GLU F 237 52.31 -92.66 79.06
CA GLU F 237 52.02 -93.78 79.96
C GLU F 237 51.74 -95.05 79.18
CA MET G 5 13.90 -81.23 45.36
C MET G 5 13.84 -81.68 46.82
N PHE G 6 13.81 -80.70 47.73
CA PHE G 6 13.81 -80.98 49.15
C PHE G 6 12.75 -80.12 49.83
N SER G 7 12.34 -80.55 51.02
CA SER G 7 11.40 -79.77 51.81
C SER G 7 12.00 -78.43 52.18
N VAL G 8 11.16 -77.43 52.43
CA VAL G 8 11.64 -76.12 52.87
C VAL G 8 12.36 -76.25 54.20
N PHE G 9 11.78 -77.02 55.13
CA PHE G 9 12.43 -77.27 56.40
C PHE G 9 13.76 -77.99 56.20
N GLU G 10 13.83 -78.89 55.22
CA GLU G 10 15.09 -79.55 54.92
C GLU G 10 16.15 -78.52 54.51
N GLU G 11 15.77 -77.57 53.66
CA GLU G 11 16.71 -76.55 53.21
C GLU G 11 17.17 -75.67 54.37
N ILE G 12 16.23 -75.24 55.22
CA ILE G 12 16.63 -74.36 56.32
C ILE G 12 17.51 -75.11 57.31
N THR G 13 17.25 -76.39 57.53
CA THR G 13 18.11 -77.16 58.43
C THR G 13 19.49 -77.36 57.82
N ARG G 14 19.56 -77.59 56.52
CA ARG G 14 20.88 -77.72 55.88
C ARG G 14 21.67 -76.42 56.00
N ILE G 15 21.01 -75.28 55.81
CA ILE G 15 21.69 -74.00 55.97
C ILE G 15 22.16 -73.82 57.41
N VAL G 16 21.30 -74.13 58.38
CA VAL G 16 21.68 -73.93 59.78
C VAL G 16 22.84 -74.84 60.16
N VAL G 17 22.87 -76.07 59.64
CA VAL G 17 23.99 -76.94 59.96
C VAL G 17 25.27 -76.46 59.29
N LYS G 18 25.18 -76.03 58.03
CA LYS G 18 26.37 -75.54 57.34
C LYS G 18 26.92 -74.28 58.00
N GLU G 19 26.07 -73.50 58.66
CA GLU G 19 26.57 -72.26 59.27
C GLU G 19 26.96 -72.45 60.74
N MET G 20 26.01 -72.85 61.58
CA MET G 20 26.25 -72.91 63.02
C MET G 20 27.27 -73.97 63.40
N ASP G 21 27.59 -74.93 62.53
CA ASP G 21 28.60 -75.91 62.86
C ASP G 21 29.39 -76.22 61.59
N ALA G 22 30.48 -75.48 61.39
CA ALA G 22 31.39 -75.80 60.32
C ALA G 22 32.10 -77.11 60.62
N GLY G 23 32.04 -78.05 59.69
CA GLY G 23 32.56 -79.37 59.96
C GLY G 23 31.83 -79.99 61.13
N GLY G 24 32.58 -80.39 62.15
CA GLY G 24 31.96 -80.91 63.35
C GLY G 24 31.22 -82.20 63.10
N ASP G 25 30.16 -82.42 63.88
CA ASP G 25 29.38 -83.65 63.79
C ASP G 25 27.88 -83.43 63.75
N MET G 26 27.39 -82.20 63.89
CA MET G 26 25.96 -81.97 63.93
C MET G 26 25.31 -82.36 62.61
N ILE G 27 24.19 -83.07 62.70
CA ILE G 27 23.38 -83.45 61.55
C ILE G 27 22.06 -82.73 61.61
N ALA G 28 21.51 -82.44 60.43
CA ALA G 28 20.32 -81.61 60.31
C ALA G 28 19.07 -82.48 60.37
N VAL G 29 18.08 -82.04 61.16
CA VAL G 29 16.78 -82.70 61.17
C VAL G 29 16.16 -82.57 59.79
N ARG G 30 15.59 -83.68 59.31
CA ARG G 30 15.03 -83.71 57.96
C ARG G 30 13.56 -83.32 57.93
N SER G 31 12.74 -83.95 58.76
CA SER G 31 11.30 -83.76 58.74
C SER G 31 10.87 -83.10 60.04
N LEU G 32 9.99 -82.10 59.93
CA LEU G 32 9.56 -81.39 61.13
C LEU G 32 8.39 -82.05 61.84
N VAL G 33 7.82 -83.11 61.27
CA VAL G 33 6.82 -83.87 62.02
C VAL G 33 7.46 -84.54 63.22
N ASP G 34 8.65 -85.12 63.03
CA ASP G 34 9.39 -85.76 64.10
C ASP G 34 10.54 -84.89 64.61
N ALA G 35 10.46 -83.59 64.37
CA ALA G 35 11.44 -82.68 64.97
C ALA G 35 11.32 -82.70 66.48
N ASP G 36 10.10 -82.72 67.00
CA ASP G 36 9.90 -82.74 68.45
C ASP G 36 10.47 -84.01 69.06
N ARG G 37 10.58 -85.08 68.28
CA ARG G 37 11.13 -86.33 68.82
C ARG G 37 12.65 -86.39 68.72
N PHE G 38 13.31 -85.35 68.21
CA PHE G 38 14.76 -85.25 68.22
C PHE G 38 15.26 -84.34 69.33
N ARG G 39 14.40 -83.95 70.24
CA ARG G 39 14.79 -83.10 71.37
C ARG G 39 15.82 -83.82 72.23
N CYS G 40 16.41 -83.07 73.17
CA CYS G 40 17.44 -83.63 74.03
C CYS G 40 16.88 -84.75 74.89
N PHE G 41 17.71 -85.75 75.15
CA PHE G 41 17.47 -86.99 75.88
C PHE G 41 16.68 -88.01 75.06
N HIS G 42 16.19 -87.68 73.87
CA HIS G 42 15.43 -88.63 73.09
C HIS G 42 16.36 -89.63 72.41
N LEU G 43 16.13 -90.91 72.65
CA LEU G 43 16.94 -91.95 72.03
C LEU G 43 16.69 -91.99 70.53
N VAL G 44 17.74 -92.30 69.79
CA VAL G 44 17.72 -92.31 68.33
C VAL G 44 18.38 -93.60 67.87
N GLY G 45 18.00 -94.07 66.68
CA GLY G 45 18.61 -95.25 66.12
C GLY G 45 19.14 -94.95 64.73
N GLU G 46 20.01 -95.84 64.27
CA GLU G 46 20.63 -95.73 62.96
C GLU G 46 20.01 -96.73 61.99
N LYS G 47 20.17 -96.46 60.70
CA LYS G 47 19.71 -97.38 59.67
C LYS G 47 20.61 -97.22 58.45
N ARG G 48 21.01 -98.35 57.88
CA ARG G 48 21.95 -98.38 56.76
C ARG G 48 21.21 -98.52 55.44
N THR G 49 21.69 -97.80 54.43
CA THR G 49 21.10 -97.82 53.10
C THR G 49 22.20 -97.95 52.06
N PHE G 50 21.80 -98.30 50.83
CA PHE G 50 22.76 -98.37 49.75
C PHE G 50 23.37 -97.01 49.44
N PHE G 51 22.62 -95.93 49.66
CA PHE G 51 23.17 -94.59 49.52
C PHE G 51 24.09 -94.24 50.68
N GLY G 52 23.71 -94.66 51.89
CA GLY G 52 24.50 -94.36 53.08
C GLY G 52 23.83 -94.79 54.37
N CYS G 53 23.86 -93.92 55.38
CA CYS G 53 23.21 -94.18 56.66
C CYS G 53 22.40 -92.98 57.08
N ARG G 54 21.32 -93.23 57.81
CA ARG G 54 20.44 -92.18 58.31
C ARG G 54 19.99 -92.52 59.72
N HIS G 55 19.31 -91.55 60.34
CA HIS G 55 18.83 -91.69 61.71
C HIS G 55 17.31 -91.66 61.75
N TYR G 56 16.77 -92.36 62.74
CA TYR G 56 15.34 -92.34 63.03
C TYR G 56 15.16 -92.11 64.53
N THR G 57 13.97 -91.68 64.92
CA THR G 57 13.67 -91.44 66.32
C THR G 57 12.76 -92.54 66.84
N THR G 58 13.22 -93.24 67.87
CA THR G 58 12.35 -94.22 68.52
C THR G 58 11.23 -93.57 69.31
N GLY G 59 11.38 -92.30 69.67
CA GLY G 59 10.45 -91.64 70.55
C GLY G 59 10.69 -91.90 72.02
N LEU G 60 11.79 -92.54 72.38
CA LEU G 60 12.11 -92.87 73.77
C LEU G 60 13.05 -91.82 74.33
N THR G 61 12.65 -91.19 75.43
CA THR G 61 13.58 -90.40 76.19
C THR G 61 14.45 -91.31 77.05
N LEU G 62 15.50 -90.73 77.64
CA LEU G 62 16.41 -91.55 78.45
C LEU G 62 15.71 -92.10 79.68
N MET G 63 14.75 -91.36 80.23
CA MET G 63 14.05 -91.81 81.43
C MET G 63 13.33 -93.14 81.21
N ASP G 64 13.04 -93.51 79.97
CA ASP G 64 12.42 -94.80 79.70
C ASP G 64 13.35 -95.95 80.04
N ILE G 65 14.63 -95.81 79.72
CA ILE G 65 15.60 -96.87 79.91
C ILE G 65 16.63 -96.51 80.98
N LEU G 66 16.30 -95.62 81.91
CA LEU G 66 17.19 -95.23 82.99
C LEU G 66 16.56 -95.67 84.31
N ASP G 67 17.32 -96.42 85.11
CA ASP G 67 16.79 -96.99 86.35
C ASP G 67 16.30 -95.90 87.29
N THR G 68 17.09 -94.84 87.45
CA THR G 68 16.75 -93.71 88.32
C THR G 68 16.47 -94.17 89.75
N LYS G 85 19.63 -69.01 76.51
CA LYS G 85 20.93 -69.64 76.33
C LYS G 85 21.73 -68.91 75.26
N ALA G 86 21.92 -69.56 74.12
CA ALA G 86 22.64 -69.00 72.99
C ALA G 86 21.67 -68.87 71.82
N GLU G 87 21.51 -67.64 71.32
CA GLU G 87 20.49 -67.33 70.32
C GLU G 87 21.15 -66.77 69.07
N PHE G 88 20.94 -67.41 67.94
CA PHE G 88 21.56 -67.05 66.67
C PHE G 88 20.46 -66.71 65.66
N GLN G 89 20.55 -65.52 65.07
CA GLN G 89 19.56 -65.05 64.10
C GLN G 89 20.17 -65.13 62.71
N ILE G 90 19.80 -66.14 61.96
CA ILE G 90 20.28 -66.32 60.59
C ILE G 90 19.27 -65.69 59.65
N LEU G 91 19.77 -65.15 58.53
CA LEU G 91 18.91 -64.55 57.53
C LEU G 91 19.66 -64.56 56.20
N ASP G 92 19.05 -65.11 55.16
CA ASP G 92 19.76 -65.16 53.88
C ASP G 92 18.77 -65.28 52.74
N ASN G 93 19.28 -64.97 51.55
CA ASN G 93 18.57 -65.17 50.29
C ASN G 93 19.55 -65.78 49.31
N VAL G 94 19.07 -66.75 48.52
CA VAL G 94 19.89 -67.52 47.61
C VAL G 94 19.26 -67.49 46.23
N ASP G 95 20.08 -67.26 45.21
CA ASP G 95 19.63 -67.27 43.81
C ASP G 95 20.60 -68.12 43.01
N SER G 96 20.16 -69.29 42.58
CA SER G 96 20.99 -70.22 41.84
C SER G 96 20.35 -70.54 40.50
N THR G 97 21.19 -70.87 39.51
CA THR G 97 20.72 -71.21 38.18
C THR G 97 21.74 -72.10 37.50
N GLY G 98 21.27 -73.17 36.87
CA GLY G 98 22.15 -74.05 36.13
C GLY G 98 21.55 -74.52 34.82
N GLU G 99 22.28 -74.28 33.73
CA GLU G 99 21.76 -74.63 32.39
C GLU G 99 22.76 -75.56 31.69
N LEU G 100 22.28 -76.68 31.17
CA LEU G 100 23.11 -77.65 30.48
C LEU G 100 22.50 -77.98 29.12
N ILE G 101 23.36 -78.32 28.17
CA ILE G 101 22.95 -78.71 26.82
C ILE G 101 23.76 -79.94 26.41
N VAL G 102 23.08 -80.92 25.82
CA VAL G 102 23.72 -82.15 25.39
C VAL G 102 23.27 -82.45 23.96
N ARG G 103 24.20 -82.89 23.12
CA ARG G 103 23.90 -83.30 21.76
C ARG G 103 24.41 -84.70 21.52
N LEU G 104 23.68 -85.44 20.66
CA LEU G 104 24.07 -86.83 20.34
C LEU G 104 23.94 -87.03 18.84
N PRO G 105 24.78 -87.89 18.22
CA PRO G 105 24.69 -88.18 16.77
C PRO G 105 23.39 -88.83 16.35
N LYS G 106 22.55 -89.26 17.30
CA LYS G 106 21.25 -89.84 17.01
C LYS G 106 20.16 -88.78 16.90
N GLU G 107 20.53 -87.54 16.56
CA GLU G 107 19.61 -86.42 16.46
C GLU G 107 18.88 -86.17 17.77
N ILE G 108 19.60 -86.25 18.89
CA ILE G 108 19.04 -86.01 20.21
C ILE G 108 19.72 -84.80 20.84
N THR G 109 19.04 -83.67 20.86
CA THR G 109 19.55 -82.43 21.41
C THR G 109 18.69 -82.04 22.61
N ILE G 110 19.23 -82.19 23.81
CA ILE G 110 18.51 -81.88 25.03
C ILE G 110 19.11 -80.63 25.65
N SER G 111 18.28 -79.91 26.41
CA SER G 111 18.74 -78.70 27.10
C SER G 111 17.85 -78.48 28.31
N GLY G 112 18.46 -78.30 29.47
CA GLY G 112 17.73 -78.13 30.71
C GLY G 112 18.26 -77.03 31.61
N SER G 113 17.35 -76.22 32.15
CA SER G 113 17.69 -75.15 33.07
C SER G 113 16.96 -75.38 34.38
N PHE G 114 17.67 -75.18 35.49
CA PHE G 114 17.12 -75.41 36.83
C PHE G 114 17.53 -74.22 37.70
N GLN G 115 16.54 -73.44 38.14
CA GLN G 115 16.82 -72.24 38.91
C GLN G 115 16.05 -72.29 40.23
N GLY G 116 16.60 -71.58 41.21
CA GLY G 116 16.01 -71.53 42.54
C GLY G 116 16.22 -70.20 43.23
N PHE G 117 15.22 -69.77 43.98
CA PHE G 117 15.24 -68.51 44.71
C PHE G 117 14.70 -68.80 46.11
N HIS G 118 15.55 -68.71 47.11
CA HIS G 118 15.20 -69.04 48.49
C HIS G 118 15.33 -67.80 49.36
N HIS G 119 14.41 -67.64 50.31
CA HIS G 119 14.50 -66.56 51.28
C HIS G 119 14.12 -67.11 52.65
N GLN G 120 15.04 -66.99 53.61
CA GLN G 120 14.81 -67.51 54.95
C GLN G 120 15.30 -66.50 55.97
N LYS G 121 14.54 -66.40 57.07
CA LYS G 121 14.94 -65.62 58.24
C LYS G 121 14.47 -66.40 59.46
N ILE G 122 15.42 -66.80 60.30
CA ILE G 122 15.11 -67.70 61.41
C ILE G 122 15.94 -67.28 62.62
N LYS G 123 15.42 -67.57 63.80
CA LYS G 123 16.08 -67.25 65.06
C LYS G 123 16.10 -68.53 65.90
N ILE G 124 17.26 -69.17 65.97
CA ILE G 124 17.39 -70.44 66.64
C ILE G 124 18.06 -70.22 67.99
N SER G 125 17.94 -71.22 68.87
CA SER G 125 18.58 -71.22 70.16
C SER G 125 19.19 -72.60 70.40
N GLU G 126 20.22 -72.64 71.23
CA GLU G 126 20.95 -73.86 71.49
C GLU G 126 20.65 -74.39 72.87
N ASN G 127 20.47 -75.71 72.97
CA ASN G 127 20.37 -76.39 74.26
C ASN G 127 21.24 -77.63 74.20
N ARG G 128 21.72 -78.05 75.37
CA ARG G 128 22.65 -79.17 75.42
C ARG G 128 22.68 -79.72 76.84
N ILE G 129 22.88 -81.03 76.93
CA ILE G 129 23.00 -81.69 78.22
C ILE G 129 24.41 -81.48 78.75
N SER G 130 24.50 -81.04 79.99
CA SER G 130 25.80 -80.72 80.57
C SER G 130 26.66 -81.97 80.70
N GLN G 131 27.98 -81.78 80.53
CA GLN G 131 28.91 -82.90 80.65
C GLN G 131 28.90 -83.50 82.04
N GLN G 132 28.40 -82.79 83.04
CA GLN G 132 28.19 -83.39 84.35
C GLN G 132 27.21 -84.55 84.27
N TYR G 133 26.12 -84.37 83.52
CA TYR G 133 25.14 -85.44 83.37
C TYR G 133 25.77 -86.64 82.67
N LEU G 134 26.44 -86.41 81.54
CA LEU G 134 27.11 -87.51 80.85
C LEU G 134 28.13 -88.18 81.74
N ALA G 135 28.75 -87.43 82.66
CA ALA G 135 29.61 -88.05 83.67
C ALA G 135 28.80 -88.95 84.60
N THR G 136 27.60 -88.52 84.98
CA THR G 136 26.75 -89.33 85.84
C THR G 136 26.12 -90.51 85.10
N LEU G 137 25.78 -90.35 83.84
CA LEU G 137 25.12 -91.39 83.06
C LEU G 137 26.13 -92.37 82.47
N GLU G 138 27.01 -92.93 83.28
CA GLU G 138 28.02 -93.86 82.81
C GLU G 138 27.74 -95.25 83.35
N ASN G 139 27.59 -96.22 82.43
CA ASN G 139 27.38 -97.62 82.76
C ASN G 139 26.23 -97.79 83.76
N ARG G 140 25.14 -97.08 83.50
CA ARG G 140 23.96 -97.18 84.34
C ARG G 140 23.20 -98.47 84.05
N LYS G 141 22.51 -98.97 85.06
CA LYS G 141 21.55 -100.06 84.85
C LYS G 141 20.26 -99.49 84.29
N LEU G 142 19.65 -100.21 83.37
CA LEU G 142 18.41 -99.78 82.74
C LEU G 142 17.24 -100.06 83.70
N LYS G 143 16.03 -99.85 83.21
CA LYS G 143 14.83 -100.20 83.96
C LYS G 143 14.49 -101.67 83.73
N ARG G 144 14.09 -102.35 84.80
CA ARG G 144 13.63 -103.72 84.67
C ARG G 144 12.38 -103.82 83.81
N GLU G 145 11.65 -102.73 83.66
CA GLU G 145 10.45 -102.68 82.81
C GLU G 145 10.88 -102.43 81.36
N LEU G 146 11.49 -103.45 80.77
CA LEU G 146 11.93 -103.40 79.37
C LEU G 146 10.73 -103.19 78.46
N PRO G 147 10.60 -102.02 77.83
CA PRO G 147 9.49 -101.82 76.90
C PRO G 147 9.73 -102.59 75.62
N PHE G 148 8.65 -103.13 75.06
CA PHE G 148 8.75 -103.78 73.76
C PHE G 148 9.23 -102.81 72.69
N SER G 149 9.02 -101.51 72.89
CA SER G 149 9.55 -100.52 71.98
C SER G 149 11.07 -100.63 71.89
N PHE G 150 11.74 -100.81 73.03
CA PHE G 150 13.18 -100.99 73.05
C PHE G 150 13.60 -102.45 73.01
N ARG G 151 12.85 -103.33 73.68
CA ARG G 151 13.23 -104.74 73.76
C ARG G 151 13.35 -105.37 72.38
N SER G 152 12.54 -104.90 71.43
CA SER G 152 12.51 -105.47 70.08
C SER G 152 13.45 -104.75 69.13
N ILE G 153 14.25 -103.80 69.60
CA ILE G 153 15.16 -103.09 68.72
C ILE G 153 16.18 -104.08 68.17
N ASN G 154 16.37 -104.04 66.85
CA ASN G 154 17.30 -104.94 66.21
C ASN G 154 18.73 -104.61 66.64
N THR G 155 19.43 -105.60 67.19
CA THR G 155 20.78 -105.39 67.69
C THR G 155 21.80 -105.16 66.57
N ARG G 156 21.45 -105.45 65.31
CA ARG G 156 22.36 -105.19 64.22
C ARG G 156 22.65 -103.70 64.06
N GLU G 157 21.63 -102.86 64.20
CA GLU G 157 21.79 -101.42 64.13
C GLU G 157 22.24 -100.86 65.48
N ASN G 158 22.54 -99.57 65.49
CA ASN G 158 23.13 -98.92 66.65
C ASN G 158 22.06 -98.19 67.46
N LEU G 159 22.49 -97.48 68.50
CA LEU G 159 21.58 -96.71 69.34
C LEU G 159 22.35 -95.55 69.94
N TYR G 160 21.74 -94.37 69.93
CA TYR G 160 22.40 -93.13 70.32
C TYR G 160 21.49 -92.32 71.21
N LEU G 161 22.08 -91.38 71.93
CA LEU G 161 21.37 -90.42 72.74
C LEU G 161 21.61 -89.03 72.18
N VAL G 162 20.54 -88.26 72.01
CA VAL G 162 20.67 -86.90 71.49
C VAL G 162 21.23 -86.00 72.59
N THR G 163 22.31 -85.30 72.27
CA THR G 163 23.08 -84.52 73.23
C THR G 163 22.80 -83.03 73.14
N GLU G 164 22.94 -82.45 71.95
CA GLU G 164 22.75 -81.02 71.77
C GLU G 164 21.77 -80.79 70.62
N THR G 165 20.99 -79.71 70.74
CA THR G 165 19.94 -79.41 69.78
C THR G 165 19.84 -77.91 69.52
N LEU G 166 19.66 -77.57 68.25
CA LEU G 166 19.33 -76.21 67.84
C LEU G 166 17.85 -76.17 67.50
N GLU G 167 17.09 -75.37 68.24
CA GLU G 167 15.65 -75.33 68.12
C GLU G 167 15.17 -73.90 67.95
N THR G 168 14.20 -73.69 67.09
CA THR G 168 13.67 -72.35 66.89
C THR G 168 12.96 -71.87 68.16
N VAL G 169 12.80 -70.56 68.28
CA VAL G 169 12.12 -69.97 69.42
C VAL G 169 11.04 -69.00 68.95
N LYS G 170 10.81 -68.95 67.64
CA LYS G 170 9.86 -68.00 67.08
C LYS G 170 9.15 -68.64 65.89
N GLU G 171 7.91 -68.20 65.66
CA GLU G 171 7.14 -68.71 64.53
C GLU G 171 7.74 -68.19 63.23
N GLU G 172 8.24 -69.09 62.40
CA GLU G 172 8.98 -68.71 61.20
C GLU G 172 8.12 -68.94 59.96
N THR G 173 8.53 -68.28 58.87
CA THR G 173 7.81 -68.34 57.60
C THR G 173 8.86 -68.30 56.49
N LEU G 174 9.18 -69.47 55.95
CA LEU G 174 10.26 -69.61 54.98
C LEU G 174 9.69 -69.71 53.57
N LYS G 175 10.42 -69.18 52.59
CA LYS G 175 9.92 -69.13 51.22
C LYS G 175 10.95 -69.70 50.25
N SER G 176 10.45 -70.39 49.23
CA SER G 176 11.28 -70.93 48.17
C SER G 176 10.56 -70.75 46.84
N ASP G 177 11.31 -70.89 45.76
CA ASP G 177 10.73 -70.79 44.42
C ASP G 177 11.65 -71.54 43.45
N ARG G 178 11.14 -72.62 42.86
CA ARG G 178 11.91 -73.47 41.98
C ARG G 178 11.39 -73.34 40.55
N GLN G 179 12.28 -73.56 39.58
CA GLN G 179 11.89 -73.56 38.18
C GLN G 179 12.72 -74.61 37.46
N TYR G 180 12.04 -75.54 36.80
CA TYR G 180 12.66 -76.60 36.00
C TYR G 180 12.15 -76.47 34.58
N LYS G 181 12.99 -76.00 33.66
CA LYS G 181 12.60 -75.84 32.26
C LYS G 181 13.55 -76.69 31.43
N PHE G 182 13.13 -77.90 31.05
CA PHE G 182 14.01 -78.77 30.28
C PHE G 182 13.26 -79.45 29.16
N TRP G 183 13.92 -79.53 28.00
CA TRP G 183 13.35 -80.14 26.81
C TRP G 183 14.41 -80.97 26.10
N SER G 184 13.97 -81.68 25.07
CA SER G 184 14.84 -82.60 24.34
C SER G 184 14.20 -82.89 23.00
N GLN G 185 14.93 -82.63 21.92
CA GLN G 185 14.51 -82.98 20.58
C GLN G 185 15.11 -84.32 20.18
N ILE G 186 14.27 -85.19 19.62
CA ILE G 186 14.70 -86.50 19.16
C ILE G 186 14.65 -86.51 17.64
N SER G 187 15.13 -87.61 17.05
CA SER G 187 15.14 -87.72 15.60
C SER G 187 13.73 -87.63 15.02
N GLN G 188 12.74 -88.09 15.78
CA GLN G 188 11.34 -88.05 15.32
C GLN G 188 10.62 -86.81 15.84
N GLY G 189 10.60 -86.63 17.16
CA GLY G 189 9.83 -85.56 17.76
C GLY G 189 10.59 -84.88 18.89
N HIS G 190 9.84 -84.18 19.73
CA HIS G 190 10.37 -83.38 20.82
C HIS G 190 9.67 -83.75 22.12
N LEU G 191 10.16 -83.19 23.22
CA LEU G 191 9.52 -83.37 24.52
C LEU G 191 10.03 -82.29 25.46
N SER G 192 9.13 -81.49 26.01
CA SER G 192 9.50 -80.37 26.86
C SER G 192 8.69 -80.39 28.14
N TYR G 193 9.24 -79.77 29.19
CA TYR G 193 8.55 -79.65 30.46
C TYR G 193 9.02 -78.38 31.18
N LYS G 194 8.07 -77.56 31.57
CA LYS G 194 8.34 -76.30 32.27
C LYS G 194 7.53 -76.27 33.56
N HIS G 195 8.22 -76.17 34.68
CA HIS G 195 7.59 -76.13 36.00
C HIS G 195 8.08 -74.89 36.72
N LYS G 196 7.16 -74.14 37.31
CA LYS G 196 7.48 -72.98 38.14
C LYS G 196 6.65 -73.05 39.39
N GLY G 197 7.30 -73.21 40.54
CA GLY G 197 6.58 -73.34 41.78
C GLY G 197 7.10 -72.49 42.91
N GLN G 198 6.23 -71.64 43.46
CA GLN G 198 6.55 -70.84 44.64
C GLN G 198 5.93 -71.53 45.85
N ARG G 199 6.74 -71.71 46.90
CA ARG G 199 6.33 -72.46 48.08
C ARG G 199 6.64 -71.64 49.32
N GLU G 200 5.84 -71.84 50.36
CA GLU G 200 5.99 -71.07 51.59
C GLU G 200 5.47 -71.92 52.74
N VAL G 201 6.22 -71.98 53.83
CA VAL G 201 5.87 -72.82 54.96
C VAL G 201 6.01 -72.02 56.26
N THR G 202 5.26 -72.44 57.27
CA THR G 202 5.27 -71.82 58.58
C THR G 202 5.66 -72.84 59.63
N ILE G 203 6.37 -72.39 60.65
CA ILE G 203 6.96 -73.26 61.65
C ILE G 203 6.69 -72.74 63.05
N PRO G 204 6.22 -73.58 63.97
CA PRO G 204 6.03 -73.15 65.35
C PRO G 204 7.34 -73.13 66.10
N PRO G 205 7.38 -72.58 67.31
CA PRO G 205 8.63 -72.58 68.08
C PRO G 205 9.04 -73.97 68.52
N ASN G 206 10.28 -74.06 69.00
CA ASN G 206 10.85 -75.25 69.62
C ASN G 206 11.02 -76.42 68.66
N ARG G 207 11.05 -76.16 67.36
CA ARG G 207 11.29 -77.21 66.38
C ARG G 207 12.80 -77.44 66.25
N VAL G 208 13.25 -78.64 66.59
CA VAL G 208 14.67 -78.96 66.58
C VAL G 208 15.17 -78.94 65.14
N LEU G 209 16.14 -78.08 64.87
CA LEU G 209 16.71 -77.95 63.53
C LEU G 209 17.94 -78.83 63.31
N SER G 210 18.66 -79.19 64.37
CA SER G 210 19.83 -80.03 64.21
C SER G 210 20.16 -80.67 65.55
N TYR G 211 20.93 -81.75 65.50
CA TYR G 211 21.27 -82.48 66.70
C TYR G 211 22.58 -83.23 66.49
N ARG G 212 23.19 -83.64 67.61
CA ARG G 212 24.36 -84.49 67.62
C ARG G 212 24.14 -85.58 68.66
N VAL G 213 24.85 -86.70 68.50
CA VAL G 213 24.53 -87.90 69.24
C VAL G 213 25.77 -88.48 69.92
N LYS G 214 25.54 -89.19 71.02
CA LYS G 214 26.56 -89.99 71.70
C LYS G 214 26.07 -91.43 71.80
N GLN G 215 26.92 -92.38 71.42
CA GLN G 215 26.44 -93.74 71.26
C GLN G 215 26.14 -94.36 72.63
N LEU G 216 25.33 -95.41 72.63
CA LEU G 216 25.06 -96.21 73.82
C LEU G 216 25.26 -97.68 73.47
N VAL G 217 26.36 -98.27 73.91
CA VAL G 217 26.63 -99.68 73.71
C VAL G 217 26.15 -100.45 74.94
N PHE G 218 25.61 -101.65 74.71
CA PHE G 218 24.99 -102.48 75.73
C PHE G 218 25.60 -103.88 75.70
N PRO G 219 26.69 -104.12 76.43
CA PRO G 219 27.19 -105.49 76.55
C PRO G 219 26.19 -106.45 77.17
N ASN G 220 25.27 -105.96 78.00
CA ASN G 220 24.19 -106.78 78.55
C ASN G 220 22.99 -105.87 78.76
N LYS G 221 22.01 -106.35 79.54
CA LYS G 221 20.75 -105.65 79.73
C LYS G 221 20.78 -104.67 80.89
N GLU G 222 21.92 -104.52 81.56
CA GLU G 222 22.06 -103.58 82.68
C GLU G 222 23.22 -102.62 82.48
N THR G 223 23.73 -102.52 81.26
CA THR G 223 24.92 -101.72 80.95
C THR G 223 24.55 -100.65 79.93
N MET G 224 24.26 -99.45 80.41
CA MET G 224 24.05 -98.30 79.53
C MET G 224 25.40 -97.62 79.26
N ASN G 225 26.27 -98.35 78.57
CA ASN G 225 27.65 -97.90 78.42
C ASN G 225 27.69 -96.76 77.40
N ILE G 226 27.90 -95.54 77.88
CA ILE G 226 27.84 -94.35 77.03
C ILE G 226 29.17 -94.19 76.31
N HIS G 227 29.14 -94.27 74.98
CA HIS G 227 30.33 -94.23 74.14
C HIS G 227 30.45 -92.85 73.53
N PHE G 228 31.58 -92.19 73.77
CA PHE G 228 31.83 -90.84 73.27
C PHE G 228 32.52 -90.86 71.92
N ARG G 229 33.70 -91.47 71.85
CA ARG G 229 34.51 -91.48 70.64
C ARG G 229 34.73 -92.93 70.21
N GLY G 230 34.67 -93.15 68.89
CA GLY G 230 34.96 -94.46 68.36
C GLY G 230 33.82 -95.11 67.62
N LYS G 231 34.06 -95.47 66.35
CA LYS G 231 33.07 -96.22 65.57
C LYS G 231 33.09 -97.67 66.02
N THR G 232 32.00 -98.12 66.62
CA THR G 232 31.93 -99.46 67.19
C THR G 232 30.51 -99.98 67.03
N LYS G 233 30.23 -101.11 67.68
CA LYS G 233 28.91 -101.73 67.67
C LYS G 233 28.19 -101.40 68.96
N SER G 234 26.95 -100.92 68.84
CA SER G 234 26.18 -100.49 69.99
C SER G 234 25.45 -101.63 70.70
N PHE G 235 25.56 -102.85 70.18
CA PHE G 235 24.94 -104.02 70.81
C PHE G 235 25.88 -105.21 70.67
N PRO G 236 26.88 -105.32 71.55
CA PRO G 236 27.79 -106.47 71.50
C PRO G 236 27.26 -107.70 72.20
N GLU G 237 26.11 -107.60 72.86
CA GLU G 237 25.53 -108.72 73.59
C GLU G 237 25.12 -109.85 72.65
CA MET H 5 -5.60 -86.25 37.18
C MET H 5 -5.89 -86.81 38.57
N PHE H 6 -5.86 -85.93 39.57
CA PHE H 6 -6.07 -86.33 40.95
C PHE H 6 -7.03 -85.37 41.62
N SER H 7 -7.65 -85.81 42.70
CA SER H 7 -8.53 -84.96 43.49
C SER H 7 -7.74 -83.79 44.06
N VAL H 8 -8.43 -82.68 44.34
CA VAL H 8 -7.77 -81.53 44.96
C VAL H 8 -7.24 -81.91 46.34
N PHE H 9 -8.06 -82.64 47.11
CA PHE H 9 -7.60 -83.13 48.40
C PHE H 9 -6.41 -84.05 48.26
N GLU H 10 -6.39 -84.87 47.19
CA GLU H 10 -5.22 -85.70 46.94
C GLU H 10 -3.97 -84.86 46.74
N GLU H 11 -4.08 -83.77 45.97
CA GLU H 11 -2.92 -82.91 45.74
C GLU H 11 -2.46 -82.24 47.02
N ILE H 12 -3.40 -81.73 47.83
CA ILE H 12 -2.98 -81.04 49.04
C ILE H 12 -2.36 -82.02 50.02
N THR H 13 -2.87 -83.26 50.08
CA THR H 13 -2.26 -84.25 50.96
C THR H 13 -0.87 -84.64 50.47
N ARG H 14 -0.69 -84.76 49.16
CA ARG H 14 0.63 -85.07 48.64
C ARG H 14 1.63 -83.95 48.98
N ILE H 15 1.20 -82.70 48.86
CA ILE H 15 2.07 -81.58 49.22
C ILE H 15 2.40 -81.63 50.71
N VAL H 16 1.40 -81.87 51.56
CA VAL H 16 1.64 -81.87 53.00
C VAL H 16 2.58 -83.00 53.38
N VAL H 17 2.45 -84.16 52.73
CA VAL H 17 3.36 -85.26 53.07
C VAL H 17 4.77 -84.95 52.57
N LYS H 18 4.90 -84.40 51.36
CA LYS H 18 6.22 -84.08 50.85
C LYS H 18 6.92 -83.01 51.70
N GLU H 19 6.15 -82.15 52.36
CA GLU H 19 6.77 -81.08 53.14
C GLU H 19 6.95 -81.47 54.61
N MET H 20 5.86 -81.77 55.31
CA MET H 20 5.93 -82.01 56.75
C MET H 20 6.69 -83.27 57.11
N ASP H 21 6.93 -84.18 56.16
CA ASP H 21 7.72 -85.36 56.49
C ASP H 21 8.58 -85.69 55.27
N ALA H 22 9.79 -85.16 55.25
CA ALA H 22 10.76 -85.53 54.24
C ALA H 22 11.19 -86.97 54.46
N GLY H 23 11.07 -87.79 53.43
CA GLY H 23 11.33 -89.21 53.60
C GLY H 23 10.37 -89.79 54.62
N GLY H 24 10.92 -90.41 55.66
CA GLY H 24 10.09 -90.92 56.73
C GLY H 24 9.16 -92.02 56.27
N ASP H 25 8.01 -92.11 56.92
CA ASP H 25 7.04 -93.17 56.62
C ASP H 25 5.61 -92.67 56.46
N MET H 26 5.33 -91.39 56.69
CA MET H 26 3.96 -90.90 56.61
C MET H 26 3.41 -91.05 55.20
N ILE H 27 2.18 -91.54 55.11
CA ILE H 27 1.46 -91.66 53.85
C ILE H 27 0.28 -90.71 53.86
N ALA H 28 -0.07 -90.22 52.68
CA ALA H 28 -1.09 -89.18 52.54
C ALA H 28 -2.47 -89.80 52.37
N VAL H 29 -3.44 -89.27 53.12
CA VAL H 29 -4.83 -89.67 52.93
C VAL H 29 -5.26 -89.32 51.52
N ARG H 30 -5.95 -90.24 50.86
CA ARG H 30 -6.34 -90.04 49.48
C ARG H 30 -7.71 -89.39 49.35
N SER H 31 -8.72 -89.93 50.02
CA SER H 31 -10.10 -89.48 49.89
C SER H 31 -10.56 -88.87 51.20
N LEU H 32 -11.24 -87.73 51.12
CA LEU H 32 -11.66 -87.06 52.34
C LEU H 32 -12.99 -87.56 52.87
N VAL H 33 -13.68 -88.44 52.13
CA VAL H 33 -14.87 -89.06 52.69
C VAL H 33 -14.50 -89.96 53.87
N ASP H 34 -13.42 -90.73 53.73
CA ASP H 34 -12.92 -91.59 54.79
C ASP H 34 -11.71 -91.00 55.50
N ALA H 35 -11.52 -89.67 55.40
CA ALA H 35 -10.48 -89.02 56.18
C ALA H 35 -10.77 -89.16 57.67
N ASP H 36 -12.03 -89.00 58.06
CA ASP H 36 -12.40 -89.12 59.46
C ASP H 36 -12.13 -90.53 59.99
N ARG H 37 -12.11 -91.53 59.11
CA ARG H 37 -11.84 -92.89 59.56
C ARG H 37 -10.37 -93.23 59.60
N PHE H 38 -9.48 -92.28 59.27
CA PHE H 38 -8.05 -92.44 59.42
C PHE H 38 -7.52 -91.75 60.67
N ARG H 39 -8.40 -91.30 61.54
CA ARG H 39 -8.01 -90.64 62.78
C ARG H 39 -7.23 -91.62 63.66
N CYS H 40 -6.62 -91.08 64.72
CA CYS H 40 -5.81 -91.89 65.61
C CYS H 40 -6.65 -92.97 66.28
N PHE H 41 -6.03 -94.12 66.51
CA PHE H 41 -6.57 -95.36 67.07
C PHE H 41 -7.42 -96.15 66.07
N HIS H 42 -7.71 -95.62 64.89
CA HIS H 42 -8.53 -96.33 63.93
C HIS H 42 -7.72 -97.42 63.24
N LEU H 43 -8.20 -98.66 63.31
CA LEU H 43 -7.50 -99.76 62.66
C LEU H 43 -7.58 -99.62 61.15
N VAL H 44 -6.53 -100.04 60.48
CA VAL H 44 -6.39 -99.91 59.04
C VAL H 44 -5.91 -101.25 58.50
N GLY H 45 -6.23 -101.54 57.24
CA GLY H 45 -5.78 -102.74 56.60
C GLY H 45 -5.04 -102.43 55.31
N GLU H 46 -4.30 -103.42 54.84
CA GLU H 46 -3.53 -103.30 53.61
C GLU H 46 -4.20 -104.08 52.49
N LYS H 47 -3.85 -103.72 51.26
CA LYS H 47 -4.33 -104.43 50.08
C LYS H 47 -3.29 -104.34 48.99
N ARG H 48 -3.03 -105.47 48.33
CA ARG H 48 -1.99 -105.56 47.32
C ARG H 48 -2.58 -105.44 45.93
N THR H 49 -1.88 -104.73 45.05
CA THR H 49 -2.31 -104.52 43.67
C THR H 49 -1.14 -104.75 42.74
N PHE H 50 -1.44 -104.90 41.45
CA PHE H 50 -0.39 -105.05 40.45
C PHE H 50 0.48 -103.81 40.37
N PHE H 51 -0.11 -102.63 40.62
CA PHE H 51 0.69 -101.41 40.69
C PHE H 51 1.51 -101.35 41.97
N GLY H 52 0.94 -101.81 43.09
CA GLY H 52 1.63 -101.76 44.37
C GLY H 52 0.74 -102.17 45.52
N CYS H 53 0.81 -101.42 46.62
CA CYS H 53 -0.02 -101.68 47.80
C CYS H 53 -0.65 -100.39 48.28
N ARG H 54 -1.83 -100.51 48.87
CA ARG H 54 -2.57 -99.36 49.39
C ARG H 54 -3.22 -99.74 50.71
N HIS H 55 -3.80 -98.73 51.36
CA HIS H 55 -4.44 -98.90 52.66
C HIS H 55 -5.93 -98.61 52.56
N TYR H 56 -6.70 -99.28 53.40
CA TYR H 56 -8.12 -99.02 53.56
C TYR H 56 -8.43 -98.90 55.05
N THR H 57 -9.56 -98.30 55.37
CA THR H 57 -9.97 -98.13 56.76
C THR H 57 -11.11 -99.08 57.06
N THR H 58 -10.90 -99.96 58.05
CA THR H 58 -11.99 -100.81 58.50
C THR H 58 -13.06 -100.04 59.24
N GLY H 59 -12.73 -98.85 59.76
CA GLY H 59 -13.63 -98.13 60.62
C GLY H 59 -13.62 -98.55 62.06
N LEU H 60 -12.69 -99.42 62.46
CA LEU H 60 -12.60 -99.93 63.81
C LEU H 60 -11.55 -99.13 64.58
N THR H 61 -11.97 -98.54 65.69
CA THR H 61 -10.99 -98.00 66.63
C THR H 61 -10.41 -99.14 67.46
N LEU H 62 -9.34 -98.82 68.20
CA LEU H 62 -8.69 -99.86 69.00
C LEU H 62 -9.60 -100.39 70.09
N MET H 63 -10.48 -99.54 70.63
CA MET H 63 -11.38 -99.96 71.70
C MET H 63 -12.28 -101.11 71.28
N ASP H 64 -12.50 -101.30 69.97
CA ASP H 64 -13.30 -102.42 69.50
C ASP H 64 -12.62 -103.75 69.79
N ILE H 65 -11.31 -103.82 69.62
CA ILE H 65 -10.56 -105.07 69.79
C ILE H 65 -9.62 -104.99 70.98
N LEU H 66 -9.90 -104.14 71.96
CA LEU H 66 -9.09 -104.03 73.16
C LEU H 66 -9.91 -104.46 74.36
N ASP H 67 -9.40 -105.42 75.14
CA ASP H 67 -10.15 -105.98 76.25
C ASP H 67 -10.55 -104.91 77.25
N THR H 68 -9.61 -104.04 77.60
CA THR H 68 -9.85 -102.95 78.56
C THR H 68 -10.37 -103.49 79.89
N LYS H 85 -1.41 -78.21 69.90
CA LYS H 85 -0.23 -79.06 69.78
C LYS H 85 0.80 -78.39 68.86
N ALA H 86 1.00 -78.96 67.69
CA ALA H 86 1.94 -78.43 66.70
C ALA H 86 1.15 -78.02 65.47
N GLU H 87 1.25 -76.75 65.09
CA GLU H 87 0.42 -76.16 64.04
C GLU H 87 1.32 -75.62 62.94
N PHE H 88 1.11 -76.11 61.72
CA PHE H 88 1.93 -75.75 60.57
C PHE H 88 1.04 -75.12 59.50
N GLN H 89 1.39 -73.92 59.06
CA GLN H 89 0.62 -73.19 58.06
C GLN H 89 1.36 -73.25 56.74
N ILE H 90 0.91 -74.11 55.84
CA ILE H 90 1.50 -74.24 54.52
C ILE H 90 0.73 -73.35 53.56
N LEU H 91 1.43 -72.81 52.56
CA LEU H 91 0.81 -71.97 51.54
C LEU H 91 1.70 -72.00 50.31
N ASP H 92 1.13 -72.32 49.15
CA ASP H 92 1.95 -72.39 47.96
C ASP H 92 1.09 -72.22 46.71
N ASN H 93 1.78 -71.89 45.62
CA ASN H 93 1.20 -71.85 44.29
C ASN H 93 2.16 -72.54 43.34
N VAL H 94 1.61 -73.32 42.41
CA VAL H 94 2.38 -74.14 41.50
C VAL H 94 1.93 -73.86 40.07
N ASP H 95 2.88 -73.70 39.17
CA ASP H 95 2.60 -73.50 37.75
C ASP H 95 3.50 -74.43 36.95
N SER H 96 2.90 -75.47 36.35
CA SER H 96 3.65 -76.45 35.59
C SER H 96 3.11 -76.53 34.17
N THR H 97 3.99 -76.91 33.24
CA THR H 97 3.62 -77.03 31.84
C THR H 97 4.55 -78.03 31.17
N GLY H 98 3.98 -78.93 30.38
CA GLY H 98 4.77 -79.89 29.63
C GLY H 98 4.25 -80.11 28.23
N GLU H 99 5.13 -79.91 27.24
CA GLU H 99 4.71 -80.04 25.83
C GLU H 99 5.60 -81.07 25.13
N LEU H 100 5.00 -82.03 24.44
CA LEU H 100 5.72 -83.07 23.73
C LEU H 100 5.22 -83.15 22.29
N ILE H 101 6.11 -83.55 21.40
CA ILE H 101 5.80 -83.73 19.98
C ILE H 101 6.42 -85.05 19.52
N VAL H 102 5.66 -85.83 18.77
CA VAL H 102 6.11 -87.12 18.25
C VAL H 102 5.78 -87.18 16.76
N ARG H 103 6.72 -87.71 15.98
CA ARG H 103 6.50 -87.93 14.55
C ARG H 103 6.79 -89.38 14.20
N LEU H 104 6.06 -89.88 13.21
CA LEU H 104 6.21 -91.29 12.77
C LEU H 104 6.24 -91.32 11.25
N PRO H 105 6.97 -92.26 10.62
CA PRO H 105 7.01 -92.39 9.16
C PRO H 105 5.66 -92.76 8.54
N LYS H 106 4.67 -93.10 9.35
CA LYS H 106 3.33 -93.40 8.87
C LYS H 106 2.45 -92.16 8.78
N GLU H 107 3.07 -90.98 8.62
CA GLU H 107 2.38 -89.70 8.56
C GLU H 107 1.55 -89.46 9.82
N ILE H 108 2.12 -89.76 10.98
CA ILE H 108 1.46 -89.55 12.26
C ILE H 108 2.27 -88.55 13.08
N THR H 109 1.78 -87.32 13.15
CA THR H 109 2.45 -86.25 13.90
C THR H 109 1.53 -85.83 15.04
N ILE H 110 1.90 -86.19 16.26
CA ILE H 110 1.11 -85.86 17.44
C ILE H 110 1.84 -84.80 18.24
N SER H 111 1.07 -84.01 19.00
CA SER H 111 1.64 -82.99 19.86
C SER H 111 0.67 -82.71 21.00
N GLY H 112 1.18 -82.75 22.23
CA GLY H 112 0.35 -82.57 23.40
C GLY H 112 0.95 -81.67 24.45
N SER H 113 0.15 -80.75 25.00
CA SER H 113 0.56 -79.86 26.06
C SER H 113 -0.34 -80.08 27.27
N PHE H 114 0.26 -80.11 28.45
CA PHE H 114 -0.46 -80.35 29.70
C PHE H 114 0.04 -79.35 30.72
N GLN H 115 -0.84 -78.44 31.15
CA GLN H 115 -0.45 -77.39 32.08
C GLN H 115 -1.36 -77.42 33.31
N GLY H 116 -0.81 -76.92 34.41
CA GLY H 116 -1.53 -76.88 35.67
C GLY H 116 -1.17 -75.69 36.52
N PHE H 117 -2.17 -75.15 37.21
CA PHE H 117 -2.02 -73.99 38.08
C PHE H 117 -2.76 -74.30 39.38
N HIS H 118 -2.01 -74.46 40.46
CA HIS H 118 -2.56 -74.84 41.75
C HIS H 118 -2.32 -73.74 42.76
N HIS H 119 -3.31 -73.50 43.64
CA HIS H 119 -3.15 -72.56 44.73
C HIS H 119 -3.77 -73.15 45.98
N GLN H 120 -2.95 -73.28 47.03
CA GLN H 120 -3.41 -73.88 48.28
C GLN H 120 -2.89 -73.07 49.45
N LYS H 121 -3.73 -72.93 50.48
CA LYS H 121 -3.34 -72.36 51.76
C LYS H 121 -4.07 -73.14 52.83
N ILE H 122 -3.31 -73.79 53.71
CA ILE H 122 -3.89 -74.71 54.68
C ILE H 122 -3.15 -74.57 55.99
N LYS H 123 -3.85 -74.86 57.09
CA LYS H 123 -3.28 -74.79 58.44
C LYS H 123 -3.57 -76.12 59.12
N ILE H 124 -2.56 -76.97 59.23
CA ILE H 124 -2.73 -78.30 59.77
C ILE H 124 -2.19 -78.34 61.19
N SER H 125 -2.58 -79.37 61.93
CA SER H 125 -2.10 -79.61 63.28
C SER H 125 -1.77 -81.08 63.41
N GLU H 126 -0.86 -81.39 64.33
CA GLU H 126 -0.38 -82.75 64.52
C GLU H 126 -0.93 -83.34 65.80
N ASN H 127 -1.35 -84.60 65.73
CA ASN H 127 -1.71 -85.37 66.92
C ASN H 127 -1.06 -86.74 66.81
N ARG H 128 -0.80 -87.35 67.97
CA ARG H 128 -0.09 -88.62 67.98
C ARG H 128 -0.32 -89.29 69.31
N ILE H 129 -0.36 -90.62 69.28
CA ILE H 129 -0.51 -91.40 70.49
C ILE H 129 0.85 -91.51 71.17
N SER H 130 0.88 -91.20 72.47
CA SER H 130 2.14 -91.19 73.20
C SER H 130 2.75 -92.58 73.27
N GLN H 131 4.08 -92.63 73.25
CA GLN H 131 4.79 -93.90 73.33
C GLN H 131 4.52 -94.62 74.64
N GLN H 132 4.04 -93.92 75.66
CA GLN H 132 3.59 -94.60 76.87
C GLN H 132 2.43 -95.54 76.57
N TYR H 133 1.48 -95.09 75.74
CA TYR H 133 0.36 -95.95 75.38
C TYR H 133 0.84 -97.17 74.62
N LEU H 134 1.67 -96.97 73.59
CA LEU H 134 2.21 -98.10 72.85
C LEU H 134 3.00 -99.03 73.76
N ALA H 135 3.62 -98.49 74.80
CA ALA H 135 4.24 -99.35 75.81
C ALA H 135 3.19 -100.17 76.56
N THR H 136 2.05 -99.55 76.86
CA THR H 136 0.98 -100.28 77.54
C THR H 136 0.24 -101.25 76.63
N LEU H 137 0.08 -100.91 75.36
CA LEU H 137 -0.67 -101.74 74.41
C LEU H 137 0.22 -102.82 73.81
N GLU H 138 0.90 -103.60 74.64
CA GLU H 138 1.78 -104.67 74.17
C GLU H 138 1.19 -106.02 74.52
N ASN H 139 0.99 -106.85 73.49
CA ASN H 139 0.51 -108.22 73.64
C ASN H 139 -0.76 -108.27 74.50
N ARG H 140 -1.67 -107.35 74.21
CA ARG H 140 -2.95 -107.31 74.92
C ARG H 140 -3.88 -108.40 74.42
N LYS H 141 -4.77 -108.86 75.29
CA LYS H 141 -5.85 -109.72 74.88
C LYS H 141 -6.96 -108.88 74.26
N LEU H 142 -7.58 -109.40 73.22
CA LEU H 142 -8.64 -108.68 72.53
C LEU H 142 -9.93 -108.82 73.33
N LYS H 143 -11.04 -108.36 72.75
CA LYS H 143 -12.35 -108.55 73.34
C LYS H 143 -12.91 -109.90 72.92
N ARG H 144 -13.55 -110.59 73.87
CA ARG H 144 -14.22 -111.84 73.54
C ARG H 144 -15.37 -111.63 72.56
N GLU H 145 -15.87 -110.40 72.46
CA GLU H 145 -16.94 -110.06 71.51
C GLU H 145 -16.31 -109.76 70.14
N LEU H 146 -15.83 -110.82 69.50
CA LEU H 146 -15.23 -110.72 68.17
C LEU H 146 -16.26 -110.21 67.18
N PRO H 147 -16.11 -108.98 66.68
CA PRO H 147 -17.06 -108.50 65.68
C PRO H 147 -16.81 -109.17 64.34
N PHE H 148 -17.91 -109.45 63.62
CA PHE H 148 -17.76 -109.99 62.27
C PHE H 148 -17.01 -109.03 61.37
N SER H 149 -17.01 -107.74 61.70
CA SER H 149 -16.21 -106.78 60.96
C SER H 149 -14.74 -107.16 61.00
N PHE H 150 -14.24 -107.57 62.17
CA PHE H 150 -12.86 -108.00 62.30
C PHE H 150 -12.72 -109.51 62.13
N ARG H 151 -13.67 -110.29 62.64
CA ARG H 151 -13.55 -111.75 62.60
C ARG H 151 -13.40 -112.26 61.17
N SER H 152 -14.00 -111.57 60.20
CA SER H 152 -13.96 -112.00 58.81
C SER H 152 -12.81 -111.38 58.03
N ILE H 153 -11.93 -110.64 58.69
CA ILE H 153 -10.81 -110.03 57.97
C ILE H 153 -9.91 -111.13 57.42
N ASN H 154 -9.57 -111.01 56.14
CA ASN H 154 -8.74 -112.01 55.49
C ASN H 154 -7.34 -111.99 56.10
N THR H 155 -6.89 -113.13 56.58
CA THR H 155 -5.59 -113.22 57.23
C THR H 155 -4.42 -113.07 56.25
N ARG H 156 -4.68 -113.18 54.94
CA ARG H 156 -3.61 -112.99 53.97
C ARG H 156 -3.06 -111.57 54.01
N GLU H 157 -3.92 -110.58 54.15
CA GLU H 157 -3.51 -109.19 54.25
C GLU H 157 -3.12 -108.85 55.69
N ASN H 158 -2.61 -107.65 55.88
CA ASN H 158 -2.04 -107.22 57.15
C ASN H 158 -3.06 -106.39 57.93
N LEU H 159 -2.63 -105.86 59.07
CA LEU H 159 -3.50 -105.03 59.91
C LEU H 159 -2.60 -104.09 60.70
N TYR H 160 -2.99 -102.81 60.77
CA TYR H 160 -2.17 -101.76 61.36
C TYR H 160 -3.03 -100.88 62.24
N LEU H 161 -2.36 -100.15 63.12
CA LEU H 161 -2.99 -99.14 63.96
C LEU H 161 -2.44 -97.78 63.58
N VAL H 162 -3.34 -96.82 63.39
CA VAL H 162 -2.93 -95.46 63.04
C VAL H 162 -2.35 -94.78 64.28
N THR H 163 -1.13 -94.27 64.14
CA THR H 163 -0.35 -93.74 65.26
C THR H 163 -0.36 -92.21 65.30
N GLU H 164 0.02 -91.56 64.21
CA GLU H 164 0.10 -90.10 64.17
C GLU H 164 -0.68 -89.59 62.97
N THR H 165 -1.28 -88.41 63.13
CA THR H 165 -2.15 -87.83 62.11
C THR H 165 -1.96 -86.33 62.02
N LEU H 166 -1.93 -85.84 60.78
CA LEU H 166 -1.97 -84.42 60.50
C LEU H 166 -3.37 -84.07 60.02
N GLU H 167 -4.05 -83.21 60.77
CA GLU H 167 -5.45 -82.90 60.52
C GLU H 167 -5.64 -81.39 60.47
N THR H 168 -6.47 -80.93 59.54
CA THR H 168 -6.72 -79.50 59.45
C THR H 168 -7.49 -79.02 60.68
N VAL H 169 -7.43 -77.71 60.93
CA VAL H 169 -8.12 -77.13 62.06
C VAL H 169 -8.95 -75.93 61.61
N LYS H 170 -9.03 -75.72 60.29
CA LYS H 170 -9.73 -74.57 59.76
C LYS H 170 -10.39 -74.95 58.44
N GLU H 171 -11.50 -74.28 58.14
CA GLU H 171 -12.22 -74.52 56.89
C GLU H 171 -11.39 -74.00 55.72
N GLU H 172 -10.96 -74.90 54.85
CA GLU H 172 -10.05 -74.56 53.77
C GLU H 172 -10.77 -74.50 52.44
N THR H 173 -10.14 -73.82 51.47
CA THR H 173 -10.71 -73.64 50.14
C THR H 173 -9.56 -73.70 49.15
N LEU H 174 -9.38 -74.85 48.52
CA LEU H 174 -8.25 -75.10 47.64
C LEU H 174 -8.66 -74.96 46.18
N LYS H 175 -7.73 -74.47 45.34
CA LYS H 175 -8.05 -74.21 43.95
C LYS H 175 -7.05 -74.88 43.02
N SER H 176 -7.53 -75.36 41.89
CA SER H 176 -6.69 -75.94 40.85
C SER H 176 -7.22 -75.52 39.49
N ASP H 177 -6.38 -75.68 38.48
CA ASP H 177 -6.78 -75.36 37.11
C ASP H 177 -5.91 -76.18 36.16
N ARG H 178 -6.52 -77.08 35.41
CA ARG H 178 -5.82 -77.97 34.50
C ARG H 178 -6.15 -77.62 33.06
N GLN H 179 -5.20 -77.91 32.16
CA GLN H 179 -5.41 -77.71 30.74
C GLN H 179 -4.71 -78.82 29.98
N TYR H 180 -5.46 -79.54 29.16
CA TYR H 180 -4.94 -80.62 28.32
C TYR H 180 -5.26 -80.27 26.88
N LYS H 181 -4.26 -79.89 26.10
CA LYS H 181 -4.45 -79.52 24.70
C LYS H 181 -3.57 -80.46 23.87
N PHE H 182 -4.15 -81.53 23.32
CA PHE H 182 -3.35 -82.47 22.55
C PHE H 182 -4.07 -82.89 21.29
N TRP H 183 -3.32 -82.98 20.19
CA TRP H 183 -3.84 -83.37 18.90
C TRP H 183 -2.86 -84.30 18.21
N SER H 184 -3.30 -84.83 17.07
CA SER H 184 -2.53 -85.82 16.33
C SER H 184 -3.06 -85.86 14.90
N GLN H 185 -2.17 -85.64 13.93
CA GLN H 185 -2.49 -85.78 12.53
C GLN H 185 -2.10 -87.17 12.05
N ILE H 186 -3.00 -87.81 11.31
CA ILE H 186 -2.75 -89.14 10.75
C ILE H 186 -2.63 -88.99 9.24
N SER H 187 -2.27 -90.10 8.58
CA SER H 187 -2.13 -90.08 7.13
C SER H 187 -3.43 -89.68 6.44
N GLN H 188 -4.57 -90.02 7.05
CA GLN H 188 -5.87 -89.68 6.47
C GLN H 188 -6.42 -88.38 7.05
N GLY H 189 -6.56 -88.33 8.37
CA GLY H 189 -7.19 -87.19 9.01
C GLY H 189 -6.46 -86.76 10.27
N HIS H 190 -7.17 -86.02 11.11
CA HIS H 190 -6.63 -85.43 12.33
C HIS H 190 -7.53 -85.78 13.50
N LEU H 191 -7.09 -85.43 14.71
CA LEU H 191 -7.89 -85.61 15.91
C LEU H 191 -7.30 -84.74 17.01
N SER H 192 -8.12 -83.83 17.55
CA SER H 192 -7.65 -82.88 18.56
C SER H 192 -8.59 -82.87 19.75
N TYR H 193 -8.07 -82.47 20.90
CA TYR H 193 -8.86 -82.35 22.11
C TYR H 193 -8.27 -81.26 23.00
N LYS H 194 -9.10 -80.30 23.39
CA LYS H 194 -8.70 -79.19 24.25
C LYS H 194 -9.64 -79.13 25.45
N HIS H 195 -9.07 -79.27 26.64
CA HIS H 195 -9.82 -79.23 27.89
C HIS H 195 -9.20 -78.17 28.79
N LYS H 196 -10.05 -77.32 29.37
CA LYS H 196 -9.63 -76.33 30.34
C LYS H 196 -10.60 -76.36 31.50
N GLY H 197 -10.11 -76.73 32.68
CA GLY H 197 -10.99 -76.86 33.83
C GLY H 197 -10.46 -76.21 35.08
N GLN H 198 -11.22 -75.27 35.64
CA GLN H 198 -10.91 -74.66 36.92
C GLN H 198 -11.76 -75.33 37.99
N ARG H 199 -11.13 -75.76 39.08
CA ARG H 199 -11.78 -76.52 40.12
C ARG H 199 -11.49 -75.90 41.48
N GLU H 200 -12.42 -76.03 42.40
CA GLU H 200 -12.28 -75.43 43.72
C GLU H 200 -13.07 -76.27 44.72
N VAL H 201 -12.46 -76.55 45.86
CA VAL H 201 -13.09 -77.42 46.85
C VAL H 201 -12.96 -76.79 48.23
N THR H 202 -13.88 -77.16 49.12
CA THR H 202 -13.91 -76.67 50.48
C THR H 202 -13.83 -77.84 51.45
N ILE H 203 -13.17 -77.62 52.57
CA ILE H 203 -12.85 -78.68 53.53
C ILE H 203 -13.19 -78.25 54.94
N PRO H 204 -13.90 -79.07 55.71
CA PRO H 204 -14.17 -78.74 57.11
C PRO H 204 -12.96 -79.03 57.98
N PRO H 205 -12.97 -78.61 59.24
CA PRO H 205 -11.83 -78.90 60.12
C PRO H 205 -11.72 -80.39 60.44
N ASN H 206 -10.58 -80.75 61.02
CA ASN H 206 -10.30 -82.08 61.56
C ASN H 206 -10.23 -83.16 60.49
N ARG H 207 -10.00 -82.79 59.24
CA ARG H 207 -9.84 -83.78 58.18
C ARG H 207 -8.40 -84.27 58.15
N VAL H 208 -8.20 -85.55 58.41
CA VAL H 208 -6.86 -86.13 58.50
C VAL H 208 -6.20 -86.07 57.13
N LEU H 209 -5.06 -85.37 57.04
CA LEU H 209 -4.35 -85.24 55.79
C LEU H 209 -3.27 -86.29 55.59
N SER H 210 -2.74 -86.87 56.66
CA SER H 210 -1.73 -87.91 56.53
C SER H 210 -1.67 -88.72 57.81
N TYR H 211 -1.09 -89.91 57.71
CA TYR H 211 -1.02 -90.80 58.85
C TYR H 211 0.15 -91.75 58.68
N ARG H 212 0.54 -92.37 59.81
CA ARG H 212 1.55 -93.42 59.83
C ARG H 212 1.03 -94.54 60.72
N VAL H 213 1.55 -95.75 60.51
CA VAL H 213 0.93 -96.95 61.08
C VAL H 213 1.97 -97.79 61.80
N LYS H 214 1.50 -98.55 62.79
CA LYS H 214 2.28 -99.58 63.47
C LYS H 214 1.55 -100.91 63.36
N GLN H 215 2.25 -101.96 62.96
CA GLN H 215 1.56 -103.19 62.60
C GLN H 215 1.01 -103.87 63.86
N LEU H 216 0.03 -104.75 63.66
CA LEU H 216 -0.50 -105.59 64.72
C LEU H 216 -0.52 -107.03 64.24
N VAL H 217 0.41 -107.85 64.72
CA VAL H 217 0.44 -109.26 64.39
C VAL H 217 -0.29 -110.04 65.47
N PHE H 218 -1.01 -111.09 65.06
CA PHE H 218 -1.87 -111.89 65.92
C PHE H 218 -1.52 -113.36 65.78
N PRO H 219 -0.58 -113.87 66.59
CA PRO H 219 -0.34 -115.32 66.60
C PRO H 219 -1.55 -116.13 67.02
N ASN H 220 -2.46 -115.56 67.80
CA ASN H 220 -3.72 -116.20 68.15
C ASN H 220 -4.77 -115.12 68.35
N LYS H 221 -5.90 -115.48 68.96
CA LYS H 221 -7.03 -114.58 69.12
C LYS H 221 -6.96 -113.73 70.38
N GLU H 222 -5.89 -113.86 71.17
CA GLU H 222 -5.73 -113.07 72.39
C GLU H 222 -4.40 -112.32 72.41
N THR H 223 -3.75 -112.20 71.25
CA THR H 223 -2.41 -111.61 71.16
C THR H 223 -2.47 -110.41 70.23
N MET H 224 -2.60 -109.22 70.81
CA MET H 224 -2.50 -107.97 70.05
C MET H 224 -1.04 -107.53 69.98
N ASN H 225 -0.23 -108.34 69.30
CA ASN H 225 1.22 -108.14 69.34
C ASN H 225 1.57 -106.93 68.46
N ILE H 226 1.94 -105.83 69.09
CA ILE H 226 2.17 -104.58 68.37
C ILE H 226 3.59 -104.60 67.81
N HIS H 227 3.70 -104.55 66.49
CA HIS H 227 4.96 -104.66 65.77
C HIS H 227 5.38 -103.27 65.33
N PHE H 228 6.58 -102.85 65.75
CA PHE H 228 7.11 -101.53 65.43
C PHE H 228 7.94 -101.55 64.15
N ARG H 229 8.99 -102.36 64.13
CA ARG H 229 9.92 -102.42 63.02
C ARG H 229 9.93 -103.82 62.44
N GLY H 230 9.98 -103.90 61.11
CA GLY H 230 10.11 -105.20 60.46
C GLY H 230 8.96 -105.55 59.55
N LYS H 231 9.27 -105.83 58.28
CA LYS H 231 8.28 -106.31 57.33
C LYS H 231 7.99 -107.78 57.62
N THR H 232 6.77 -108.07 58.06
CA THR H 232 6.40 -109.41 58.46
C THR H 232 4.94 -109.66 58.11
N LYS H 233 4.40 -110.77 58.60
CA LYS H 233 3.01 -111.13 58.40
C LYS H 233 2.21 -110.80 59.64
N SER H 234 1.09 -110.09 59.46
CA SER H 234 0.28 -109.63 60.57
C SER H 234 -0.71 -110.67 61.07
N PHE H 235 -0.75 -111.85 60.44
CA PHE H 235 -1.63 -112.93 60.87
C PHE H 235 -0.90 -114.26 60.69
N PRO H 236 -0.05 -114.62 61.64
CA PRO H 236 0.66 -115.92 61.56
C PRO H 236 -0.17 -117.09 62.06
N GLU H 237 -1.35 -116.84 62.61
CA GLU H 237 -2.19 -117.90 63.15
C GLU H 237 -2.68 -118.84 62.06
CA MET I 5 -24.65 -86.79 26.64
C MET I 5 -25.19 -87.41 27.92
N PHE I 6 -25.13 -86.65 29.01
CA PHE I 6 -25.56 -87.14 30.31
C PHE I 6 -26.41 -86.06 30.99
N SER I 7 -27.21 -86.50 31.96
CA SER I 7 -28.01 -85.57 32.74
C SER I 7 -27.11 -84.62 33.51
N VAL I 8 -27.62 -83.44 33.85
CA VAL I 8 -26.85 -82.49 34.65
C VAL I 8 -26.55 -83.08 36.01
N PHE I 9 -27.56 -83.72 36.62
CA PHE I 9 -27.35 -84.40 37.90
C PHE I 9 -26.32 -85.51 37.76
N GLU I 10 -26.32 -86.21 36.62
CA GLU I 10 -25.30 -87.22 36.39
C GLU I 10 -23.91 -86.61 36.41
N GLU I 11 -23.74 -85.45 35.75
CA GLU I 11 -22.43 -84.81 35.73
C GLU I 11 -22.01 -84.35 37.11
N ILE I 12 -22.93 -83.76 37.88
CA ILE I 12 -22.54 -83.27 39.20
C ILE I 12 -22.21 -84.44 40.12
N THR I 13 -22.93 -85.55 39.99
CA THR I 13 -22.60 -86.72 40.81
C THR I 13 -21.26 -87.32 40.42
N ARG I 14 -20.96 -87.35 39.12
CA ARG I 14 -19.65 -87.84 38.70
C ARG I 14 -18.53 -86.96 39.25
N ILE I 15 -18.72 -85.65 39.23
CA ILE I 15 -17.71 -84.75 39.79
C ILE I 15 -17.57 -84.98 41.29
N VAL I 16 -18.68 -85.11 42.01
CA VAL I 16 -18.61 -85.29 43.46
C VAL I 16 -17.94 -86.61 43.80
N VAL I 17 -18.18 -87.66 43.02
CA VAL I 17 -17.52 -88.93 43.31
C VAL I 17 -16.03 -88.85 42.99
N LYS I 18 -15.68 -88.23 41.87
CA LYS I 18 -14.26 -88.11 41.53
C LYS I 18 -13.51 -87.26 42.55
N GLU I 19 -14.18 -86.34 43.23
CA GLU I 19 -13.48 -85.49 44.17
C GLU I 19 -13.53 -86.04 45.60
N MET I 20 -14.72 -86.18 46.15
CA MET I 20 -14.87 -86.56 47.56
C MET I 20 -14.37 -87.98 47.85
N ASP I 21 -14.19 -88.82 46.83
CA ASP I 21 -13.67 -90.16 47.10
C ASP I 21 -12.74 -90.54 45.94
N ALA I 22 -11.46 -90.22 46.10
CA ALA I 22 -10.47 -90.67 45.15
C ALA I 22 -10.32 -92.18 45.25
N GLY I 23 -10.46 -92.87 44.12
CA GLY I 23 -10.47 -94.31 44.16
C GLY I 23 -11.63 -94.80 45.01
N GLY I 24 -11.31 -95.61 46.02
CA GLY I 24 -12.34 -96.05 46.95
C GLY I 24 -13.38 -96.92 46.28
N ASP I 25 -14.61 -96.85 46.79
CA ASP I 25 -15.69 -97.67 46.30
C ASP I 25 -16.99 -96.91 46.06
N MET I 26 -17.07 -95.63 46.40
CA MET I 26 -18.32 -94.90 46.25
C MET I 26 -18.72 -94.81 44.78
N ILE I 27 -20.00 -95.06 44.52
CA ILE I 27 -20.58 -94.92 43.20
C ILE I 27 -21.57 -93.78 43.20
N ALA I 28 -21.70 -93.13 42.05
CA ALA I 28 -22.49 -91.91 41.94
C ALA I 28 -23.93 -92.25 41.57
N VAL I 29 -24.88 -91.62 42.28
CA VAL I 29 -26.27 -91.73 41.91
C VAL I 29 -26.49 -91.17 40.51
N ARG I 30 -27.25 -91.89 39.69
CA ARG I 30 -27.44 -91.50 38.31
C ARG I 30 -28.65 -90.59 38.12
N SER I 31 -29.81 -91.01 38.63
CA SER I 31 -31.06 -90.29 38.42
C SER I 31 -31.55 -89.73 39.75
N LEU I 32 -32.01 -88.49 39.73
CA LEU I 32 -32.45 -87.86 40.97
C LEU I 32 -33.90 -88.16 41.31
N VAL I 33 -34.64 -88.83 40.42
CA VAL I 33 -35.98 -89.27 40.78
C VAL I 33 -35.90 -90.32 41.88
N ASP I 34 -34.96 -91.25 41.77
CA ASP I 34 -34.74 -92.29 42.77
C ASP I 34 -33.53 -92.00 43.65
N ALA I 35 -33.11 -90.74 43.72
CA ALA I 35 -32.07 -90.36 44.66
C ALA I 35 -32.54 -90.57 46.09
N ASP I 36 -33.80 -90.22 46.37
CA ASP I 36 -34.33 -90.41 47.72
C ASP I 36 -34.37 -91.88 48.10
N ARG I 37 -34.43 -92.77 47.12
CA ARG I 37 -34.46 -94.20 47.44
C ARG I 37 -33.07 -94.80 47.58
N PHE I 38 -32.01 -94.02 47.45
CA PHE I 38 -30.65 -94.46 47.72
C PHE I 38 -30.16 -93.98 49.08
N ARG I 39 -31.05 -93.46 49.91
CA ARG I 39 -30.68 -93.01 51.25
C ARG I 39 -30.18 -94.19 52.08
N CYS I 40 -29.61 -93.87 53.24
CA CYS I 40 -29.06 -94.89 54.12
C CYS I 40 -30.16 -95.86 54.57
N PHE I 41 -29.77 -97.12 54.73
CA PHE I 41 -30.57 -98.29 55.10
C PHE I 41 -31.43 -98.80 53.94
N HIS I 42 -31.49 -98.12 52.80
CA HIS I 42 -32.32 -98.59 51.70
C HIS I 42 -31.62 -99.74 50.98
N LEU I 43 -32.32 -100.87 50.86
CA LEU I 43 -31.76 -102.02 50.16
C LEU I 43 -31.63 -101.71 48.67
N VAL I 44 -30.60 -102.26 48.06
CA VAL I 44 -30.28 -102.03 46.66
C VAL I 44 -29.98 -103.38 46.02
N GLY I 45 -30.20 -103.48 44.71
CA GLY I 45 -29.89 -104.69 44.00
C GLY I 45 -28.98 -104.40 42.82
N GLU I 46 -28.36 -105.46 42.32
CA GLU I 46 -27.46 -105.38 41.19
C GLU I 46 -28.11 -105.91 39.93
N LYS I 47 -27.57 -105.50 38.79
CA LYS I 47 -28.03 -106.01 37.50
C LYS I 47 -26.87 -106.01 36.53
N ARG I 48 -26.74 -107.10 35.78
CA ARG I 48 -25.62 -107.29 34.86
C ARG I 48 -26.03 -106.93 33.44
N THR I 49 -25.11 -106.28 32.72
CA THR I 49 -25.35 -105.88 31.34
C THR I 49 -24.13 -106.23 30.50
N PHE I 50 -24.32 -106.20 29.17
CA PHE I 50 -23.20 -106.45 28.28
C PHE I 50 -22.11 -105.38 28.41
N PHE I 51 -22.51 -104.15 28.75
CA PHE I 51 -21.53 -103.11 29.02
C PHE I 51 -20.86 -103.31 30.37
N GLY I 52 -21.63 -103.76 31.37
CA GLY I 52 -21.09 -103.96 32.71
C GLY I 52 -22.16 -104.31 33.72
N CYS I 53 -22.09 -103.69 34.90
CA CYS I 53 -23.08 -103.90 35.96
C CYS I 53 -23.52 -102.57 36.51
N ARG I 54 -24.77 -102.51 36.97
CA ARG I 54 -25.36 -101.31 37.55
C ARG I 54 -26.20 -101.67 38.74
N HIS I 55 -26.67 -100.64 39.45
CA HIS I 55 -27.47 -100.80 40.65
C HIS I 55 -28.87 -100.24 40.44
N TYR I 56 -29.83 -100.84 41.13
CA TYR I 56 -31.19 -100.33 41.18
C TYR I 56 -31.64 -100.30 42.64
N THR I 57 -32.68 -99.53 42.91
CA THR I 57 -33.21 -99.41 44.26
C THR I 57 -34.53 -100.17 44.35
N THR I 58 -34.59 -101.16 45.25
CA THR I 58 -35.85 -101.84 45.50
C THR I 58 -36.85 -100.95 46.22
N GLY I 59 -36.38 -99.90 46.89
CA GLY I 59 -37.24 -99.09 47.73
C GLY I 59 -37.46 -99.65 49.12
N LEU I 60 -36.75 -100.71 49.50
CA LEU I 60 -36.89 -101.35 50.79
C LEU I 60 -35.82 -100.83 51.74
N THR I 61 -36.25 -100.28 52.87
CA THR I 61 -35.32 -100.02 53.95
C THR I 61 -35.03 -101.31 54.70
N LEU I 62 -34.02 -101.27 55.57
CA LEU I 62 -33.65 -102.47 56.30
C LEU I 62 -34.76 -102.93 57.24
N MET I 63 -35.54 -101.98 57.78
CA MET I 63 -36.61 -102.33 58.70
C MET I 63 -37.65 -103.25 58.07
N ASP I 64 -37.74 -103.28 56.74
CA ASP I 64 -38.66 -104.18 56.07
C ASP I 64 -38.26 -105.63 56.28
N ILE I 65 -36.97 -105.93 56.22
CA ILE I 65 -36.47 -107.29 56.32
C ILE I 65 -35.67 -107.51 57.60
N LEU I 66 -35.91 -106.72 58.64
CA LEU I 66 -35.23 -106.87 59.92
C LEU I 66 -36.26 -107.25 60.98
N ASP I 67 -36.00 -108.36 61.69
CA ASP I 67 -36.97 -108.87 62.65
C ASP I 67 -37.29 -107.85 63.73
N THR I 68 -36.26 -107.19 64.26
CA THR I 68 -36.41 -106.18 65.31
C THR I 68 -37.16 -106.73 66.52
N LYS I 85 -22.89 -82.72 60.29
CA LYS I 85 -21.86 -83.75 60.19
C LYS I 85 -20.63 -83.20 59.47
N ALA I 86 -20.39 -83.69 58.26
CA ALA I 86 -19.28 -83.25 57.42
C ALA I 86 -19.85 -82.59 56.17
N GLU I 87 -19.48 -81.33 55.95
CA GLU I 87 -20.07 -80.51 54.91
C GLU I 87 -18.97 -80.04 53.96
N PHE I 88 -19.12 -80.37 52.68
CA PHE I 88 -18.13 -80.06 51.66
C PHE I 88 -18.77 -79.18 50.59
N GLN I 89 -18.16 -78.03 50.31
CA GLN I 89 -18.68 -77.08 49.33
C GLN I 89 -17.82 -77.15 48.09
N ILE I 90 -18.31 -77.82 47.06
CA ILE I 90 -17.60 -77.94 45.79
C ILE I 90 -18.09 -76.84 44.87
N LEU I 91 -17.19 -76.35 44.01
CA LEU I 91 -17.54 -75.32 43.04
C LEU I 91 -16.54 -75.40 41.91
N ASP I 92 -17.02 -75.50 40.67
CA ASP I 92 -16.10 -75.61 39.56
C ASP I 92 -16.77 -75.17 38.26
N ASN I 93 -15.91 -74.87 37.29
CA ASN I 93 -16.32 -74.61 35.92
C ASN I 93 -15.39 -75.37 34.99
N VAL I 94 -15.96 -75.95 33.94
CA VAL I 94 -15.24 -76.80 33.01
C VAL I 94 -15.47 -76.32 31.59
N ASP I 95 -14.40 -76.25 30.80
CA ASP I 95 -14.48 -75.87 29.40
C ASP I 95 -13.68 -76.88 28.59
N SER I 96 -14.37 -77.72 27.82
CA SER I 96 -13.73 -78.76 27.04
C SER I 96 -14.11 -78.60 25.57
N THR I 97 -13.20 -79.05 24.70
CA THR I 97 -13.43 -78.97 23.26
C THR I 97 -12.62 -80.06 22.57
N GLY I 98 -13.25 -80.76 21.63
CA GLY I 98 -12.55 -81.77 20.86
C GLY I 98 -12.94 -81.77 19.40
N GLU I 99 -11.93 -81.65 18.53
CA GLU I 99 -12.20 -81.56 17.08
C GLU I 99 -11.43 -82.67 16.36
N LEU I 100 -12.11 -83.43 15.51
CA LEU I 100 -11.50 -84.51 14.76
C LEU I 100 -11.84 -84.37 13.29
N ILE I 101 -10.93 -84.85 12.44
CA ILE I 101 -11.12 -84.84 10.99
C ILE I 101 -10.68 -86.19 10.44
N VAL I 102 -11.48 -86.74 9.53
CA VAL I 102 -11.20 -88.04 8.93
C VAL I 102 -11.36 -87.91 7.42
N ARG I 103 -10.45 -88.53 6.67
CA ARG I 103 -10.54 -88.57 5.21
C ARG I 103 -10.46 -90.01 4.74
N LEU I 104 -11.16 -90.27 3.63
CA LEU I 104 -11.20 -91.64 3.06
C LEU I 104 -11.01 -91.53 1.55
N PRO I 105 -10.39 -92.53 0.89
CA PRO I 105 -10.20 -92.53 -0.57
C PRO I 105 -11.51 -92.59 -1.35
N LYS I 106 -12.64 -92.81 -0.69
CA LYS I 106 -13.95 -92.82 -1.31
C LYS I 106 -14.58 -91.43 -1.34
N GLU I 107 -13.75 -90.38 -1.32
CA GLU I 107 -14.20 -88.99 -1.30
C GLU I 107 -15.11 -88.72 -0.11
N ILE I 108 -14.74 -89.23 1.06
CA ILE I 108 -15.49 -89.01 2.29
C ILE I 108 -14.63 -88.26 3.28
N THR I 109 -14.89 -86.97 3.45
CA THR I 109 -14.14 -86.11 4.37
C THR I 109 -15.09 -85.63 5.46
N ILE I 110 -14.93 -86.17 6.66
CA ILE I 110 -15.79 -85.82 7.79
C ILE I 110 -14.97 -84.98 8.77
N SER I 111 -15.67 -84.15 9.54
CA SER I 111 -15.04 -83.32 10.56
C SER I 111 -16.07 -82.99 11.62
N GLY I 112 -15.72 -83.24 12.88
CA GLY I 112 -16.64 -83.00 13.97
C GLY I 112 -16.01 -82.34 15.18
N SER I 113 -16.70 -81.35 15.75
CA SER I 113 -16.27 -80.64 16.93
C SER I 113 -17.32 -80.80 18.02
N PHE I 114 -16.87 -81.05 19.24
CA PHE I 114 -17.76 -81.28 20.38
C PHE I 114 -17.22 -80.47 21.55
N GLN I 115 -17.96 -79.47 22.00
CA GLN I 115 -17.51 -78.60 23.06
C GLN I 115 -18.53 -78.57 24.19
N GLY I 116 -18.04 -78.28 25.39
CA GLY I 116 -18.88 -78.24 26.58
C GLY I 116 -18.41 -77.21 27.58
N PHE I 117 -19.38 -76.55 28.23
CA PHE I 117 -19.12 -75.54 29.24
C PHE I 117 -20.05 -75.83 30.41
N HIS I 118 -19.47 -76.22 31.54
CA HIS I 118 -20.23 -76.61 32.71
C HIS I 118 -19.92 -75.66 33.86
N HIS I 119 -20.94 -75.33 34.66
CA HIS I 119 -20.74 -74.54 35.86
C HIS I 119 -21.59 -75.12 36.98
N GLN I 120 -20.94 -75.50 38.08
CA GLN I 120 -21.63 -76.10 39.20
C GLN I 120 -21.11 -75.53 40.50
N LYS I 121 -22.02 -75.33 41.45
CA LYS I 121 -21.69 -74.95 42.81
C LYS I 121 -22.67 -75.69 43.72
N ILE I 122 -22.14 -76.54 44.59
CA ILE I 122 -22.97 -77.43 45.39
C ILE I 122 -22.37 -77.54 46.78
N LYS I 123 -23.23 -77.81 47.76
CA LYS I 123 -22.81 -77.97 49.16
C LYS I 123 -23.41 -79.27 49.66
N ILE I 124 -22.58 -80.30 49.77
CA ILE I 124 -23.03 -81.63 50.14
C ILE I 124 -22.67 -81.89 51.59
N SER I 125 -23.32 -82.89 52.17
CA SER I 125 -23.04 -83.34 53.53
C SER I 125 -22.99 -84.87 53.53
N GLU I 126 -22.26 -85.42 54.49
CA GLU I 126 -22.05 -86.84 54.56
C GLU I 126 -22.84 -87.45 55.72
N ASN I 127 -23.46 -88.59 55.47
CA ASN I 127 -24.08 -89.39 56.52
C ASN I 127 -23.66 -90.84 56.33
N ARG I 128 -23.65 -91.59 57.43
CA ARG I 128 -23.18 -92.96 57.36
C ARG I 128 -23.67 -93.71 58.59
N ILE I 129 -23.94 -94.99 58.40
CA ILE I 129 -24.36 -95.85 59.50
C ILE I 129 -23.12 -96.27 60.29
N SER I 130 -23.18 -96.09 61.62
CA SER I 130 -22.04 -96.38 62.46
C SER I 130 -21.69 -97.86 62.43
N GLN I 131 -20.38 -98.14 62.52
CA GLN I 131 -19.92 -99.53 62.54
C GLN I 131 -20.46 -100.31 63.73
N GLN I 132 -20.93 -99.62 64.77
CA GLN I 132 -21.62 -100.31 65.85
C GLN I 132 -22.88 -100.99 65.33
N TYR I 133 -23.64 -100.30 64.47
CA TYR I 133 -24.84 -100.90 63.91
C TYR I 133 -24.50 -102.12 63.06
N LEU I 134 -23.54 -101.98 62.15
CA LEU I 134 -23.11 -103.12 61.34
C LEU I 134 -22.61 -104.26 62.22
N ALA I 135 -22.03 -103.94 63.37
CA ALA I 135 -21.69 -104.99 64.33
C ALA I 135 -22.94 -105.65 64.87
N THR I 136 -23.99 -104.89 65.14
CA THR I 136 -25.24 -105.45 65.63
C THR I 136 -26.02 -106.18 64.55
N LEU I 137 -25.98 -105.70 63.31
CA LEU I 137 -26.74 -106.30 62.21
C LEU I 137 -26.00 -107.47 61.58
N GLU I 138 -25.57 -108.43 62.38
CA GLU I 138 -24.83 -109.58 61.88
C GLU I 138 -25.68 -110.84 62.01
N ASN I 139 -25.90 -111.51 60.89
CA ASN I 139 -26.63 -112.77 60.83
C ASN I 139 -27.98 -112.68 61.56
N ARG I 140 -28.69 -111.58 61.29
CA ARG I 140 -30.00 -111.37 61.88
C ARG I 140 -31.04 -112.22 61.17
N LYS I 141 -32.08 -112.59 61.90
CA LYS I 141 -33.25 -113.19 61.29
C LYS I 141 -34.11 -112.11 60.67
N LEU I 142 -34.70 -112.40 59.52
CA LEU I 142 -35.54 -111.44 58.81
C LEU I 142 -36.92 -111.42 59.47
N LYS I 143 -37.85 -110.70 58.84
CA LYS I 143 -39.24 -110.71 59.28
C LYS I 143 -39.97 -111.89 58.66
N ARG I 144 -40.82 -112.54 59.46
CA ARG I 144 -41.66 -113.60 58.93
C ARG I 144 -42.62 -113.09 57.88
N GLU I 145 -42.90 -111.79 57.87
CA GLU I 145 -43.77 -111.18 56.87
C GLU I 145 -42.95 -110.87 55.61
N LEU I 146 -42.59 -111.94 54.91
CA LEU I 146 -41.83 -111.83 53.66
C LEU I 146 -42.64 -111.04 52.64
N PRO I 147 -42.23 -109.82 52.29
CA PRO I 147 -42.96 -109.08 51.25
C PRO I 147 -42.68 -109.67 49.89
N PHE I 148 -43.72 -109.67 49.04
CA PHE I 148 -43.52 -110.10 47.66
C PHE I 148 -42.52 -109.22 46.94
N SER I 149 -42.33 -107.98 47.41
CA SER I 149 -41.29 -107.12 46.86
C SER I 149 -39.92 -107.76 47.00
N PHE I 150 -39.65 -108.36 48.15
CA PHE I 150 -38.39 -109.06 48.38
C PHE I 150 -38.48 -110.55 48.06
N ARG I 151 -39.61 -111.18 48.38
CA ARG I 151 -39.74 -112.63 48.18
C ARG I 151 -39.52 -113.02 46.73
N SER I 152 -39.87 -112.14 45.80
CA SER I 152 -39.76 -112.44 44.37
C SER I 152 -38.44 -111.98 43.78
N ILE I 153 -37.51 -111.47 44.59
CA ILE I 153 -36.23 -111.02 44.07
C ILE I 153 -35.49 -112.20 43.47
N ASN I 154 -34.99 -112.03 42.26
CA ASN I 154 -34.27 -113.10 41.59
C ASN I 154 -32.97 -113.40 42.32
N THR I 155 -32.78 -114.65 42.72
CA THR I 155 -31.60 -115.03 43.47
C THR I 155 -30.32 -115.02 42.63
N ARG I 156 -30.44 -114.95 41.30
CA ARG I 156 -29.25 -114.88 40.46
C ARG I 156 -28.47 -113.59 40.71
N GLU I 157 -29.16 -112.47 40.87
CA GLU I 157 -28.52 -111.20 41.17
C GLU I 157 -28.25 -111.07 42.67
N ASN I 158 -27.56 -110.00 43.03
CA ASN I 158 -27.09 -109.81 44.39
C ASN I 158 -28.02 -108.88 45.16
N LEU I 159 -27.64 -108.55 46.39
CA LEU I 159 -28.43 -107.65 47.23
C LEU I 159 -27.49 -106.97 48.20
N TYR I 160 -27.65 -105.65 48.37
CA TYR I 160 -26.74 -104.84 49.15
C TYR I 160 -27.52 -103.89 50.04
N LEU I 161 -26.84 -103.38 51.06
CA LEU I 161 -27.38 -102.36 51.94
C LEU I 161 -26.56 -101.09 51.76
N VAL I 162 -27.25 -99.96 51.61
CA VAL I 162 -26.57 -98.68 51.45
C VAL I 162 -26.03 -98.24 52.80
N THR I 163 -24.73 -97.94 52.84
CA THR I 163 -24.01 -97.67 54.08
C THR I 163 -23.76 -96.19 54.30
N GLU I 164 -23.15 -95.52 53.32
CA GLU I 164 -22.81 -94.10 53.45
C GLU I 164 -23.36 -93.35 52.25
N THR I 165 -23.74 -92.09 52.48
CA THR I 165 -24.39 -91.28 51.46
C THR I 165 -23.93 -89.83 51.54
N LEU I 166 -23.67 -89.24 50.38
CA LEU I 166 -23.43 -87.82 50.25
C LEU I 166 -24.70 -87.18 49.68
N GLU I 167 -25.30 -86.28 50.46
CA GLU I 167 -26.58 -85.69 50.11
C GLU I 167 -26.50 -84.18 50.21
N THR I 168 -27.12 -83.49 49.26
CA THR I 168 -27.11 -82.04 49.31
C THR I 168 -27.92 -81.54 50.51
N VAL I 169 -27.66 -80.29 50.90
CA VAL I 169 -28.37 -79.69 52.02
C VAL I 169 -28.92 -78.33 51.62
N LYS I 170 -28.80 -77.99 50.35
CA LYS I 170 -29.23 -76.68 49.87
C LYS I 170 -29.80 -76.81 48.47
N GLU I 171 -30.73 -75.92 48.14
CA GLU I 171 -31.33 -75.91 46.81
C GLU I 171 -30.31 -75.45 45.78
N GLU I 172 -29.94 -76.34 44.87
CA GLU I 172 -28.87 -76.06 43.92
C GLU I 172 -29.42 -75.75 42.54
N THR I 173 -28.57 -75.12 41.73
CA THR I 173 -28.94 -74.70 40.37
C THR I 173 -27.71 -74.88 39.49
N LEU I 174 -27.67 -75.99 38.76
CA LEU I 174 -26.50 -76.36 37.98
C LEU I 174 -26.71 -76.01 36.51
N LYS I 175 -25.62 -75.63 35.82
CA LYS I 175 -25.74 -75.19 34.43
C LYS I 175 -24.76 -75.93 33.55
N SER I 176 -25.19 -76.21 32.33
CA SER I 176 -24.35 -76.84 31.31
C SER I 176 -24.64 -76.20 29.96
N ASP I 177 -23.74 -76.42 29.02
CA ASP I 177 -23.92 -75.91 27.66
C ASP I 177 -23.10 -76.78 26.71
N ARG I 178 -23.77 -77.49 25.82
CA ARG I 178 -23.13 -78.40 24.89
C ARG I 178 -23.23 -77.86 23.46
N GLN I 179 -22.25 -78.23 22.64
CA GLN I 179 -22.26 -77.87 21.23
C GLN I 179 -21.68 -79.01 20.42
N TYR I 180 -22.45 -79.51 19.46
CA TYR I 180 -22.03 -80.58 18.56
C TYR I 180 -22.12 -80.05 17.14
N LYS I 181 -20.98 -79.79 16.51
CA LYS I 181 -20.95 -79.27 15.15
C LYS I 181 -20.16 -80.26 14.30
N PHE I 182 -20.84 -81.15 13.59
CA PHE I 182 -20.13 -82.15 12.80
C PHE I 182 -20.78 -82.31 11.43
N TRP I 183 -19.92 -82.44 10.42
CA TRP I 183 -20.36 -82.60 9.04
C TRP I 183 -19.49 -83.64 8.34
N SER I 184 -19.87 -83.96 7.12
CA SER I 184 -19.21 -85.00 6.35
C SER I 184 -19.57 -84.81 4.88
N GLN I 185 -18.56 -84.68 4.03
CA GLN I 185 -18.74 -84.63 2.60
C GLN I 185 -18.53 -86.01 2.00
N ILE I 186 -19.44 -86.41 1.12
CA ILE I 186 -19.36 -87.69 0.44
C ILE I 186 -19.05 -87.43 -1.03
N SER I 187 -18.83 -88.52 -1.77
CA SER I 187 -18.51 -88.40 -3.19
C SER I 187 -19.63 -87.71 -3.94
N GLN I 188 -20.87 -87.87 -3.49
CA GLN I 188 -22.03 -87.26 -4.15
C GLN I 188 -22.40 -85.94 -3.48
N GLY I 189 -22.68 -85.98 -2.19
CA GLY I 189 -23.18 -84.82 -1.48
C GLY I 189 -22.53 -84.64 -0.12
N HIS I 190 -23.20 -83.86 0.72
CA HIS I 190 -22.70 -83.50 2.05
C HIS I 190 -23.78 -83.79 3.08
N LEU I 191 -23.41 -83.64 4.35
CA LEU I 191 -24.37 -83.78 5.45
C LEU I 191 -23.77 -83.13 6.69
N SER I 192 -24.47 -82.14 7.25
CA SER I 192 -23.97 -81.40 8.39
C SER I 192 -25.02 -81.33 9.48
N TYR I 193 -24.57 -81.13 10.72
CA TYR I 193 -25.47 -80.98 11.85
C TYR I 193 -24.79 -80.11 12.91
N LYS I 194 -25.48 -79.05 13.32
CA LYS I 194 -25.00 -78.12 14.34
C LYS I 194 -26.03 -78.00 15.44
N HIS I 195 -25.64 -78.35 16.66
CA HIS I 195 -26.51 -78.28 17.83
C HIS I 195 -25.83 -77.45 18.89
N LYS I 196 -26.58 -76.51 19.48
CA LYS I 196 -26.10 -75.70 20.59
C LYS I 196 -27.19 -75.66 21.64
N GLY I 197 -26.91 -76.22 22.81
CA GLY I 197 -27.93 -76.29 23.84
C GLY I 197 -27.43 -75.88 25.22
N GLN I 198 -28.07 -74.87 25.80
CA GLN I 198 -27.81 -74.45 27.17
C GLN I 198 -28.89 -75.04 28.07
N ARG I 199 -28.46 -75.67 29.16
CA ARG I 199 -29.36 -76.40 30.04
C ARG I 199 -29.10 -75.97 31.48
N GLU I 200 -30.16 -76.02 32.29
CA GLU I 200 -30.06 -75.58 33.67
C GLU I 200 -31.08 -76.34 34.49
N VAL I 201 -30.68 -76.84 35.65
CA VAL I 201 -31.55 -77.67 36.48
C VAL I 201 -31.47 -77.19 37.92
N THR I 202 -32.54 -77.46 38.67
CA THR I 202 -32.64 -77.11 40.07
C THR I 202 -32.88 -78.37 40.90
N ILE I 203 -32.31 -78.37 42.10
CA ILE I 203 -32.30 -79.56 42.96
C ILE I 203 -32.71 -79.19 44.37
N PRO I 204 -33.63 -79.94 44.97
CA PRO I 204 -34.00 -79.70 46.37
C PRO I 204 -32.97 -80.29 47.31
N PRO I 205 -33.05 -79.99 48.60
CA PRO I 205 -32.09 -80.57 49.55
C PRO I 205 -32.27 -82.07 49.71
N ASN I 206 -31.29 -82.70 50.36
CA ASN I 206 -31.30 -84.09 50.76
C ASN I 206 -31.29 -85.07 49.60
N ARG I 207 -30.87 -84.62 48.42
CA ARG I 207 -30.76 -85.53 47.28
C ARG I 207 -29.42 -86.27 47.34
N VAL I 208 -29.49 -87.59 47.47
CA VAL I 208 -28.28 -88.40 47.62
C VAL I 208 -27.48 -88.35 46.33
N LEU I 209 -26.24 -87.87 46.43
CA LEU I 209 -25.37 -87.75 45.27
C LEU I 209 -24.48 -88.97 45.06
N SER I 210 -24.18 -89.72 46.11
CA SER I 210 -23.35 -90.91 45.96
C SER I 210 -23.58 -91.83 47.14
N TYR I 211 -23.21 -93.09 46.97
CA TYR I 211 -23.43 -94.09 48.01
C TYR I 211 -22.43 -95.22 47.84
N ARG I 212 -22.28 -95.99 48.92
CA ARG I 212 -21.48 -97.21 48.93
C ARG I 212 -22.29 -98.30 49.63
N VAL I 213 -21.96 -99.55 49.33
CA VAL I 213 -22.83 -100.66 49.71
C VAL I 213 -22.05 -101.75 50.43
N LYS I 214 -22.76 -102.50 51.27
CA LYS I 214 -22.24 -103.71 51.91
C LYS I 214 -23.18 -104.87 51.57
N GLN I 215 -22.63 -105.98 51.13
CA GLN I 215 -23.47 -107.03 50.58
C GLN I 215 -24.27 -107.71 51.70
N LEU I 216 -25.36 -108.37 51.31
CA LEU I 216 -26.14 -109.20 52.22
C LEU I 216 -26.36 -110.55 51.57
N VAL I 217 -25.65 -111.58 52.05
CA VAL I 217 -25.83 -112.94 51.56
C VAL I 217 -26.80 -113.66 52.48
N PHE I 218 -27.63 -114.52 51.88
CA PHE I 218 -28.72 -115.22 52.56
C PHE I 218 -28.61 -116.71 52.30
N PRO I 219 -27.87 -117.45 53.12
CA PRO I 219 -27.89 -118.91 53.00
C PRO I 219 -29.27 -119.53 53.21
N ASN I 220 -30.14 -118.88 53.97
CA ASN I 220 -31.53 -119.31 54.11
C ASN I 220 -32.39 -118.08 54.34
N LYS I 221 -33.61 -118.28 54.80
CA LYS I 221 -34.59 -117.20 54.95
C LYS I 221 -34.52 -116.50 56.29
N GLU I 222 -33.58 -116.89 57.16
CA GLU I 222 -33.43 -116.26 58.47
C GLU I 222 -32.00 -115.77 58.70
N THR I 223 -31.20 -115.67 57.63
CA THR I 223 -29.79 -115.33 57.73
C THR I 223 -29.53 -114.06 56.93
N MET I 224 -29.52 -112.92 57.63
CA MET I 224 -29.12 -111.65 57.03
C MET I 224 -27.60 -111.48 57.15
N ASN I 225 -26.88 -112.36 56.46
CA ASN I 225 -25.44 -112.43 56.66
C ASN I 225 -24.78 -111.24 55.96
N ILE I 226 -24.30 -110.28 56.75
CA ILE I 226 -23.77 -109.03 56.19
C ILE I 226 -22.33 -109.27 55.77
N HIS I 227 -22.06 -109.11 54.47
CA HIS I 227 -20.77 -109.39 53.87
C HIS I 227 -20.06 -108.06 53.63
N PHE I 228 -18.86 -107.91 54.21
CA PHE I 228 -18.08 -106.69 54.09
C PHE I 228 -17.13 -106.74 52.90
N ARG I 229 -16.24 -107.73 52.89
CA ARG I 229 -15.21 -107.85 51.87
C ARG I 229 -15.37 -109.17 51.14
N GLY I 230 -15.19 -109.15 49.82
CA GLY I 230 -15.21 -110.36 49.05
C GLY I 230 -16.31 -110.42 48.00
N LYS I 231 -15.90 -110.64 46.74
CA LYS I 231 -16.85 -110.83 45.65
C LYS I 231 -17.42 -112.24 45.75
N THR I 232 -18.71 -112.35 46.04
CA THR I 232 -19.35 -113.64 46.26
C THR I 232 -20.77 -113.57 45.74
N LYS I 233 -21.56 -114.60 46.05
CA LYS I 233 -22.96 -114.68 45.68
C LYS I 233 -23.83 -114.32 46.87
N SER I 234 -24.77 -113.41 46.66
CA SER I 234 -25.61 -112.91 47.74
C SER I 234 -26.81 -113.79 48.02
N PHE I 235 -26.99 -114.88 47.26
CA PHE I 235 -28.09 -115.82 47.48
C PHE I 235 -27.58 -117.23 47.22
N PRO I 236 -26.91 -117.83 48.20
CA PRO I 236 -26.44 -119.22 48.04
C PRO I 236 -27.51 -120.27 48.33
N GLU I 237 -28.68 -119.86 48.79
CA GLU I 237 -29.76 -120.78 49.13
C GLU I 237 -30.27 -121.51 47.89
CA MET J 5 -42.20 -82.86 14.35
C MET J 5 -42.98 -83.49 15.49
N PHE J 6 -42.91 -82.87 16.67
CA PHE J 6 -43.56 -83.37 17.86
C PHE J 6 -44.28 -82.23 18.56
N SER J 7 -45.25 -82.59 19.40
CA SER J 7 -45.96 -81.62 20.20
C SER J 7 -45.01 -80.93 21.15
N VAL J 8 -45.34 -79.70 21.57
CA VAL J 8 -44.51 -78.98 22.54
C VAL J 8 -44.48 -79.75 23.85
N PHE J 9 -45.64 -80.24 24.29
CA PHE J 9 -45.70 -81.07 25.49
C PHE J 9 -44.88 -82.34 25.33
N GLU J 10 -44.87 -82.91 24.12
CA GLU J 10 -44.01 -84.07 23.88
C GLU J 10 -42.55 -83.72 24.10
N GLU J 11 -42.10 -82.56 23.60
CA GLU J 11 -40.72 -82.17 23.77
C GLU J 11 -40.38 -81.93 25.23
N ILE J 12 -41.26 -81.25 25.97
CA ILE J 12 -40.95 -80.97 27.37
C ILE J 12 -40.93 -82.25 28.18
N THR J 13 -41.81 -83.20 27.85
CA THR J 13 -41.79 -84.48 28.57
C THR J 13 -40.54 -85.27 28.24
N ARG J 14 -40.10 -85.24 26.99
CA ARG J 14 -38.86 -85.92 26.63
C ARG J 14 -37.67 -85.33 27.39
N ILE J 15 -37.62 -83.99 27.49
CA ILE J 15 -36.55 -83.35 28.24
C ILE J 15 -36.62 -83.75 29.72
N VAL J 16 -37.82 -83.74 30.31
CA VAL J 16 -37.94 -84.06 31.73
C VAL J 16 -37.54 -85.51 31.98
N VAL J 17 -37.88 -86.42 31.07
CA VAL J 17 -37.49 -87.81 31.28
C VAL J 17 -35.98 -87.97 31.11
N LYS J 18 -35.40 -87.32 30.11
CA LYS J 18 -33.95 -87.44 29.91
C LYS J 18 -33.18 -86.85 31.10
N GLU J 19 -33.76 -85.88 31.80
CA GLU J 19 -33.02 -85.27 32.91
C GLU J 19 -33.34 -85.93 34.25
N MET J 20 -34.60 -85.91 34.67
CA MET J 20 -34.97 -86.38 36.00
C MET J 20 -34.76 -87.87 36.18
N ASP J 21 -34.62 -88.65 35.10
CA ASP J 21 -34.36 -90.07 35.26
C ASP J 21 -33.39 -90.50 34.15
N ALA J 22 -32.10 -90.45 34.47
CA ALA J 22 -31.10 -90.98 33.57
C ALA J 22 -31.23 -92.50 33.52
N GLY J 23 -31.36 -93.03 32.31
CA GLY J 23 -31.63 -94.46 32.19
C GLY J 23 -32.93 -94.80 32.87
N GLY J 24 -32.88 -95.73 33.81
CA GLY J 24 -34.06 -96.06 34.58
C GLY J 24 -35.16 -96.66 33.72
N ASP J 25 -36.40 -96.42 34.13
CA ASP J 25 -37.55 -96.97 33.43
C ASP J 25 -38.67 -95.97 33.15
N MET J 26 -38.56 -94.74 33.63
CA MET J 26 -39.63 -93.77 33.45
C MET J 26 -39.84 -93.47 31.97
N ILE J 27 -41.11 -93.46 31.56
CA ILE J 27 -41.51 -93.11 30.21
C ILE J 27 -42.27 -91.80 30.25
N ALA J 28 -42.16 -91.03 29.17
CA ALA J 28 -42.71 -89.69 29.12
C ALA J 28 -44.13 -89.72 28.58
N VAL J 29 -45.03 -88.98 29.26
CA VAL J 29 -46.38 -88.81 28.75
C VAL J 29 -46.32 -88.09 27.41
N ARG J 30 -47.10 -88.59 26.45
CA ARG J 30 -47.07 -88.03 25.10
C ARG J 30 -48.07 -86.91 24.90
N SER J 31 -49.34 -87.15 25.25
CA SER J 31 -50.41 -86.20 25.01
C SER J 31 -50.95 -85.68 26.33
N LEU J 32 -51.18 -84.38 26.40
CA LEU J 32 -51.64 -83.80 27.66
C LEU J 32 -53.15 -83.85 27.83
N VAL J 33 -53.88 -84.28 26.80
CA VAL J 33 -55.32 -84.51 26.99
C VAL J 33 -55.54 -85.65 27.97
N ASP J 34 -54.77 -86.73 27.84
CA ASP J 34 -54.85 -87.88 28.73
C ASP J 34 -53.72 -87.90 29.75
N ALA J 35 -53.10 -86.74 29.99
CA ALA J 35 -52.12 -86.66 31.07
C ALA J 35 -52.78 -86.91 32.42
N ASP J 36 -53.98 -86.37 32.62
CA ASP J 36 -54.69 -86.56 33.87
C ASP J 36 -55.03 -88.04 34.09
N ARG J 37 -55.13 -88.81 33.01
CA ARG J 37 -55.45 -90.23 33.16
C ARG J 37 -54.21 -91.09 33.37
N PHE J 38 -53.01 -90.50 33.43
CA PHE J 38 -51.79 -91.21 33.78
C PHE J 38 -51.38 -90.96 35.22
N ARG J 39 -52.25 -90.37 36.02
CA ARG J 39 -51.97 -90.11 37.42
C ARG J 39 -51.78 -91.44 38.16
N CYS J 40 -51.30 -91.34 39.41
CA CYS J 40 -51.04 -92.52 40.20
C CYS J 40 -52.33 -93.31 40.45
N PHE J 41 -52.18 -94.63 40.50
CA PHE J 41 -53.22 -95.65 40.65
C PHE J 41 -54.01 -95.89 39.37
N HIS J 42 -53.82 -95.11 38.32
CA HIS J 42 -54.59 -95.31 37.09
C HIS J 42 -54.02 -96.50 36.32
N LEU J 43 -54.89 -97.46 36.01
CA LEU J 43 -54.46 -98.62 35.24
C LEU J 43 -54.12 -98.21 33.81
N VAL J 44 -53.13 -98.89 33.25
CA VAL J 44 -52.62 -98.59 31.92
C VAL J 44 -52.49 -99.90 31.16
N GLY J 45 -52.57 -99.85 29.84
CA GLY J 45 -52.39 -101.02 29.03
C GLY J 45 -51.32 -100.79 27.99
N GLU J 46 -50.85 -101.89 27.42
CA GLU J 46 -49.81 -101.87 26.41
C GLU J 46 -50.40 -102.16 25.04
N LYS J 47 -49.68 -101.76 24.00
CA LYS J 47 -50.07 -102.05 22.63
C LYS J 47 -48.82 -102.18 21.77
N ARG J 48 -48.80 -103.19 20.93
CA ARG J 48 -47.63 -103.50 20.11
C ARG J 48 -47.81 -102.94 18.70
N THR J 49 -46.72 -102.41 18.14
CA THR J 49 -46.72 -101.84 16.81
C THR J 49 -45.49 -102.34 16.05
N PHE J 50 -45.52 -102.16 14.73
CA PHE J 50 -44.37 -102.52 13.92
C PHE J 50 -43.14 -101.69 14.27
N PHE J 51 -43.35 -100.44 14.70
CA PHE J 51 -42.24 -99.62 15.18
C PHE J 51 -41.78 -100.07 16.56
N GLY J 52 -42.71 -100.46 17.43
CA GLY J 52 -42.38 -100.88 18.78
C GLY J 52 -43.60 -101.12 19.64
N CYS J 53 -43.56 -100.64 20.88
CA CYS J 53 -44.68 -100.75 21.81
C CYS J 53 -44.95 -99.42 22.46
N ARG J 54 -46.21 -99.18 22.81
CA ARG J 54 -46.64 -97.94 23.45
C ARG J 54 -47.68 -98.26 24.52
N HIS J 55 -48.03 -97.23 25.29
CA HIS J 55 -48.98 -97.35 26.38
C HIS J 55 -50.22 -96.52 26.10
N TYR J 56 -51.35 -96.99 26.63
CA TYR J 56 -52.60 -96.25 26.60
C TYR J 56 -53.20 -96.27 28.00
N THR J 57 -54.11 -95.35 28.26
CA THR J 57 -54.77 -95.27 29.56
C THR J 57 -56.19 -95.77 29.44
N THR J 58 -56.53 -96.81 30.21
CA THR J 58 -57.91 -97.27 30.27
C THR J 58 -58.81 -96.28 30.98
N GLY J 59 -58.25 -95.40 31.81
CA GLY J 59 -59.04 -94.54 32.65
C GLY J 59 -59.51 -95.17 33.93
N LEU J 60 -59.04 -96.37 34.26
CA LEU J 60 -59.44 -97.08 35.45
C LEU J 60 -58.41 -96.86 36.55
N THR J 61 -58.86 -96.35 37.69
CA THR J 61 -58.03 -96.36 38.87
C THR J 61 -58.05 -97.76 39.50
N LEU J 62 -57.16 -97.98 40.46
CA LEU J 62 -57.09 -99.30 41.09
C LEU J 62 -58.36 -99.62 41.86
N MET J 63 -59.02 -98.61 42.43
CA MET J 63 -60.24 -98.83 43.19
C MET J 63 -61.33 -99.49 42.37
N ASP J 64 -61.27 -99.36 41.05
CA ASP J 64 -62.26 -100.02 40.19
C ASP J 64 -62.14 -101.53 40.28
N ILE J 65 -60.92 -102.06 40.31
CA ILE J 65 -60.69 -103.50 40.31
C ILE J 65 -60.09 -103.97 41.63
N LEU J 66 -60.30 -103.24 42.72
CA LEU J 66 -59.81 -103.64 44.03
C LEU J 66 -60.99 -103.92 44.93
N ASP J 67 -61.03 -105.11 45.54
CA ASP J 67 -62.17 -105.53 46.34
C ASP J 67 -62.42 -104.57 47.49
N THR J 68 -61.36 -104.17 48.19
CA THR J 68 -61.45 -103.24 49.33
C THR J 68 -62.42 -103.75 50.39
N LYS J 85 -43.59 -82.31 48.26
CA LYS J 85 -42.75 -83.50 48.14
C LYS J 85 -41.37 -83.12 47.60
N ALA J 86 -41.08 -83.53 46.37
CA ALA J 86 -39.82 -83.23 45.70
C ALA J 86 -40.12 -82.37 44.49
N GLU J 87 -39.52 -81.18 44.45
CA GLU J 87 -39.83 -80.16 43.44
C GLU J 87 -38.58 -79.83 42.66
N PHE J 88 -38.63 -80.00 41.35
CA PHE J 88 -37.49 -79.78 40.46
C PHE J 88 -37.85 -78.72 39.45
N GLN J 89 -37.02 -77.68 39.36
CA GLN J 89 -37.25 -76.56 38.45
C GLN J 89 -36.28 -76.67 37.28
N ILE J 90 -36.76 -77.14 36.15
CA ILE J 90 -35.94 -77.28 34.95
C ILE J 90 -36.13 -76.02 34.11
N LEU J 91 -35.07 -75.63 33.41
CA LEU J 91 -35.12 -74.47 32.53
C LEU J 91 -34.01 -74.61 31.49
N ASP J 92 -34.37 -74.52 30.21
CA ASP J 92 -33.35 -74.69 29.19
C ASP J 92 -33.79 -74.02 27.89
N ASN J 93 -32.80 -73.80 27.04
CA ASN J 93 -32.99 -73.33 25.67
C ASN J 93 -32.11 -74.17 24.76
N VAL J 94 -32.65 -74.52 23.59
CA VAL J 94 -31.98 -75.41 22.66
C VAL J 94 -31.96 -74.77 21.29
N ASP J 95 -30.82 -74.82 20.62
CA ASP J 95 -30.67 -74.30 19.26
C ASP J 95 -29.97 -75.37 18.43
N SER J 96 -30.71 -75.99 17.50
CA SER J 96 -30.17 -77.05 16.67
C SER J 96 -30.34 -76.69 15.20
N THR J 97 -29.44 -77.21 14.37
CA THR J 97 -29.48 -76.96 12.94
C THR J 97 -28.80 -78.11 12.21
N GLY J 98 -29.43 -78.60 11.15
CA GLY J 98 -28.83 -79.65 10.34
C GLY J 98 -29.04 -79.44 8.86
N GLU J 99 -27.95 -79.41 8.11
CA GLU J 99 -28.02 -79.15 6.66
C GLU J 99 -27.38 -80.31 5.89
N LEU J 100 -28.08 -80.86 4.91
CA LEU J 100 -27.59 -81.96 4.10
C LEU J 100 -27.72 -81.62 2.63
N ILE J 101 -26.83 -82.17 1.82
CA ILE J 101 -26.84 -81.99 0.37
C ILE J 101 -26.59 -83.36 -0.28
N VAL J 102 -27.37 -83.67 -1.32
CA VAL J 102 -27.24 -84.93 -2.03
C VAL J 102 -27.21 -84.64 -3.53
N ARG J 103 -26.34 -85.34 -4.25
CA ARG J 103 -26.26 -85.22 -5.70
C ARG J 103 -26.39 -86.60 -6.33
N LEU J 104 -26.99 -86.62 -7.52
CA LEU J 104 -27.20 -87.91 -8.24
C LEU J 104 -26.83 -87.70 -9.70
N PRO J 105 -26.30 -88.73 -10.40
CA PRO J 105 -25.97 -88.62 -11.83
C PRO J 105 -27.17 -88.36 -12.74
N LYS J 106 -28.38 -88.44 -12.21
CA LYS J 106 -29.60 -88.15 -12.96
C LYS J 106 -29.97 -86.67 -12.90
N GLU J 107 -28.98 -85.80 -12.67
CA GLU J 107 -29.18 -84.36 -12.54
C GLU J 107 -30.16 -84.03 -11.42
N ILE J 108 -30.02 -84.71 -10.28
CA ILE J 108 -30.85 -84.48 -9.11
C ILE J 108 -29.99 -83.99 -7.97
N THR J 109 -30.05 -82.70 -7.68
CA THR J 109 -29.28 -82.08 -6.61
C THR J 109 -30.24 -81.54 -5.56
N ILE J 110 -30.31 -82.20 -4.42
CA ILE J 110 -31.21 -81.79 -3.35
C ILE J 110 -30.39 -81.22 -2.21
N SER J 111 -31.02 -80.35 -1.43
CA SER J 111 -30.36 -79.75 -0.26
C SER J 111 -31.44 -79.33 0.73
N GLY J 112 -31.28 -79.76 1.98
CA GLY J 112 -32.26 -79.46 3.00
C GLY J 112 -31.67 -79.03 4.33
N SER J 113 -32.23 -77.99 4.94
CA SER J 113 -31.83 -77.49 6.23
C SER J 113 -33.01 -77.55 7.18
N PHE J 114 -32.76 -77.99 8.41
CA PHE J 114 -33.79 -78.15 9.42
C PHE J 114 -33.24 -77.58 10.73
N GLN J 115 -33.86 -76.50 11.20
CA GLN J 115 -33.38 -75.82 12.40
C GLN J 115 -34.50 -75.71 13.42
N GLY J 116 -34.11 -75.63 14.68
CA GLY J 116 -35.06 -75.55 15.78
C GLY J 116 -34.54 -74.72 16.94
N PHE J 117 -35.45 -73.97 17.56
CA PHE J 117 -35.13 -73.11 18.69
C PHE J 117 -36.22 -73.33 19.74
N HIS J 118 -35.86 -73.92 20.86
CA HIS J 118 -36.79 -74.28 21.92
C HIS J 118 -36.46 -73.51 23.18
N HIS J 119 -37.49 -73.07 23.91
CA HIS J 119 -37.30 -72.44 25.20
C HIS J 119 -38.35 -72.96 26.17
N GLN J 120 -37.91 -73.55 27.27
CA GLN J 120 -38.82 -74.12 28.25
C GLN J 120 -38.35 -73.76 29.64
N LYS J 121 -39.32 -73.50 30.53
CA LYS J 121 -39.09 -73.32 31.94
C LYS J 121 -40.27 -73.94 32.67
N ILE J 122 -40.00 -74.96 33.48
CA ILE J 122 -41.06 -75.75 34.10
C ILE J 122 -40.65 -76.10 35.52
N LYS J 123 -41.64 -76.29 36.38
CA LYS J 123 -41.43 -76.64 37.78
C LYS J 123 -42.29 -77.86 38.08
N ILE J 124 -41.67 -79.03 38.15
CA ILE J 124 -42.39 -80.27 38.32
C ILE J 124 -42.25 -80.73 39.77
N SER J 125 -43.13 -81.66 40.17
CA SER J 125 -43.08 -82.27 41.48
C SER J 125 -43.29 -83.77 41.32
N GLU J 126 -42.78 -84.53 42.27
CA GLU J 126 -42.84 -85.98 42.21
C GLU J 126 -43.84 -86.52 43.21
N ASN J 127 -44.62 -87.51 42.78
CA ASN J 127 -45.48 -88.27 43.67
C ASN J 127 -45.30 -89.75 43.36
N ARG J 128 -45.54 -90.58 44.36
CA ARG J 128 -45.32 -92.01 44.19
C ARG J 128 -46.07 -92.76 45.27
N ILE J 129 -46.53 -93.96 44.92
CA ILE J 129 -47.21 -94.82 45.88
C ILE J 129 -46.17 -95.52 46.73
N SER J 130 -46.34 -95.46 48.05
CA SER J 130 -45.36 -96.03 48.96
C SER J 130 -45.28 -97.54 48.80
N GLN J 131 -44.07 -98.07 48.99
CA GLN J 131 -43.85 -99.51 48.89
C GLN J 131 -44.65 -100.29 49.93
N GLN J 132 -45.11 -99.63 50.99
CA GLN J 132 -46.03 -100.27 51.91
C GLN J 132 -47.32 -100.66 51.21
N TYR J 133 -47.84 -99.77 50.36
CA TYR J 133 -49.07 -100.08 49.63
C TYR J 133 -48.84 -101.26 48.69
N LEU J 134 -47.77 -101.21 47.89
CA LEU J 134 -47.47 -102.33 47.00
C LEU J 134 -47.27 -103.61 47.79
N ALA J 135 -46.78 -103.52 49.02
CA ALA J 135 -46.73 -104.69 49.89
C ALA J 135 -48.13 -105.17 50.23
N THR J 136 -49.06 -104.24 50.48
CA THR J 136 -50.44 -104.62 50.78
C THR J 136 -51.21 -105.09 49.56
N LEU J 137 -50.93 -104.51 48.39
CA LEU J 137 -51.66 -104.85 47.17
C LEU J 137 -51.06 -106.07 46.48
N GLU J 138 -50.90 -107.18 47.21
CA GLU J 138 -50.32 -108.39 46.66
C GLU J 138 -51.39 -109.47 46.56
N ASN J 139 -51.59 -109.99 45.36
CA ASN J 139 -52.53 -111.09 45.09
C ASN J 139 -53.90 -110.81 45.70
N ARG J 140 -54.38 -109.58 45.48
CA ARG J 140 -55.69 -109.19 45.96
C ARG J 140 -56.78 -109.76 45.07
N LYS J 141 -57.94 -110.00 45.65
CA LYS J 141 -59.13 -110.31 44.87
C LYS J 141 -59.71 -109.04 44.29
N LEU J 142 -60.20 -109.11 43.06
CA LEU J 142 -60.77 -107.96 42.40
C LEU J 142 -62.19 -107.73 42.91
N LYS J 143 -62.91 -106.81 42.29
CA LYS J 143 -64.32 -106.60 42.60
C LYS J 143 -65.17 -107.56 41.78
N ARG J 144 -66.20 -108.11 42.41
CA ARG J 144 -67.15 -108.96 41.70
C ARG J 144 -67.89 -108.18 40.62
N GLU J 145 -67.93 -106.85 40.72
CA GLU J 145 -68.57 -105.99 39.71
C GLU J 145 -67.57 -105.74 38.59
N LEU J 146 -67.31 -106.78 37.80
CA LEU J 146 -66.42 -106.69 36.65
C LEU J 146 -66.95 -105.68 35.65
N PRO J 147 -66.30 -104.54 35.49
CA PRO J 147 -66.76 -103.58 34.48
C PRO J 147 -66.44 -104.08 33.09
N PHE J 148 -67.35 -103.81 32.15
CA PHE J 148 -67.08 -104.14 30.75
C PHE J 148 -65.86 -103.39 30.24
N SER J 149 -65.52 -102.26 30.86
CA SER J 149 -64.30 -101.56 30.51
C SER J 149 -63.09 -102.46 30.70
N PHE J 150 -63.05 -103.20 31.81
CA PHE J 150 -61.96 -104.13 32.07
C PHE J 150 -62.28 -105.54 31.58
N ARG J 151 -63.53 -105.99 31.71
CA ARG J 151 -63.88 -107.36 31.35
C ARG J 151 -63.57 -107.65 29.89
N SER J 152 -63.65 -106.64 29.03
CA SER J 152 -63.43 -106.82 27.60
C SER J 152 -62.00 -106.56 27.19
N ILE J 153 -61.09 -106.31 28.14
CA ILE J 153 -59.70 -106.05 27.79
C ILE J 153 -59.12 -107.30 27.15
N ASN J 154 -58.46 -107.11 26.00
CA ASN J 154 -57.87 -108.22 25.29
C ASN J 154 -56.73 -108.81 26.10
N THR J 155 -56.80 -110.12 26.38
CA THR J 155 -55.80 -110.78 27.20
C THR J 155 -54.46 -110.92 26.48
N ARG J 156 -54.41 -110.71 25.17
CA ARG J 156 -53.14 -110.77 24.45
C ARG J 156 -52.18 -109.68 24.92
N GLU J 157 -52.68 -108.47 25.14
CA GLU J 157 -51.87 -107.38 25.63
C GLU J 157 -51.75 -107.45 27.16
N ASN J 158 -50.93 -106.56 27.71
CA ASN J 158 -50.58 -106.58 29.11
C ASN J 158 -51.43 -105.57 29.89
N LEU J 159 -51.14 -105.43 31.19
CA LEU J 159 -51.85 -104.49 32.03
C LEU J 159 -50.92 -104.08 33.16
N TYR J 160 -50.88 -102.78 33.46
CA TYR J 160 -49.93 -102.22 34.41
C TYR J 160 -50.63 -101.23 35.32
N LEU J 161 -49.99 -100.95 36.45
CA LEU J 161 -50.43 -99.93 37.38
C LEU J 161 -49.40 -98.82 37.43
N VAL J 162 -49.86 -97.58 37.33
CA VAL J 162 -48.96 -96.44 37.38
C VAL J 162 -48.50 -96.22 38.82
N THR J 163 -47.19 -96.18 39.02
CA THR J 163 -46.58 -96.16 40.34
C THR J 163 -46.09 -94.77 40.74
N GLU J 164 -45.27 -94.14 39.91
CA GLU J 164 -44.71 -92.83 40.23
C GLU J 164 -44.98 -91.88 39.07
N THR J 165 -45.17 -90.60 39.40
CA THR J 165 -45.54 -89.59 38.42
C THR J 165 -44.85 -88.27 38.71
N LEU J 166 -44.35 -87.64 37.66
CA LEU J 166 -43.86 -86.27 37.71
C LEU J 166 -44.92 -85.36 37.10
N GLU J 167 -45.45 -84.45 37.90
CA GLU J 167 -46.56 -83.60 37.50
C GLU J 167 -46.23 -82.14 37.78
N THR J 168 -46.61 -81.27 36.86
CA THR J 168 -46.36 -79.85 37.07
C THR J 168 -47.19 -79.33 38.24
N VAL J 169 -46.77 -78.18 38.79
CA VAL J 169 -47.49 -77.58 39.90
C VAL J 169 -47.75 -76.11 39.60
N LYS J 170 -47.42 -75.67 38.38
CA LYS J 170 -47.57 -74.28 38.02
C LYS J 170 -47.98 -74.16 36.56
N GLU J 171 -48.71 -73.09 36.25
CA GLU J 171 -49.15 -72.86 34.88
C GLU J 171 -47.94 -72.50 34.01
N GLU J 172 -47.63 -73.34 33.04
CA GLU J 172 -46.42 -73.18 32.24
C GLU J 172 -46.75 -72.65 30.85
N THR J 173 -45.73 -72.11 30.20
CA THR J 173 -45.86 -71.51 28.87
C THR J 173 -44.59 -71.83 28.10
N LEU J 174 -44.65 -72.85 27.25
CA LEU J 174 -43.49 -73.36 26.55
C LEU J 174 -43.46 -72.85 25.11
N LYS J 175 -42.26 -72.61 24.57
CA LYS J 175 -42.14 -72.03 23.25
C LYS J 175 -41.21 -72.86 22.38
N SER J 176 -41.54 -72.93 21.10
CA SER J 176 -40.71 -73.61 20.10
C SER J 176 -40.73 -72.81 18.82
N ASP J 177 -39.78 -73.11 17.94
CA ASP J 177 -39.71 -72.45 16.64
C ASP J 177 -38.95 -73.36 15.68
N ARG J 178 -39.63 -73.84 14.65
CA ARG J 178 -39.05 -74.77 13.70
C ARG J 178 -38.89 -74.09 12.34
N GLN J 179 -37.91 -74.56 11.57
CA GLN J 179 -37.70 -74.07 10.22
C GLN J 179 -37.23 -75.23 9.35
N TYR J 180 -37.97 -75.48 8.27
CA TYR J 180 -37.64 -76.52 7.29
C TYR J 180 -37.48 -75.86 5.94
N LYS J 181 -36.24 -75.75 5.46
CA LYS J 181 -35.96 -75.13 4.17
C LYS J 181 -35.27 -76.16 3.30
N PHE J 182 -36.02 -76.84 2.43
CA PHE J 182 -35.40 -77.88 1.60
C PHE J 182 -35.90 -77.79 0.17
N TRP J 183 -34.98 -77.98 -0.77
CA TRP J 183 -35.28 -77.93 -2.19
C TRP J 183 -34.52 -79.04 -2.91
N SER J 184 -34.82 -79.17 -4.20
CA SER J 184 -34.26 -80.24 -5.01
C SER J 184 -34.41 -79.86 -6.47
N GLN J 185 -33.30 -79.83 -7.20
CA GLN J 185 -33.31 -79.61 -8.63
C GLN J 185 -33.28 -80.95 -9.36
N ILE J 186 -34.14 -81.09 -10.36
CA ILE J 186 -34.22 -82.30 -11.17
C ILE J 186 -33.69 -81.97 -12.56
N SER J 187 -33.58 -83.00 -13.40
CA SER J 187 -33.08 -82.82 -14.75
C SER J 187 -33.97 -81.85 -15.54
N GLN J 188 -35.26 -81.84 -15.22
CA GLN J 188 -36.21 -80.95 -15.92
C GLN J 188 -36.43 -79.65 -15.15
N GLY J 189 -36.86 -79.77 -13.89
CA GLY J 189 -37.22 -78.60 -13.11
C GLY J 189 -36.72 -78.68 -11.69
N HIS J 190 -37.32 -77.87 -10.83
CA HIS J 190 -36.92 -77.73 -9.43
C HIS J 190 -38.15 -77.91 -8.54
N LEU J 191 -37.91 -77.95 -7.23
CA LEU J 191 -38.99 -78.01 -6.25
C LEU J 191 -38.44 -77.60 -4.89
N SER J 192 -39.02 -76.56 -4.30
CA SER J 192 -38.52 -76.02 -3.03
C SER J 192 -39.66 -75.86 -2.05
N TYR J 193 -39.33 -75.86 -0.76
CA TYR J 193 -40.31 -75.67 0.29
C TYR J 193 -39.62 -75.03 1.50
N LYS J 194 -40.16 -73.90 1.95
CA LYS J 194 -39.64 -73.18 3.11
C LYS J 194 -40.76 -72.97 4.11
N HIS J 195 -40.57 -73.50 5.32
CA HIS J 195 -41.54 -73.38 6.40
C HIS J 195 -40.85 -72.79 7.61
N LYS J 196 -41.49 -71.79 8.22
CA LYS J 196 -41.01 -71.19 9.46
C LYS J 196 -42.19 -71.05 10.40
N GLY J 197 -42.14 -71.76 11.52
CA GLY J 197 -43.26 -71.73 12.44
C GLY J 197 -42.86 -71.54 13.89
N GLN J 198 -43.39 -70.49 14.51
CA GLN J 198 -43.21 -70.25 15.95
C GLN J 198 -44.47 -70.72 16.67
N ARG J 199 -44.29 -71.52 17.71
CA ARG J 199 -45.39 -72.14 18.42
C ARG J 199 -45.23 -71.90 19.91
N GLU J 200 -46.35 -71.82 20.61
CA GLU J 200 -46.34 -71.54 22.04
C GLU J 200 -47.58 -72.17 22.66
N VAL J 201 -47.39 -72.85 23.80
CA VAL J 201 -48.48 -73.58 24.44
C VAL J 201 -48.49 -73.26 25.92
N THR J 202 -49.66 -73.40 26.54
CA THR J 202 -49.86 -73.16 27.95
C THR J 202 -50.40 -74.42 28.61
N ILE J 203 -49.99 -74.65 29.85
CA ILE J 203 -50.28 -75.88 30.57
C ILE J 203 -50.78 -75.59 31.96
N PRO J 204 -51.88 -76.20 32.39
CA PRO J 204 -52.35 -76.03 33.76
C PRO J 204 -51.55 -76.87 34.73
N PRO J 205 -51.73 -76.70 36.03
CA PRO J 205 -51.00 -77.52 37.00
C PRO J 205 -51.45 -78.98 36.97
N ASN J 206 -50.67 -79.82 37.64
CA ASN J 206 -50.98 -81.23 37.88
C ASN J 206 -51.00 -82.07 36.62
N ARG J 207 -50.38 -81.62 35.55
CA ARG J 207 -50.30 -82.41 34.33
C ARG J 207 -49.13 -83.39 34.43
N VAL J 208 -49.44 -84.69 34.41
CA VAL J 208 -48.41 -85.71 34.58
C VAL J 208 -47.47 -85.69 33.39
N LEU J 209 -46.19 -85.45 33.65
CA LEU J 209 -45.18 -85.38 32.60
C LEU J 209 -44.50 -86.72 32.34
N SER J 210 -44.46 -87.62 33.32
CA SER J 210 -43.84 -88.92 33.12
C SER J 210 -44.36 -89.89 34.17
N TYR J 211 -44.19 -91.18 33.89
CA TYR J 211 -44.70 -92.20 34.78
C TYR J 211 -43.88 -93.48 34.60
N ARG J 212 -44.00 -94.37 35.59
CA ARG J 212 -43.44 -95.70 35.53
C ARG J 212 -44.49 -96.68 36.03
N VAL J 213 -44.35 -97.94 35.63
CA VAL J 213 -45.44 -98.91 35.80
C VAL J 213 -44.94 -100.18 36.46
N LYS J 214 -45.86 -100.86 37.15
CA LYS J 214 -45.64 -102.20 37.70
C LYS J 214 -46.72 -103.12 37.14
N GLN J 215 -46.32 -104.28 36.64
CA GLN J 215 -47.28 -105.09 35.89
C GLN J 215 -48.30 -105.71 36.84
N LEU J 216 -49.44 -106.13 36.28
CA LEU J 216 -50.45 -106.87 37.02
C LEU J 216 -50.82 -108.11 36.20
N VAL J 217 -50.36 -109.28 36.62
CA VAL J 217 -50.71 -110.53 35.98
C VAL J 217 -51.89 -111.15 36.71
N PHE J 218 -52.79 -111.78 35.95
CA PHE J 218 -54.05 -112.33 36.44
C PHE J 218 -54.17 -113.79 36.03
N PRO J 219 -53.67 -114.72 36.83
CA PRO J 219 -53.93 -116.14 36.55
C PRO J 219 -55.40 -116.50 36.55
N ASN J 220 -56.24 -115.78 37.29
CA ASN J 220 -57.68 -115.95 37.25
C ASN J 220 -58.33 -114.60 37.53
N LYS J 221 -59.63 -114.63 37.85
CA LYS J 221 -60.41 -113.41 38.02
C LYS J 221 -60.36 -112.85 39.44
N GLU J 222 -59.62 -113.49 40.34
CA GLU J 222 -59.51 -113.02 41.72
C GLU J 222 -58.06 -112.83 42.13
N THR J 223 -57.14 -112.78 41.17
CA THR J 223 -55.71 -112.72 41.43
C THR J 223 -55.14 -111.45 40.82
N MET J 224 -55.01 -110.40 41.64
CA MET J 224 -54.33 -109.18 41.22
C MET J 224 -52.84 -109.31 41.50
N ASN J 225 -52.20 -110.23 40.79
CA ASN J 225 -50.82 -110.58 41.11
C ASN J 225 -49.89 -109.48 40.62
N ILE J 226 -49.35 -108.69 41.54
CA ILE J 226 -48.55 -107.52 41.19
C ILE J 226 -47.13 -107.98 40.88
N HIS J 227 -46.70 -107.75 39.64
CA HIS J 227 -45.41 -108.21 39.14
C HIS J 227 -44.45 -107.02 39.12
N PHE J 228 -43.33 -107.14 39.82
CA PHE J 228 -42.33 -106.08 39.91
C PHE J 228 -41.27 -106.19 38.82
N ARG J 229 -40.57 -107.33 38.79
CA ARG J 229 -39.48 -107.53 37.86
C ARG J 229 -39.79 -108.74 36.98
N GLY J 230 -39.45 -108.63 35.70
CA GLY J 230 -39.60 -109.74 34.79
C GLY J 230 -40.55 -109.50 33.64
N LYS J 231 -40.05 -109.67 32.42
CA LYS J 231 -40.90 -109.58 31.22
C LYS J 231 -41.70 -110.86 31.11
N THR J 232 -43.01 -110.75 31.25
CA THR J 232 -43.89 -111.92 31.27
C THR J 232 -45.22 -111.55 30.63
N LYS J 233 -46.19 -112.44 30.75
CA LYS J 233 -47.54 -112.22 30.23
C LYS J 233 -48.46 -111.82 31.37
N SER J 234 -49.21 -110.74 31.18
CA SER J 234 -50.06 -110.19 32.22
C SER J 234 -51.42 -110.86 32.28
N PHE J 235 -51.69 -111.82 31.40
CA PHE J 235 -52.96 -112.56 31.41
C PHE J 235 -52.68 -114.01 31.04
N PRO J 236 -52.24 -114.82 32.01
CA PRO J 236 -52.01 -116.25 31.74
C PRO J 236 -53.26 -117.10 31.81
N GLU J 237 -54.39 -116.53 32.20
CA GLU J 237 -55.64 -117.27 32.33
C GLU J 237 -56.13 -117.77 30.98
CA MET K 5 -57.25 -74.65 0.98
C MET K 5 -58.26 -75.23 1.96
N PHE K 6 -58.21 -74.73 3.20
CA PHE K 6 -59.07 -75.22 4.26
C PHE K 6 -59.66 -74.04 5.02
N SER K 7 -60.76 -74.30 5.71
CA SER K 7 -61.38 -73.28 6.55
C SER K 7 -60.43 -72.86 7.66
N VAL K 8 -60.59 -71.64 8.17
CA VAL K 8 -59.77 -71.19 9.29
C VAL K 8 -60.02 -72.07 10.51
N PHE K 9 -61.29 -72.37 10.78
CA PHE K 9 -61.62 -73.28 11.87
C PHE K 9 -61.03 -74.65 11.64
N GLU K 10 -60.98 -75.11 10.39
CA GLU K 10 -60.32 -76.37 10.10
C GLU K 10 -58.85 -76.33 10.50
N GLU K 11 -58.16 -75.23 10.17
CA GLU K 11 -56.75 -75.12 10.52
C GLU K 11 -56.54 -75.08 12.02
N ILE K 12 -57.37 -74.31 12.74
CA ILE K 12 -57.17 -74.23 14.19
C ILE K 12 -57.47 -75.56 14.84
N THR K 13 -58.46 -76.30 14.34
CA THR K 13 -58.75 -77.62 14.91
C THR K 13 -57.62 -78.59 14.61
N ARG K 14 -57.05 -78.53 13.41
CA ARG K 14 -55.90 -79.40 13.11
C ARG K 14 -54.73 -79.10 14.03
N ILE K 15 -54.46 -77.82 14.29
CA ILE K 15 -53.39 -77.46 15.21
C ILE K 15 -53.69 -77.97 16.61
N VAL K 16 -54.93 -77.79 17.08
CA VAL K 16 -55.27 -78.21 18.44
C VAL K 16 -55.15 -79.72 18.57
N VAL K 17 -55.54 -80.48 17.54
CA VAL K 17 -55.42 -81.92 17.62
C VAL K 17 -53.95 -82.35 17.58
N LYS K 18 -53.16 -81.72 16.72
CA LYS K 18 -51.74 -82.08 16.65
C LYS K 18 -51.02 -81.75 17.96
N GLU K 19 -51.49 -80.77 18.71
CA GLU K 19 -50.80 -80.40 19.94
C GLU K 19 -51.36 -81.11 21.17
N MET K 20 -52.65 -80.90 21.46
CA MET K 20 -53.24 -81.43 22.69
C MET K 20 -53.31 -82.94 22.72
N ASP K 21 -53.18 -83.62 21.58
CA ASP K 21 -53.20 -85.08 21.61
C ASP K 21 -52.20 -85.57 20.56
N ALA K 22 -50.96 -85.79 21.00
CA ALA K 22 -49.98 -86.41 20.14
C ALA K 22 -50.36 -87.86 19.91
N GLY K 23 -50.44 -88.26 18.65
CA GLY K 23 -50.94 -89.59 18.34
C GLY K 23 -52.36 -89.74 18.85
N GLY K 24 -52.57 -90.76 19.68
CA GLY K 24 -53.87 -90.94 20.30
C GLY K 24 -54.95 -91.23 19.28
N ASP K 25 -56.17 -90.81 19.58
CA ASP K 25 -57.32 -91.08 18.73
C ASP K 25 -58.19 -89.87 18.46
N MET K 26 -57.93 -88.72 19.08
CA MET K 26 -58.80 -87.56 18.90
C MET K 26 -58.78 -87.10 17.45
N ILE K 27 -59.97 -86.81 16.93
CA ILE K 27 -60.14 -86.27 15.60
C ILE K 27 -60.68 -84.85 15.70
N ALA K 28 -60.30 -84.02 14.74
CA ALA K 28 -60.61 -82.59 14.78
C ALA K 28 -61.95 -82.31 14.11
N VAL K 29 -62.77 -81.50 14.78
CA VAL K 29 -64.00 -81.04 14.16
C VAL K 29 -63.67 -80.22 12.92
N ARG K 30 -64.41 -80.47 11.85
CA ARG K 30 -64.13 -79.81 10.58
C ARG K 30 -64.90 -78.51 10.41
N SER K 31 -66.21 -78.53 10.61
CA SER K 31 -67.07 -77.39 10.37
C SER K 31 -67.66 -76.91 11.69
N LEU K 32 -67.66 -75.60 11.89
CA LEU K 32 -68.16 -75.06 13.15
C LEU K 32 -69.67 -74.85 13.16
N VAL K 33 -70.34 -75.04 12.02
CA VAL K 33 -71.80 -75.01 12.05
C VAL K 33 -72.34 -76.19 12.87
N ASP K 34 -71.75 -77.37 12.69
CA ASP K 34 -72.13 -78.55 13.44
C ASP K 34 -71.14 -78.88 14.55
N ALA K 35 -70.36 -77.88 14.99
CA ALA K 35 -69.51 -78.08 16.15
C ALA K 35 -70.35 -78.33 17.39
N ASP K 36 -71.45 -77.59 17.54
CA ASP K 36 -72.33 -77.77 18.69
C ASP K 36 -72.94 -79.18 18.71
N ARG K 37 -73.05 -79.82 17.55
CA ARG K 37 -73.62 -81.16 17.51
C ARG K 37 -72.58 -82.25 17.74
N PHE K 38 -71.32 -81.90 17.97
CA PHE K 38 -70.28 -82.84 18.35
C PHE K 38 -70.00 -82.82 19.85
N ARG K 39 -70.84 -82.14 20.62
CA ARG K 39 -70.68 -82.08 22.07
C ARG K 39 -70.81 -83.48 22.66
N CYS K 40 -70.47 -83.58 23.95
CA CYS K 40 -70.51 -84.86 24.64
C CYS K 40 -71.93 -85.42 24.67
N PHE K 41 -72.03 -86.74 24.59
CA PHE K 41 -73.23 -87.57 24.53
C PHE K 41 -73.90 -87.54 23.16
N HIS K 42 -73.46 -86.71 22.22
CA HIS K 42 -74.11 -86.66 20.92
C HIS K 42 -73.67 -87.85 20.07
N LEU K 43 -74.65 -88.60 19.58
CA LEU K 43 -74.34 -89.74 18.73
C LEU K 43 -73.78 -89.28 17.39
N VAL K 44 -72.87 -90.06 16.85
CA VAL K 44 -72.16 -89.74 15.62
C VAL K 44 -72.17 -90.99 14.74
N GLY K 45 -72.10 -90.79 13.43
CA GLY K 45 -72.04 -91.89 12.50
C GLY K 45 -70.83 -91.77 11.60
N GLU K 46 -70.49 -92.89 10.97
CA GLU K 46 -69.36 -92.97 10.06
C GLU K 46 -69.83 -93.01 8.62
N LYS K 47 -68.94 -92.65 7.71
CA LYS K 47 -69.21 -92.74 6.29
C LYS K 47 -67.91 -93.01 5.55
N ARG K 48 -67.98 -93.94 4.59
CA ARG K 48 -66.79 -94.38 3.86
C ARG K 48 -66.71 -93.68 2.52
N THR K 49 -65.48 -93.31 2.13
CA THR K 49 -65.24 -92.62 0.87
C THR K 49 -64.04 -93.26 0.18
N PHE K 50 -63.88 -92.96 -1.11
CA PHE K 50 -62.73 -93.45 -1.84
C PHE K 50 -61.43 -92.89 -1.29
N PHE K 51 -61.46 -91.66 -0.74
CA PHE K 51 -60.28 -91.12 -0.07
C PHE K 51 -60.07 -91.77 1.29
N GLY K 52 -61.15 -92.06 2.02
CA GLY K 52 -61.06 -92.66 3.33
C GLY K 52 -62.38 -92.74 4.05
N CYS K 53 -62.40 -92.39 5.33
CA CYS K 53 -63.63 -92.39 6.13
C CYS K 53 -63.73 -91.09 6.90
N ARG K 54 -64.96 -90.66 7.15
CA ARG K 54 -65.23 -89.43 7.88
C ARG K 54 -66.43 -89.65 8.80
N HIS K 55 -66.68 -88.65 9.65
CA HIS K 55 -67.76 -88.69 10.62
C HIS K 55 -68.80 -87.63 10.32
N TYR K 56 -70.04 -87.92 10.68
CA TYR K 56 -71.13 -86.97 10.63
C TYR K 56 -71.88 -87.01 11.95
N THR K 57 -72.64 -85.97 12.22
CA THR K 57 -73.42 -85.88 13.45
C THR K 57 -74.89 -86.10 13.14
N THR K 58 -75.48 -87.12 13.76
CA THR K 58 -76.92 -87.32 13.62
C THR K 58 -77.71 -86.25 14.36
N GLY K 59 -77.10 -85.58 15.33
CA GLY K 59 -77.82 -84.66 16.18
C GLY K 59 -78.53 -85.31 17.34
N LEU K 60 -78.33 -86.61 17.57
CA LEU K 60 -78.98 -87.34 18.63
C LEU K 60 -78.06 -87.41 19.84
N THR K 61 -78.54 -86.94 20.98
CA THR K 61 -77.85 -87.21 22.23
C THR K 61 -78.20 -88.63 22.69
N LEU K 62 -77.47 -89.11 23.71
CA LEU K 62 -77.70 -90.46 24.19
C LEU K 62 -79.09 -90.62 24.79
N MET K 63 -79.62 -89.55 25.40
CA MET K 63 -80.93 -89.62 26.02
C MET K 63 -82.02 -89.98 25.03
N ASP K 64 -81.79 -89.76 23.74
CA ASP K 64 -82.78 -90.13 22.73
C ASP K 64 -82.94 -91.65 22.66
N ILE K 65 -81.84 -92.38 22.75
CA ILE K 65 -81.86 -93.84 22.60
C ILE K 65 -81.51 -94.53 23.91
N LEU K 66 -81.71 -93.88 25.05
CA LEU K 66 -81.44 -94.48 26.35
C LEU K 66 -82.76 -94.62 27.11
N ASP K 67 -83.06 -95.84 27.57
CA ASP K 67 -84.34 -96.11 28.21
C ASP K 67 -84.56 -95.23 29.43
N THR K 68 -83.53 -95.10 30.26
CA THR K 68 -83.59 -94.28 31.48
C THR K 68 -84.74 -94.70 32.38
N LYS K 85 -62.36 -76.99 34.46
CA LYS K 85 -61.74 -78.29 34.29
C LYS K 85 -60.26 -78.13 33.92
N ALA K 86 -59.92 -78.48 32.69
CA ALA K 86 -58.55 -78.35 32.18
C ALA K 86 -58.55 -77.33 31.05
N GLU K 87 -57.75 -76.28 31.20
CA GLU K 87 -57.78 -75.13 30.28
C GLU K 87 -56.39 -74.96 29.67
N PHE K 88 -56.33 -75.00 28.34
CA PHE K 88 -55.07 -74.91 27.60
C PHE K 88 -55.12 -73.71 26.68
N GLN K 89 -54.13 -72.84 26.79
CA GLN K 89 -54.05 -71.61 25.98
C GLN K 89 -52.98 -71.79 24.92
N ILE K 90 -53.40 -72.07 23.70
CA ILE K 90 -52.49 -72.23 22.58
C ILE K 90 -52.37 -70.89 21.87
N LEU K 91 -51.18 -70.64 21.31
CA LEU K 91 -50.93 -69.41 20.57
C LEU K 91 -49.76 -69.66 19.63
N ASP K 92 -49.94 -69.39 18.34
CA ASP K 92 -48.87 -69.65 17.40
C ASP K 92 -49.02 -68.79 16.15
N ASN K 93 -47.92 -68.68 15.43
CA ASN K 93 -47.87 -68.06 14.11
C ASN K 93 -47.06 -68.96 13.21
N VAL K 94 -47.51 -69.10 11.96
CA VAL K 94 -46.90 -70.01 11.00
C VAL K 94 -46.62 -69.25 9.71
N ASP K 95 -45.44 -69.45 9.15
CA ASP K 95 -45.05 -68.85 7.88
C ASP K 95 -44.45 -69.94 7.00
N SER K 96 -45.17 -70.33 5.96
CA SER K 96 -44.73 -71.39 5.07
C SER K 96 -44.67 -70.88 3.64
N THR K 97 -43.78 -71.47 2.85
CA THR K 97 -43.62 -71.09 1.45
C THR K 97 -43.07 -72.27 0.67
N GLY K 98 -43.66 -72.54 -0.50
CA GLY K 98 -43.16 -73.59 -1.36
C GLY K 98 -43.16 -73.21 -2.82
N GLU K 99 -41.99 -73.33 -3.45
CA GLU K 99 -41.86 -72.92 -4.87
C GLU K 99 -41.35 -74.10 -5.70
N LEU K 100 -42.02 -74.41 -6.80
CA LEU K 100 -41.64 -75.51 -7.67
C LEU K 100 -41.55 -75.01 -9.11
N ILE K 101 -40.67 -75.64 -9.88
CA ILE K 101 -40.49 -75.34 -11.29
C ILE K 101 -40.40 -76.66 -12.06
N VAL K 102 -41.10 -76.71 -13.20
CA VAL K 102 -41.11 -77.91 -14.03
C VAL K 102 -40.86 -77.49 -15.48
N ARG K 103 -40.05 -78.27 -16.19
CA ARG K 103 -39.79 -78.04 -17.60
C ARG K 103 -40.08 -79.31 -18.38
N LEU K 104 -40.54 -79.11 -19.63
CA LEU K 104 -40.88 -80.26 -20.51
C LEU K 104 -40.32 -79.99 -21.89
N PRO K 105 -39.91 -81.03 -22.65
CA PRO K 105 -39.40 -80.85 -24.03
C PRO K 105 -40.43 -80.30 -25.00
N LYS K 106 -41.69 -80.20 -24.60
CA LYS K 106 -42.73 -79.62 -25.42
C LYS K 106 -42.85 -78.11 -25.23
N GLU K 107 -41.76 -77.46 -24.82
CA GLU K 107 -41.72 -76.02 -24.56
C GLU K 107 -42.74 -75.63 -23.50
N ILE K 108 -42.85 -76.42 -22.44
CA ILE K 108 -43.77 -76.15 -21.34
C ILE K 108 -42.97 -75.94 -20.06
N THR K 109 -42.83 -74.69 -19.64
CA THR K 109 -42.09 -74.33 -18.44
C THR K 109 -43.05 -73.71 -17.44
N ILE K 110 -43.38 -74.46 -16.39
CA ILE K 110 -44.31 -73.99 -15.37
C ILE K 110 -43.53 -73.69 -14.09
N SER K 111 -44.08 -72.78 -13.28
CA SER K 111 -43.47 -72.43 -12.01
C SER K 111 -44.56 -71.92 -11.08
N GLY K 112 -44.63 -72.48 -9.88
CA GLY K 112 -45.65 -72.10 -8.92
C GLY K 112 -45.14 -71.92 -7.50
N SER K 113 -45.59 -70.85 -6.85
CA SER K 113 -45.24 -70.55 -5.47
C SER K 113 -46.53 -70.49 -4.65
N PHE K 114 -46.49 -71.07 -3.46
CA PHE K 114 -47.64 -71.13 -2.57
C PHE K 114 -47.17 -70.79 -1.17
N GLN K 115 -47.63 -69.67 -0.63
CA GLN K 115 -47.18 -69.21 0.67
C GLN K 115 -48.38 -68.99 1.59
N GLY K 116 -48.12 -69.09 2.88
CA GLY K 116 -49.16 -68.93 3.89
C GLY K 116 -48.65 -68.33 5.17
N PHE K 117 -49.46 -67.48 5.79
CA PHE K 117 -49.14 -66.81 7.03
C PHE K 117 -50.36 -66.92 7.94
N HIS K 118 -50.22 -67.67 9.02
CA HIS K 118 -51.33 -67.94 9.93
C HIS K 118 -51.01 -67.37 11.30
N HIS K 119 -52.03 -66.82 11.97
CA HIS K 119 -51.88 -66.36 13.34
C HIS K 119 -53.12 -66.76 14.13
N GLN K 120 -52.90 -67.53 15.21
CA GLN K 120 -54.00 -68.01 16.02
C GLN K 120 -53.65 -67.87 17.49
N LYS K 121 -54.65 -67.51 18.29
CA LYS K 121 -54.55 -67.50 19.74
C LYS K 121 -55.89 -67.97 20.28
N ILE K 122 -55.90 -69.09 20.99
CA ILE K 122 -57.14 -69.72 21.41
C ILE K 122 -56.96 -70.27 22.82
N LYS K 123 -58.07 -70.35 23.56
CA LYS K 123 -58.08 -70.87 24.92
C LYS K 123 -59.17 -71.93 25.00
N ILE K 124 -58.77 -73.19 25.00
CA ILE K 124 -59.71 -74.30 24.96
C ILE K 124 -59.82 -74.90 26.35
N SER K 125 -60.88 -75.68 26.56
CA SER K 125 -61.08 -76.41 27.80
C SER K 125 -61.54 -77.83 27.45
N GLU K 126 -61.28 -78.75 28.36
CA GLU K 126 -61.57 -80.16 28.14
C GLU K 126 -62.76 -80.60 28.97
N ASN K 127 -63.64 -81.38 28.36
CA ASN K 127 -64.73 -82.05 29.07
C ASN K 127 -64.78 -83.50 28.61
N ARG K 128 -65.27 -84.36 29.49
CA ARG K 128 -65.28 -85.78 29.18
C ARG K 128 -66.26 -86.49 30.10
N ILE K 129 -66.87 -87.53 29.58
CA ILE K 129 -67.80 -88.34 30.36
C ILE K 129 -67.00 -89.30 31.22
N SER K 130 -67.32 -89.33 32.51
CA SER K 130 -66.56 -90.15 33.45
C SER K 130 -66.72 -91.63 33.13
N GLN K 131 -65.64 -92.39 33.37
CA GLN K 131 -65.67 -93.83 33.13
C GLN K 131 -66.71 -94.53 34.00
N GLN K 132 -67.16 -93.91 35.09
CA GLN K 132 -68.28 -94.45 35.84
C GLN K 132 -69.52 -94.52 34.98
N TYR K 133 -69.79 -93.48 34.19
CA TYR K 133 -70.95 -93.48 33.31
C TYR K 133 -70.83 -94.60 32.27
N LEU K 134 -69.69 -94.67 31.59
CA LEU K 134 -69.49 -95.74 30.61
C LEU K 134 -69.60 -97.11 31.27
N ALA K 135 -69.25 -97.22 32.54
CA ALA K 135 -69.50 -98.45 33.27
C ALA K 135 -70.99 -98.70 33.43
N THR K 136 -71.76 -97.65 33.69
CA THR K 136 -73.22 -97.79 33.81
C THR K 136 -73.91 -97.99 32.47
N LEU K 137 -73.41 -97.37 31.42
CA LEU K 137 -74.05 -97.45 30.09
C LEU K 137 -73.59 -98.69 29.34
N GLU K 138 -73.70 -99.87 29.95
CA GLU K 138 -73.29 -101.12 29.32
C GLU K 138 -74.51 -101.98 29.01
N ASN K 139 -74.66 -102.33 27.74
CA ASN K 139 -75.74 -103.21 27.27
C ASN K 139 -77.10 -102.73 27.76
N ARG K 140 -77.32 -101.43 27.65
CA ARG K 140 -78.60 -100.85 28.04
C ARG K 140 -79.66 -101.12 26.99
N LYS K 141 -80.91 -101.20 27.43
CA LYS K 141 -82.03 -101.22 26.51
C LYS K 141 -82.32 -99.80 26.02
N LEU K 142 -82.67 -99.67 24.75
CA LEU K 142 -82.95 -98.38 24.17
C LEU K 142 -84.37 -97.94 24.57
N LYS K 143 -84.83 -96.85 23.99
CA LYS K 143 -86.21 -96.41 24.17
C LYS K 143 -87.11 -97.12 23.18
N ARG K 144 -88.29 -97.52 23.65
CA ARG K 144 -89.28 -98.11 22.75
C ARG K 144 -89.75 -97.12 21.70
N GLU K 145 -89.58 -95.82 21.95
CA GLU K 145 -89.93 -94.78 20.99
C GLU K 145 -88.78 -94.60 19.99
N LEU K 146 -88.63 -95.60 19.13
CA LEU K 146 -87.60 -95.58 18.09
C LEU K 146 -87.84 -94.39 17.16
N PRO K 147 -86.99 -93.38 17.18
CA PRO K 147 -87.15 -92.26 16.25
C PRO K 147 -86.77 -92.68 14.84
N PHE K 148 -87.51 -92.16 13.86
CA PHE K 148 -87.15 -92.41 12.47
C PHE K 148 -85.76 -91.86 12.16
N SER K 149 -85.30 -90.86 12.93
CA SER K 149 -83.94 -90.37 12.78
C SER K 149 -82.93 -91.49 12.99
N PHE K 150 -83.15 -92.33 14.00
CA PHE K 150 -82.28 -93.46 14.26
C PHE K 150 -82.78 -94.74 13.59
N ARG K 151 -84.09 -94.96 13.55
CA ARG K 151 -84.63 -96.20 13.01
C ARG K 151 -84.21 -96.41 11.56
N SER K 152 -84.03 -95.32 10.81
CA SER K 152 -83.68 -95.41 9.40
C SER K 152 -82.18 -95.38 9.16
N ILE K 153 -81.36 -95.39 10.21
CA ILE K 153 -79.92 -95.36 10.03
C ILE K 153 -79.48 -96.62 9.31
N ASN K 154 -78.68 -96.46 8.26
CA ASN K 154 -78.21 -97.59 7.49
C ASN K 154 -77.29 -98.46 8.34
N THR K 155 -77.62 -99.74 8.46
CA THR K 155 -76.85 -100.65 9.29
C THR K 155 -75.47 -100.97 8.70
N ARG K 156 -75.24 -100.66 7.42
CA ARG K 156 -73.93 -100.88 6.83
C ARG K 156 -72.86 -100.04 7.50
N GLU K 157 -73.16 -98.78 7.81
CA GLU K 157 -72.23 -97.90 8.50
C GLU K 157 -72.30 -98.12 10.01
N ASN K 158 -71.41 -97.46 10.72
CA ASN K 158 -71.23 -97.68 12.15
C ASN K 158 -71.98 -96.61 12.95
N LEU K 159 -71.81 -96.65 14.27
CA LEU K 159 -72.45 -95.67 15.15
C LEU K 159 -71.59 -95.54 16.40
N TYR K 160 -71.36 -94.31 16.85
CA TYR K 160 -70.44 -94.02 17.94
C TYR K 160 -71.06 -93.01 18.88
N LEU K 161 -70.51 -92.95 20.08
CA LEU K 161 -70.88 -91.97 21.08
C LEU K 161 -69.68 -91.08 21.35
N VAL K 162 -69.90 -89.76 21.35
CA VAL K 162 -68.83 -88.82 21.61
C VAL K 162 -68.51 -88.82 23.10
N THR K 163 -67.24 -89.05 23.43
CA THR K 163 -66.78 -89.26 24.79
C THR K 163 -66.12 -88.03 25.40
N GLU K 164 -65.10 -87.48 24.72
CA GLU K 164 -64.37 -86.33 25.23
C GLU K 164 -64.33 -85.24 24.16
N THR K 165 -64.34 -84.00 24.62
CA THR K 165 -64.42 -82.84 23.72
C THR K 165 -63.54 -81.71 24.23
N LEU K 166 -62.83 -81.08 23.30
CA LEU K 166 -62.12 -79.83 23.54
C LEU K 166 -62.93 -78.69 22.94
N GLU K 167 -63.37 -77.77 23.79
CA GLU K 167 -64.27 -76.71 23.39
C GLU K 167 -63.73 -75.37 23.85
N THR K 168 -63.85 -74.36 23.00
CA THR K 168 -63.38 -73.04 23.39
C THR K 168 -64.23 -72.49 24.53
N VAL K 169 -63.70 -71.49 25.23
CA VAL K 169 -64.41 -70.86 26.33
C VAL K 169 -64.37 -69.35 26.18
N LYS K 170 -63.84 -68.87 25.05
CA LYS K 170 -63.70 -67.44 24.84
C LYS K 170 -63.92 -67.12 23.37
N GLU K 171 -64.40 -65.91 23.11
CA GLU K 171 -64.64 -65.47 21.74
C GLU K 171 -63.30 -65.26 21.03
N GLU K 172 -63.04 -66.05 20.01
CA GLU K 172 -61.74 -66.05 19.35
C GLU K 172 -61.81 -65.34 18.01
N THR K 173 -60.63 -64.94 17.52
CA THR K 173 -60.51 -64.21 16.26
C THR K 173 -59.23 -64.68 15.58
N LEU K 174 -59.38 -65.60 14.62
CA LEU K 174 -58.24 -66.24 13.98
C LEU K 174 -57.97 -65.61 12.62
N LYS K 175 -56.69 -65.54 12.23
CA LYS K 175 -56.32 -64.88 10.99
C LYS K 175 -55.46 -65.78 10.13
N SER K 176 -55.66 -65.68 8.82
CA SER K 176 -54.85 -66.40 7.84
C SER K 176 -54.58 -65.50 6.65
N ASP K 177 -53.60 -65.88 5.85
CA ASP K 177 -53.27 -65.13 4.64
C ASP K 177 -52.58 -66.08 3.67
N ARG K 178 -53.20 -66.32 2.52
CA ARG K 178 -52.70 -67.24 1.53
C ARG K 178 -52.27 -66.49 0.28
N GLN K 179 -51.30 -67.06 -0.44
CA GLN K 179 -50.85 -66.49 -1.70
C GLN K 179 -50.50 -67.63 -2.65
N TYR K 180 -51.14 -67.64 -3.82
CA TYR K 180 -50.89 -68.63 -4.86
C TYR K 180 -50.46 -67.88 -6.11
N LYS K 181 -49.17 -67.96 -6.46
CA LYS K 181 -48.65 -67.28 -7.64
C LYS K 181 -48.05 -68.34 -8.55
N PHE K 182 -48.81 -68.79 -9.56
CA PHE K 182 -48.29 -69.84 -10.43
C PHE K 182 -48.60 -69.54 -11.88
N TRP K 183 -47.62 -69.80 -12.75
CA TRP K 183 -47.74 -69.57 -14.18
C TRP K 183 -47.12 -70.72 -14.94
N SER K 184 -47.28 -70.68 -16.26
CA SER K 184 -46.83 -71.76 -17.13
C SER K 184 -46.74 -71.22 -18.54
N GLN K 185 -45.57 -71.33 -19.15
CA GLN K 185 -45.38 -70.98 -20.55
C GLN K 185 -45.50 -72.24 -21.41
N ILE K 186 -46.25 -72.11 -22.50
CA ILE K 186 -46.44 -73.21 -23.44
C ILE K 186 -45.71 -72.85 -24.73
N SER K 187 -45.69 -73.82 -25.66
CA SER K 187 -45.02 -73.59 -26.94
C SER K 187 -45.64 -72.42 -27.69
N GLN K 188 -46.93 -72.19 -27.50
CA GLN K 188 -47.62 -71.09 -28.18
C GLN K 188 -47.70 -69.86 -27.29
N GLY K 189 -48.28 -70.00 -26.11
CA GLY K 189 -48.53 -68.86 -25.24
C GLY K 189 -48.20 -69.16 -23.79
N HIS K 190 -48.75 -68.34 -22.91
CA HIS K 190 -48.50 -68.40 -21.48
C HIS K 190 -49.83 -68.43 -20.73
N LEU K 191 -49.76 -68.64 -19.42
CA LEU K 191 -50.93 -68.59 -18.55
C LEU K 191 -50.47 -68.42 -17.11
N SER K 192 -50.92 -67.34 -16.46
CA SER K 192 -50.49 -67.03 -15.11
C SER K 192 -51.69 -66.75 -14.23
N TYR K 193 -51.51 -66.94 -12.92
CA TYR K 193 -52.55 -66.65 -11.95
C TYR K 193 -51.91 -66.27 -10.62
N LYS K 194 -52.29 -65.11 -10.09
CA LYS K 194 -51.79 -64.61 -8.82
C LYS K 194 -52.96 -64.29 -7.91
N HIS K 195 -53.00 -64.95 -6.76
CA HIS K 195 -54.06 -64.76 -5.77
C HIS K 195 -53.42 -64.42 -4.44
N LYS K 196 -53.94 -63.38 -3.78
CA LYS K 196 -53.50 -62.99 -2.44
C LYS K 196 -54.74 -62.72 -1.62
N GLY K 197 -54.95 -63.53 -0.58
CA GLY K 197 -56.14 -63.39 0.23
C GLY K 197 -55.88 -63.40 1.72
N GLN K 198 -56.28 -62.34 2.41
CA GLN K 198 -56.24 -62.27 3.86
C GLN K 198 -57.62 -62.56 4.40
N ARG K 199 -57.71 -63.48 5.37
CA ARG K 199 -58.97 -63.95 5.89
C ARG K 199 -58.95 -63.88 7.42
N GLU K 200 -60.12 -63.67 8.00
CA GLU K 200 -60.22 -63.52 9.45
C GLU K 200 -61.60 -63.97 9.88
N VAL K 201 -61.67 -64.77 10.94
CA VAL K 201 -62.93 -65.34 11.39
C VAL K 201 -63.06 -65.16 12.89
N THR K 202 -64.29 -65.14 13.38
CA THR K 202 -64.61 -65.01 14.78
C THR K 202 -65.43 -66.20 15.25
N ILE K 203 -65.21 -66.61 16.49
CA ILE K 203 -65.79 -67.83 17.03
C ILE K 203 -66.38 -67.58 18.40
N PRO K 204 -67.62 -68.01 18.64
CA PRO K 204 -68.20 -67.88 19.98
C PRO K 204 -67.67 -68.95 20.92
N PRO K 205 -67.97 -68.87 22.21
CA PRO K 205 -67.51 -69.90 23.14
C PRO K 205 -68.20 -71.23 22.90
N ASN K 206 -67.66 -72.27 23.54
CA ASN K 206 -68.22 -73.61 23.60
C ASN K 206 -68.25 -74.32 22.26
N ARG K 207 -67.44 -73.88 21.31
CA ARG K 207 -67.36 -74.56 20.02
C ARG K 207 -66.40 -75.74 20.12
N VAL K 208 -66.92 -76.95 19.93
CA VAL K 208 -66.12 -78.15 20.08
C VAL K 208 -65.05 -78.20 19.00
N LEU K 209 -63.78 -78.22 19.41
CA LEU K 209 -62.68 -78.25 18.47
C LEU K 209 -62.21 -79.67 18.13
N SER K 210 -62.44 -80.64 19.01
CA SER K 210 -62.03 -82.00 18.72
C SER K 210 -62.83 -82.96 19.60
N TYR K 211 -62.85 -84.22 19.20
CA TYR K 211 -63.63 -85.21 19.91
C TYR K 211 -63.04 -86.60 19.66
N ARG K 212 -63.42 -87.53 20.53
CA ARG K 212 -63.08 -88.95 20.39
C ARG K 212 -64.35 -89.75 20.67
N VAL K 213 -64.39 -90.98 20.15
CA VAL K 213 -65.64 -91.73 20.10
C VAL K 213 -65.45 -93.13 20.66
N LYS K 214 -66.54 -93.69 21.18
CA LYS K 214 -66.62 -95.09 21.59
C LYS K 214 -67.78 -95.75 20.84
N GLN K 215 -67.52 -96.91 20.25
CA GLN K 215 -68.51 -97.46 19.33
C GLN K 215 -69.73 -97.96 20.10
N LEU K 216 -70.85 -98.11 19.39
CA LEU K 216 -72.05 -98.73 19.95
C LEU K 216 -72.55 -99.78 18.97
N VAL K 217 -72.34 -101.06 19.30
CA VAL K 217 -72.83 -102.16 18.49
C VAL K 217 -74.17 -102.61 19.03
N PHE K 218 -75.07 -102.99 18.12
CA PHE K 218 -76.46 -103.34 18.42
C PHE K 218 -76.78 -104.70 17.84
N PRO K 219 -76.55 -105.79 18.58
CA PRO K 219 -77.01 -107.10 18.12
C PRO K 219 -78.52 -107.19 17.94
N ASN K 220 -79.29 -106.39 18.67
CA ASN K 220 -80.73 -106.31 18.49
C ASN K 220 -81.16 -104.88 18.84
N LYS K 221 -82.47 -104.69 19.03
CA LYS K 221 -83.04 -103.38 19.26
C LYS K 221 -83.07 -102.97 20.73
N GLU K 222 -82.55 -103.82 21.62
CA GLU K 222 -82.51 -103.51 23.05
C GLU K 222 -81.11 -103.63 23.62
N THR K 223 -80.09 -103.65 22.76
CA THR K 223 -78.71 -103.88 23.16
C THR K 223 -77.86 -102.68 22.75
N MET K 224 -77.65 -101.76 23.69
CA MET K 224 -76.72 -100.65 23.48
C MET K 224 -75.32 -101.07 23.88
N ASN K 225 -74.77 -102.04 23.14
CA ASN K 225 -73.52 -102.66 23.55
C ASN K 225 -72.37 -101.71 23.27
N ILE K 226 -71.81 -101.12 24.33
CA ILE K 226 -70.79 -100.09 24.18
C ILE K 226 -69.43 -100.76 23.96
N HIS K 227 -68.83 -100.51 22.80
CA HIS K 227 -67.59 -101.15 22.38
C HIS K 227 -66.45 -100.16 22.58
N PHE K 228 -65.45 -100.56 23.37
CA PHE K 228 -64.31 -99.70 23.67
C PHE K 228 -63.17 -99.91 22.68
N ARG K 229 -62.67 -101.14 22.59
CA ARG K 229 -61.53 -101.47 21.75
C ARG K 229 -61.94 -102.50 20.72
N GLY K 230 -61.45 -102.33 19.49
CA GLY K 230 -61.68 -103.32 18.46
C GLY K 230 -62.45 -102.80 17.26
N LYS K 231 -61.84 -102.94 16.07
CA LYS K 231 -62.52 -102.59 14.82
C LYS K 231 -63.51 -103.69 14.49
N THR K 232 -64.80 -103.35 14.52
CA THR K 232 -65.86 -104.33 14.32
C THR K 232 -67.02 -103.66 13.60
N LYS K 233 -68.15 -104.37 13.53
CA LYS K 233 -69.36 -103.87 12.92
C LYS K 233 -70.33 -103.41 14.00
N SER K 234 -70.84 -102.19 13.86
CA SER K 234 -71.71 -101.60 14.86
C SER K 234 -73.16 -102.01 14.73
N PHE K 235 -73.50 -102.81 13.72
CA PHE K 235 -74.85 -103.31 13.53
C PHE K 235 -74.80 -104.74 13.03
N PRO K 236 -74.62 -105.70 13.94
CA PRO K 236 -74.60 -107.11 13.53
C PRO K 236 -75.98 -107.73 13.39
N GLU K 237 -77.03 -106.99 13.73
CA GLU K 237 -78.40 -107.50 13.66
C GLU K 237 -78.82 -107.78 12.22
CA MET L 5 -69.06 -62.58 -12.80
C MET L 5 -70.27 -63.05 -11.99
N PHE L 6 -70.27 -62.69 -10.71
CA PHE L 6 -71.33 -63.11 -9.80
C PHE L 6 -71.78 -61.92 -8.97
N SER L 7 -72.98 -62.02 -8.42
CA SER L 7 -73.51 -60.99 -7.54
C SER L 7 -72.63 -60.87 -6.30
N VAL L 8 -72.63 -59.69 -5.67
CA VAL L 8 -71.88 -59.51 -4.43
C VAL L 8 -72.41 -60.42 -3.35
N PHE L 9 -73.75 -60.51 -3.25
CA PHE L 9 -74.35 -61.43 -2.30
C PHE L 9 -73.97 -62.87 -2.61
N GLU L 10 -73.86 -63.21 -3.90
CA GLU L 10 -73.40 -64.54 -4.27
C GLU L 10 -72.00 -64.81 -3.73
N GLU L 11 -71.11 -63.84 -3.87
CA GLU L 11 -69.75 -64.02 -3.37
C GLU L 11 -69.71 -64.15 -1.86
N ILE L 12 -70.46 -63.32 -1.14
CA ILE L 12 -70.42 -63.40 0.31
C ILE L 12 -71.02 -64.71 0.79
N THR L 13 -72.06 -65.21 0.11
CA THR L 13 -72.62 -66.49 0.50
C THR L 13 -71.67 -67.63 0.20
N ARG L 14 -70.95 -67.56 -0.92
CA ARG L 14 -69.95 -68.59 -1.21
C ARG L 14 -68.86 -68.60 -0.15
N ILE L 15 -68.40 -67.42 0.27
CA ILE L 15 -67.39 -67.35 1.33
C ILE L 15 -67.94 -67.93 2.63
N VAL L 16 -69.17 -67.57 3.00
CA VAL L 16 -69.73 -68.05 4.26
C VAL L 16 -69.89 -69.56 4.23
N VAL L 17 -70.28 -70.12 3.09
CA VAL L 17 -70.43 -71.57 3.02
C VAL L 17 -69.07 -72.26 3.08
N LYS L 18 -68.08 -71.71 2.37
CA LYS L 18 -66.75 -72.31 2.39
C LYS L 18 -66.14 -72.25 3.79
N GLU L 19 -66.51 -71.26 4.60
CA GLU L 19 -65.91 -71.16 5.92
C GLU L 19 -66.73 -71.85 7.01
N MET L 20 -67.98 -71.44 7.20
CA MET L 20 -68.79 -71.95 8.30
C MET L 20 -69.12 -73.43 8.16
N ASP L 21 -68.99 -74.01 6.96
CA ASP L 21 -69.26 -75.43 6.82
C ASP L 21 -68.25 -76.01 5.83
N ALA L 22 -67.13 -76.49 6.36
CA ALA L 22 -66.17 -77.20 5.54
C ALA L 22 -66.77 -78.54 5.11
N GLY L 23 -66.77 -78.79 3.81
CA GLY L 23 -67.46 -79.97 3.31
C GLY L 23 -68.92 -79.90 3.67
N GLY L 24 -69.41 -80.93 4.35
CA GLY L 24 -70.78 -80.92 4.81
C GLY L 24 -71.77 -80.92 3.67
N ASP L 25 -72.93 -80.31 3.90
CA ASP L 25 -74.00 -80.28 2.92
C ASP L 25 -74.62 -78.92 2.71
N MET L 26 -74.24 -77.90 3.47
CA MET L 26 -74.86 -76.59 3.34
C MET L 26 -74.60 -76.00 1.96
N ILE L 27 -75.65 -75.45 1.36
CA ILE L 27 -75.58 -74.77 0.09
C ILE L 27 -75.86 -73.29 0.31
N ALA L 28 -75.25 -72.46 -0.53
CA ALA L 28 -75.30 -71.01 -0.36
C ALA L 28 -76.48 -70.42 -1.12
N VAL L 29 -77.23 -69.54 -0.44
CA VAL L 29 -78.28 -68.80 -1.12
C VAL L 29 -77.67 -67.95 -2.22
N ARG L 30 -78.32 -67.96 -3.39
CA ARG L 30 -77.78 -67.24 -4.54
C ARG L 30 -78.29 -65.82 -4.63
N SER L 31 -79.60 -65.63 -4.56
CA SER L 31 -80.22 -64.32 -4.76
C SER L 31 -80.85 -63.86 -3.46
N LEU L 32 -80.66 -62.60 -3.11
CA LEU L 32 -81.20 -62.10 -1.85
C LEU L 32 -82.63 -61.61 -1.96
N VAL L 33 -83.20 -61.58 -3.17
CA VAL L 33 -84.63 -61.29 -3.27
C VAL L 33 -85.45 -62.41 -2.65
N ASP L 34 -85.06 -63.65 -2.90
CA ASP L 34 -85.72 -64.82 -2.33
C ASP L 34 -84.93 -65.41 -1.17
N ALA L 35 -84.04 -64.62 -0.55
CA ALA L 35 -83.38 -65.08 0.66
C ALA L 35 -84.39 -65.29 1.78
N ASP L 36 -85.36 -64.38 1.90
CA ASP L 36 -86.37 -64.50 2.94
C ASP L 36 -87.22 -65.76 2.74
N ARG L 37 -87.30 -66.26 1.51
CA ARG L 37 -88.09 -67.46 1.26
C ARG L 37 -87.29 -68.74 1.47
N PHE L 38 -86.02 -68.65 1.86
CA PHE L 38 -85.21 -69.80 2.23
C PHE L 38 -85.10 -69.96 3.74
N ARG L 39 -85.90 -69.22 4.49
CA ARG L 39 -85.89 -69.33 5.95
C ARG L 39 -86.33 -70.73 6.38
N CYS L 40 -86.16 -71.00 7.67
CA CYS L 40 -86.50 -72.32 8.21
C CYS L 40 -87.99 -72.60 8.04
N PHE L 41 -88.30 -73.87 7.80
CA PHE L 41 -89.61 -74.45 7.54
C PHE L 41 -90.11 -74.18 6.12
N HIS L 42 -89.44 -73.36 5.32
CA HIS L 42 -89.91 -73.06 3.97
C HIS L 42 -89.59 -74.24 3.05
N LEU L 43 -90.63 -74.75 2.38
CA LEU L 43 -90.43 -75.85 1.45
C LEU L 43 -89.64 -75.36 0.23
N VAL L 44 -88.82 -76.25 -0.30
CA VAL L 44 -87.94 -75.96 -1.42
C VAL L 44 -88.07 -77.09 -2.43
N GLY L 45 -87.80 -76.79 -3.70
CA GLY L 45 -87.84 -77.80 -4.73
C GLY L 45 -86.53 -77.82 -5.49
N GLU L 46 -86.32 -78.92 -6.20
CA GLU L 46 -85.12 -79.12 -7.01
C GLU L 46 -85.43 -78.94 -8.48
N LYS L 47 -84.38 -78.68 -9.26
CA LYS L 47 -84.52 -78.58 -10.71
C LYS L 47 -83.21 -79.01 -11.35
N ARG L 48 -83.31 -79.82 -12.39
CA ARG L 48 -82.15 -80.40 -13.05
C ARG L 48 -81.79 -79.59 -14.30
N THR L 49 -80.49 -79.42 -14.52
CA THR L 49 -79.99 -78.69 -15.68
C THR L 49 -78.85 -79.47 -16.31
N PHE L 50 -78.50 -79.08 -17.54
CA PHE L 50 -77.37 -79.71 -18.21
C PHE L 50 -76.06 -79.46 -17.47
N PHE L 51 -75.94 -78.30 -16.80
CA PHE L 51 -74.78 -78.04 -15.96
C PHE L 51 -74.83 -78.85 -14.67
N GLY L 52 -76.03 -78.99 -14.09
CA GLY L 52 -76.17 -79.71 -12.84
C GLY L 52 -77.57 -79.62 -12.27
N CYS L 53 -77.68 -79.40 -10.96
CA CYS L 53 -78.97 -79.25 -10.29
C CYS L 53 -78.92 -78.03 -9.39
N ARG L 54 -80.09 -77.40 -9.22
CA ARG L 54 -80.23 -76.22 -8.38
C ARG L 54 -81.54 -76.29 -7.61
N HIS L 55 -81.71 -75.34 -6.68
CA HIS L 55 -82.88 -75.28 -5.83
C HIS L 55 -83.68 -74.01 -6.10
N TYR L 56 -84.98 -74.11 -5.90
CA TYR L 56 -85.88 -72.97 -5.95
C TYR L 56 -86.78 -73.00 -4.72
N THR L 57 -87.37 -71.86 -4.41
CA THR L 57 -88.25 -71.75 -3.26
C THR L 57 -89.69 -71.66 -3.73
N THR L 58 -90.52 -72.61 -3.28
CA THR L 58 -91.94 -72.52 -3.58
C THR L 58 -92.62 -71.40 -2.81
N GLY L 59 -92.02 -70.95 -1.71
CA GLY L 59 -92.66 -69.99 -0.84
C GLY L 59 -93.60 -70.60 0.16
N LEU L 60 -93.64 -71.93 0.27
CA LEU L 60 -94.54 -72.64 1.18
C LEU L 60 -93.78 -72.99 2.46
N THR L 61 -94.30 -72.53 3.59
CA THR L 61 -93.82 -73.05 4.86
C THR L 61 -94.45 -74.41 5.13
N LEU L 62 -93.94 -75.10 6.15
CA LEU L 62 -94.46 -76.43 6.45
C LEU L 62 -95.90 -76.38 6.90
N MET L 63 -96.31 -75.30 7.57
CA MET L 63 -97.68 -75.19 8.05
C MET L 63 -98.70 -75.24 6.92
N ASP L 64 -98.29 -74.94 5.69
CA ASP L 64 -99.20 -75.04 4.56
C ASP L 64 -99.61 -76.48 4.30
N ILE L 65 -98.68 -77.42 4.41
CA ILE L 65 -98.93 -78.82 4.11
C ILE L 65 -98.85 -79.69 5.36
N LEU L 66 -99.07 -79.12 6.54
CA LEU L 66 -99.06 -79.88 7.79
C LEU L 66 -100.46 -79.84 8.39
N ASP L 67 -101.01 -81.02 8.69
CA ASP L 67 -102.39 -81.11 9.16
C ASP L 67 -102.58 -80.32 10.45
N THR L 68 -101.65 -80.46 11.39
CA THR L 68 -101.70 -79.76 12.68
C THR L 68 -103.01 -80.04 13.41
N LYS L 85 -78.28 -67.02 19.57
CA LYS L 85 -77.88 -68.40 19.31
C LYS L 85 -76.36 -68.48 19.11
N ALA L 86 -75.95 -68.76 17.89
CA ALA L 86 -74.53 -68.84 17.52
C ALA L 86 -74.22 -67.74 16.51
N GLU L 87 -73.28 -66.87 16.86
CA GLU L 87 -72.99 -65.66 16.08
C GLU L 87 -71.54 -65.69 15.62
N PHE L 88 -71.34 -65.62 14.31
CA PHE L 88 -70.01 -65.70 13.71
C PHE L 88 -69.75 -64.43 12.92
N GLN L 89 -68.64 -63.77 13.22
CA GLN L 89 -68.26 -62.51 12.57
C GLN L 89 -67.13 -62.79 11.60
N ILE L 90 -67.45 -62.87 10.33
CA ILE L 90 -66.45 -63.09 9.28
C ILE L 90 -66.01 -61.74 8.74
N LEU L 91 -64.75 -61.65 8.33
CA LEU L 91 -64.20 -60.43 7.76
C LEU L 91 -63.00 -60.81 6.91
N ASP L 92 -62.99 -60.38 5.65
CA ASP L 92 -61.86 -60.75 4.80
C ASP L 92 -61.74 -59.77 3.64
N ASN L 93 -60.55 -59.79 3.04
CA ASN L 93 -60.24 -59.08 1.82
C ASN L 93 -59.50 -60.02 0.89
N VAL L 94 -59.82 -59.96 -0.40
CA VAL L 94 -59.28 -60.87 -1.39
C VAL L 94 -58.72 -60.06 -2.55
N ASP L 95 -57.54 -60.43 -3.01
CA ASP L 95 -56.91 -59.79 -4.17
C ASP L 95 -56.41 -60.88 -5.10
N SER L 96 -57.07 -61.04 -6.25
CA SER L 96 -56.73 -62.07 -7.20
C SER L 96 -56.41 -61.45 -8.55
N THR L 97 -55.56 -62.12 -9.33
CA THR L 97 -55.18 -61.65 -10.65
C THR L 97 -54.75 -62.83 -11.50
N GLY L 98 -55.24 -62.88 -12.74
CA GLY L 98 -54.84 -63.93 -13.66
C GLY L 98 -54.61 -63.42 -15.06
N GLU L 99 -53.42 -63.68 -15.59
CA GLU L 99 -53.05 -63.18 -16.93
C GLU L 99 -52.66 -64.35 -17.83
N LEU L 100 -53.25 -64.44 -19.02
CA LEU L 100 -52.96 -65.50 -19.97
C LEU L 100 -52.63 -64.90 -21.32
N ILE L 101 -51.79 -65.61 -22.07
CA ILE L 101 -51.40 -65.21 -23.43
C ILE L 101 -51.45 -66.44 -24.33
N VAL L 102 -52.01 -66.27 -25.52
CA VAL L 102 -52.15 -67.36 -26.48
C VAL L 102 -51.66 -66.86 -27.84
N ARG L 103 -50.92 -67.71 -28.55
CA ARG L 103 -50.47 -67.40 -29.91
C ARG L 103 -50.88 -68.51 -30.84
N LEU L 104 -51.16 -68.12 -32.10
CA LEU L 104 -51.59 -69.10 -33.12
C LEU L 104 -50.84 -68.81 -34.41
N PRO L 105 -50.53 -69.83 -35.24
CA PRO L 105 -49.84 -69.63 -36.53
C PRO L 105 -50.64 -68.81 -37.53
N LYS L 106 -51.90 -68.51 -37.25
CA LYS L 106 -52.74 -67.68 -38.09
C LYS L 106 -52.61 -66.20 -37.75
N GLU L 107 -51.47 -65.81 -37.16
CA GLU L 107 -51.22 -64.43 -36.74
C GLU L 107 -52.27 -63.95 -35.75
N ILE L 108 -52.63 -64.80 -34.79
CA ILE L 108 -53.60 -64.47 -33.76
C ILE L 108 -52.93 -64.53 -32.40
N THR L 109 -52.63 -63.37 -31.84
CA THR L 109 -51.98 -63.26 -30.53
C THR L 109 -52.93 -62.58 -29.56
N ILE L 110 -53.49 -63.34 -28.64
CA ILE L 110 -54.44 -62.81 -27.67
C ILE L 110 -53.77 -62.78 -26.30
N SER L 111 -54.24 -61.87 -25.45
CA SER L 111 -53.73 -61.75 -24.09
C SER L 111 -54.82 -61.14 -23.22
N GLY L 112 -55.11 -61.78 -22.10
CA GLY L 112 -56.15 -61.31 -21.21
C GLY L 112 -55.80 -61.36 -19.74
N SER L 113 -56.12 -60.29 -19.01
CA SER L 113 -55.89 -60.19 -17.58
C SER L 113 -57.22 -59.96 -16.89
N PHE L 114 -57.42 -60.65 -15.77
CA PHE L 114 -58.66 -60.58 -15.01
C PHE L 114 -58.29 -60.47 -13.54
N GLN L 115 -58.62 -59.34 -12.93
CA GLN L 115 -58.25 -59.08 -11.55
C GLN L 115 -59.48 -58.73 -10.73
N GLY L 116 -59.40 -59.00 -9.44
CA GLY L 116 -60.50 -58.75 -8.52
C GLY L 116 -60.03 -58.37 -7.13
N PHE L 117 -60.76 -57.45 -6.51
CA PHE L 117 -60.47 -56.96 -5.18
C PHE L 117 -61.78 -56.93 -4.40
N HIS L 118 -61.91 -57.79 -3.41
CA HIS L 118 -63.14 -57.93 -2.64
C HIS L 118 -62.89 -57.57 -1.19
N HIS L 119 -63.86 -56.90 -0.56
CA HIS L 119 -63.78 -56.61 0.86
C HIS L 119 -65.16 -56.83 1.48
N GLN L 120 -65.20 -57.72 2.47
CA GLN L 120 -66.45 -58.07 3.13
C GLN L 120 -66.25 -58.13 4.62
N LYS L 121 -67.26 -57.68 5.37
CA LYS L 121 -67.32 -57.82 6.81
C LYS L 121 -68.78 -58.07 7.16
N ILE L 122 -69.06 -59.24 7.74
CA ILE L 122 -70.44 -59.66 7.97
C ILE L 122 -70.51 -60.37 9.32
N LYS L 123 -71.69 -60.31 9.93
CA LYS L 123 -71.95 -60.95 11.23
C LYS L 123 -73.20 -61.79 11.08
N ILE L 124 -73.04 -63.10 10.97
CA ILE L 124 -74.14 -64.00 10.73
C ILE L 124 -74.51 -64.70 12.02
N SER L 125 -75.70 -65.29 12.05
CA SER L 125 -76.18 -66.08 13.17
C SER L 125 -76.82 -67.34 12.62
N GLU L 126 -76.84 -68.38 13.44
CA GLU L 126 -77.34 -69.68 13.03
C GLU L 126 -78.68 -69.98 13.69
N ASN L 127 -79.60 -70.52 12.92
CA ASN L 127 -80.86 -71.04 13.45
C ASN L 127 -81.10 -72.40 12.83
N ARG L 128 -81.84 -73.24 13.56
CA ARG L 128 -82.05 -74.60 13.09
C ARG L 128 -83.24 -75.20 13.83
N ILE L 129 -83.97 -76.06 13.13
CA ILE L 129 -85.10 -76.75 13.73
C ILE L 129 -84.58 -77.92 14.56
N SER L 130 -85.04 -78.01 15.80
CA SER L 130 -84.55 -79.03 16.71
C SER L 130 -84.92 -80.42 16.21
N GLN L 131 -84.04 -81.39 16.47
CA GLN L 131 -84.29 -82.76 16.07
C GLN L 131 -85.52 -83.35 16.75
N GLN L 132 -85.98 -82.75 17.85
CA GLN L 132 -87.25 -83.15 18.43
C GLN L 132 -88.39 -82.91 17.44
N TYR L 133 -88.37 -81.76 16.76
CA TYR L 133 -89.42 -81.48 15.78
C TYR L 133 -89.37 -82.48 14.63
N LEU L 134 -88.19 -82.72 14.06
CA LEU L 134 -88.07 -83.71 13.00
C LEU L 134 -88.49 -85.09 13.48
N ALA L 135 -88.31 -85.38 14.76
CA ALA L 135 -88.85 -86.61 15.33
C ALA L 135 -90.37 -86.59 15.31
N THR L 136 -90.97 -85.43 15.61
CA THR L 136 -92.43 -85.32 15.58
C THR L 136 -92.99 -85.27 14.17
N LEU L 137 -92.28 -84.65 13.24
CA LEU L 137 -92.76 -84.49 11.86
C LEU L 137 -92.44 -85.73 11.02
N GLU L 138 -92.83 -86.91 11.48
CA GLU L 138 -92.57 -88.15 10.76
C GLU L 138 -93.87 -88.73 10.25
N ASN L 139 -93.94 -88.93 8.93
CA ASN L 139 -95.09 -89.56 8.26
C ASN L 139 -96.40 -88.89 8.68
N ARG L 140 -96.38 -87.55 8.68
CA ARG L 140 -97.57 -86.79 9.02
C ARG L 140 -98.53 -86.76 7.85
N LYS L 141 -99.82 -86.65 8.16
CA LYS L 141 -100.82 -86.38 7.13
C LYS L 141 -100.80 -84.90 6.78
N LEU L 142 -100.98 -84.59 5.51
CA LEU L 142 -100.96 -83.21 5.05
C LEU L 142 -102.31 -82.56 5.36
N LYS L 143 -102.52 -81.35 4.85
CA LYS L 143 -103.80 -80.69 4.96
C LYS L 143 -104.71 -81.13 3.81
N ARG L 144 -105.98 -81.35 4.12
CA ARG L 144 -106.95 -81.66 3.08
C ARG L 144 -107.12 -80.50 2.10
N GLU L 145 -106.75 -79.29 2.50
CA GLU L 145 -106.80 -78.11 1.64
C GLU L 145 -105.54 -78.06 0.79
N LEU L 146 -105.46 -78.99 -0.16
CA LEU L 146 -104.33 -79.05 -1.10
C LEU L 146 -104.26 -77.76 -1.91
N PRO L 147 -103.25 -76.93 -1.69
CA PRO L 147 -103.12 -75.72 -2.50
C PRO L 147 -102.65 -76.07 -3.90
N PHE L 148 -103.17 -75.33 -4.89
CA PHE L 148 -102.70 -75.51 -6.26
C PHE L 148 -101.22 -75.20 -6.37
N SER L 149 -100.68 -74.39 -5.46
CA SER L 149 -99.25 -74.14 -5.41
C SER L 149 -98.48 -75.44 -5.24
N PHE L 150 -98.95 -76.31 -4.35
CA PHE L 150 -98.33 -77.61 -4.14
C PHE L 150 -98.96 -78.70 -5.00
N ARG L 151 -100.28 -78.67 -5.18
CA ARG L 151 -100.96 -79.74 -5.91
C ARG L 151 -100.42 -79.89 -7.32
N SER L 152 -99.97 -78.80 -7.92
CA SER L 152 -99.48 -78.81 -9.30
C SER L 152 -97.98 -79.03 -9.39
N ILE L 153 -97.30 -79.29 -8.27
CA ILE L 153 -95.86 -79.51 -8.31
C ILE L 153 -95.58 -80.76 -9.13
N ASN L 154 -94.64 -80.65 -10.07
CA ASN L 154 -94.29 -81.78 -10.91
C ASN L 154 -93.64 -82.87 -10.08
N THR L 155 -94.20 -84.07 -10.14
CA THR L 155 -93.69 -85.18 -9.34
C THR L 155 -92.34 -85.69 -9.83
N ARG L 156 -91.91 -85.31 -11.04
CA ARG L 156 -90.60 -85.72 -11.52
C ARG L 156 -89.48 -85.15 -10.66
N GLU L 157 -89.60 -83.90 -10.25
CA GLU L 157 -88.61 -83.27 -9.38
C GLU L 157 -88.89 -83.62 -7.92
N ASN L 158 -87.98 -83.20 -7.05
CA ASN L 158 -88.02 -83.58 -5.65
C ASN L 158 -88.64 -82.46 -4.81
N LEU L 159 -88.64 -82.65 -3.49
CA LEU L 159 -89.19 -81.66 -2.57
C LEU L 159 -88.48 -81.81 -1.24
N TYR L 160 -88.08 -80.68 -0.64
CA TYR L 160 -87.26 -80.67 0.56
C TYR L 160 -87.80 -79.66 1.55
N LEU L 161 -87.38 -79.81 2.80
CA LEU L 161 -87.69 -78.87 3.86
C LEU L 161 -86.39 -78.25 4.34
N VAL L 162 -86.38 -76.93 4.46
CA VAL L 162 -85.20 -76.22 4.93
C VAL L 162 -85.05 -76.42 6.43
N THR L 163 -83.88 -76.90 6.85
CA THR L 163 -83.63 -77.32 8.22
C THR L 163 -82.84 -76.29 9.01
N GLU L 164 -81.68 -75.89 8.51
CA GLU L 164 -80.82 -74.94 9.21
C GLU L 164 -80.47 -73.79 8.28
N THR L 165 -80.31 -72.60 8.87
CA THR L 165 -80.08 -71.38 8.10
C THR L 165 -79.09 -70.48 8.81
N LEU L 166 -78.18 -69.90 8.02
CA LEU L 166 -77.30 -68.85 8.48
C LEU L 166 -77.82 -67.53 7.94
N GLU L 167 -78.20 -66.62 8.83
CA GLU L 167 -78.85 -65.37 8.46
C GLU L 167 -78.13 -64.21 9.13
N THR L 168 -77.98 -63.12 8.39
CA THR L 168 -77.32 -61.95 8.97
C THR L 168 -78.20 -61.35 10.07
N VAL L 169 -77.58 -60.54 10.93
CA VAL L 169 -78.30 -59.89 12.01
C VAL L 169 -77.98 -58.41 12.03
N LYS L 170 -77.25 -57.94 11.03
CA LYS L 170 -76.84 -56.54 10.99
C LYS L 170 -76.83 -56.05 9.55
N GLU L 171 -77.07 -54.76 9.38
CA GLU L 171 -77.07 -54.16 8.05
C GLU L 171 -75.64 -54.13 7.50
N GLU L 172 -75.40 -54.87 6.43
CA GLU L 172 -74.06 -55.04 5.90
C GLU L 172 -73.85 -54.20 4.64
N THR L 173 -72.58 -53.99 4.31
CA THR L 173 -72.19 -53.18 3.16
C THR L 173 -70.95 -53.81 2.56
N LEU L 174 -71.14 -54.59 1.50
CA LEU L 174 -70.06 -55.37 0.90
C LEU L 174 -69.53 -54.68 -0.35
N LYS L 175 -68.23 -54.82 -0.61
CA LYS L 175 -67.60 -54.12 -1.72
C LYS L 175 -66.81 -55.07 -2.60
N SER L 176 -66.84 -54.82 -3.89
CA SER L 176 -66.07 -55.59 -4.87
C SER L 176 -65.51 -54.64 -5.92
N ASP L 177 -64.53 -55.12 -6.67
CA ASP L 177 -63.94 -54.33 -7.74
C ASP L 177 -63.31 -55.30 -8.75
N ARG L 178 -63.84 -55.32 -9.96
CA ARG L 178 -63.40 -56.23 -11.00
C ARG L 178 -62.71 -55.45 -12.12
N GLN L 179 -61.77 -56.11 -12.80
CA GLN L 179 -61.09 -55.53 -13.94
C GLN L 179 -60.84 -56.61 -14.97
N TYR L 180 -61.34 -56.41 -16.19
CA TYR L 180 -61.15 -57.32 -17.31
C TYR L 180 -60.45 -56.56 -18.42
N LYS L 181 -59.17 -56.84 -18.65
CA LYS L 181 -58.40 -56.16 -19.69
C LYS L 181 -57.90 -57.23 -20.65
N PHE L 182 -58.59 -57.43 -21.77
CA PHE L 182 -58.17 -58.47 -22.70
C PHE L 182 -58.26 -57.98 -24.14
N TRP L 183 -57.25 -58.34 -24.93
CA TRP L 183 -57.17 -57.96 -26.33
C TRP L 183 -56.67 -59.14 -27.15
N SER L 184 -56.68 -58.95 -28.46
CA SER L 184 -56.32 -60.00 -29.41
C SER L 184 -55.99 -59.36 -30.74
N GLN L 185 -54.78 -59.62 -31.24
CA GLN L 185 -54.37 -59.19 -32.56
C GLN L 185 -54.62 -60.31 -33.57
N ILE L 186 -55.20 -59.96 -34.70
CA ILE L 186 -55.47 -60.91 -35.77
C ILE L 186 -54.55 -60.57 -36.94
N SER L 187 -54.59 -61.44 -37.97
CA SER L 187 -53.75 -61.22 -39.14
C SER L 187 -54.06 -59.89 -39.81
N GLN L 188 -55.32 -59.45 -39.72
CA GLN L 188 -55.73 -58.18 -40.34
C GLN L 188 -55.68 -57.03 -39.33
N GLY L 189 -56.41 -57.18 -38.23
CA GLY L 189 -56.55 -56.10 -37.27
C GLY L 189 -56.46 -56.60 -35.83
N HIS L 190 -56.95 -55.76 -34.92
CA HIS L 190 -56.88 -56.00 -33.49
C HIS L 190 -58.27 -55.86 -32.88
N LEU L 191 -58.38 -56.20 -31.60
CA LEU L 191 -59.62 -56.01 -30.85
C LEU L 191 -59.30 -56.05 -29.37
N SER L 192 -59.63 -54.98 -28.64
CA SER L 192 -59.31 -54.88 -27.23
C SER L 192 -60.54 -54.47 -26.44
N TYR L 193 -60.54 -54.80 -25.15
CA TYR L 193 -61.62 -54.43 -24.25
C TYR L 193 -61.07 -54.29 -22.83
N LYS L 194 -61.31 -53.14 -22.22
CA LYS L 194 -60.87 -52.85 -20.86
C LYS L 194 -62.07 -52.41 -20.04
N HIS L 195 -62.36 -53.16 -18.97
CA HIS L 195 -63.47 -52.87 -18.07
C HIS L 195 -62.93 -52.77 -16.66
N LYS L 196 -63.34 -51.72 -15.94
CA LYS L 196 -63.00 -51.55 -14.54
C LYS L 196 -64.25 -51.13 -13.81
N GLY L 197 -64.72 -51.98 -12.89
CA GLY L 197 -65.94 -51.69 -12.18
C GLY L 197 -65.87 -51.90 -10.69
N GLN L 198 -66.16 -50.85 -9.93
CA GLN L 198 -66.26 -50.92 -8.47
C GLN L 198 -67.73 -51.00 -8.10
N ARG L 199 -68.07 -51.97 -7.26
CA ARG L 199 -69.46 -52.25 -6.92
C ARG L 199 -69.59 -52.33 -5.40
N GLU L 200 -70.77 -51.95 -4.90
CA GLU L 200 -71.00 -51.93 -3.47
C GLU L 200 -72.49 -52.15 -3.23
N VAL L 201 -72.81 -53.03 -2.27
CA VAL L 201 -74.20 -53.39 -2.01
C VAL L 201 -74.45 -53.33 -0.51
N THR L 202 -75.73 -53.13 -0.16
CA THR L 202 -76.16 -53.06 1.23
C THR L 202 -77.23 -54.13 1.47
N ILE L 203 -77.22 -54.68 2.67
CA ILE L 203 -78.07 -55.83 3.02
C ILE L 203 -78.76 -55.59 4.34
N PRO L 204 -80.07 -55.81 4.42
CA PRO L 204 -80.77 -55.70 5.70
C PRO L 204 -80.54 -56.92 6.56
N PRO L 205 -80.96 -56.91 7.82
CA PRO L 205 -80.79 -58.09 8.67
C PRO L 205 -81.69 -59.25 8.22
N ASN L 206 -81.40 -60.42 8.80
CA ASN L 206 -82.19 -61.63 8.65
C ASN L 206 -82.19 -62.19 7.24
N ARG L 207 -81.21 -61.83 6.42
CA ARG L 207 -81.11 -62.39 5.08
C ARG L 207 -80.38 -63.73 5.14
N VAL L 208 -81.08 -64.80 4.76
CA VAL L 208 -80.52 -66.15 4.86
C VAL L 208 -79.37 -66.28 3.88
N LEU L 209 -78.18 -66.58 4.41
CA LEU L 209 -76.99 -66.73 3.58
C LEU L 209 -76.74 -68.16 3.13
N SER L 210 -77.23 -69.15 3.87
CA SER L 210 -77.04 -70.54 3.47
C SER L 210 -78.08 -71.40 4.16
N TYR L 211 -78.28 -72.60 3.62
CA TYR L 211 -79.30 -73.50 4.15
C TYR L 211 -78.93 -74.94 3.80
N ARG L 212 -79.56 -75.86 4.52
CA ARG L 212 -79.46 -77.29 4.25
C ARG L 212 -80.86 -77.87 4.32
N VAL L 213 -81.06 -79.01 3.66
CA VAL L 213 -82.41 -79.52 3.41
C VAL L 213 -82.53 -80.98 3.83
N LYS L 214 -83.75 -81.37 4.18
CA LYS L 214 -84.12 -82.76 4.42
C LYS L 214 -85.28 -83.13 3.49
N GLN L 215 -85.17 -84.25 2.80
CA GLN L 215 -86.13 -84.53 1.74
C GLN L 215 -87.50 -84.87 2.33
N LEU L 216 -88.53 -84.73 1.51
CA LEU L 216 -89.88 -85.16 1.87
C LEU L 216 -90.43 -86.01 0.74
N VAL L 217 -90.49 -87.34 0.94
CA VAL L 217 -91.07 -88.25 -0.03
C VAL L 217 -92.53 -88.49 0.33
N PHE L 218 -93.36 -88.62 -0.69
CA PHE L 218 -94.82 -88.73 -0.57
C PHE L 218 -95.30 -89.96 -1.32
N PRO L 219 -95.34 -91.13 -0.69
CA PRO L 219 -95.97 -92.29 -1.34
C PRO L 219 -97.44 -92.08 -1.67
N ASN L 220 -98.14 -91.22 -0.93
CA ASN L 220 -99.52 -90.85 -1.25
C ASN L 220 -99.74 -89.42 -0.77
N LYS L 221 -101.00 -89.01 -0.69
CA LYS L 221 -101.36 -87.63 -0.37
C LYS L 221 -101.48 -87.37 1.12
N GLU L 222 -101.22 -88.37 1.96
CA GLU L 222 -101.29 -88.21 3.41
C GLU L 222 -100.01 -88.64 4.10
N THR L 223 -98.91 -88.76 3.34
CA THR L 223 -97.65 -89.28 3.85
C THR L 223 -96.57 -88.23 3.65
N MET L 224 -96.31 -87.46 4.71
CA MET L 224 -95.19 -86.52 4.71
C MET L 224 -93.93 -87.23 5.19
N ASN L 225 -93.48 -88.20 4.40
CA ASN L 225 -92.40 -89.08 4.86
C ASN L 225 -91.08 -88.33 4.80
N ILE L 226 -90.55 -87.97 5.96
CA ILE L 226 -89.36 -87.14 6.03
C ILE L 226 -88.13 -88.01 5.86
N HIS L 227 -87.37 -87.78 4.80
CA HIS L 227 -86.21 -88.58 4.43
C HIS L 227 -84.94 -87.85 4.85
N PHE L 228 -84.13 -88.49 5.68
CA PHE L 228 -82.89 -87.90 6.18
C PHE L 228 -81.71 -88.22 5.29
N ARG L 229 -81.42 -89.51 5.11
CA ARG L 229 -80.26 -89.95 4.35
C ARG L 229 -80.73 -90.80 3.17
N GLY L 230 -80.08 -90.62 2.03
CA GLY L 230 -80.36 -91.44 0.88
C GLY L 230 -80.88 -90.68 -0.33
N LYS L 231 -80.19 -90.82 -1.46
CA LYS L 231 -80.64 -90.23 -2.72
C LYS L 231 -81.77 -91.09 -3.27
N THR L 232 -82.97 -90.53 -3.32
CA THR L 232 -84.15 -91.27 -3.73
C THR L 232 -85.10 -90.34 -4.47
N LYS L 233 -86.30 -90.82 -4.73
CA LYS L 233 -87.34 -90.05 -5.40
C LYS L 233 -88.33 -89.52 -4.37
N SER L 234 -88.60 -88.22 -4.42
CA SER L 234 -89.46 -87.58 -3.44
C SER L 234 -90.94 -87.69 -3.76
N PHE L 235 -91.29 -88.33 -4.88
CA PHE L 235 -92.69 -88.54 -5.26
C PHE L 235 -92.82 -89.91 -5.90
N PRO L 236 -92.92 -90.97 -5.09
CA PRO L 236 -93.10 -92.32 -5.65
C PRO L 236 -94.53 -92.65 -5.99
N GLU L 237 -95.48 -91.77 -5.67
CA GLU L 237 -96.89 -92.01 -5.93
C GLU L 237 -97.19 -92.07 -7.43
CA MET M 5 -76.97 -47.35 -26.20
C MET M 5 -78.32 -47.65 -25.57
N PHE M 6 -78.41 -47.42 -24.26
CA PHE M 6 -79.60 -47.72 -23.50
C PHE M 6 -79.94 -46.54 -22.59
N SER M 7 -81.20 -46.48 -22.17
CA SER M 7 -81.62 -45.46 -21.24
C SER M 7 -80.89 -45.61 -19.92
N VAL M 8 -80.76 -44.52 -19.16
CA VAL M 8 -80.13 -44.58 -17.85
C VAL M 8 -80.94 -45.50 -16.93
N PHE M 9 -82.27 -45.34 -16.96
CA PHE M 9 -83.13 -46.22 -16.19
C PHE M 9 -82.98 -47.67 -16.62
N GLU M 10 -82.77 -47.90 -17.92
CA GLU M 10 -82.51 -49.26 -18.39
C GLU M 10 -81.26 -49.82 -17.76
N GLU M 11 -80.19 -49.02 -17.69
CA GLU M 11 -78.95 -49.49 -17.10
C GLU M 11 -79.10 -49.77 -15.61
N ILE M 12 -79.79 -48.88 -14.88
CA ILE M 12 -79.92 -49.11 -13.45
C ILE M 12 -80.79 -50.32 -13.18
N THR M 13 -81.82 -50.55 -14.01
CA THR M 13 -82.64 -51.75 -13.82
C THR M 13 -81.86 -53.01 -14.14
N ARG M 14 -81.02 -52.98 -15.17
CA ARG M 14 -80.19 -54.14 -15.48
C ARG M 14 -79.24 -54.45 -14.33
N ILE M 15 -78.64 -53.41 -13.74
CA ILE M 15 -77.76 -53.63 -12.60
C ILE M 15 -78.54 -54.21 -11.42
N VAL M 16 -79.73 -53.67 -11.14
CA VAL M 16 -80.50 -54.15 -10.00
C VAL M 16 -80.92 -55.60 -10.20
N VAL M 17 -81.27 -55.97 -11.44
CA VAL M 17 -81.66 -57.36 -11.67
C VAL M 17 -80.45 -58.28 -11.57
N LYS M 18 -79.31 -57.86 -12.12
CA LYS M 18 -78.11 -58.70 -12.03
C LYS M 18 -77.66 -58.88 -10.58
N GLU M 19 -77.95 -57.92 -9.71
CA GLU M 19 -77.49 -58.04 -8.33
C GLU M 19 -78.54 -58.68 -7.42
N MET M 20 -79.71 -58.06 -7.30
CA MET M 20 -80.71 -58.51 -6.34
C MET M 20 -81.28 -59.88 -6.68
N ASP M 21 -81.11 -60.36 -7.91
CA ASP M 21 -81.61 -61.70 -8.23
C ASP M 21 -80.61 -62.36 -9.19
N ALA M 22 -79.66 -63.08 -8.61
CA ALA M 22 -78.76 -63.88 -9.41
C ALA M 22 -79.52 -65.03 -10.04
N GLY M 23 -79.42 -65.16 -11.35
CA GLY M 23 -80.23 -66.14 -12.04
C GLY M 23 -81.70 -65.85 -11.82
N GLY M 24 -82.43 -66.82 -11.31
CA GLY M 24 -83.83 -66.61 -10.98
C GLY M 24 -84.66 -66.32 -12.20
N ASP M 25 -85.72 -65.53 -12.01
CA ASP M 25 -86.64 -65.21 -13.09
C ASP M 25 -86.99 -63.73 -13.21
N MET M 26 -86.52 -62.89 -12.30
CA MET M 26 -86.89 -61.47 -12.34
C MET M 26 -86.37 -60.82 -13.61
N ILE M 27 -87.24 -60.03 -14.25
CA ILE M 27 -86.91 -59.26 -15.43
C ILE M 27 -86.96 -57.78 -15.08
N ALA M 28 -86.12 -57.01 -15.75
CA ALA M 28 -85.94 -55.60 -15.42
C ALA M 28 -86.91 -54.74 -16.22
N VAL M 29 -87.56 -53.80 -15.52
CA VAL M 29 -88.39 -52.81 -16.21
C VAL M 29 -87.52 -52.00 -17.15
N ARG M 30 -88.01 -51.77 -18.36
CA ARG M 30 -87.23 -51.07 -19.37
C ARG M 30 -87.48 -49.57 -19.36
N SER M 31 -88.73 -49.14 -19.39
CA SER M 31 -89.09 -47.74 -19.50
C SER M 31 -89.78 -47.29 -18.22
N LEU M 32 -89.41 -46.12 -17.72
CA LEU M 32 -89.99 -45.65 -16.47
C LEU M 32 -91.30 -44.90 -16.66
N VAL M 33 -91.71 -44.66 -17.90
CA VAL M 33 -93.04 -44.09 -18.11
C VAL M 33 -94.11 -45.09 -17.70
N ASP M 34 -93.92 -46.37 -18.04
CA ASP M 34 -94.83 -47.43 -17.67
C ASP M 34 -94.30 -48.27 -16.52
N ALA M 35 -93.36 -47.72 -15.74
CA ALA M 35 -92.94 -48.40 -14.53
C ALA M 35 -94.08 -48.52 -13.54
N ASP M 36 -94.89 -47.47 -13.41
CA ASP M 36 -96.02 -47.49 -12.49
C ASP M 36 -97.04 -48.55 -12.90
N ARG M 37 -97.07 -48.91 -14.19
CA ARG M 37 -98.01 -49.92 -14.64
C ARG M 37 -97.48 -51.34 -14.49
N PHE M 38 -96.26 -51.52 -13.98
CA PHE M 38 -95.72 -52.83 -13.67
C PHE M 38 -95.81 -53.15 -12.18
N ARG M 39 -96.55 -52.35 -11.43
CA ARG M 39 -96.72 -52.58 -10.00
C ARG M 39 -97.44 -53.91 -9.78
N CYS M 40 -97.47 -54.33 -8.51
CA CYS M 40 -98.10 -55.61 -8.16
C CYS M 40 -99.58 -55.59 -8.50
N PHE M 41 -100.08 -56.75 -8.91
CA PHE M 41 -101.44 -57.06 -9.36
C PHE M 41 -101.72 -56.56 -10.78
N HIS M 42 -100.82 -55.82 -11.41
CA HIS M 42 -101.07 -55.32 -12.75
C HIS M 42 -100.87 -56.43 -13.77
N LEU M 43 -101.89 -56.69 -14.58
CA LEU M 43 -101.78 -57.71 -15.61
C LEU M 43 -100.79 -57.27 -16.69
N VAL M 44 -100.08 -58.25 -17.24
CA VAL M 44 -99.04 -58.02 -18.22
C VAL M 44 -99.24 -59.01 -19.36
N GLY M 45 -98.79 -58.64 -20.56
CA GLY M 45 -98.88 -59.53 -21.69
C GLY M 45 -97.52 -59.72 -22.32
N GLU M 46 -97.42 -60.76 -23.13
CA GLU M 46 -96.20 -61.11 -23.83
C GLU M 46 -96.30 -60.74 -25.31
N LYS M 47 -95.14 -60.60 -25.94
CA LYS M 47 -95.09 -60.34 -27.38
C LYS M 47 -93.81 -60.95 -27.93
N ARG M 48 -93.94 -61.63 -29.07
CA ARG M 48 -92.82 -62.35 -29.68
C ARG M 48 -92.20 -61.51 -30.79
N THR M 49 -90.87 -61.56 -30.87
CA THR M 49 -90.12 -60.83 -31.88
C THR M 49 -89.07 -61.75 -32.48
N PHE M 50 -88.51 -61.32 -33.62
CA PHE M 50 -87.44 -62.08 -34.24
C PHE M 50 -86.21 -62.13 -33.36
N PHE M 51 -85.97 -61.09 -32.56
CA PHE M 51 -84.87 -61.13 -31.59
C PHE M 51 -85.21 -62.03 -30.41
N GLY M 52 -86.47 -62.00 -29.96
CA GLY M 52 -86.89 -62.80 -28.82
C GLY M 52 -88.30 -62.50 -28.38
N CYS M 53 -88.52 -62.39 -27.07
CA CYS M 53 -89.82 -62.06 -26.51
C CYS M 53 -89.68 -60.96 -25.48
N ARG M 54 -90.73 -60.15 -25.35
CA ARG M 54 -90.75 -59.04 -24.40
C ARG M 54 -92.12 -58.94 -23.77
N HIS M 55 -92.24 -58.07 -22.77
CA HIS M 55 -93.47 -57.87 -22.03
C HIS M 55 -94.00 -56.47 -22.23
N TYR M 56 -95.32 -56.34 -22.17
CA TYR M 56 -95.99 -55.05 -22.18
C TYR M 56 -97.01 -55.02 -21.05
N THR M 57 -97.43 -53.83 -20.67
CA THR M 57 -98.40 -53.66 -19.60
C THR M 57 -99.75 -53.27 -20.20
N THR M 58 -100.77 -54.09 -19.94
CA THR M 58 -102.12 -53.72 -20.36
C THR M 58 -102.67 -52.57 -19.53
N GLY M 59 -102.13 -52.33 -18.35
CA GLY M 59 -102.69 -51.36 -17.44
C GLY M 59 -103.83 -51.88 -16.60
N LEU M 60 -104.11 -53.18 -16.65
CA LEU M 60 -105.21 -53.79 -15.91
C LEU M 60 -104.68 -54.39 -14.61
N THR M 61 -105.23 -53.95 -13.49
CA THR M 61 -105.00 -54.67 -12.25
C THR M 61 -105.89 -55.91 -12.19
N LEU M 62 -105.61 -56.77 -11.21
CA LEU M 62 -106.39 -58.00 -11.11
C LEU M 62 -107.85 -57.73 -10.80
N MET M 63 -108.14 -56.66 -10.05
CA MET M 63 -109.51 -56.34 -9.69
C MET M 63 -110.39 -56.11 -10.91
N ASP M 64 -109.80 -55.77 -12.06
CA ASP M 64 -110.58 -55.60 -13.28
C ASP M 64 -111.20 -56.90 -13.73
N ILE M 65 -110.46 -58.00 -13.64
CA ILE M 65 -110.91 -59.30 -14.12
C ILE M 65 -111.12 -60.28 -12.97
N LEU M 66 -111.38 -59.80 -11.76
CA LEU M 66 -111.64 -60.65 -10.61
C LEU M 66 -113.08 -60.42 -10.15
N ASP M 67 -113.85 -61.49 -10.04
CA ASP M 67 -115.27 -61.37 -9.70
C ASP M 67 -115.47 -60.68 -8.36
N THR M 68 -114.68 -61.08 -7.36
CA THR M 68 -114.76 -60.50 -6.01
C THR M 68 -116.17 -60.60 -5.43
N LYS M 85 -90.43 -52.98 4.45
CA LYS M 85 -90.24 -54.38 4.08
C LYS M 85 -88.75 -54.72 4.02
N ALA M 86 -88.24 -54.96 2.82
CA ALA M 86 -86.84 -55.27 2.58
C ALA M 86 -86.23 -54.16 1.74
N GLU M 87 -85.20 -53.50 2.26
CA GLU M 87 -84.63 -52.31 1.65
C GLU M 87 -83.16 -52.56 1.33
N PHE M 88 -82.79 -52.40 0.07
CA PHE M 88 -81.44 -52.67 -0.41
C PHE M 88 -80.87 -51.40 -1.02
N GLN M 89 -79.70 -50.99 -0.54
CA GLN M 89 -79.05 -49.77 -1.01
C GLN M 89 -77.87 -50.16 -1.89
N ILE M 90 -78.05 -50.05 -3.20
CA ILE M 90 -77.00 -50.37 -4.16
C ILE M 90 -76.28 -49.07 -4.50
N LEU M 91 -74.98 -49.19 -4.78
CA LEU M 91 -74.17 -48.04 -5.16
C LEU M 91 -72.96 -48.55 -5.92
N ASP M 92 -72.73 -48.01 -7.12
CA ASP M 92 -71.60 -48.50 -7.90
C ASP M 92 -71.17 -47.46 -8.92
N ASN M 93 -69.95 -47.65 -9.40
CA ASN M 93 -69.39 -46.89 -10.51
C ASN M 93 -68.71 -47.86 -11.45
N VAL M 94 -68.88 -47.63 -12.76
CA VAL M 94 -68.39 -48.53 -13.79
C VAL M 94 -67.58 -47.73 -14.80
N ASP M 95 -66.43 -48.27 -15.18
CA ASP M 95 -65.57 -47.65 -16.19
C ASP M 95 -65.17 -48.73 -17.19
N SER M 96 -65.70 -48.65 -18.41
CA SER M 96 -65.44 -49.64 -19.43
C SER M 96 -64.88 -48.96 -20.67
N THR M 97 -64.07 -49.70 -21.43
CA THR M 97 -63.46 -49.19 -22.64
C THR M 97 -63.16 -50.34 -23.58
N GLY M 98 -63.50 -50.19 -24.85
CA GLY M 98 -63.19 -51.20 -25.85
C GLY M 98 -62.71 -50.62 -27.15
N GLU M 99 -61.52 -51.05 -27.59
CA GLU M 99 -60.94 -50.49 -28.83
C GLU M 99 -60.65 -51.64 -29.81
N LEU M 100 -61.11 -51.50 -31.05
CA LEU M 100 -60.91 -52.51 -32.08
C LEU M 100 -60.32 -51.85 -33.33
N ILE M 101 -59.53 -52.63 -34.07
CA ILE M 101 -58.92 -52.19 -35.32
C ILE M 101 -59.09 -53.30 -36.36
N VAL M 102 -59.47 -52.92 -37.57
CA VAL M 102 -59.68 -53.87 -38.66
C VAL M 102 -58.97 -53.34 -39.90
N ARG M 103 -58.31 -54.24 -40.63
CA ARG M 103 -57.66 -53.91 -41.88
C ARG M 103 -58.15 -54.83 -42.98
N LEU M 104 -58.21 -54.28 -44.20
CA LEU M 104 -58.69 -55.07 -45.37
C LEU M 104 -57.75 -54.80 -46.53
N PRO M 105 -57.54 -55.78 -47.44
CA PRO M 105 -56.69 -55.59 -48.63
C PRO M 105 -57.21 -54.54 -49.60
N LYS M 106 -58.43 -54.05 -49.41
CA LYS M 106 -59.00 -53.00 -50.23
C LYS M 106 -58.66 -51.61 -49.71
N GLU M 107 -57.54 -51.49 -48.98
CA GLU M 107 -57.11 -50.22 -48.39
C GLU M 107 -58.16 -49.65 -47.45
N ILE M 108 -58.78 -50.51 -46.64
CA ILE M 108 -59.78 -50.10 -45.68
C ILE M 108 -59.29 -50.41 -44.27
N THR M 109 -58.86 -49.38 -43.55
CA THR M 109 -58.35 -49.52 -42.19
C THR M 109 -59.28 -48.76 -41.25
N ILE M 110 -60.06 -49.50 -40.47
CA ILE M 110 -61.01 -48.89 -39.54
C ILE M 110 -60.50 -49.10 -38.12
N SER M 111 -60.90 -48.21 -37.22
CA SER M 111 -60.54 -48.31 -35.82
C SER M 111 -61.59 -47.58 -34.99
N GLY M 112 -62.11 -48.27 -33.98
CA GLY M 112 -63.16 -47.70 -33.15
C GLY M 112 -62.98 -47.95 -31.67
N SER M 113 -63.19 -46.91 -30.86
CA SER M 113 -63.11 -46.99 -29.41
C SER M 113 -64.45 -46.59 -28.82
N PHE M 114 -64.89 -47.33 -27.81
CA PHE M 114 -66.18 -47.10 -27.17
C PHE M 114 -65.98 -47.20 -25.67
N GLN M 115 -66.16 -46.08 -24.97
CA GLN M 115 -65.91 -46.03 -23.54
C GLN M 115 -67.16 -45.53 -22.81
N GLY M 116 -67.27 -45.93 -21.55
CA GLY M 116 -68.41 -45.57 -20.72
C GLY M 116 -68.04 -45.41 -19.27
N PHE M 117 -68.66 -44.43 -18.62
CA PHE M 117 -68.44 -44.13 -17.21
C PHE M 117 -69.81 -43.93 -16.57
N HIS M 118 -70.19 -44.83 -15.69
CA HIS M 118 -71.51 -44.83 -15.07
C HIS M 118 -71.36 -44.64 -13.57
N HIS M 119 -72.28 -43.87 -12.96
CA HIS M 119 -72.31 -43.73 -11.52
C HIS M 119 -73.76 -43.76 -11.06
N GLN M 120 -74.07 -44.71 -10.18
CA GLN M 120 -75.43 -44.88 -9.69
C GLN M 120 -75.42 -45.13 -8.20
N LYS M 121 -76.41 -44.56 -7.51
CA LYS M 121 -76.66 -44.83 -6.10
C LYS M 121 -78.17 -44.83 -5.92
N ILE M 122 -78.71 -45.98 -5.50
CA ILE M 122 -80.16 -46.16 -5.46
C ILE M 122 -80.50 -46.95 -4.21
N LYS M 123 -81.72 -46.74 -3.71
CA LYS M 123 -82.23 -47.43 -2.53
C LYS M 123 -83.59 -48.01 -2.88
N ILE M 124 -83.63 -49.31 -3.12
CA ILE M 124 -84.85 -49.97 -3.57
C ILE M 124 -85.47 -50.71 -2.39
N SER M 125 -86.74 -51.07 -2.55
CA SER M 125 -87.48 -51.85 -1.58
C SER M 125 -88.26 -52.93 -2.32
N GLU M 126 -88.55 -54.02 -1.62
CA GLU M 126 -89.23 -55.16 -2.22
C GLU M 126 -90.65 -55.26 -1.72
N ASN M 127 -91.57 -55.55 -2.64
CA ASN M 127 -92.95 -55.88 -2.30
C ASN M 127 -93.35 -57.11 -3.08
N ARG M 128 -94.30 -57.87 -2.52
CA ARG M 128 -94.69 -59.11 -3.16
C ARG M 128 -96.04 -59.54 -2.60
N ILE M 129 -96.82 -60.18 -3.46
CA ILE M 129 -98.12 -60.71 -3.05
C ILE M 129 -97.91 -62.03 -2.32
N SER M 130 -98.52 -62.14 -1.14
CA SER M 130 -98.31 -63.32 -0.31
C SER M 130 -98.87 -64.57 -0.99
N GLN M 131 -98.20 -65.70 -0.76
CA GLN M 131 -98.63 -66.96 -1.33
C GLN M 131 -100.02 -67.37 -0.84
N GLN M 132 -100.48 -66.79 0.27
CA GLN M 132 -101.86 -67.01 0.68
C GLN M 132 -102.83 -66.47 -0.38
N TYR M 133 -102.54 -65.29 -0.93
CA TYR M 133 -103.39 -64.74 -1.96
C TYR M 133 -103.40 -65.62 -3.20
N LEU M 134 -102.21 -66.01 -3.68
CA LEU M 134 -102.14 -66.91 -4.84
C LEU M 134 -102.85 -68.22 -4.55
N ALA M 135 -102.87 -68.65 -3.30
CA ALA M 135 -103.68 -69.81 -2.93
C ALA M 135 -105.16 -69.51 -3.09
N THR M 136 -105.59 -68.30 -2.72
CA THR M 136 -106.98 -67.92 -2.88
C THR M 136 -107.37 -67.63 -4.32
N LEU M 137 -106.45 -67.07 -5.11
CA LEU M 137 -106.74 -66.71 -6.49
C LEU M 137 -106.55 -67.89 -7.44
N GLU M 138 -107.19 -69.02 -7.14
CA GLU M 138 -107.06 -70.22 -7.97
C GLU M 138 -108.39 -70.50 -8.67
N ASN M 139 -108.34 -70.56 -10.00
CA ASN M 139 -109.49 -70.90 -10.84
C ASN M 139 -110.70 -70.04 -10.48
N ARG M 140 -110.46 -68.74 -10.32
CA ARG M 140 -111.52 -67.80 -10.02
C ARG M 140 -112.34 -67.49 -11.27
N LYS M 141 -113.60 -67.17 -11.07
CA LYS M 141 -114.42 -66.63 -12.15
C LYS M 141 -114.10 -65.15 -12.32
N LEU M 142 -114.07 -64.70 -13.57
CA LEU M 142 -113.77 -63.31 -13.87
C LEU M 142 -115.02 -62.46 -13.62
N LYS M 143 -114.95 -61.19 -14.00
CA LYS M 143 -116.11 -60.32 -13.95
C LYS M 143 -116.93 -60.47 -15.21
N ARG M 144 -118.26 -60.48 -15.06
CA ARG M 144 -119.14 -60.51 -16.22
C ARG M 144 -118.98 -59.26 -17.07
N GLU M 145 -118.46 -58.18 -16.50
CA GLU M 145 -118.21 -56.93 -17.22
C GLU M 145 -116.87 -57.03 -17.95
N LEU M 146 -116.84 -57.87 -18.98
CA LEU M 146 -115.65 -58.05 -19.81
C LEU M 146 -115.26 -56.73 -20.46
N PRO M 147 -114.15 -56.12 -20.06
CA PRO M 147 -113.72 -54.89 -20.71
C PRO M 147 -113.17 -55.19 -22.09
N PHE M 148 -113.44 -54.28 -23.03
CA PHE M 148 -112.85 -54.41 -24.37
C PHE M 148 -111.34 -54.37 -24.30
N SER M 149 -110.77 -53.76 -23.25
CA SER M 149 -109.34 -53.78 -23.05
C SER M 149 -108.82 -55.21 -22.95
N PHE M 150 -109.54 -56.06 -22.21
CA PHE M 150 -109.17 -57.47 -22.09
C PHE M 150 -109.89 -58.35 -23.11
N ARG M 151 -111.16 -58.05 -23.42
CA ARG M 151 -111.93 -58.90 -24.33
C ARG M 151 -111.26 -59.02 -25.69
N SER M 152 -110.56 -57.97 -26.12
CA SER M 152 -109.92 -57.94 -27.44
C SER M 152 -108.49 -58.43 -27.41
N ILE M 153 -107.99 -58.91 -26.26
CA ILE M 153 -106.63 -59.39 -26.20
C ILE M 153 -106.47 -60.59 -27.11
N ASN M 154 -105.43 -60.57 -27.94
CA ASN M 154 -105.18 -61.66 -28.86
C ASN M 154 -104.83 -62.92 -28.10
N THR M 155 -105.59 -64.00 -28.35
CA THR M 155 -105.36 -65.25 -27.63
C THR M 155 -104.08 -65.96 -28.05
N ARG M 156 -103.45 -65.55 -29.16
CA ARG M 156 -102.19 -66.15 -29.56
C ARG M 156 -101.09 -65.87 -28.54
N GLU M 157 -101.04 -64.66 -28.00
CA GLU M 157 -100.07 -64.31 -26.98
C GLU M 157 -100.56 -64.74 -25.59
N ASN M 158 -99.70 -64.58 -24.60
CA ASN M 158 -99.95 -65.06 -23.26
C ASN M 158 -100.46 -63.93 -22.37
N LEU M 159 -100.65 -64.24 -21.08
CA LEU M 159 -101.11 -63.25 -20.12
C LEU M 159 -100.60 -63.66 -18.75
N TYR M 160 -100.08 -62.69 -17.99
CA TYR M 160 -99.42 -62.93 -16.73
C TYR M 160 -99.88 -61.93 -15.69
N LEU M 161 -99.64 -62.28 -14.43
CA LEU M 161 -99.90 -61.39 -13.31
C LEU M 161 -98.57 -61.07 -12.64
N VAL M 162 -98.35 -59.79 -12.37
CA VAL M 162 -97.13 -59.36 -11.72
C VAL M 162 -97.20 -59.73 -10.24
N THR M 163 -96.18 -60.45 -9.77
CA THR M 163 -96.16 -61.04 -8.43
C THR M 163 -95.29 -60.25 -7.45
N GLU M 164 -94.03 -60.01 -7.80
CA GLU M 164 -93.10 -59.31 -6.92
C GLU M 164 -92.46 -58.16 -7.68
N THR M 165 -92.16 -57.08 -6.95
CA THR M 165 -91.65 -55.86 -7.55
C THR M 165 -90.59 -55.22 -6.65
N LEU M 166 -89.52 -54.76 -7.28
CA LEU M 166 -88.51 -53.93 -6.62
C LEU M 166 -88.75 -52.48 -7.07
N GLU M 167 -89.06 -51.62 -6.12
CA GLU M 167 -89.43 -50.24 -6.41
C GLU M 167 -88.61 -49.29 -5.55
N THR M 168 -88.17 -48.18 -6.15
CA THR M 168 -87.41 -47.22 -5.38
C THR M 168 -88.28 -46.57 -4.31
N VAL M 169 -87.64 -45.97 -3.31
CA VAL M 169 -88.35 -45.31 -2.23
C VAL M 169 -87.79 -43.92 -2.01
N LYS M 170 -86.87 -43.49 -2.89
CA LYS M 170 -86.22 -42.21 -2.73
C LYS M 170 -85.98 -41.60 -4.11
N GLU M 171 -85.96 -40.27 -4.15
CA GLU M 171 -85.70 -39.56 -5.40
C GLU M 171 -84.24 -39.74 -5.80
N GLU M 172 -84.01 -40.40 -6.93
CA GLU M 172 -82.67 -40.77 -7.34
C GLU M 172 -82.18 -39.89 -8.46
N THR M 173 -80.85 -39.87 -8.65
CA THR M 173 -80.20 -39.05 -9.66
C THR M 173 -79.03 -39.84 -10.21
N LEU M 174 -79.22 -40.47 -11.36
CA LEU M 174 -78.24 -41.37 -11.94
C LEU M 174 -77.47 -40.68 -13.05
N LYS M 175 -76.18 -41.03 -13.19
CA LYS M 175 -75.33 -40.35 -14.16
C LYS M 175 -74.62 -41.36 -15.05
N SER M 176 -74.46 -40.98 -16.32
CA SER M 176 -73.72 -41.79 -17.28
C SER M 176 -72.89 -40.87 -18.17
N ASP M 177 -71.93 -41.45 -18.87
CA ASP M 177 -71.10 -40.69 -19.79
C ASP M 177 -70.53 -41.65 -20.83
N ARG M 178 -70.92 -41.46 -22.09
CA ARG M 178 -70.52 -42.33 -23.17
C ARG M 178 -69.59 -41.60 -24.13
N GLN M 179 -68.71 -42.36 -24.78
CA GLN M 179 -67.81 -41.80 -25.78
C GLN M 179 -67.64 -42.83 -26.90
N TYR M 180 -67.95 -42.42 -28.12
CA TYR M 180 -67.79 -43.25 -29.32
C TYR M 180 -66.85 -42.52 -30.27
N LYS M 181 -65.62 -43.01 -30.40
CA LYS M 181 -64.64 -42.39 -31.29
C LYS M 181 -64.22 -43.44 -32.31
N PHE M 182 -64.81 -43.40 -33.50
CA PHE M 182 -64.47 -44.41 -34.50
C PHE M 182 -64.31 -43.79 -35.87
N TRP M 183 -63.30 -44.26 -36.60
CA TRP M 183 -62.99 -43.76 -37.93
C TRP M 183 -62.61 -44.93 -38.83
N SER M 184 -62.43 -44.62 -40.11
CA SER M 184 -62.16 -45.63 -41.12
C SER M 184 -61.57 -44.94 -42.34
N GLN M 185 -60.38 -45.38 -42.75
CA GLN M 185 -59.76 -44.90 -43.97
C GLN M 185 -60.07 -45.87 -45.11
N ILE M 186 -60.46 -45.31 -46.25
CA ILE M 186 -60.77 -46.09 -47.44
C ILE M 186 -59.68 -45.83 -48.47
N SER M 187 -59.74 -46.56 -49.59
CA SER M 187 -58.75 -46.39 -50.64
C SER M 187 -58.76 -44.98 -51.19
N GLN M 188 -59.91 -44.32 -51.17
CA GLN M 188 -60.02 -42.95 -51.68
C GLN M 188 -59.90 -41.93 -50.55
N GLY M 189 -60.77 -42.03 -49.55
CA GLY M 189 -60.82 -41.05 -48.49
C GLY M 189 -60.98 -41.68 -47.11
N HIS M 190 -61.42 -40.86 -46.17
CA HIS M 190 -61.55 -41.25 -44.77
C HIS M 190 -62.96 -40.90 -44.29
N LEU M 191 -63.27 -41.33 -43.07
CA LEU M 191 -64.53 -40.98 -42.43
C LEU M 191 -64.40 -41.23 -40.93
N SER M 192 -64.62 -40.19 -40.13
CA SER M 192 -64.45 -40.27 -38.69
C SER M 192 -65.67 -39.72 -37.98
N TYR M 193 -65.87 -40.16 -36.74
CA TYR M 193 -66.97 -39.68 -35.92
C TYR M 193 -66.57 -39.77 -34.44
N LYS M 194 -66.67 -38.66 -33.73
CA LYS M 194 -66.35 -38.59 -32.31
C LYS M 194 -67.54 -38.01 -31.56
N HIS M 195 -68.07 -38.79 -30.62
CA HIS M 195 -69.20 -38.38 -29.80
C HIS M 195 -68.82 -38.52 -28.34
N LYS M 196 -69.12 -37.48 -27.56
CA LYS M 196 -68.92 -37.51 -26.11
C LYS M 196 -70.16 -36.94 -25.46
N GLY M 197 -70.86 -37.77 -24.69
CA GLY M 197 -72.10 -37.32 -24.08
C GLY M 197 -72.23 -37.67 -22.62
N GLN M 198 -72.41 -36.67 -21.77
CA GLN M 198 -72.69 -36.85 -20.36
C GLN M 198 -74.19 -36.70 -20.14
N ARG M 199 -74.79 -37.65 -19.45
CA ARG M 199 -76.22 -37.70 -19.26
C ARG M 199 -76.54 -37.90 -17.79
N GLU M 200 -77.68 -37.36 -17.36
CA GLU M 200 -78.07 -37.43 -15.96
C GLU M 200 -79.59 -37.39 -15.89
N VAL M 201 -80.17 -38.27 -15.07
CA VAL M 201 -81.62 -38.40 -14.99
C VAL M 201 -82.03 -38.44 -13.52
N THR M 202 -83.27 -38.03 -13.27
CA THR M 202 -83.85 -38.02 -11.94
C THR M 202 -85.10 -38.89 -11.91
N ILE M 203 -85.34 -39.54 -10.79
CA ILE M 203 -86.39 -40.54 -10.65
C ILE M 203 -87.19 -40.31 -9.38
N PRO M 204 -88.51 -40.29 -9.45
CA PRO M 204 -89.32 -40.16 -8.24
C PRO M 204 -89.41 -41.49 -7.51
N PRO M 205 -89.96 -41.51 -6.30
CA PRO M 205 -90.10 -42.78 -5.57
C PRO M 205 -91.11 -43.70 -6.23
N ASN M 206 -91.11 -44.95 -5.77
CA ASN M 206 -92.08 -45.98 -6.12
C ASN M 206 -92.01 -46.40 -7.58
N ARG M 207 -90.90 -46.15 -8.25
CA ARG M 207 -90.74 -46.60 -9.63
C ARG M 207 -90.27 -48.04 -9.66
N VAL M 208 -91.10 -48.93 -10.22
CA VAL M 208 -90.80 -50.36 -10.21
C VAL M 208 -89.58 -50.61 -11.09
N LEU M 209 -88.53 -51.17 -10.49
CA LEU M 209 -87.30 -51.46 -11.21
C LEU M 209 -87.24 -52.87 -11.78
N SER M 210 -87.99 -53.81 -11.22
CA SER M 210 -88.00 -55.17 -11.74
C SER M 210 -89.24 -55.89 -11.26
N TYR M 211 -89.58 -56.97 -11.95
CA TYR M 211 -90.79 -57.71 -11.62
C TYR M 211 -90.64 -59.16 -12.09
N ARG M 212 -91.50 -60.01 -11.54
CA ARG M 212 -91.62 -61.40 -11.95
C ARG M 212 -93.10 -61.71 -12.09
N VAL M 213 -93.42 -62.73 -12.88
CA VAL M 213 -94.79 -62.96 -13.31
C VAL M 213 -95.21 -64.41 -13.07
N LYS M 214 -96.52 -64.60 -12.89
CA LYS M 214 -97.15 -65.91 -12.84
C LYS M 214 -98.24 -65.98 -13.91
N GLN M 215 -98.25 -67.03 -14.70
CA GLN M 215 -99.11 -67.02 -15.88
C GLN M 215 -100.58 -67.16 -15.46
N LEU M 216 -101.47 -66.76 -16.36
CA LEU M 216 -102.90 -66.97 -16.18
C LEU M 216 -103.46 -67.60 -17.44
N VAL M 217 -103.77 -68.89 -17.40
CA VAL M 217 -104.38 -69.59 -18.51
C VAL M 217 -105.90 -69.60 -18.33
N PHE M 218 -106.63 -69.47 -19.43
CA PHE M 218 -108.08 -69.33 -19.45
C PHE M 218 -108.68 -70.37 -20.39
N PRO M 219 -108.99 -71.56 -19.90
CA PRO M 219 -109.74 -72.52 -20.73
C PRO M 219 -111.10 -72.01 -21.17
N ASN M 220 -111.72 -71.12 -20.40
CA ASN M 220 -112.97 -70.47 -20.81
C ASN M 220 -112.98 -69.07 -20.21
N LYS M 221 -114.16 -68.44 -20.20
CA LYS M 221 -114.31 -67.06 -19.76
C LYS M 221 -114.56 -66.92 -18.27
N GLU M 222 -114.57 -68.03 -17.52
CA GLU M 222 -114.78 -67.98 -16.08
C GLU M 222 -113.67 -68.71 -15.32
N THR M 223 -112.54 -68.97 -15.99
CA THR M 223 -111.45 -69.75 -15.42
C THR M 223 -110.18 -68.90 -15.39
N MET M 224 -109.92 -68.29 -14.24
CA MET M 224 -108.66 -67.58 -14.03
C MET M 224 -107.60 -68.55 -13.50
N ASN M 225 -107.24 -69.50 -14.35
CA ASN M 225 -106.40 -70.61 -13.90
C ASN M 225 -104.97 -70.11 -13.75
N ILE M 226 -104.51 -69.96 -12.51
CA ILE M 226 -103.21 -69.37 -12.24
C ILE M 226 -102.15 -70.45 -12.38
N HIS M 227 -101.23 -70.26 -13.33
CA HIS M 227 -100.20 -71.23 -13.67
C HIS M 227 -98.88 -70.78 -13.06
N PHE M 228 -98.29 -71.63 -12.23
CA PHE M 228 -97.03 -71.32 -11.55
C PHE M 228 -95.83 -71.78 -12.36
N ARG M 229 -95.75 -73.07 -12.66
CA ARG M 229 -94.62 -73.66 -13.35
C ARG M 229 -95.08 -74.28 -14.65
N GLY M 230 -94.28 -74.12 -15.70
CA GLY M 230 -94.57 -74.77 -16.96
C GLY M 230 -94.81 -73.81 -18.11
N LYS M 231 -94.02 -73.98 -19.18
CA LYS M 231 -94.22 -73.20 -20.41
C LYS M 231 -95.42 -73.79 -21.14
N THR M 232 -96.48 -73.01 -21.25
CA THR M 232 -97.73 -73.49 -21.85
C THR M 232 -98.40 -72.33 -22.57
N LYS M 233 -99.64 -72.55 -23.00
CA LYS M 233 -100.44 -71.54 -23.67
C LYS M 233 -101.43 -70.94 -22.69
N SER M 234 -101.47 -69.61 -22.62
CA SER M 234 -102.31 -68.91 -21.66
C SER M 234 -103.74 -68.73 -22.13
N PHE M 235 -104.07 -69.18 -23.34
CA PHE M 235 -105.43 -69.10 -23.87
C PHE M 235 -105.73 -70.36 -24.67
N PRO M 236 -106.09 -71.44 -24.00
CA PRO M 236 -106.44 -72.67 -24.72
C PRO M 236 -107.86 -72.71 -25.23
N GLU M 237 -108.67 -71.71 -24.91
CA GLU M 237 -110.07 -71.65 -25.32
C GLU M 237 -110.20 -71.52 -26.84
CA MET N 5 -80.53 -29.76 -38.50
C MET N 5 -81.97 -29.88 -38.03
N PHE N 6 -82.16 -29.75 -36.72
CA PHE N 6 -83.49 -29.90 -36.12
C PHE N 6 -83.70 -28.77 -35.12
N SER N 7 -84.97 -28.51 -34.82
CA SER N 7 -85.32 -27.52 -33.82
C SER N 7 -84.79 -27.93 -32.46
N VAL N 8 -84.55 -26.95 -31.58
CA VAL N 8 -84.09 -27.25 -30.23
C VAL N 8 -85.14 -28.07 -29.49
N PHE N 9 -86.42 -27.68 -29.64
CA PHE N 9 -87.50 -28.45 -29.05
C PHE N 9 -87.55 -29.86 -29.63
N GLU N 10 -87.25 -30.01 -30.92
CA GLU N 10 -87.18 -31.33 -31.51
C GLU N 10 -86.11 -32.17 -30.82
N GLU N 11 -84.93 -31.59 -30.57
CA GLU N 11 -83.86 -32.34 -29.91
C GLU N 11 -84.25 -32.73 -28.50
N ILE N 12 -84.84 -31.80 -27.74
CA ILE N 12 -85.17 -32.13 -26.36
C ILE N 12 -86.27 -33.18 -26.32
N THR N 13 -87.22 -33.14 -27.25
CA THR N 13 -88.24 -34.17 -27.27
C THR N 13 -87.66 -35.52 -27.66
N ARG N 14 -86.72 -35.54 -28.60
CA ARG N 14 -86.08 -36.81 -28.95
C ARG N 14 -85.34 -37.39 -27.76
N ILE N 15 -84.63 -36.55 -27.00
CA ILE N 15 -83.93 -37.03 -25.81
C ILE N 15 -84.93 -37.56 -24.79
N VAL N 16 -86.03 -36.83 -24.56
CA VAL N 16 -87.00 -37.26 -23.56
C VAL N 16 -87.64 -38.58 -23.97
N VAL N 17 -87.91 -38.77 -25.26
CA VAL N 17 -88.50 -40.03 -25.69
C VAL N 17 -87.49 -41.17 -25.57
N LYS N 18 -86.24 -40.92 -25.96
CA LYS N 18 -85.23 -41.98 -25.85
C LYS N 18 -84.97 -42.37 -24.39
N GLU N 19 -85.20 -41.45 -23.45
CA GLU N 19 -84.93 -41.79 -22.06
C GLU N 19 -86.16 -42.30 -21.33
N MET N 20 -87.21 -41.49 -21.25
CA MET N 20 -88.39 -41.84 -20.45
C MET N 20 -89.14 -43.05 -20.99
N ASP N 21 -88.92 -43.43 -22.25
CA ASP N 21 -89.60 -44.61 -22.76
C ASP N 21 -88.63 -45.36 -23.68
N ALA N 22 -87.88 -46.30 -23.10
CA ALA N 22 -87.04 -47.17 -23.89
C ALA N 22 -87.92 -48.09 -24.72
N GLY N 23 -87.70 -48.12 -26.02
CA GLY N 23 -88.59 -48.87 -26.89
C GLY N 23 -89.99 -48.32 -26.79
N GLY N 24 -90.94 -49.20 -26.45
CA GLY N 24 -92.31 -48.76 -26.23
C GLY N 24 -92.93 -48.21 -27.49
N ASP N 25 -93.85 -47.25 -27.32
CA ASP N 25 -94.59 -46.68 -28.44
C ASP N 25 -94.65 -45.16 -28.42
N MET N 26 -94.15 -44.49 -27.39
CA MET N 26 -94.26 -43.04 -27.30
C MET N 26 -93.49 -42.38 -28.44
N ILE N 27 -94.14 -41.39 -29.06
CA ILE N 27 -93.54 -40.58 -30.11
C ILE N 27 -93.38 -39.17 -29.60
N ALA N 28 -92.34 -38.50 -30.10
CA ALA N 28 -91.96 -37.18 -29.61
C ALA N 28 -92.66 -36.09 -30.39
N VAL N 29 -93.22 -35.11 -29.66
CA VAL N 29 -93.78 -33.94 -30.31
C VAL N 29 -92.68 -33.20 -31.07
N ARG N 30 -93.00 -32.79 -32.29
CA ARG N 30 -92.00 -32.15 -33.14
C ARG N 30 -91.97 -30.64 -32.97
N SER N 31 -93.12 -29.99 -33.08
CA SER N 31 -93.22 -28.54 -33.06
C SER N 31 -93.97 -28.10 -31.81
N LEU N 32 -93.44 -27.06 -31.15
CA LEU N 32 -94.08 -26.61 -29.92
C LEU N 32 -95.21 -25.62 -30.14
N VAL N 33 -95.43 -25.18 -31.39
CA VAL N 33 -96.61 -24.37 -31.66
C VAL N 33 -97.88 -25.19 -31.47
N ASP N 34 -97.87 -26.44 -31.93
CA ASP N 34 -98.99 -27.35 -31.77
C ASP N 34 -98.75 -28.37 -30.67
N ALA N 35 -97.82 -28.08 -29.75
CA ALA N 35 -97.66 -28.94 -28.58
C ALA N 35 -98.92 -28.94 -27.73
N ASP N 36 -99.53 -27.76 -27.56
CA ASP N 36 -100.75 -27.67 -26.76
C ASP N 36 -101.88 -28.47 -27.39
N ARG N 37 -101.84 -28.70 -28.70
CA ARG N 37 -102.88 -29.48 -29.34
C ARG N 37 -102.62 -30.98 -29.32
N PHE N 38 -101.52 -31.42 -28.71
CA PHE N 38 -101.25 -32.84 -28.49
C PHE N 38 -101.56 -33.27 -27.07
N ARG N 39 -102.23 -32.42 -26.30
CA ARG N 39 -102.60 -32.74 -24.93
C ARG N 39 -103.56 -33.94 -24.92
N CYS N 40 -103.81 -34.46 -23.72
CA CYS N 40 -104.68 -35.63 -23.58
C CYS N 40 -106.09 -35.31 -24.06
N PHE N 41 -106.74 -36.31 -24.64
CA PHE N 41 -108.07 -36.32 -25.25
C PHE N 41 -108.09 -35.66 -26.62
N HIS N 42 -107.01 -35.03 -27.07
CA HIS N 42 -107.03 -34.38 -28.37
C HIS N 42 -106.90 -35.42 -29.49
N LEU N 43 -107.85 -35.40 -30.41
CA LEU N 43 -107.80 -36.31 -31.54
C LEU N 43 -106.64 -35.97 -32.46
N VAL N 44 -106.05 -37.00 -33.05
CA VAL N 44 -104.87 -36.88 -33.89
C VAL N 44 -105.12 -37.71 -35.15
N GLY N 45 -104.48 -37.32 -36.25
CA GLY N 45 -104.60 -38.07 -37.48
C GLY N 45 -103.22 -38.46 -37.99
N GLU N 46 -103.22 -39.41 -38.90
CA GLU N 46 -101.99 -39.91 -39.51
C GLU N 46 -101.87 -39.39 -40.95
N LYS N 47 -100.64 -39.41 -41.44
CA LYS N 47 -100.38 -39.05 -42.83
C LYS N 47 -99.17 -39.82 -43.33
N ARG N 48 -99.28 -40.35 -44.54
CA ARG N 48 -98.24 -41.21 -45.11
C ARG N 48 -97.35 -40.40 -46.06
N THR N 49 -96.06 -40.69 -46.02
CA THR N 49 -95.09 -40.02 -46.86
C THR N 49 -94.14 -41.05 -47.46
N PHE N 50 -93.40 -40.62 -48.49
CA PHE N 50 -92.41 -41.50 -49.09
C PHE N 50 -91.31 -41.87 -48.10
N PHE N 51 -90.99 -40.97 -47.17
CA PHE N 51 -90.04 -41.31 -46.11
C PHE N 51 -90.66 -42.23 -45.07
N GLY N 52 -91.94 -42.02 -44.75
CA GLY N 52 -92.61 -42.82 -43.75
C GLY N 52 -94.00 -42.31 -43.42
N CYS N 53 -94.33 -42.28 -42.13
CA CYS N 53 -95.63 -41.78 -41.66
C CYS N 53 -95.40 -40.81 -40.51
N ARG N 54 -96.31 -39.84 -40.39
CA ARG N 54 -96.25 -38.84 -39.33
C ARG N 54 -97.65 -38.55 -38.83
N HIS N 55 -97.72 -37.76 -37.75
CA HIS N 55 -98.97 -37.41 -37.11
C HIS N 55 -99.22 -35.92 -37.20
N TYR N 56 -100.50 -35.56 -37.25
CA TYR N 56 -100.93 -34.17 -37.19
C TYR N 56 -102.05 -34.07 -36.16
N THR N 57 -102.31 -32.85 -35.70
CA THR N 57 -103.34 -32.61 -34.71
C THR N 57 -104.53 -31.92 -35.39
N THR N 58 -105.69 -32.56 -35.32
CA THR N 58 -106.90 -31.92 -35.81
C THR N 58 -107.34 -30.76 -34.93
N GLY N 59 -106.90 -30.74 -33.68
CA GLY N 59 -107.38 -29.77 -32.72
C GLY N 59 -108.69 -30.14 -32.06
N LEU N 60 -109.18 -31.36 -32.28
CA LEU N 60 -110.45 -31.82 -31.72
C LEU N 60 -110.17 -32.62 -30.45
N THR N 61 -110.77 -32.20 -29.35
CA THR N 61 -110.81 -33.06 -28.17
C THR N 61 -111.89 -34.11 -28.35
N LEU N 62 -111.89 -35.09 -27.45
CA LEU N 62 -112.87 -36.18 -27.55
C LEU N 62 -114.29 -35.67 -27.35
N MET N 63 -114.47 -34.64 -26.52
CA MET N 63 -115.80 -34.10 -26.27
C MET N 63 -116.48 -33.60 -27.53
N ASP N 64 -115.71 -33.28 -28.57
CA ASP N 64 -116.31 -32.85 -29.83
C ASP N 64 -117.09 -33.97 -30.48
N ILE N 65 -116.56 -35.19 -30.44
CA ILE N 65 -117.18 -36.33 -31.11
C ILE N 65 -117.69 -37.36 -30.10
N LEU N 66 -117.99 -36.95 -28.87
CA LEU N 66 -118.53 -37.84 -27.85
C LEU N 66 -119.94 -37.39 -27.50
N ASP N 67 -120.90 -38.32 -27.59
CA ASP N 67 -122.30 -37.96 -27.38
C ASP N 67 -122.53 -37.37 -26.00
N THR N 68 -121.95 -38.00 -24.97
CA THR N 68 -122.07 -37.54 -23.58
C THR N 68 -123.54 -37.44 -23.16
N LYS N 85 -98.15 -35.63 -10.09
CA LYS N 85 -98.17 -37.01 -10.59
C LYS N 85 -96.77 -37.60 -10.55
N ALA N 86 -96.18 -37.82 -11.71
CA ALA N 86 -94.83 -38.36 -11.84
C ALA N 86 -93.95 -37.30 -12.50
N GLU N 87 -92.88 -36.91 -11.81
CA GLU N 87 -92.04 -35.78 -12.22
C GLU N 87 -90.61 -36.27 -12.43
N PHE N 88 -90.09 -36.07 -13.63
CA PHE N 88 -88.76 -36.54 -14.01
C PHE N 88 -87.91 -35.35 -14.41
N GLN N 89 -86.74 -35.19 -13.78
CA GLN N 89 -85.84 -34.08 -14.04
C GLN N 89 -84.66 -34.60 -14.86
N ILE N 90 -84.68 -34.34 -16.15
CA ILE N 90 -83.59 -34.75 -17.03
C ILE N 90 -82.61 -33.58 -17.16
N LEU N 91 -81.34 -33.91 -17.32
CA LEU N 91 -80.31 -32.89 -17.50
C LEU N 91 -79.12 -33.56 -18.19
N ASP N 92 -78.67 -32.96 -19.30
CA ASP N 92 -77.56 -33.57 -20.01
C ASP N 92 -76.84 -32.54 -20.87
N ASN N 93 -75.62 -32.90 -21.25
CA ASN N 93 -74.82 -32.17 -22.20
C ASN N 93 -74.22 -33.15 -23.18
N VAL N 94 -74.19 -32.77 -24.46
CA VAL N 94 -73.75 -33.65 -25.53
C VAL N 94 -72.70 -32.92 -26.36
N ASP N 95 -71.63 -33.62 -26.70
CA ASP N 95 -70.56 -33.08 -27.54
C ASP N 95 -70.25 -34.12 -28.62
N SER N 96 -70.63 -33.84 -29.86
CA SER N 96 -70.42 -34.76 -30.96
C SER N 96 -69.60 -34.08 -32.05
N THR N 97 -68.86 -34.88 -32.81
CA THR N 97 -68.04 -34.38 -33.90
C THR N 97 -67.83 -35.48 -34.92
N GLY N 98 -67.99 -35.15 -36.20
CA GLY N 98 -67.75 -36.11 -37.26
C GLY N 98 -67.04 -35.50 -38.45
N GLU N 99 -65.91 -36.10 -38.82
CA GLU N 99 -65.08 -35.55 -39.92
C GLU N 99 -64.90 -36.63 -41.00
N LEU N 100 -65.18 -36.30 -42.25
CA LEU N 100 -65.04 -37.23 -43.36
C LEU N 100 -64.21 -36.58 -44.46
N ILE N 101 -63.49 -37.41 -45.21
CA ILE N 101 -62.68 -36.97 -46.34
C ILE N 101 -62.92 -37.94 -47.51
N VAL N 102 -63.09 -37.38 -48.70
CA VAL N 102 -63.34 -38.18 -49.90
C VAL N 102 -62.40 -37.68 -51.00
N ARG N 103 -61.83 -38.62 -51.76
CA ARG N 103 -60.99 -38.29 -52.90
C ARG N 103 -61.51 -39.00 -54.14
N LEU N 104 -61.33 -38.34 -55.28
CA LEU N 104 -61.81 -38.91 -56.58
C LEU N 104 -60.71 -38.72 -57.61
N PRO N 105 -60.56 -39.63 -58.60
CA PRO N 105 -59.56 -39.49 -59.67
C PRO N 105 -59.79 -38.29 -60.57
N LYS N 106 -60.91 -37.60 -60.43
CA LYS N 106 -61.20 -36.39 -61.19
C LYS N 106 -60.68 -35.14 -60.49
N GLU N 107 -59.66 -35.29 -59.65
CA GLU N 107 -59.07 -34.19 -58.87
C GLU N 107 -60.13 -33.52 -57.99
N ILE N 108 -60.96 -34.33 -57.34
CA ILE N 108 -61.98 -33.82 -56.43
C ILE N 108 -61.72 -34.35 -55.04
N THR N 109 -61.20 -33.49 -54.17
CA THR N 109 -60.88 -33.85 -52.78
C THR N 109 -61.76 -33.02 -51.86
N ILE N 110 -62.74 -33.66 -51.24
CA ILE N 110 -63.67 -32.98 -50.35
C ILE N 110 -63.37 -33.42 -48.92
N SER N 111 -63.72 -32.54 -47.97
CA SER N 111 -63.53 -32.85 -46.56
C SER N 111 -64.53 -32.02 -45.76
N GLY N 112 -65.28 -32.68 -44.88
CA GLY N 112 -66.29 -32.02 -44.09
C GLY N 112 -66.33 -32.42 -42.64
N SER N 113 -66.45 -31.44 -41.75
CA SER N 113 -66.55 -31.66 -40.32
C SER N 113 -67.86 -31.08 -39.82
N PHE N 114 -68.53 -31.82 -38.94
CA PHE N 114 -69.83 -31.42 -38.41
C PHE N 114 -69.80 -31.69 -36.91
N GLN N 115 -69.88 -30.63 -36.11
CA GLN N 115 -69.79 -30.76 -34.66
C GLN N 115 -71.00 -30.11 -34.01
N GLY N 116 -71.32 -30.60 -32.82
CA GLY N 116 -72.47 -30.11 -32.07
C GLY N 116 -72.24 -30.15 -30.57
N PHE N 117 -72.76 -29.14 -29.88
CA PHE N 117 -72.66 -29.02 -28.44
C PHE N 117 -74.02 -28.63 -27.91
N HIS N 118 -74.66 -29.52 -27.18
CA HIS N 118 -76.02 -29.33 -26.68
C HIS N 118 -76.01 -29.32 -25.17
N HIS N 119 -76.83 -28.44 -24.57
CA HIS N 119 -77.01 -28.44 -23.12
C HIS N 119 -78.49 -28.25 -22.82
N GLN N 120 -79.06 -29.20 -22.08
CA GLN N 120 -80.47 -29.15 -21.75
C GLN N 120 -80.67 -29.54 -20.29
N LYS N 121 -81.62 -28.86 -19.64
CA LYS N 121 -82.08 -29.21 -18.31
C LYS N 121 -83.57 -28.95 -18.28
N ILE N 122 -84.35 -30.01 -18.03
CA ILE N 122 -85.80 -29.93 -18.15
C ILE N 122 -86.42 -30.76 -17.04
N LYS N 123 -87.62 -30.37 -16.63
CA LYS N 123 -88.37 -31.07 -15.58
C LYS N 123 -89.77 -31.35 -16.13
N ILE N 124 -90.02 -32.59 -16.52
CA ILE N 124 -91.26 -32.97 -17.15
C ILE N 124 -92.14 -33.69 -16.13
N SER N 125 -93.43 -33.79 -16.45
CA SER N 125 -94.39 -34.52 -15.64
C SER N 125 -95.26 -35.35 -16.57
N GLU N 126 -95.80 -36.43 -16.03
CA GLU N 126 -96.60 -37.37 -16.81
C GLU N 126 -98.07 -37.24 -16.47
N ASN N 127 -98.91 -37.27 -17.50
CA ASN N 127 -100.35 -37.38 -17.32
C ASN N 127 -100.88 -38.44 -18.27
N ARG N 128 -101.99 -39.05 -17.89
CA ARG N 128 -102.53 -40.14 -18.70
C ARG N 128 -103.98 -40.36 -18.33
N ILE N 129 -104.76 -40.78 -19.32
CA ILE N 129 -106.17 -41.09 -19.10
C ILE N 129 -106.28 -42.48 -18.50
N SER N 130 -107.02 -42.60 -17.40
CA SER N 130 -107.12 -43.86 -16.69
C SER N 130 -107.80 -44.91 -17.56
N GLN N 131 -107.37 -46.17 -17.39
CA GLN N 131 -107.95 -47.27 -18.14
C GLN N 131 -109.43 -47.45 -17.83
N GLN N 132 -109.91 -46.91 -16.72
CA GLN N 132 -111.35 -46.91 -16.47
C GLN N 132 -112.07 -46.11 -17.54
N TYR N 133 -111.52 -44.96 -17.92
CA TYR N 133 -112.14 -44.16 -18.97
C TYR N 133 -112.16 -44.91 -20.30
N LEU N 134 -111.02 -45.46 -20.70
CA LEU N 134 -110.97 -46.25 -21.93
C LEU N 134 -111.92 -47.43 -21.86
N ALA N 135 -112.16 -47.97 -20.67
CA ALA N 135 -113.20 -48.99 -20.52
C ALA N 135 -114.58 -48.40 -20.78
N THR N 136 -114.82 -47.17 -20.32
CA THR N 136 -116.11 -46.53 -20.57
C THR N 136 -116.27 -46.04 -22.00
N LEU N 137 -115.19 -45.59 -22.63
CA LEU N 137 -115.25 -45.05 -23.98
C LEU N 137 -115.16 -46.15 -25.03
N GLU N 138 -116.01 -47.17 -24.94
CA GLU N 138 -116.01 -48.28 -25.87
C GLU N 138 -117.27 -48.26 -26.72
N ASN N 139 -117.08 -48.21 -28.04
CA ASN N 139 -118.17 -48.25 -29.01
C ASN N 139 -119.25 -47.21 -28.68
N ARG N 140 -118.80 -46.00 -28.35
CA ARG N 140 -119.72 -44.92 -28.06
C ARG N 140 -120.32 -44.35 -29.33
N LYS N 141 -121.53 -43.82 -29.22
CA LYS N 141 -122.10 -43.03 -30.30
C LYS N 141 -121.52 -41.63 -30.29
N LEU N 142 -121.27 -41.08 -31.46
CA LEU N 142 -120.70 -39.76 -31.58
C LEU N 142 -121.80 -38.71 -31.35
N LYS N 143 -121.47 -37.44 -31.58
CA LYS N 143 -122.46 -36.38 -31.54
C LYS N 143 -123.15 -36.27 -32.89
N ARG N 144 -124.47 -36.05 -32.86
CA ARG N 144 -125.20 -35.80 -34.10
C ARG N 144 -124.74 -34.53 -34.79
N GLU N 145 -124.10 -33.62 -34.05
CA GLU N 145 -123.56 -32.38 -34.61
C GLU N 145 -122.18 -32.66 -35.21
N LEU N 146 -122.19 -33.38 -36.32
CA LEU N 146 -120.95 -33.71 -37.05
C LEU N 146 -120.27 -32.43 -37.51
N PRO N 147 -119.13 -32.07 -36.93
CA PRO N 147 -118.41 -30.88 -37.40
C PRO N 147 -117.77 -31.16 -38.75
N PHE N 148 -117.77 -30.13 -39.61
CA PHE N 148 -117.07 -30.25 -40.88
C PHE N 148 -115.58 -30.49 -40.67
N SER N 149 -115.05 -30.09 -39.51
CA SER N 149 -113.67 -30.39 -39.18
C SER N 149 -113.43 -31.90 -39.18
N PHE N 150 -114.36 -32.67 -38.62
CA PHE N 150 -114.26 -34.12 -38.62
C PHE N 150 -114.99 -34.75 -39.80
N ARG N 151 -116.15 -34.20 -40.19
CA ARG N 151 -116.94 -34.81 -41.25
C ARG N 151 -116.16 -34.92 -42.55
N SER N 152 -115.24 -33.99 -42.79
CA SER N 152 -114.48 -33.96 -44.03
C SER N 152 -113.15 -34.70 -43.92
N ILE N 153 -112.89 -35.37 -42.80
CA ILE N 153 -111.64 -36.10 -42.65
C ILE N 153 -111.59 -37.22 -43.68
N ASN N 154 -110.47 -37.31 -44.39
CA ASN N 154 -110.32 -38.33 -45.41
C ASN N 154 -110.28 -39.71 -44.77
N THR N 155 -111.16 -40.60 -45.19
CA THR N 155 -111.25 -41.93 -44.61
C THR N 155 -110.06 -42.81 -44.97
N ARG N 156 -109.26 -42.43 -45.97
CA ARG N 156 -108.08 -43.20 -46.31
C ARG N 156 -107.08 -43.24 -45.16
N GLU N 157 -106.87 -42.11 -44.49
CA GLU N 157 -105.97 -42.04 -43.35
C GLU N 157 -106.70 -42.49 -42.08
N ASN N 158 -105.93 -42.59 -40.99
CA ASN N 158 -106.42 -43.14 -39.75
C ASN N 158 -106.83 -42.03 -38.79
N LEU N 159 -107.21 -42.41 -37.57
CA LEU N 159 -107.60 -41.45 -36.54
C LEU N 159 -107.32 -42.07 -35.19
N TYR N 160 -106.74 -41.28 -34.28
CA TYR N 160 -106.27 -41.76 -33.00
C TYR N 160 -106.66 -40.80 -31.90
N LEU N 161 -106.64 -41.29 -30.67
CA LEU N 161 -106.87 -40.49 -29.49
C LEU N 161 -105.58 -40.47 -28.66
N VAL N 162 -105.17 -39.28 -28.23
CA VAL N 162 -103.97 -39.15 -27.42
C VAL N 162 -104.27 -39.63 -26.00
N THR N 163 -103.46 -40.57 -25.52
CA THR N 163 -103.70 -41.27 -24.27
C THR N 163 -102.82 -40.75 -23.13
N GLU N 164 -101.50 -40.72 -23.33
CA GLU N 164 -100.58 -40.29 -22.29
C GLU N 164 -99.66 -39.20 -22.85
N THR N 165 -99.27 -38.28 -21.98
CA THR N 165 -98.48 -37.12 -22.39
C THR N 165 -97.44 -36.77 -21.33
N LEU N 166 -96.24 -36.46 -21.79
CA LEU N 166 -95.19 -35.88 -20.96
C LEU N 166 -95.11 -34.39 -21.26
N GLU N 167 -95.38 -33.58 -20.25
CA GLU N 167 -95.47 -32.14 -20.42
C GLU N 167 -94.59 -31.43 -19.39
N THR N 168 -93.92 -30.37 -19.82
CA THR N 168 -93.08 -29.64 -18.88
C THR N 168 -93.95 -28.94 -17.83
N VAL N 169 -93.33 -28.57 -16.71
CA VAL N 169 -94.03 -27.89 -15.64
C VAL N 169 -93.27 -26.65 -15.22
N LYS N 170 -92.20 -26.33 -15.95
CA LYS N 170 -91.36 -25.20 -15.59
C LYS N 170 -90.86 -24.52 -16.86
N GLU N 171 -90.60 -23.21 -16.75
CA GLU N 171 -90.08 -22.46 -17.88
C GLU N 171 -88.64 -22.87 -18.16
N GLU N 172 -88.40 -23.45 -19.32
CA GLU N 172 -87.11 -24.03 -19.64
C GLU N 172 -86.34 -23.14 -20.61
N THR N 173 -85.03 -23.36 -20.67
CA THR N 173 -84.13 -22.57 -21.52
C THR N 173 -83.06 -23.51 -22.04
N LEU N 174 -83.23 -23.99 -23.26
CA LEU N 174 -82.36 -25.00 -23.84
C LEU N 174 -81.35 -24.36 -24.79
N LYS N 175 -80.14 -24.93 -24.85
CA LYS N 175 -79.07 -24.34 -25.65
C LYS N 175 -78.47 -25.37 -26.59
N SER N 176 -78.09 -24.91 -27.77
CA SER N 176 -77.40 -25.74 -28.75
C SER N 176 -76.33 -24.91 -29.44
N ASP N 177 -75.42 -25.60 -30.11
CA ASP N 177 -74.36 -24.92 -30.86
C ASP N 177 -73.86 -25.87 -31.94
N ARG N 178 -74.06 -25.50 -33.20
CA ARG N 178 -73.70 -26.32 -34.33
C ARG N 178 -72.55 -25.69 -35.10
N GLN N 179 -71.75 -26.54 -35.75
CA GLN N 179 -70.66 -26.06 -36.60
C GLN N 179 -70.54 -26.99 -37.80
N TYR N 180 -70.63 -26.42 -38.99
CA TYR N 180 -70.48 -27.15 -40.25
C TYR N 180 -69.33 -26.52 -41.02
N LYS N 181 -68.20 -27.22 -41.09
CA LYS N 181 -67.02 -26.71 -41.80
C LYS N 181 -66.69 -27.72 -42.89
N PHE N 182 -67.12 -27.47 -44.12
CA PHE N 182 -66.86 -28.43 -45.19
C PHE N 182 -66.44 -27.72 -46.47
N TRP N 183 -65.43 -28.29 -47.13
CA TRP N 183 -64.90 -27.74 -48.38
C TRP N 183 -64.63 -28.88 -49.36
N SER N 184 -64.25 -28.49 -50.57
CA SER N 184 -64.05 -29.43 -51.66
C SER N 184 -63.22 -28.75 -52.73
N GLN N 185 -62.08 -29.36 -53.07
CA GLN N 185 -61.26 -28.90 -54.17
C GLN N 185 -61.60 -29.69 -55.43
N ILE N 186 -61.75 -28.96 -56.53
CA ILE N 186 -62.05 -29.55 -57.83
C ILE N 186 -60.82 -29.40 -58.71
N SER N 187 -60.88 -30.00 -59.91
CA SER N 187 -59.77 -29.93 -60.84
C SER N 187 -59.46 -28.49 -61.22
N GLN N 188 -60.48 -27.64 -61.24
CA GLN N 188 -60.30 -26.22 -61.60
C GLN N 188 -60.12 -25.36 -60.36
N GLY N 189 -61.10 -25.39 -59.46
CA GLY N 189 -61.10 -24.52 -58.31
C GLY N 189 -61.52 -25.23 -57.03
N HIS N 190 -61.93 -24.43 -56.05
CA HIS N 190 -62.28 -24.91 -54.72
C HIS N 190 -63.66 -24.37 -54.34
N LEU N 191 -64.17 -24.84 -53.20
CA LEU N 191 -65.43 -24.33 -52.66
C LEU N 191 -65.50 -24.73 -51.19
N SER N 192 -65.63 -23.74 -50.30
CA SER N 192 -65.64 -23.99 -48.87
C SER N 192 -66.82 -23.29 -48.22
N TYR N 193 -67.24 -23.81 -47.07
CA TYR N 193 -68.31 -23.20 -46.30
C TYR N 193 -68.11 -23.51 -44.82
N LYS N 194 -68.09 -22.46 -44.00
CA LYS N 194 -67.93 -22.59 -42.56
C LYS N 194 -69.08 -21.87 -41.87
N HIS N 195 -69.84 -22.62 -41.07
CA HIS N 195 -70.97 -22.08 -40.33
C HIS N 195 -70.79 -22.43 -38.86
N LYS N 196 -70.99 -21.43 -37.99
CA LYS N 196 -70.96 -21.63 -36.55
C LYS N 196 -72.15 -20.90 -35.96
N GLY N 197 -73.06 -21.65 -35.36
CA GLY N 197 -74.27 -21.04 -34.82
C GLY N 197 -74.62 -21.51 -33.43
N GLN N 198 -74.71 -20.56 -32.50
CA GLN N 198 -75.19 -20.82 -31.14
C GLN N 198 -76.65 -20.41 -31.05
N ARG N 199 -77.48 -21.30 -30.53
CA ARG N 199 -78.92 -21.11 -30.49
C ARG N 199 -79.43 -21.37 -29.08
N GLU N 200 -80.50 -20.67 -28.72
CA GLU N 200 -81.05 -20.80 -27.37
C GLU N 200 -82.54 -20.50 -27.44
N VAL N 201 -83.35 -21.33 -26.78
CA VAL N 201 -84.80 -21.19 -26.85
C VAL N 201 -85.38 -21.29 -25.45
N THR N 202 -86.55 -20.69 -25.27
CA THR N 202 -87.26 -20.69 -24.01
C THR N 202 -88.64 -21.30 -24.20
N ILE N 203 -89.11 -22.01 -23.18
CA ILE N 203 -90.34 -22.81 -23.26
C ILE N 203 -91.21 -22.55 -22.05
N PRO N 204 -92.50 -22.28 -22.24
CA PRO N 204 -93.41 -22.12 -21.11
C PRO N 204 -93.81 -23.47 -20.54
N PRO N 205 -94.49 -23.50 -19.39
CA PRO N 205 -94.92 -24.78 -18.83
C PRO N 205 -96.01 -25.44 -19.69
N ASN N 206 -96.27 -26.70 -19.36
CA ASN N 206 -97.36 -27.51 -19.92
C ASN N 206 -97.20 -27.79 -21.41
N ARG N 207 -96.00 -27.69 -21.94
CA ARG N 207 -95.76 -28.03 -23.34
C ARG N 207 -95.55 -29.53 -23.47
N VAL N 208 -96.44 -30.19 -24.20
CA VAL N 208 -96.40 -31.65 -24.33
C VAL N 208 -95.15 -32.03 -25.12
N LEU N 209 -94.29 -32.83 -24.48
CA LEU N 209 -93.05 -33.27 -25.10
C LEU N 209 -93.18 -34.61 -25.83
N SER N 210 -94.13 -35.45 -25.44
CA SER N 210 -94.31 -36.73 -26.12
C SER N 210 -95.71 -37.24 -25.84
N TYR N 211 -96.16 -38.18 -26.67
CA TYR N 211 -97.50 -38.71 -26.54
C TYR N 211 -97.55 -40.11 -27.15
N ARG N 212 -98.61 -40.84 -26.78
CA ARG N 212 -98.92 -42.13 -27.37
C ARG N 212 -100.41 -42.16 -27.67
N VAL N 213 -100.81 -43.03 -28.60
CA VAL N 213 -102.14 -42.96 -29.18
C VAL N 213 -102.82 -44.31 -29.14
N LYS N 214 -104.15 -44.28 -29.11
CA LYS N 214 -105.00 -45.46 -29.26
C LYS N 214 -105.96 -45.21 -30.43
N GLN N 215 -106.07 -46.17 -31.34
CA GLN N 215 -106.78 -45.90 -32.59
C GLN N 215 -108.28 -45.80 -32.33
N LEU N 216 -108.99 -45.17 -33.25
CA LEU N 216 -110.44 -45.12 -33.23
C LEU N 216 -110.96 -45.51 -34.61
N VAL N 217 -111.49 -46.73 -34.74
CA VAL N 217 -112.09 -47.20 -35.98
C VAL N 217 -113.59 -46.94 -35.93
N PHE N 218 -114.15 -46.59 -37.08
CA PHE N 218 -115.54 -46.17 -37.22
C PHE N 218 -116.20 -46.99 -38.32
N PRO N 219 -116.78 -48.15 -38.00
CA PRO N 219 -117.57 -48.87 -39.00
C PRO N 219 -118.77 -48.09 -39.51
N ASN N 220 -119.30 -47.16 -38.72
CA ASN N 220 -120.37 -46.27 -39.16
C ASN N 220 -120.21 -44.95 -38.41
N LYS N 221 -121.25 -44.12 -38.44
CA LYS N 221 -121.21 -42.78 -37.87
C LYS N 221 -121.59 -42.73 -36.40
N GLU N 222 -121.88 -43.89 -35.79
CA GLU N 222 -122.24 -43.93 -34.38
C GLU N 222 -121.37 -44.92 -33.60
N THR N 223 -120.24 -45.32 -34.18
CA THR N 223 -119.37 -46.34 -33.61
C THR N 223 -117.99 -45.74 -33.36
N MET N 224 -117.75 -45.29 -32.13
CA MET N 224 -116.42 -44.85 -31.72
C MET N 224 -115.61 -46.05 -31.21
N ASN N 225 -115.33 -46.98 -32.12
CA ASN N 225 -114.74 -48.25 -31.71
C ASN N 225 -113.28 -48.04 -31.38
N ILE N 226 -112.95 -48.10 -30.09
CA ILE N 226 -111.60 -47.78 -29.63
C ILE N 226 -110.73 -49.02 -29.79
N HIS N 227 -109.70 -48.90 -30.63
CA HIS N 227 -108.82 -50.02 -30.97
C HIS N 227 -107.52 -49.87 -30.19
N PHE N 228 -107.19 -50.90 -29.41
CA PHE N 228 -105.98 -50.90 -28.58
C PHE N 228 -104.79 -51.48 -29.32
N ARG N 229 -104.90 -52.74 -29.75
CA ARG N 229 -103.81 -53.45 -30.39
C ARG N 229 -104.23 -53.86 -31.79
N GLY N 230 -103.30 -53.75 -32.73
CA GLY N 230 -103.55 -54.21 -34.08
C GLY N 230 -103.49 -53.13 -35.14
N LYS N 231 -102.63 -53.33 -36.14
CA LYS N 231 -102.55 -52.43 -37.28
C LYS N 231 -103.73 -52.71 -38.20
N THR N 232 -104.63 -51.74 -38.32
CA THR N 232 -105.86 -51.93 -39.08
C THR N 232 -106.24 -50.60 -39.73
N LYS N 233 -107.44 -50.55 -40.29
CA LYS N 233 -107.97 -49.35 -40.92
C LYS N 233 -108.95 -48.67 -39.97
N SER N 234 -108.77 -47.37 -39.77
CA SER N 234 -109.58 -46.63 -38.81
C SER N 234 -110.89 -46.14 -39.40
N PHE N 235 -111.15 -46.41 -40.68
CA PHE N 235 -112.41 -46.03 -41.32
C PHE N 235 -112.82 -47.13 -42.28
N PRO N 236 -113.44 -48.19 -41.77
CA PRO N 236 -113.93 -49.27 -42.66
C PRO N 236 -115.27 -48.99 -43.30
N GLU N 237 -115.91 -47.88 -42.95
CA GLU N 237 -117.23 -47.54 -43.48
C GLU N 237 -117.16 -47.25 -44.98
CA MET O 5 -79.57 -10.74 -49.06
C MET O 5 -81.06 -10.64 -48.74
N PHE O 6 -81.37 -10.60 -47.45
CA PHE O 6 -82.75 -10.55 -47.00
C PHE O 6 -82.89 -9.50 -45.91
N SER O 7 -84.12 -9.04 -45.70
CA SER O 7 -84.41 -8.09 -44.64
C SER O 7 -84.11 -8.72 -43.29
N VAL O 8 -83.81 -7.89 -42.29
CA VAL O 8 -83.56 -8.39 -40.94
C VAL O 8 -84.82 -9.07 -40.41
N PHE O 9 -85.97 -8.44 -40.62
CA PHE O 9 -87.23 -9.05 -40.23
C PHE O 9 -87.46 -10.37 -40.96
N GLU O 10 -87.05 -10.44 -42.23
CA GLU O 10 -87.14 -11.70 -42.95
C GLU O 10 -86.32 -12.79 -42.26
N GLU O 11 -85.10 -12.46 -41.84
CA GLU O 11 -84.26 -13.44 -41.18
C GLU O 11 -84.85 -13.88 -39.85
N ILE O 12 -85.36 -12.94 -39.05
CA ILE O 12 -85.90 -13.32 -37.76
C ILE O 12 -87.16 -14.15 -37.93
N THR O 13 -87.98 -13.85 -38.95
CA THR O 13 -89.16 -14.67 -39.18
C THR O 13 -88.79 -16.06 -39.67
N ARG O 14 -87.76 -16.17 -40.50
CA ARG O 14 -87.30 -17.50 -40.93
C ARG O 14 -86.81 -18.32 -39.74
N ILE O 15 -86.07 -17.68 -38.84
CA ILE O 15 -85.61 -18.39 -37.64
C ILE O 15 -86.79 -18.83 -36.78
N VAL O 16 -87.77 -17.94 -36.58
CA VAL O 16 -88.90 -18.28 -35.73
C VAL O 16 -89.71 -19.41 -36.34
N VAL O 17 -89.86 -19.42 -37.67
CA VAL O 17 -90.60 -20.51 -38.29
C VAL O 17 -89.82 -21.82 -38.20
N LYS O 18 -88.51 -21.77 -38.44
CA LYS O 18 -87.72 -22.99 -38.35
C LYS O 18 -87.71 -23.56 -36.93
N GLU O 19 -87.87 -22.72 -35.92
CA GLU O 19 -87.82 -23.21 -34.55
C GLU O 19 -89.21 -23.56 -34.01
N MET O 20 -90.10 -22.58 -33.94
CA MET O 20 -91.40 -22.78 -33.30
C MET O 20 -92.29 -23.77 -34.04
N ASP O 21 -91.99 -24.08 -35.30
CA ASP O 21 -92.81 -25.06 -36.01
C ASP O 21 -91.87 -25.87 -36.91
N ALA O 22 -91.38 -26.99 -36.37
CA ALA O 22 -90.62 -27.92 -37.17
C ALA O 22 -91.55 -28.59 -38.17
N GLY O 23 -91.18 -28.53 -39.44
CA GLY O 23 -92.09 -29.03 -40.47
C GLY O 23 -93.38 -28.24 -40.44
N GLY O 24 -94.50 -28.96 -40.30
CA GLY O 24 -95.78 -28.29 -40.16
C GLY O 24 -96.16 -27.53 -41.41
N ASP O 25 -96.90 -26.44 -41.22
CA ASP O 25 -97.40 -25.64 -42.33
C ASP O 25 -97.20 -24.14 -42.15
N MET O 26 -96.71 -23.68 -41.00
CA MET O 26 -96.58 -22.25 -40.77
C MET O 26 -95.59 -21.63 -41.75
N ILE O 27 -95.97 -20.49 -42.31
CA ILE O 27 -95.14 -19.71 -43.21
C ILE O 27 -94.78 -18.41 -42.53
N ALA O 28 -93.60 -17.89 -42.85
CA ALA O 28 -93.05 -16.72 -42.17
C ALA O 28 -93.46 -15.45 -42.90
N VAL O 29 -93.91 -14.46 -42.12
CA VAL O 29 -94.19 -13.14 -42.68
C VAL O 29 -92.91 -12.56 -43.25
N ARG O 30 -93.00 -11.98 -44.44
CA ARG O 30 -91.81 -11.46 -45.12
C ARG O 30 -91.55 -10.00 -44.78
N SER O 31 -92.55 -9.14 -44.92
CA SER O 31 -92.39 -7.71 -44.76
C SER O 31 -93.19 -7.25 -43.54
N LEU O 32 -92.57 -6.39 -42.72
CA LEU O 32 -93.26 -5.95 -41.51
C LEU O 32 -94.17 -4.76 -41.73
N VAL O 33 -94.17 -4.17 -42.94
CA VAL O 33 -95.14 -3.13 -43.23
C VAL O 33 -96.55 -3.73 -43.24
N ASP O 34 -96.71 -4.90 -43.85
CA ASP O 34 -97.98 -5.60 -43.89
C ASP O 34 -98.04 -6.75 -42.89
N ALA O 35 -97.20 -6.72 -41.86
CA ALA O 35 -97.31 -7.70 -40.79
C ALA O 35 -98.64 -7.54 -40.06
N ASP O 36 -99.06 -6.29 -39.83
CA ASP O 36 -100.32 -6.05 -39.14
C ASP O 36 -101.50 -6.58 -39.96
N ARG O 37 -101.34 -6.69 -41.28
CA ARG O 37 -102.43 -7.20 -42.10
C ARG O 37 -102.44 -8.71 -42.22
N PHE O 38 -101.51 -9.41 -41.56
CA PHE O 38 -101.51 -10.86 -41.48
C PHE O 38 -102.05 -11.36 -40.14
N ARG O 39 -102.64 -10.48 -39.35
CA ARG O 39 -103.23 -10.85 -38.07
C ARG O 39 -104.37 -11.84 -38.29
N CYS O 40 -104.84 -12.42 -37.18
CA CYS O 40 -105.90 -13.41 -37.25
C CYS O 40 -107.18 -12.80 -37.82
N PHE O 41 -107.93 -13.61 -38.57
CA PHE O 41 -109.15 -13.32 -39.30
C PHE O 41 -108.90 -12.53 -40.59
N HIS O 42 -107.69 -12.08 -40.86
CA HIS O 42 -107.44 -11.31 -42.08
C HIS O 42 -107.37 -12.25 -43.29
N LEU O 43 -108.19 -11.97 -44.29
CA LEU O 43 -108.18 -12.78 -45.50
C LEU O 43 -106.88 -12.57 -46.26
N VAL O 44 -106.41 -13.63 -46.90
CA VAL O 44 -105.15 -13.66 -47.61
C VAL O 44 -105.38 -14.29 -48.97
N GLY O 45 -104.57 -13.94 -49.95
CA GLY O 45 -104.66 -14.53 -51.26
C GLY O 45 -103.33 -15.12 -51.68
N GLU O 46 -103.40 -15.97 -52.69
CA GLU O 46 -102.22 -16.62 -53.24
C GLU O 46 -101.83 -16.01 -54.58
N LYS O 47 -100.58 -16.21 -54.96
CA LYS O 47 -100.10 -15.77 -56.26
C LYS O 47 -99.00 -16.70 -56.73
N ARG O 48 -99.06 -17.09 -58.00
CA ARG O 48 -98.13 -18.07 -58.56
C ARG O 48 -97.02 -17.36 -59.33
N THR O 49 -95.81 -17.88 -59.19
CA THR O 49 -94.64 -17.32 -59.86
C THR O 49 -93.83 -18.46 -60.48
N PHE O 50 -92.91 -18.08 -61.38
CA PHE O 50 -92.03 -19.07 -61.97
C PHE O 50 -91.13 -19.73 -60.93
N PHE O 51 -90.77 -18.98 -59.88
CA PHE O 51 -90.01 -19.57 -58.78
C PHE O 51 -90.90 -20.46 -57.92
N GLY O 52 -92.15 -20.05 -57.70
CA GLY O 52 -93.06 -20.81 -56.86
C GLY O 52 -94.36 -20.08 -56.60
N CYS O 53 -94.84 -20.11 -55.36
CA CYS O 53 -96.06 -19.42 -54.97
C CYS O 53 -95.81 -18.64 -53.69
N ARG O 54 -96.53 -17.53 -53.55
CA ARG O 54 -96.42 -16.65 -52.39
C ARG O 54 -97.81 -16.16 -51.99
N HIS O 55 -97.86 -15.48 -50.84
CA HIS O 55 -99.11 -14.96 -50.30
C HIS O 55 -99.07 -13.44 -50.24
N TYR O 56 -100.26 -12.86 -50.37
CA TYR O 56 -100.45 -11.42 -50.20
C TYR O 56 -101.65 -11.21 -49.28
N THR O 57 -101.73 -10.02 -48.70
CA THR O 57 -102.81 -9.68 -47.80
C THR O 57 -103.77 -8.73 -48.50
N THR O 58 -105.04 -9.14 -48.62
CA THR O 58 -106.05 -8.24 -49.15
C THR O 58 -106.38 -7.11 -48.20
N GLY O 59 -106.08 -7.28 -46.91
CA GLY O 59 -106.50 -6.34 -45.90
C GLY O 59 -107.92 -6.52 -45.42
N LEU O 60 -108.58 -7.60 -45.81
CA LEU O 60 -109.96 -7.87 -45.43
C LEU O 60 -109.99 -8.83 -44.24
N THR O 61 -110.62 -8.40 -43.16
CA THR O 61 -110.93 -9.34 -42.09
C THR O 61 -112.16 -10.16 -42.48
N LEU O 62 -112.44 -11.21 -41.70
CA LEU O 62 -113.56 -12.07 -42.02
C LEU O 62 -114.89 -11.34 -41.90
N MET O 63 -114.98 -10.37 -40.99
CA MET O 63 -116.21 -9.62 -40.79
C MET O 63 -116.65 -8.89 -42.05
N ASP O 64 -115.72 -8.62 -42.98
CA ASP O 64 -116.09 -7.97 -44.23
C ASP O 64 -116.98 -8.87 -45.08
N ILE O 65 -116.68 -10.16 -45.12
CA ILE O 65 -117.41 -11.11 -45.96
C ILE O 65 -118.20 -12.11 -45.13
N LEU O 66 -118.56 -11.77 -43.90
CA LEU O 66 -119.36 -12.63 -43.05
C LEU O 66 -120.70 -11.97 -42.78
N ASP O 67 -121.79 -12.68 -43.06
CA ASP O 67 -123.12 -12.10 -42.95
C ASP O 67 -123.41 -11.62 -41.53
N THR O 68 -123.06 -12.43 -40.54
CA THR O 68 -123.26 -12.08 -39.13
C THR O 68 -124.72 -11.75 -38.84
N LYS O 85 -101.06 -15.87 -23.28
CA LYS O 85 -101.26 -17.16 -23.93
C LYS O 85 -99.99 -18.01 -23.83
N ALA O 86 -99.32 -18.22 -24.95
CA ALA O 86 -98.08 -18.98 -25.01
C ALA O 86 -96.97 -18.05 -25.46
N GLU O 87 -95.93 -17.93 -24.63
CA GLU O 87 -94.87 -16.95 -24.83
C GLU O 87 -93.53 -17.66 -24.95
N PHE O 88 -92.85 -17.45 -26.07
CA PHE O 88 -91.58 -18.12 -26.36
C PHE O 88 -90.49 -17.07 -26.55
N GLN O 89 -89.40 -17.20 -25.80
CA GLN O 89 -88.30 -16.24 -25.86
C GLN O 89 -87.14 -16.89 -26.61
N ILE O 90 -86.96 -16.52 -27.86
CA ILE O 90 -85.86 -17.04 -28.67
C ILE O 90 -84.70 -16.06 -28.58
N LEU O 91 -83.48 -16.61 -28.65
CA LEU O 91 -82.28 -15.79 -28.61
C LEU O 91 -81.16 -16.59 -29.26
N ASP O 92 -80.48 -15.99 -30.24
CA ASP O 92 -79.43 -16.72 -30.92
C ASP O 92 -78.44 -15.76 -31.57
N ASN O 93 -77.28 -16.32 -31.88
CA ASN O 93 -76.25 -15.64 -32.67
C ASN O 93 -75.73 -16.63 -33.69
N VAL O 94 -75.49 -16.16 -34.90
CA VAL O 94 -75.09 -16.98 -36.02
C VAL O 94 -73.85 -16.39 -36.67
N ASP O 95 -72.87 -17.25 -36.97
CA ASP O 95 -71.65 -16.84 -37.64
C ASP O 95 -71.39 -17.81 -38.79
N SER O 96 -71.56 -17.34 -40.03
CA SER O 96 -71.40 -18.18 -41.20
C SER O 96 -70.36 -17.56 -42.13
N THR O 97 -69.69 -18.43 -42.89
CA THR O 97 -68.67 -17.99 -43.84
C THR O 97 -68.55 -19.01 -44.95
N GLY O 98 -68.50 -18.53 -46.20
CA GLY O 98 -68.31 -19.41 -47.33
C GLY O 98 -67.37 -18.84 -48.36
N GLU O 99 -66.33 -19.60 -48.69
CA GLU O 99 -65.31 -19.12 -49.65
C GLU O 99 -65.19 -20.11 -50.80
N LEU O 100 -65.26 -19.62 -52.03
CA LEU O 100 -65.16 -20.45 -53.23
C LEU O 100 -64.11 -19.86 -54.17
N ILE O 101 -63.47 -20.75 -54.93
CA ILE O 101 -62.47 -20.36 -55.93
C ILE O 101 -62.74 -21.15 -57.21
N VAL O 102 -62.67 -20.47 -58.34
CA VAL O 102 -62.91 -21.09 -59.64
C VAL O 102 -61.79 -20.67 -60.59
N ARG O 103 -61.32 -21.62 -61.39
CA ARG O 103 -60.31 -21.34 -62.40
C ARG O 103 -60.79 -21.83 -63.75
N LEU O 104 -60.38 -21.12 -64.80
CA LEU O 104 -60.79 -21.47 -66.18
C LEU O 104 -59.56 -21.39 -67.08
N PRO O 105 -59.47 -22.22 -68.14
CA PRO O 105 -58.35 -22.17 -69.09
C PRO O 105 -58.25 -20.86 -69.86
N LYS O 106 -59.25 -19.99 -69.77
CA LYS O 106 -59.24 -18.68 -70.41
C LYS O 106 -58.59 -17.62 -69.52
N GLU O 107 -57.71 -18.03 -68.61
CA GLU O 107 -57.04 -17.14 -67.67
C GLU O 107 -58.05 -16.38 -66.82
N ILE O 108 -59.08 -17.07 -66.34
CA ILE O 108 -60.10 -16.47 -65.49
C ILE O 108 -60.08 -17.16 -64.14
N THR O 109 -59.52 -16.50 -63.13
CA THR O 109 -59.43 -17.03 -61.78
C THR O 109 -60.25 -16.15 -60.85
N ILE O 110 -61.40 -16.65 -60.41
CA ILE O 110 -62.29 -15.91 -59.53
C ILE O 110 -62.24 -16.51 -58.14
N SER O 111 -62.52 -15.68 -57.14
CA SER O 111 -62.57 -16.14 -55.76
C SER O 111 -63.49 -15.23 -54.97
N GLY O 112 -64.44 -15.82 -54.25
CA GLY O 112 -65.40 -15.05 -53.49
C GLY O 112 -65.67 -15.58 -52.10
N SER O 113 -65.72 -14.67 -51.12
CA SER O 113 -66.02 -15.01 -49.74
C SER O 113 -67.25 -14.25 -49.30
N PHE O 114 -68.14 -14.92 -48.59
CA PHE O 114 -69.40 -14.34 -48.13
C PHE O 114 -69.59 -14.74 -46.68
N GLN O 115 -69.57 -13.77 -45.78
CA GLN O 115 -69.67 -14.04 -44.36
C GLN O 115 -70.81 -13.25 -43.74
N GLY O 116 -71.35 -13.78 -42.66
CA GLY O 116 -72.47 -13.16 -41.97
C GLY O 116 -72.44 -13.38 -40.48
N PHE O 117 -72.84 -12.36 -39.73
CA PHE O 117 -72.88 -12.39 -38.27
C PHE O 117 -74.22 -11.80 -37.84
N HIS O 118 -75.07 -12.64 -37.27
CA HIS O 118 -76.43 -12.24 -36.90
C HIS O 118 -76.59 -12.36 -35.39
N HIS O 119 -77.32 -11.42 -34.78
CA HIS O 119 -77.65 -11.51 -33.37
C HIS O 119 -79.10 -11.08 -33.19
N GLN O 120 -79.90 -11.98 -32.62
CA GLN O 120 -81.31 -11.70 -32.42
C GLN O 120 -81.74 -12.18 -31.04
N LYS O 121 -82.63 -11.40 -30.41
CA LYS O 121 -83.28 -11.78 -29.18
C LYS O 121 -84.71 -11.26 -29.25
N ILE O 122 -85.67 -12.17 -29.20
CA ILE O 122 -87.06 -11.81 -29.45
C ILE O 122 -87.95 -12.61 -28.51
N LYS O 123 -89.11 -12.05 -28.18
CA LYS O 123 -90.08 -12.69 -27.29
C LYS O 123 -91.43 -12.66 -27.99
N ILE O 124 -91.84 -13.80 -28.53
CA ILE O 124 -93.05 -13.89 -29.32
C ILE O 124 -94.15 -14.51 -28.48
N SER O 125 -95.39 -14.35 -28.92
CA SER O 125 -96.55 -14.96 -28.30
C SER O 125 -97.44 -15.53 -29.38
N GLU O 126 -98.22 -16.53 -29.03
CA GLU O 126 -99.08 -17.23 -29.98
C GLU O 126 -100.53 -16.87 -29.77
N ASN O 127 -101.24 -16.66 -30.87
CA ASN O 127 -102.69 -16.50 -30.84
C ASN O 127 -103.27 -17.36 -31.95
N ARG O 128 -104.52 -17.78 -31.76
CA ARG O 128 -105.14 -18.68 -32.72
C ARG O 128 -106.65 -18.66 -32.52
N ILE O 129 -107.37 -18.83 -33.62
CA ILE O 129 -108.82 -18.89 -33.57
C ILE O 129 -109.23 -20.29 -33.14
N SER O 130 -110.11 -20.37 -32.14
CA SER O 130 -110.51 -21.66 -31.59
C SER O 130 -111.26 -22.49 -32.63
N GLN O 131 -111.07 -23.80 -32.56
CA GLN O 131 -111.75 -24.71 -33.48
C GLN O 131 -113.26 -24.64 -33.33
N GLN O 132 -113.76 -24.13 -32.22
CA GLN O 132 -115.20 -23.88 -32.11
C GLN O 132 -115.65 -22.86 -33.15
N TYR O 133 -114.86 -21.81 -33.35
CA TYR O 133 -115.22 -20.81 -34.35
C TYR O 133 -115.21 -21.42 -35.75
N LEU O 134 -114.14 -22.14 -36.10
CA LEU O 134 -114.09 -22.80 -37.40
C LEU O 134 -115.25 -23.78 -37.56
N ALA O 135 -115.70 -24.38 -36.47
CA ALA O 135 -116.90 -25.20 -36.52
C ALA O 135 -118.12 -24.34 -36.85
N THR O 136 -118.21 -23.14 -36.28
CA THR O 136 -119.32 -22.25 -36.57
C THR O 136 -119.23 -21.62 -37.95
N LEU O 137 -118.03 -21.31 -38.42
CA LEU O 137 -117.84 -20.65 -39.71
C LEU O 137 -117.82 -21.65 -40.86
N GLU O 138 -118.84 -22.50 -40.95
CA GLU O 138 -118.93 -23.51 -42.00
C GLU O 138 -120.06 -23.16 -42.96
N ASN O 139 -119.71 -23.02 -44.24
CA ASN O 139 -120.68 -22.78 -45.31
C ASN O 139 -121.59 -21.59 -44.97
N ARG O 140 -120.98 -20.53 -44.47
CA ARG O 140 -121.72 -19.32 -44.14
C ARG O 140 -122.06 -18.53 -45.40
N LYS O 141 -123.16 -17.81 -45.34
CA LYS O 141 -123.48 -16.84 -46.39
C LYS O 141 -122.66 -15.57 -46.16
N LEU O 142 -122.19 -14.96 -47.24
CA LEU O 142 -121.39 -13.76 -47.15
C LEU O 142 -122.31 -12.56 -46.92
N LYS O 143 -121.74 -11.36 -46.97
CA LYS O 143 -122.53 -10.14 -46.90
C LYS O 143 -123.03 -9.78 -48.29
N ARG O 144 -124.28 -9.32 -48.37
CA ARG O 144 -124.82 -8.84 -49.63
C ARG O 144 -124.07 -7.61 -50.12
N GLU O 145 -123.37 -6.90 -49.24
CA GLU O 145 -122.57 -5.74 -49.60
C GLU O 145 -121.20 -6.21 -50.09
N LEU O 146 -121.20 -6.82 -51.28
CA LEU O 146 -119.97 -7.30 -51.91
C LEU O 146 -119.03 -6.13 -52.15
N PRO O 147 -117.91 -6.05 -51.44
CA PRO O 147 -116.96 -4.97 -51.71
C PRO O 147 -116.21 -5.22 -53.01
N PHE O 148 -115.95 -4.14 -53.74
CA PHE O 148 -115.13 -4.27 -54.94
C PHE O 148 -113.75 -4.80 -54.62
N SER O 149 -113.28 -4.61 -53.38
CA SER O 149 -112.02 -5.20 -52.96
C SER O 149 -112.06 -6.71 -53.11
N PHE O 150 -113.16 -7.34 -52.73
CA PHE O 150 -113.32 -8.78 -52.88
C PHE O 150 -114.01 -9.16 -54.19
N ARG O 151 -114.99 -8.37 -54.61
CA ARG O 151 -115.76 -8.73 -55.81
C ARG O 151 -114.86 -8.86 -57.03
N SER O 152 -113.78 -8.09 -57.08
CA SER O 152 -112.88 -8.10 -58.23
C SER O 152 -111.73 -9.06 -58.08
N ILE O 153 -111.71 -9.87 -57.01
CA ILE O 153 -110.63 -10.83 -56.84
C ILE O 153 -110.65 -11.84 -57.96
N ASN O 154 -109.50 -12.07 -58.58
CA ASN O 154 -109.41 -13.00 -59.68
C ASN O 154 -109.68 -14.42 -59.20
N THR O 155 -110.66 -15.08 -59.80
CA THR O 155 -111.04 -16.42 -59.38
C THR O 155 -109.99 -17.48 -59.73
N ARG O 156 -109.03 -17.15 -60.59
CA ARG O 156 -107.97 -18.10 -60.91
C ARG O 156 -107.13 -18.43 -59.68
N GLU O 157 -106.80 -17.43 -58.87
CA GLU O 157 -106.04 -17.62 -57.65
C GLU O 157 -106.97 -18.05 -56.51
N ASN O 158 -106.37 -18.38 -55.38
CA ASN O 158 -107.08 -18.95 -54.25
C ASN O 158 -107.40 -17.88 -53.22
N LEU O 159 -107.97 -18.29 -52.08
CA LEU O 159 -108.31 -17.37 -51.01
C LEU O 159 -108.29 -18.16 -49.70
N TYR O 160 -107.69 -17.58 -48.66
CA TYR O 160 -107.46 -18.25 -47.40
C TYR O 160 -107.79 -17.33 -46.25
N LEU O 161 -108.00 -17.93 -45.09
CA LEU O 161 -108.22 -17.22 -43.85
C LEU O 161 -107.06 -17.52 -42.91
N VAL O 162 -106.50 -16.47 -42.31
CA VAL O 162 -105.39 -16.63 -41.38
C VAL O 162 -105.93 -17.18 -40.06
N THR O 163 -105.35 -18.29 -39.61
CA THR O 163 -105.84 -19.05 -38.46
C THR O 163 -105.03 -18.81 -37.20
N GLU O 164 -103.71 -19.00 -37.27
CA GLU O 164 -102.85 -18.84 -36.10
C GLU O 164 -101.70 -17.90 -36.46
N THR O 165 -101.25 -17.15 -35.45
CA THR O 165 -100.24 -16.12 -35.65
C THR O 165 -99.29 -16.07 -34.47
N LEU O 166 -98.00 -15.94 -34.78
CA LEU O 166 -96.97 -15.65 -33.79
C LEU O 166 -96.60 -14.18 -33.91
N GLU O 167 -96.83 -13.42 -32.85
CA GLU O 167 -96.65 -11.98 -32.87
C GLU O 167 -95.79 -11.55 -31.69
N THR O 168 -94.90 -10.60 -31.93
CA THR O 168 -94.06 -10.12 -30.83
C THR O 168 -94.91 -9.38 -29.80
N VAL O 169 -94.36 -9.23 -28.60
CA VAL O 169 -95.06 -8.54 -27.53
C VAL O 169 -94.13 -7.51 -26.89
N LYS O 170 -92.96 -7.31 -27.49
CA LYS O 170 -91.97 -6.40 -26.92
C LYS O 170 -91.22 -5.71 -28.05
N GLU O 171 -90.76 -4.49 -27.77
CA GLU O 171 -89.99 -3.74 -28.76
C GLU O 171 -88.63 -4.38 -28.95
N GLU O 172 -88.36 -4.89 -30.14
CA GLU O 172 -87.16 -5.66 -30.40
C GLU O 172 -86.14 -4.84 -31.19
N THR O 173 -84.89 -5.29 -31.14
CA THR O 173 -83.78 -4.61 -31.81
C THR O 173 -82.83 -5.69 -32.32
N LEU O 174 -82.94 -6.00 -33.60
CA LEU O 174 -82.20 -7.10 -34.21
C LEU O 174 -81.00 -6.57 -34.98
N LYS O 175 -79.90 -7.34 -34.99
CA LYS O 175 -78.67 -6.88 -35.61
C LYS O 175 -78.14 -7.92 -36.59
N SER O 176 -77.56 -7.44 -37.68
CA SER O 176 -76.92 -8.29 -38.67
C SER O 176 -75.66 -7.61 -39.16
N ASP O 177 -74.80 -8.38 -39.81
CA ASP O 177 -73.56 -7.85 -40.37
C ASP O 177 -73.12 -8.77 -41.50
N ARG O 178 -73.11 -8.25 -42.73
CA ARG O 178 -72.77 -9.02 -43.91
C ARG O 178 -71.44 -8.54 -44.49
N GLN O 179 -70.73 -9.45 -45.15
CA GLN O 179 -69.49 -9.11 -45.83
C GLN O 179 -69.40 -9.94 -47.10
N TYR O 180 -69.25 -9.25 -48.24
CA TYR O 180 -69.09 -9.87 -49.55
C TYR O 180 -67.77 -9.40 -50.13
N LYS O 181 -66.78 -10.28 -50.17
CA LYS O 181 -65.46 -9.94 -50.71
C LYS O 181 -65.18 -10.89 -51.86
N PHE O 182 -65.42 -10.45 -53.10
CA PHE O 182 -65.20 -11.34 -54.23
C PHE O 182 -64.52 -10.60 -55.37
N TRP O 183 -63.58 -11.28 -56.01
CA TRP O 183 -62.81 -10.73 -57.12
C TRP O 183 -62.63 -11.80 -58.19
N SER O 184 -62.06 -11.38 -59.31
CA SER O 184 -61.90 -12.24 -60.47
C SER O 184 -60.84 -11.63 -61.37
N GLN O 185 -59.80 -12.39 -61.67
CA GLN O 185 -58.79 -12.00 -62.63
C GLN O 185 -59.11 -12.58 -64.00
N ILE O 186 -59.01 -11.74 -65.02
CA ILE O 186 -59.26 -12.15 -66.40
C ILE O 186 -57.93 -12.15 -67.14
N SER O 187 -57.97 -12.62 -68.40
CA SER O 187 -56.75 -12.67 -69.20
C SER O 187 -56.16 -11.28 -69.39
N GLN O 188 -57.01 -10.24 -69.42
CA GLN O 188 -56.54 -8.86 -69.60
C GLN O 188 -56.36 -8.17 -68.25
N GLY O 189 -57.43 -8.10 -67.46
CA GLY O 189 -57.41 -7.35 -66.23
C GLY O 189 -58.09 -8.09 -65.08
N HIS O 190 -58.45 -7.33 -64.06
CA HIS O 190 -59.04 -7.86 -62.83
C HIS O 190 -60.33 -7.10 -62.52
N LEU O 191 -61.05 -7.58 -61.51
CA LEU O 191 -62.24 -6.90 -61.02
C LEU O 191 -62.56 -7.41 -59.63
N SER O 192 -62.61 -6.50 -58.65
CA SER O 192 -62.83 -6.88 -57.27
C SER O 192 -63.93 -6.03 -56.66
N TYR O 193 -64.57 -6.57 -55.61
CA TYR O 193 -65.59 -5.85 -54.89
C TYR O 193 -65.62 -6.32 -53.44
N LYS O 194 -65.52 -5.38 -52.51
CA LYS O 194 -65.54 -5.66 -51.08
C LYS O 194 -66.62 -4.82 -50.42
N HIS O 195 -67.58 -5.48 -49.79
CA HIS O 195 -68.69 -4.82 -49.10
C HIS O 195 -68.74 -5.32 -47.68
N LYS O 196 -68.85 -4.39 -46.73
CA LYS O 196 -69.02 -4.72 -45.32
C LYS O 196 -70.12 -3.84 -44.76
N GLY O 197 -71.22 -4.47 -44.34
CA GLY O 197 -72.35 -3.71 -43.86
C GLY O 197 -72.94 -4.22 -42.56
N GLN O 198 -72.97 -3.36 -41.55
CA GLN O 198 -73.64 -3.65 -40.28
C GLN O 198 -75.00 -2.99 -40.29
N ARG O 199 -76.03 -3.76 -39.94
CA ARG O 199 -77.41 -3.31 -40.02
C ARG O 199 -78.12 -3.60 -38.71
N GLU O 200 -79.08 -2.76 -38.37
CA GLU O 200 -79.80 -2.90 -37.11
C GLU O 200 -81.19 -2.32 -37.28
N VAL O 201 -82.20 -3.05 -36.80
CA VAL O 201 -83.58 -2.64 -36.99
C VAL O 201 -84.33 -2.75 -35.67
N THR O 202 -85.39 -1.97 -35.54
CA THR O 202 -86.23 -1.96 -34.35
C THR O 202 -87.67 -2.29 -34.75
N ILE O 203 -88.36 -2.99 -33.86
CA ILE O 203 -89.69 -3.54 -34.14
C ILE O 203 -90.64 -3.23 -33.00
N PRO O 204 -91.83 -2.71 -33.29
CA PRO O 204 -92.82 -2.50 -32.23
C PRO O 204 -93.51 -3.80 -31.85
N PRO O 205 -94.32 -3.81 -30.80
CA PRO O 205 -95.03 -5.03 -30.42
C PRO O 205 -96.10 -5.40 -31.44
N ASN O 206 -96.62 -6.62 -31.29
CA ASN O 206 -97.76 -7.15 -32.03
C ASN O 206 -97.48 -7.32 -33.52
N ARG O 207 -96.22 -7.39 -33.92
CA ARG O 207 -95.89 -7.64 -35.32
C ARG O 207 -95.93 -9.14 -35.60
N VAL O 208 -96.84 -9.55 -36.48
CA VAL O 208 -97.03 -10.97 -36.77
C VAL O 208 -95.79 -11.51 -37.46
N LEU O 209 -95.16 -12.51 -36.84
CA LEU O 209 -93.95 -13.11 -37.39
C LEU O 209 -94.22 -14.33 -38.27
N SER O 210 -95.35 -15.01 -38.07
CA SER O 210 -95.67 -16.16 -38.90
C SER O 210 -97.16 -16.44 -38.81
N TYR O 211 -97.66 -17.19 -39.78
CA TYR O 211 -99.09 -17.48 -39.85
C TYR O 211 -99.31 -18.77 -40.61
N ARG O 212 -100.50 -19.33 -40.42
CA ARG O 212 -100.97 -20.49 -41.17
C ARG O 212 -102.39 -20.21 -41.62
N VAL O 213 -102.83 -20.91 -42.67
CA VAL O 213 -104.06 -20.54 -43.37
C VAL O 213 -104.97 -21.74 -43.55
N LYS O 214 -106.27 -21.46 -43.64
CA LYS O 214 -107.28 -22.44 -44.00
C LYS O 214 -108.04 -21.92 -45.22
N GLN O 215 -108.21 -22.76 -46.23
CA GLN O 215 -108.71 -22.25 -47.50
C GLN O 215 -110.20 -21.90 -47.38
N LEU O 216 -110.68 -21.06 -48.30
CA LEU O 216 -112.10 -20.75 -48.41
C LEU O 216 -112.51 -20.91 -49.86
N VAL O 217 -113.23 -21.99 -50.18
CA VAL O 217 -113.75 -22.22 -51.51
C VAL O 217 -115.18 -21.70 -51.58
N PHE O 218 -115.54 -21.14 -52.73
CA PHE O 218 -116.81 -20.47 -52.96
C PHE O 218 -117.48 -21.05 -54.20
N PRO O 219 -118.27 -22.11 -54.06
CA PRO O 219 -119.07 -22.57 -55.21
C PRO O 219 -120.04 -21.54 -55.74
N ASN O 220 -120.49 -20.61 -54.90
CA ASN O 220 -121.33 -19.50 -55.34
C ASN O 220 -121.03 -18.30 -54.44
N LYS O 221 -121.91 -17.30 -54.48
CA LYS O 221 -121.69 -16.05 -53.76
C LYS O 221 -122.24 -16.07 -52.34
N GLU O 222 -122.79 -17.20 -51.89
CA GLU O 222 -123.30 -17.31 -50.53
C GLU O 222 -122.71 -18.51 -49.79
N THR O 223 -121.60 -19.05 -50.30
CA THR O 223 -121.00 -20.27 -49.76
C THR O 223 -119.57 -19.96 -49.32
N MET O 224 -119.40 -19.68 -48.03
CA MET O 224 -118.06 -19.53 -47.45
C MET O 224 -117.55 -20.89 -47.00
N ASN O 225 -117.33 -21.77 -47.98
CA ASN O 225 -117.02 -23.16 -47.66
C ASN O 225 -115.59 -23.25 -47.17
N ILE O 226 -115.43 -23.48 -45.87
CA ILE O 226 -114.10 -23.47 -45.25
C ILE O 226 -113.44 -24.83 -45.46
N HIS O 227 -112.32 -24.84 -46.17
CA HIS O 227 -111.62 -26.05 -46.56
C HIS O 227 -110.40 -26.21 -45.64
N PHE O 228 -110.34 -27.36 -44.95
CA PHE O 228 -109.26 -27.65 -44.03
C PHE O 228 -108.10 -28.38 -44.70
N ARG O 229 -108.39 -29.54 -45.28
CA ARG O 229 -107.37 -30.38 -45.89
C ARG O 229 -107.69 -30.58 -47.36
N GLY O 230 -106.66 -30.55 -48.19
CA GLY O 230 -106.83 -30.84 -49.59
C GLY O 230 -106.47 -29.70 -50.52
N LYS O 231 -105.55 -29.96 -51.45
CA LYS O 231 -105.18 -28.98 -52.47
C LYS O 231 -106.28 -28.95 -53.52
N THR O 232 -106.99 -27.83 -53.62
CA THR O 232 -108.13 -27.71 -54.51
C THR O 232 -108.19 -26.29 -55.04
N LYS O 233 -109.30 -25.96 -55.71
CA LYS O 233 -109.55 -24.64 -56.25
C LYS O 233 -110.49 -23.88 -55.33
N SER O 234 -110.10 -22.66 -54.96
CA SER O 234 -110.88 -21.87 -54.02
C SER O 234 -112.01 -21.09 -54.66
N PHE O 235 -112.17 -21.20 -55.98
CA PHE O 235 -113.26 -20.53 -56.69
C PHE O 235 -113.74 -21.44 -57.81
N PRO O 236 -114.59 -22.42 -57.48
CA PRO O 236 -115.15 -23.30 -58.52
C PRO O 236 -116.34 -22.71 -59.25
N GLU O 237 -116.83 -21.55 -58.84
CA GLU O 237 -117.99 -20.93 -59.46
C GLU O 237 -117.69 -20.51 -60.90
CA MET P 5 -74.11 8.67 -57.29
C MET P 5 -75.58 9.02 -57.11
N PHE P 6 -76.04 9.00 -55.85
CA PHE P 6 -77.43 9.26 -55.53
C PHE P 6 -77.50 10.21 -54.35
N SER P 7 -78.65 10.86 -54.21
CA SER P 7 -78.89 11.74 -53.08
C SER P 7 -78.85 10.95 -51.78
N VAL P 8 -78.53 11.62 -50.67
CA VAL P 8 -78.54 10.95 -49.37
C VAL P 8 -79.95 10.47 -49.04
N PHE P 9 -80.94 11.33 -49.29
CA PHE P 9 -82.33 10.92 -49.10
C PHE P 9 -82.69 9.75 -49.99
N GLU P 10 -82.15 9.71 -51.21
CA GLU P 10 -82.38 8.56 -52.07
C GLU P 10 -81.84 7.28 -51.44
N GLU P 11 -80.64 7.35 -50.87
CA GLU P 11 -80.07 6.17 -50.24
C GLU P 11 -80.88 5.72 -49.03
N ILE P 12 -81.29 6.66 -48.18
CA ILE P 12 -82.04 6.27 -46.99
C ILE P 12 -83.40 5.70 -47.38
N THR P 13 -84.02 6.24 -48.43
CA THR P 13 -85.30 5.67 -48.86
C THR P 13 -85.12 4.28 -49.46
N ARG P 14 -84.03 4.07 -50.20
CA ARG P 14 -83.77 2.74 -50.73
C ARG P 14 -83.57 1.74 -49.61
N ILE P 15 -82.83 2.13 -48.56
CA ILE P 15 -82.64 1.24 -47.42
C ILE P 15 -83.97 0.95 -46.73
N VAL P 16 -84.80 1.99 -46.53
CA VAL P 16 -86.06 1.79 -45.83
C VAL P 16 -86.98 0.88 -46.64
N VAL P 17 -86.98 1.01 -47.96
CA VAL P 17 -87.83 0.15 -48.77
C VAL P 17 -87.30 -1.28 -48.75
N LYS P 18 -85.98 -1.45 -48.86
CA LYS P 18 -85.42 -2.81 -48.83
C LYS P 18 -85.68 -3.50 -47.49
N GLU P 19 -85.80 -2.73 -46.41
CA GLU P 19 -85.99 -3.36 -45.11
C GLU P 19 -87.47 -3.49 -44.74
N MET P 20 -88.18 -2.38 -44.64
CA MET P 20 -89.56 -2.38 -44.16
C MET P 20 -90.51 -3.12 -45.09
N ASP P 21 -90.14 -3.36 -46.34
CA ASP P 21 -91.02 -4.11 -47.22
C ASP P 21 -90.15 -5.00 -48.12
N ALA P 22 -89.93 -6.23 -47.66
CA ALA P 22 -89.25 -7.21 -48.49
C ALA P 22 -90.16 -7.60 -49.64
N GLY P 23 -89.65 -7.49 -50.86
CA GLY P 23 -90.50 -7.71 -52.02
C GLY P 23 -91.64 -6.71 -52.02
N GLY P 24 -92.86 -7.21 -52.06
CA GLY P 24 -94.02 -6.34 -51.98
C GLY P 24 -94.12 -5.41 -53.16
N ASP P 25 -94.68 -4.22 -52.92
CA ASP P 25 -94.90 -3.25 -53.98
C ASP P 25 -94.46 -1.83 -53.61
N MET P 26 -94.04 -1.58 -52.38
CA MET P 26 -93.69 -0.22 -51.98
C MET P 26 -92.50 0.29 -52.80
N ILE P 27 -92.61 1.53 -53.26
CA ILE P 27 -91.56 2.22 -53.98
C ILE P 27 -91.06 3.37 -53.13
N ALA P 28 -89.78 3.68 -53.27
CA ALA P 28 -89.12 4.66 -52.42
C ALA P 28 -89.22 6.06 -53.04
N VAL P 29 -89.58 7.04 -52.20
CA VAL P 29 -89.56 8.42 -52.64
C VAL P 29 -88.13 8.81 -53.01
N ARG P 30 -87.99 9.50 -54.13
CA ARG P 30 -86.67 9.85 -54.63
C ARG P 30 -86.19 11.20 -54.11
N SER P 31 -87.00 12.25 -54.25
CA SER P 31 -86.62 13.60 -53.91
C SER P 31 -87.45 14.09 -52.73
N LEU P 32 -86.80 14.73 -51.77
CA LEU P 32 -87.53 15.18 -50.59
C LEU P 32 -88.19 16.54 -50.76
N VAL P 33 -87.95 17.22 -51.89
CA VAL P 33 -88.69 18.44 -52.15
C VAL P 33 -90.17 18.13 -52.37
N ASP P 34 -90.46 17.06 -53.11
CA ASP P 34 -91.83 16.61 -53.36
C ASP P 34 -92.19 15.41 -52.50
N ALA P 35 -91.47 15.18 -51.39
CA ALA P 35 -91.89 14.15 -50.46
C ALA P 35 -93.24 14.48 -49.84
N ASP P 36 -93.46 15.76 -49.51
CA ASP P 36 -94.73 16.16 -48.93
C ASP P 36 -95.88 15.94 -49.91
N ARG P 37 -95.59 15.92 -51.20
CA ARG P 37 -96.65 15.71 -52.18
C ARG P 37 -96.91 14.23 -52.46
N PHE P 38 -96.20 13.32 -51.81
CA PHE P 38 -96.46 11.89 -51.89
C PHE P 38 -97.23 11.39 -50.68
N ARG P 39 -97.75 12.28 -49.85
CA ARG P 39 -98.53 11.90 -48.68
C ARG P 39 -99.79 11.16 -49.11
N CYS P 40 -100.47 10.58 -48.13
CA CYS P 40 -101.68 9.82 -48.41
C CYS P 40 -102.76 10.71 -49.03
N PHE P 41 -103.54 10.11 -49.92
CA PHE P 41 -104.60 10.69 -50.73
C PHE P 41 -104.08 11.54 -51.89
N HIS P 42 -102.78 11.78 -52.00
CA HIS P 42 -102.27 12.60 -53.09
C HIS P 42 -102.22 11.78 -54.38
N LEU P 43 -102.87 12.30 -55.42
CA LEU P 43 -102.86 11.62 -56.71
C LEU P 43 -101.46 11.65 -57.32
N VAL P 44 -101.12 10.58 -58.02
CA VAL P 44 -99.80 10.40 -58.61
C VAL P 44 -100.00 9.94 -60.05
N GLY P 45 -99.02 10.23 -60.90
CA GLY P 45 -99.08 9.78 -62.27
C GLY P 45 -97.82 9.01 -62.63
N GLU P 46 -97.91 8.28 -63.73
CA GLU P 46 -96.82 7.47 -64.23
C GLU P 46 -96.18 8.12 -65.45
N LYS P 47 -94.95 7.73 -65.73
CA LYS P 47 -94.25 8.19 -66.92
C LYS P 47 -93.29 7.12 -67.38
N ARG P 48 -93.27 6.87 -68.69
CA ARG P 48 -92.47 5.80 -69.27
C ARG P 48 -91.17 6.35 -69.83
N THR P 49 -90.08 5.61 -69.65
CA THR P 49 -88.77 6.00 -70.13
C THR P 49 -88.10 4.80 -70.80
N PHE P 50 -87.04 5.08 -71.55
CA PHE P 50 -86.28 4.01 -72.18
C PHE P 50 -85.63 3.11 -71.14
N PHE P 51 -85.27 3.66 -69.97
CA PHE P 51 -84.75 2.85 -68.88
C PHE P 51 -85.87 2.06 -68.21
N GLY P 52 -87.05 2.67 -68.06
CA GLY P 52 -88.17 2.02 -67.40
C GLY P 52 -89.35 2.95 -67.20
N CYS P 53 -89.95 2.89 -66.01
CA CYS P 53 -91.07 3.76 -65.66
C CYS P 53 -90.84 4.37 -64.30
N ARG P 54 -91.37 5.57 -64.10
CA ARG P 54 -91.25 6.30 -62.84
C ARG P 54 -92.56 6.99 -62.52
N HIS P 55 -92.63 7.57 -61.32
CA HIS P 55 -93.82 8.25 -60.83
C HIS P 55 -93.52 9.72 -60.61
N TYR P 56 -94.56 10.54 -60.79
CA TYR P 56 -94.52 11.95 -60.47
C TYR P 56 -95.76 12.30 -59.65
N THR P 57 -95.70 13.42 -58.96
CA THR P 57 -96.82 13.87 -58.14
C THR P 57 -97.51 15.05 -58.82
N THR P 58 -98.80 14.88 -59.09
CA THR P 58 -99.58 16.00 -59.62
C THR P 58 -99.81 17.08 -58.57
N GLY P 59 -99.70 16.73 -57.29
CA GLY P 59 -100.06 17.64 -56.23
C GLY P 59 -101.53 17.68 -55.91
N LEU P 60 -102.32 16.78 -56.48
CA LEU P 60 -103.77 16.73 -56.27
C LEU P 60 -104.08 15.70 -55.20
N THR P 61 -104.75 16.12 -54.14
CA THR P 61 -105.34 15.17 -53.22
C THR P 61 -106.64 14.63 -53.81
N LEU P 62 -107.18 13.58 -53.19
CA LEU P 62 -108.40 12.98 -53.71
C LEU P 62 -109.58 13.93 -53.63
N MET P 63 -109.60 14.82 -52.63
CA MET P 63 -110.71 15.75 -52.48
C MET P 63 -110.87 16.66 -53.68
N ASP P 64 -109.81 16.84 -54.47
CA ASP P 64 -109.91 17.66 -55.68
C ASP P 64 -110.84 17.02 -56.70
N ILE P 65 -110.76 15.71 -56.85
CA ILE P 65 -111.54 14.99 -57.86
C ILE P 65 -112.58 14.08 -57.23
N LEU P 66 -113.02 14.37 -56.00
CA LEU P 66 -114.04 13.58 -55.33
C LEU P 66 -115.28 14.46 -55.13
N ASP P 67 -116.44 13.99 -55.59
CA ASP P 67 -117.65 14.79 -55.54
C ASP P 67 -118.00 15.19 -54.11
N THR P 68 -117.92 14.24 -53.18
CA THR P 68 -118.22 14.48 -51.77
C THR P 68 -119.62 15.05 -51.58
N LYS P 85 -98.95 5.22 -34.40
CA LYS P 85 -99.29 4.06 -35.20
C LYS P 85 -98.21 2.98 -35.07
N ALA P 86 -97.47 2.76 -36.15
CA ALA P 86 -96.38 1.79 -36.17
C ALA P 86 -95.07 2.54 -36.41
N GLU P 87 -94.13 2.40 -35.48
CA GLU P 87 -92.90 3.18 -35.47
C GLU P 87 -91.70 2.24 -35.54
N PHE P 88 -90.88 2.42 -36.55
CA PHE P 88 -89.72 1.56 -36.80
C PHE P 88 -88.45 2.41 -36.76
N GLN P 89 -87.50 2.02 -35.94
CA GLN P 89 -86.24 2.74 -35.77
C GLN P 89 -85.13 1.97 -36.47
N ILE P 90 -84.75 2.41 -37.65
CA ILE P 90 -83.68 1.79 -38.42
C ILE P 90 -82.38 2.51 -38.10
N LEU P 91 -81.28 1.76 -38.12
CA LEU P 91 -79.96 2.34 -37.87
C LEU P 91 -78.93 1.42 -38.50
N ASP P 92 -78.06 1.96 -39.34
CA ASP P 92 -77.07 1.11 -39.99
C ASP P 92 -75.87 1.93 -40.44
N ASN P 93 -74.78 1.21 -40.69
CA ASN P 93 -73.58 1.74 -41.30
C ASN P 93 -73.12 0.78 -42.37
N VAL P 94 -72.66 1.32 -43.50
CA VAL P 94 -72.29 0.53 -44.66
C VAL P 94 -70.90 0.94 -45.11
N ASP P 95 -70.06 -0.05 -45.41
CA ASP P 95 -68.71 0.19 -45.92
C ASP P 95 -68.50 -0.70 -47.14
N SER P 96 -68.46 -0.10 -48.32
CA SER P 96 -68.31 -0.84 -49.56
C SER P 96 -67.08 -0.35 -50.31
N THR P 97 -66.48 -1.24 -51.10
CA THR P 97 -65.30 -0.91 -51.89
C THR P 97 -65.24 -1.82 -53.10
N GLY P 98 -64.96 -1.26 -54.27
CA GLY P 98 -64.81 -2.05 -55.47
C GLY P 98 -63.67 -1.56 -56.34
N GLU P 99 -62.74 -2.48 -56.65
CA GLU P 99 -61.54 -2.09 -57.44
C GLU P 99 -61.47 -2.98 -58.69
N LEU P 100 -61.31 -2.37 -59.86
CA LEU P 100 -61.22 -3.10 -61.11
C LEU P 100 -59.99 -2.64 -61.88
N ILE P 101 -59.43 -3.54 -62.68
CA ILE P 101 -58.27 -3.26 -63.52
C ILE P 101 -58.53 -3.87 -64.90
N VAL P 102 -58.21 -3.10 -65.94
CA VAL P 102 -58.42 -3.54 -67.32
C VAL P 102 -57.14 -3.25 -68.10
N ARG P 103 -56.74 -4.20 -68.95
CA ARG P 103 -55.59 -4.03 -69.83
C ARG P 103 -56.00 -4.28 -71.27
N LEU P 104 -55.35 -3.56 -72.18
CA LEU P 104 -55.66 -3.71 -73.63
C LEU P 104 -54.34 -3.76 -74.39
N PRO P 105 -54.28 -4.49 -75.53
CA PRO P 105 -53.06 -4.57 -76.36
C PRO P 105 -52.65 -3.24 -76.97
N LYS P 106 -53.49 -2.21 -76.87
CA LYS P 106 -53.17 -0.87 -77.35
C LYS P 106 -52.46 -0.03 -76.30
N GLU P 107 -51.77 -0.68 -75.36
CA GLU P 107 -51.07 -0.02 -74.26
C GLU P 107 -52.01 0.84 -73.43
N ILE P 108 -53.20 0.30 -73.14
CA ILE P 108 -54.19 1.00 -72.33
C ILE P 108 -54.45 0.19 -71.06
N THR P 109 -53.90 0.64 -69.94
CA THR P 109 -54.06 -0.02 -68.65
C THR P 109 -54.81 0.91 -67.71
N ILE P 110 -56.07 0.59 -67.44
CA ILE P 110 -56.91 1.41 -66.58
C ILE P 110 -57.13 0.67 -65.27
N SER P 111 -57.38 1.45 -64.21
CA SER P 111 -57.65 0.87 -62.89
C SER P 111 -58.48 1.87 -62.11
N GLY P 112 -59.60 1.40 -61.55
CA GLY P 112 -60.49 2.26 -60.81
C GLY P 112 -61.01 1.66 -59.51
N SER P 113 -61.01 2.47 -58.45
CA SER P 113 -61.52 2.06 -57.14
C SER P 113 -62.64 3.00 -56.74
N PHE P 114 -63.72 2.44 -56.20
CA PHE P 114 -64.89 3.19 -55.80
C PHE P 114 -65.32 2.70 -54.43
N GLN P 115 -65.23 3.57 -53.43
CA GLN P 115 -65.53 3.18 -52.06
C GLN P 115 -66.59 4.12 -51.48
N GLY P 116 -67.33 3.59 -50.51
CA GLY P 116 -68.40 4.34 -49.87
C GLY P 116 -68.58 3.98 -48.41
N PHE P 117 -68.87 4.99 -47.60
CA PHE P 117 -69.08 4.83 -46.16
C PHE P 117 -70.33 5.62 -45.80
N HIS P 118 -71.38 4.90 -45.41
CA HIS P 118 -72.68 5.50 -45.12
C HIS P 118 -73.03 5.27 -43.66
N HIS P 119 -73.65 6.27 -43.03
CA HIS P 119 -74.14 6.11 -41.67
C HIS P 119 -75.51 6.78 -41.57
N GLN P 120 -76.52 6.01 -41.19
CA GLN P 120 -77.88 6.51 -41.10
C GLN P 120 -78.53 6.00 -39.83
N LYS P 121 -79.33 6.87 -39.21
CA LYS P 121 -80.18 6.51 -38.09
C LYS P 121 -81.48 7.28 -38.24
N ILE P 122 -82.58 6.56 -38.39
CA ILE P 122 -83.86 7.19 -38.72
C ILE P 122 -84.96 6.48 -37.95
N LYS P 123 -86.04 7.21 -37.68
CA LYS P 123 -87.20 6.69 -36.97
C LYS P 123 -88.44 7.03 -37.79
N ILE P 124 -88.98 6.04 -38.49
CA ILE P 124 -90.09 6.25 -39.39
C ILE P 124 -91.37 5.76 -38.73
N SER P 125 -92.50 6.19 -39.27
CA SER P 125 -93.81 5.75 -38.83
C SER P 125 -94.66 5.46 -40.06
N GLU P 126 -95.64 4.59 -39.89
CA GLU P 126 -96.49 4.15 -40.99
C GLU P 126 -97.87 4.75 -40.88
N ASN P 127 -98.41 5.20 -42.01
CA ASN P 127 -99.80 5.60 -42.10
C ASN P 127 -100.39 4.98 -43.35
N ARG P 128 -101.71 4.77 -43.32
CA ARG P 128 -102.36 4.10 -44.44
C ARG P 128 -103.86 4.38 -44.38
N ILE P 129 -104.46 4.44 -45.55
CA ILE P 129 -105.90 4.65 -45.65
C ILE P 129 -106.59 3.31 -45.42
N SER P 130 -107.58 3.31 -44.52
CA SER P 130 -108.26 2.07 -44.16
C SER P 130 -109.02 1.49 -45.35
N GLN P 131 -109.06 0.17 -45.42
CA GLN P 131 -109.77 -0.51 -46.49
C GLN P 131 -111.27 -0.19 -46.48
N GLN P 132 -111.80 0.30 -45.37
CA GLN P 132 -113.17 0.80 -45.37
C GLN P 132 -113.32 1.98 -46.33
N TYR P 133 -112.34 2.89 -46.34
CA TYR P 133 -112.40 4.03 -47.25
C TYR P 133 -112.35 3.55 -48.70
N LEU P 134 -111.38 2.69 -49.03
CA LEU P 134 -111.30 2.15 -50.38
C LEU P 134 -112.58 1.41 -50.76
N ALA P 135 -113.25 0.81 -49.78
CA ALA P 135 -114.56 0.24 -50.04
C ALA P 135 -115.57 1.33 -50.39
N THR P 136 -115.51 2.46 -49.69
CA THR P 136 -116.42 3.57 -50.00
C THR P 136 -116.06 4.30 -51.28
N LEU P 137 -114.78 4.42 -51.60
CA LEU P 137 -114.33 5.16 -52.78
C LEU P 137 -114.36 4.28 -54.03
N GLU P 138 -115.49 3.64 -54.31
CA GLU P 138 -115.63 2.77 -55.47
C GLU P 138 -116.57 3.41 -56.49
N ASN P 139 -116.06 3.60 -57.70
CA ASN P 139 -116.84 4.12 -58.83
C ASN P 139 -117.57 5.41 -58.45
N ARG P 140 -116.84 6.29 -57.78
CA ARG P 140 -117.39 7.58 -57.38
C ARG P 140 -117.45 8.52 -58.58
N LYS P 141 -118.41 9.44 -58.55
CA LYS P 141 -118.42 10.54 -59.49
C LYS P 141 -117.44 11.61 -59.05
N LEU P 142 -116.75 12.21 -60.01
CA LEU P 142 -115.76 13.24 -59.71
C LEU P 142 -116.49 14.55 -59.43
N LYS P 143 -115.71 15.63 -59.30
CA LYS P 143 -116.28 16.96 -59.17
C LYS P 143 -116.54 17.54 -60.55
N ARG P 144 -117.68 18.22 -60.69
CA ARG P 144 -117.98 18.92 -61.94
C ARG P 144 -116.98 20.02 -62.22
N GLU P 145 -116.28 20.51 -61.20
CA GLU P 145 -115.25 21.53 -61.35
C GLU P 145 -113.93 20.86 -61.76
N LEU P 146 -113.90 20.37 -63.00
CA LEU P 146 -112.71 19.74 -63.56
C LEU P 146 -111.56 20.73 -63.59
N PRO P 147 -110.54 20.54 -62.77
CA PRO P 147 -109.38 21.44 -62.81
C PRO P 147 -108.56 21.18 -64.06
N PHE P 148 -108.02 22.25 -64.64
CA PHE P 148 -107.12 22.09 -65.77
C PHE P 148 -105.88 21.29 -65.38
N SER P 149 -105.55 21.28 -64.09
CA SER P 149 -104.47 20.43 -63.61
C SER P 149 -104.73 18.96 -63.93
N PHE P 150 -105.97 18.52 -63.73
CA PHE P 150 -106.35 17.15 -64.05
C PHE P 150 -106.95 17.03 -65.46
N ARG P 151 -107.73 18.02 -65.88
CA ARG P 151 -108.40 17.92 -67.18
C ARG P 151 -107.41 17.75 -68.32
N SER P 152 -106.21 18.30 -68.18
CA SER P 152 -105.19 18.24 -69.23
C SER P 152 -104.26 17.06 -69.08
N ILE P 153 -104.50 16.17 -68.12
CA ILE P 153 -103.63 15.02 -67.94
C ILE P 153 -103.71 14.14 -69.18
N ASN P 154 -102.54 13.76 -69.70
CA ASN P 154 -102.49 12.93 -70.89
C ASN P 154 -103.06 11.55 -70.58
N THR P 155 -104.07 11.13 -71.35
CA THR P 155 -104.71 9.86 -71.12
C THR P 155 -103.83 8.66 -71.48
N ARG P 156 -102.73 8.88 -72.21
CA ARG P 156 -101.82 7.79 -72.52
C ARG P 156 -101.20 7.20 -71.27
N GLU P 157 -100.80 8.05 -70.32
CA GLU P 157 -100.23 7.61 -69.07
C GLU P 157 -101.34 7.25 -68.07
N ASN P 158 -100.93 6.71 -66.93
CA ASN P 158 -101.86 6.17 -65.95
C ASN P 158 -102.10 7.19 -64.84
N LEU P 159 -102.86 6.79 -63.82
CA LEU P 159 -103.15 7.65 -62.68
C LEU P 159 -103.43 6.76 -61.48
N TYR P 160 -102.84 7.12 -60.33
CA TYR P 160 -102.89 6.29 -59.13
C TYR P 160 -103.19 7.15 -57.92
N LEU P 161 -103.63 6.50 -56.86
CA LEU P 161 -103.85 7.12 -55.57
C LEU P 161 -102.88 6.53 -54.57
N VAL P 162 -102.22 7.40 -53.81
CA VAL P 162 -101.26 6.95 -52.80
C VAL P 162 -102.04 6.39 -51.61
N THR P 163 -101.72 5.15 -51.23
CA THR P 163 -102.46 4.40 -50.23
C THR P 163 -101.76 4.37 -48.87
N GLU P 164 -100.50 3.94 -48.83
CA GLU P 164 -99.76 3.83 -47.59
C GLU P 164 -98.44 4.57 -47.72
N THR P 165 -97.98 5.14 -46.60
CA THR P 165 -96.79 5.97 -46.59
C THR P 165 -95.98 5.74 -45.32
N LEU P 166 -94.66 5.66 -45.49
CA LEU P 166 -93.72 5.66 -44.38
C LEU P 166 -93.09 7.04 -44.30
N GLU P 167 -93.30 7.72 -43.18
CA GLU P 167 -92.88 9.10 -43.03
C GLU P 167 -92.10 9.26 -41.73
N THR P 168 -91.03 10.04 -41.78
CA THR P 168 -90.25 10.26 -40.57
C THR P 168 -91.07 11.04 -39.54
N VAL P 169 -90.65 10.97 -38.28
CA VAL P 169 -91.32 11.69 -37.21
C VAL P 169 -90.32 12.48 -36.39
N LYS P 170 -89.06 12.50 -36.84
CA LYS P 170 -88.02 13.16 -36.08
C LYS P 170 -87.03 13.80 -37.05
N GLU P 171 -86.39 14.88 -36.60
CA GLU P 171 -85.40 15.57 -37.42
C GLU P 171 -84.16 14.71 -37.55
N GLU P 172 -83.85 14.27 -38.76
CA GLU P 172 -82.78 13.31 -38.98
C GLU P 172 -81.55 14.00 -39.58
N THR P 173 -80.40 13.33 -39.46
CA THR P 173 -79.13 13.85 -39.94
C THR P 173 -78.33 12.67 -40.48
N LEU P 174 -78.35 12.51 -41.80
CA LEU P 174 -77.75 11.35 -42.44
C LEU P 174 -76.38 11.72 -43.03
N LYS P 175 -75.45 10.76 -43.02
CA LYS P 175 -74.09 11.04 -43.47
C LYS P 175 -73.64 10.02 -44.50
N SER P 176 -72.87 10.49 -45.47
CA SER P 176 -72.28 9.62 -46.49
C SER P 176 -70.86 10.10 -46.77
N ASP P 177 -70.09 9.25 -47.42
CA ASP P 177 -68.72 9.60 -47.80
C ASP P 177 -68.32 8.72 -48.98
N ARG P 178 -68.08 9.33 -50.13
CA ARG P 178 -67.74 8.63 -51.35
C ARG P 178 -66.30 8.90 -51.74
N GLN P 179 -65.70 7.94 -52.44
CA GLN P 179 -64.34 8.11 -52.95
C GLN P 179 -64.25 7.41 -54.30
N TYR P 180 -63.85 8.16 -55.32
CA TYR P 180 -63.66 7.64 -56.68
C TYR P 180 -62.22 7.91 -57.08
N LYS P 181 -61.39 6.87 -57.12
CA LYS P 181 -59.98 7.01 -57.48
C LYS P 181 -59.74 6.14 -58.70
N PHE P 182 -59.76 6.72 -59.90
CA PHE P 182 -59.57 5.93 -61.10
C PHE P 182 -58.65 6.62 -62.08
N TRP P 183 -57.77 5.84 -62.70
CA TRP P 183 -56.80 6.34 -63.66
C TRP P 183 -56.69 5.36 -64.82
N SER P 184 -55.93 5.78 -65.84
CA SER P 184 -55.79 5.01 -67.07
C SER P 184 -54.55 5.50 -67.79
N GLN P 185 -53.62 4.58 -68.07
CA GLN P 185 -52.45 4.87 -68.87
C GLN P 185 -52.73 4.48 -70.33
N ILE P 186 -52.36 5.38 -71.24
CA ILE P 186 -52.53 5.15 -72.67
C ILE P 186 -51.13 4.98 -73.27
N SER P 187 -51.11 4.64 -74.57
CA SER P 187 -49.84 4.45 -75.26
C SER P 187 -49.00 5.72 -75.23
N GLN P 188 -49.64 6.88 -75.22
CA GLN P 188 -48.93 8.16 -75.20
C GLN P 188 -48.79 8.69 -73.78
N GLY P 189 -49.91 8.88 -73.10
CA GLY P 189 -49.90 9.50 -71.79
C GLY P 189 -50.82 8.79 -70.80
N HIS P 190 -51.17 9.51 -69.74
CA HIS P 190 -51.96 8.98 -68.64
C HIS P 190 -53.13 9.93 -68.37
N LEU P 191 -54.02 9.51 -67.48
CA LEU P 191 -55.14 10.35 -67.05
C LEU P 191 -55.70 9.78 -65.76
N SER P 192 -55.70 10.58 -64.69
CA SER P 192 -56.13 10.13 -63.38
C SER P 192 -57.14 11.10 -62.79
N TYR P 193 -57.96 10.60 -61.87
CA TYR P 193 -58.94 11.42 -61.18
C TYR P 193 -59.21 10.83 -59.80
N LYS P 194 -59.05 11.65 -58.77
CA LYS P 194 -59.28 11.25 -57.39
C LYS P 194 -60.26 12.22 -56.74
N HIS P 195 -61.39 11.68 -56.29
CA HIS P 195 -62.43 12.46 -55.63
C HIS P 195 -62.73 11.85 -54.28
N LYS P 196 -62.79 12.69 -53.25
CA LYS P 196 -63.17 12.28 -51.91
C LYS P 196 -64.17 13.28 -51.37
N GLY P 197 -65.40 12.84 -51.13
CA GLY P 197 -66.42 13.75 -50.67
C GLY P 197 -67.24 13.24 -49.50
N GLN P 198 -67.23 13.99 -48.41
CA GLN P 198 -68.07 13.71 -47.25
C GLN P 198 -69.30 14.61 -47.31
N ARG P 199 -70.48 14.01 -47.16
CA ARG P 199 -71.74 14.71 -47.32
C ARG P 199 -72.63 14.43 -46.12
N GLU P 200 -73.47 15.41 -45.78
CA GLU P 200 -74.33 15.28 -44.61
C GLU P 200 -75.58 16.12 -44.85
N VAL P 201 -76.74 15.55 -44.55
CA VAL P 201 -78.01 16.22 -44.83
C VAL P 201 -78.91 16.12 -43.60
N THR P 202 -79.83 17.07 -43.49
CA THR P 202 -80.79 17.13 -42.40
C THR P 202 -82.20 17.11 -42.96
N ILE P 203 -83.10 16.48 -42.22
CA ILE P 203 -84.46 16.21 -42.69
C ILE P 203 -85.47 16.57 -41.62
N PRO P 204 -86.51 17.32 -41.96
CA PRO P 204 -87.56 17.62 -40.98
C PRO P 204 -88.50 16.45 -40.82
N PRO P 205 -89.41 16.48 -39.85
CA PRO P 205 -90.36 15.38 -39.68
C PRO P 205 -91.36 15.31 -40.83
N ASN P 206 -92.09 14.20 -40.87
CA ASN P 206 -93.21 13.97 -41.77
C ASN P 206 -92.81 13.88 -43.23
N ARG P 207 -91.55 13.61 -43.52
CA ARG P 207 -91.10 13.44 -44.90
C ARG P 207 -91.37 12.01 -45.35
N VAL P 208 -92.23 11.85 -46.35
CA VAL P 208 -92.63 10.53 -46.81
C VAL P 208 -91.43 9.83 -47.44
N LEU P 209 -91.05 8.69 -46.88
CA LEU P 209 -89.91 7.93 -47.38
C LEU P 209 -90.30 6.86 -48.41
N SER P 210 -91.53 6.39 -48.39
CA SER P 210 -91.96 5.39 -49.37
C SER P 210 -93.47 5.39 -49.45
N TYR P 211 -93.98 4.84 -50.55
CA TYR P 211 -95.42 4.83 -50.78
C TYR P 211 -95.78 3.66 -51.70
N ARG P 212 -97.06 3.33 -51.69
CA ARG P 212 -97.64 2.34 -52.60
C ARG P 212 -98.93 2.91 -53.15
N VAL P 213 -99.35 2.41 -54.31
CA VAL P 213 -100.41 3.06 -55.07
C VAL P 213 -101.49 2.07 -55.47
N LYS P 214 -102.70 2.59 -55.65
CA LYS P 214 -103.83 1.85 -56.22
C LYS P 214 -104.34 2.61 -57.44
N GLN P 215 -104.53 1.92 -58.55
CA GLN P 215 -104.79 2.63 -59.80
C GLN P 215 -106.21 3.23 -59.78
N LEU P 216 -106.42 4.23 -60.63
CA LEU P 216 -107.74 4.81 -60.85
C LEU P 216 -108.01 4.85 -62.34
N VAL P 217 -108.87 3.96 -62.84
CA VAL P 217 -109.27 3.95 -64.24
C VAL P 217 -110.56 4.72 -64.38
N PHE P 218 -110.69 5.45 -65.49
CA PHE P 218 -111.79 6.36 -65.77
C PHE P 218 -112.39 6.03 -67.12
N PRO P 219 -113.38 5.13 -67.18
CA PRO P 219 -114.10 4.93 -68.44
C PRO P 219 -114.82 6.17 -68.95
N ASN P 220 -115.19 7.08 -68.05
CA ASN P 220 -115.77 8.37 -68.44
C ASN P 220 -115.38 9.40 -67.39
N LYS P 221 -116.05 10.55 -67.40
CA LYS P 221 -115.71 11.66 -66.53
C LYS P 221 -116.40 11.61 -65.17
N GLU P 222 -117.19 10.56 -64.91
CA GLU P 222 -117.88 10.43 -63.63
C GLU P 222 -117.58 9.08 -62.98
N THR P 223 -116.54 8.39 -63.44
CA THR P 223 -116.22 7.04 -62.98
C THR P 223 -114.81 7.04 -62.37
N MET P 224 -114.74 7.17 -61.05
CA MET P 224 -113.48 7.01 -60.34
C MET P 224 -113.25 5.54 -59.99
N ASN P 225 -113.08 4.73 -61.03
CA ASN P 225 -113.06 3.28 -60.85
C ASN P 225 -111.74 2.87 -60.23
N ILE P 226 -111.76 2.51 -58.95
CA ILE P 226 -110.53 2.22 -58.22
C ILE P 226 -110.10 0.78 -58.52
N HIS P 227 -108.92 0.64 -59.11
CA HIS P 227 -108.40 -0.64 -59.57
C HIS P 227 -107.35 -1.11 -58.57
N PHE P 228 -107.56 -2.30 -58.00
CA PHE P 228 -106.66 -2.87 -57.01
C PHE P 228 -105.59 -3.74 -57.65
N ARG P 229 -106.00 -4.77 -58.38
CA ARG P 229 -105.08 -5.72 -58.98
C ARG P 229 -105.26 -5.72 -60.49
N GLY P 230 -104.15 -5.81 -61.21
CA GLY P 230 -104.21 -5.92 -62.65
C GLY P 230 -103.54 -4.79 -63.40
N LYS P 231 -102.58 -5.13 -64.26
CA LYS P 231 -101.94 -4.15 -65.13
C LYS P 231 -102.90 -3.82 -66.27
N THR P 232 -103.38 -2.58 -66.31
CA THR P 232 -104.38 -2.18 -67.28
C THR P 232 -104.14 -0.72 -67.66
N LYS P 233 -105.09 -0.14 -68.38
CA LYS P 233 -105.03 1.26 -68.79
C LYS P 233 -105.93 2.08 -67.89
N SER P 234 -105.38 3.17 -67.35
CA SER P 234 -106.11 4.00 -66.40
C SER P 234 -107.01 5.03 -67.07
N PHE P 235 -107.03 5.08 -68.40
CA PHE P 235 -107.90 6.00 -69.13
C PHE P 235 -108.41 5.30 -70.38
N PRO P 236 -109.45 4.48 -70.25
CA PRO P 236 -110.02 3.80 -71.42
C PRO P 236 -111.00 4.66 -72.20
N GLU P 237 -111.32 5.86 -71.71
CA GLU P 237 -112.28 6.74 -72.36
C GLU P 237 -111.76 7.22 -73.71
CA MET Q 5 -64.49 27.42 -62.76
C MET Q 5 -65.90 28.02 -62.68
N PHE Q 6 -66.48 27.96 -61.48
CA PHE Q 6 -67.84 28.44 -61.27
C PHE Q 6 -67.88 29.28 -60.00
N SER Q 7 -68.90 30.12 -59.90
CA SER Q 7 -69.12 30.92 -58.71
C SER Q 7 -69.36 30.02 -57.51
N VAL Q 8 -69.06 30.51 -56.31
CA VAL Q 8 -69.33 29.74 -55.09
C VAL Q 8 -70.82 29.50 -54.95
N PHE Q 9 -71.63 30.54 -55.21
CA PHE Q 9 -73.08 30.38 -55.19
C PHE Q 9 -73.53 29.38 -56.23
N GLU Q 10 -72.87 29.36 -57.40
CA GLU Q 10 -73.20 28.36 -58.40
C GLU Q 10 -72.96 26.95 -57.86
N GLU Q 11 -71.84 26.73 -57.17
CA GLU Q 11 -71.55 25.41 -56.62
C GLU Q 11 -72.56 25.02 -55.56
N ILE Q 12 -72.90 25.94 -54.66
CA ILE Q 12 -73.84 25.59 -53.60
C ILE Q 12 -75.22 25.31 -54.18
N THR Q 13 -75.63 26.05 -55.21
CA THR Q 13 -76.92 25.78 -55.83
C THR Q 13 -76.91 24.44 -56.55
N ARG Q 14 -75.81 24.10 -57.21
CA ARG Q 14 -75.72 22.79 -57.85
C ARG Q 14 -75.82 21.67 -56.83
N ILE Q 15 -75.15 21.82 -55.69
CA ILE Q 15 -75.25 20.81 -54.63
C ILE Q 15 -76.68 20.71 -54.11
N VAL Q 16 -77.33 21.85 -53.87
CA VAL Q 16 -78.68 21.83 -53.32
C VAL Q 16 -79.64 21.19 -54.32
N VAL Q 17 -79.47 21.44 -55.61
CA VAL Q 17 -80.35 20.83 -56.58
C VAL Q 17 -80.09 19.32 -56.68
N LYS Q 18 -78.82 18.92 -56.68
CA LYS Q 18 -78.52 17.49 -56.75
C LYS Q 18 -79.02 16.75 -55.52
N GLU Q 19 -79.14 17.42 -54.38
CA GLU Q 19 -79.59 16.72 -53.18
C GLU Q 19 -81.10 16.82 -52.97
N MET Q 20 -81.61 18.04 -52.82
CA MET Q 20 -83.01 18.24 -52.47
C MET Q 20 -83.97 17.78 -53.56
N ASP Q 21 -83.50 17.59 -54.80
CA ASP Q 21 -84.40 17.10 -55.84
C ASP Q 21 -83.60 16.15 -56.74
N ALA Q 22 -83.64 14.87 -56.40
CA ALA Q 22 -83.06 13.86 -57.26
C ALA Q 22 -83.88 13.75 -58.53
N GLY Q 23 -83.23 13.88 -59.68
CA GLY Q 23 -83.96 13.92 -60.92
C GLY Q 23 -84.90 15.11 -60.92
N GLY Q 24 -86.18 14.85 -61.14
CA GLY Q 24 -87.18 15.90 -61.07
C GLY Q 24 -86.97 16.95 -62.14
N ASP Q 25 -87.35 18.19 -61.83
CA ASP Q 25 -87.27 19.28 -62.79
C ASP Q 25 -86.64 20.55 -62.23
N MET Q 26 -86.32 20.60 -60.94
CA MET Q 26 -85.79 21.83 -60.36
C MET Q 26 -84.45 22.19 -60.99
N ILE Q 27 -84.30 23.47 -61.33
CA ILE Q 27 -83.06 24.02 -61.86
C ILE Q 27 -82.47 24.97 -60.84
N ALA Q 28 -81.14 25.06 -60.83
CA ALA Q 28 -80.42 25.81 -59.82
C ALA Q 28 -80.21 27.25 -60.28
N VAL Q 29 -80.49 28.20 -59.38
CA VAL Q 29 -80.18 29.59 -59.65
C VAL Q 29 -78.68 29.74 -59.84
N ARG Q 30 -78.28 30.51 -60.87
CA ARG Q 30 -76.87 30.64 -61.19
C ARG Q 30 -76.23 31.83 -60.48
N SER Q 31 -76.83 33.01 -60.58
CA SER Q 31 -76.26 34.24 -60.06
C SER Q 31 -77.13 34.76 -58.92
N LEU Q 32 -76.49 35.18 -57.84
CA LEU Q 32 -77.25 35.64 -56.68
C LEU Q 32 -77.64 37.11 -56.76
N VAL Q 33 -77.16 37.84 -57.78
CA VAL Q 33 -77.65 39.20 -57.98
C VAL Q 33 -79.13 39.18 -58.37
N ASP Q 34 -79.51 38.26 -59.25
CA ASP Q 34 -80.89 38.08 -59.66
C ASP Q 34 -81.56 36.90 -58.99
N ALA Q 35 -81.03 36.45 -57.86
CA ALA Q 35 -81.70 35.43 -57.08
C ALA Q 35 -83.04 35.94 -56.57
N ASP Q 36 -83.07 37.20 -56.12
CA ASP Q 36 -84.32 37.78 -55.62
C ASP Q 36 -85.36 37.87 -56.72
N ARG Q 37 -84.95 37.91 -57.98
CA ARG Q 37 -85.91 37.99 -59.07
C ARG Q 37 -86.38 36.62 -59.54
N PHE Q 38 -85.91 35.53 -58.92
CA PHE Q 38 -86.41 34.19 -59.18
C PHE Q 38 -87.40 33.73 -58.12
N ARG Q 39 -87.83 34.62 -57.25
CA ARG Q 39 -88.80 34.28 -56.21
C ARG Q 39 -90.11 33.84 -56.84
N CYS Q 40 -91.00 33.30 -56.00
CA CYS Q 40 -92.28 32.80 -56.47
C CYS Q 40 -93.11 33.93 -57.08
N PHE Q 41 -93.87 33.57 -58.11
CA PHE Q 41 -94.72 34.41 -58.95
C PHE Q 41 -93.93 35.25 -59.95
N HIS Q 42 -92.61 35.26 -59.91
CA HIS Q 42 -91.84 36.06 -60.85
C HIS Q 42 -91.79 35.37 -62.21
N LEU Q 43 -92.21 36.09 -63.25
CA LEU Q 43 -92.17 35.54 -64.59
C LEU Q 43 -90.73 35.38 -65.06
N VAL Q 44 -90.51 34.33 -65.84
CA VAL Q 44 -89.18 33.97 -66.32
C VAL Q 44 -89.28 33.68 -67.81
N GLY Q 45 -88.18 33.87 -68.53
CA GLY Q 45 -88.16 33.57 -69.95
C GLY Q 45 -87.03 32.61 -70.26
N GLU Q 46 -87.12 32.01 -71.44
CA GLU Q 46 -86.13 31.07 -71.92
C GLU Q 46 -85.25 31.71 -73.00
N LYS Q 47 -84.08 31.12 -73.20
CA LYS Q 47 -83.19 31.56 -74.26
C LYS Q 47 -82.37 30.37 -74.74
N ARG Q 48 -82.25 30.25 -76.06
CA ARG Q 48 -81.59 29.10 -76.68
C ARG Q 48 -80.16 29.46 -77.05
N THR Q 49 -79.25 28.51 -76.85
CA THR Q 49 -77.84 28.69 -77.16
C THR Q 49 -77.32 27.46 -77.88
N PHE Q 50 -76.14 27.61 -78.50
CA PHE Q 50 -75.52 26.47 -79.16
C PHE Q 50 -75.16 25.38 -78.17
N PHE Q 51 -74.83 25.75 -76.93
CA PHE Q 51 -74.60 24.75 -75.89
C PHE Q 51 -75.91 24.13 -75.42
N GLY Q 52 -76.97 24.93 -75.31
CA GLY Q 52 -78.25 24.44 -74.84
C GLY Q 52 -79.27 25.54 -74.65
N CYS Q 53 -80.00 25.49 -73.54
CA CYS Q 53 -80.99 26.51 -73.20
C CYS Q 53 -80.81 26.94 -71.76
N ARG Q 54 -81.15 28.20 -71.49
CA ARG Q 54 -81.04 28.77 -70.14
C ARG Q 54 -82.24 29.66 -69.88
N HIS Q 55 -82.34 30.13 -68.63
CA HIS Q 55 -83.44 30.97 -68.19
C HIS Q 55 -82.92 32.33 -67.78
N TYR Q 56 -83.79 33.34 -67.96
CA TYR Q 56 -83.53 34.68 -67.48
C TYR Q 56 -84.78 35.18 -66.75
N THR Q 57 -84.61 36.21 -65.94
CA THR Q 57 -85.70 36.77 -65.17
C THR Q 57 -86.10 38.11 -65.78
N THR Q 58 -87.37 38.21 -66.20
CA THR Q 58 -87.87 39.50 -66.67
C THR Q 58 -88.03 40.49 -65.54
N GLY Q 59 -88.13 40.02 -64.30
CA GLY Q 59 -88.45 40.88 -63.19
C GLY Q 59 -89.92 41.15 -63.00
N LEU Q 60 -90.79 40.48 -63.74
CA LEU Q 60 -92.22 40.68 -63.68
C LEU Q 60 -92.83 39.62 -62.76
N THR Q 61 -93.54 40.07 -61.73
CA THR Q 61 -94.39 39.16 -60.99
C THR Q 61 -95.68 38.93 -61.76
N LEU Q 62 -96.46 37.95 -61.30
CA LEU Q 62 -97.70 37.62 -62.00
C LEU Q 62 -98.70 38.76 -61.93
N MET Q 63 -98.69 39.53 -60.84
CA MET Q 63 -99.62 40.64 -60.69
C MET Q 63 -99.48 41.67 -61.79
N ASP Q 64 -98.32 41.73 -62.46
CA ASP Q 64 -98.14 42.65 -63.57
C ASP Q 64 -99.04 42.30 -64.74
N ILE Q 65 -99.19 41.01 -65.04
CA ILE Q 65 -99.96 40.55 -66.18
C ILE Q 65 -101.21 39.79 -65.76
N LEU Q 66 -101.72 40.04 -64.56
CA LEU Q 66 -102.94 39.40 -64.08
C LEU Q 66 -104.01 40.47 -63.89
N ASP Q 67 -105.18 40.25 -64.51
CA ASP Q 67 -106.23 41.26 -64.48
C ASP Q 67 -106.67 41.59 -63.07
N THR Q 68 -106.85 40.56 -62.25
CA THR Q 68 -107.27 40.72 -60.85
C THR Q 68 -108.56 41.52 -60.73
N LYS Q 85 -91.99 26.51 -42.87
CA LYS Q 85 -92.43 25.51 -43.83
C LYS Q 85 -91.58 24.24 -43.71
N ALA Q 86 -90.77 23.99 -44.72
CA ALA Q 86 -89.86 22.84 -44.75
C ALA Q 86 -88.44 23.35 -44.78
N GLU Q 87 -87.64 22.96 -43.78
CA GLU Q 87 -86.31 23.49 -43.57
C GLU Q 87 -85.29 22.36 -43.63
N PHE Q 88 -84.33 22.48 -44.54
CA PHE Q 88 -83.32 21.45 -44.77
C PHE Q 88 -81.94 22.04 -44.52
N GLN Q 89 -81.17 21.41 -43.66
CA GLN Q 89 -79.83 21.87 -43.29
C GLN Q 89 -78.81 20.97 -43.97
N ILE Q 90 -78.21 21.45 -45.04
CA ILE Q 90 -77.20 20.70 -45.77
C ILE Q 90 -75.83 21.15 -45.25
N LEU Q 91 -74.88 20.21 -45.25
CA LEU Q 91 -73.52 20.52 -44.82
C LEU Q 91 -72.60 19.47 -45.44
N ASP Q 92 -71.56 19.93 -46.13
CA ASP Q 92 -70.67 18.98 -46.77
C ASP Q 92 -69.30 19.60 -47.01
N ASN Q 93 -68.33 18.72 -47.24
CA ASN Q 93 -66.98 19.07 -47.66
C ASN Q 93 -66.58 18.14 -48.78
N VAL Q 94 -65.92 18.69 -49.79
CA VAL Q 94 -65.56 17.96 -51.00
C VAL Q 94 -64.07 18.14 -51.26
N ASP Q 95 -63.39 17.05 -51.59
CA ASP Q 95 -61.97 17.09 -51.94
C ASP Q 95 -61.79 16.28 -53.23
N SER Q 96 -61.50 16.98 -54.33
CA SER Q 96 -61.34 16.33 -55.62
C SER Q 96 -59.97 16.67 -56.19
N THR Q 97 -59.45 15.75 -57.01
CA THR Q 97 -58.15 15.93 -57.65
C THR Q 97 -58.10 15.13 -58.93
N GLY Q 98 -57.61 15.75 -60.00
CA GLY Q 98 -57.45 15.05 -61.27
C GLY Q 98 -56.16 15.40 -61.97
N GLU Q 99 -55.37 14.37 -62.29
CA GLU Q 99 -54.05 14.59 -62.91
C GLU Q 99 -53.99 13.82 -64.24
N LEU Q 100 -53.60 14.50 -65.31
CA LEU Q 100 -53.49 13.89 -66.63
C LEU Q 100 -52.12 14.18 -67.22
N ILE Q 101 -51.64 13.27 -68.05
CA ILE Q 101 -50.36 13.41 -68.74
C ILE Q 101 -50.56 13.00 -70.20
N VAL Q 102 -50.00 13.78 -71.12
CA VAL Q 102 -50.11 13.51 -72.55
C VAL Q 102 -48.73 13.62 -73.17
N ARG Q 103 -48.40 12.71 -74.07
CA ARG Q 103 -47.15 12.75 -74.82
C ARG Q 103 -47.43 12.70 -76.31
N LEU Q 104 -46.57 13.38 -77.07
CA LEU Q 104 -46.74 13.43 -78.55
C LEU Q 104 -45.37 13.20 -79.19
N PRO Q 105 -45.30 12.58 -80.39
CA PRO Q 105 -44.03 12.35 -81.09
C PRO Q 105 -43.33 13.64 -81.51
N LYS Q 106 -43.98 14.79 -81.37
CA LYS Q 106 -43.39 16.08 -81.68
C LYS Q 106 -42.66 16.67 -80.47
N GLU Q 107 -42.21 15.83 -79.55
CA GLU Q 107 -41.53 16.25 -78.33
C GLU Q 107 -42.40 17.18 -77.50
N ILE Q 108 -43.69 16.85 -77.38
CA ILE Q 108 -44.63 17.64 -76.60
C ILE Q 108 -45.17 16.77 -75.46
N THR Q 109 -44.67 17.02 -74.25
CA THR Q 109 -45.09 16.28 -73.06
C THR Q 109 -45.78 17.24 -72.10
N ILE Q 110 -47.09 17.13 -71.98
CA ILE Q 110 -47.87 18.00 -71.12
C ILE Q 110 -48.36 17.21 -69.92
N SER Q 111 -48.59 17.91 -68.82
CA SER Q 111 -49.11 17.28 -67.61
C SER Q 111 -49.84 18.34 -66.80
N GLY Q 112 -51.07 18.02 -66.40
CA GLY Q 112 -51.89 18.96 -65.66
C GLY Q 112 -52.64 18.35 -64.49
N SER Q 113 -52.63 19.04 -63.35
CA SER Q 113 -53.33 18.63 -62.15
C SER Q 113 -54.32 19.71 -61.76
N PHE Q 114 -55.52 19.31 -61.38
CA PHE Q 114 -56.59 20.23 -61.03
C PHE Q 114 -57.25 19.70 -59.76
N GLN Q 115 -57.13 20.44 -58.67
CA GLN Q 115 -57.66 19.99 -57.39
C GLN Q 115 -58.58 21.05 -56.80
N GLY Q 116 -59.51 20.59 -55.97
CA GLY Q 116 -60.49 21.45 -55.35
C GLY Q 116 -60.89 20.99 -53.97
N PHE Q 117 -61.10 21.96 -53.08
CA PHE Q 117 -61.51 21.71 -51.71
C PHE Q 117 -62.64 22.67 -51.37
N HIS Q 118 -63.83 22.13 -51.17
CA HIS Q 118 -65.03 22.93 -50.94
C HIS Q 118 -65.58 22.64 -49.56
N HIS Q 119 -66.08 23.67 -48.87
CA HIS Q 119 -66.74 23.49 -47.59
C HIS Q 119 -67.98 24.38 -47.56
N GLN Q 120 -69.15 23.77 -47.36
CA GLN Q 120 -70.39 24.51 -47.34
C GLN Q 120 -71.26 24.01 -46.20
N LYS Q 121 -71.97 24.95 -45.57
CA LYS Q 121 -72.99 24.65 -44.58
C LYS Q 121 -74.11 25.66 -44.77
N ILE Q 122 -75.30 25.17 -45.10
CA ILE Q 122 -76.40 26.05 -45.48
C ILE Q 122 -77.69 25.49 -44.91
N LYS Q 123 -78.64 26.39 -44.66
CA LYS Q 123 -79.96 26.02 -44.12
C LYS Q 123 -81.01 26.66 -45.02
N ILE Q 124 -81.63 25.86 -45.87
CA ILE Q 124 -82.58 26.35 -46.84
C ILE Q 124 -83.99 26.04 -46.37
N SER Q 125 -84.96 26.72 -46.96
CA SER Q 125 -86.37 26.49 -46.70
C SER Q 125 -87.11 26.47 -48.02
N GLU Q 126 -88.24 25.79 -48.05
CA GLU Q 126 -89.02 25.61 -49.27
C GLU Q 126 -90.28 26.45 -49.22
N ASN Q 127 -90.60 27.08 -50.34
CA ASN Q 127 -91.88 27.75 -50.52
C ASN Q 127 -92.43 27.37 -51.89
N ARG Q 128 -93.75 27.40 -52.01
CA ARG Q 128 -94.38 26.96 -53.24
C ARG Q 128 -95.80 27.51 -53.30
N ILE Q 129 -96.25 27.79 -54.51
CA ILE Q 129 -97.61 28.26 -54.72
C ILE Q 129 -98.55 27.06 -54.71
N SER Q 130 -99.62 27.15 -53.91
CA SER Q 130 -100.53 26.04 -53.76
C SER Q 130 -101.24 25.72 -55.07
N GLN Q 131 -101.51 24.43 -55.28
CA GLN Q 131 -102.21 24.01 -56.49
C GLN Q 131 -103.60 24.60 -56.59
N GLN Q 132 -104.17 25.08 -55.48
CA GLN Q 132 -105.41 25.82 -55.55
C GLN Q 132 -105.25 27.08 -56.39
N TYR Q 133 -104.14 27.79 -56.20
CA TYR Q 133 -103.90 29.00 -56.99
C TYR Q 133 -103.76 28.66 -58.47
N LEU Q 134 -102.93 27.66 -58.79
CA LEU Q 134 -102.79 27.25 -60.19
C LEU Q 134 -104.12 26.79 -60.76
N ALA Q 135 -105.00 26.24 -59.93
CA ALA Q 135 -106.35 25.95 -60.38
C ALA Q 135 -107.12 27.23 -60.70
N THR Q 136 -106.93 28.27 -59.88
CA THR Q 136 -107.59 29.55 -60.13
C THR Q 136 -106.97 30.31 -61.29
N LEU Q 137 -105.66 30.22 -61.47
CA LEU Q 137 -104.96 30.97 -62.51
C LEU Q 137 -105.00 30.23 -63.85
N GLU Q 138 -106.18 29.85 -64.31
CA GLU Q 138 -106.34 29.13 -65.57
C GLU Q 138 -107.03 30.01 -66.59
N ASN Q 139 -106.37 30.22 -67.73
CA ASN Q 139 -106.91 30.97 -68.85
C ASN Q 139 -107.44 32.33 -68.40
N ARG Q 140 -106.66 33.00 -67.57
CA ARG Q 140 -107.01 34.33 -67.09
C ARG Q 140 -106.77 35.38 -68.17
N LYS Q 141 -107.56 36.44 -68.13
CA LYS Q 141 -107.27 37.62 -68.95
C LYS Q 141 -106.17 38.43 -68.29
N LEU Q 142 -105.28 38.99 -69.11
CA LEU Q 142 -104.18 39.78 -68.61
C LEU Q 142 -104.68 41.19 -68.26
N LYS Q 143 -103.76 42.07 -67.93
CA LYS Q 143 -104.10 43.48 -67.71
C LYS Q 143 -104.10 44.22 -69.04
N ARG Q 144 -105.08 45.10 -69.21
CA ARG Q 144 -105.11 45.95 -70.39
C ARG Q 144 -103.90 46.88 -70.45
N GLU Q 145 -103.25 47.13 -69.32
CA GLU Q 145 -102.05 47.95 -69.26
C GLU Q 145 -100.83 47.09 -69.61
N LEU Q 146 -100.75 46.73 -70.89
CA LEU Q 146 -99.63 45.94 -71.41
C LEU Q 146 -98.32 46.71 -71.21
N PRO Q 147 -97.45 46.26 -70.32
CA PRO Q 147 -96.16 46.93 -70.16
C PRO Q 147 -95.26 46.63 -71.34
N PHE Q 148 -94.48 47.64 -71.75
CA PHE Q 148 -93.49 47.41 -72.80
C PHE Q 148 -92.47 46.37 -72.38
N SER Q 149 -92.29 46.17 -71.07
CA SER Q 149 -91.43 45.09 -70.59
C SER Q 149 -91.91 43.74 -71.10
N PHE Q 150 -93.22 43.51 -71.06
CA PHE Q 150 -93.80 42.28 -71.57
C PHE Q 150 -94.24 42.40 -73.03
N ARG Q 151 -94.79 43.55 -73.42
CA ARG Q 151 -95.31 43.71 -74.78
C ARG Q 151 -94.24 43.46 -75.83
N SER Q 152 -92.99 43.76 -75.51
CA SER Q 152 -91.89 43.62 -76.47
C SER Q 152 -91.19 42.27 -76.36
N ILE Q 153 -91.69 41.35 -75.52
CA ILE Q 153 -91.06 40.05 -75.40
C ILE Q 153 -91.15 39.32 -76.73
N ASN Q 154 -90.02 38.78 -77.17
CA ASN Q 154 -89.98 38.07 -78.44
C ASN Q 154 -90.80 36.79 -78.34
N THR Q 155 -91.77 36.65 -79.25
CA THR Q 155 -92.66 35.49 -79.22
C THR Q 155 -91.96 34.20 -79.63
N ARG Q 156 -90.76 34.28 -80.22
CA ARG Q 156 -90.03 33.06 -80.56
C ARG Q 156 -89.65 32.26 -79.33
N GLU Q 157 -89.23 32.93 -78.26
CA GLU Q 157 -88.89 32.27 -77.01
C GLU Q 157 -90.15 32.04 -76.18
N ASN Q 158 -89.98 31.33 -75.07
CA ASN Q 158 -91.09 30.89 -74.24
C ASN Q 158 -91.27 31.83 -73.05
N LEU Q 159 -92.21 31.47 -72.16
CA LEU Q 159 -92.47 32.27 -70.97
C LEU Q 159 -93.02 31.34 -69.90
N TYR Q 160 -92.53 31.48 -68.67
CA TYR Q 160 -92.85 30.56 -67.58
C TYR Q 160 -93.14 31.35 -66.32
N LEU Q 161 -93.80 30.69 -65.39
CA LEU Q 161 -94.05 31.22 -64.06
C LEU Q 161 -93.32 30.37 -63.04
N VAL Q 162 -92.61 31.03 -62.13
CA VAL Q 162 -91.87 30.32 -61.09
C VAL Q 162 -92.85 29.81 -60.05
N THR Q 163 -92.80 28.50 -59.78
CA THR Q 163 -93.77 27.81 -58.95
C THR Q 163 -93.25 27.53 -57.55
N GLU Q 164 -92.09 26.88 -57.44
CA GLU Q 164 -91.53 26.51 -56.14
C GLU Q 164 -90.09 27.01 -56.06
N THR Q 165 -89.68 27.37 -54.85
CA THR Q 165 -88.36 27.96 -54.63
C THR Q 165 -87.75 27.48 -53.33
N LEU Q 166 -86.46 27.16 -53.38
CA LEU Q 166 -85.67 26.89 -52.20
C LEU Q 166 -84.82 28.13 -51.90
N GLU Q 167 -85.03 28.73 -50.74
CA GLU Q 167 -84.39 29.99 -50.39
C GLU Q 167 -83.75 29.87 -49.01
N THR Q 168 -82.57 30.45 -48.87
CA THR Q 168 -81.91 30.41 -47.58
C THR Q 168 -82.69 31.24 -46.56
N VAL Q 169 -82.44 30.97 -45.28
CA VAL Q 169 -83.09 31.69 -44.20
C VAL Q 169 -82.06 32.19 -43.20
N LYS Q 170 -80.78 32.03 -43.52
CA LYS Q 170 -79.73 32.42 -42.61
C LYS Q 170 -78.54 32.95 -43.40
N GLU Q 171 -77.78 33.85 -42.77
CA GLU Q 171 -76.61 34.42 -43.42
C GLU Q 171 -75.52 33.35 -43.51
N GLU Q 172 -75.16 32.98 -44.73
CA GLU Q 172 -74.24 31.87 -44.95
C GLU Q 172 -72.86 32.37 -45.35
N THR Q 173 -71.87 31.50 -45.21
CA THR Q 173 -70.48 31.81 -45.50
C THR Q 173 -69.84 30.56 -46.08
N LEU Q 174 -69.73 30.53 -47.41
CA LEU Q 174 -69.27 29.34 -48.12
C LEU Q 174 -67.82 29.50 -48.53
N LYS Q 175 -67.06 28.40 -48.54
CA LYS Q 175 -65.64 28.46 -48.83
C LYS Q 175 -65.26 27.48 -49.92
N SER Q 176 -64.31 27.88 -50.75
CA SER Q 176 -63.76 27.02 -51.79
C SER Q 176 -62.26 27.26 -51.89
N ASP Q 177 -61.58 26.34 -52.55
CA ASP Q 177 -60.14 26.46 -52.76
C ASP Q 177 -59.76 25.63 -53.98
N ARG Q 178 -59.28 26.30 -55.03
CA ARG Q 178 -58.95 25.65 -56.28
C ARG Q 178 -57.45 25.70 -56.51
N GLN Q 179 -56.94 24.71 -57.24
CA GLN Q 179 -55.52 24.68 -57.60
C GLN Q 179 -55.41 24.10 -59.00
N TYR Q 180 -54.78 24.85 -59.90
CA TYR Q 180 -54.52 24.43 -61.28
C TYR Q 180 -53.01 24.47 -61.50
N LYS Q 181 -52.38 23.31 -61.58
CA LYS Q 181 -50.94 23.22 -61.79
C LYS Q 181 -50.71 22.43 -63.08
N PHE Q 182 -50.50 23.12 -64.20
CA PHE Q 182 -50.31 22.41 -65.46
C PHE Q 182 -49.18 23.02 -66.26
N TRP Q 183 -48.38 22.14 -66.87
CA TRP Q 183 -47.24 22.54 -67.68
C TRP Q 183 -47.17 21.67 -68.93
N SER Q 184 -46.24 22.04 -69.81
CA SER Q 184 -46.10 21.37 -71.09
C SER Q 184 -44.72 21.69 -71.64
N GLN Q 185 -43.94 20.65 -71.93
CA GLN Q 185 -42.65 20.79 -72.59
C GLN Q 185 -42.82 20.59 -74.09
N ILE Q 186 -42.20 21.49 -74.85
CA ILE Q 186 -42.24 21.43 -76.31
C ILE Q 186 -40.84 21.06 -76.79
N SER Q 187 -40.73 20.84 -78.11
CA SER Q 187 -39.44 20.49 -78.70
C SER Q 187 -38.40 21.57 -78.45
N GLN Q 188 -38.83 22.82 -78.37
CA GLN Q 188 -37.91 23.94 -78.14
C GLN Q 188 -37.84 24.31 -76.66
N GLY Q 189 -38.99 24.62 -76.07
CA GLY Q 189 -39.02 25.11 -74.70
C GLY Q 189 -40.15 24.50 -73.90
N HIS Q 190 -40.49 25.17 -72.80
CA HIS Q 190 -41.48 24.70 -71.84
C HIS Q 190 -42.49 25.82 -71.58
N LEU Q 191 -43.55 25.48 -70.84
CA LEU Q 191 -44.53 26.48 -70.42
C LEU Q 191 -45.32 25.89 -69.25
N SER Q 192 -45.31 26.59 -68.12
CA SER Q 192 -45.96 26.10 -66.91
C SER Q 192 -46.84 27.18 -66.32
N TYR Q 193 -47.84 26.76 -65.54
CA TYR Q 193 -48.73 27.68 -64.86
C TYR Q 193 -49.25 27.03 -63.58
N LYS Q 194 -49.08 27.70 -62.46
CA LYS Q 194 -49.52 27.23 -61.16
C LYS Q 194 -50.39 28.29 -60.51
N HIS Q 195 -51.65 27.93 -60.22
CA HIS Q 195 -52.60 28.83 -59.59
C HIS Q 195 -53.15 28.16 -58.35
N LYS Q 196 -53.18 28.91 -57.24
CA LYS Q 196 -53.78 28.45 -56.00
C LYS Q 196 -54.64 29.56 -55.45
N GLY Q 197 -55.94 29.33 -55.37
CA GLY Q 197 -56.84 30.37 -54.92
C GLY Q 197 -57.86 29.91 -53.90
N GLN Q 198 -57.85 30.54 -52.73
CA GLN Q 198 -58.86 30.31 -51.69
C GLN Q 198 -59.90 31.42 -51.77
N ARG Q 199 -61.16 31.05 -51.80
CA ARG Q 199 -62.25 31.98 -52.00
C ARG Q 199 -63.32 31.76 -50.92
N GLU Q 200 -64.00 32.83 -50.56
CA GLU Q 200 -65.01 32.76 -49.51
C GLU Q 200 -66.05 33.83 -49.77
N VAL Q 201 -67.33 33.46 -49.65
CA VAL Q 201 -68.42 34.38 -49.97
C VAL Q 201 -69.45 34.33 -48.85
N THR Q 202 -70.20 35.43 -48.72
CA THR Q 202 -71.25 35.55 -47.72
C THR Q 202 -72.57 35.85 -48.42
N ILE Q 203 -73.65 35.32 -47.84
CA ILE Q 203 -74.97 35.36 -48.46
C ILE Q 203 -76.01 35.80 -47.46
N PRO Q 204 -76.87 36.75 -47.81
CA PRO Q 204 -77.95 37.16 -46.92
C PRO Q 204 -79.10 36.16 -46.97
N PRO Q 205 -80.09 36.27 -46.10
CA PRO Q 205 -81.23 35.36 -46.15
C PRO Q 205 -82.09 35.58 -47.38
N ASN Q 206 -82.99 34.62 -47.61
CA ASN Q 206 -84.03 34.69 -48.64
C ASN Q 206 -83.48 34.66 -50.06
N ARG Q 207 -82.25 34.20 -50.25
CA ARG Q 207 -81.69 34.08 -51.59
C ARG Q 207 -82.16 32.77 -52.22
N VAL Q 208 -82.91 32.86 -53.31
CA VAL Q 208 -83.48 31.69 -53.95
C VAL Q 208 -82.35 30.84 -54.53
N LEU Q 209 -82.25 29.60 -54.07
CA LEU Q 209 -81.21 28.69 -54.54
C LEU Q 209 -81.65 27.82 -55.71
N SER Q 210 -82.95 27.58 -55.87
CA SER Q 210 -83.42 26.77 -56.99
C SER Q 210 -84.89 27.05 -57.22
N TYR Q 211 -85.37 26.70 -58.41
CA TYR Q 211 -86.75 26.97 -58.77
C TYR Q 211 -87.19 25.99 -59.84
N ARG Q 212 -88.51 25.90 -60.00
CA ARG Q 212 -89.13 25.12 -61.07
C ARG Q 212 -90.25 25.98 -61.67
N VAL Q 213 -90.61 25.67 -62.91
CA VAL Q 213 -91.44 26.58 -63.69
C VAL Q 213 -92.63 25.84 -64.30
N LYS Q 214 -93.70 26.59 -64.54
CA LYS Q 214 -94.87 26.12 -65.29
C LYS Q 214 -95.11 27.07 -66.46
N GLN Q 215 -95.29 26.54 -67.66
CA GLN Q 215 -95.27 27.39 -68.83
C GLN Q 215 -96.55 28.24 -68.88
N LEU Q 216 -96.49 29.33 -69.64
CA LEU Q 216 -97.66 30.16 -69.91
C LEU Q 216 -97.75 30.39 -71.41
N VAL Q 217 -98.68 29.72 -72.08
CA VAL Q 217 -98.91 29.92 -73.50
C VAL Q 217 -100.03 30.93 -73.68
N PHE Q 218 -99.90 31.76 -74.71
CA PHE Q 218 -100.79 32.89 -74.99
C PHE Q 218 -101.29 32.80 -76.42
N PRO Q 219 -102.40 32.10 -76.67
CA PRO Q 219 -103.00 32.16 -78.01
C PRO Q 219 -103.43 33.54 -78.44
N ASN Q 220 -103.74 34.43 -77.49
CA ASN Q 220 -104.03 35.82 -77.79
C ASN Q 220 -103.59 36.67 -76.60
N LYS Q 221 -104.05 37.92 -76.54
CA LYS Q 221 -103.62 38.86 -75.52
C LYS Q 221 -104.47 38.81 -74.26
N GLU Q 222 -105.44 37.91 -74.19
CA GLU Q 222 -106.29 37.78 -73.00
C GLU Q 222 -106.30 36.35 -72.47
N THR Q 223 -105.35 35.53 -72.91
CA THR Q 223 -105.31 34.10 -72.57
C THR Q 223 -104.02 33.79 -71.84
N MET Q 224 -104.08 33.78 -70.52
CA MET Q 224 -102.95 33.32 -69.70
C MET Q 224 -103.03 31.81 -69.50
N ASN Q 225 -102.87 31.09 -70.61
CA ASN Q 225 -103.13 29.65 -70.58
C ASN Q 225 -101.97 28.95 -69.89
N ILE Q 226 -102.21 28.47 -68.67
CA ILE Q 226 -101.14 27.90 -67.86
C ILE Q 226 -100.93 26.44 -68.27
N HIS Q 227 -99.74 26.15 -68.77
CA HIS Q 227 -99.39 24.83 -69.31
C HIS Q 227 -98.56 24.09 -68.27
N PHE Q 228 -99.04 22.91 -67.87
CA PHE Q 228 -98.36 22.09 -66.86
C PHE Q 228 -97.39 21.11 -67.49
N ARG Q 229 -97.89 20.24 -68.36
CA ARG Q 229 -97.09 19.20 -68.98
C ARG Q 229 -97.09 19.37 -70.48
N GLY Q 230 -95.94 19.15 -71.11
CA GLY Q 230 -95.86 19.17 -72.54
C GLY Q 230 -94.92 20.23 -73.10
N LYS Q 231 -93.95 19.80 -73.90
CA LYS Q 231 -93.05 20.73 -74.59
C LYS Q 231 -93.80 21.33 -75.77
N THR Q 232 -94.05 22.63 -75.71
CA THR Q 232 -94.85 23.31 -76.73
C THR Q 232 -94.31 24.71 -76.91
N LYS Q 233 -95.06 25.52 -77.66
CA LYS Q 233 -94.72 26.92 -77.90
C LYS Q 233 -95.56 27.81 -77.01
N SER Q 234 -94.89 28.73 -76.30
CA SER Q 234 -95.57 29.58 -75.34
C SER Q 234 -96.20 30.82 -75.96
N PHE Q 235 -96.05 30.99 -77.28
CA PHE Q 235 -96.67 32.12 -77.99
C PHE Q 235 -97.14 31.65 -79.35
N PRO Q 236 -98.32 31.02 -79.41
CA PRO Q 236 -98.86 30.58 -80.70
C PRO Q 236 -99.59 31.67 -81.47
N GLU Q 237 -99.75 32.85 -80.88
CA GLU Q 237 -100.46 33.95 -81.51
C GLU Q 237 -99.71 34.45 -82.75
CA MET R 5 -51.24 44.51 -65.18
C MET R 5 -52.51 45.35 -65.17
N PHE R 6 -53.24 45.29 -64.05
CA PHE R 6 -54.50 45.99 -63.92
C PHE R 6 -54.54 46.70 -62.57
N SER R 7 -55.40 47.70 -62.48
CA SER R 7 -55.60 48.41 -61.22
C SER R 7 -56.14 47.46 -60.16
N VAL R 8 -55.89 47.78 -58.89
CA VAL R 8 -56.43 46.96 -57.80
C VAL R 8 -57.95 46.98 -57.83
N PHE R 9 -58.53 48.17 -58.04
CA PHE R 9 -59.97 48.29 -58.18
C PHE R 9 -60.47 47.49 -59.37
N GLU R 10 -59.71 47.45 -60.46
CA GLU R 10 -60.08 46.63 -61.60
C GLU R 10 -60.16 45.16 -61.20
N GLU R 11 -59.18 44.68 -60.44
CA GLU R 11 -59.19 43.28 -60.01
C GLU R 11 -60.36 42.98 -59.10
N ILE R 12 -60.64 43.86 -58.13
CA ILE R 12 -61.73 43.58 -57.21
C ILE R 12 -63.06 43.62 -57.94
N THR R 13 -63.21 44.52 -58.93
CA THR R 13 -64.46 44.55 -59.69
C THR R 13 -64.60 43.30 -60.55
N ARG R 14 -63.50 42.83 -61.14
CA ARG R 14 -63.58 41.59 -61.91
C ARG R 14 -63.99 40.41 -61.03
N ILE R 15 -63.44 40.34 -59.82
CA ILE R 15 -63.83 39.27 -58.91
C ILE R 15 -65.29 39.39 -58.53
N VAL R 16 -65.76 40.61 -58.23
CA VAL R 16 -67.15 40.78 -57.82
C VAL R 16 -68.09 40.42 -58.96
N VAL R 17 -67.73 40.75 -60.20
CA VAL R 17 -68.60 40.40 -61.31
C VAL R 17 -68.59 38.89 -61.55
N LYS R 18 -67.42 38.26 -61.48
CA LYS R 18 -67.35 36.82 -61.68
C LYS R 18 -68.12 36.07 -60.60
N GLU R 19 -68.25 36.64 -59.40
CA GLU R 19 -68.94 35.93 -58.33
C GLU R 19 -70.42 36.29 -58.25
N MET R 20 -70.74 37.56 -58.03
CA MET R 20 -72.12 37.98 -57.79
C MET R 20 -73.01 37.81 -59.01
N ASP R 21 -72.44 37.66 -60.21
CA ASP R 21 -73.29 37.44 -61.38
C ASP R 21 -72.56 36.44 -62.30
N ALA R 22 -72.86 35.16 -62.11
CA ALA R 22 -72.37 34.15 -63.02
C ALA R 22 -73.05 34.32 -64.37
N GLY R 23 -72.26 34.43 -65.42
CA GLY R 23 -72.83 34.72 -66.72
C GLY R 23 -73.54 36.06 -66.68
N GLY R 24 -74.82 36.05 -67.05
CA GLY R 24 -75.61 37.26 -66.95
C GLY R 24 -75.11 38.34 -67.88
N ASP R 25 -75.30 39.59 -67.46
CA ASP R 25 -74.92 40.74 -68.28
C ASP R 25 -74.16 41.82 -67.53
N MET R 26 -73.97 41.69 -66.22
CA MET R 26 -73.30 42.75 -65.46
C MET R 26 -71.86 42.91 -65.92
N ILE R 27 -71.45 44.16 -66.09
CA ILE R 27 -70.09 44.51 -66.44
C ILE R 27 -69.46 45.25 -65.27
N ALA R 28 -68.15 45.08 -65.12
CA ALA R 28 -67.43 45.60 -63.97
C ALA R 28 -66.92 47.01 -64.25
N VAL R 29 -67.13 47.90 -63.27
CA VAL R 29 -66.55 49.24 -63.36
C VAL R 29 -65.04 49.13 -63.39
N ARG R 30 -64.41 49.89 -64.27
CA ARG R 30 -62.97 49.80 -64.45
C ARG R 30 -62.20 50.78 -63.55
N SER R 31 -62.59 52.05 -63.58
CA SER R 31 -61.87 53.10 -62.87
C SER R 31 -62.76 53.66 -61.77
N LEU R 32 -62.18 53.86 -60.59
CA LEU R 32 -62.98 54.34 -59.47
C LEU R 32 -63.10 55.86 -59.43
N VAL R 33 -62.39 56.58 -60.31
CA VAL R 33 -62.61 58.02 -60.40
C VAL R 33 -64.01 58.30 -60.92
N ASP R 34 -64.44 57.55 -61.93
CA ASP R 34 -65.78 57.68 -62.50
C ASP R 34 -66.72 56.58 -62.03
N ALA R 35 -66.39 55.94 -60.90
CA ALA R 35 -67.33 54.98 -60.31
C ALA R 35 -68.61 55.69 -59.88
N ASP R 36 -68.47 56.89 -59.29
CA ASP R 36 -69.64 57.64 -58.85
C ASP R 36 -70.53 58.02 -60.03
N ARG R 37 -69.97 58.10 -61.23
CA ARG R 37 -70.77 58.45 -62.40
C ARG R 37 -71.42 57.24 -63.05
N PHE R 38 -71.22 56.04 -62.52
CA PHE R 38 -71.91 54.84 -62.98
C PHE R 38 -73.07 54.46 -62.06
N ARG R 39 -73.44 55.34 -61.15
CA ARG R 39 -74.57 55.09 -60.25
C ARG R 39 -75.86 54.96 -61.05
N CYS R 40 -76.91 54.52 -60.36
CA CYS R 40 -78.20 54.30 -61.01
C CYS R 40 -78.74 55.62 -61.56
N PHE R 41 -79.43 55.51 -62.70
CA PHE R 41 -80.03 56.57 -63.51
C PHE R 41 -79.00 57.33 -64.34
N HIS R 42 -77.71 57.09 -64.17
CA HIS R 42 -76.71 57.83 -64.94
C HIS R 42 -76.62 57.27 -66.36
N LEU R 43 -76.79 58.14 -67.34
CA LEU R 43 -76.69 57.73 -68.73
C LEU R 43 -75.26 57.34 -69.07
N VAL R 44 -75.13 56.35 -69.93
CA VAL R 44 -73.85 55.78 -70.32
C VAL R 44 -73.83 55.67 -71.85
N GLY R 45 -72.63 55.71 -72.43
CA GLY R 45 -72.50 55.54 -73.86
C GLY R 45 -71.52 54.44 -74.17
N GLU R 46 -71.59 53.97 -75.41
CA GLU R 46 -70.72 52.91 -75.90
C GLU R 46 -69.64 53.47 -76.81
N LYS R 47 -68.57 52.70 -76.96
CA LYS R 47 -67.50 53.06 -77.88
C LYS R 47 -66.86 51.79 -78.41
N ARG R 48 -66.61 51.77 -79.71
CA ARG R 48 -66.09 50.59 -80.39
C ARG R 48 -64.58 50.71 -80.59
N THR R 49 -63.88 49.59 -80.40
CA THR R 49 -62.43 49.55 -80.55
C THR R 49 -62.05 48.31 -81.36
N PHE R 50 -60.81 48.30 -81.84
CA PHE R 50 -60.32 47.13 -82.56
C PHE R 50 -60.27 45.90 -81.67
N PHE R 51 -60.03 46.09 -80.37
CA PHE R 51 -60.09 44.97 -79.43
C PHE R 51 -61.54 44.56 -79.16
N GLY R 52 -62.44 45.53 -79.07
CA GLY R 52 -63.84 45.24 -78.78
C GLY R 52 -64.66 46.49 -78.55
N CYS R 53 -65.52 46.47 -77.54
CA CYS R 53 -66.35 47.62 -77.18
C CYS R 53 -66.26 47.88 -75.70
N ARG R 54 -66.40 49.15 -75.32
CA ARG R 54 -66.35 49.56 -73.91
C ARG R 54 -67.40 50.63 -73.66
N HIS R 55 -67.56 50.98 -72.39
CA HIS R 55 -68.54 51.97 -71.96
C HIS R 55 -67.84 53.18 -71.36
N TYR R 56 -68.49 54.33 -71.51
CA TYR R 56 -68.06 55.56 -70.86
C TYR R 56 -69.28 56.21 -70.20
N THR R 57 -69.02 57.11 -69.26
CA THR R 57 -70.09 57.79 -68.55
C THR R 57 -70.18 59.22 -69.04
N THR R 58 -71.35 59.60 -69.57
CA THR R 58 -71.56 61.00 -69.93
C THR R 58 -71.68 61.90 -68.72
N GLY R 59 -72.00 61.34 -67.56
CA GLY R 59 -72.28 62.13 -66.39
C GLY R 59 -73.70 62.65 -66.31
N LEU R 60 -74.58 62.22 -67.21
CA LEU R 60 -75.96 62.67 -67.25
C LEU R 60 -76.85 61.67 -66.53
N THR R 61 -77.57 62.14 -65.52
CA THR R 61 -78.64 61.33 -64.96
C THR R 61 -79.87 61.42 -65.88
N LEU R 62 -80.85 60.55 -65.61
CA LEU R 62 -82.04 60.53 -66.46
C LEU R 62 -82.82 61.83 -66.36
N MET R 63 -82.80 62.48 -65.19
CA MET R 63 -83.54 63.72 -65.01
C MET R 63 -83.09 64.82 -65.97
N ASP R 64 -81.88 64.71 -66.51
CA ASP R 64 -81.42 65.69 -67.49
C ASP R 64 -82.23 65.62 -68.77
N ILE R 65 -82.56 64.41 -69.22
CA ILE R 65 -83.26 64.21 -70.49
C ILE R 65 -84.67 63.65 -70.26
N LEU R 66 -85.26 63.88 -69.10
CA LEU R 66 -86.61 63.43 -68.81
C LEU R 66 -87.50 64.66 -68.61
N ASP R 67 -88.61 64.72 -69.35
CA ASP R 67 -89.47 65.90 -69.32
C ASP R 67 -90.00 66.17 -67.92
N THR R 68 -90.45 65.12 -67.24
CA THR R 68 -90.99 65.22 -65.88
C THR R 68 -92.13 66.23 -65.80
N LYS R 85 -80.55 46.85 -48.22
CA LYS R 85 -81.05 46.03 -49.32
C LYS R 85 -80.45 44.63 -49.27
N ALA R 86 -79.58 44.32 -50.22
CA ALA R 86 -78.89 43.04 -50.29
C ALA R 86 -77.40 43.27 -50.12
N GLU R 87 -76.81 42.65 -49.11
CA GLU R 87 -75.43 42.91 -48.71
C GLU R 87 -74.63 41.62 -48.80
N PHE R 88 -73.57 41.65 -49.59
CA PHE R 88 -72.73 40.48 -49.84
C PHE R 88 -71.31 40.78 -49.40
N GLN R 89 -70.75 39.93 -48.54
CA GLN R 89 -69.41 40.11 -48.00
C GLN R 89 -68.48 39.10 -48.67
N ILE R 90 -67.71 39.56 -49.63
CA ILE R 90 -66.75 38.71 -50.33
C ILE R 90 -65.40 38.84 -49.64
N LEU R 91 -64.63 37.75 -49.65
CA LEU R 91 -63.30 37.76 -49.06
C LEU R 91 -62.50 36.62 -49.70
N ASP R 92 -61.33 36.95 -50.24
CA ASP R 92 -60.55 35.90 -50.89
C ASP R 92 -59.08 36.29 -50.94
N ASN R 93 -58.26 35.26 -51.16
CA ASN R 93 -56.84 35.40 -51.41
C ASN R 93 -56.48 34.52 -52.59
N VAL R 94 -55.61 35.03 -53.46
CA VAL R 94 -55.25 34.36 -54.70
C VAL R 94 -53.74 34.29 -54.80
N ASP R 95 -53.22 33.13 -55.19
CA ASP R 95 -51.79 32.93 -55.39
C ASP R 95 -51.60 32.23 -56.73
N SER R 96 -51.07 32.95 -57.72
CA SER R 96 -50.88 32.42 -59.05
C SER R 96 -49.42 32.55 -59.45
N THR R 97 -48.97 31.63 -60.32
CA THR R 97 -47.60 31.63 -60.80
C THR R 97 -47.55 30.96 -62.16
N GLY R 98 -46.84 31.56 -63.10
CA GLY R 98 -46.66 30.97 -64.42
C GLY R 98 -45.25 31.14 -64.95
N GLU R 99 -44.63 30.01 -65.30
CA GLU R 99 -43.22 30.04 -65.77
C GLU R 99 -43.14 29.41 -67.16
N LEU R 100 -42.52 30.09 -68.11
CA LEU R 100 -42.37 29.60 -69.47
C LEU R 100 -40.91 29.69 -69.89
N ILE R 101 -40.51 28.78 -70.77
CA ILE R 101 -39.16 28.75 -71.32
C ILE R 101 -39.25 28.51 -72.82
N VAL R 102 -38.48 29.26 -73.59
CA VAL R 102 -38.46 29.16 -75.05
C VAL R 102 -37.01 29.07 -75.51
N ARG R 103 -36.76 28.19 -76.48
CA ARG R 103 -35.44 28.08 -77.09
C ARG R 103 -35.56 28.22 -78.60
N LEU R 104 -34.51 28.78 -79.19
CA LEU R 104 -34.49 29.01 -80.67
C LEU R 104 -33.12 28.59 -81.20
N PRO R 105 -33.02 28.07 -82.44
CA PRO R 105 -31.74 27.69 -83.05
C PRO R 105 -30.79 28.86 -83.25
N LYS R 106 -31.24 30.09 -83.06
CA LYS R 106 -30.40 31.28 -83.15
C LYS R 106 -29.72 31.62 -81.83
N GLU R 107 -29.53 30.61 -80.96
CA GLU R 107 -28.94 30.78 -79.64
C GLU R 107 -29.72 31.78 -78.80
N ILE R 108 -31.05 31.69 -78.84
CA ILE R 108 -31.92 32.55 -78.07
C ILE R 108 -32.72 31.71 -77.09
N THR R 109 -32.34 31.75 -75.82
CA THR R 109 -33.02 30.99 -74.77
C THR R 109 -33.62 31.97 -73.78
N ILE R 110 -34.95 32.09 -73.80
CA ILE R 110 -35.66 33.01 -72.92
C ILE R 110 -36.40 32.21 -71.87
N SER R 111 -36.64 32.83 -70.72
CA SER R 111 -37.39 32.20 -69.65
C SER R 111 -38.01 33.29 -68.79
N GLY R 112 -39.31 33.18 -68.55
CA GLY R 112 -40.04 34.18 -67.79
C GLY R 112 -41.01 33.62 -66.78
N SER R 113 -41.01 34.18 -65.57
CA SER R 113 -41.91 33.79 -64.50
C SER R 113 -42.73 35.00 -64.08
N PHE R 114 -44.02 34.80 -63.88
CA PHE R 114 -44.95 35.86 -63.52
C PHE R 114 -45.83 35.35 -62.39
N GLN R 115 -45.70 35.94 -61.21
CA GLN R 115 -46.44 35.48 -60.04
C GLN R 115 -47.23 36.64 -59.44
N GLY R 116 -48.32 36.27 -58.76
CA GLY R 116 -49.19 37.26 -58.14
C GLY R 116 -49.82 36.75 -56.86
N PHE R 117 -49.97 37.65 -55.90
CA PHE R 117 -50.55 37.35 -54.60
C PHE R 117 -51.53 38.47 -54.27
N HIS R 118 -52.82 38.14 -54.25
CA HIS R 118 -53.87 39.13 -54.04
C HIS R 118 -54.62 38.81 -52.76
N HIS R 119 -55.01 39.85 -52.01
CA HIS R 119 -55.84 39.67 -50.84
C HIS R 119 -56.89 40.77 -50.81
N GLN R 120 -58.17 40.37 -50.80
CA GLN R 120 -59.26 41.32 -50.82
C GLN R 120 -60.33 40.88 -49.83
N LYS R 121 -60.93 41.88 -49.17
CA LYS R 121 -62.09 41.69 -48.32
C LYS R 121 -62.99 42.89 -48.50
N ILE R 122 -64.20 42.67 -49.00
CA ILE R 122 -65.08 43.76 -49.38
C ILE R 122 -66.51 43.40 -49.00
N LYS R 123 -67.31 44.43 -48.74
CA LYS R 123 -68.72 44.26 -48.37
C LYS R 123 -69.54 45.16 -49.29
N ILE R 124 -70.19 44.56 -50.28
CA ILE R 124 -70.92 45.32 -51.28
C ILE R 124 -72.40 45.23 -50.97
N SER R 125 -73.18 46.14 -51.58
CA SER R 125 -74.62 46.15 -51.48
C SER R 125 -75.20 46.38 -52.86
N GLU R 126 -76.42 45.92 -53.07
CA GLU R 126 -77.07 46.01 -54.37
C GLU R 126 -78.17 47.05 -54.35
N ASN R 127 -78.25 47.84 -55.43
CA ASN R 127 -79.36 48.74 -55.65
C ASN R 127 -79.81 48.59 -57.09
N ARG R 128 -81.09 48.88 -57.33
CA ARG R 128 -81.63 48.69 -58.66
C ARG R 128 -82.92 49.48 -58.79
N ILE R 129 -83.18 49.96 -60.00
CA ILE R 129 -84.41 50.69 -60.29
C ILE R 129 -85.53 49.69 -60.50
N SER R 130 -86.64 49.90 -59.80
CA SER R 130 -87.76 48.96 -59.86
C SER R 130 -88.35 48.90 -61.26
N GLN R 131 -88.81 47.71 -61.64
CA GLN R 131 -89.42 47.53 -62.95
C GLN R 131 -90.69 48.38 -63.11
N GLN R 132 -91.28 48.85 -62.02
CA GLN R 132 -92.36 49.81 -62.13
C GLN R 132 -91.89 51.09 -62.80
N TYR R 133 -90.71 51.57 -62.43
CA TYR R 133 -90.16 52.78 -63.05
C TYR R 133 -89.92 52.55 -64.53
N LEU R 134 -89.24 51.46 -64.89
CA LEU R 134 -89.02 51.16 -66.30
C LEU R 134 -90.34 51.01 -67.05
N ALA R 135 -91.38 50.56 -66.37
CA ALA R 135 -92.71 50.56 -66.97
C ALA R 135 -93.20 51.98 -67.22
N THR R 136 -92.93 52.89 -66.28
CA THR R 136 -93.32 54.28 -66.45
C THR R 136 -92.45 55.03 -67.45
N LEU R 137 -91.17 54.71 -67.51
CA LEU R 137 -90.23 55.41 -68.39
C LEU R 137 -90.25 54.82 -69.80
N GLU R 138 -91.42 54.70 -70.42
CA GLU R 138 -91.55 54.15 -71.75
C GLU R 138 -91.96 55.23 -72.73
N ASN R 139 -91.15 55.41 -73.77
CA ASN R 139 -91.42 56.36 -74.86
C ASN R 139 -91.76 57.75 -74.31
N ARG R 140 -90.96 58.18 -73.33
CA ARG R 140 -91.14 59.50 -72.75
C ARG R 140 -90.60 60.59 -73.67
N LYS R 141 -91.19 61.76 -73.59
CA LYS R 141 -90.62 62.93 -74.24
C LYS R 141 -89.46 63.47 -73.40
N LEU R 142 -88.41 63.93 -74.06
CA LEU R 142 -87.25 64.45 -73.37
C LEU R 142 -87.54 65.88 -72.91
N LYS R 143 -86.52 66.57 -72.41
CA LYS R 143 -86.63 67.97 -72.06
C LYS R 143 -86.35 68.82 -73.29
N ARG R 144 -87.14 69.88 -73.46
CA ARG R 144 -86.89 70.83 -74.54
C ARG R 144 -85.55 71.52 -74.38
N GLU R 145 -84.99 71.53 -73.17
CA GLU R 145 -83.67 72.12 -72.90
C GLU R 145 -82.60 71.08 -73.23
N LEU R 146 -82.43 70.83 -74.53
CA LEU R 146 -81.41 69.90 -75.02
C LEU R 146 -80.03 70.39 -74.62
N PRO R 147 -79.34 69.70 -73.70
CA PRO R 147 -77.98 70.11 -73.34
C PRO R 147 -77.02 69.77 -74.46
N PHE R 148 -76.05 70.65 -74.68
CA PHE R 148 -75.00 70.34 -75.65
C PHE R 148 -74.23 69.09 -75.25
N SER R 149 -74.23 68.74 -73.97
CA SER R 149 -73.63 67.49 -73.53
C SER R 149 -74.28 66.31 -74.22
N PHE R 150 -75.61 66.31 -74.34
CA PHE R 150 -76.32 65.26 -75.03
C PHE R 150 -76.57 65.59 -76.51
N ARG R 151 -76.86 66.86 -76.82
CA ARG R 151 -77.20 67.23 -78.19
C ARG R 151 -76.07 66.88 -79.16
N SER R 152 -74.83 66.93 -78.69
CA SER R 152 -73.67 66.67 -79.55
C SER R 152 -73.23 65.22 -79.52
N ILE R 153 -73.98 64.33 -78.85
CA ILE R 153 -73.60 62.93 -78.81
C ILE R 153 -73.66 62.36 -80.21
N ASN R 154 -72.59 61.66 -80.60
CA ASN R 154 -72.54 61.07 -81.93
C ASN R 154 -73.58 59.97 -82.06
N THR R 155 -74.45 60.08 -83.06
CA THR R 155 -75.51 59.12 -83.25
C THR R 155 -75.01 57.76 -83.73
N ARG R 156 -73.76 57.67 -84.19
CA ARG R 156 -73.22 56.38 -84.60
C ARG R 156 -73.13 55.41 -83.43
N GLU R 157 -72.71 55.89 -82.26
CA GLU R 157 -72.64 55.07 -81.07
C GLU R 157 -74.02 54.99 -80.38
N ASN R 158 -74.08 54.16 -79.35
CA ASN R 158 -75.34 53.86 -78.68
C ASN R 158 -75.50 54.71 -77.42
N LEU R 159 -76.57 54.45 -76.67
CA LEU R 159 -76.83 55.16 -75.43
C LEU R 159 -77.65 54.26 -74.53
N TYR R 160 -77.29 54.19 -73.25
CA TYR R 160 -77.88 53.26 -72.31
C TYR R 160 -78.17 53.96 -71.00
N LEU R 161 -79.04 53.34 -70.20
CA LEU R 161 -79.34 53.80 -68.86
C LEU R 161 -78.89 52.73 -67.88
N VAL R 162 -78.18 53.17 -66.84
CA VAL R 162 -77.70 52.23 -65.81
C VAL R 162 -78.87 51.82 -64.93
N THR R 163 -79.08 50.51 -64.82
CA THR R 163 -80.23 49.93 -64.15
C THR R 163 -79.94 49.43 -62.75
N GLU R 164 -78.93 48.57 -62.61
CA GLU R 164 -78.59 47.99 -61.31
C GLU R 164 -77.11 48.20 -61.04
N THR R 165 -76.77 48.36 -59.76
CA THR R 165 -75.41 48.68 -59.35
C THR R 165 -75.05 47.97 -58.06
N LEU R 166 -73.83 47.44 -58.02
CA LEU R 166 -73.24 46.91 -56.81
C LEU R 166 -72.23 47.94 -56.30
N GLU R 167 -72.47 48.46 -55.10
CA GLU R 167 -71.67 49.54 -54.55
C GLU R 167 -71.21 49.18 -53.14
N THR R 168 -69.97 49.53 -52.83
CA THR R 168 -69.47 49.24 -51.49
C THR R 168 -70.21 50.09 -50.46
N VAL R 169 -70.15 49.66 -49.20
CA VAL R 169 -70.80 50.40 -48.12
C VAL R 169 -69.82 50.61 -46.98
N LYS R 170 -68.56 50.24 -47.19
CA LYS R 170 -67.56 50.34 -46.14
C LYS R 170 -66.21 50.72 -46.75
N GLU R 171 -65.39 51.40 -45.96
CA GLU R 171 -64.06 51.80 -46.42
C GLU R 171 -63.18 50.57 -46.53
N GLU R 172 -62.75 50.25 -47.74
CA GLU R 172 -62.02 49.01 -48.00
C GLU R 172 -60.54 49.29 -48.21
N THR R 173 -59.74 48.24 -48.07
CA THR R 173 -58.28 48.31 -48.19
C THR R 173 -57.82 47.03 -48.85
N LEU R 174 -57.57 47.09 -50.15
CA LEU R 174 -57.23 45.92 -50.94
C LEU R 174 -55.73 45.84 -51.19
N LYS R 175 -55.20 44.62 -51.25
CA LYS R 175 -53.75 44.45 -51.39
C LYS R 175 -53.43 43.51 -52.54
N SER R 176 -52.33 43.81 -53.23
CA SER R 176 -51.83 42.97 -54.31
C SER R 176 -50.31 42.94 -54.24
N ASP R 177 -49.73 41.97 -54.92
CA ASP R 177 -48.28 41.85 -54.98
C ASP R 177 -47.91 41.08 -56.25
N ARG R 178 -47.22 41.74 -57.17
CA ARG R 178 -46.85 41.16 -58.44
C ARG R 178 -45.34 40.95 -58.52
N GLN R 179 -44.94 39.95 -59.30
CA GLN R 179 -43.52 39.69 -59.53
C GLN R 179 -43.34 39.24 -60.97
N TYR R 180 -42.50 39.94 -61.71
CA TYR R 180 -42.16 39.61 -63.10
C TYR R 180 -40.66 39.39 -63.17
N LYS R 181 -40.24 38.14 -63.32
CA LYS R 181 -38.81 37.81 -63.41
C LYS R 181 -38.58 37.12 -64.74
N PHE R 182 -38.12 37.86 -65.75
CA PHE R 182 -37.92 37.25 -67.06
C PHE R 182 -36.61 37.71 -67.68
N TRP R 183 -35.92 36.76 -68.31
CA TRP R 183 -34.64 37.01 -68.95
C TRP R 183 -34.58 36.27 -70.27
N SER R 184 -33.50 36.53 -71.02
CA SER R 184 -33.34 35.97 -72.35
C SER R 184 -31.87 36.08 -72.72
N GLN R 185 -31.26 34.94 -73.05
CA GLN R 185 -29.90 34.90 -73.56
C GLN R 185 -29.92 34.89 -75.09
N ILE R 186 -29.08 35.72 -75.69
CA ILE R 186 -28.96 35.80 -77.14
C ILE R 186 -27.60 35.23 -77.53
N SER R 187 -27.38 35.11 -78.84
CA SER R 187 -26.12 34.58 -79.34
C SER R 187 -24.94 35.43 -78.87
N GLN R 188 -25.16 36.73 -78.70
CA GLN R 188 -24.08 37.64 -78.26
C GLN R 188 -24.12 37.84 -76.75
N GLY R 189 -25.25 38.30 -76.23
CA GLY R 189 -25.36 38.66 -74.83
C GLY R 189 -26.67 38.20 -74.21
N HIS R 190 -26.99 38.81 -73.08
CA HIS R 190 -28.16 38.45 -72.28
C HIS R 190 -28.99 39.71 -72.00
N LEU R 191 -30.16 39.51 -71.40
CA LEU R 191 -31.01 40.62 -70.97
C LEU R 191 -32.00 40.09 -69.96
N SER R 192 -32.00 40.66 -68.75
CA SER R 192 -32.86 40.19 -67.67
C SER R 192 -33.60 41.36 -67.05
N TYR R 193 -34.74 41.06 -66.43
CA TYR R 193 -35.53 42.06 -65.73
C TYR R 193 -36.29 41.39 -64.59
N LYS R 194 -36.14 41.92 -63.39
CA LYS R 194 -36.81 41.41 -62.20
C LYS R 194 -37.55 42.55 -61.52
N HIS R 195 -38.86 42.41 -61.39
CA HIS R 195 -39.71 43.41 -60.76
C HIS R 195 -40.51 42.74 -59.66
N LYS R 196 -40.54 43.36 -58.48
CA LYS R 196 -41.35 42.91 -57.36
C LYS R 196 -42.06 44.11 -56.78
N GLY R 197 -43.38 44.12 -56.85
CA GLY R 197 -44.13 45.26 -56.37
C GLY R 197 -45.31 44.91 -55.51
N GLN R 198 -45.34 45.41 -54.28
CA GLN R 198 -46.48 45.28 -53.38
C GLN R 198 -47.28 46.56 -53.43
N ARG R 199 -48.59 46.43 -53.62
CA ARG R 199 -49.48 47.56 -53.82
C ARG R 199 -50.67 47.44 -52.88
N GLU R 200 -51.20 48.59 -52.47
CA GLU R 200 -52.31 48.61 -51.53
C GLU R 200 -53.12 49.87 -51.77
N VAL R 201 -54.45 49.73 -51.81
CA VAL R 201 -55.32 50.85 -52.12
C VAL R 201 -56.46 50.91 -51.13
N THR R 202 -57.02 52.10 -50.94
CA THR R 202 -58.14 52.32 -50.04
C THR R 202 -59.30 52.91 -50.82
N ILE R 203 -60.51 52.55 -50.42
CA ILE R 203 -61.73 52.88 -51.16
C ILE R 203 -62.79 53.41 -50.21
N PRO R 204 -63.42 54.54 -50.53
CA PRO R 204 -64.51 55.04 -49.70
C PRO R 204 -65.80 54.29 -49.98
N PRO R 205 -66.85 54.50 -49.20
CA PRO R 205 -68.12 53.82 -49.46
C PRO R 205 -68.77 54.32 -50.74
N ASN R 206 -69.80 53.57 -51.16
CA ASN R 206 -70.69 53.91 -52.26
C ASN R 206 -69.99 53.92 -53.61
N ARG R 207 -68.85 53.26 -53.74
CA ARG R 207 -68.18 53.16 -55.03
C ARG R 207 -68.78 52.01 -55.84
N VAL R 208 -69.38 52.35 -56.98
CA VAL R 208 -70.07 51.36 -57.81
C VAL R 208 -69.05 50.38 -58.37
N LEU R 209 -69.21 49.10 -58.04
CA LEU R 209 -68.31 48.07 -58.50
C LEU R 209 -68.75 47.40 -59.80
N SER R 210 -70.04 47.42 -60.11
CA SER R 210 -70.52 46.82 -61.35
C SER R 210 -71.89 47.39 -61.68
N TYR R 211 -72.28 47.25 -62.95
CA TYR R 211 -73.53 47.81 -63.41
C TYR R 211 -74.02 47.02 -64.62
N ARG R 212 -75.31 47.18 -64.91
CA ARG R 212 -75.93 46.64 -66.11
C ARG R 212 -76.80 47.74 -66.72
N VAL R 213 -77.07 47.62 -68.01
CA VAL R 213 -77.64 48.73 -68.77
C VAL R 213 -78.86 48.29 -69.56
N LYS R 214 -79.75 49.24 -69.81
CA LYS R 214 -80.89 49.07 -70.72
C LYS R 214 -80.82 50.15 -71.79
N GLN R 215 -80.95 49.76 -73.05
CA GLN R 215 -80.66 50.71 -74.12
C GLN R 215 -81.75 51.78 -74.20
N LEU R 216 -81.42 52.91 -74.82
CA LEU R 216 -82.40 53.96 -75.11
C LEU R 216 -82.26 54.34 -76.57
N VAL R 217 -83.22 53.92 -77.40
CA VAL R 217 -83.25 54.29 -78.81
C VAL R 217 -84.15 55.49 -78.98
N PHE R 218 -83.76 56.38 -79.90
CA PHE R 218 -84.40 57.67 -80.12
C PHE R 218 -84.75 57.81 -81.60
N PRO R 219 -85.92 57.36 -82.03
CA PRO R 219 -86.35 57.64 -83.41
C PRO R 219 -86.48 59.12 -83.72
N ASN R 220 -86.74 59.96 -82.71
CA ASN R 220 -86.75 61.41 -82.88
C ASN R 220 -86.31 62.04 -81.57
N LYS R 221 -86.55 63.33 -81.41
CA LYS R 221 -86.07 64.09 -80.26
C LYS R 221 -87.05 64.08 -79.09
N GLU R 222 -88.18 63.37 -79.21
CA GLU R 222 -89.16 63.28 -78.13
C GLU R 222 -89.48 61.84 -77.78
N THR R 223 -88.64 60.89 -78.20
CA THR R 223 -88.90 59.47 -78.03
C THR R 223 -87.76 58.86 -77.22
N MET R 224 -87.98 58.73 -75.92
CA MET R 224 -87.04 58.01 -75.05
C MET R 224 -87.40 56.52 -75.03
N ASN R 225 -87.25 55.89 -76.19
CA ASN R 225 -87.75 54.53 -76.35
C ASN R 225 -86.82 53.56 -75.63
N ILE R 226 -87.28 53.03 -74.51
CA ILE R 226 -86.43 52.19 -73.66
C ILE R 226 -86.42 50.78 -74.21
N HIS R 227 -85.25 50.31 -74.63
CA HIS R 227 -85.08 49.01 -75.27
C HIS R 227 -84.52 48.03 -74.25
N PHE R 228 -85.23 46.93 -74.02
CA PHE R 228 -84.83 45.91 -73.06
C PHE R 228 -83.97 44.83 -73.70
N ARG R 229 -84.52 44.15 -74.71
CA ARG R 229 -83.85 43.03 -75.35
C ARG R 229 -83.65 43.34 -76.82
N GLY R 230 -82.49 42.97 -77.35
CA GLY R 230 -82.23 43.12 -78.77
C GLY R 230 -81.08 44.04 -79.11
N LYS R 231 -80.11 43.50 -79.86
CA LYS R 231 -78.99 44.31 -80.35
C LYS R 231 -79.48 45.15 -81.52
N THR R 232 -79.51 46.46 -81.35
CA THR R 232 -80.06 47.36 -82.35
C THR R 232 -79.27 48.66 -82.33
N LYS R 233 -79.78 49.66 -83.04
CA LYS R 233 -79.16 50.99 -83.10
C LYS R 233 -79.94 51.93 -82.19
N SER R 234 -79.21 52.64 -81.33
CA SER R 234 -79.83 53.51 -80.34
C SER R 234 -80.16 54.90 -80.88
N PHE R 235 -79.84 55.16 -82.15
CA PHE R 235 -80.17 56.44 -82.79
C PHE R 235 -80.56 56.19 -84.23
N PRO R 236 -81.81 55.79 -84.47
CA PRO R 236 -82.28 55.58 -85.85
C PRO R 236 -82.71 56.86 -86.55
N GLU R 237 -82.73 57.98 -85.86
CA GLU R 237 -83.16 59.26 -86.43
C GLU R 237 -82.20 59.72 -87.53
CA MET S 5 -35.00 58.99 -64.38
C MET S 5 -36.10 60.04 -64.40
N PHE S 6 -36.95 60.02 -63.37
CA PHE S 6 -38.08 60.92 -63.28
C PHE S 6 -38.14 61.50 -61.87
N SER S 7 -38.84 62.63 -61.75
CA SER S 7 -39.04 63.25 -60.45
C SER S 7 -39.86 62.33 -59.56
N VAL S 8 -39.70 62.47 -58.24
CA VAL S 8 -40.49 61.66 -57.31
C VAL S 8 -41.98 61.97 -57.48
N PHE S 9 -42.31 63.26 -57.61
CA PHE S 9 -43.69 63.65 -57.87
C PHE S 9 -44.18 63.07 -59.18
N GLU S 10 -43.31 62.99 -60.19
CA GLU S 10 -43.70 62.36 -61.45
C GLU S 10 -44.07 60.89 -61.22
N GLU S 11 -43.28 60.18 -60.43
CA GLU S 11 -43.58 58.77 -60.16
C GLU S 11 -44.88 58.61 -59.41
N ILE S 12 -45.11 59.44 -58.38
CA ILE S 12 -46.34 59.28 -57.61
C ILE S 12 -47.55 59.64 -58.45
N THR S 13 -47.43 60.62 -59.33
CA THR S 13 -48.55 60.95 -60.21
C THR S 13 -48.81 59.84 -61.21
N ARG S 14 -47.75 59.23 -61.74
CA ARG S 14 -47.95 58.10 -62.65
C ARG S 14 -48.66 56.95 -61.95
N ILE S 15 -48.27 56.66 -60.71
CA ILE S 15 -48.93 55.60 -59.95
C ILE S 15 -50.40 55.95 -59.72
N VAL S 16 -50.68 57.20 -59.33
CA VAL S 16 -52.06 57.59 -59.04
C VAL S 16 -52.91 57.52 -60.30
N VAL S 17 -52.36 57.89 -61.45
CA VAL S 17 -53.14 57.81 -62.67
C VAL S 17 -53.36 56.35 -63.07
N LYS S 18 -52.33 55.51 -62.95
CA LYS S 18 -52.50 54.11 -63.31
C LYS S 18 -53.51 53.42 -62.40
N GLU S 19 -53.67 53.89 -61.16
CA GLU S 19 -54.59 53.22 -60.25
C GLU S 19 -55.98 53.84 -60.28
N MET S 20 -56.09 55.12 -59.93
CA MET S 20 -57.40 55.76 -59.79
C MET S 20 -58.16 55.86 -61.10
N ASP S 21 -57.50 55.72 -62.25
CA ASP S 21 -58.23 55.78 -63.51
C ASP S 21 -57.59 54.76 -64.46
N ALA S 22 -58.13 53.54 -64.44
CA ALA S 22 -57.72 52.54 -65.41
C ALA S 22 -58.21 52.95 -66.79
N GLY S 23 -57.29 53.01 -67.75
CA GLY S 23 -57.65 53.52 -69.05
C GLY S 23 -58.11 54.96 -68.93
N GLY S 24 -59.33 55.23 -69.42
CA GLY S 24 -59.90 56.55 -69.26
C GLY S 24 -59.12 57.60 -70.01
N ASP S 25 -59.13 58.82 -69.48
CA ASP S 25 -58.48 59.95 -70.13
C ASP S 25 -57.62 60.80 -69.19
N MET S 26 -57.62 60.52 -67.89
CA MET S 26 -56.87 61.35 -66.96
C MET S 26 -55.37 61.29 -67.25
N ILE S 27 -54.73 62.45 -67.25
CA ILE S 27 -53.30 62.57 -67.42
C ILE S 27 -52.69 63.08 -66.13
N ALA S 28 -51.45 62.66 -65.87
CA ALA S 28 -50.79 62.93 -64.61
C ALA S 28 -50.02 64.24 -64.67
N VAL S 29 -50.18 65.06 -63.63
CA VAL S 29 -49.37 66.27 -63.52
C VAL S 29 -47.90 65.89 -63.41
N ARG S 30 -47.05 66.60 -64.14
CA ARG S 30 -45.64 66.26 -64.19
C ARG S 30 -44.84 66.99 -63.12
N SER S 31 -44.98 68.31 -63.04
CA SER S 31 -44.18 69.14 -62.15
C SER S 31 -45.08 69.75 -61.09
N LEU S 32 -44.61 69.73 -59.84
CA LEU S 32 -45.44 70.25 -58.76
C LEU S 32 -45.30 71.75 -58.56
N VAL S 33 -44.37 72.40 -59.28
CA VAL S 33 -44.33 73.86 -59.23
C VAL S 33 -45.59 74.44 -59.85
N ASP S 34 -46.03 73.88 -60.98
CA ASP S 34 -47.25 74.31 -61.65
C ASP S 34 -48.41 73.36 -61.39
N ALA S 35 -48.34 72.57 -60.32
CA ALA S 35 -49.48 71.75 -59.93
C ALA S 35 -50.66 72.64 -59.54
N ASP S 36 -50.39 73.73 -58.82
CA ASP S 36 -51.45 74.63 -58.41
C ASP S 36 -52.13 75.28 -59.62
N ARG S 37 -51.42 75.37 -60.75
CA ARG S 37 -52.01 75.97 -61.93
C ARG S 37 -52.79 74.96 -62.78
N PHE S 38 -52.86 73.71 -62.37
CA PHE S 38 -53.68 72.70 -63.02
C PHE S 38 -54.99 72.46 -62.27
N ARG S 39 -55.31 73.30 -61.31
CA ARG S 39 -56.55 73.19 -60.55
C ARG S 39 -57.75 73.37 -61.48
N CYS S 40 -58.93 73.07 -60.94
CA CYS S 40 -60.16 73.15 -61.73
C CYS S 40 -60.39 74.59 -62.19
N PHE S 41 -60.97 74.71 -63.39
CA PHE S 41 -61.27 75.93 -64.13
C PHE S 41 -60.04 76.56 -64.76
N HIS S 42 -58.83 76.07 -64.50
CA HIS S 42 -57.64 76.69 -65.08
C HIS S 42 -57.49 76.26 -66.54
N LEU S 43 -57.40 77.23 -67.43
CA LEU S 43 -57.21 76.94 -68.85
C LEU S 43 -55.84 76.33 -69.09
N VAL S 44 -55.78 75.41 -70.05
CA VAL S 44 -54.59 74.66 -70.37
C VAL S 44 -54.41 74.68 -71.88
N GLY S 45 -53.17 74.56 -72.35
CA GLY S 45 -52.91 74.50 -73.77
C GLY S 45 -52.10 73.26 -74.10
N GLU S 46 -52.11 72.94 -75.39
CA GLU S 46 -51.39 71.78 -75.90
C GLU S 46 -50.14 72.22 -76.64
N LYS S 47 -49.20 71.28 -76.78
CA LYS S 47 -47.98 71.53 -77.54
C LYS S 47 -47.52 70.21 -78.15
N ARG S 48 -47.13 70.26 -79.42
CA ARG S 48 -46.75 69.07 -80.17
C ARG S 48 -45.23 68.93 -80.20
N THR S 49 -44.76 67.70 -80.08
CA THR S 49 -43.34 67.39 -80.10
C THR S 49 -43.09 66.20 -81.00
N PHE S 50 -41.82 65.99 -81.36
CA PHE S 50 -41.46 64.83 -82.15
C PHE S 50 -41.73 63.53 -81.40
N PHE S 51 -41.60 63.56 -80.07
CA PHE S 51 -41.97 62.39 -79.27
C PHE S 51 -43.48 62.22 -79.18
N GLY S 52 -44.21 63.33 -79.07
CA GLY S 52 -45.66 63.28 -78.95
C GLY S 52 -46.27 64.64 -78.68
N CYS S 53 -47.23 64.69 -77.75
CA CYS S 53 -47.88 65.93 -77.35
C CYS S 53 -47.92 66.02 -75.84
N ARG S 54 -47.89 67.25 -75.34
CA ARG S 54 -47.92 67.52 -73.90
C ARG S 54 -48.79 68.74 -73.63
N HIS S 55 -49.03 68.99 -72.35
CA HIS S 55 -49.87 70.10 -71.91
C HIS S 55 -49.05 71.10 -71.11
N TYR S 56 -49.46 72.36 -71.19
CA TYR S 56 -48.90 73.43 -70.37
C TYR S 56 -50.06 74.22 -69.76
N THR S 57 -49.76 74.96 -68.71
CA THR S 57 -50.76 75.77 -68.04
C THR S 57 -50.54 77.23 -68.37
N THR S 58 -51.57 77.86 -68.96
CA THR S 58 -51.49 79.30 -69.19
C THR S 58 -51.58 80.09 -67.89
N GLY S 59 -52.13 79.50 -66.84
CA GLY S 59 -52.40 80.21 -65.62
C GLY S 59 -53.70 80.98 -65.62
N LEU S 60 -54.53 80.81 -66.64
CA LEU S 60 -55.81 81.50 -66.76
C LEU S 60 -56.93 80.62 -66.24
N THR S 61 -57.67 81.12 -65.27
CA THR S 61 -58.92 80.48 -64.91
C THR S 61 -60.00 80.86 -65.92
N LEU S 62 -61.14 80.18 -65.84
CA LEU S 62 -62.21 80.46 -66.80
C LEU S 62 -62.77 81.86 -66.63
N MET S 63 -62.77 82.39 -65.40
CA MET S 63 -63.30 83.72 -65.15
C MET S 63 -62.56 84.79 -65.94
N ASP S 64 -61.32 84.52 -66.37
CA ASP S 64 -60.60 85.49 -67.19
C ASP S 64 -61.26 85.68 -68.54
N ILE S 65 -61.73 84.60 -69.15
CA ILE S 65 -62.31 84.65 -70.49
C ILE S 65 -63.81 84.34 -70.46
N LEU S 66 -64.48 84.57 -69.34
CA LEU S 66 -65.92 84.35 -69.23
C LEU S 66 -66.60 85.70 -68.99
N ASP S 67 -67.59 86.03 -69.82
CA ASP S 67 -68.23 87.34 -69.74
C ASP S 67 -68.86 87.57 -68.37
N THR S 68 -69.56 86.56 -67.86
CA THR S 68 -70.23 86.63 -66.56
C THR S 68 -71.18 87.82 -66.47
N LYS S 85 -65.20 65.10 -50.14
CA LYS S 85 -65.71 64.50 -51.37
C LYS S 85 -65.36 63.01 -51.41
N ALA S 86 -64.46 62.64 -52.31
CA ALA S 86 -64.01 61.26 -52.46
C ALA S 86 -62.52 61.20 -52.12
N GLU S 87 -62.17 60.39 -51.13
CA GLU S 87 -60.82 60.36 -50.57
C GLU S 87 -60.25 58.95 -50.73
N PHE S 88 -59.11 58.85 -51.40
CA PHE S 88 -58.47 57.57 -51.70
C PHE S 88 -57.07 57.57 -51.10
N GLN S 89 -56.78 56.56 -50.29
CA GLN S 89 -55.49 56.44 -49.61
C GLN S 89 -54.69 55.34 -50.30
N ILE S 90 -53.73 55.74 -51.12
CA ILE S 90 -52.87 54.79 -51.81
C ILE S 90 -51.60 54.61 -50.99
N LEU S 91 -51.04 53.41 -51.05
CA LEU S 91 -49.80 53.11 -50.34
C LEU S 91 -49.15 51.92 -51.02
N ASP S 92 -47.88 52.06 -51.40
CA ASP S 92 -47.23 50.97 -52.10
C ASP S 92 -45.72 51.07 -51.95
N ASN S 93 -45.06 49.94 -52.21
CA ASN S 93 -43.62 49.84 -52.31
C ASN S 93 -43.29 49.02 -53.54
N VAL S 94 -42.26 49.43 -54.27
CA VAL S 94 -41.88 48.83 -55.53
C VAL S 94 -40.40 48.50 -55.50
N ASP S 95 -40.05 47.29 -55.95
CA ASP S 95 -38.66 46.86 -56.05
C ASP S 95 -38.44 46.26 -57.43
N SER S 96 -37.69 46.96 -58.27
CA SER S 96 -37.45 46.53 -59.64
C SER S 96 -35.95 46.41 -59.88
N THR S 97 -35.57 45.52 -60.80
CA THR S 97 -34.17 45.31 -61.14
C THR S 97 -34.09 44.77 -62.56
N GLY S 98 -33.17 45.32 -63.35
CA GLY S 98 -32.95 44.83 -64.69
C GLY S 98 -31.49 44.78 -65.07
N GLU S 99 -31.04 43.59 -65.49
CA GLU S 99 -29.60 43.41 -65.82
C GLU S 99 -29.48 42.91 -67.26
N LEU S 100 -28.64 43.55 -68.06
CA LEU S 100 -28.43 43.17 -69.44
C LEU S 100 -26.93 43.02 -69.71
N ILE S 101 -26.59 42.14 -70.64
CA ILE S 101 -25.22 41.91 -71.06
C ILE S 101 -25.18 41.84 -72.58
N VAL S 102 -24.20 42.50 -73.19
CA VAL S 102 -24.05 42.53 -74.64
C VAL S 102 -22.59 42.22 -74.98
N ARG S 103 -22.38 41.41 -76.00
CA ARG S 103 -21.04 41.10 -76.49
C ARG S 103 -20.96 41.40 -77.98
N LEU S 104 -19.77 41.82 -78.41
CA LEU S 104 -19.54 42.17 -79.84
C LEU S 104 -18.22 41.56 -80.27
N PRO S 105 -18.07 41.16 -81.56
CA PRO S 105 -16.81 40.60 -82.08
C PRO S 105 -15.65 41.58 -82.06
N LYS S 106 -15.90 42.85 -81.76
CA LYS S 106 -14.87 43.86 -81.65
C LYS S 106 -14.30 43.95 -80.24
N GLU S 107 -14.38 42.85 -79.48
CA GLU S 107 -13.92 42.79 -78.10
C GLU S 107 -14.61 43.84 -77.23
N ILE S 108 -15.92 43.99 -77.41
CA ILE S 108 -16.71 44.93 -76.63
C ILE S 108 -17.76 44.16 -75.83
N THR S 109 -17.52 44.00 -74.53
CA THR S 109 -18.43 43.29 -73.64
C THR S 109 -18.97 44.27 -72.61
N ILE S 110 -20.24 44.63 -72.74
CA ILE S 110 -20.87 45.59 -71.84
C ILE S 110 -21.86 44.84 -70.96
N SER S 111 -22.11 45.39 -69.78
CA SER S 111 -23.08 44.82 -68.85
C SER S 111 -23.60 45.91 -67.95
N GLY S 112 -24.92 46.03 -67.85
CA GLY S 112 -25.53 47.06 -67.05
C GLY S 112 -26.70 46.60 -66.21
N SER S 113 -26.74 47.04 -64.95
CA SER S 113 -27.82 46.72 -64.02
C SER S 113 -28.45 48.02 -63.55
N PHE S 114 -29.78 48.03 -63.49
CA PHE S 114 -30.54 49.22 -63.11
C PHE S 114 -31.62 48.77 -62.13
N GLN S 115 -31.53 49.22 -60.89
CA GLN S 115 -32.46 48.80 -59.85
C GLN S 115 -33.10 50.02 -59.20
N GLY S 116 -34.30 49.80 -58.67
CA GLY S 116 -35.06 50.86 -58.04
C GLY S 116 -35.91 50.37 -56.89
N PHE S 117 -36.00 51.18 -55.84
CA PHE S 117 -36.78 50.88 -54.65
C PHE S 117 -37.58 52.12 -54.29
N HIS S 118 -38.89 52.04 -54.42
CA HIS S 118 -39.78 53.18 -54.22
C HIS S 118 -40.71 52.89 -53.05
N HIS S 119 -40.99 53.91 -52.24
CA HIS S 119 -41.97 53.78 -51.17
C HIS S 119 -42.81 55.05 -51.13
N GLN S 120 -44.13 54.89 -51.28
CA GLN S 120 -45.04 56.02 -51.30
C GLN S 120 -46.27 55.70 -50.46
N LYS S 121 -46.76 56.72 -49.75
CA LYS S 121 -48.03 56.66 -49.05
C LYS S 121 -48.67 58.03 -49.18
N ILE S 122 -49.84 58.08 -49.81
CA ILE S 122 -50.47 59.35 -50.15
C ILE S 122 -51.97 59.22 -49.95
N LYS S 123 -52.61 60.35 -49.66
CA LYS S 123 -54.06 60.41 -49.45
C LYS S 123 -54.59 61.53 -50.33
N ILE S 124 -55.22 61.16 -51.44
CA ILE S 124 -55.70 62.12 -52.41
C ILE S 124 -57.20 62.28 -52.26
N SER S 125 -57.72 63.36 -52.83
CA SER S 125 -59.15 63.62 -52.87
C SER S 125 -59.51 64.10 -54.27
N GLU S 126 -60.76 63.89 -54.64
CA GLU S 126 -61.24 64.22 -55.98
C GLU S 126 -62.14 65.44 -55.96
N ASN S 127 -61.95 66.32 -56.93
CA ASN S 127 -62.87 67.42 -57.16
C ASN S 127 -63.16 67.50 -58.64
N ARG S 128 -64.34 68.03 -58.97
CA ARG S 128 -64.75 68.07 -60.36
C ARG S 128 -65.86 69.09 -60.52
N ILE S 129 -65.89 69.72 -61.69
CA ILE S 129 -66.94 70.69 -62.01
C ILE S 129 -68.18 69.93 -62.44
N SER S 130 -69.32 70.29 -61.83
CA SER S 130 -70.56 69.57 -62.10
C SER S 130 -70.99 69.76 -63.55
N GLN S 131 -71.61 68.72 -64.11
CA GLN S 131 -72.10 68.77 -65.47
C GLN S 131 -73.16 69.85 -65.66
N GLN S 132 -73.78 70.31 -64.58
CA GLN S 132 -74.66 71.46 -64.69
C GLN S 132 -73.90 72.69 -65.16
N TYR S 133 -72.70 72.90 -64.63
CA TYR S 133 -71.89 74.05 -65.06
C TYR S 133 -71.53 73.92 -66.53
N LEU S 134 -71.01 72.76 -66.94
CA LEU S 134 -70.69 72.55 -68.35
C LEU S 134 -71.92 72.72 -69.23
N ALA S 135 -73.10 72.40 -68.71
CA ALA S 135 -74.33 72.71 -69.43
C ALA S 135 -74.53 74.21 -69.56
N THR S 136 -74.21 74.97 -68.50
CA THR S 136 -74.34 76.42 -68.56
C THR S 136 -73.24 77.07 -69.38
N LEU S 137 -72.03 76.54 -69.36
CA LEU S 137 -70.90 77.13 -70.06
C LEU S 137 -70.86 76.69 -71.52
N GLU S 138 -71.95 76.84 -72.25
CA GLU S 138 -72.03 76.44 -73.65
C GLU S 138 -72.13 77.67 -74.54
N ASN S 139 -71.18 77.80 -75.47
CA ASN S 139 -71.16 78.87 -76.46
C ASN S 139 -71.31 80.24 -75.79
N ARG S 140 -70.57 80.43 -74.71
CA ARG S 140 -70.58 81.71 -74.00
C ARG S 140 -69.76 82.74 -74.74
N LYS S 141 -70.14 84.01 -74.59
CA LYS S 141 -69.30 85.10 -75.04
C LYS S 141 -68.18 85.34 -74.04
N LEU S 142 -67.00 85.65 -74.54
CA LEU S 142 -65.85 85.89 -73.69
C LEU S 142 -65.94 87.30 -73.11
N LYS S 143 -64.88 87.73 -72.43
CA LYS S 143 -64.79 89.10 -71.95
C LYS S 143 -64.23 89.99 -73.05
N ARG S 144 -64.79 91.19 -73.16
CA ARG S 144 -64.25 92.17 -74.10
C ARG S 144 -62.84 92.59 -73.75
N GLU S 145 -62.43 92.39 -72.49
CA GLU S 145 -61.07 92.69 -72.04
C GLU S 145 -60.16 91.51 -72.38
N LEU S 146 -59.90 91.36 -73.67
CA LEU S 146 -59.00 90.30 -74.16
C LEU S 146 -57.62 90.48 -73.58
N PRO S 147 -57.17 89.60 -72.68
CA PRO S 147 -55.81 89.72 -72.16
C PRO S 147 -54.80 89.31 -73.21
N PHE S 148 -53.66 90.01 -73.23
CA PHE S 148 -52.58 89.61 -74.12
C PHE S 148 -52.09 88.21 -73.80
N SER S 149 -52.30 87.74 -72.56
CA SER S 149 -51.98 86.37 -72.22
C SER S 149 -52.74 85.40 -73.10
N PHE S 150 -54.02 85.66 -73.34
CA PHE S 150 -54.83 84.83 -74.22
C PHE S 150 -54.84 85.33 -75.65
N ARG S 151 -54.88 86.65 -75.85
CA ARG S 151 -54.98 87.20 -77.20
C ARG S 151 -53.84 86.75 -78.09
N SER S 152 -52.66 86.52 -77.50
CA SER S 152 -51.48 86.13 -78.26
C SER S 152 -51.30 84.63 -78.36
N ILE S 153 -52.26 83.83 -77.86
CA ILE S 153 -52.14 82.39 -77.94
C ILE S 153 -52.14 81.96 -79.40
N ASN S 154 -51.18 81.13 -79.77
CA ASN S 154 -51.06 80.67 -81.14
C ASN S 154 -52.26 79.78 -81.49
N THR S 155 -52.97 80.15 -82.55
CA THR S 155 -54.17 79.42 -82.94
C THR S 155 -53.85 78.04 -83.52
N ARG S 156 -52.60 77.77 -83.87
CA ARG S 156 -52.24 76.44 -84.36
C ARG S 156 -52.46 75.37 -83.30
N GLU S 157 -52.10 75.66 -82.05
CA GLU S 157 -52.31 74.72 -80.96
C GLU S 157 -53.75 74.85 -80.43
N ASN S 158 -54.08 73.95 -79.50
CA ASN S 158 -55.43 73.82 -79.00
C ASN S 158 -55.58 74.56 -77.67
N LEU S 159 -56.76 74.44 -77.06
CA LEU S 159 -57.03 75.07 -75.77
C LEU S 159 -58.10 74.25 -75.07
N TYR S 160 -57.89 74.00 -73.77
CA TYR S 160 -58.73 73.11 -72.99
C TYR S 160 -59.05 73.73 -71.65
N LEU S 161 -60.10 73.21 -71.01
CA LEU S 161 -60.47 73.59 -69.67
C LEU S 161 -60.32 72.38 -68.77
N VAL S 162 -59.67 72.57 -67.62
CA VAL S 162 -59.49 71.48 -66.67
C VAL S 162 -60.80 71.20 -65.95
N THR S 163 -61.24 69.94 -66.00
CA THR S 163 -62.55 69.54 -65.53
C THR S 163 -62.50 68.86 -64.17
N GLU S 164 -61.69 67.82 -64.02
CA GLU S 164 -61.60 67.07 -62.77
C GLU S 164 -60.14 66.98 -62.34
N THR S 165 -59.93 66.97 -61.02
CA THR S 165 -58.59 66.99 -60.45
C THR S 165 -58.51 66.10 -59.22
N LEU S 166 -57.42 65.35 -59.13
CA LEU S 166 -57.06 64.62 -57.93
C LEU S 166 -55.95 65.39 -57.22
N GLU S 167 -56.23 65.83 -55.99
CA GLU S 167 -55.32 66.70 -55.26
C GLU S 167 -55.10 66.13 -53.86
N THR S 168 -53.86 66.20 -53.39
CA THR S 168 -53.58 65.71 -52.05
C THR S 168 -54.27 66.59 -51.01
N VAL S 169 -54.43 66.04 -49.80
CA VAL S 169 -55.05 66.77 -48.71
C VAL S 169 -54.19 66.70 -47.47
N LYS S 170 -52.99 66.13 -47.60
CA LYS S 170 -52.12 65.94 -46.45
C LYS S 170 -50.67 66.12 -46.89
N GLU S 171 -49.84 66.56 -45.95
CA GLU S 171 -48.42 66.75 -46.24
C GLU S 171 -47.75 65.39 -46.40
N GLU S 172 -47.25 65.11 -47.59
CA GLU S 172 -46.72 63.79 -47.91
C GLU S 172 -45.20 63.81 -47.95
N THR S 173 -44.61 62.62 -47.85
CA THR S 173 -43.17 62.44 -47.83
C THR S 173 -42.86 61.16 -48.58
N LEU S 174 -42.45 61.30 -49.83
CA LEU S 174 -42.24 60.16 -50.71
C LEU S 174 -40.76 59.83 -50.82
N LYS S 175 -40.44 58.54 -50.97
CA LYS S 175 -39.04 58.12 -50.99
C LYS S 175 -38.75 57.25 -52.20
N SER S 176 -37.56 57.41 -52.75
CA SER S 176 -37.08 56.59 -53.86
C SER S 176 -35.61 56.27 -53.64
N ASP S 177 -35.14 55.28 -54.38
CA ASP S 177 -33.73 54.90 -54.31
C ASP S 177 -33.35 54.20 -55.61
N ARG S 178 -32.45 54.80 -56.38
CA ARG S 178 -32.06 54.29 -57.68
C ARG S 178 -30.61 53.81 -57.63
N GLN S 179 -30.29 52.83 -58.48
CA GLN S 179 -28.93 52.34 -58.60
C GLN S 179 -28.67 51.99 -60.06
N TYR S 180 -27.63 52.59 -60.63
CA TYR S 180 -27.20 52.33 -62.00
C TYR S 180 -25.77 51.86 -61.96
N LYS S 181 -25.55 50.56 -62.21
CA LYS S 181 -24.21 49.98 -62.19
C LYS S 181 -23.95 49.39 -63.57
N PHE S 182 -23.26 50.12 -64.44
CA PHE S 182 -23.02 49.61 -65.79
C PHE S 182 -21.59 49.87 -66.22
N TRP S 183 -21.01 48.87 -66.88
CA TRP S 183 -19.64 48.95 -67.37
C TRP S 183 -19.55 48.33 -68.76
N SER S 184 -18.38 48.46 -69.36
CA SER S 184 -18.16 48.00 -70.73
C SER S 184 -16.66 47.87 -70.94
N GLN S 185 -16.22 46.67 -71.34
CA GLN S 185 -14.84 46.44 -71.71
C GLN S 185 -14.69 46.57 -73.23
N ILE S 186 -13.66 47.28 -73.65
CA ILE S 186 -13.36 47.47 -75.06
C ILE S 186 -12.08 46.70 -75.39
N SER S 187 -11.74 46.67 -76.68
CA SER S 187 -10.54 45.96 -77.11
C SER S 187 -9.29 46.53 -76.44
N GLN S 188 -9.29 47.83 -76.14
CA GLN S 188 -8.14 48.48 -75.51
C GLN S 188 -8.32 48.55 -73.99
N GLY S 189 -9.40 49.16 -73.53
CA GLY S 189 -9.59 49.40 -72.12
C GLY S 189 -11.03 49.13 -71.68
N HIS S 190 -11.37 49.69 -70.52
CA HIS S 190 -12.67 49.47 -69.89
C HIS S 190 -13.30 50.83 -69.55
N LEU S 191 -14.54 50.79 -69.09
CA LEU S 191 -15.22 51.99 -68.62
C LEU S 191 -16.41 51.57 -67.77
N SER S 192 -16.44 52.01 -66.52
CA SER S 192 -17.49 51.61 -65.58
C SER S 192 -18.08 52.83 -64.91
N TYR S 193 -19.32 52.69 -64.44
CA TYR S 193 -20.00 53.75 -63.71
C TYR S 193 -21.00 53.14 -62.73
N LYS S 194 -20.88 53.51 -61.46
CA LYS S 194 -21.76 53.02 -60.40
C LYS S 194 -22.36 54.22 -59.68
N HIS S 195 -23.69 54.31 -59.70
CA HIS S 195 -24.42 55.39 -59.04
C HIS S 195 -25.44 54.77 -58.10
N LYS S 196 -25.49 55.29 -56.87
CA LYS S 196 -26.49 54.89 -55.89
C LYS S 196 -27.04 56.14 -55.24
N GLY S 197 -28.33 56.39 -55.44
CA GLY S 197 -28.92 57.60 -54.91
C GLY S 197 -30.24 57.39 -54.21
N GLN S 198 -30.31 57.79 -52.94
CA GLN S 198 -31.55 57.77 -52.17
C GLN S 198 -32.11 59.18 -52.16
N ARG S 199 -33.40 59.31 -52.48
CA ARG S 199 -34.04 60.61 -52.64
C ARG S 199 -35.34 60.62 -51.83
N GLU S 200 -35.71 61.80 -51.35
CA GLU S 200 -36.90 61.94 -50.53
C GLU S 200 -37.44 63.34 -50.70
N VAL S 201 -38.76 63.46 -50.88
CA VAL S 201 -39.37 64.75 -51.15
C VAL S 201 -40.60 64.91 -50.27
N THR S 202 -40.96 66.17 -50.01
CA THR S 202 -42.12 66.51 -49.20
C THR S 202 -43.07 67.37 -50.01
N ILE S 203 -44.36 67.20 -49.77
CA ILE S 203 -45.41 67.82 -50.58
C ILE S 203 -46.46 68.45 -49.68
N PRO S 204 -46.84 69.70 -49.93
CA PRO S 204 -47.92 70.32 -49.17
C PRO S 204 -49.28 69.84 -49.65
N PRO S 205 -50.36 70.17 -48.95
CA PRO S 205 -51.69 69.76 -49.40
C PRO S 205 -52.10 70.47 -50.67
N ASN S 206 -53.19 69.98 -51.27
CA ASN S 206 -53.87 70.58 -52.41
C ASN S 206 -53.04 70.58 -53.69
N ARG S 207 -52.02 69.74 -53.77
CA ARG S 207 -51.23 69.63 -54.99
C ARG S 207 -51.93 68.70 -55.98
N VAL S 208 -52.32 69.25 -57.13
CA VAL S 208 -53.08 68.48 -58.12
C VAL S 208 -52.18 67.38 -58.69
N LEU S 209 -52.61 66.13 -58.52
CA LEU S 209 -51.84 65.00 -59.00
C LEU S 209 -52.24 64.55 -60.41
N SER S 210 -53.47 64.83 -60.83
CA SER S 210 -53.90 64.45 -62.17
C SER S 210 -55.10 65.29 -62.57
N TYR S 211 -55.35 65.33 -63.87
CA TYR S 211 -56.44 66.15 -64.38
C TYR S 211 -56.91 65.59 -65.72
N ARG S 212 -58.12 66.01 -66.11
CA ARG S 212 -58.68 65.71 -67.41
C ARG S 212 -59.28 67.00 -67.97
N VAL S 213 -59.41 67.05 -69.29
CA VAL S 213 -59.69 68.31 -69.98
C VAL S 213 -60.87 68.17 -70.92
N LYS S 214 -61.56 69.30 -71.16
CA LYS S 214 -62.59 69.41 -72.18
C LYS S 214 -62.22 70.56 -73.11
N GLN S 215 -62.27 70.33 -74.41
CA GLN S 215 -61.70 71.30 -75.34
C GLN S 215 -62.58 72.55 -75.40
N LEU S 216 -61.99 73.65 -75.86
CA LEU S 216 -62.72 74.89 -76.12
C LEU S 216 -62.36 75.37 -77.51
N VAL S 217 -63.27 75.22 -78.47
CA VAL S 217 -63.09 75.70 -79.82
C VAL S 217 -63.73 77.07 -79.94
N PHE S 218 -63.09 77.95 -80.71
CA PHE S 218 -63.47 79.35 -80.86
C PHE S 218 -63.62 79.69 -82.34
N PRO S 219 -64.79 79.51 -82.93
CA PRO S 219 -65.01 79.99 -84.30
C PRO S 219 -64.84 81.49 -84.45
N ASN S 220 -65.07 82.26 -83.38
CA ASN S 220 -64.81 83.69 -83.39
C ASN S 220 -64.41 84.11 -81.98
N LYS S 221 -64.44 85.41 -81.71
CA LYS S 221 -63.98 85.96 -80.44
C LYS S 221 -65.07 86.02 -79.38
N GLU S 222 -66.28 85.54 -79.68
CA GLU S 222 -67.38 85.54 -78.72
C GLU S 222 -67.99 84.15 -78.56
N THR S 223 -67.28 83.11 -79.00
CA THR S 223 -67.80 81.75 -79.02
C THR S 223 -66.89 80.87 -78.18
N MET S 224 -67.26 80.66 -76.92
CA MET S 224 -66.58 79.70 -76.06
C MET S 224 -67.18 78.32 -76.24
N ASN S 225 -67.02 77.78 -77.44
CA ASN S 225 -67.72 76.54 -77.80
C ASN S 225 -67.06 75.37 -77.10
N ILE S 226 -67.72 74.82 -76.09
CA ILE S 226 -67.13 73.77 -75.27
C ILE S 226 -67.31 72.43 -75.97
N HIS S 227 -66.20 71.79 -76.32
CA HIS S 227 -66.18 70.55 -77.09
C HIS S 227 -65.92 69.40 -76.13
N PHE S 228 -66.84 68.43 -76.10
CA PHE S 228 -66.73 67.27 -75.22
C PHE S 228 -66.01 66.12 -75.89
N ARG S 229 -66.54 65.64 -77.01
CA ARG S 229 -66.01 64.48 -77.71
C ARG S 229 -65.59 64.89 -79.12
N GLY S 230 -64.46 64.36 -79.57
CA GLY S 230 -64.03 64.59 -80.93
C GLY S 230 -62.70 65.30 -81.05
N LYS S 231 -61.75 64.68 -81.76
CA LYS S 231 -60.47 65.30 -82.05
C LYS S 231 -60.67 66.32 -83.16
N THR S 232 -60.49 67.60 -82.85
CA THR S 232 -60.75 68.67 -83.80
C THR S 232 -59.76 69.80 -83.55
N LYS S 233 -60.00 70.93 -84.20
CA LYS S 233 -59.17 72.12 -84.05
C LYS S 233 -59.86 73.10 -83.11
N SER S 234 -59.13 73.59 -82.12
CA SER S 234 -59.69 74.46 -81.10
C SER S 234 -59.71 75.93 -81.52
N PHE S 235 -59.21 76.24 -82.71
CA PHE S 235 -59.23 77.61 -83.22
C PHE S 235 -59.50 77.58 -84.72
N PRO S 236 -60.77 77.44 -85.12
CA PRO S 236 -61.10 77.45 -86.55
C PRO S 236 -61.22 78.84 -87.15
N GLU S 237 -61.12 79.89 -86.34
CA GLU S 237 -61.26 81.25 -86.80
C GLU S 237 -60.13 81.64 -87.75
CA MET T 5 -16.70 70.13 -60.46
C MET T 5 -17.60 71.36 -60.46
N PHE T 6 -18.55 71.40 -59.53
CA PHE T 6 -19.51 72.48 -59.45
C PHE T 6 -19.63 72.93 -58.00
N SER T 7 -20.12 74.15 -57.82
CA SER T 7 -20.37 74.68 -56.48
C SER T 7 -21.43 73.84 -55.78
N VAL T 8 -21.40 73.83 -54.45
CA VAL T 8 -22.42 73.11 -53.69
C VAL T 8 -23.79 73.69 -53.96
N PHE T 9 -23.88 75.02 -53.98
CA PHE T 9 -25.13 75.68 -54.33
C PHE T 9 -25.57 75.33 -55.74
N GLU T 10 -24.61 75.18 -56.66
CA GLU T 10 -24.96 74.75 -58.01
C GLU T 10 -25.60 73.37 -57.98
N GLU T 11 -25.05 72.44 -57.20
CA GLU T 11 -25.61 71.11 -57.13
C GLU T 11 -27.00 71.11 -56.51
N ILE T 12 -27.20 71.87 -55.43
CA ILE T 12 -28.51 71.87 -54.80
C ILE T 12 -29.55 72.51 -55.71
N THR T 13 -29.16 73.55 -56.47
CA THR T 13 -30.10 74.15 -57.40
C THR T 13 -30.43 73.21 -58.55
N ARG T 14 -29.44 72.46 -59.03
CA ARG T 14 -29.72 71.48 -60.08
C ARG T 14 -30.69 70.42 -59.58
N ILE T 15 -30.50 69.94 -58.34
CA ILE T 15 -31.42 68.97 -57.78
C ILE T 15 -32.82 69.56 -57.65
N VAL T 16 -32.92 70.80 -57.15
CA VAL T 16 -34.23 71.40 -56.95
C VAL T 16 -34.94 71.60 -58.28
N VAL T 17 -34.20 71.97 -59.32
CA VAL T 17 -34.84 72.15 -60.62
C VAL T 17 -35.27 70.81 -61.20
N LYS T 18 -34.42 69.78 -61.08
CA LYS T 18 -34.79 68.47 -61.60
C LYS T 18 -36.00 67.90 -60.88
N GLU T 19 -36.21 68.28 -59.62
CA GLU T 19 -37.34 67.71 -58.88
C GLU T 19 -38.59 68.57 -58.96
N MET T 20 -38.51 69.81 -58.49
CA MET T 20 -39.70 70.66 -58.40
C MET T 20 -40.27 71.03 -59.76
N ASP T 21 -39.51 70.87 -60.85
CA ASP T 21 -40.08 71.18 -62.16
C ASP T 21 -39.52 70.15 -63.15
N ALA T 22 -40.26 69.05 -63.32
CA ALA T 22 -39.93 68.09 -64.35
C ALA T 22 -40.18 68.71 -65.72
N GLY T 23 -39.16 68.69 -66.57
CA GLY T 23 -39.28 69.37 -67.84
C GLY T 23 -39.49 70.86 -67.61
N GLY T 24 -40.58 71.38 -68.17
CA GLY T 24 -40.94 72.77 -67.93
C GLY T 24 -39.90 73.73 -68.48
N ASP T 25 -39.76 74.87 -67.81
CA ASP T 25 -38.85 75.92 -68.27
C ASP T 25 -37.98 76.50 -67.17
N MET T 26 -38.16 76.11 -65.91
CA MET T 26 -37.39 76.70 -64.82
C MET T 26 -35.91 76.38 -64.98
N ILE T 27 -35.08 77.41 -64.79
CA ILE T 27 -33.64 77.29 -64.81
C ILE T 27 -33.10 77.54 -63.41
N ALA T 28 -31.99 76.88 -63.09
CA ALA T 28 -31.44 76.90 -61.74
C ALA T 28 -30.45 78.05 -61.59
N VAL T 29 -30.58 78.79 -60.48
CA VAL T 29 -29.60 79.81 -60.16
C VAL T 29 -28.24 79.16 -59.96
N ARG T 30 -27.20 79.77 -60.52
CA ARG T 30 -25.88 79.18 -60.47
C ARG T 30 -25.08 79.65 -59.26
N SER T 31 -25.00 80.96 -59.05
CA SER T 31 -24.18 81.54 -58.01
C SER T 31 -25.07 82.20 -56.96
N LEU T 32 -24.76 81.98 -55.69
CA LEU T 32 -25.60 82.55 -54.64
C LEU T 32 -25.22 83.97 -54.26
N VAL T 33 -24.13 84.50 -54.81
CA VAL T 33 -23.84 85.91 -54.59
C VAL T 33 -24.89 86.78 -55.26
N ASP T 34 -25.31 86.42 -56.49
CA ASP T 34 -26.34 87.12 -57.21
C ASP T 34 -27.67 86.38 -57.18
N ALA T 35 -27.86 85.49 -56.20
CA ALA T 35 -29.17 84.87 -56.02
C ALA T 35 -30.20 85.92 -55.64
N ASP T 36 -29.83 86.86 -54.78
CA ASP T 36 -30.76 87.91 -54.37
C ASP T 36 -31.17 88.78 -55.56
N ARG T 37 -30.34 88.84 -56.60
CA ARG T 37 -30.68 89.64 -57.76
C ARG T 37 -31.51 88.89 -58.79
N PHE T 38 -31.85 87.62 -58.53
CA PHE T 38 -32.77 86.86 -59.37
C PHE T 38 -34.16 86.80 -58.77
N ARG T 39 -34.44 87.59 -57.75
CA ARG T 39 -35.76 87.63 -57.14
C ARG T 39 -36.79 88.12 -58.15
N CYS T 40 -38.07 87.98 -57.77
CA CYS T 40 -39.16 88.37 -58.65
C CYS T 40 -39.10 89.86 -58.97
N PHE T 41 -39.49 90.20 -60.19
CA PHE T 41 -39.49 91.51 -60.82
C PHE T 41 -38.10 91.97 -61.26
N HIS T 42 -37.04 91.24 -60.94
CA HIS T 42 -35.70 91.67 -61.33
C HIS T 42 -35.47 91.36 -62.81
N LEU T 43 -35.11 92.39 -63.58
CA LEU T 43 -34.82 92.18 -64.99
C LEU T 43 -33.55 91.36 -65.17
N VAL T 44 -33.55 90.55 -66.21
CA VAL T 44 -32.46 89.62 -66.50
C VAL T 44 -32.12 89.75 -67.98
N GLY T 45 -30.88 89.44 -68.33
CA GLY T 45 -30.47 89.47 -69.72
C GLY T 45 -29.86 88.14 -70.11
N GLU T 46 -29.78 87.94 -71.42
CA GLU T 46 -29.21 86.72 -71.99
C GLU T 46 -27.82 86.99 -72.55
N LYS T 47 -27.05 85.91 -72.70
CA LYS T 47 -25.74 86.00 -73.32
C LYS T 47 -25.44 84.68 -74.02
N ARG T 48 -24.91 84.78 -75.24
CA ARG T 48 -24.66 83.61 -76.07
C ARG T 48 -23.20 83.20 -75.98
N THR T 49 -22.96 81.89 -75.94
CA THR T 49 -21.62 81.34 -75.86
C THR T 49 -21.48 80.20 -76.86
N PHE T 50 -20.23 79.81 -77.12
CA PHE T 50 -19.99 78.67 -78.00
C PHE T 50 -20.56 77.38 -77.43
N PHE T 51 -20.59 77.25 -76.10
CA PHE T 51 -21.24 76.11 -75.47
C PHE T 51 -22.76 76.22 -75.55
N GLY T 52 -23.30 77.43 -75.39
CA GLY T 52 -24.73 77.64 -75.41
C GLY T 52 -25.13 79.04 -75.04
N CYS T 53 -26.16 79.18 -74.21
CA CYS T 53 -26.63 80.48 -73.74
C CYS T 53 -26.83 80.44 -72.24
N ARG T 54 -26.63 81.59 -71.60
CA ARG T 54 -26.78 81.73 -70.15
C ARG T 54 -27.44 83.06 -69.83
N HIS T 55 -27.78 83.23 -68.56
CA HIS T 55 -28.47 84.43 -68.08
C HIS T 55 -27.58 85.18 -67.10
N TYR T 56 -27.76 86.50 -67.08
CA TYR T 56 -27.13 87.36 -66.10
C TYR T 56 -28.19 88.29 -65.52
N THR T 57 -27.89 88.87 -64.37
CA THR T 57 -28.80 89.78 -63.71
C THR T 57 -28.30 91.21 -63.85
N THR T 58 -29.11 92.07 -64.46
CA THR T 58 -28.77 93.48 -64.52
C THR T 58 -28.87 94.16 -63.16
N GLY T 59 -29.62 93.57 -62.23
CA GLY T 59 -29.91 94.21 -60.98
C GLY T 59 -31.05 95.20 -61.02
N LEU T 60 -31.77 95.27 -62.12
CA LEU T 60 -32.88 96.21 -62.29
C LEU T 60 -34.19 95.50 -61.98
N THR T 61 -34.94 96.04 -61.03
CA THR T 61 -36.32 95.60 -60.86
C THR T 61 -37.19 96.28 -61.92
N LEU T 62 -38.44 95.81 -62.03
CA LEU T 62 -39.33 96.36 -63.05
C LEU T 62 -39.65 97.83 -62.78
N MET T 63 -39.70 98.22 -61.50
CA MET T 63 -40.01 99.60 -61.16
C MET T 63 -39.01 100.59 -61.75
N ASP T 64 -37.81 100.14 -62.09
CA ASP T 64 -36.83 101.03 -62.72
C ASP T 64 -37.29 101.46 -64.10
N ILE T 65 -37.88 100.54 -64.87
CA ILE T 65 -38.28 100.82 -66.24
C ILE T 65 -39.80 100.80 -66.39
N LEU T 66 -40.55 101.04 -65.32
CA LEU T 66 -42.01 101.08 -65.38
C LEU T 66 -42.46 102.50 -65.04
N ASP T 67 -43.28 103.09 -65.93
CA ASP T 67 -43.68 104.48 -65.76
C ASP T 67 -44.42 104.69 -64.45
N THR T 68 -45.34 103.78 -64.12
CA THR T 68 -46.12 103.86 -62.88
C THR T 68 -46.85 105.19 -62.76
N LYS T 85 -46.80 80.36 -48.56
CA LYS T 85 -47.26 79.97 -49.89
C LYS T 85 -47.18 78.46 -50.07
N ALA T 86 -46.27 78.01 -50.91
CA ALA T 86 -46.04 76.58 -51.16
C ALA T 86 -44.64 76.23 -50.70
N GLU T 87 -44.54 75.27 -49.78
CA GLU T 87 -43.29 74.94 -49.10
C GLU T 87 -42.96 73.48 -49.36
N PHE T 88 -41.79 73.24 -49.93
CA PHE T 88 -41.35 71.89 -50.31
C PHE T 88 -40.05 71.57 -49.57
N GLN T 89 -40.03 70.46 -48.86
CA GLN T 89 -38.87 70.03 -48.08
C GLN T 89 -38.19 68.88 -48.80
N ILE T 90 -37.10 69.17 -49.48
CA ILE T 90 -36.34 68.15 -50.20
C ILE T 90 -35.23 67.66 -49.28
N LEU T 91 -34.87 66.38 -49.41
CA LEU T 91 -33.80 65.80 -48.63
C LEU T 91 -33.29 64.58 -49.38
N ASP T 92 -31.98 64.52 -49.62
CA ASP T 92 -31.45 63.39 -50.36
C ASP T 92 -29.97 63.20 -50.07
N ASN T 93 -29.50 62.00 -50.39
CA ASN T 93 -28.09 61.64 -50.35
C ASN T 93 -27.77 60.88 -51.63
N VAL T 94 -26.60 61.18 -52.21
CA VAL T 94 -26.19 60.63 -53.48
C VAL T 94 -24.80 60.02 -53.35
N ASP T 95 -24.63 58.84 -53.90
CA ASP T 95 -23.33 58.16 -53.91
C ASP T 95 -23.06 57.66 -55.32
N SER T 96 -22.11 58.29 -56.01
CA SER T 96 -21.79 57.94 -57.38
C SER T 96 -20.32 57.58 -57.49
N THR T 97 -20.01 56.72 -58.46
CA THR T 97 -18.63 56.29 -58.70
C THR T 97 -18.48 55.87 -60.15
N GLY T 98 -17.40 56.31 -60.78
CA GLY T 98 -17.12 55.92 -62.15
C GLY T 98 -15.65 55.64 -62.39
N GLU T 99 -15.36 54.43 -62.89
CA GLU T 99 -13.96 54.02 -63.10
C GLU T 99 -13.76 53.64 -64.57
N LEU T 100 -12.75 54.18 -65.21
CA LEU T 100 -12.44 53.91 -66.60
C LEU T 100 -10.97 53.51 -66.74
N ILE T 101 -10.69 52.68 -67.73
CA ILE T 101 -9.33 52.23 -68.04
C ILE T 101 -9.14 52.29 -69.55
N VAL T 102 -8.00 52.81 -69.98
CA VAL T 102 -7.68 52.95 -71.40
C VAL T 102 -6.27 52.41 -71.62
N ARG T 103 -6.08 51.68 -72.71
CA ARG T 103 -4.77 51.17 -73.11
C ARG T 103 -4.48 51.58 -74.53
N LEU T 104 -3.18 51.82 -74.80
CA LEU T 104 -2.74 52.24 -76.15
C LEU T 104 -1.51 51.44 -76.53
N PRO T 105 -1.28 51.14 -77.82
CA PRO T 105 -0.08 50.41 -78.27
C PRO T 105 1.21 51.16 -78.04
N LYS T 106 1.15 52.43 -77.64
CA LYS T 106 2.33 53.22 -77.31
C LYS T 106 2.74 53.06 -75.85
N GLU T 107 2.39 51.93 -75.23
CA GLU T 107 2.67 51.66 -73.82
C GLU T 107 2.08 52.73 -72.92
N ILE T 108 0.83 53.13 -73.20
CA ILE T 108 0.13 54.13 -72.40
C ILE T 108 -1.10 53.50 -71.79
N THR T 109 -1.05 53.19 -70.51
CA THR T 109 -2.16 52.57 -69.79
C THR T 109 -2.64 53.53 -68.71
N ILE T 110 -3.80 54.14 -68.93
CA ILE T 110 -4.36 55.10 -67.98
C ILE T 110 -5.55 54.47 -67.30
N SER T 111 -5.84 54.94 -66.08
CA SER T 111 -6.99 54.47 -65.32
C SER T 111 -7.41 55.56 -64.35
N GLY T 112 -8.70 55.90 -64.37
CA GLY T 112 -9.20 56.96 -63.52
C GLY T 112 -10.53 56.64 -62.85
N SER T 113 -10.63 56.96 -61.56
CA SER T 113 -11.84 56.76 -60.78
C SER T 113 -12.29 58.11 -60.24
N PHE T 114 -13.59 58.36 -60.30
CA PHE T 114 -14.18 59.62 -59.86
C PHE T 114 -15.42 59.29 -59.05
N GLN T 115 -15.40 59.60 -57.75
CA GLN T 115 -16.49 59.26 -56.86
C GLN T 115 -16.99 60.52 -56.15
N GLY T 116 -18.26 60.47 -55.76
CA GLY T 116 -18.90 61.60 -55.09
C GLY T 116 -19.94 61.16 -54.09
N PHE T 117 -20.01 61.88 -52.98
CA PHE T 117 -20.95 61.62 -51.90
C PHE T 117 -21.55 62.95 -51.49
N HIS T 118 -22.84 63.12 -51.75
CA HIS T 118 -23.54 64.38 -51.50
C HIS T 118 -24.64 64.15 -50.47
N HIS T 119 -24.83 65.13 -49.58
CA HIS T 119 -25.92 65.10 -48.63
C HIS T 119 -26.53 66.48 -48.53
N GLN T 120 -27.83 66.58 -48.82
CA GLN T 120 -28.52 67.85 -48.80
C GLN T 120 -29.87 67.70 -48.13
N LYS T 121 -30.26 68.72 -47.36
CA LYS T 121 -31.59 68.83 -46.79
C LYS T 121 -31.96 70.30 -46.83
N ILE T 122 -33.03 70.62 -47.56
CA ILE T 122 -33.39 72.01 -47.81
C ILE T 122 -34.90 72.15 -47.77
N LYS T 123 -35.37 73.34 -47.42
CA LYS T 123 -36.80 73.65 -47.34
C LYS T 123 -37.03 74.92 -48.14
N ILE T 124 -37.58 74.78 -49.34
CA ILE T 124 -37.77 75.89 -50.24
C ILE T 124 -39.23 76.32 -50.22
N SER T 125 -39.49 77.52 -50.71
CA SER T 125 -40.84 78.05 -50.86
C SER T 125 -40.95 78.71 -52.22
N GLU T 126 -42.17 78.77 -52.73
CA GLU T 126 -42.42 79.29 -54.06
C GLU T 126 -43.09 80.65 -53.98
N ASN T 127 -42.64 81.57 -54.84
CA ASN T 127 -43.32 82.84 -55.02
C ASN T 127 -43.43 83.11 -56.52
N ARG T 128 -44.44 83.88 -56.89
CA ARG T 128 -44.69 84.12 -58.30
C ARG T 128 -45.58 85.34 -58.45
N ILE T 129 -45.37 86.07 -59.55
CA ILE T 129 -46.18 87.23 -59.85
C ILE T 129 -47.49 86.77 -60.48
N SER T 130 -48.61 87.26 -59.94
CA SER T 130 -49.91 86.82 -60.41
C SER T 130 -50.14 87.21 -61.86
N GLN T 131 -50.87 86.35 -62.58
CA GLN T 131 -51.18 86.62 -63.98
C GLN T 131 -52.01 87.89 -64.14
N GLN T 132 -52.66 88.36 -63.09
CA GLN T 132 -53.31 89.66 -63.15
C GLN T 132 -52.30 90.76 -63.41
N TYR T 133 -51.14 90.71 -62.74
CA TYR T 133 -50.11 91.71 -62.96
C TYR T 133 -49.60 91.66 -64.40
N LEU T 134 -49.26 90.46 -64.88
CA LEU T 134 -48.82 90.33 -66.27
C LEU T 134 -49.89 90.81 -67.24
N ALA T 135 -51.16 90.66 -66.87
CA ALA T 135 -52.22 91.25 -67.66
C ALA T 135 -52.14 92.78 -67.65
N THR T 136 -51.83 93.35 -66.49
CA THR T 136 -51.69 94.80 -66.39
C THR T 136 -50.42 95.32 -67.02
N LEU T 137 -49.33 94.57 -66.95
CA LEU T 137 -48.04 95.01 -67.47
C LEU T 137 -47.91 94.71 -68.96
N GLU T 138 -48.86 95.13 -69.77
CA GLU T 138 -48.85 94.88 -71.21
C GLU T 138 -48.63 96.19 -71.96
N ASN T 139 -47.58 96.22 -72.77
CA ASN T 139 -47.26 97.35 -73.63
C ASN T 139 -47.25 98.66 -72.83
N ARG T 140 -46.61 98.61 -71.67
CA ARG T 140 -46.48 99.79 -70.83
C ARG T 140 -45.41 100.73 -71.37
N LYS T 141 -45.58 102.02 -71.11
CA LYS T 141 -44.52 102.97 -71.36
C LYS T 141 -43.51 102.91 -70.24
N LEU T 142 -42.23 103.05 -70.59
CA LEU T 142 -41.16 102.98 -69.61
C LEU T 142 -41.07 104.33 -68.89
N LYS T 143 -40.04 104.49 -68.07
CA LYS T 143 -39.76 105.77 -67.43
C LYS T 143 -38.94 106.64 -68.36
N ARG T 144 -39.26 107.94 -68.40
CA ARG T 144 -38.47 108.87 -69.16
C ARG T 144 -37.05 108.99 -68.63
N GLU T 145 -36.83 108.60 -67.37
CA GLU T 145 -35.50 108.61 -66.76
C GLU T 145 -34.78 107.31 -67.14
N LEU T 146 -34.39 107.24 -68.41
CA LEU T 146 -33.65 106.09 -68.93
C LEU T 146 -32.33 105.96 -68.20
N PRO T 147 -32.14 104.93 -67.37
CA PRO T 147 -30.85 104.75 -66.71
C PRO T 147 -29.81 104.25 -67.70
N PHE T 148 -28.58 104.73 -67.54
CA PHE T 148 -27.49 104.23 -68.36
C PHE T 148 -27.29 102.73 -68.15
N SER T 149 -27.71 102.21 -67.00
CA SER T 149 -27.68 100.77 -66.78
C SER T 149 -28.49 100.04 -67.83
N PHE T 150 -29.67 100.55 -68.16
CA PHE T 150 -30.50 99.96 -69.19
C PHE T 150 -30.27 100.59 -70.56
N ARG T 151 -30.05 101.91 -70.61
CA ARG T 151 -29.91 102.59 -71.90
C ARG T 151 -28.76 102.02 -72.71
N SER T 152 -27.72 101.53 -72.06
CA SER T 152 -26.54 100.99 -72.74
C SER T 152 -26.63 99.51 -72.99
N ILE T 153 -27.75 98.86 -72.67
CA ILE T 153 -27.88 97.43 -72.90
C ILE T 153 -27.78 97.15 -74.39
N ASN T 154 -26.94 96.18 -74.75
CA ASN T 154 -26.76 95.84 -76.15
C ASN T 154 -28.04 95.24 -76.71
N THR T 155 -28.56 95.83 -77.78
CA THR T 155 -29.81 95.36 -78.37
C THR T 155 -29.68 94.01 -79.07
N ARG T 156 -28.45 93.54 -79.32
CA ARG T 156 -28.28 92.23 -79.92
C ARG T 156 -28.79 91.12 -79.02
N GLU T 157 -28.53 91.22 -77.71
CA GLU T 157 -29.03 90.25 -76.75
C GLU T 157 -30.46 90.57 -76.34
N ASN T 158 -31.05 89.67 -75.56
CA ASN T 158 -32.46 89.76 -75.21
C ASN T 158 -32.63 90.38 -73.83
N LEU T 159 -33.88 90.42 -73.35
CA LEU T 159 -34.17 90.97 -72.03
C LEU T 159 -35.44 90.30 -71.53
N TYR T 160 -35.43 89.89 -70.25
CA TYR T 160 -36.50 89.11 -69.67
C TYR T 160 -36.84 89.65 -68.29
N LEU T 161 -38.04 89.28 -67.82
CA LEU T 161 -38.49 89.59 -66.49
C LEU T 161 -38.65 88.29 -65.71
N VAL T 162 -38.12 88.25 -64.50
CA VAL T 162 -38.23 87.07 -63.66
C VAL T 162 -39.65 86.97 -63.11
N THR T 163 -40.29 85.83 -63.33
CA THR T 163 -41.70 85.62 -63.04
C THR T 163 -41.92 84.83 -61.76
N GLU T 164 -41.32 83.64 -61.65
CA GLU T 164 -41.51 82.78 -60.49
C GLU T 164 -40.15 82.39 -59.94
N THR T 165 -40.09 82.20 -58.62
CA THR T 165 -38.84 81.93 -57.93
C THR T 165 -39.06 80.94 -56.80
N LEU T 166 -38.13 79.99 -56.68
CA LEU T 166 -38.04 79.10 -55.54
C LEU T 166 -36.91 79.58 -54.65
N GLU T 167 -37.24 79.96 -53.42
CA GLU T 167 -36.28 80.56 -52.51
C GLU T 167 -36.32 79.85 -51.17
N THR T 168 -35.15 79.64 -50.58
CA THR T 168 -35.11 78.98 -49.28
C THR T 168 -35.76 79.87 -48.22
N VAL T 169 -36.15 79.26 -47.10
CA VAL T 169 -36.76 79.99 -46.00
C VAL T 169 -36.06 79.64 -44.69
N LYS T 170 -34.98 78.87 -44.77
CA LYS T 170 -34.29 78.42 -43.58
C LYS T 170 -32.79 78.37 -43.85
N GLU T 171 -32.00 78.57 -42.80
CA GLU T 171 -30.55 78.52 -42.92
C GLU T 171 -30.11 77.07 -43.17
N GLU T 172 -29.53 76.83 -44.34
CA GLU T 172 -29.21 75.46 -44.75
C GLU T 172 -27.71 75.20 -44.64
N THR T 173 -27.36 73.92 -44.62
CA THR T 173 -25.98 73.48 -44.47
C THR T 173 -25.80 72.23 -45.32
N LEU T 174 -25.25 72.41 -46.52
CA LEU T 174 -25.14 71.34 -47.50
C LEU T 174 -23.73 70.76 -47.50
N LYS T 175 -23.62 69.44 -47.76
CA LYS T 175 -22.33 68.78 -47.69
C LYS T 175 -22.06 68.00 -48.96
N SER T 176 -20.79 67.97 -49.37
CA SER T 176 -20.35 67.19 -50.51
C SER T 176 -18.99 66.59 -50.20
N ASP T 177 -18.61 65.60 -50.99
CA ASP T 177 -17.31 64.96 -50.83
C ASP T 177 -16.92 64.33 -52.16
N ARG T 178 -15.84 64.83 -52.77
CA ARG T 178 -15.40 64.36 -54.07
C ARG T 178 -14.07 63.62 -53.94
N GLN T 179 -13.83 62.69 -54.86
CA GLN T 179 -12.57 61.96 -54.90
C GLN T 179 -12.21 61.71 -56.36
N TYR T 180 -11.03 62.16 -56.76
CA TYR T 180 -10.50 61.96 -58.11
C TYR T 180 -9.18 61.22 -57.98
N LYS T 181 -9.16 59.94 -58.35
CA LYS T 181 -7.96 59.13 -58.27
C LYS T 181 -7.65 58.62 -59.67
N PHE T 182 -6.75 59.29 -60.39
CA PHE T 182 -6.45 58.87 -61.75
C PHE T 182 -4.96 58.91 -62.02
N TRP T 183 -4.48 57.88 -62.73
CA TRP T 183 -3.07 57.75 -63.07
C TRP T 183 -2.95 57.25 -64.50
N SER T 184 -1.70 57.23 -64.98
CA SER T 184 -1.40 56.87 -66.35
C SER T 184 0.06 56.47 -66.44
N GLN T 185 0.33 55.27 -66.92
CA GLN T 185 1.68 54.81 -67.19
C GLN T 185 2.01 55.05 -68.66
N ILE T 186 3.20 55.59 -68.90
CA ILE T 186 3.68 55.86 -70.25
C ILE T 186 4.83 54.90 -70.53
N SER T 187 5.31 54.92 -71.78
CA SER T 187 6.42 54.04 -72.16
C SER T 187 7.66 54.31 -71.32
N GLN T 188 7.85 55.55 -70.89
CA GLN T 188 9.01 55.92 -70.08
C GLN T 188 8.68 55.88 -68.59
N GLY T 189 7.68 56.64 -68.17
CA GLY T 189 7.36 56.79 -66.77
C GLY T 189 5.87 56.74 -66.50
N HIS T 190 5.50 57.24 -65.32
CA HIS T 190 4.12 57.22 -64.84
C HIS T 190 3.71 58.62 -64.41
N LEU T 191 2.42 58.77 -64.08
CA LEU T 191 1.91 60.03 -63.55
C LEU T 191 0.58 59.75 -62.87
N SER T 192 0.48 60.08 -61.58
CA SER T 192 -0.71 59.79 -60.80
C SER T 192 -1.16 61.04 -60.05
N TYR T 193 -2.45 61.08 -59.72
CA TYR T 193 -3.01 62.17 -58.94
C TYR T 193 -4.20 61.67 -58.14
N LYS T 194 -4.16 61.89 -56.83
CA LYS T 194 -5.23 61.49 -55.93
C LYS T 194 -5.70 62.70 -55.13
N HIS T 195 -6.98 63.03 -55.27
CA HIS T 195 -7.58 64.16 -54.57
C HIS T 195 -8.79 63.66 -53.80
N LYS T 196 -8.90 64.06 -52.54
CA LYS T 196 -10.05 63.76 -51.70
C LYS T 196 -10.45 65.02 -50.98
N GLY T 197 -11.64 65.53 -51.27
CA GLY T 197 -12.07 66.77 -50.66
C GLY T 197 -13.48 66.74 -50.12
N GLN T 198 -13.62 67.02 -48.83
CA GLN T 198 -14.93 67.17 -48.19
C GLN T 198 -15.24 68.66 -48.07
N ARG T 199 -16.43 69.06 -48.50
CA ARG T 199 -16.82 70.45 -48.57
C ARG T 199 -18.18 70.63 -47.90
N GLU T 200 -18.39 71.80 -47.33
CA GLU T 200 -19.61 72.08 -46.60
C GLU T 200 -19.89 73.57 -46.67
N VAL T 201 -21.14 73.94 -46.96
CA VAL T 201 -21.49 75.34 -47.15
C VAL T 201 -22.76 75.64 -46.37
N THR T 202 -22.92 76.92 -46.01
CA THR T 202 -24.09 77.39 -45.28
C THR T 202 -24.78 78.49 -46.08
N ILE T 203 -26.09 78.54 -45.98
CA ILE T 203 -26.92 79.41 -46.81
C ILE T 203 -27.94 80.13 -45.95
N PRO T 204 -28.07 81.45 -46.10
CA PRO T 204 -29.11 82.19 -45.38
C PRO T 204 -30.46 82.01 -46.04
N PRO T 205 -31.55 82.47 -45.41
CA PRO T 205 -32.87 82.35 -46.03
C PRO T 205 -33.00 83.25 -47.25
N ASN T 206 -34.08 83.01 -48.00
CA ASN T 206 -34.51 83.83 -49.12
C ASN T 206 -33.55 83.80 -50.30
N ARG T 207 -32.70 82.79 -50.38
CA ARG T 207 -31.80 82.66 -51.53
C ARG T 207 -32.53 81.97 -52.67
N VAL T 208 -32.69 82.68 -53.79
CA VAL T 208 -33.45 82.16 -54.92
C VAL T 208 -32.70 80.98 -55.52
N LEU T 209 -33.35 79.82 -55.54
CA LEU T 209 -32.74 78.61 -56.07
C LEU T 209 -33.06 78.37 -57.55
N SER T 210 -34.16 78.92 -58.06
CA SER T 210 -34.50 78.74 -59.46
C SER T 210 -35.48 79.82 -59.88
N TYR T 211 -35.58 80.04 -61.18
CA TYR T 211 -36.44 81.09 -61.70
C TYR T 211 -36.85 80.74 -63.13
N ARG T 212 -37.90 81.41 -63.58
CA ARG T 212 -38.36 81.34 -64.96
C ARG T 212 -38.65 82.76 -65.43
N VAL T 213 -38.63 82.96 -66.74
CA VAL T 213 -38.61 84.31 -67.30
C VAL T 213 -39.68 84.48 -68.37
N LYS T 214 -40.12 85.73 -68.54
CA LYS T 214 -41.00 86.13 -69.64
C LYS T 214 -40.33 87.26 -70.39
N GLN T 215 -40.28 87.17 -71.71
CA GLN T 215 -39.44 88.10 -72.46
C GLN T 215 -40.08 89.49 -72.47
N LEU T 216 -39.25 90.51 -72.75
CA LEU T 216 -39.73 91.86 -72.93
C LEU T 216 -39.14 92.41 -74.23
N VAL T 217 -39.95 92.51 -75.28
CA VAL T 217 -39.52 93.08 -76.54
C VAL T 217 -39.91 94.55 -76.57
N PHE T 218 -39.04 95.37 -77.18
CA PHE T 218 -39.15 96.82 -77.20
C PHE T 218 -39.07 97.31 -78.64
N PRO T 219 -40.19 97.40 -79.35
CA PRO T 219 -40.16 98.03 -80.68
C PRO T 219 -39.72 99.48 -80.64
N ASN T 220 -39.92 100.18 -79.52
CA ASN T 220 -39.43 101.54 -79.35
C ASN T 220 -39.13 101.74 -77.87
N LYS T 221 -38.96 103.00 -77.46
CA LYS T 221 -38.56 103.33 -76.10
C LYS T 221 -39.73 103.49 -75.14
N GLU T 222 -40.96 103.28 -75.62
CA GLU T 222 -42.15 103.39 -74.77
C GLU T 222 -43.00 102.13 -74.82
N THR T 223 -42.44 101.03 -75.31
CA THR T 223 -43.18 99.79 -75.53
C THR T 223 -42.53 98.68 -74.70
N MET T 224 -43.08 98.43 -73.51
CA MET T 224 -42.67 97.29 -72.70
C MET T 224 -43.49 96.05 -73.09
N ASN T 225 -43.28 95.61 -74.33
CA ASN T 225 -44.15 94.57 -74.89
C ASN T 225 -43.78 93.23 -74.27
N ILE T 226 -44.65 92.72 -73.40
CA ILE T 226 -44.34 91.51 -72.64
C ILE T 226 -44.67 90.29 -73.50
N HIS T 227 -43.65 89.50 -73.81
CA HIS T 227 -43.76 88.36 -74.70
C HIS T 227 -43.81 87.08 -73.86
N PHE T 228 -44.88 86.31 -74.03
CA PHE T 228 -45.07 85.07 -73.28
C PHE T 228 -44.49 83.86 -74.00
N ARG T 229 -44.97 83.61 -75.21
CA ARG T 229 -44.57 82.44 -75.98
C ARG T 229 -43.93 82.89 -77.29
N GLY T 230 -42.86 82.20 -77.68
CA GLY T 230 -42.24 82.47 -78.96
C GLY T 230 -40.81 82.94 -78.88
N LYS T 231 -39.91 82.22 -79.56
CA LYS T 231 -38.51 82.62 -79.66
C LYS T 231 -38.41 83.76 -80.66
N THR T 232 -38.05 84.94 -80.19
CA THR T 232 -38.01 86.13 -81.03
C THR T 232 -36.87 87.03 -80.57
N LYS T 233 -36.84 88.24 -81.11
CA LYS T 233 -35.84 89.24 -80.75
C LYS T 233 -36.45 90.24 -79.78
N SER T 234 -35.76 90.49 -78.67
CA SER T 234 -36.27 91.35 -77.62
C SER T 234 -36.00 92.83 -77.87
N PHE T 235 -35.32 93.16 -78.97
CA PHE T 235 -35.04 94.56 -79.33
C PHE T 235 -35.13 94.70 -80.84
N PRO T 236 -36.36 94.84 -81.37
CA PRO T 236 -36.52 95.04 -82.81
C PRO T 236 -36.33 96.48 -83.27
N GLU T 237 -36.15 97.41 -82.34
CA GLU T 237 -35.98 98.83 -82.66
C GLU T 237 -34.70 99.07 -83.43
CA MET U 5 2.67 77.28 -53.60
C MET U 5 2.00 78.66 -53.56
N PHE U 6 0.98 78.78 -52.72
CA PHE U 6 0.22 80.01 -52.60
C PHE U 6 0.01 80.34 -51.13
N SER U 7 -0.28 81.61 -50.86
CA SER U 7 -0.59 82.04 -49.51
C SER U 7 -1.84 81.35 -49.01
N VAL U 8 -1.97 81.22 -47.69
CA VAL U 8 -3.18 80.62 -47.11
C VAL U 8 -4.40 81.48 -47.45
N PHE U 9 -4.24 82.80 -47.33
CA PHE U 9 -5.32 83.70 -47.72
C PHE U 9 -5.65 83.57 -49.20
N GLU U 10 -4.63 83.34 -50.03
CA GLU U 10 -4.89 83.10 -51.45
C GLU U 10 -5.76 81.87 -51.64
N GLU U 11 -5.47 80.79 -50.92
CA GLU U 11 -6.26 79.57 -51.04
C GLU U 11 -7.69 79.78 -50.57
N ILE U 12 -7.87 80.46 -49.43
CA ILE U 12 -9.23 80.64 -48.93
C ILE U 12 -10.02 81.55 -49.86
N THR U 13 -9.38 82.56 -50.46
CA THR U 13 -10.09 83.40 -51.40
C THR U 13 -10.44 82.65 -52.67
N ARG U 14 -9.55 81.79 -53.14
CA ARG U 14 -9.88 80.97 -54.31
C ARG U 14 -11.07 80.06 -54.03
N ILE U 15 -11.11 79.45 -52.84
CA ILE U 15 -12.24 78.61 -52.49
C ILE U 15 -13.52 79.43 -52.42
N VAL U 16 -13.46 80.61 -51.79
CA VAL U 16 -14.67 81.43 -51.65
C VAL U 16 -15.17 81.88 -53.02
N VAL U 17 -14.26 82.21 -53.94
CA VAL U 17 -14.71 82.62 -55.26
C VAL U 17 -15.30 81.43 -56.03
N LYS U 18 -14.66 80.27 -55.94
CA LYS U 18 -15.19 79.09 -56.64
C LYS U 18 -16.56 78.69 -56.10
N GLU U 19 -16.83 78.98 -54.83
CA GLU U 19 -18.12 78.56 -54.27
C GLU U 19 -19.18 79.65 -54.37
N MET U 20 -18.95 80.81 -53.77
CA MET U 20 -19.97 81.85 -53.69
C MET U 20 -20.31 82.44 -55.05
N ASP U 21 -19.48 82.25 -56.07
CA ASP U 21 -19.83 82.77 -57.39
C ASP U 21 -19.35 81.75 -58.44
N ALA U 22 -20.25 80.83 -58.80
CA ALA U 22 -19.96 79.93 -59.88
C ALA U 22 -19.95 80.71 -61.20
N GLY U 23 -18.86 80.58 -61.95
CA GLY U 23 -18.71 81.39 -63.14
C GLY U 23 -18.70 82.85 -62.76
N GLY U 24 -19.60 83.63 -63.36
CA GLY U 24 -19.74 85.02 -63.00
C GLY U 24 -18.49 85.82 -63.34
N ASP U 25 -18.24 86.85 -62.54
CA ASP U 25 -17.12 87.75 -62.79
C ASP U 25 -16.28 88.05 -61.55
N MET U 26 -16.68 87.59 -60.37
CA MET U 26 -15.94 87.92 -59.15
C MET U 26 -14.52 87.36 -59.20
N ILE U 27 -13.56 88.20 -58.82
CA ILE U 27 -12.17 87.81 -58.72
C ILE U 27 -11.76 87.83 -57.26
N ALA U 28 -10.83 86.95 -56.91
CA ALA U 28 -10.43 86.75 -55.52
C ALA U 28 -9.28 87.68 -55.15
N VAL U 29 -9.40 88.32 -53.98
CA VAL U 29 -8.31 89.11 -53.46
C VAL U 29 -7.12 88.19 -53.20
N ARG U 30 -5.93 88.66 -53.60
CA ARG U 30 -4.73 87.83 -53.47
C ARG U 30 -4.01 88.03 -52.15
N SER U 31 -3.73 89.28 -51.79
CA SER U 31 -2.95 89.60 -50.61
C SER U 31 -3.83 90.31 -49.59
N LEU U 32 -3.70 89.93 -48.33
CA LEU U 32 -4.55 90.53 -47.31
C LEU U 32 -3.98 91.82 -46.74
N VAL U 33 -2.74 92.20 -47.12
CA VAL U 33 -2.24 93.50 -46.72
C VAL U 33 -3.05 94.61 -47.39
N ASP U 34 -3.38 94.44 -48.67
CA ASP U 34 -4.18 95.39 -49.42
C ASP U 34 -5.62 94.90 -49.59
N ALA U 35 -6.07 93.98 -48.74
CA ALA U 35 -7.47 93.60 -48.75
C ALA U 35 -8.35 94.78 -48.37
N ASP U 36 -7.92 95.55 -47.37
CA ASP U 36 -8.70 96.71 -46.95
C ASP U 36 -8.81 97.74 -48.06
N ARG U 37 -7.86 97.75 -49.00
CA ARG U 37 -7.93 98.71 -50.10
C ARG U 37 -8.76 98.21 -51.27
N PHE U 38 -9.34 97.01 -51.19
CA PHE U 38 -10.27 96.51 -52.18
C PHE U 38 -11.72 96.65 -51.74
N ARG U 39 -11.96 97.38 -50.67
CA ARG U 39 -13.32 97.61 -50.18
C ARG U 39 -14.13 98.37 -51.22
N CYS U 40 -15.45 98.44 -50.99
CA CYS U 40 -16.35 99.10 -51.92
C CYS U 40 -15.99 100.58 -52.06
N PHE U 41 -16.18 101.10 -53.28
CA PHE U 41 -15.88 102.44 -53.75
C PHE U 41 -14.40 102.67 -54.00
N HIS U 42 -13.51 101.73 -53.66
CA HIS U 42 -12.09 101.95 -53.88
C HIS U 42 -11.74 101.73 -55.35
N LEU U 43 -11.12 102.74 -55.96
CA LEU U 43 -10.72 102.62 -57.35
C LEU U 43 -9.61 101.59 -57.50
N VAL U 44 -9.62 100.89 -58.62
CA VAL U 44 -8.70 99.82 -58.91
C VAL U 44 -8.17 100.02 -60.33
N GLY U 45 -6.96 99.53 -60.59
CA GLY U 45 -6.40 99.60 -61.92
C GLY U 45 -5.99 98.23 -62.40
N GLU U 46 -5.79 98.13 -63.70
CA GLU U 46 -5.38 96.90 -64.36
C GLU U 46 -3.92 96.95 -64.75
N LYS U 47 -3.34 95.77 -64.94
CA LYS U 47 -1.96 95.67 -65.42
C LYS U 47 -1.82 94.39 -66.23
N ARG U 48 -1.15 94.50 -67.37
CA ARG U 48 -1.00 93.38 -68.30
C ARG U 48 0.34 92.71 -68.12
N THR U 49 0.34 91.37 -68.20
CA THR U 49 1.55 90.58 -68.06
C THR U 49 1.60 89.53 -69.16
N PHE U 50 2.78 88.94 -69.34
CA PHE U 50 2.92 87.87 -70.32
C PHE U 50 2.08 86.65 -69.94
N PHE U 51 1.87 86.42 -68.65
CA PHE U 51 0.97 85.36 -68.22
C PHE U 51 -0.49 85.76 -68.43
N GLY U 52 -0.82 87.02 -68.18
CA GLY U 52 -2.19 87.49 -68.32
C GLY U 52 -2.38 88.91 -67.83
N CYS U 53 -3.46 89.15 -67.10
CA CYS U 53 -3.74 90.47 -66.53
C CYS U 53 -4.12 90.33 -65.07
N ARG U 54 -3.80 91.36 -64.29
CA ARG U 54 -4.08 91.39 -62.86
C ARG U 54 -4.54 92.78 -62.46
N HIS U 55 -4.99 92.89 -61.21
CA HIS U 55 -5.50 94.14 -60.67
C HIS U 55 -4.61 94.63 -59.54
N TYR U 56 -4.56 95.95 -59.38
CA TYR U 56 -3.90 96.60 -58.26
C TYR U 56 -4.85 97.64 -57.68
N THR U 57 -4.58 98.04 -56.45
CA THR U 57 -5.39 99.05 -55.78
C THR U 57 -4.63 100.36 -55.71
N THR U 58 -5.22 101.41 -56.30
CA THR U 58 -4.63 102.73 -56.17
C THR U 58 -4.76 103.28 -54.76
N GLY U 59 -5.71 102.77 -53.98
CA GLY U 59 -6.01 103.33 -52.68
C GLY U 59 -6.96 104.52 -52.73
N LEU U 60 -7.54 104.82 -53.88
CA LEU U 60 -8.43 105.96 -54.05
C LEU U 60 -9.87 105.47 -53.94
N THR U 61 -10.62 106.06 -53.02
CA THR U 61 -12.06 105.87 -53.03
C THR U 61 -12.68 106.78 -54.09
N LEU U 62 -13.97 106.57 -54.37
CA LEU U 62 -14.63 107.36 -55.39
C LEU U 62 -14.72 108.83 -54.99
N MET U 63 -14.84 109.11 -53.69
CA MET U 63 -14.95 110.48 -53.23
C MET U 63 -13.74 111.32 -53.61
N ASP U 64 -12.59 110.69 -53.88
CA ASP U 64 -11.42 111.43 -54.31
C ASP U 64 -11.63 112.07 -55.67
N ILE U 65 -12.28 111.36 -56.59
CA ILE U 65 -12.47 111.83 -57.96
C ILE U 65 -13.94 112.10 -58.26
N LEU U 66 -14.75 112.37 -57.24
CA LEU U 66 -16.16 112.69 -57.43
C LEU U 66 -16.41 114.13 -56.99
N ASP U 67 -17.00 114.93 -57.87
CA ASP U 67 -17.18 116.36 -57.59
C ASP U 67 -18.01 116.58 -56.34
N THR U 68 -19.10 115.83 -56.20
CA THR U 68 -20.00 115.93 -55.04
C THR U 68 -20.50 117.36 -54.84
N LYS U 85 -26.36 91.73 -43.55
CA LYS U 85 -26.73 91.57 -44.96
C LYS U 85 -26.89 90.08 -45.29
N ALA U 86 -25.98 89.55 -46.09
CA ALA U 86 -25.98 88.15 -46.48
C ALA U 86 -24.71 87.50 -45.93
N GLU U 87 -24.89 86.46 -45.11
CA GLU U 87 -23.81 85.84 -44.36
C GLU U 87 -23.70 84.37 -44.75
N PHE U 88 -22.53 83.97 -45.23
CA PHE U 88 -22.29 82.61 -45.71
C PHE U 88 -21.16 81.99 -44.89
N GLN U 89 -21.42 80.83 -44.31
CA GLN U 89 -20.44 80.14 -43.48
C GLN U 89 -19.90 78.94 -44.25
N ILE U 90 -18.70 79.08 -44.79
CA ILE U 90 -18.06 78.02 -45.54
C ILE U 90 -17.15 77.25 -44.57
N LEU U 91 -17.01 75.95 -44.82
CA LEU U 91 -16.15 75.10 -44.00
C LEU U 91 -15.78 73.88 -44.84
N ASP U 92 -14.48 73.61 -44.96
CA ASP U 92 -14.08 72.47 -45.76
C ASP U 92 -12.70 71.99 -45.35
N ASN U 93 -12.41 70.76 -45.76
CA ASN U 93 -11.09 70.15 -45.64
C ASN U 93 -10.76 69.47 -46.95
N VAL U 94 -9.51 69.59 -47.38
CA VAL U 94 -9.06 69.09 -48.66
C VAL U 94 -7.82 68.23 -48.46
N ASP U 95 -7.79 67.08 -49.13
CA ASP U 95 -6.64 66.19 -49.08
C ASP U 95 -6.30 65.78 -50.52
N SER U 96 -5.18 66.29 -51.03
CA SER U 96 -4.77 66.02 -52.40
C SER U 96 -3.39 65.39 -52.41
N THR U 97 -3.12 64.59 -53.44
CA THR U 97 -1.82 63.93 -53.58
C THR U 97 -1.58 63.64 -55.05
N GLY U 98 -0.38 63.92 -55.52
CA GLY U 98 -0.01 63.62 -56.89
C GLY U 98 1.40 63.10 -57.02
N GLU U 99 1.53 61.90 -57.62
CA GLU U 99 2.86 61.26 -57.74
C GLU U 99 3.15 60.98 -59.22
N LEU U 100 4.31 61.39 -59.70
CA LEU U 100 4.72 61.19 -61.08
C LEU U 100 6.11 60.55 -61.12
N ILE U 101 6.35 59.77 -62.16
CA ILE U 101 7.63 59.11 -62.39
C ILE U 101 8.00 59.28 -63.86
N VAL U 102 9.27 59.62 -64.11
CA VAL U 102 9.77 59.82 -65.47
C VAL U 102 11.07 59.06 -65.62
N ARG U 103 11.24 58.40 -66.77
CA ARG U 103 12.49 57.71 -67.08
C ARG U 103 13.01 58.19 -68.42
N LEU U 104 14.34 58.20 -68.54
CA LEU U 104 15.01 58.67 -69.79
C LEU U 104 16.12 57.68 -70.13
N PRO U 105 16.43 57.46 -71.42
CA PRO U 105 17.53 56.57 -71.84
C PRO U 105 18.90 57.05 -71.40
N LYS U 106 19.02 58.26 -70.86
CA LYS U 106 20.27 58.79 -70.34
C LYS U 106 20.48 58.43 -68.88
N GLU U 107 19.87 57.34 -68.42
CA GLU U 107 19.93 56.87 -67.03
C GLU U 107 19.43 57.95 -66.07
N ILE U 108 18.33 58.61 -66.43
CA ILE U 108 17.73 59.63 -65.59
C ILE U 108 16.33 59.18 -65.18
N THR U 109 16.19 58.75 -63.94
CA THR U 109 14.91 58.28 -63.40
C THR U 109 14.49 59.22 -62.27
N ILE U 110 13.48 60.04 -62.53
CA ILE U 110 12.99 61.00 -61.54
C ILE U 110 11.63 60.54 -61.05
N SER U 111 11.30 60.94 -59.82
CA SER U 111 10.01 60.62 -59.23
C SER U 111 9.68 61.67 -58.19
N GLY U 112 8.48 62.25 -58.29
CA GLY U 112 8.07 63.30 -57.38
C GLY U 112 6.64 63.17 -56.88
N SER U 113 6.45 63.38 -55.58
CA SER U 113 5.15 63.34 -54.94
C SER U 113 4.88 64.69 -54.30
N PHE U 114 3.65 65.18 -54.46
CA PHE U 114 3.25 66.48 -53.93
C PHE U 114 1.88 66.31 -53.29
N GLN U 115 1.82 66.50 -51.97
CA GLN U 115 0.58 66.28 -51.24
C GLN U 115 0.23 67.53 -50.43
N GLY U 116 -1.06 67.69 -50.18
CA GLY U 116 -1.56 68.84 -49.45
C GLY U 116 -2.78 68.51 -48.61
N PHE U 117 -2.85 69.13 -47.43
CA PHE U 117 -3.94 68.95 -46.48
C PHE U 117 -4.35 70.32 -45.99
N HIS U 118 -5.54 70.76 -46.36
CA HIS U 118 -6.04 72.09 -46.03
C HIS U 118 -7.26 71.98 -45.14
N HIS U 119 -7.39 72.89 -44.17
CA HIS U 119 -8.57 72.96 -43.34
C HIS U 119 -8.94 74.42 -43.14
N GLN U 120 -10.16 74.79 -43.54
CA GLN U 120 -10.61 76.16 -43.44
C GLN U 120 -12.04 76.19 -42.93
N LYS U 121 -12.33 77.19 -42.09
CA LYS U 121 -13.68 77.49 -41.64
C LYS U 121 -13.79 79.00 -41.55
N ILE U 122 -14.69 79.58 -42.34
CA ILE U 122 -14.77 81.03 -42.47
C ILE U 122 -16.23 81.44 -42.56
N LYS U 123 -16.52 82.66 -42.12
CA LYS U 123 -17.88 83.21 -42.15
C LYS U 123 -17.79 84.58 -42.82
N ILE U 124 -18.22 84.65 -44.07
CA ILE U 124 -18.11 85.86 -44.85
C ILE U 124 -19.46 86.53 -44.92
N SER U 125 -19.45 87.81 -45.30
CA SER U 125 -20.66 88.59 -45.52
C SER U 125 -20.50 89.38 -46.81
N GLU U 126 -21.63 89.71 -47.42
CA GLU U 126 -21.63 90.40 -48.70
C GLU U 126 -22.06 91.84 -48.54
N ASN U 127 -21.37 92.74 -49.23
CA ASN U 127 -21.78 94.13 -49.34
C ASN U 127 -21.68 94.54 -50.80
N ARG U 128 -22.50 95.52 -51.18
CA ARG U 128 -22.54 95.92 -52.58
C ARG U 128 -23.18 97.30 -52.68
N ILE U 129 -22.72 98.07 -53.65
CA ILE U 129 -23.28 99.39 -53.90
C ILE U 129 -24.57 99.23 -54.69
N SER U 130 -25.63 99.88 -54.22
CA SER U 130 -26.94 99.72 -54.85
C SER U 130 -26.93 100.29 -56.27
N GLN U 131 -27.70 99.65 -57.15
CA GLN U 131 -27.80 100.10 -58.53
C GLN U 131 -28.38 101.51 -58.63
N GLN U 132 -29.05 101.99 -57.60
CA GLN U 132 -29.46 103.38 -57.57
C GLN U 132 -28.25 104.30 -57.61
N TYR U 133 -27.21 103.97 -56.85
CA TYR U 133 -25.99 104.78 -56.85
C TYR U 133 -25.34 104.78 -58.23
N LEU U 134 -25.15 103.59 -58.81
CA LEU U 134 -24.58 103.51 -60.15
C LEU U 134 -25.45 104.25 -61.16
N ALA U 135 -26.75 104.31 -60.93
CA ALA U 135 -27.60 105.16 -61.76
C ALA U 135 -27.27 106.64 -61.56
N THR U 136 -26.99 107.04 -60.32
CA THR U 136 -26.62 108.43 -60.06
C THR U 136 -25.20 108.75 -60.50
N LEU U 137 -24.28 107.81 -60.40
CA LEU U 137 -22.88 108.05 -60.75
C LEU U 137 -22.63 107.86 -62.24
N GLU U 138 -23.41 108.53 -63.09
CA GLU U 138 -23.28 108.42 -64.54
C GLU U 138 -22.75 109.72 -65.12
N ASN U 139 -21.63 109.64 -65.82
CA ASN U 139 -21.02 110.77 -66.51
C ASN U 139 -20.87 111.97 -65.58
N ARG U 140 -20.39 111.70 -64.37
CA ARG U 140 -20.15 112.75 -63.39
C ARG U 140 -18.88 113.52 -63.72
N LYS U 141 -18.85 114.78 -63.33
CA LYS U 141 -17.62 115.55 -63.38
C LYS U 141 -16.76 115.20 -62.18
N LEU U 142 -15.45 115.13 -62.38
CA LEU U 142 -14.53 114.79 -61.32
C LEU U 142 -14.29 116.02 -60.45
N LYS U 143 -13.34 115.91 -59.52
CA LYS U 143 -12.92 117.05 -58.72
C LYS U 143 -11.86 117.84 -59.47
N ARG U 144 -11.96 119.17 -59.40
CA ARG U 144 -10.93 120.02 -59.98
C ARG U 144 -9.58 119.82 -59.30
N GLU U 145 -9.58 119.28 -58.08
CA GLU U 145 -8.34 118.99 -57.35
C GLU U 145 -7.81 117.62 -57.80
N LEU U 146 -7.30 117.59 -59.02
CA LEU U 146 -6.72 116.37 -59.59
C LEU U 146 -5.52 115.93 -58.76
N PRO U 147 -5.62 114.82 -58.04
CA PRO U 147 -4.46 114.35 -57.28
C PRO U 147 -3.42 113.76 -58.21
N PHE U 148 -2.15 113.99 -57.88
CA PHE U 148 -1.08 113.36 -58.65
C PHE U 148 -1.16 111.85 -58.59
N SER U 149 -1.81 111.31 -57.55
CA SER U 149 -2.04 109.87 -57.48
C SER U 149 -2.85 109.41 -58.69
N PHE U 150 -3.88 110.15 -59.07
CA PHE U 150 -4.68 109.83 -60.24
C PHE U 150 -4.18 110.53 -61.49
N ARG U 151 -3.73 111.79 -61.38
CA ARG U 151 -3.32 112.54 -62.56
C ARG U 151 -2.21 111.84 -63.32
N SER U 152 -1.35 111.11 -62.63
CA SER U 152 -0.22 110.44 -63.25
C SER U 152 -0.53 109.01 -63.67
N ILE U 153 -1.78 108.56 -63.54
CA ILE U 153 -2.12 107.21 -63.93
C ILE U 153 -1.91 107.06 -65.43
N ASN U 154 -1.21 105.99 -65.81
CA ASN U 154 -0.94 105.75 -67.22
C ASN U 154 -2.23 105.44 -67.96
N THR U 155 -2.51 106.21 -69.00
CA THR U 155 -3.75 106.05 -69.76
C THR U 155 -3.77 104.76 -70.58
N ARG U 156 -2.63 104.10 -70.77
CA ARG U 156 -2.61 102.84 -71.50
C ARG U 156 -3.42 101.77 -70.78
N GLU U 157 -3.30 101.70 -69.45
CA GLU U 157 -4.05 100.74 -68.66
C GLU U 157 -5.45 101.29 -68.35
N ASN U 158 -6.27 100.45 -67.74
CA ASN U 158 -7.67 100.76 -67.51
C ASN U 158 -7.89 101.27 -66.09
N LEU U 159 -9.15 101.49 -65.73
CA LEU U 159 -9.50 101.96 -64.39
C LEU U 159 -10.91 101.49 -64.08
N TYR U 160 -11.11 100.98 -62.87
CA TYR U 160 -12.37 100.36 -62.48
C TYR U 160 -12.77 100.82 -61.09
N LEU U 161 -14.05 100.63 -60.79
CA LEU U 161 -14.59 100.90 -59.47
C LEU U 161 -15.06 99.58 -58.87
N VAL U 162 -14.68 99.33 -57.61
CA VAL U 162 -15.09 98.12 -56.93
C VAL U 162 -16.56 98.24 -56.53
N THR U 163 -17.36 97.25 -56.95
CA THR U 163 -18.81 97.28 -56.81
C THR U 163 -19.31 96.43 -55.65
N GLU U 164 -18.94 95.15 -55.62
CA GLU U 164 -19.41 94.23 -54.59
C GLU U 164 -18.21 93.54 -53.95
N THR U 165 -18.33 93.24 -52.66
CA THR U 165 -17.23 92.68 -51.89
C THR U 165 -17.75 91.63 -50.90
N LEU U 166 -17.01 90.54 -50.81
CA LEU U 166 -17.21 89.54 -49.77
C LEU U 166 -16.12 89.72 -48.72
N GLU U 167 -16.52 90.03 -47.50
CA GLU U 167 -15.58 90.37 -46.44
C GLU U 167 -15.90 89.54 -45.19
N THR U 168 -14.86 89.07 -44.52
CA THR U 168 -15.08 88.30 -43.31
C THR U 168 -15.68 89.19 -42.22
N VAL U 169 -16.29 88.56 -41.22
CA VAL U 169 -16.88 89.29 -40.11
C VAL U 169 -16.41 88.70 -38.79
N LYS U 170 -15.48 87.75 -38.85
CA LYS U 170 -15.02 87.08 -37.65
C LYS U 170 -13.52 86.77 -37.78
N GLU U 171 -12.84 86.73 -36.65
CA GLU U 171 -11.41 86.42 -36.63
C GLU U 171 -11.21 84.96 -37.00
N GLU U 172 -10.56 84.70 -38.13
CA GLU U 172 -10.43 83.36 -38.66
C GLU U 172 -9.02 82.82 -38.43
N THR U 173 -8.91 81.49 -38.52
CA THR U 173 -7.64 80.79 -38.29
C THR U 173 -7.59 79.62 -39.26
N LEU U 174 -6.88 79.80 -40.37
CA LEU U 174 -6.85 78.82 -41.44
C LEU U 174 -5.57 78.00 -41.38
N LYS U 175 -5.66 76.71 -41.77
CA LYS U 175 -4.52 75.83 -41.66
C LYS U 175 -4.25 75.11 -42.97
N SER U 176 -2.97 74.90 -43.26
CA SER U 176 -2.54 74.16 -44.44
C SER U 176 -1.35 73.29 -44.06
N ASP U 177 -1.06 72.32 -44.92
CA ASP U 177 0.08 71.44 -44.71
C ASP U 177 0.51 70.88 -46.06
N ARG U 178 1.72 71.22 -46.50
CA ARG U 178 2.22 70.81 -47.80
C ARG U 178 3.37 69.83 -47.63
N GLN U 179 3.54 68.96 -48.62
CA GLN U 179 4.66 68.02 -48.62
C GLN U 179 5.13 67.84 -50.05
N TYR U 180 6.42 68.10 -50.29
CA TYR U 180 7.05 67.93 -51.60
C TYR U 180 8.20 66.95 -51.43
N LYS U 181 8.04 65.73 -51.93
CA LYS U 181 9.07 64.70 -51.82
C LYS U 181 9.44 64.29 -53.24
N PHE U 182 10.52 64.84 -53.79
CA PHE U 182 10.89 64.50 -55.16
C PHE U 182 12.39 64.29 -55.28
N TRP U 183 12.75 63.26 -56.04
CA TRP U 183 14.15 62.90 -56.27
C TRP U 183 14.35 62.53 -57.73
N SER U 184 15.62 62.31 -58.08
CA SER U 184 16.00 62.03 -59.45
C SER U 184 17.37 61.39 -59.45
N GLN U 185 17.48 60.20 -60.03
CA GLN U 185 18.76 59.54 -60.22
C GLN U 185 19.29 59.84 -61.61
N ILE U 186 20.58 60.18 -61.68
CA ILE U 186 21.25 60.47 -62.93
C ILE U 186 22.24 59.34 -63.21
N SER U 187 22.85 59.40 -64.40
CA SER U 187 23.83 58.37 -64.77
C SER U 187 24.99 58.33 -63.80
N GLN U 188 25.34 59.47 -63.20
CA GLN U 188 26.45 59.53 -62.25
C GLN U 188 25.95 59.42 -60.81
N GLY U 189 25.06 60.31 -60.41
CA GLY U 189 24.61 60.38 -59.04
C GLY U 189 23.11 60.59 -58.92
N HIS U 190 22.70 61.03 -57.74
CA HIS U 190 21.30 61.22 -57.39
C HIS U 190 21.08 62.63 -56.86
N LEU U 191 19.82 62.98 -56.63
CA LEU U 191 19.48 64.26 -56.01
C LEU U 191 18.05 64.17 -55.49
N SER U 192 17.86 64.39 -54.19
CA SER U 192 16.56 64.26 -53.57
C SER U 192 16.25 65.49 -52.73
N TYR U 193 14.95 65.74 -52.52
CA TYR U 193 14.51 66.84 -51.69
C TYR U 193 13.17 66.49 -51.06
N LYS U 194 13.09 66.58 -49.74
CA LYS U 194 11.88 66.30 -48.99
C LYS U 194 11.54 67.50 -48.11
N HIS U 195 10.36 68.07 -48.33
CA HIS U 195 9.89 69.22 -47.57
C HIS U 195 8.53 68.89 -46.99
N LYS U 196 8.35 69.17 -45.69
CA LYS U 196 7.08 69.02 -45.02
C LYS U 196 6.82 70.26 -44.19
N GLY U 197 5.78 71.00 -44.54
CA GLY U 197 5.50 72.24 -43.84
C GLY U 197 4.06 72.42 -43.44
N GLN U 198 3.82 72.61 -42.15
CA GLN U 198 2.50 72.93 -41.62
C GLN U 198 2.44 74.43 -41.37
N ARG U 199 1.39 75.07 -41.86
CA ARG U 199 1.26 76.52 -41.82
C ARG U 199 -0.11 76.88 -41.26
N GLU U 200 -0.18 78.02 -40.58
CA GLU U 200 -1.42 78.45 -39.95
C GLU U 200 -1.42 79.97 -39.89
N VAL U 201 -2.54 80.58 -40.25
CA VAL U 201 -2.63 82.04 -40.31
C VAL U 201 -3.90 82.50 -39.63
N THR U 202 -3.89 83.74 -39.14
CA THR U 202 -5.02 84.35 -38.48
C THR U 202 -5.42 85.62 -39.21
N ILE U 203 -6.71 85.90 -39.24
CA ILE U 203 -7.28 86.98 -40.04
C ILE U 203 -8.24 87.81 -39.21
N PRO U 204 -8.13 89.13 -39.22
CA PRO U 204 -9.09 89.97 -38.52
C PRO U 204 -10.37 90.11 -39.32
N PRO U 205 -11.42 90.70 -38.75
CA PRO U 205 -12.66 90.88 -39.50
C PRO U 205 -12.51 91.90 -40.63
N ASN U 206 -13.52 91.94 -41.49
CA ASN U 206 -13.67 92.93 -42.56
C ASN U 206 -12.60 92.83 -43.63
N ARG U 207 -11.93 91.69 -43.75
CA ARG U 207 -10.95 91.50 -44.81
C ARG U 207 -11.65 91.07 -46.09
N VAL U 208 -11.56 91.90 -47.13
CA VAL U 208 -12.26 91.63 -48.38
C VAL U 208 -11.67 90.40 -49.04
N LEU U 209 -12.51 89.38 -49.24
CA LEU U 209 -12.06 88.13 -49.85
C LEU U 209 -12.24 88.09 -51.36
N SER U 210 -13.17 88.87 -51.91
CA SER U 210 -13.36 88.89 -53.35
C SER U 210 -14.09 90.17 -53.73
N TYR U 211 -14.00 90.52 -55.01
CA TYR U 211 -14.60 91.75 -55.49
C TYR U 211 -14.90 91.62 -56.98
N ARG U 212 -15.76 92.52 -57.45
CA ARG U 212 -16.07 92.66 -58.87
C ARG U 212 -16.06 94.14 -59.20
N VAL U 213 -15.85 94.47 -60.48
CA VAL U 213 -15.53 95.83 -60.88
C VAL U 213 -16.43 96.28 -62.02
N LYS U 214 -16.63 97.60 -62.09
CA LYS U 214 -17.29 98.27 -63.21
C LYS U 214 -16.35 99.32 -63.77
N GLN U 215 -16.16 99.34 -65.08
CA GLN U 215 -15.10 100.16 -65.64
C GLN U 215 -15.48 101.64 -65.55
N LEU U 216 -14.47 102.51 -65.63
CA LEU U 216 -14.68 103.95 -65.71
C LEU U 216 -13.86 104.49 -66.88
N VAL U 217 -14.52 104.83 -67.98
CA VAL U 217 -13.85 105.43 -69.13
C VAL U 217 -13.97 106.94 -69.03
N PHE U 218 -12.92 107.63 -69.46
CA PHE U 218 -12.77 109.08 -69.33
C PHE U 218 -12.44 109.67 -70.69
N PRO U 219 -13.44 110.04 -71.50
CA PRO U 219 -13.15 110.78 -72.73
C PRO U 219 -12.47 112.12 -72.49
N ASN U 220 -12.67 112.74 -71.33
CA ASN U 220 -11.97 113.96 -70.96
C ASN U 220 -11.82 113.96 -69.44
N LYS U 221 -11.47 115.12 -68.87
CA LYS U 221 -11.18 115.24 -67.45
C LYS U 221 -12.42 115.53 -66.61
N GLU U 222 -13.60 115.59 -67.21
CA GLU U 222 -14.84 115.84 -66.48
C GLU U 222 -15.88 114.78 -66.75
N THR U 223 -15.47 113.63 -67.30
CA THR U 223 -16.39 112.57 -67.73
C THR U 223 -16.04 111.29 -66.97
N MET U 224 -16.75 111.04 -65.88
CA MET U 224 -16.65 109.77 -65.17
C MET U 224 -17.61 108.76 -65.76
N ASN U 225 -17.35 108.39 -67.02
CA ASN U 225 -18.32 107.59 -67.77
C ASN U 225 -18.26 106.15 -67.27
N ILE U 226 -19.28 105.73 -66.54
CA ILE U 226 -19.28 104.42 -65.90
C ILE U 226 -19.71 103.37 -66.92
N HIS U 227 -18.82 102.43 -67.22
CA HIS U 227 -19.03 101.42 -68.24
C HIS U 227 -19.40 100.10 -67.55
N PHE U 228 -20.56 99.55 -67.90
CA PHE U 228 -21.04 98.31 -67.31
C PHE U 228 -20.61 97.09 -68.11
N ARG U 229 -20.97 97.05 -69.39
CA ARG U 229 -20.69 95.90 -70.24
C ARG U 229 -19.85 96.34 -71.42
N GLY U 230 -18.87 95.51 -71.79
CA GLY U 230 -18.08 95.78 -72.96
C GLY U 230 -16.60 95.96 -72.69
N LYS U 231 -15.77 95.15 -73.36
CA LYS U 231 -14.33 95.30 -73.28
C LYS U 231 -13.91 96.49 -74.14
N THR U 232 -13.41 97.53 -73.50
CA THR U 232 -13.07 98.77 -74.20
C THR U 232 -11.86 99.39 -73.54
N LYS U 233 -11.54 100.62 -73.92
CA LYS U 233 -10.44 101.38 -73.37
C LYS U 233 -10.97 102.39 -72.36
N SER U 234 -10.38 102.40 -71.16
CA SER U 234 -10.85 103.24 -70.08
C SER U 234 -10.30 104.66 -70.14
N PHE U 235 -9.45 104.96 -71.13
CA PHE U 235 -8.90 106.31 -71.30
C PHE U 235 -8.80 106.61 -72.78
N PRO U 236 -9.91 107.02 -73.41
CA PRO U 236 -9.86 107.37 -74.83
C PRO U 236 -9.38 108.79 -75.10
N GLU U 237 -9.14 109.58 -74.05
CA GLU U 237 -8.70 110.96 -74.20
C GLU U 237 -7.32 111.04 -74.82
CA MET V 5 22.11 80.08 -44.16
C MET V 5 21.70 81.53 -44.02
N PHE V 6 20.61 81.76 -43.27
CA PHE V 6 20.07 83.10 -43.10
C PHE V 6 19.75 83.32 -41.62
N SER V 7 19.66 84.59 -41.24
CA SER V 7 19.28 84.95 -39.89
C SER V 7 17.88 84.46 -39.59
N VAL V 8 17.57 84.23 -38.31
CA VAL V 8 16.23 83.82 -37.92
C VAL V 8 15.23 84.90 -38.27
N PHE V 9 15.58 86.16 -37.99
CA PHE V 9 14.74 87.28 -38.38
C PHE V 9 14.56 87.35 -39.89
N GLU V 10 15.61 87.01 -40.64
CA GLU V 10 15.47 86.95 -42.10
C GLU V 10 14.43 85.93 -42.50
N GLU V 11 14.46 84.75 -41.88
CA GLU V 11 13.48 83.72 -42.22
C GLU V 11 12.06 84.14 -41.87
N ILE V 12 11.88 84.73 -40.68
CA ILE V 12 10.52 85.12 -40.29
C ILE V 12 10.01 86.23 -41.19
N THR V 13 10.88 87.15 -41.60
CA THR V 13 10.44 88.21 -42.51
C THR V 13 10.11 87.65 -43.88
N ARG V 14 10.88 86.68 -44.36
CA ARG V 14 10.55 86.05 -45.64
C ARG V 14 9.20 85.36 -45.58
N ILE V 15 8.92 84.66 -44.48
CA ILE V 15 7.62 84.01 -44.32
C ILE V 15 6.51 85.05 -44.28
N VAL V 16 6.69 86.13 -43.53
CA VAL V 16 5.65 87.14 -43.41
C VAL V 16 5.38 87.81 -44.77
N VAL V 17 6.44 88.04 -45.55
CA VAL V 17 6.22 88.65 -46.86
C VAL V 17 5.53 87.66 -47.80
N LYS V 18 5.94 86.39 -47.78
CA LYS V 18 5.29 85.41 -48.66
C LYS V 18 3.83 85.21 -48.29
N GLU V 19 3.46 85.44 -47.03
CA GLU V 19 2.07 85.21 -46.65
C GLU V 19 1.22 86.48 -46.73
N MET V 20 1.59 87.51 -45.98
CA MET V 20 0.76 88.71 -45.89
C MET V 20 0.68 89.48 -47.20
N ASP V 21 1.58 89.24 -48.16
CA ASP V 21 1.47 89.93 -49.44
C ASP V 21 1.89 88.95 -50.53
N ALA V 22 0.90 88.24 -51.08
CA ALA V 22 1.14 87.40 -52.23
C ALA V 22 1.44 88.28 -53.43
N GLY V 23 2.56 88.03 -54.09
CA GLY V 23 2.98 88.90 -55.16
C GLY V 23 3.21 90.30 -54.63
N GLY V 24 2.53 91.28 -55.22
CA GLY V 24 2.60 92.63 -54.72
C GLY V 24 3.99 93.22 -54.85
N ASP V 25 4.33 94.11 -53.92
CA ASP V 25 5.61 94.80 -53.96
C ASP V 25 6.34 94.83 -52.62
N MET V 26 5.74 94.35 -51.55
CA MET V 26 6.37 94.42 -50.23
C MET V 26 7.67 93.62 -50.21
N ILE V 27 8.71 94.21 -49.65
CA ILE V 27 9.99 93.57 -49.45
C ILE V 27 10.24 93.39 -47.97
N ALA V 28 10.96 92.32 -47.63
CA ALA V 28 11.15 91.92 -46.25
C ALA V 28 12.39 92.59 -45.67
N VAL V 29 12.24 93.13 -44.46
CA VAL V 29 13.40 93.65 -43.74
C VAL V 29 14.38 92.52 -43.48
N ARG V 30 15.67 92.78 -43.70
CA ARG V 30 16.67 91.75 -43.56
C ARG V 30 17.27 91.69 -42.16
N SER V 31 17.72 92.83 -41.64
CA SER V 31 18.41 92.88 -40.36
C SER V 31 17.56 93.65 -39.36
N LEU V 32 17.46 93.13 -38.14
CA LEU V 32 16.63 93.79 -37.14
C LEU V 32 17.35 94.89 -36.38
N VAL V 33 18.66 95.06 -36.60
CA VAL V 33 19.33 96.21 -36.01
C VAL V 33 18.81 97.50 -36.62
N ASP V 34 18.60 97.52 -37.95
CA ASP V 34 18.06 98.66 -38.65
C ASP V 34 16.59 98.47 -39.02
N ALA V 35 15.90 97.57 -38.32
CA ALA V 35 14.46 97.45 -38.50
C ALA V 35 13.76 98.73 -38.08
N ASP V 36 14.21 99.33 -36.97
CA ASP V 36 13.60 100.56 -36.48
C ASP V 36 13.79 101.69 -37.49
N ARG V 37 14.82 101.62 -38.33
CA ARG V 37 15.05 102.66 -39.31
C ARG V 37 14.29 102.44 -40.61
N PHE V 38 13.51 101.37 -40.71
CA PHE V 38 12.62 101.14 -41.85
C PHE V 38 11.17 101.50 -41.53
N ARG V 39 10.94 102.16 -40.41
CA ARG V 39 9.60 102.59 -40.03
C ARG V 39 9.05 103.57 -41.06
N CYS V 40 7.75 103.87 -40.94
CA CYS V 40 7.10 104.77 -41.87
C CYS V 40 7.72 106.16 -41.81
N PHE V 41 7.76 106.81 -42.97
CA PHE V 41 8.33 108.11 -43.27
C PHE V 41 9.86 108.10 -43.35
N HIS V 42 10.52 106.99 -43.04
CA HIS V 42 11.98 106.94 -43.08
C HIS V 42 12.44 106.81 -44.54
N LEU V 43 13.29 107.74 -44.97
CA LEU V 43 13.82 107.68 -46.32
C LEU V 43 14.76 106.49 -46.47
N VAL V 44 14.74 105.90 -47.66
CA VAL V 44 15.50 104.71 -47.98
C VAL V 44 16.21 104.93 -49.31
N GLY V 45 17.34 104.26 -49.51
CA GLY V 45 18.05 104.35 -50.76
C GLY V 45 18.27 102.97 -51.35
N GLU V 46 18.60 102.96 -52.63
CA GLU V 46 18.85 101.74 -53.38
C GLU V 46 20.33 101.55 -53.62
N LYS V 47 20.72 100.31 -53.88
CA LYS V 47 22.10 100.00 -54.24
C LYS V 47 22.12 98.81 -55.17
N ARG V 48 22.92 98.89 -56.22
CA ARG V 48 22.98 97.86 -57.25
C ARG V 48 24.16 96.93 -57.02
N THR V 49 23.93 95.64 -57.25
CA THR V 49 24.96 94.63 -57.08
C THR V 49 24.95 93.70 -58.28
N PHE V 50 26.03 92.92 -58.42
CA PHE V 50 26.08 91.93 -59.49
C PHE V 50 25.01 90.86 -59.33
N PHE V 51 24.62 90.55 -58.09
CA PHE V 51 23.50 89.64 -57.88
C PHE V 51 22.17 90.31 -58.18
N GLY V 52 22.03 91.58 -57.82
CA GLY V 52 20.79 92.31 -58.04
C GLY V 52 20.80 93.69 -57.42
N CYS V 53 19.71 94.06 -56.76
CA CYS V 53 19.58 95.35 -56.09
C CYS V 53 19.03 95.14 -54.69
N ARG V 54 19.43 96.02 -53.78
CA ARG V 54 18.99 95.97 -52.39
C ARG V 54 18.74 97.38 -51.88
N HIS V 55 18.19 97.46 -50.67
CA HIS V 55 17.84 98.73 -50.04
C HIS V 55 18.66 98.94 -48.79
N TYR V 56 18.93 100.21 -48.48
CA TYR V 56 19.56 100.60 -47.24
C TYR V 56 18.74 101.76 -46.64
N THR V 57 18.93 101.99 -45.35
CA THR V 57 18.23 103.05 -44.66
C THR V 57 19.20 104.20 -44.37
N THR V 58 18.88 105.38 -44.89
CA THR V 58 19.67 106.56 -44.55
C THR V 58 19.47 106.99 -43.12
N GLY V 59 18.37 106.59 -42.49
CA GLY V 59 18.02 107.07 -41.18
C GLY V 59 17.31 108.41 -41.17
N LEU V 60 16.92 108.92 -42.34
CA LEU V 60 16.26 110.21 -42.46
C LEU V 60 14.76 109.99 -42.55
N THR V 61 14.02 110.62 -41.64
CA THR V 61 12.58 110.70 -41.81
C THR V 61 12.26 111.81 -42.81
N LEU V 62 10.99 111.86 -43.24
CA LEU V 62 10.60 112.86 -44.23
C LEU V 62 10.72 114.27 -43.68
N MET V 63 10.51 114.45 -42.37
CA MET V 63 10.59 115.77 -41.76
C MET V 63 11.95 116.40 -41.94
N ASP V 64 12.99 115.60 -42.17
CA ASP V 64 14.32 116.14 -42.40
C ASP V 64 14.37 116.94 -43.70
N ILE V 65 13.73 116.44 -44.74
CA ILE V 65 13.78 117.07 -46.06
C ILE V 65 12.41 117.63 -46.47
N LEU V 66 11.55 117.95 -45.51
CA LEU V 66 10.26 118.54 -45.79
C LEU V 66 10.21 119.95 -45.22
N ASP V 67 9.88 120.93 -46.06
CA ASP V 67 9.92 122.33 -45.64
C ASP V 67 9.00 122.58 -44.45
N THR V 68 7.78 122.04 -44.51
CA THR V 68 6.79 122.20 -43.44
C THR V 68 6.53 123.67 -43.13
N LYS V 85 -4.94 98.62 -35.37
CA LYS V 85 -5.16 98.66 -36.81
C LYS V 85 -5.54 97.27 -37.32
N ALA V 86 -4.64 96.66 -38.08
CA ALA V 86 -4.84 95.31 -38.62
C ALA V 86 -3.79 94.39 -38.03
N GLU V 87 -4.23 93.34 -37.35
CA GLU V 87 -3.36 92.46 -36.58
C GLU V 87 -3.47 91.04 -37.11
N PHE V 88 -2.34 90.48 -37.53
CA PHE V 88 -2.29 89.14 -38.12
C PHE V 88 -1.38 88.26 -37.28
N GLN V 89 -1.89 87.11 -36.85
CA GLN V 89 -1.16 86.18 -36.01
C GLN V 89 -0.74 84.99 -36.87
N ILE V 90 0.51 84.96 -37.27
CA ILE V 90 1.04 83.86 -38.07
C ILE V 90 1.69 82.85 -37.11
N LEU V 91 1.62 81.57 -37.49
CA LEU V 91 2.23 80.51 -36.69
C LEU V 91 2.48 79.33 -37.61
N ASP V 92 3.71 78.83 -37.64
CA ASP V 92 4.01 77.72 -38.53
C ASP V 92 5.22 76.95 -38.04
N ASN V 93 5.34 75.73 -38.55
CA ASN V 93 6.50 74.88 -38.37
C ASN V 93 6.85 74.28 -39.72
N VAL V 94 8.15 74.21 -40.01
CA VAL V 94 8.65 73.76 -41.30
C VAL V 94 9.70 72.67 -41.07
N ASP V 95 9.60 71.61 -41.86
CA ASP V 95 10.56 70.51 -41.80
C ASP V 95 10.99 70.18 -43.23
N SER V 96 12.23 70.52 -43.58
CA SER V 96 12.74 70.30 -44.92
C SER V 96 13.99 69.44 -44.87
N THR V 97 14.23 68.69 -45.95
CA THR V 97 15.40 67.83 -46.04
C THR V 97 15.75 67.62 -47.50
N GLY V 98 17.03 67.74 -47.83
CA GLY V 98 17.49 67.50 -49.19
C GLY V 98 18.79 66.73 -49.24
N GLU V 99 18.79 65.60 -49.95
CA GLU V 99 19.99 64.74 -50.01
C GLU V 99 20.39 64.55 -51.48
N LEU V 100 21.66 64.78 -51.79
CA LEU V 100 22.17 64.63 -53.15
C LEU V 100 23.42 63.76 -53.12
N ILE V 101 23.65 63.05 -54.22
CA ILE V 101 24.81 62.18 -54.39
C ILE V 101 25.38 62.42 -55.79
N VAL V 102 26.70 62.54 -55.89
CA VAL V 102 27.36 62.77 -57.17
C VAL V 102 28.53 61.80 -57.28
N ARG V 103 28.72 61.23 -58.46
CA ARG V 103 29.85 60.35 -58.73
C ARG V 103 30.61 60.85 -59.95
N LEU V 104 31.92 60.63 -59.94
CA LEU V 104 32.79 61.08 -61.06
C LEU V 104 33.75 59.95 -61.40
N PRO V 105 34.16 59.79 -62.68
CA PRO V 105 35.12 58.76 -63.09
C PRO V 105 36.50 58.93 -62.47
N LYS V 106 36.77 60.05 -61.79
CA LYS V 106 38.03 60.28 -61.09
C LYS V 106 38.00 59.75 -59.67
N GLU V 107 37.16 58.75 -59.40
CA GLU V 107 36.99 58.17 -58.06
C GLU V 107 36.58 59.22 -57.04
N ILE V 108 35.65 60.10 -57.43
CA ILE V 108 35.14 61.14 -56.54
C ILE V 108 33.65 60.91 -56.32
N THR V 109 33.29 60.40 -55.15
CA THR V 109 31.90 60.13 -54.79
C THR V 109 31.52 61.02 -53.62
N ILE V 110 30.71 62.03 -53.87
CA ILE V 110 30.29 62.96 -52.84
C ILE V 110 28.82 62.72 -52.53
N SER V 111 28.43 63.07 -51.30
CA SER V 111 27.04 62.94 -50.88
C SER V 111 26.78 63.93 -49.76
N GLY V 112 25.72 64.72 -49.91
CA GLY V 112 25.39 65.74 -48.94
C GLY V 112 23.92 65.83 -48.59
N SER V 113 23.62 65.95 -47.29
CA SER V 113 22.27 66.10 -46.80
C SER V 113 22.16 67.41 -46.03
N PHE V 114 21.07 68.12 -46.25
CA PHE V 114 20.84 69.42 -45.63
C PHE V 114 19.40 69.45 -45.14
N GLN V 115 19.21 69.52 -43.82
CA GLN V 115 17.89 69.48 -43.24
C GLN V 115 17.67 70.69 -42.34
N GLY V 116 16.41 71.06 -42.19
CA GLY V 116 16.03 72.21 -41.39
C GLY V 116 14.70 72.03 -40.70
N PHE V 117 14.60 72.54 -39.48
CA PHE V 117 13.39 72.47 -38.67
C PHE V 117 13.18 73.85 -38.06
N HIS V 118 12.12 74.53 -38.49
CA HIS V 118 11.83 75.89 -38.07
C HIS V 118 10.51 75.92 -37.32
N HIS V 119 10.44 76.75 -36.27
CA HIS V 119 9.20 76.97 -35.55
C HIS V 119 9.07 78.44 -35.22
N GLN V 120 7.98 79.06 -35.70
CA GLN V 120 7.77 80.48 -35.49
C GLN V 120 6.31 80.73 -35.12
N LYS V 121 6.11 81.68 -34.20
CA LYS V 121 4.79 82.18 -33.85
C LYS V 121 4.94 83.67 -33.60
N ILE V 122 4.24 84.47 -34.41
CA ILE V 122 4.44 85.92 -34.38
C ILE V 122 3.09 86.59 -34.56
N LYS V 123 2.96 87.80 -34.02
CA LYS V 123 1.74 88.59 -34.11
C LYS V 123 2.13 89.98 -34.62
N ILE V 124 1.86 90.24 -35.89
CA ILE V 124 2.28 91.48 -36.52
C ILE V 124 1.08 92.40 -36.65
N SER V 125 1.35 93.68 -36.88
CA SER V 125 0.33 94.68 -37.12
C SER V 125 0.76 95.55 -38.29
N GLU V 126 -0.21 96.13 -38.96
CA GLU V 126 0.05 96.92 -40.16
C GLU V 126 -0.14 98.40 -39.88
N ASN V 127 0.77 99.22 -40.40
CA ASN V 127 0.61 100.66 -40.39
C ASN V 127 0.96 101.18 -41.78
N ARG V 128 0.37 102.33 -42.12
CA ARG V 128 0.56 102.86 -43.46
C ARG V 128 0.18 104.33 -43.47
N ILE V 129 0.88 105.09 -44.30
CA ILE V 129 0.58 106.51 -44.46
C ILE V 129 -0.61 106.66 -45.38
N SER V 130 -1.60 107.44 -44.94
CA SER V 130 -2.83 107.60 -45.71
C SER V 130 -2.56 108.27 -47.04
N GLN V 131 -3.33 107.87 -48.07
CA GLN V 131 -3.18 108.46 -49.38
C GLN V 131 -3.49 109.95 -49.38
N GLN V 132 -4.19 110.45 -48.37
CA GLN V 132 -4.35 111.89 -48.23
C GLN V 132 -3.00 112.58 -48.05
N TYR V 133 -2.13 111.98 -47.24
CA TYR V 133 -0.80 112.56 -47.04
C TYR V 133 -0.01 112.56 -48.34
N LEU V 134 0.03 111.41 -49.03
CA LEU V 134 0.73 111.35 -50.31
C LEU V 134 0.13 112.33 -51.30
N ALA V 135 -1.16 112.61 -51.20
CA ALA V 135 -1.76 113.67 -52.00
C ALA V 135 -1.19 115.04 -51.61
N THR V 136 -0.99 115.27 -50.31
CA THR V 136 -0.42 116.53 -49.86
C THR V 136 1.07 116.63 -50.13
N LEU V 137 1.81 115.53 -50.05
CA LEU V 137 3.25 115.54 -50.23
C LEU V 137 3.63 115.46 -51.71
N GLU V 138 3.08 116.33 -52.55
CA GLU V 138 3.36 116.32 -53.97
C GLU V 138 4.16 117.56 -54.36
N ASN V 139 5.33 117.33 -54.95
CA ASN V 139 6.20 118.40 -55.45
C ASN V 139 6.45 119.46 -54.38
N ARG V 140 6.74 118.99 -53.17
CA ARG V 140 7.04 119.89 -52.06
C ARG V 140 8.46 120.44 -52.18
N LYS V 141 8.66 121.63 -51.66
CA LYS V 141 10.00 122.16 -51.50
C LYS V 141 10.64 121.55 -50.27
N LEU V 142 11.93 121.26 -50.36
CA LEU V 142 12.66 120.65 -49.25
C LEU V 142 13.00 121.73 -48.23
N LYS V 143 13.81 121.36 -47.23
CA LYS V 143 14.32 122.33 -46.28
C LYS V 143 15.58 122.98 -46.83
N ARG V 144 15.71 124.28 -46.62
CA ARG V 144 16.94 124.98 -46.99
C ARG V 144 18.14 124.47 -46.22
N GLU V 145 17.91 123.83 -45.07
CA GLU V 145 18.99 123.25 -44.26
C GLU V 145 19.32 121.86 -44.81
N LEU V 146 19.94 121.85 -45.98
CA LEU V 146 20.38 120.61 -46.63
C LEU V 146 21.37 119.88 -45.74
N PRO V 147 21.00 118.74 -45.16
CA PRO V 147 21.97 117.99 -44.35
C PRO V 147 22.99 117.32 -45.24
N PHE V 148 24.24 117.27 -44.76
CA PHE V 148 25.26 116.54 -45.49
C PHE V 148 24.91 115.07 -45.61
N SER V 149 24.07 114.55 -44.70
CA SER V 149 23.58 113.19 -44.82
C SER V 149 22.85 112.99 -46.14
N PHE V 150 22.02 113.95 -46.53
CA PHE V 150 21.31 113.89 -47.80
C PHE V 150 22.06 114.60 -48.92
N ARG V 151 22.71 115.73 -48.62
CA ARG V 151 23.37 116.50 -49.66
C ARG V 151 24.43 115.69 -50.39
N SER V 152 25.05 114.74 -49.70
CA SER V 152 26.12 113.94 -50.29
C SER V 152 25.62 112.64 -50.89
N ILE V 153 24.31 112.42 -50.92
CA ILE V 153 23.78 111.19 -51.50
C ILE V 153 24.13 111.14 -52.97
N ASN V 154 24.67 110.01 -53.41
CA ASN V 154 25.06 109.85 -54.80
C ASN V 154 23.82 109.85 -55.69
N THR V 155 23.80 110.75 -56.67
CA THR V 155 22.65 110.89 -57.55
C THR V 155 22.50 109.71 -58.51
N ARG V 156 23.52 108.87 -58.66
CA ARG V 156 23.40 107.70 -59.52
C ARG V 156 22.34 106.73 -59.00
N GLU V 157 22.29 106.52 -57.69
CA GLU V 157 21.31 105.66 -57.07
C GLU V 157 20.00 106.42 -56.84
N ASN V 158 18.98 105.69 -56.41
CA ASN V 158 17.64 106.23 -56.28
C ASN V 158 17.35 106.64 -54.84
N LEU V 159 16.11 107.06 -54.58
CA LEU V 159 15.71 107.46 -53.24
C LEU V 159 14.21 107.23 -53.12
N TYR V 160 13.78 106.65 -51.99
CA TYR V 160 12.40 106.23 -51.80
C TYR V 160 11.93 106.64 -50.42
N LEU V 161 10.61 106.66 -50.25
CA LEU V 161 9.98 106.90 -48.98
C LEU V 161 9.22 105.64 -48.57
N VAL V 162 9.40 105.22 -47.32
CA VAL V 162 8.72 104.03 -46.82
C VAL V 162 7.26 104.38 -46.55
N THR V 163 6.35 103.61 -47.14
CA THR V 163 4.92 103.89 -47.14
C THR V 163 4.16 103.05 -46.14
N GLU V 164 4.29 101.72 -46.22
CA GLU V 164 3.56 100.81 -45.34
C GLU V 164 4.54 99.86 -44.68
N THR V 165 4.22 99.46 -43.45
CA THR V 165 5.11 98.64 -42.64
C THR V 165 4.31 97.63 -41.83
N LEU V 166 4.83 96.40 -41.79
CA LEU V 166 4.34 95.37 -40.89
C LEU V 166 5.33 95.25 -39.73
N GLU V 167 4.85 95.52 -38.52
CA GLU V 167 5.70 95.57 -37.35
C GLU V 167 5.11 94.72 -36.24
N THR V 168 5.97 94.00 -35.53
CA THR V 168 5.49 93.17 -34.43
C THR V 168 4.94 94.06 -33.31
N VAL V 169 4.11 93.45 -32.45
CA VAL V 169 3.53 94.17 -31.33
C VAL V 169 3.73 93.39 -30.04
N LYS V 170 4.50 92.30 -30.12
CA LYS V 170 4.70 91.44 -28.96
C LYS V 170 6.11 90.88 -28.99
N GLU V 171 6.65 90.60 -27.80
CA GLU V 171 7.98 90.03 -27.69
C GLU V 171 7.98 88.60 -28.20
N GLU V 172 8.70 88.35 -29.28
CA GLU V 172 8.65 87.05 -29.94
C GLU V 172 9.91 86.24 -29.64
N THR V 173 9.80 84.92 -29.86
CA THR V 173 10.89 83.99 -29.60
C THR V 173 10.85 82.92 -30.68
N LEU V 174 11.70 83.07 -31.69
CA LEU V 174 11.68 82.21 -32.86
C LEU V 174 12.79 81.16 -32.77
N LYS V 175 12.52 79.96 -33.31
CA LYS V 175 13.47 78.86 -33.18
C LYS V 175 13.76 78.24 -34.54
N SER V 176 15.00 77.83 -34.73
CA SER V 176 15.43 77.13 -35.93
C SER V 176 16.40 76.02 -35.54
N ASP V 177 16.61 75.11 -36.48
CA ASP V 177 17.56 74.02 -36.25
C ASP V 177 18.03 73.50 -37.61
N ARG V 178 19.31 73.67 -37.90
CA ARG V 178 19.89 73.29 -39.17
C ARG V 178 20.83 72.10 -39.00
N GLN V 179 20.96 71.30 -40.06
CA GLN V 179 21.89 70.18 -40.06
C GLN V 179 22.48 70.05 -41.46
N TYR V 180 23.81 70.09 -41.54
CA TYR V 180 24.55 69.93 -42.79
C TYR V 180 25.48 68.74 -42.63
N LYS V 181 25.17 67.63 -43.27
CA LYS V 181 25.99 66.42 -43.19
C LYS V 181 26.43 66.07 -44.60
N PHE V 182 27.65 66.47 -44.98
CA PHE V 182 28.11 66.19 -46.34
C PHE V 182 29.55 65.71 -46.33
N TRP V 183 29.83 64.72 -47.17
CA TRP V 183 31.15 64.13 -47.30
C TRP V 183 31.45 63.87 -48.76
N SER V 184 32.69 63.45 -49.01
CA SER V 184 33.17 63.24 -50.37
C SER V 184 34.40 62.35 -50.30
N GLN V 185 34.37 61.22 -51.00
CA GLN V 185 35.52 60.36 -51.15
C GLN V 185 36.26 60.68 -52.44
N ILE V 186 37.58 60.78 -52.34
CA ILE V 186 38.43 61.06 -53.48
C ILE V 186 39.24 59.80 -53.79
N SER V 187 39.99 59.85 -54.90
CA SER V 187 40.79 58.70 -55.29
C SER V 187 41.82 58.35 -54.22
N GLN V 188 42.29 59.36 -53.48
CA GLN V 188 43.28 59.12 -52.42
C GLN V 188 42.61 58.97 -51.06
N GLY V 189 41.84 59.97 -50.65
CA GLY V 189 41.27 59.99 -49.32
C GLY V 189 39.82 60.46 -49.33
N HIS V 190 39.36 60.86 -48.15
CA HIS V 190 37.97 61.27 -47.92
C HIS V 190 37.96 62.65 -47.25
N LEU V 191 36.75 63.19 -47.11
CA LEU V 191 36.57 64.45 -46.38
C LEU V 191 35.10 64.58 -46.02
N SER V 192 34.80 64.71 -44.73
CA SER V 192 33.43 64.77 -44.25
C SER V 192 33.25 65.95 -43.32
N TYR V 193 32.01 66.41 -43.20
CA TYR V 193 31.67 67.50 -42.30
C TYR V 193 30.21 67.34 -41.85
N LYS V 194 30.01 67.32 -40.53
CA LYS V 194 28.69 67.21 -39.94
C LYS V 194 28.47 68.36 -38.97
N HIS V 195 27.44 69.15 -39.23
CA HIS V 195 27.08 70.29 -38.40
C HIS V 195 25.63 70.16 -37.99
N LYS V 196 25.36 70.36 -36.69
CA LYS V 196 24.01 70.38 -36.16
C LYS V 196 23.89 71.57 -35.23
N GLY V 197 23.03 72.52 -35.59
CA GLY V 197 22.90 73.72 -34.79
C GLY V 197 21.47 74.12 -34.51
N GLN V 198 21.12 74.22 -33.23
CA GLN V 198 19.83 74.74 -32.80
C GLN V 198 20.00 76.19 -32.39
N ARG V 199 19.13 77.06 -32.91
CA ARG V 199 19.26 78.50 -32.71
C ARG V 199 17.91 79.05 -32.26
N GLU V 200 17.97 80.11 -31.47
CA GLU V 200 16.76 80.71 -30.91
C GLU V 200 17.02 82.18 -30.67
N VAL V 201 16.07 83.03 -31.07
CA VAL V 201 16.25 84.47 -30.98
C VAL V 201 14.99 85.09 -30.38
N THR V 202 15.17 86.26 -29.75
CA THR V 202 14.09 87.00 -29.14
C THR V 202 14.01 88.39 -29.76
N ILE V 203 12.79 88.90 -29.88
CA ILE V 203 12.52 90.14 -30.60
C ILE V 203 11.62 91.04 -29.78
N PRO V 204 11.97 92.32 -29.64
CA PRO V 204 11.08 93.26 -28.95
C PRO V 204 9.95 93.71 -29.84
N PRO V 205 8.96 94.42 -29.31
CA PRO V 205 7.86 94.90 -30.15
C PRO V 205 8.33 95.97 -31.13
N ASN V 206 7.44 96.27 -32.08
CA ASN V 206 7.58 97.36 -33.04
C ASN V 206 8.72 97.17 -34.02
N ARG V 207 9.20 95.95 -34.19
CA ARG V 207 10.25 95.68 -35.17
C ARG V 207 9.63 95.50 -36.55
N VAL V 208 9.99 96.39 -37.48
CA VAL V 208 9.39 96.37 -38.81
C VAL V 208 9.84 95.12 -39.54
N LEU V 209 8.86 94.29 -39.94
CA LEU V 209 9.15 93.05 -40.63
C LEU V 209 9.14 93.18 -42.15
N SER V 210 8.43 94.17 -42.69
CA SER V 210 8.41 94.36 -44.14
C SER V 210 7.96 95.78 -44.44
N TYR V 211 8.25 96.22 -45.66
CA TYR V 211 7.93 97.59 -46.06
C TYR V 211 7.79 97.65 -47.57
N ARG V 212 7.14 98.73 -48.02
CA ARG V 212 7.04 99.06 -49.43
C ARG V 212 7.34 100.53 -49.60
N VAL V 213 7.75 100.93 -50.81
CA VAL V 213 8.34 102.24 -51.02
C VAL V 213 7.67 102.96 -52.18
N LYS V 214 7.71 104.29 -52.12
CA LYS V 214 7.31 105.16 -53.22
C LYS V 214 8.47 106.08 -53.57
N GLN V 215 8.80 106.18 -54.85
CA GLN V 215 10.05 106.84 -55.21
C GLN V 215 9.93 108.36 -54.99
N LEU V 216 11.07 109.03 -54.88
CA LEU V 216 11.13 110.48 -54.82
C LEU V 216 12.16 110.96 -55.83
N VAL V 217 11.70 111.52 -56.95
CA VAL V 217 12.58 112.09 -57.96
C VAL V 217 12.71 113.58 -57.71
N PHE V 218 13.92 114.10 -57.95
CA PHE V 218 14.30 115.48 -57.64
C PHE V 218 14.88 116.13 -58.89
N PRO V 219 14.05 116.74 -59.74
CA PRO V 219 14.61 117.53 -60.85
C PRO V 219 15.48 118.69 -60.41
N ASN V 220 15.25 119.22 -59.21
CA ASN V 220 16.11 120.25 -58.63
C ASN V 220 16.09 120.10 -57.12
N LYS V 221 16.55 121.10 -56.40
CA LYS V 221 16.70 121.05 -54.96
C LYS V 221 15.45 121.47 -54.20
N GLU V 222 14.37 121.81 -54.90
CA GLU V 222 13.13 122.21 -54.26
C GLU V 222 11.94 121.39 -54.75
N THR V 223 12.21 120.24 -55.39
CA THR V 223 11.18 119.42 -56.01
C THR V 223 11.21 118.03 -55.38
N MET V 224 10.34 117.81 -54.39
CA MET V 224 10.15 116.49 -53.82
C MET V 224 9.10 115.72 -54.61
N ASN V 225 9.44 115.44 -55.87
CA ASN V 225 8.44 114.89 -56.79
C ASN V 225 8.18 113.43 -56.46
N ILE V 226 7.02 113.14 -55.88
CA ILE V 226 6.73 111.80 -55.39
C ILE V 226 6.24 110.95 -56.56
N HIS V 227 6.98 109.89 -56.87
CA HIS V 227 6.72 109.04 -58.02
C HIS V 227 6.06 107.76 -57.51
N PHE V 228 4.87 107.46 -58.04
CA PHE V 228 4.11 106.28 -57.64
C PHE V 228 4.42 105.09 -58.52
N ARG V 229 4.19 105.22 -59.82
CA ARG V 229 4.36 104.13 -60.76
C ARG V 229 5.40 104.51 -61.80
N GLY V 230 6.26 103.55 -62.16
CA GLY V 230 7.21 103.78 -63.22
C GLY V 230 8.66 103.66 -62.80
N LYS V 231 9.40 102.78 -63.47
CA LYS V 231 10.84 102.65 -63.23
C LYS V 231 11.54 103.81 -63.91
N THR V 232 12.15 104.68 -63.12
CA THR V 232 12.77 105.90 -63.64
C THR V 232 13.99 106.22 -62.79
N LYS V 233 14.55 107.41 -63.02
CA LYS V 233 15.70 107.89 -62.27
C LYS V 233 15.24 108.88 -61.22
N SER V 234 15.68 108.68 -59.98
CA SER V 234 15.24 109.48 -58.85
C SER V 234 16.04 110.78 -58.70
N PHE V 235 17.04 111.01 -59.56
CA PHE V 235 17.82 112.24 -59.53
C PHE V 235 18.15 112.65 -60.95
N PRO V 236 17.21 113.31 -61.63
CA PRO V 236 17.48 113.79 -63.00
C PRO V 236 18.22 115.10 -63.06
N GLU V 237 18.47 115.74 -61.92
CA GLU V 237 19.15 117.02 -61.87
C GLU V 237 20.60 116.91 -62.34
CA MET W 5 40.51 78.38 -32.68
C MET W 5 40.34 79.87 -32.42
N PHE W 6 39.23 80.23 -31.76
CA PHE W 6 38.91 81.61 -31.49
C PHE W 6 38.48 81.75 -30.04
N SER W 7 38.57 82.98 -29.53
CA SER W 7 38.10 83.28 -28.19
C SER W 7 36.61 83.02 -28.08
N VAL W 8 36.13 82.74 -26.86
CA VAL W 8 34.70 82.55 -26.66
C VAL W 8 33.94 83.83 -26.98
N PHE W 9 34.48 84.97 -26.53
CA PHE W 9 33.89 86.25 -26.87
C PHE W 9 33.90 86.49 -28.37
N GLU W 10 34.95 86.04 -29.05
CA GLU W 10 34.98 86.14 -30.50
C GLU W 10 33.82 85.37 -31.13
N GLU W 11 33.57 84.15 -30.64
CA GLU W 11 32.48 83.36 -31.18
C GLU W 11 31.13 84.00 -30.92
N ILE W 12 30.90 84.50 -29.70
CA ILE W 12 29.61 85.09 -29.40
C ILE W 12 29.40 86.36 -30.21
N THR W 13 30.47 87.14 -30.43
CA THR W 13 30.31 88.33 -31.26
C THR W 13 30.05 87.98 -32.71
N ARG W 14 30.69 86.93 -33.22
CA ARG W 14 30.40 86.49 -34.58
C ARG W 14 28.96 86.05 -34.72
N ILE W 15 28.44 85.32 -33.74
CA ILE W 15 27.04 84.91 -33.78
C ILE W 15 26.12 86.13 -33.74
N VAL W 16 26.41 87.09 -32.85
CA VAL W 16 25.54 88.26 -32.73
C VAL W 16 25.56 89.08 -34.01
N VAL W 17 26.72 89.18 -34.67
CA VAL W 17 26.75 89.94 -35.91
C VAL W 17 26.02 89.19 -37.02
N LYS W 18 26.20 87.88 -37.10
CA LYS W 18 25.50 87.11 -38.14
C LYS W 18 23.99 87.16 -37.94
N GLU W 19 23.52 87.33 -36.71
CA GLU W 19 22.08 87.32 -36.48
C GLU W 19 21.48 88.73 -36.51
N MET W 20 21.93 89.61 -35.62
CA MET W 20 21.32 90.93 -35.47
C MET W 20 21.52 91.82 -36.69
N ASP W 21 22.46 91.49 -37.57
CA ASP W 21 22.63 92.31 -38.77
C ASP W 21 22.99 91.37 -39.92
N ALA W 22 21.96 90.92 -40.64
CA ALA W 22 22.18 90.16 -41.85
C ALA W 22 22.76 91.07 -42.92
N GLY W 23 23.89 90.67 -43.48
CA GLY W 23 24.58 91.55 -44.40
C GLY W 23 24.98 92.83 -43.70
N GLY W 24 24.55 93.97 -44.24
CA GLY W 24 24.80 95.23 -43.59
C GLY W 24 26.27 95.56 -43.52
N ASP W 25 26.66 96.29 -42.47
CA ASP W 25 28.04 96.73 -42.31
C ASP W 25 28.60 96.51 -40.91
N MET W 26 27.81 96.04 -39.96
CA MET W 26 28.29 95.88 -38.59
C MET W 26 29.42 94.85 -38.54
N ILE W 27 30.48 95.19 -37.81
CA ILE W 27 31.60 94.31 -37.57
C ILE W 27 31.63 93.94 -36.10
N ALA W 28 32.11 92.74 -35.82
CA ALA W 28 32.08 92.18 -34.47
C ALA W 28 33.34 92.55 -33.71
N VAL W 29 33.16 93.00 -32.46
CA VAL W 29 34.30 93.23 -31.58
C VAL W 29 35.03 91.92 -31.36
N ARG W 30 36.35 91.96 -31.43
CA ARG W 30 37.15 90.75 -31.31
C ARG W 30 37.55 90.45 -29.87
N SER W 31 38.14 91.43 -29.18
CA SER W 31 38.68 91.24 -27.85
C SER W 31 37.87 92.05 -26.85
N LEU W 32 37.55 91.45 -25.71
CA LEU W 32 36.73 92.16 -24.74
C LEU W 32 37.53 93.03 -23.79
N VAL W 33 38.87 92.98 -23.87
CA VAL W 33 39.66 93.93 -23.09
C VAL W 33 39.44 95.35 -23.61
N ASP W 34 39.40 95.52 -24.93
CA ASP W 34 39.15 96.80 -25.55
C ASP W 34 37.72 96.92 -26.07
N ALA W 35 36.80 96.10 -25.55
CA ALA W 35 35.40 96.27 -25.88
C ALA W 35 34.89 97.61 -25.38
N ASP W 36 35.30 98.01 -24.17
CA ASP W 36 34.86 99.29 -23.62
C ASP W 36 35.36 100.45 -24.47
N ARG W 37 36.45 100.25 -25.21
CA ARG W 37 36.97 101.33 -26.05
C ARG W 37 36.33 101.37 -27.43
N PHE W 38 35.39 100.48 -27.72
CA PHE W 38 34.61 100.52 -28.95
C PHE W 38 33.22 101.12 -28.74
N ARG W 39 32.99 101.71 -27.58
CA ARG W 39 31.71 102.33 -27.28
C ARG W 39 31.45 103.50 -28.24
N CYS W 40 30.23 104.01 -28.21
CA CYS W 40 29.85 105.09 -29.10
C CYS W 40 30.69 106.34 -28.83
N PHE W 41 30.97 107.07 -29.90
CA PHE W 41 31.79 108.28 -29.99
C PHE W 41 33.29 107.98 -29.93
N HIS W 42 33.71 106.74 -29.68
CA HIS W 42 35.13 106.44 -29.60
C HIS W 42 35.73 106.35 -31.00
N LEU W 43 36.77 107.15 -31.24
CA LEU W 43 37.44 107.12 -32.54
C LEU W 43 38.15 105.79 -32.74
N VAL W 44 38.18 105.33 -33.98
CA VAL W 44 38.75 104.04 -34.35
C VAL W 44 39.64 104.27 -35.57
N GLY W 45 40.63 103.41 -35.74
CA GLY W 45 41.49 103.49 -36.89
C GLY W 45 41.53 102.16 -37.62
N GLU W 46 42.00 102.21 -38.85
CA GLU W 46 42.12 101.03 -39.70
C GLU W 46 43.58 100.60 -39.82
N LYS W 47 43.77 99.34 -40.18
CA LYS W 47 45.10 98.81 -40.44
C LYS W 47 45.01 97.73 -41.49
N ARG W 48 45.94 97.76 -42.44
CA ARG W 48 45.93 96.83 -43.57
C ARG W 48 46.89 95.69 -43.33
N THR W 49 46.47 94.49 -43.73
CA THR W 49 47.29 93.29 -43.58
C THR W 49 47.26 92.49 -44.87
N PHE W 50 48.19 91.53 -44.98
CA PHE W 50 48.20 90.66 -46.15
C PHE W 50 46.93 89.81 -46.22
N PHE W 51 46.36 89.45 -45.06
CA PHE W 51 45.09 88.74 -45.06
C PHE W 51 43.94 89.68 -45.41
N GLY W 52 43.99 90.92 -44.93
CA GLY W 52 42.93 91.88 -45.18
C GLY W 52 43.09 93.17 -44.42
N CYS W 53 42.01 93.67 -43.83
CA CYS W 53 42.04 94.89 -43.02
C CYS W 53 41.31 94.66 -41.72
N ARG W 54 41.75 95.37 -40.68
CA ARG W 54 41.15 95.27 -39.35
C ARG W 54 41.09 96.64 -38.71
N HIS W 55 40.43 96.72 -37.56
CA HIS W 55 40.24 97.97 -36.84
C HIS W 55 40.93 97.90 -35.49
N TYR W 56 41.38 99.06 -35.02
CA TYR W 56 41.92 99.23 -33.69
C TYR W 56 41.26 100.44 -33.04
N THR W 57 41.34 100.52 -31.73
CA THR W 57 40.76 101.62 -30.98
C THR W 57 41.87 102.54 -30.49
N THR W 58 41.81 103.81 -30.90
CA THR W 58 42.75 104.78 -30.36
C THR W 58 42.47 105.11 -28.91
N GLY W 59 41.26 104.86 -28.44
CA GLY W 59 40.85 105.28 -27.12
C GLY W 59 40.38 106.72 -27.04
N LEU W 60 40.24 107.40 -28.16
CA LEU W 60 39.82 108.79 -28.21
C LEU W 60 38.32 108.87 -28.46
N THR W 61 37.60 109.52 -27.56
CA THR W 61 36.23 109.89 -27.86
C THR W 61 36.21 111.12 -28.76
N LEU W 62 35.04 111.44 -29.29
CA LEU W 62 34.94 112.58 -30.20
C LEU W 62 35.24 113.89 -29.49
N MET W 63 34.91 113.98 -28.19
CA MET W 63 35.14 115.21 -27.44
C MET W 63 36.61 115.59 -27.41
N ASP W 64 37.52 114.63 -27.63
CA ASP W 64 38.95 114.95 -27.67
C ASP W 64 39.28 115.83 -28.86
N ILE W 65 38.68 115.56 -30.01
CA ILE W 65 38.99 116.29 -31.24
C ILE W 65 37.80 117.12 -31.71
N LEU W 66 36.90 117.51 -30.80
CA LEU W 66 35.76 118.35 -31.15
C LEU W 66 35.91 119.69 -30.43
N ASP W 67 35.84 120.78 -31.18
CA ASP W 67 36.07 122.11 -30.61
C ASP W 67 35.08 122.41 -29.49
N THR W 68 33.81 122.12 -29.72
CA THR W 68 32.75 122.35 -28.74
C THR W 68 32.71 123.81 -28.29
N LYS W 85 16.28 100.70 -24.49
CA LYS W 85 16.22 100.91 -25.94
C LYS W 85 15.67 99.67 -26.64
N ALA W 86 16.52 98.97 -27.37
CA ALA W 86 16.16 97.74 -28.08
C ALA W 86 16.97 96.59 -27.48
N GLU W 87 16.27 95.58 -26.98
CA GLU W 87 16.88 94.49 -26.23
C GLU W 87 16.58 93.17 -26.93
N PHE W 88 17.64 92.45 -27.29
CA PHE W 88 17.53 91.20 -28.02
C PHE W 88 18.17 90.08 -27.21
N GLN W 89 17.41 89.01 -26.96
CA GLN W 89 17.88 87.89 -26.16
C GLN W 89 18.18 86.72 -27.10
N ILE W 90 19.44 86.49 -27.38
CA ILE W 90 19.87 85.40 -28.24
C ILE W 90 20.21 84.21 -27.35
N LEU W 91 19.97 83.00 -27.87
CA LEU W 91 20.29 81.78 -27.14
C LEU W 91 20.43 80.66 -28.16
N ASP W 92 21.55 79.95 -28.13
CA ASP W 92 21.75 78.88 -29.10
C ASP W 92 22.76 77.87 -28.58
N ASN W 93 22.71 76.70 -29.22
CA ASN W 93 23.69 75.64 -29.02
C ASN W 93 24.08 75.11 -30.39
N VAL W 94 25.37 74.82 -30.56
CA VAL W 94 25.93 74.42 -31.83
C VAL W 94 26.73 73.14 -31.64
N ASP W 95 26.54 72.18 -32.54
CA ASP W 95 27.30 70.92 -32.51
C ASP W 95 27.81 70.67 -33.93
N SER W 96 29.12 70.79 -34.12
CA SER W 96 29.73 70.61 -35.42
C SER W 96 30.81 69.53 -35.34
N THR W 97 31.03 68.86 -36.47
CA THR W 97 32.04 67.81 -36.55
C THR W 97 32.51 67.68 -37.98
N GLY W 98 33.82 67.58 -38.17
CA GLY W 98 34.38 67.39 -39.50
C GLY W 98 35.53 66.40 -39.51
N GLU W 99 35.41 65.37 -40.34
CA GLU W 99 36.44 64.31 -40.38
C GLU W 99 36.97 64.18 -41.82
N LEU W 100 38.28 64.20 -41.98
CA LEU W 100 38.92 64.09 -43.28
C LEU W 100 39.98 63.00 -43.24
N ILE W 101 40.20 62.36 -44.39
CA ILE W 101 41.22 61.32 -44.54
C ILE W 101 41.96 61.57 -45.85
N VAL W 102 43.29 61.46 -45.80
CA VAL W 102 44.13 61.68 -46.97
C VAL W 102 45.12 60.52 -47.08
N ARG W 103 45.34 60.05 -48.30
CA ARG W 103 46.32 59.00 -48.56
C ARG W 103 47.28 59.46 -49.64
N LEU W 104 48.53 59.00 -49.53
CA LEU W 104 49.58 59.38 -50.50
C LEU W 104 50.36 58.13 -50.88
N PRO W 105 50.89 58.03 -52.12
CA PRO W 105 51.70 56.88 -52.54
C PRO W 105 53.00 56.73 -51.78
N LYS W 106 53.38 57.71 -50.96
CA LYS W 106 54.57 57.65 -50.13
C LYS W 106 54.29 57.00 -48.77
N GLU W 107 53.27 56.15 -48.70
CA GLU W 107 52.85 55.48 -47.46
C GLU W 107 52.51 56.50 -46.38
N ILE W 108 51.80 57.57 -46.75
CA ILE W 108 51.38 58.59 -45.80
C ILE W 108 49.86 58.63 -45.75
N THR W 109 49.29 58.08 -44.68
CA THR W 109 47.84 58.05 -44.49
C THR W 109 47.49 58.87 -43.27
N ILE W 110 46.90 60.04 -43.49
CA ILE W 110 46.53 60.94 -42.40
C ILE W 110 45.02 60.94 -42.25
N SER W 111 44.56 61.24 -41.04
CA SER W 111 43.12 61.32 -40.77
C SER W 111 42.91 62.24 -39.58
N GLY W 112 42.03 63.22 -39.74
CA GLY W 112 41.78 64.20 -38.69
C GLY W 112 40.32 64.51 -38.48
N SER W 113 39.90 64.57 -37.21
CA SER W 113 38.54 64.92 -36.83
C SER W 113 38.57 66.14 -35.94
N PHE W 114 37.66 67.07 -36.18
CA PHE W 114 37.59 68.33 -35.44
C PHE W 114 36.13 68.58 -35.09
N GLN W 115 35.81 68.56 -33.80
CA GLN W 115 34.44 68.70 -33.35
C GLN W 115 34.34 69.84 -32.35
N GLY W 116 33.15 70.43 -32.28
CA GLY W 116 32.88 71.54 -31.40
C GLY W 116 31.47 71.56 -30.87
N PHE W 117 31.32 71.95 -29.61
CA PHE W 117 30.04 72.03 -28.93
C PHE W 117 29.99 73.37 -28.19
N HIS W 118 29.13 74.27 -28.64
CA HIS W 118 29.04 75.61 -28.10
C HIS W 118 27.67 75.83 -27.49
N HIS W 119 27.62 76.55 -26.36
CA HIS W 119 26.36 76.92 -25.75
C HIS W 119 26.45 78.36 -25.27
N GLN W 120 25.55 79.20 -25.77
CA GLN W 120 25.56 80.61 -25.43
C GLN W 120 24.15 81.09 -25.17
N LYS W 121 24.00 81.98 -24.18
CA LYS W 121 22.76 82.67 -23.90
C LYS W 121 23.14 84.09 -23.48
N ILE W 122 22.69 85.07 -24.25
CA ILE W 122 23.12 86.45 -24.05
C ILE W 122 21.94 87.37 -24.27
N LYS W 123 21.97 88.53 -23.62
CA LYS W 123 20.92 89.54 -23.73
C LYS W 123 21.60 90.87 -24.05
N ILE W 124 21.53 91.29 -25.30
CA ILE W 124 22.22 92.48 -25.75
C ILE W 124 21.22 93.62 -25.88
N SER W 125 21.73 94.84 -25.94
CA SER W 125 20.93 96.03 -26.16
C SER W 125 21.64 96.90 -27.18
N GLU W 126 20.87 97.72 -27.88
CA GLU W 126 21.39 98.55 -28.95
C GLU W 126 21.43 100.02 -28.53
N ASN W 127 22.52 100.69 -28.87
CA ASN W 127 22.62 102.13 -28.71
C ASN W 127 23.21 102.71 -29.99
N ARG W 128 22.86 103.96 -30.26
CA ARG W 128 23.30 104.58 -31.51
C ARG W 128 23.18 106.09 -31.38
N ILE W 129 24.09 106.78 -32.06
CA ILE W 129 24.07 108.24 -32.08
C ILE W 129 23.03 108.70 -33.10
N SER W 130 22.15 109.60 -32.67
CA SER W 130 21.06 110.04 -33.53
C SER W 130 21.60 110.78 -34.74
N GLN W 131 20.89 110.62 -35.87
CA GLN W 131 21.28 111.30 -37.10
C GLN W 131 21.23 112.82 -36.97
N GLN W 132 20.53 113.34 -35.97
CA GLN W 132 20.61 114.76 -35.69
C GLN W 132 22.02 115.16 -35.31
N TYR W 133 22.68 114.35 -34.48
CA TYR W 133 24.05 114.65 -34.10
C TYR W 133 24.98 114.62 -35.31
N LEU W 134 24.90 113.56 -36.11
CA LEU W 134 25.72 113.49 -37.32
C LEU W 134 25.41 114.65 -38.25
N ALA W 135 24.19 115.16 -38.24
CA ALA W 135 23.88 116.38 -38.97
C ALA W 135 24.62 117.57 -38.38
N THR W 136 24.72 117.64 -37.05
CA THR W 136 25.44 118.72 -36.41
C THR W 136 26.94 118.58 -36.52
N LEU W 137 27.46 117.36 -36.50
CA LEU W 137 28.90 117.12 -36.54
C LEU W 137 29.42 117.10 -37.98
N GLU W 138 29.13 118.13 -38.76
CA GLU W 138 29.56 118.21 -40.14
C GLU W 138 30.61 119.30 -40.30
N ASN W 139 31.78 118.92 -40.81
CA ASN W 139 32.87 119.84 -41.10
C ASN W 139 33.18 120.75 -39.90
N ARG W 140 33.24 120.12 -38.73
CA ARG W 140 33.56 120.84 -37.51
C ARG W 140 35.06 121.13 -37.43
N LYS W 141 35.41 122.21 -36.75
CA LYS W 141 36.79 122.47 -36.41
C LYS W 141 37.18 121.64 -35.20
N LEU W 142 38.40 121.12 -35.20
CA LEU W 142 38.87 120.29 -34.11
C LEU W 142 39.28 121.19 -32.94
N LYS W 143 39.89 120.59 -31.92
CA LYS W 143 40.45 121.35 -30.82
C LYS W 143 41.87 121.81 -31.17
N ARG W 144 42.19 123.04 -30.80
CA ARG W 144 43.55 123.53 -30.99
C ARG W 144 44.56 122.74 -30.16
N GLU W 145 44.09 122.05 -29.11
CA GLU W 145 44.95 121.21 -28.28
C GLU W 145 45.10 119.84 -28.94
N LEU W 146 45.84 119.83 -30.05
CA LEU W 146 46.12 118.59 -30.78
C LEU W 146 46.87 117.61 -29.88
N PRO W 147 46.24 116.51 -29.47
CA PRO W 147 46.96 115.53 -28.66
C PRO W 147 47.95 114.76 -29.53
N PHE W 148 49.11 114.44 -28.94
CA PHE W 148 50.07 113.60 -29.64
C PHE W 148 49.48 112.24 -29.96
N SER W 149 48.47 111.81 -29.20
CA SER W 149 47.76 110.57 -29.51
C SER W 149 47.16 110.63 -30.91
N PHE W 150 46.57 111.77 -31.26
CA PHE W 150 46.00 111.95 -32.60
C PHE W 150 46.99 112.61 -33.55
N ARG W 151 47.78 113.57 -33.07
CA ARG W 151 48.68 114.31 -33.96
C ARG W 151 49.65 113.38 -34.67
N SER W 152 50.03 112.27 -34.03
CA SER W 152 51.00 111.34 -34.59
C SER W 152 50.35 110.23 -35.38
N ILE W 153 49.04 110.25 -35.57
CA ILE W 153 48.37 109.20 -36.33
C ILE W 153 48.87 109.22 -37.76
N ASN W 154 49.25 108.05 -38.26
CA ASN W 154 49.76 107.95 -39.62
C ASN W 154 48.66 108.27 -40.61
N THR W 155 48.90 109.25 -41.48
CA THR W 155 47.89 109.67 -42.45
C THR W 155 47.65 108.64 -43.55
N ARG W 156 48.53 107.63 -43.68
CA ARG W 156 48.30 106.60 -44.68
C ARG W 156 47.04 105.79 -44.37
N GLU W 157 46.82 105.47 -43.10
CA GLU W 157 45.62 104.75 -42.69
C GLU W 157 44.45 105.72 -42.50
N ASN W 158 43.28 105.16 -42.25
CA ASN W 158 42.05 105.92 -42.19
C ASN W 158 41.67 106.24 -40.75
N LEU W 159 40.51 106.85 -40.56
CA LEU W 159 40.02 107.20 -39.23
C LEU W 159 38.51 107.24 -39.28
N TYR W 160 37.86 106.65 -38.27
CA TYR W 160 36.42 106.47 -38.25
C TYR W 160 35.87 106.83 -36.89
N LEU W 161 34.56 107.08 -36.85
CA LEU W 161 33.84 107.30 -35.61
C LEU W 161 32.84 106.18 -35.42
N VAL W 162 32.80 105.62 -34.22
CA VAL W 162 31.86 104.54 -33.92
C VAL W 162 30.47 105.12 -33.76
N THR W 163 29.52 104.58 -34.51
CA THR W 163 28.17 105.13 -34.62
C THR W 163 27.15 104.35 -33.80
N GLU W 164 27.07 103.03 -34.01
CA GLU W 164 26.09 102.19 -33.31
C GLU W 164 26.81 101.02 -32.67
N THR W 165 26.29 100.58 -31.52
CA THR W 165 26.93 99.54 -30.74
C THR W 165 25.89 98.62 -30.12
N LEU W 166 26.17 97.32 -30.16
CA LEU W 166 25.41 96.31 -29.44
C LEU W 166 26.22 95.91 -28.22
N GLU W 167 25.66 96.15 -27.03
CA GLU W 167 26.37 95.93 -25.78
C GLU W 167 25.52 95.10 -24.84
N THR W 168 26.15 94.18 -24.13
CA THR W 168 25.41 93.36 -23.19
C THR W 168 24.90 94.22 -22.03
N VAL W 169 23.88 93.70 -21.33
CA VAL W 169 23.32 94.41 -20.19
C VAL W 169 23.24 93.48 -18.98
N LYS W 170 23.80 92.28 -19.11
CA LYS W 170 23.72 91.30 -18.04
C LYS W 170 25.01 90.50 -18.00
N GLU W 171 25.35 90.02 -16.81
CA GLU W 171 26.55 89.21 -16.63
C GLU W 171 26.35 87.85 -17.29
N GLU W 172 27.13 87.56 -18.32
CA GLU W 172 26.94 86.37 -19.12
C GLU W 172 27.99 85.31 -18.80
N THR W 173 27.68 84.07 -19.18
CA THR W 173 28.56 82.93 -18.91
C THR W 173 28.45 81.99 -20.11
N LEU W 174 29.43 82.08 -21.01
CA LEU W 174 29.40 81.34 -22.26
C LEU W 174 30.28 80.10 -22.18
N LYS W 175 29.87 79.03 -22.87
CA LYS W 175 30.60 77.77 -22.79
C LYS W 175 30.93 77.23 -24.17
N SER W 176 32.10 76.62 -24.28
CA SER W 176 32.53 75.97 -25.51
C SER W 176 33.24 74.67 -25.16
N ASP W 177 33.40 73.82 -26.16
CA ASP W 177 34.11 72.55 -25.97
C ASP W 177 34.63 72.10 -27.33
N ARG W 178 35.96 72.04 -27.47
CA ARG W 178 36.59 71.69 -28.72
C ARG W 178 37.29 70.34 -28.59
N GLN W 179 37.39 69.63 -29.72
CA GLN W 179 38.11 68.36 -29.76
C GLN W 179 38.83 68.25 -31.09
N TYR W 180 40.14 68.06 -31.04
CA TYR W 180 40.97 67.88 -32.23
C TYR W 180 41.67 66.53 -32.11
N LYS W 181 41.24 65.56 -32.91
CA LYS W 181 41.83 64.21 -32.87
C LYS W 181 42.37 63.93 -34.27
N PHE W 182 43.67 64.12 -34.48
CA PHE W 182 44.22 63.89 -35.81
C PHE W 182 45.55 63.16 -35.72
N TRP W 183 45.74 62.22 -36.64
CA TRP W 183 46.94 61.40 -36.71
C TRP W 183 47.36 61.22 -38.16
N SER W 184 48.53 60.61 -38.33
CA SER W 184 49.12 60.44 -39.65
C SER W 184 50.17 59.34 -39.56
N GLN W 185 50.01 58.31 -40.39
CA GLN W 185 51.00 57.25 -40.51
C GLN W 185 51.93 57.56 -41.68
N ILE W 186 53.23 57.40 -41.45
CA ILE W 186 54.24 57.63 -42.47
C ILE W 186 54.85 56.28 -42.84
N SER W 187 55.71 56.29 -43.86
CA SER W 187 56.35 55.06 -44.30
C SER W 187 57.17 54.42 -43.18
N GLN W 188 57.71 55.25 -42.29
CA GLN W 188 58.53 54.75 -41.17
C GLN W 188 57.70 54.59 -39.90
N GLY W 189 57.07 55.67 -39.46
CA GLY W 189 56.35 55.68 -38.21
C GLY W 189 55.02 56.40 -38.29
N HIS W 190 54.51 56.78 -37.13
CA HIS W 190 53.20 57.40 -36.99
C HIS W 190 53.34 58.69 -36.17
N LEU W 191 52.25 59.44 -36.09
CA LEU W 191 52.20 60.64 -35.25
C LEU W 191 50.74 61.00 -35.01
N SER W 192 50.33 61.07 -33.75
CA SER W 192 48.94 61.32 -33.40
C SER W 192 48.86 62.43 -32.36
N TYR W 193 47.71 63.10 -32.32
CA TYR W 193 47.47 64.14 -31.33
C TYR W 193 45.97 64.21 -31.04
N LYS W 194 45.62 64.11 -29.76
CA LYS W 194 44.23 64.18 -29.32
C LYS W 194 44.11 65.26 -28.25
N HIS W 195 43.26 66.26 -28.52
CA HIS W 195 43.03 67.36 -27.60
C HIS W 195 41.53 67.46 -27.34
N LYS W 196 41.16 67.58 -26.07
CA LYS W 196 39.78 67.80 -25.67
C LYS W 196 39.76 68.90 -24.63
N GLY W 197 39.13 70.03 -24.96
CA GLY W 197 39.12 71.15 -24.05
C GLY W 197 37.75 71.78 -23.87
N GLN W 198 37.29 71.82 -22.62
CA GLN W 198 36.06 72.53 -22.26
C GLN W 198 36.44 73.88 -21.68
N ARG W 199 35.80 74.94 -22.18
CA ARG W 199 36.15 76.31 -21.81
C ARG W 199 34.88 77.06 -21.42
N GLU W 200 35.02 78.01 -20.52
CA GLU W 200 33.87 78.76 -20.02
C GLU W 200 34.36 80.14 -19.60
N VAL W 201 33.62 81.17 -19.99
CA VAL W 201 34.04 82.54 -19.71
C VAL W 201 32.85 83.32 -19.17
N THR W 202 33.15 84.37 -18.41
CA THR W 202 32.16 85.25 -17.82
C THR W 202 32.39 86.68 -18.29
N ILE W 203 31.30 87.42 -18.46
CA ILE W 203 31.33 88.75 -19.07
C ILE W 203 30.52 89.72 -18.24
N PRO W 204 31.06 90.89 -17.92
CA PRO W 204 30.29 91.91 -17.21
C PRO W 204 29.34 92.64 -18.16
N PRO W 205 28.44 93.47 -17.65
CA PRO W 205 27.55 94.22 -18.54
C PRO W 205 28.30 95.27 -19.34
N ASN W 206 27.59 95.81 -20.33
CA ASN W 206 28.03 96.95 -21.14
C ASN W 206 29.23 96.64 -22.02
N ARG W 207 29.50 95.37 -22.29
CA ARG W 207 30.59 95.00 -23.18
C ARG W 207 30.11 95.07 -24.63
N VAL W 208 30.72 95.96 -25.41
CA VAL W 208 30.29 96.18 -26.79
C VAL W 208 30.58 94.93 -27.61
N LEU W 209 29.54 94.34 -28.18
CA LEU W 209 29.68 93.13 -28.98
C LEU W 209 29.87 93.41 -30.47
N SER W 210 29.40 94.56 -30.97
CA SER W 210 29.58 94.88 -32.37
C SER W 210 29.42 96.38 -32.56
N TYR W 211 29.92 96.87 -33.69
CA TYR W 211 29.89 98.30 -33.96
C TYR W 211 29.93 98.53 -35.46
N ARG W 212 29.55 99.75 -35.85
CA ARG W 212 29.65 100.22 -37.23
C ARG W 212 30.23 101.63 -37.19
N VAL W 213 30.83 102.04 -38.31
CA VAL W 213 31.66 103.24 -38.31
C VAL W 213 31.26 104.17 -39.45
N LYS W 214 31.53 105.46 -39.23
CA LYS W 214 31.41 106.49 -40.27
C LYS W 214 32.75 107.21 -40.40
N GLN W 215 33.23 107.36 -41.62
CA GLN W 215 34.61 107.81 -41.78
C GLN W 215 34.73 109.30 -41.41
N LEU W 216 35.95 109.73 -41.12
CA LEU W 216 36.25 111.13 -40.89
C LEU W 216 37.45 111.51 -41.74
N VAL W 217 37.23 112.24 -42.83
CA VAL W 217 38.30 112.74 -43.68
C VAL W 217 38.67 114.15 -43.25
N PHE W 218 39.96 114.46 -43.31
CA PHE W 218 40.53 115.71 -42.83
C PHE W 218 41.36 116.35 -43.93
N PRO W 219 40.76 117.18 -44.78
CA PRO W 219 41.56 117.95 -45.75
C PRO W 219 42.56 118.89 -45.09
N ASN W 220 42.29 119.34 -43.86
CA ASN W 220 43.25 120.14 -43.10
C ASN W 220 43.03 119.84 -41.62
N LYS W 221 43.58 120.69 -40.76
CA LYS W 221 43.55 120.47 -39.31
C LYS W 221 42.31 121.04 -38.64
N GLU W 222 41.40 121.64 -39.41
CA GLU W 222 40.17 122.20 -38.84
C GLU W 222 38.93 121.65 -39.53
N THR W 223 39.07 120.54 -40.26
CA THR W 223 37.98 119.99 -41.07
C THR W 223 37.71 118.57 -40.59
N MET W 224 36.70 118.42 -39.73
CA MET W 224 36.22 117.10 -39.32
C MET W 224 35.14 116.62 -40.30
N ASN W 225 35.57 116.40 -41.54
CA ASN W 225 34.61 116.14 -42.60
C ASN W 225 34.07 114.72 -42.46
N ILE W 226 32.82 114.59 -42.03
CA ILE W 226 32.24 113.29 -41.72
C ILE W 226 31.75 112.66 -43.02
N HIS W 227 32.33 111.51 -43.37
CA HIS W 227 32.05 110.83 -44.63
C HIS W 227 31.12 109.66 -44.34
N PHE W 228 29.96 109.64 -45.00
CA PHE W 228 28.97 108.58 -44.81
C PHE W 228 29.17 107.43 -45.78
N ARG W 229 29.12 107.73 -47.08
CA ARG W 229 29.20 106.71 -48.12
C ARG W 229 30.41 106.99 -49.00
N GLY W 230 31.11 105.94 -49.39
CA GLY W 230 32.21 106.08 -50.32
C GLY W 230 33.55 105.65 -49.77
N LYS W 231 34.21 104.72 -50.47
CA LYS W 231 35.56 104.30 -50.11
C LYS W 231 36.53 105.38 -50.59
N THR W 232 37.19 106.05 -49.65
CA THR W 232 38.06 107.16 -49.97
C THR W 232 39.22 107.18 -48.98
N LYS W 233 40.00 108.26 -49.01
CA LYS W 233 41.12 108.45 -48.11
C LYS W 233 40.72 109.40 -47.00
N SER W 234 40.98 109.01 -45.76
CA SER W 234 40.56 109.78 -44.60
C SER W 234 41.55 110.89 -44.23
N PHE W 235 42.66 111.01 -44.96
CA PHE W 235 43.64 112.06 -44.72
C PHE W 235 44.19 112.54 -46.05
N PRO W 236 43.46 113.42 -46.73
CA PRO W 236 43.95 113.96 -48.01
C PRO W 236 44.92 115.12 -47.85
N GLU W 237 45.15 115.59 -46.63
CA GLU W 237 46.04 116.72 -46.37
C GLU W 237 47.48 116.38 -46.72
CA MET X 5 56.92 72.26 -19.76
C MET X 5 56.98 73.73 -19.36
N PHE X 6 55.89 74.22 -18.77
CA PHE X 6 55.78 75.61 -18.37
C PHE X 6 55.22 75.70 -16.97
N SER X 7 55.46 76.83 -16.32
CA SER X 7 54.90 77.08 -15.00
C SER X 7 53.39 77.10 -15.06
N VAL X 8 52.74 76.80 -13.94
CA VAL X 8 51.27 76.85 -13.89
C VAL X 8 50.79 78.28 -14.14
N PHE X 9 51.47 79.25 -13.51
CA PHE X 9 51.15 80.65 -13.76
C PHE X 9 51.37 81.02 -15.22
N GLU X 10 52.41 80.45 -15.84
CA GLU X 10 52.60 80.68 -17.27
C GLU X 10 51.42 80.19 -18.07
N GLU X 11 50.90 79.00 -17.75
CA GLU X 11 49.75 78.47 -18.48
C GLU X 11 48.51 79.32 -18.28
N ILE X 12 48.25 79.75 -17.04
CA ILE X 12 47.04 80.53 -16.81
C ILE X 12 47.16 81.89 -17.48
N THR X 13 48.36 82.48 -17.51
CA THR X 13 48.50 83.75 -18.22
C THR X 13 48.35 83.58 -19.71
N ARG X 14 48.86 82.49 -20.27
CA ARG X 14 48.66 82.25 -21.70
C ARG X 14 47.18 82.09 -22.02
N ILE X 15 46.43 81.37 -21.18
CA ILE X 15 45.00 81.24 -21.40
C ILE X 15 44.31 82.60 -21.31
N VAL X 16 44.65 83.40 -20.30
CA VAL X 16 44.00 84.68 -20.13
C VAL X 16 44.30 85.61 -21.30
N VAL X 17 45.52 85.56 -21.83
CA VAL X 17 45.83 86.40 -22.98
C VAL X 17 45.11 85.92 -24.23
N LYS X 18 45.07 84.60 -24.44
CA LYS X 18 44.37 84.08 -25.61
C LYS X 18 42.87 84.38 -25.56
N GLU X 19 42.31 84.52 -24.36
CA GLU X 19 40.87 84.76 -24.28
C GLU X 19 40.53 86.25 -24.21
N MET X 20 41.02 86.94 -23.18
CA MET X 20 40.64 88.33 -22.94
C MET X 20 41.13 89.28 -24.03
N ASP X 21 42.10 88.87 -24.85
CA ASP X 21 42.54 89.75 -25.93
C ASP X 21 42.86 88.87 -27.14
N ALA X 22 41.85 88.69 -28.00
CA ALA X 22 42.07 88.02 -29.26
C ALA X 22 42.92 88.90 -30.16
N GLY X 23 44.03 88.35 -30.65
CA GLY X 23 44.96 89.17 -31.40
C GLY X 23 45.48 90.28 -30.53
N GLY X 24 45.32 91.53 -30.98
CA GLY X 24 45.71 92.66 -30.17
C GLY X 24 47.20 92.70 -29.92
N ASP X 25 47.59 93.24 -28.77
CA ASP X 25 48.99 93.41 -28.43
C ASP X 25 49.35 92.95 -27.02
N MET X 26 48.38 92.55 -26.20
CA MET X 26 48.68 92.19 -24.82
C MET X 26 49.59 90.96 -24.77
N ILE X 27 50.60 91.03 -23.92
CA ILE X 27 51.52 89.95 -23.68
C ILE X 27 51.32 89.44 -22.25
N ALA X 28 51.55 88.15 -22.07
CA ALA X 28 51.27 87.49 -20.80
C ALA X 28 52.48 87.54 -19.88
N VAL X 29 52.24 87.91 -18.62
CA VAL X 29 53.29 87.84 -17.62
C VAL X 29 53.75 86.40 -17.47
N ARG X 30 55.07 86.20 -17.40
CA ARG X 30 55.62 84.86 -17.34
C ARG X 30 55.81 84.36 -15.92
N SER X 31 56.46 85.15 -15.08
CA SER X 31 56.81 84.74 -13.72
C SER X 31 56.04 85.60 -12.73
N LEU X 32 55.50 84.96 -11.70
CA LEU X 32 54.71 85.71 -10.72
C LEU X 32 55.54 86.33 -9.62
N VAL X 33 56.85 86.04 -9.57
CA VAL X 33 57.70 86.76 -8.62
C VAL X 33 57.79 88.23 -9.00
N ASP X 34 57.93 88.53 -10.29
CA ASP X 34 57.97 89.89 -10.79
C ASP X 34 56.66 90.31 -11.42
N ALA X 35 55.56 89.64 -11.09
CA ALA X 35 54.25 90.09 -11.53
C ALA X 35 53.92 91.45 -10.94
N ASP X 36 54.26 91.65 -9.66
CA ASP X 36 53.99 92.93 -9.01
C ASP X 36 54.78 94.06 -9.67
N ARG X 37 55.89 93.73 -10.32
CA ARG X 37 56.69 94.77 -10.98
C ARG X 37 56.22 95.05 -12.40
N PHE X 38 55.18 94.37 -12.88
CA PHE X 38 54.56 94.67 -14.17
C PHE X 38 53.29 95.49 -14.02
N ARG X 39 53.02 96.01 -12.83
CA ARG X 39 51.84 96.83 -12.59
C ARG X 39 51.91 98.10 -13.43
N CYS X 40 50.80 98.82 -13.46
CA CYS X 40 50.71 100.04 -14.26
C CYS X 40 51.71 101.07 -13.77
N PHE X 41 52.24 101.84 -14.73
CA PHE X 41 53.27 102.88 -14.60
C PHE X 41 54.68 102.30 -14.43
N HIS X 42 54.84 100.99 -14.28
CA HIS X 42 56.17 100.43 -14.10
C HIS X 42 56.90 100.37 -15.44
N LEU X 43 58.09 100.97 -15.49
CA LEU X 43 58.88 100.94 -16.71
C LEU X 43 59.37 99.52 -16.98
N VAL X 44 59.46 99.19 -18.27
CA VAL X 44 59.83 97.86 -18.72
C VAL X 44 60.87 98.02 -19.82
N GLY X 45 61.73 97.02 -19.99
CA GLY X 45 62.71 97.04 -21.04
C GLY X 45 62.60 95.80 -21.90
N GLU X 46 63.21 95.88 -23.07
CA GLU X 46 63.22 94.79 -24.03
C GLU X 46 64.58 94.10 -24.06
N LYS X 47 64.59 92.86 -24.54
CA LYS X 47 65.84 92.13 -24.72
C LYS X 47 65.68 91.17 -25.89
N ARG X 48 66.70 91.13 -26.74
CA ARG X 48 66.65 90.33 -27.97
C ARG X 48 67.37 89.01 -27.76
N THR X 49 66.81 87.95 -28.33
CA THR X 49 67.37 86.61 -28.23
C THR X 49 67.35 85.95 -29.60
N PHE X 50 68.11 84.87 -29.74
CA PHE X 50 68.09 84.11 -30.98
C PHE X 50 66.73 83.52 -31.27
N PHE X 51 65.97 83.17 -30.22
CA PHE X 51 64.60 82.71 -30.41
C PHE X 51 63.68 83.87 -30.76
N GLY X 52 63.88 85.03 -30.15
CA GLY X 52 63.03 86.18 -30.39
C GLY X 52 63.34 87.35 -29.48
N CYS X 53 62.31 87.98 -28.94
CA CYS X 53 62.46 89.10 -28.01
C CYS X 53 61.56 88.89 -26.81
N ARG X 54 61.99 89.40 -25.66
CA ARG X 54 61.23 89.29 -24.41
C ARG X 54 61.34 90.59 -23.64
N HIS X 55 60.57 90.67 -22.55
CA HIS X 55 60.52 91.87 -21.72
C HIS X 55 61.04 91.55 -20.32
N TYR X 56 61.62 92.56 -19.69
CA TYR X 56 62.02 92.50 -18.30
C TYR X 56 61.52 93.75 -17.59
N THR X 57 61.46 93.69 -16.27
CA THR X 57 61.00 94.81 -15.47
C THR X 57 62.19 95.45 -14.77
N THR X 58 62.40 96.74 -15.04
CA THR X 58 63.43 97.47 -14.31
C THR X 58 63.05 97.71 -12.86
N GLY X 59 61.75 97.65 -12.54
CA GLY X 59 61.28 98.01 -11.23
C GLY X 59 61.07 99.49 -11.03
N LEU X 60 61.17 100.29 -12.09
CA LEU X 60 61.00 101.73 -12.01
C LEU X 60 59.58 102.11 -12.40
N THR X 61 58.89 102.80 -11.51
CA THR X 61 57.65 103.44 -11.89
C THR X 61 57.95 104.74 -12.64
N LEU X 62 56.91 105.31 -13.25
CA LEU X 62 57.12 106.53 -14.02
C LEU X 62 57.55 107.68 -13.15
N MET X 63 57.10 107.72 -11.89
CA MET X 63 57.46 108.81 -10.99
C MET X 63 58.97 108.91 -10.77
N ASP X 64 59.71 107.83 -11.01
CA ASP X 64 61.16 107.87 -10.88
C ASP X 64 61.77 108.78 -11.93
N ILE X 65 61.27 108.74 -13.16
CA ILE X 65 61.83 109.50 -14.26
C ILE X 65 60.87 110.59 -14.75
N LEU X 66 59.96 111.05 -13.89
CA LEU X 66 59.03 112.11 -14.25
C LEU X 66 59.32 113.32 -13.37
N ASP X 67 59.53 114.48 -14.00
CA ASP X 67 59.92 115.68 -13.26
C ASP X 67 58.89 116.06 -12.22
N THR X 68 57.61 116.03 -12.60
CA THR X 68 56.50 116.36 -11.70
C THR X 68 56.66 117.76 -11.11
N LYS X 85 36.15 97.81 -11.48
CA LYS X 85 36.30 98.16 -12.89
C LYS X 85 35.62 97.11 -13.78
N ALA X 86 36.42 96.34 -14.50
CA ALA X 86 35.93 95.27 -15.36
C ALA X 86 36.45 93.94 -14.84
N GLU X 87 35.54 93.03 -14.51
CA GLU X 87 35.86 91.78 -13.83
C GLU X 87 35.42 90.61 -14.70
N PHE X 88 36.37 89.74 -15.04
CA PHE X 88 36.13 88.60 -15.91
C PHE X 88 36.46 87.32 -15.17
N GLN X 89 35.51 86.39 -15.12
CA GLN X 89 35.69 85.13 -14.41
C GLN X 89 35.88 84.03 -15.44
N ILE X 90 37.11 83.59 -15.62
CA ILE X 90 37.43 82.52 -16.55
C ILE X 90 37.47 81.22 -15.77
N LEU X 91 37.08 80.12 -16.44
CA LEU X 91 37.10 78.80 -15.82
C LEU X 91 37.16 77.78 -16.95
N ASP X 92 38.14 76.87 -16.88
CA ASP X 92 38.25 75.89 -17.94
C ASP X 92 39.00 74.65 -17.45
N ASN X 93 38.82 73.58 -18.22
CA ASN X 93 39.57 72.35 -18.05
C ASN X 93 40.01 71.87 -19.42
N VAL X 94 41.25 71.37 -19.49
CA VAL X 94 41.87 70.99 -20.75
C VAL X 94 42.42 69.57 -20.62
N ASP X 95 42.17 68.76 -21.63
CA ASP X 95 42.68 67.39 -21.68
C ASP X 95 43.30 67.17 -23.06
N SER X 96 44.63 67.07 -23.11
CA SER X 96 45.34 66.90 -24.36
C SER X 96 46.20 65.65 -24.30
N THR X 97 46.43 65.05 -25.47
CA THR X 97 47.24 63.84 -25.57
C THR X 97 47.84 63.76 -26.96
N GLY X 98 49.13 63.43 -27.03
CA GLY X 98 49.79 63.26 -28.31
C GLY X 98 50.75 62.09 -28.32
N GLU X 99 50.54 61.18 -29.27
CA GLU X 99 51.37 59.95 -29.33
C GLU X 99 52.03 59.87 -30.71
N LEU X 100 53.35 59.66 -30.75
CA LEU X 100 54.09 59.56 -31.99
C LEU X 100 54.94 58.29 -31.97
N ILE X 101 55.18 57.73 -33.15
CA ILE X 101 56.00 56.54 -33.32
C ILE X 101 56.92 56.77 -34.52
N VAL X 102 58.19 56.41 -34.36
CA VAL X 102 59.20 56.58 -35.41
C VAL X 102 59.97 55.27 -35.55
N ARG X 103 60.24 54.88 -36.79
CA ARG X 103 61.06 53.70 -37.07
C ARG X 103 62.19 54.07 -37.99
N LEU X 104 63.32 53.38 -37.81
CA LEU X 104 64.53 53.65 -38.64
C LEU X 104 65.12 52.32 -39.07
N PRO X 105 65.75 52.23 -40.26
CA PRO X 105 66.39 51.00 -40.74
C PRO X 105 67.56 50.54 -39.87
N LYS X 106 68.01 51.36 -38.92
CA LYS X 106 69.07 50.99 -37.98
C LYS X 106 68.53 50.30 -36.75
N GLU X 107 67.37 49.64 -36.86
CA GLU X 107 66.70 48.96 -35.76
C GLU X 107 66.43 49.91 -34.60
N ILE X 108 65.95 51.12 -34.92
CA ILE X 108 65.62 52.11 -33.90
C ILE X 108 64.13 52.43 -33.99
N THR X 109 63.36 51.90 -33.06
CA THR X 109 61.90 52.10 -33.01
C THR X 109 61.57 52.87 -31.74
N ILE X 110 61.22 54.14 -31.88
CA ILE X 110 60.89 54.98 -30.74
C ILE X 110 59.40 55.25 -30.74
N SER X 111 58.86 55.52 -29.55
CA SER X 111 57.44 55.84 -29.41
C SER X 111 57.27 56.67 -28.15
N GLY X 112 56.59 57.81 -28.29
CA GLY X 112 56.39 58.70 -27.16
C GLY X 112 54.99 59.27 -27.05
N SER X 113 54.44 59.28 -25.84
CA SER X 113 53.13 59.84 -25.55
C SER X 113 53.28 60.95 -24.53
N PHE X 114 52.57 62.05 -24.75
CA PHE X 114 52.64 63.22 -23.89
C PHE X 114 51.20 63.70 -23.65
N GLN X 115 50.75 63.62 -22.41
CA GLN X 115 49.38 63.98 -22.08
C GLN X 115 49.37 65.02 -20.97
N GLY X 116 48.29 65.80 -20.95
CA GLY X 116 48.13 66.86 -19.98
C GLY X 116 46.69 67.08 -19.58
N PHE X 117 46.47 67.39 -18.31
CA PHE X 117 45.16 67.64 -17.75
C PHE X 117 45.26 68.88 -16.88
N HIS X 118 44.62 69.96 -17.31
CA HIS X 118 44.70 71.25 -16.63
C HIS X 118 43.33 71.65 -16.12
N HIS X 119 43.28 72.26 -14.93
CA HIS X 119 42.04 72.80 -14.41
C HIS X 119 42.32 74.15 -13.77
N GLN X 120 41.65 75.19 -14.26
CA GLN X 120 41.86 76.53 -13.76
C GLN X 120 40.53 77.23 -13.58
N LYS X 121 40.43 78.04 -12.52
CA LYS X 121 39.31 78.93 -12.28
C LYS X 121 39.87 80.19 -11.68
N ILE X 122 39.69 81.31 -12.37
CA ILE X 122 40.33 82.57 -11.97
C ILE X 122 39.36 83.71 -12.21
N LYS X 123 39.51 84.77 -11.43
CA LYS X 123 38.67 85.97 -11.53
C LYS X 123 39.61 87.17 -11.63
N ILE X 124 39.75 87.71 -12.82
CA ILE X 124 40.69 88.79 -13.07
C ILE X 124 39.91 90.10 -13.17
N SER X 125 40.64 91.21 -13.05
CA SER X 125 40.09 92.54 -13.21
C SER X 125 41.05 93.36 -14.06
N GLU X 126 40.52 94.37 -14.73
CA GLU X 126 41.29 95.19 -15.64
C GLU X 126 41.53 96.56 -15.06
N ASN X 127 42.76 97.05 -15.21
CA ASN X 127 43.09 98.44 -14.89
C ASN X 127 43.91 99.01 -16.04
N ARG X 128 43.83 100.33 -16.20
CA ARG X 128 44.49 100.96 -17.32
C ARG X 128 44.62 102.44 -17.04
N ILE X 129 45.71 103.02 -17.55
CA ILE X 129 45.95 104.45 -17.41
C ILE X 129 45.12 105.19 -18.46
N SER X 130 44.37 106.19 -18.02
CA SER X 130 43.48 106.91 -18.92
C SER X 130 44.26 107.64 -20.00
N GLN X 131 43.67 107.72 -21.20
CA GLN X 131 44.31 108.43 -22.30
C GLN X 131 44.52 109.90 -22.00
N GLN X 132 43.80 110.46 -21.03
CA GLN X 132 44.09 111.81 -20.58
C GLN X 132 45.50 111.91 -20.03
N TYR X 133 45.92 110.91 -19.23
CA TYR X 133 47.27 110.91 -18.69
C TYR X 133 48.30 110.84 -19.80
N LEU X 134 48.14 109.88 -20.72
CA LEU X 134 49.06 109.78 -21.86
C LEU X 134 49.08 111.05 -22.67
N ALA X 135 47.95 111.77 -22.72
CA ALA X 135 47.95 113.09 -23.34
C ALA X 135 48.82 114.06 -22.54
N THR X 136 48.77 113.99 -21.21
CA THR X 136 49.59 114.86 -20.39
C THR X 136 51.06 114.45 -20.37
N LEU X 137 51.35 113.17 -20.44
CA LEU X 137 52.72 112.66 -20.37
C LEU X 137 53.39 112.68 -21.74
N GLU X 138 53.37 113.82 -22.43
CA GLU X 138 53.96 113.94 -23.75
C GLU X 138 55.20 114.84 -23.69
N ASN X 139 56.33 114.30 -24.12
CA ASN X 139 57.59 115.02 -24.20
C ASN X 139 57.91 115.73 -22.88
N ARG X 140 57.73 115.00 -21.78
CA ARG X 140 58.04 115.54 -20.47
C ARG X 140 59.54 115.54 -20.22
N LYS X 141 59.99 116.48 -19.40
CA LYS X 141 61.35 116.44 -18.89
C LYS X 141 61.44 115.44 -17.76
N LEU X 142 62.55 114.71 -17.70
CA LEU X 142 62.74 113.71 -16.66
C LEU X 142 63.17 114.41 -15.37
N LYS X 143 63.55 113.61 -14.37
CA LYS X 143 64.10 114.16 -13.14
C LYS X 143 65.61 114.37 -13.30
N ARG X 144 66.10 115.49 -12.77
CA ARG X 144 67.53 115.74 -12.77
C ARG X 144 68.29 114.70 -11.94
N GLU X 145 67.60 114.02 -11.03
CA GLU X 145 68.19 112.95 -10.21
C GLU X 145 68.17 111.64 -11.01
N LEU X 146 69.02 111.60 -12.03
CA LEU X 146 69.16 110.40 -12.87
C LEU X 146 69.62 109.23 -12.02
N PRO X 147 68.77 108.23 -11.80
CA PRO X 147 69.21 107.06 -11.04
C PRO X 147 70.15 106.20 -11.88
N PHE X 148 71.15 105.62 -11.23
CA PHE X 148 72.03 104.69 -11.92
C PHE X 148 71.26 103.49 -12.44
N SER X 149 70.11 103.18 -11.83
CA SER X 149 69.24 102.14 -12.35
C SER X 149 68.82 102.43 -13.78
N PHE X 150 68.47 103.69 -14.06
CA PHE X 150 68.11 104.10 -15.41
C PHE X 150 69.29 104.65 -16.20
N ARG X 151 70.18 105.40 -15.54
CA ARG X 151 71.29 106.03 -16.24
C ARG X 151 72.16 105.01 -16.96
N SER X 152 72.26 103.81 -16.41
CA SER X 152 73.12 102.77 -16.99
C SER X 152 72.38 101.86 -17.95
N ILE X 153 71.11 102.15 -18.26
CA ILE X 153 70.37 101.31 -19.18
C ILE X 153 71.02 101.37 -20.55
N ASN X 154 71.25 100.20 -21.15
CA ASN X 154 71.88 100.14 -22.45
C ASN X 154 70.98 100.75 -23.50
N THR X 155 71.48 101.74 -24.23
CA THR X 155 70.68 102.43 -25.24
C THR X 155 70.38 101.56 -26.46
N ARG X 156 71.09 100.44 -26.63
CA ARG X 156 70.80 99.55 -27.75
C ARG X 156 69.39 98.96 -27.65
N GLU X 157 68.97 98.58 -26.45
CA GLU X 157 67.63 98.06 -26.24
C GLU X 157 66.63 99.20 -26.06
N ASN X 158 65.35 98.84 -25.98
CA ASN X 158 64.27 99.81 -25.96
C ASN X 158 63.81 100.05 -24.52
N LEU X 159 62.75 100.85 -24.38
CA LEU X 159 62.18 101.16 -23.08
C LEU X 159 60.71 101.48 -23.26
N TYR X 160 59.86 100.93 -22.39
CA TYR X 160 58.41 101.02 -22.54
C TYR X 160 57.79 101.34 -21.19
N LEU X 161 56.55 101.82 -21.25
CA LEU X 161 55.74 102.07 -20.08
C LEU X 161 54.54 101.14 -20.11
N VAL X 162 54.28 100.48 -18.99
CA VAL X 162 53.14 99.57 -18.90
C VAL X 162 51.86 100.38 -18.80
N THR X 163 50.91 100.10 -19.70
CA THR X 163 49.70 100.89 -19.87
C THR X 163 48.48 100.23 -19.24
N GLU X 164 48.19 98.98 -19.61
CA GLU X 164 47.02 98.28 -19.10
C GLU X 164 47.45 96.94 -18.53
N THR X 165 46.72 96.50 -17.50
CA THR X 165 47.07 95.29 -16.77
C THR X 165 45.83 94.53 -16.36
N LEU X 166 45.89 93.21 -16.52
CA LEU X 166 44.89 92.29 -15.99
C LEU X 166 45.47 91.63 -14.75
N GLU X 167 44.83 91.86 -13.61
CA GLU X 167 45.34 91.40 -12.32
C GLU X 167 44.26 90.66 -11.57
N THR X 168 44.64 89.58 -10.91
CA THR X 168 43.67 88.83 -10.14
C THR X 168 43.18 89.66 -8.95
N VAL X 169 42.03 89.27 -8.40
CA VAL X 169 41.46 89.96 -7.26
C VAL X 169 41.08 88.96 -6.18
N LYS X 170 41.45 87.70 -6.38
CA LYS X 170 41.07 86.65 -5.44
C LYS X 170 42.19 85.62 -5.36
N GLU X 171 42.30 84.98 -4.20
CA GLU X 171 43.32 83.95 -4.00
C GLU X 171 42.96 82.72 -4.83
N GLU X 172 43.79 82.39 -5.80
CA GLU X 172 43.49 81.33 -6.75
C GLU X 172 44.30 80.07 -6.45
N THR X 173 43.83 78.95 -6.99
CA THR X 173 44.45 77.64 -6.77
C THR X 173 44.32 76.86 -8.06
N LEU X 174 45.39 76.84 -8.86
CA LEU X 174 45.38 76.25 -10.18
C LEU X 174 46.02 74.86 -10.16
N LYS X 175 45.52 73.95 -10.99
CA LYS X 175 45.99 72.58 -10.98
C LYS X 175 46.38 72.13 -12.38
N SER X 176 47.43 71.32 -12.44
CA SER X 176 47.88 70.71 -13.69
C SER X 176 48.32 69.28 -13.42
N ASP X 177 48.43 68.51 -14.49
CA ASP X 177 48.89 67.12 -14.37
C ASP X 177 49.47 66.71 -15.72
N ARG X 178 50.78 66.43 -15.75
CA ARG X 178 51.48 66.07 -16.96
C ARG X 178 51.91 64.61 -16.92
N GLN X 179 52.02 64.00 -18.10
CA GLN X 179 52.51 62.64 -18.21
C GLN X 179 53.34 62.52 -19.47
N TYR X 180 54.58 62.08 -19.32
CA TYR X 180 55.51 61.86 -20.44
C TYR X 180 55.93 60.40 -20.40
N LYS X 181 55.44 59.60 -21.34
CA LYS X 181 55.77 58.18 -21.40
C LYS X 181 56.41 57.92 -22.76
N PHE X 182 57.74 57.90 -22.83
CA PHE X 182 58.40 57.69 -24.11
C PHE X 182 59.56 56.72 -23.98
N TRP X 183 59.68 55.85 -24.98
CA TRP X 183 60.74 54.84 -25.02
C TRP X 183 61.27 54.72 -26.43
N SER X 184 62.32 53.92 -26.57
CA SER X 184 63.03 53.77 -27.83
C SER X 184 63.84 52.49 -27.77
N GLN X 185 63.61 51.58 -28.71
CA GLN X 185 64.42 50.39 -28.86
C GLN X 185 65.51 50.62 -29.89
N ILE X 186 66.72 50.21 -29.56
CA ILE X 186 67.87 50.34 -30.45
C ILE X 186 68.27 48.94 -30.90
N SER X 187 69.23 48.88 -31.83
CA SER X 187 69.70 47.60 -32.34
C SER X 187 70.26 46.72 -31.23
N GLN X 188 70.84 47.35 -30.20
CA GLN X 188 71.41 46.61 -29.08
C GLN X 188 70.43 46.49 -27.92
N GLY X 189 69.95 47.62 -27.42
CA GLY X 189 69.11 47.64 -26.25
C GLY X 189 67.94 48.61 -26.38
N HIS X 190 67.38 48.96 -25.23
CA HIS X 190 66.19 49.80 -25.15
C HIS X 190 66.46 50.95 -24.18
N LEU X 191 65.51 51.89 -24.12
CA LEU X 191 65.57 52.98 -23.16
C LEU X 191 64.18 53.59 -23.03
N SER X 192 63.65 53.61 -21.81
CA SER X 192 62.29 54.09 -21.57
C SER X 192 62.29 55.08 -20.42
N TYR X 193 61.28 55.95 -20.41
CA TYR X 193 61.11 56.93 -19.35
C TYR X 193 59.62 57.25 -19.19
N LYS X 194 59.11 57.09 -17.98
CA LYS X 194 57.72 57.38 -17.66
C LYS X 194 57.66 58.35 -16.49
N HIS X 195 57.04 59.50 -16.73
CA HIS X 195 56.90 60.55 -15.72
C HIS X 195 55.43 60.90 -15.60
N LYS X 196 54.94 60.97 -14.36
CA LYS X 196 53.58 61.40 -14.07
C LYS X 196 53.63 62.38 -12.92
N GLY X 197 53.24 63.63 -13.19
CA GLY X 197 53.32 64.64 -12.16
C GLY X 197 52.08 65.50 -12.03
N GLN X 198 51.49 65.51 -10.84
CA GLN X 198 50.37 66.40 -10.53
C GLN X 198 50.90 67.60 -9.76
N ARG X 199 50.53 68.79 -10.20
CA ARG X 199 51.06 70.03 -9.65
C ARG X 199 49.90 70.96 -9.31
N GLU X 200 50.10 71.79 -8.29
CA GLU X 200 49.06 72.69 -7.82
C GLU X 200 49.72 73.90 -7.20
N VAL X 201 49.22 75.09 -7.54
CA VAL X 201 49.84 76.33 -7.08
C VAL X 201 48.75 77.27 -6.57
N THR X 202 49.15 78.17 -5.67
CA THR X 202 48.26 79.16 -5.09
C THR X 202 48.78 80.55 -5.37
N ILE X 203 47.86 81.49 -5.56
CA ILE X 203 48.19 82.84 -6.01
C ILE X 203 47.47 83.87 -5.16
N PRO X 204 48.16 84.88 -4.67
CA PRO X 204 47.50 85.95 -3.92
C PRO X 204 46.83 86.93 -4.87
N PRO X 205 46.03 87.86 -4.36
CA PRO X 205 45.38 88.84 -5.23
C PRO X 205 46.39 89.81 -5.85
N ASN X 206 45.90 90.57 -6.83
CA ASN X 206 46.62 91.66 -7.47
C ASN X 206 47.84 91.22 -8.25
N ARG X 207 47.91 89.95 -8.63
CA ARG X 207 49.02 89.48 -9.46
C ARG X 207 48.72 89.77 -10.93
N VAL X 208 49.56 90.60 -11.54
CA VAL X 208 49.34 91.02 -12.92
C VAL X 208 49.50 89.82 -13.85
N LEU X 209 48.44 89.49 -14.58
CA LEU X 209 48.47 88.35 -15.49
C LEU X 209 48.87 88.73 -16.91
N SER X 210 48.67 89.98 -17.32
CA SER X 210 49.05 90.39 -18.66
C SER X 210 49.18 91.91 -18.70
N TYR X 211 49.88 92.40 -19.71
CA TYR X 211 50.12 93.83 -19.82
C TYR X 211 50.38 94.18 -21.28
N ARG X 212 50.25 95.48 -21.56
CA ARG X 212 50.60 96.05 -22.86
C ARG X 212 51.40 97.31 -22.61
N VAL X 213 52.19 97.72 -23.61
CA VAL X 213 53.21 98.74 -23.41
C VAL X 213 53.12 99.83 -24.46
N LYS X 214 53.57 101.03 -24.08
CA LYS X 214 53.75 102.15 -25.00
C LYS X 214 55.19 102.61 -24.92
N GLN X 215 55.84 102.79 -26.06
CA GLN X 215 57.28 103.00 -26.05
C GLN X 215 57.61 104.39 -25.50
N LEU X 216 58.85 104.56 -25.05
CA LEU X 216 59.36 105.87 -24.64
C LEU X 216 60.70 106.09 -25.33
N VAL X 217 60.73 106.95 -26.34
CA VAL X 217 61.96 107.31 -27.02
C VAL X 217 62.51 108.58 -26.40
N PHE X 218 63.84 108.65 -26.31
CA PHE X 218 64.56 109.73 -25.64
C PHE X 218 65.61 110.31 -26.58
N PRO X 219 65.26 111.31 -27.39
CA PRO X 219 66.29 112.00 -28.18
C PRO X 219 67.36 112.67 -27.33
N ASN X 220 67.04 113.06 -26.10
CA ASN X 220 68.02 113.58 -25.16
C ASN X 220 67.59 113.20 -23.75
N LYS X 221 68.17 113.85 -22.75
CA LYS X 221 67.95 113.50 -21.35
C LYS X 221 66.75 114.23 -20.74
N GLU X 222 66.05 115.05 -21.51
CA GLU X 222 64.88 115.78 -21.01
C GLU X 222 63.65 115.54 -21.87
N THR X 223 63.68 114.49 -22.70
CA THR X 223 62.62 114.22 -23.66
C THR X 223 62.04 112.84 -23.38
N MET X 224 60.93 112.79 -22.63
CA MET X 224 60.19 111.55 -22.42
C MET X 224 59.17 111.38 -23.55
N ASN X 225 59.68 111.19 -24.76
CA ASN X 225 58.82 111.21 -25.93
C ASN X 225 58.03 109.92 -26.00
N ILE X 226 56.74 109.98 -25.70
CA ILE X 226 55.91 108.78 -25.60
C ILE X 226 55.46 108.38 -27.00
N HIS X 227 55.87 107.19 -27.43
CA HIS X 227 55.62 106.68 -28.77
C HIS X 227 54.48 105.67 -28.70
N PHE X 228 53.43 105.93 -29.47
CA PHE X 228 52.24 105.07 -29.50
C PHE X 228 52.35 103.99 -30.57
N ARG X 229 52.50 104.41 -31.82
CA ARG X 229 52.52 103.50 -32.96
C ARG X 229 53.84 103.64 -33.69
N GLY X 230 54.40 102.51 -34.12
CA GLY X 230 55.60 102.52 -34.91
C GLY X 230 56.78 101.81 -34.29
N LYS X 231 57.34 100.84 -35.02
CA LYS X 231 58.55 100.16 -34.59
C LYS X 231 59.74 101.06 -34.84
N THR X 232 60.39 101.52 -33.78
CA THR X 232 61.48 102.48 -33.89
C THR X 232 62.50 102.19 -32.80
N LYS X 233 63.45 103.11 -32.64
CA LYS X 233 64.48 103.01 -31.62
C LYS X 233 64.13 103.91 -30.45
N SER X 234 64.17 103.36 -29.24
CA SER X 234 63.77 104.08 -28.05
C SER X 234 64.88 104.94 -27.46
N PHE X 235 66.07 104.93 -28.07
CA PHE X 235 67.19 105.76 -27.62
C PHE X 235 67.96 106.25 -28.83
N PRO X 236 67.47 107.31 -29.48
CA PRO X 236 68.20 107.86 -30.63
C PRO X 236 69.33 108.81 -30.26
N GLU X 237 69.49 109.11 -28.97
CA GLU X 237 70.53 110.02 -28.51
C GLU X 237 71.92 109.46 -28.75
CA MET Y 5 70.46 62.05 -6.08
C MET Y 5 70.73 63.43 -5.50
N PHE Y 6 69.68 64.05 -4.97
CA PHE Y 6 69.78 65.41 -4.44
C PHE Y 6 69.08 65.46 -3.09
N SER Y 7 69.43 66.47 -2.30
CA SER Y 7 68.78 66.69 -1.02
C SER Y 7 67.31 66.99 -1.22
N VAL Y 8 66.49 66.72 -0.21
CA VAL Y 8 65.06 67.04 -0.30
C VAL Y 8 64.88 68.54 -0.43
N PHE Y 9 65.63 69.31 0.36
CA PHE Y 9 65.59 70.76 0.24
C PHE Y 9 66.04 71.21 -1.13
N GLU Y 10 67.02 70.52 -1.72
CA GLU Y 10 67.42 70.84 -3.08
C GLU Y 10 66.26 70.66 -4.05
N GLU Y 11 65.51 69.56 -3.91
CA GLU Y 11 64.39 69.32 -4.81
C GLU Y 11 63.29 70.37 -4.63
N ILE Y 12 62.97 70.72 -3.38
CA ILE Y 12 61.91 71.68 -3.17
C ILE Y 12 62.32 73.05 -3.68
N THR Y 13 63.60 73.41 -3.53
CA THR Y 13 64.05 74.70 -4.07
C THR Y 13 64.03 74.70 -5.59
N ARG Y 14 64.41 73.59 -6.21
CA ARG Y 14 64.34 73.51 -7.66
C ARG Y 14 62.89 73.66 -8.15
N ILE Y 15 61.94 73.02 -7.46
CA ILE Y 15 60.54 73.18 -7.84
C ILE Y 15 60.09 74.62 -7.66
N VAL Y 16 60.46 75.25 -6.54
CA VAL Y 16 60.01 76.62 -6.29
C VAL Y 16 60.61 77.57 -7.32
N VAL Y 17 61.85 77.34 -7.73
CA VAL Y 17 62.43 78.23 -8.74
C VAL Y 17 61.78 77.99 -10.10
N LYS Y 18 61.54 76.73 -10.46
CA LYS Y 18 60.90 76.45 -11.74
C LYS Y 18 59.48 77.02 -11.80
N GLU Y 19 58.82 77.15 -10.65
CA GLU Y 19 57.44 77.65 -10.68
C GLU Y 19 57.36 79.16 -10.47
N MET Y 20 57.84 79.65 -9.34
CA MET Y 20 57.68 81.06 -8.98
C MET Y 20 58.44 82.00 -9.91
N ASP Y 21 59.42 81.49 -10.67
CA ASP Y 21 60.12 82.38 -11.60
C ASP Y 21 60.42 81.57 -12.87
N ALA Y 22 59.50 81.65 -13.83
CA ALA Y 22 59.75 81.07 -15.13
C ALA Y 22 60.83 81.86 -15.84
N GLY Y 23 61.87 81.17 -16.29
CA GLY Y 23 63.01 81.87 -16.85
C GLY Y 23 63.62 82.78 -15.81
N GLY Y 24 63.73 84.06 -16.14
CA GLY Y 24 64.21 85.03 -15.17
C GLY Y 24 65.65 84.77 -14.78
N ASP Y 25 65.99 85.13 -13.54
CA ASP Y 25 67.36 85.00 -13.05
C ASP Y 25 67.46 84.36 -11.68
N MET Y 26 66.35 84.07 -11.00
CA MET Y 26 66.43 83.53 -9.65
C MET Y 26 67.10 82.16 -9.66
N ILE Y 27 68.01 81.97 -8.70
CA ILE Y 27 68.69 80.71 -8.50
C ILE Y 27 68.25 80.12 -7.16
N ALA Y 28 68.23 78.79 -7.10
CA ALA Y 28 67.69 78.08 -5.94
C ALA Y 28 68.78 77.83 -4.92
N VAL Y 29 68.46 78.11 -3.65
CA VAL Y 29 69.37 77.75 -2.56
C VAL Y 29 69.55 76.25 -2.53
N ARG Y 30 70.80 75.81 -2.37
CA ARG Y 30 71.10 74.39 -2.41
C ARG Y 30 71.03 73.74 -1.04
N SER Y 31 71.72 74.30 -0.05
CA SER Y 31 71.83 73.72 1.27
C SER Y 31 71.12 74.61 2.28
N LEU Y 32 70.36 73.99 3.18
CA LEU Y 32 69.60 74.77 4.15
C LEU Y 32 70.40 75.12 5.39
N VAL Y 33 71.63 74.60 5.53
CA VAL Y 33 72.47 75.05 6.63
C VAL Y 33 72.85 76.51 6.43
N ASP Y 34 73.19 76.90 5.20
CA ASP Y 34 73.53 78.27 4.86
C ASP Y 34 72.39 78.99 4.15
N ALA Y 35 71.15 78.49 4.31
CA ALA Y 35 70.00 79.22 3.80
C ALA Y 35 69.86 80.56 4.50
N ASP Y 36 70.07 80.57 5.82
CA ASP Y 36 69.96 81.81 6.58
C ASP Y 36 71.00 82.83 6.13
N ARG Y 37 72.11 82.37 5.55
CA ARG Y 37 73.13 83.30 5.09
C ARG Y 37 72.90 83.79 3.68
N PHE Y 38 71.81 83.37 3.02
CA PHE Y 38 71.41 83.89 1.72
C PHE Y 38 70.28 84.91 1.84
N ARG Y 39 69.98 85.35 3.05
CA ARG Y 39 68.94 86.35 3.27
C ARG Y 39 69.32 87.66 2.58
N CYS Y 40 68.35 88.58 2.52
CA CYS Y 40 68.57 89.86 1.86
C CYS Y 40 69.69 90.64 2.56
N PHE Y 41 70.44 91.39 1.75
CA PHE Y 41 71.60 92.20 2.08
C PHE Y 41 72.87 91.36 2.32
N HIS Y 42 72.79 90.03 2.34
CA HIS Y 42 73.96 89.23 2.58
C HIS Y 42 74.82 89.15 1.32
N LEU Y 43 76.09 89.53 1.45
CA LEU Y 43 77.00 89.46 0.32
C LEU Y 43 77.27 88.01 -0.06
N VAL Y 44 77.44 87.79 -1.36
CA VAL Y 44 77.63 86.46 -1.92
C VAL Y 44 78.81 86.53 -2.89
N GLY Y 45 79.48 85.41 -3.09
CA GLY Y 45 80.57 85.35 -4.03
C GLY Y 45 80.35 84.23 -5.03
N GLU Y 46 81.09 84.30 -6.12
CA GLU Y 46 81.01 83.32 -7.20
C GLU Y 46 82.23 82.40 -7.17
N LYS Y 47 82.08 81.24 -7.79
CA LYS Y 47 83.19 80.30 -7.92
C LYS Y 47 83.00 79.51 -9.20
N ARG Y 48 84.09 79.36 -9.96
CA ARG Y 48 84.05 78.70 -11.26
C ARG Y 48 84.50 77.25 -11.13
N THR Y 49 83.82 76.36 -11.87
CA THR Y 49 84.14 74.94 -11.87
C THR Y 49 84.16 74.43 -13.30
N PHE Y 50 84.73 73.25 -13.48
CA PHE Y 50 84.73 72.62 -14.79
C PHE Y 50 83.31 72.32 -15.28
N PHE Y 51 82.40 72.01 -14.35
CA PHE Y 51 81.00 71.84 -14.72
C PHE Y 51 80.33 73.17 -15.03
N GLY Y 52 80.67 74.22 -14.27
CA GLY Y 52 80.07 75.53 -14.46
C GLY Y 52 80.47 76.52 -13.39
N CYS Y 53 79.50 77.29 -12.90
CA CYS Y 53 79.73 78.26 -11.83
C CYS Y 53 78.68 78.11 -10.76
N ARG Y 54 79.06 78.43 -9.53
CA ARG Y 54 78.17 78.34 -8.38
C ARG Y 54 78.41 79.52 -7.45
N HIS Y 55 77.54 79.65 -6.45
CA HIS Y 55 77.61 80.74 -5.49
C HIS Y 55 77.90 80.21 -4.10
N TYR Y 56 78.57 81.04 -3.30
CA TYR Y 56 78.80 80.78 -1.90
C TYR Y 56 78.44 82.02 -1.10
N THR Y 57 78.23 81.86 0.19
CA THR Y 57 77.88 82.96 1.07
C THR Y 57 79.06 83.31 1.94
N THR Y 58 79.53 84.56 1.84
CA THR Y 58 80.58 85.01 2.74
C THR Y 58 80.08 85.18 4.16
N GLY Y 59 78.78 85.33 4.35
CA GLY Y 59 78.23 85.65 5.64
C GLY Y 59 78.25 87.12 5.98
N LEU Y 60 78.60 87.99 5.03
CA LEU Y 60 78.69 89.42 5.25
C LEU Y 60 77.41 90.09 4.78
N THR Y 61 76.75 90.80 5.68
CA THR Y 61 75.68 91.69 5.25
C THR Y 61 76.29 92.97 4.68
N LEU Y 62 75.44 93.79 4.04
CA LEU Y 62 75.94 95.02 3.43
C LEU Y 62 76.47 95.98 4.47
N MET Y 63 75.89 95.99 5.67
CA MET Y 63 76.33 96.90 6.72
C MET Y 63 77.80 96.70 7.09
N ASP Y 64 78.35 95.53 6.80
CA ASP Y 64 79.77 95.29 7.08
C ASP Y 64 80.66 96.17 6.20
N ILE Y 65 80.29 96.33 4.93
CA ILE Y 65 81.10 97.08 3.97
C ILE Y 65 80.40 98.36 3.52
N LEU Y 66 79.50 98.90 4.33
CA LEU Y 66 78.81 100.15 4.01
C LEU Y 66 79.20 101.20 5.04
N ASP Y 67 79.68 102.34 4.57
CA ASP Y 67 80.19 103.38 5.47
C ASP Y 67 79.12 103.85 6.44
N THR Y 68 77.90 104.08 5.94
CA THR Y 68 76.78 104.53 6.76
C THR Y 68 77.11 105.81 7.52
N LYS Y 85 53.63 90.10 2.98
CA LYS Y 85 54.00 90.54 1.64
C LYS Y 85 53.26 89.73 0.58
N ALA Y 86 53.98 88.89 -0.14
CA ALA Y 86 53.42 88.01 -1.16
C ALA Y 86 53.63 86.57 -0.74
N GLU Y 87 52.55 85.82 -0.61
CA GLU Y 87 52.57 84.48 -0.04
C GLU Y 87 52.04 83.48 -1.07
N PHE Y 88 52.86 82.50 -1.41
CA PHE Y 88 52.52 81.50 -2.43
C PHE Y 88 52.54 80.12 -1.80
N GLN Y 89 51.44 79.38 -1.95
CA GLN Y 89 51.31 78.05 -1.37
C GLN Y 89 51.42 77.03 -2.49
N ILE Y 90 52.58 76.40 -2.60
CA ILE Y 90 52.82 75.37 -3.61
C ILE Y 90 52.53 74.01 -2.98
N LEU Y 91 52.04 73.08 -3.80
CA LEU Y 91 51.76 71.73 -3.34
C LEU Y 91 51.77 70.82 -4.55
N ASP Y 92 52.55 69.74 -4.50
CA ASP Y 92 52.62 68.86 -5.65
C ASP Y 92 53.08 67.47 -5.24
N ASN Y 93 52.81 66.52 -6.12
CA ASN Y 93 53.31 65.16 -6.03
C ASN Y 93 53.83 64.74 -7.39
N VAL Y 94 54.96 64.04 -7.40
CA VAL Y 94 55.64 63.66 -8.63
C VAL Y 94 55.91 62.17 -8.61
N ASP Y 95 55.64 61.50 -9.72
CA ASP Y 95 55.91 60.07 -9.87
C ASP Y 95 56.64 59.87 -11.20
N SER Y 96 57.91 59.53 -11.14
CA SER Y 96 58.73 59.35 -12.32
C SER Y 96 59.34 57.95 -12.32
N THR Y 97 59.60 57.44 -13.52
CA THR Y 97 60.20 56.11 -13.68
C THR Y 97 60.93 56.05 -15.00
N GLY Y 98 62.14 55.51 -14.99
CA GLY Y 98 62.90 55.34 -16.21
C GLY Y 98 63.64 54.02 -16.26
N GLU Y 99 63.39 53.25 -17.32
CA GLU Y 99 64.00 51.90 -17.44
C GLU Y 99 64.78 51.83 -18.75
N LEU Y 100 66.03 51.38 -18.69
CA LEU Y 100 66.88 51.25 -19.85
C LEU Y 100 67.49 49.86 -19.90
N ILE Y 101 67.76 49.38 -21.10
CA ILE Y 101 68.39 48.08 -21.32
C ILE Y 101 69.47 48.25 -22.40
N VAL Y 102 70.63 47.65 -22.16
CA VAL Y 102 71.74 47.72 -23.09
C VAL Y 102 72.29 46.32 -23.30
N ARG Y 103 72.63 45.99 -24.54
CA ARG Y 103 73.25 44.71 -24.87
C ARG Y 103 74.54 44.96 -25.64
N LEU Y 104 75.50 44.05 -25.43
CA LEU Y 104 76.83 44.18 -26.10
C LEU Y 104 77.23 42.80 -26.61
N PRO Y 105 77.96 42.71 -27.74
CA PRO Y 105 78.43 41.43 -28.29
C PRO Y 105 79.40 40.69 -27.37
N LYS Y 106 79.86 41.31 -26.30
CA LYS Y 106 80.73 40.69 -25.32
C LYS Y 106 79.94 39.98 -24.22
N GLU Y 107 78.70 39.57 -24.52
CA GLU Y 107 77.81 38.92 -23.56
C GLU Y 107 77.58 39.79 -22.33
N ILE Y 108 77.36 41.09 -22.56
CA ILE Y 108 77.09 42.03 -21.48
C ILE Y 108 75.70 42.62 -21.68
N THR Y 109 74.74 42.16 -20.88
CA THR Y 109 73.35 42.63 -20.95
C THR Y 109 73.02 43.32 -19.64
N ILE Y 110 72.91 44.64 -19.67
CA ILE Y 110 72.60 45.41 -18.48
C ILE Y 110 71.19 45.96 -18.59
N SER Y 111 70.57 46.21 -17.44
CA SER Y 111 69.23 46.77 -17.40
C SER Y 111 69.05 47.49 -16.07
N GLY Y 112 68.60 48.75 -16.15
CA GLY Y 112 68.44 49.56 -14.96
C GLY Y 112 67.16 50.36 -14.92
N SER Y 113 66.49 50.36 -13.76
CA SER Y 113 65.27 51.12 -13.55
C SER Y 113 65.49 52.09 -12.40
N PHE Y 114 65.00 53.31 -12.56
CA PHE Y 114 65.17 54.37 -11.57
C PHE Y 114 63.83 55.07 -11.42
N GLN Y 115 63.23 54.97 -10.24
CA GLN Y 115 61.91 55.54 -10.01
C GLN Y 115 61.95 56.46 -8.80
N GLY Y 116 61.04 57.41 -8.79
CA GLY Y 116 60.95 58.40 -7.73
C GLY Y 116 59.54 58.85 -7.45
N PHE Y 117 59.23 59.06 -6.18
CA PHE Y 117 57.92 59.50 -5.72
C PHE Y 117 58.15 60.62 -4.71
N HIS Y 118 57.75 61.83 -5.08
CA HIS Y 118 57.98 63.01 -4.25
C HIS Y 118 56.65 63.61 -3.84
N HIS Y 119 56.56 64.10 -2.60
CA HIS Y 119 55.39 64.82 -2.14
C HIS Y 119 55.83 66.03 -1.33
N GLN Y 120 55.40 67.21 -1.76
CA GLN Y 120 55.79 68.44 -1.10
C GLN Y 120 54.59 69.36 -0.97
N LYS Y 121 54.52 70.06 0.16
CA LYS Y 121 53.54 71.11 0.39
C LYS Y 121 54.24 72.20 1.18
N ILE Y 122 54.33 73.39 0.60
CA ILE Y 122 55.14 74.46 1.20
C ILE Y 122 54.41 75.78 0.99
N LYS Y 123 54.65 76.72 1.90
CA LYS Y 123 54.05 78.05 1.85
C LYS Y 123 55.19 79.06 1.99
N ILE Y 124 55.56 79.68 0.87
CA ILE Y 124 56.68 80.59 0.83
C ILE Y 124 56.17 82.02 0.81
N SER Y 125 57.05 82.96 1.13
CA SER Y 125 56.76 84.38 1.06
C SER Y 125 57.95 85.08 0.41
N GLU Y 126 57.67 86.23 -0.20
CA GLU Y 126 58.68 86.98 -0.94
C GLU Y 126 59.09 88.22 -0.18
N ASN Y 127 60.40 88.49 -0.16
CA ASN Y 127 60.92 89.75 0.34
C ASN Y 127 61.94 90.27 -0.66
N ARG Y 128 62.11 91.60 -0.68
CA ARG Y 128 63.00 92.19 -1.65
C ARG Y 128 63.36 93.60 -1.20
N ILE Y 129 64.58 94.01 -1.53
CA ILE Y 129 65.03 95.35 -1.22
C ILE Y 129 64.48 96.31 -2.25
N SER Y 130 63.87 97.40 -1.78
CA SER Y 130 63.22 98.35 -2.67
C SER Y 130 64.24 99.02 -3.58
N GLN Y 131 63.82 99.32 -4.81
CA GLN Y 131 64.68 99.99 -5.76
C GLN Y 131 65.10 101.37 -5.28
N GLN Y 132 64.39 101.95 -4.33
CA GLN Y 132 64.87 103.18 -3.70
C GLN Y 132 66.20 102.96 -3.01
N TYR Y 133 66.34 101.85 -2.30
CA TYR Y 133 67.60 101.54 -1.63
C TYR Y 133 68.72 101.37 -2.64
N LEU Y 134 68.50 100.56 -3.68
CA LEU Y 134 69.51 100.39 -4.72
C LEU Y 134 69.84 101.72 -5.38
N ALA Y 135 68.88 102.63 -5.46
CA ALA Y 135 69.17 103.98 -5.92
C ALA Y 135 70.10 104.71 -4.95
N THR Y 136 69.89 104.51 -3.65
CA THR Y 136 70.75 105.14 -2.66
C THR Y 136 72.11 104.47 -2.55
N LEU Y 137 72.17 103.16 -2.73
CA LEU Y 137 73.42 102.41 -2.58
C LEU Y 137 74.24 102.43 -3.87
N GLU Y 138 74.50 103.61 -4.43
CA GLU Y 138 75.24 103.74 -5.67
C GLU Y 138 76.60 104.39 -5.39
N ASN Y 139 77.66 103.68 -5.76
CA ASN Y 139 79.04 104.18 -5.64
C ASN Y 139 79.32 104.69 -4.23
N ARG Y 140 78.89 103.91 -3.25
CA ARG Y 140 79.13 104.26 -1.86
C ARG Y 140 80.57 103.96 -1.47
N LYS Y 141 81.08 104.71 -0.51
CA LYS Y 141 82.35 104.38 0.11
C LYS Y 141 82.14 103.28 1.14
N LEU Y 142 83.08 102.36 1.22
CA LEU Y 142 83.00 101.25 2.16
C LEU Y 142 83.39 101.73 3.55
N LYS Y 143 83.50 100.80 4.49
CA LYS Y 143 84.00 101.10 5.82
C LYS Y 143 85.52 101.06 5.82
N ARG Y 144 86.14 102.01 6.52
CA ARG Y 144 87.58 101.99 6.69
C ARG Y 144 88.05 100.76 7.46
N GLU Y 145 87.15 100.13 8.22
CA GLU Y 145 87.46 98.91 8.96
C GLU Y 145 87.30 97.71 8.03
N LEU Y 146 88.24 97.60 7.09
CA LEU Y 146 88.27 96.48 6.15
C LEU Y 146 88.42 95.16 6.90
N PRO Y 147 87.39 94.32 6.94
CA PRO Y 147 87.53 93.02 7.59
C PRO Y 147 88.39 92.10 6.75
N PHE Y 148 89.20 91.29 7.43
CA PHE Y 148 89.97 90.28 6.72
C PHE Y 148 89.07 89.29 6.00
N SER Y 149 87.82 89.15 6.46
CA SER Y 149 86.85 88.33 5.75
C SER Y 149 86.66 88.83 4.33
N PHE Y 150 86.56 90.15 4.15
CA PHE Y 150 86.43 90.73 2.83
C PHE Y 150 87.77 91.13 2.23
N ARG Y 151 88.69 91.64 3.05
CA ARG Y 151 89.97 92.12 2.53
C ARG Y 151 90.73 91.03 1.79
N SER Y 152 90.56 89.78 2.20
CA SER Y 152 91.28 88.66 1.60
C SER Y 152 90.51 88.00 0.48
N ILE Y 153 89.35 88.54 0.08
CA ILE Y 153 88.59 87.94 -1.00
C ILE Y 153 89.40 88.01 -2.28
N ASN Y 154 89.49 86.88 -2.97
CA ASN Y 154 90.24 86.82 -4.21
C ASN Y 154 89.57 87.68 -5.27
N THR Y 155 90.32 88.62 -5.84
CA THR Y 155 89.78 89.54 -6.83
C THR Y 155 89.48 88.86 -8.16
N ARG Y 156 89.99 87.65 -8.39
CA ARG Y 156 89.67 86.93 -9.62
C ARG Y 156 88.19 86.61 -9.72
N GLU Y 157 87.57 86.19 -8.62
CA GLU Y 157 86.15 85.91 -8.59
C GLU Y 157 85.34 87.20 -8.38
N ASN Y 158 84.03 87.08 -8.47
CA ASN Y 158 83.14 88.21 -8.44
C ASN Y 158 82.55 88.42 -7.05
N LEU Y 159 81.65 89.38 -6.92
CA LEU Y 159 80.99 89.66 -5.64
C LEU Y 159 79.63 90.26 -5.93
N TYR Y 160 78.60 89.80 -5.21
CA TYR Y 160 77.22 90.17 -5.48
C TYR Y 160 76.51 90.48 -4.18
N LEU Y 161 75.39 91.17 -4.30
CA LEU Y 161 74.51 91.46 -3.19
C LEU Y 161 73.18 90.77 -3.44
N VAL Y 162 72.68 90.07 -2.43
CA VAL Y 162 71.40 89.38 -2.55
C VAL Y 162 70.28 90.41 -2.48
N THR Y 163 69.40 90.39 -3.50
CA THR Y 163 68.37 91.39 -3.69
C THR Y 163 67.00 90.93 -3.26
N GLU Y 164 66.54 89.79 -3.78
CA GLU Y 164 65.21 89.27 -3.48
C GLU Y 164 65.33 87.82 -3.01
N THR Y 165 64.44 87.43 -2.11
CA THR Y 165 64.48 86.11 -1.49
C THR Y 165 63.08 85.55 -1.29
N LEU Y 166 62.93 84.27 -1.59
CA LEU Y 166 61.73 83.51 -1.27
C LEU Y 166 62.05 82.64 -0.05
N GLU Y 167 61.34 82.88 1.04
CA GLU Y 167 61.61 82.22 2.31
C GLU Y 167 60.34 81.62 2.87
N THR Y 168 60.45 80.43 3.44
CA THR Y 168 59.28 79.81 4.03
C THR Y 168 58.81 80.59 5.25
N VAL Y 169 57.55 80.39 5.63
CA VAL Y 169 56.99 81.06 6.79
C VAL Y 169 56.32 80.04 7.71
N LYS Y 170 56.48 78.76 7.41
CA LYS Y 170 55.82 77.72 8.18
C LYS Y 170 56.73 76.50 8.25
N GLU Y 171 56.60 75.74 9.34
CA GLU Y 171 57.39 74.53 9.52
C GLU Y 171 56.93 73.46 8.53
N GLU Y 172 57.79 73.08 7.61
CA GLU Y 172 57.41 72.18 6.52
C GLU Y 172 57.96 70.78 6.77
N THR Y 173 57.36 69.81 6.06
CA THR Y 173 57.72 68.40 6.19
C THR Y 173 57.61 67.78 4.81
N LEU Y 174 58.74 67.64 4.13
CA LEU Y 174 58.77 67.18 2.75
C LEU Y 174 59.16 65.72 2.68
N LYS Y 175 58.60 64.99 1.70
CA LYS Y 175 58.83 63.56 1.61
C LYS Y 175 59.30 63.17 0.22
N SER Y 176 60.19 62.18 0.16
CA SER Y 176 60.66 61.63 -1.10
C SER Y 176 60.81 60.12 -0.95
N ASP Y 177 60.91 59.44 -2.08
CA ASP Y 177 61.10 57.99 -2.09
C ASP Y 177 61.76 57.60 -3.40
N ARG Y 178 62.98 57.08 -3.33
CA ARG Y 178 63.75 56.73 -4.51
C ARG Y 178 63.91 55.22 -4.59
N GLN Y 179 64.06 54.71 -5.81
CA GLN Y 179 64.30 53.29 -6.04
C GLN Y 179 65.24 53.14 -7.22
N TYR Y 180 66.37 52.47 -7.00
CA TYR Y 180 67.36 52.19 -8.03
C TYR Y 180 67.52 50.68 -8.12
N LYS Y 181 67.00 50.07 -9.19
CA LYS Y 181 67.09 48.62 -9.38
C LYS Y 181 67.82 48.38 -10.69
N PHE Y 182 69.12 48.11 -10.63
CA PHE Y 182 69.88 47.92 -11.86
C PHE Y 182 70.83 46.74 -11.73
N TRP Y 183 70.91 45.95 -12.80
CA TRP Y 183 71.77 44.78 -12.85
C TRP Y 183 72.44 44.69 -14.21
N SER Y 184 73.35 43.73 -14.33
CA SER Y 184 74.15 43.56 -15.54
C SER Y 184 74.72 42.16 -15.53
N GLN Y 185 74.44 41.40 -16.59
CA GLN Y 185 75.04 40.09 -16.79
C GLN Y 185 76.27 40.22 -17.69
N ILE Y 186 77.35 39.57 -17.29
CA ILE Y 186 78.59 39.56 -18.05
C ILE Y 186 78.79 38.16 -18.61
N SER Y 187 79.83 38.02 -19.45
CA SER Y 187 80.12 36.72 -20.05
C SER Y 187 80.40 35.66 -18.99
N GLN Y 188 80.95 36.07 -17.85
CA GLN Y 188 81.26 35.13 -16.76
C GLN Y 188 80.15 35.10 -15.73
N GLY Y 189 79.81 36.24 -15.15
CA GLY Y 189 78.86 36.30 -14.07
C GLY Y 189 77.90 37.48 -14.20
N HIS Y 190 77.27 37.82 -13.08
CA HIS Y 190 76.25 38.85 -13.02
C HIS Y 190 76.60 39.85 -11.91
N LEU Y 191 75.83 40.93 -11.83
CA LEU Y 191 75.98 41.90 -10.76
C LEU Y 191 74.71 42.74 -10.69
N SER Y 192 74.05 42.74 -9.54
CA SER Y 192 72.78 43.44 -9.37
C SER Y 192 72.82 44.30 -8.13
N TYR Y 193 71.97 45.35 -8.12
CA TYR Y 193 71.85 46.22 -6.97
C TYR Y 193 70.44 46.80 -6.92
N LYS Y 194 69.78 46.64 -5.79
CA LYS Y 194 68.43 47.13 -5.57
C LYS Y 194 68.41 48.00 -4.32
N HIS Y 195 68.04 49.26 -4.48
CA HIS Y 195 67.95 50.21 -3.38
C HIS Y 195 66.56 50.81 -3.36
N LYS Y 196 65.96 50.86 -2.18
CA LYS Y 196 64.67 51.51 -1.97
C LYS Y 196 64.76 52.36 -0.72
N GLY Y 197 64.63 53.67 -0.88
CA GLY Y 197 64.77 54.55 0.26
C GLY Y 197 63.68 55.61 0.35
N GLN Y 198 62.97 55.62 1.48
CA GLN Y 198 61.99 56.66 1.78
C GLN Y 198 62.64 57.67 2.72
N ARG Y 199 62.53 58.95 2.39
CA ARG Y 199 63.19 60.01 3.12
C ARG Y 199 62.18 61.10 3.45
N GLU Y 200 62.41 61.78 4.57
CA GLU Y 200 61.49 62.80 5.03
C GLU Y 200 62.28 63.82 5.84
N VAL Y 201 62.05 65.10 5.59
CA VAL Y 201 62.80 66.16 6.25
C VAL Y 201 61.84 67.22 6.75
N THR Y 202 62.28 67.96 7.78
CA THR Y 202 61.51 69.03 8.38
C THR Y 202 62.31 70.32 8.31
N ILE Y 203 61.59 71.43 8.13
CA ILE Y 203 62.20 72.73 7.87
C ILE Y 203 61.57 73.79 8.76
N PRO Y 204 62.37 74.61 9.43
CA PRO Y 204 61.83 75.72 10.21
C PRO Y 204 61.44 76.88 9.33
N PRO Y 205 60.76 77.89 9.86
CA PRO Y 205 60.40 79.05 9.04
C PRO Y 205 61.62 79.87 8.64
N ASN Y 206 61.39 80.79 7.70
CA ASN Y 206 62.35 81.80 7.26
C ASN Y 206 63.55 81.21 6.55
N ARG Y 207 63.46 79.99 6.04
CA ARG Y 207 64.55 79.40 5.28
C ARG Y 207 64.49 79.87 3.84
N VAL Y 208 65.51 80.59 3.39
CA VAL Y 208 65.52 81.17 2.05
C VAL Y 208 65.58 80.05 1.02
N LEU Y 209 64.57 79.99 0.16
CA LEU Y 209 64.50 78.95 -0.86
C LEU Y 209 65.11 79.37 -2.19
N SER Y 210 65.18 80.67 -2.47
CA SER Y 210 65.79 81.14 -3.72
C SER Y 210 66.18 82.60 -3.57
N TYR Y 211 67.06 83.04 -4.45
CA TYR Y 211 67.56 84.40 -4.38
C TYR Y 211 68.04 84.84 -5.76
N ARG Y 212 68.17 86.16 -5.91
CA ARG Y 212 68.75 86.77 -7.10
C ARG Y 212 69.73 87.85 -6.64
N VAL Y 213 70.69 88.18 -7.50
CA VAL Y 213 71.83 88.97 -7.09
C VAL Y 213 72.06 90.16 -8.02
N LYS Y 214 72.66 91.21 -7.47
CA LYS Y 214 73.13 92.36 -8.24
C LYS Y 214 74.62 92.54 -7.97
N GLN Y 215 75.41 92.70 -9.02
CA GLN Y 215 76.86 92.64 -8.84
C GLN Y 215 77.36 93.89 -8.12
N LEU Y 216 78.55 93.78 -7.53
CA LEU Y 216 79.23 94.93 -6.94
C LEU Y 216 80.66 94.96 -7.46
N VAL Y 217 80.96 95.89 -8.36
CA VAL Y 217 82.29 96.08 -8.88
C VAL Y 217 82.99 97.17 -8.08
N PHE Y 218 84.29 96.99 -7.85
CA PHE Y 218 85.10 97.85 -7.00
C PHE Y 218 86.33 98.31 -7.77
N PRO Y 219 86.25 99.42 -8.49
CA PRO Y 219 87.47 99.99 -9.09
C PRO Y 219 88.53 100.37 -8.07
N ASN Y 220 88.14 100.68 -6.84
CA ASN Y 220 89.09 100.94 -5.77
C ASN Y 220 88.44 100.51 -4.45
N LYS Y 221 89.02 100.94 -3.33
CA LYS Y 221 88.58 100.52 -2.01
C LYS Y 221 87.47 101.40 -1.44
N GLU Y 222 87.01 102.40 -2.18
CA GLU Y 222 85.94 103.28 -1.71
C GLU Y 222 84.78 103.34 -2.71
N THR Y 223 84.73 102.40 -3.65
CA THR Y 223 83.75 102.41 -4.73
C THR Y 223 82.91 101.14 -4.66
N MET Y 224 81.74 101.24 -4.03
CA MET Y 224 80.78 100.15 -4.03
C MET Y 224 79.87 100.26 -5.26
N ASN Y 225 80.48 100.10 -6.43
CA ASN Y 225 79.77 100.38 -7.67
C ASN Y 225 78.78 99.26 -7.96
N ILE Y 226 77.49 99.54 -7.78
CA ILE Y 226 76.47 98.51 -7.89
C ILE Y 226 76.12 98.33 -9.36
N HIS Y 227 76.36 97.12 -9.88
CA HIS Y 227 76.18 96.79 -11.28
C HIS Y 227 74.89 96.02 -11.44
N PHE Y 228 73.98 96.53 -12.27
CA PHE Y 228 72.68 95.91 -12.50
C PHE Y 228 72.71 94.93 -13.67
N ARG Y 229 73.08 95.44 -14.85
CA ARG Y 229 73.07 94.64 -16.07
C ARG Y 229 74.47 94.60 -16.66
N GLY Y 230 74.87 93.43 -17.15
CA GLY Y 230 76.14 93.30 -17.83
C GLY Y 230 77.10 92.33 -17.18
N LYS Y 231 77.56 91.34 -17.95
CA LYS Y 231 78.57 90.41 -17.49
C LYS Y 231 79.93 91.11 -17.52
N THR Y 232 80.52 91.33 -16.36
CA THR Y 232 81.77 92.08 -16.26
C THR Y 232 82.59 91.51 -15.12
N LYS Y 233 83.66 92.21 -14.76
CA LYS Y 233 84.54 91.83 -13.67
C LYS Y 233 84.22 92.68 -12.45
N SER Y 234 84.03 92.02 -11.31
CA SER Y 234 83.62 92.69 -10.08
C SER Y 234 84.79 93.27 -9.31
N PHE Y 235 86.02 93.10 -9.79
CA PHE Y 235 87.21 93.66 -9.15
C PHE Y 235 88.18 94.11 -10.22
N PRO Y 236 87.97 95.30 -10.79
CA PRO Y 236 88.90 95.81 -11.80
C PRO Y 236 90.13 96.49 -11.21
N GLU Y 237 90.19 96.64 -9.89
CA GLU Y 237 91.31 97.31 -9.24
C GLU Y 237 92.60 96.51 -9.40
CA MET Z 5 80.37 48.31 7.60
C MET Z 5 80.81 49.57 8.34
N PHE Z 6 79.84 50.32 8.84
CA PHE Z 6 80.10 51.57 9.52
C PHE Z 6 79.27 51.63 10.79
N SER Z 7 79.71 52.48 11.72
CA SER Z 7 78.96 52.70 12.95
C SER Z 7 77.60 53.28 12.65
N VAL Z 8 76.63 53.07 13.54
CA VAL Z 8 75.30 53.65 13.36
C VAL Z 8 75.39 55.17 13.37
N PHE Z 9 76.17 55.71 14.31
CA PHE Z 9 76.40 57.15 14.35
C PHE Z 9 77.07 57.64 13.08
N GLU Z 10 77.98 56.84 12.52
CA GLU Z 10 78.58 57.21 11.24
C GLU Z 10 77.53 57.32 10.16
N GLU Z 11 76.59 56.38 10.10
CA GLU Z 11 75.55 56.43 9.08
C GLU Z 11 74.64 57.63 9.27
N ILE Z 12 74.24 57.92 10.52
CA ILE Z 12 73.34 59.04 10.73
C ILE Z 12 74.04 60.36 10.41
N THR Z 13 75.34 60.46 10.72
CA THR Z 13 76.06 61.68 10.38
C THR Z 13 76.22 61.83 8.87
N ARG Z 14 76.46 60.72 8.17
CA ARG Z 14 76.54 60.81 6.71
C ARG Z 14 75.22 61.26 6.12
N ILE Z 15 74.10 60.75 6.63
CA ILE Z 15 72.79 61.19 6.15
C ILE Z 15 72.58 62.67 6.44
N VAL Z 16 72.92 63.11 7.65
CA VAL Z 16 72.70 64.51 8.01
C VAL Z 16 73.56 65.43 7.15
N VAL Z 17 74.79 65.02 6.84
CA VAL Z 17 75.63 65.86 6.00
C VAL Z 17 75.10 65.88 4.56
N LYS Z 18 74.68 64.73 4.04
CA LYS Z 18 74.16 64.70 2.68
C LYS Z 18 72.87 65.51 2.55
N GLU Z 19 72.11 65.66 3.64
CA GLU Z 19 70.86 66.40 3.53
C GLU Z 19 71.02 67.87 3.90
N MET Z 20 71.45 68.16 5.13
CA MET Z 20 71.49 69.54 5.61
C MET Z 20 72.51 70.40 4.88
N ASP Z 21 73.47 69.80 4.16
CA ASP Z 21 74.41 70.61 3.41
C ASP Z 21 74.71 69.90 2.09
N ALA Z 22 73.93 70.22 1.06
CA ALA Z 22 74.21 69.73 -0.27
C ALA Z 22 75.49 70.38 -0.78
N GLY Z 23 76.45 69.55 -1.20
CA GLY Z 23 77.74 70.08 -1.57
C GLY Z 23 78.37 70.75 -0.38
N GLY Z 24 78.74 72.03 -0.55
CA GLY Z 24 79.28 72.79 0.56
C GLY Z 24 80.59 72.24 1.05
N ASP Z 25 80.84 72.41 2.35
CA ASP Z 25 82.10 71.99 2.95
C ASP Z 25 81.94 71.22 4.25
N MET Z 26 80.73 71.07 4.78
CA MET Z 26 80.55 70.40 6.06
C MET Z 26 80.97 68.94 5.97
N ILE Z 27 81.72 68.49 6.98
CA ILE Z 27 82.14 67.12 7.11
C ILE Z 27 81.46 66.50 8.31
N ALA Z 28 81.20 65.20 8.23
CA ALA Z 28 80.42 64.50 9.24
C ALA Z 28 81.34 63.96 10.33
N VAL Z 29 80.92 64.17 11.59
CA VAL Z 29 81.63 63.56 12.71
C VAL Z 29 81.54 62.04 12.59
N ARG Z 30 82.67 61.38 12.82
CA ARG Z 30 82.72 59.93 12.65
C ARG Z 30 82.39 59.17 13.94
N SER Z 31 83.04 59.52 15.03
CA SER Z 31 82.90 58.80 16.29
C SER Z 31 82.24 59.71 17.32
N LEU Z 32 81.29 59.16 18.07
CA LEU Z 32 80.58 59.98 19.04
C LEU Z 32 81.28 60.06 20.39
N VAL Z 33 82.37 59.31 20.58
CA VAL Z 33 83.15 59.49 21.80
C VAL Z 33 83.80 60.88 21.80
N ASP Z 34 84.33 61.30 20.66
CA ASP Z 34 84.94 62.61 20.51
C ASP Z 34 84.03 63.59 19.78
N ALA Z 35 82.72 63.31 19.76
CA ALA Z 35 81.77 64.29 19.22
C ALA Z 35 81.78 65.55 20.06
N ASP Z 36 81.85 65.41 21.39
CA ASP Z 36 81.87 66.57 22.27
C ASP Z 36 83.12 67.42 22.03
N ARG Z 37 84.19 66.82 21.52
CA ARG Z 37 85.40 67.59 21.26
C ARG Z 37 85.41 68.25 19.89
N PHE Z 38 84.35 68.09 19.09
CA PHE Z 38 84.20 68.79 17.83
C PHE Z 38 83.26 69.99 17.96
N ARG Z 39 82.91 70.36 19.17
CA ARG Z 39 82.04 71.51 19.40
C ARG Z 39 82.72 72.79 18.90
N CYS Z 40 81.94 73.87 18.85
CA CYS Z 40 82.45 75.14 18.37
C CYS Z 40 83.58 75.64 19.24
N PHE Z 41 84.54 76.31 18.60
CA PHE Z 41 85.80 76.85 19.14
C PHE Z 41 86.85 75.78 19.39
N HIS Z 42 86.54 74.49 19.26
CA HIS Z 42 87.53 73.46 19.52
C HIS Z 42 88.50 73.35 18.34
N LEU Z 43 89.79 73.47 18.63
CA LEU Z 43 90.80 73.35 17.59
C LEU Z 43 90.86 71.91 17.08
N VAL Z 44 91.13 71.78 15.79
CA VAL Z 44 91.15 70.50 15.10
C VAL Z 44 92.42 70.44 14.26
N GLY Z 45 92.91 69.24 14.01
CA GLY Z 45 94.07 69.06 13.17
C GLY Z 45 93.77 68.10 12.03
N GLU Z 46 94.63 68.14 11.03
CA GLU Z 46 94.51 67.29 9.86
C GLU Z 46 95.54 66.17 9.90
N LYS Z 47 95.26 65.11 9.14
CA LYS Z 47 96.20 64.01 9.00
C LYS Z 47 96.02 63.38 7.63
N ARG Z 48 97.15 63.09 6.98
CA ARG Z 48 97.13 62.58 5.61
C ARG Z 48 97.32 61.07 5.62
N THR Z 49 96.59 60.40 4.73
CA THR Z 49 96.64 58.95 4.60
C THR Z 49 96.74 58.57 3.13
N PHE Z 50 97.10 57.32 2.87
CA PHE Z 50 97.15 56.83 1.50
C PHE Z 50 95.77 56.84 0.86
N PHE Z 51 94.72 56.63 1.66
CA PHE Z 51 93.36 56.75 1.13
C PHE Z 51 92.97 58.21 0.91
N GLY Z 52 93.40 59.10 1.81
CA GLY Z 52 93.05 60.50 1.71
C GLY Z 52 93.50 61.31 2.92
N CYS Z 53 92.63 62.19 3.40
CA CYS Z 53 92.91 63.00 4.59
C CYS Z 53 91.73 62.95 5.53
N ARG Z 54 92.01 63.07 6.82
CA ARG Z 54 90.99 63.05 7.86
C ARG Z 54 91.33 64.08 8.93
N HIS Z 55 90.39 64.26 9.86
CA HIS Z 55 90.53 65.23 10.93
C HIS Z 55 90.57 64.53 12.28
N TYR Z 56 91.28 65.14 13.22
CA TYR Z 56 91.30 64.71 14.60
C TYR Z 56 91.08 65.93 15.50
N THR Z 57 90.68 65.68 16.74
CA THR Z 57 90.44 66.75 17.69
C THR Z 57 91.56 66.79 18.71
N THR Z 58 92.25 67.93 18.79
CA THR Z 58 93.25 68.11 19.83
C THR Z 58 92.63 68.24 21.21
N GLY Z 59 91.36 68.60 21.29
CA GLY Z 59 90.73 68.89 22.55
C GLY Z 59 90.97 70.30 23.05
N LEU Z 60 91.57 71.17 22.24
CA LEU Z 60 91.88 72.54 22.63
C LEU Z 60 90.79 73.46 22.11
N THR Z 61 90.17 74.21 23.01
CA THR Z 61 89.33 75.31 22.59
C THR Z 61 90.21 76.50 22.22
N LEU Z 62 89.60 77.52 21.61
CA LEU Z 62 90.36 78.68 21.18
C LEU Z 62 90.94 79.44 22.37
N MET Z 63 90.23 79.44 23.51
CA MET Z 63 90.70 80.15 24.69
C MET Z 63 92.05 79.65 25.16
N ASP Z 64 92.44 78.43 24.81
CA ASP Z 64 93.75 77.92 25.18
C ASP Z 64 94.86 78.69 24.50
N ILE Z 65 94.69 79.04 23.23
CA ILE Z 65 95.71 79.70 22.45
C ILE Z 65 95.30 81.13 22.08
N LEU Z 66 94.41 81.75 22.85
CA LEU Z 66 94.00 83.12 22.61
C LEU Z 66 94.44 83.99 23.78
N ASP Z 67 95.17 85.07 23.48
CA ASP Z 67 95.74 85.91 24.53
C ASP Z 67 94.66 86.47 25.45
N THR Z 68 93.58 86.96 24.86
CA THR Z 68 92.46 87.54 25.62
C THR Z 68 92.91 88.66 26.54
N LYS Z 85 67.74 78.03 18.07
CA LYS Z 85 68.33 78.52 16.83
C LYS Z 85 67.58 77.94 15.62
N ALA Z 86 68.23 77.06 14.88
CA ALA Z 86 67.64 76.41 13.72
C ALA Z 86 67.55 74.92 14.00
N GLU Z 87 66.34 74.36 13.94
CA GLU Z 87 66.07 72.99 14.36
C GLU Z 87 65.50 72.21 13.18
N PHE Z 88 66.16 71.13 12.81
CA PHE Z 88 65.78 70.32 11.66
C PHE Z 88 65.49 68.90 12.13
N GLN Z 89 64.30 68.39 11.80
CA GLN Z 89 63.88 67.06 12.21
C GLN Z 89 63.94 66.14 11.00
N ILE Z 90 64.97 65.33 10.92
CA ILE Z 90 65.14 64.37 9.84
C ILE Z 90 64.55 63.04 10.28
N LEU Z 91 64.00 62.29 9.32
CA LEU Z 91 63.44 60.98 9.60
C LEU Z 91 63.43 60.19 8.30
N ASP Z 92 64.01 58.99 8.31
CA ASP Z 92 64.05 58.22 7.07
C ASP Z 92 64.21 56.74 7.37
N ASN Z 93 63.89 55.94 6.37
CA ASN Z 93 64.13 54.51 6.36
C ASN Z 93 64.71 54.14 5.01
N VAL Z 94 65.70 53.23 5.03
CA VAL Z 94 66.43 52.86 3.84
C VAL Z 94 66.44 51.34 3.72
N ASP Z 95 66.19 50.84 2.51
CA ASP Z 95 66.22 49.41 2.23
C ASP Z 95 67.05 49.20 0.97
N SER Z 96 68.24 48.63 1.12
CA SER Z 96 69.13 48.41 0.00
C SER Z 96 69.49 46.93 -0.10
N THR Z 97 69.79 46.49 -1.32
CA THR Z 97 70.16 45.09 -1.56
C THR Z 97 71.01 45.03 -2.82
N GLY Z 98 72.11 44.28 -2.74
CA GLY Z 98 72.96 44.08 -3.90
C GLY Z 98 73.46 42.65 -4.02
N GLU Z 99 73.20 42.04 -5.18
CA GLU Z 99 73.58 40.63 -5.40
C GLU Z 99 74.48 40.53 -6.63
N LEU Z 100 75.62 39.86 -6.49
CA LEU Z 100 76.56 39.69 -7.58
C LEU Z 100 76.92 38.20 -7.72
N ILE Z 101 77.23 37.80 -8.94
CA ILE Z 101 77.65 36.43 -9.25
C ILE Z 101 78.86 36.49 -10.18
N VAL Z 102 79.86 35.68 -9.91
CA VAL Z 102 81.08 35.63 -10.71
C VAL Z 102 81.40 34.17 -11.01
N ARG Z 103 81.82 33.91 -12.25
CA ARG Z 103 82.23 32.58 -12.67
C ARG Z 103 83.63 32.64 -13.27
N LEU Z 104 84.38 31.56 -13.07
CA LEU Z 104 85.77 31.50 -13.60
C LEU Z 104 85.99 30.13 -14.22
N PRO Z 105 86.83 30.01 -15.28
CA PRO Z 105 87.12 28.71 -15.91
C PRO Z 105 87.83 27.73 -15.00
N LYS Z 106 88.27 28.16 -13.83
CA LYS Z 106 88.90 27.29 -12.84
C LYS Z 106 87.88 26.65 -11.91
N GLU Z 107 86.63 26.50 -12.37
CA GLU Z 107 85.54 25.93 -11.57
C GLU Z 107 85.32 26.72 -10.29
N ILE Z 108 85.36 28.06 -10.39
CA ILE Z 108 85.13 28.92 -9.24
C ILE Z 108 83.89 29.78 -9.51
N THR Z 109 82.79 29.43 -8.86
CA THR Z 109 81.53 30.15 -9.00
C THR Z 109 81.16 30.76 -7.66
N ILE Z 110 81.29 32.08 -7.56
CA ILE Z 110 80.99 32.78 -6.32
C ILE Z 110 79.71 33.59 -6.52
N SER Z 111 79.02 33.84 -5.40
CA SER Z 111 77.80 34.63 -5.43
C SER Z 111 77.61 35.26 -4.05
N GLY Z 112 77.39 36.57 -4.03
CA GLY Z 112 77.24 37.29 -2.78
C GLY Z 112 76.12 38.30 -2.77
N SER Z 113 75.33 38.32 -1.70
CA SER Z 113 74.24 39.26 -1.51
C SER Z 113 74.49 40.06 -0.24
N PHE Z 114 74.25 41.37 -0.32
CA PHE Z 114 74.49 42.28 0.79
C PHE Z 114 73.29 43.20 0.90
N GLN Z 115 72.54 43.10 1.99
CA GLN Z 115 71.32 43.87 2.17
C GLN Z 115 71.39 44.66 3.47
N GLY Z 116 70.66 45.76 3.49
CA GLY Z 116 70.62 46.64 4.65
C GLY Z 116 69.29 47.32 4.84
N PHE Z 117 68.88 47.46 6.10
CA PHE Z 117 67.63 48.10 6.47
C PHE Z 117 67.92 49.05 7.61
N HIS Z 118 67.79 50.35 7.35
CA HIS Z 118 68.12 51.39 8.32
C HIS Z 118 66.87 52.17 8.67
N HIS Z 119 66.74 52.56 9.94
CA HIS Z 119 65.65 53.43 10.36
C HIS Z 119 66.21 54.45 11.35
N GLN Z 120 66.04 55.74 11.00
CA GLN Z 120 66.57 56.81 11.84
C GLN Z 120 65.52 57.91 11.94
N LYS Z 121 65.45 58.51 13.14
CA LYS Z 121 64.66 59.70 13.39
C LYS Z 121 65.44 60.56 14.36
N ILE Z 122 65.80 61.76 13.93
CA ILE Z 122 66.70 62.61 14.71
C ILE Z 122 66.24 64.05 14.59
N LYS Z 123 66.54 64.83 15.62
CA LYS Z 123 66.19 66.26 15.65
C LYS Z 123 67.45 67.03 16.00
N ILE Z 124 68.06 67.67 15.01
CA ILE Z 124 69.33 68.36 15.19
C ILE Z 124 69.07 69.85 15.27
N SER Z 125 70.06 70.58 15.77
CA SER Z 125 70.03 72.03 15.83
C SER Z 125 71.39 72.56 15.38
N GLU Z 126 71.38 73.79 14.88
CA GLU Z 126 72.58 74.40 14.32
C GLU Z 126 73.12 75.48 15.25
N ASN Z 127 74.44 75.49 15.43
CA ASN Z 127 75.11 76.59 16.11
C ASN Z 127 76.31 76.99 15.29
N ARG Z 128 76.71 78.26 15.43
CA ARG Z 128 77.79 78.78 14.61
C ARG Z 128 78.34 80.04 15.25
N ILE Z 129 79.64 80.25 15.09
CA ILE Z 129 80.28 81.45 15.59
C ILE Z 129 80.03 82.59 14.62
N SER Z 130 79.56 83.72 15.16
CA SER Z 130 79.19 84.85 14.31
C SER Z 130 80.41 85.40 13.59
N GLN Z 131 80.18 85.89 12.36
CA GLN Z 131 81.26 86.47 11.58
C GLN Z 131 81.86 87.70 12.25
N GLN Z 132 81.15 88.32 13.18
CA GLN Z 132 81.75 89.38 13.98
C GLN Z 132 82.94 88.86 14.77
N TYR Z 133 82.81 87.67 15.36
CA TYR Z 133 83.91 87.08 16.11
C TYR Z 133 85.10 86.80 15.20
N LEU Z 134 84.85 86.14 14.06
CA LEU Z 134 85.93 85.88 13.11
C LEU Z 134 86.56 87.18 12.63
N ALA Z 135 85.79 88.26 12.57
CA ALA Z 135 86.36 89.57 12.29
C ALA Z 135 87.28 90.01 13.42
N THR Z 136 86.89 89.75 14.66
CA THR Z 136 87.74 90.11 15.80
C THR Z 136 88.93 89.20 15.96
N LEU Z 137 88.79 87.92 15.64
CA LEU Z 137 89.86 86.94 15.82
C LEU Z 137 90.81 86.93 14.62
N GLU Z 138 91.33 88.09 14.23
CA GLU Z 138 92.23 88.19 13.09
C GLU Z 138 93.64 88.55 13.57
N ASN Z 139 94.60 87.70 13.22
CA ASN Z 139 96.02 87.92 13.52
C ASN Z 139 96.22 88.24 15.00
N ARG Z 140 95.56 87.47 15.85
CA ARG Z 140 95.69 87.63 17.29
C ARG Z 140 97.00 87.04 17.78
N LYS Z 141 97.53 87.60 18.86
CA LYS Z 141 98.64 86.98 19.56
C LYS Z 141 98.12 85.84 20.43
N LEU Z 142 98.89 84.76 20.50
CA LEU Z 142 98.50 83.60 21.29
C LEU Z 142 98.80 83.87 22.76
N LYS Z 143 98.65 82.85 23.60
CA LYS Z 143 99.04 82.94 24.99
C LYS Z 143 100.51 82.61 25.14
N ARG Z 144 101.21 83.37 25.99
CA ARG Z 144 102.59 83.07 26.29
C ARG Z 144 102.74 81.70 26.96
N GLU Z 145 101.67 81.18 27.56
CA GLU Z 145 101.68 79.87 28.19
C GLU Z 145 101.43 78.81 27.12
N LEU Z 146 102.43 78.61 26.27
CA LEU Z 146 102.37 77.61 25.21
C LEU Z 146 102.20 76.21 25.82
N PRO Z 147 101.05 75.58 25.66
CA PRO Z 147 100.89 74.22 26.19
C PRO Z 147 101.66 73.23 25.33
N PHE Z 148 102.24 72.23 25.99
CA PHE Z 148 102.90 71.16 25.25
C PHE Z 148 101.92 70.43 24.34
N SER Z 149 100.63 70.47 24.66
CA SER Z 149 99.62 69.92 23.78
C SER Z 149 99.67 70.58 22.41
N PHE Z 150 99.83 71.90 22.37
CA PHE Z 150 99.95 72.62 21.11
C PHE Z 150 101.41 72.81 20.69
N ARG Z 151 102.30 73.07 21.65
CA ARG Z 151 103.69 73.36 21.30
C ARG Z 151 104.32 72.22 20.52
N SER Z 152 103.90 70.98 20.78
CA SER Z 152 104.48 69.81 20.13
C SER Z 152 103.74 69.41 18.87
N ILE Z 153 102.75 70.19 18.44
CA ILE Z 153 102.01 69.85 17.22
C ILE Z 153 102.96 69.88 16.04
N ASN Z 154 102.94 68.83 15.23
CA ASN Z 154 103.80 68.74 14.07
C ASN Z 154 103.42 69.80 13.06
N THR Z 155 104.39 70.64 12.68
CA THR Z 155 104.11 71.72 11.75
C THR Z 155 103.86 71.24 10.32
N ARG Z 156 104.17 69.98 10.01
CA ARG Z 156 103.88 69.45 8.68
C ARG Z 156 102.39 69.43 8.40
N GLU Z 157 101.59 69.03 9.39
CA GLU Z 157 100.14 69.02 9.25
C GLU Z 157 99.56 70.40 9.53
N ASN Z 158 98.26 70.52 9.30
CA ASN Z 158 97.58 71.81 9.37
C ASN Z 158 96.88 71.98 10.72
N LEU Z 159 96.14 73.07 10.87
CA LEU Z 159 95.41 73.36 12.10
C LEU Z 159 94.22 74.22 11.75
N TYR Z 160 93.05 73.89 12.31
CA TYR Z 160 91.80 74.53 11.96
C TYR Z 160 91.01 74.84 13.21
N LEU Z 161 90.04 75.74 13.06
CA LEU Z 161 89.10 76.08 14.11
C LEU Z 161 87.71 75.68 13.66
N VAL Z 162 86.98 74.99 14.53
CA VAL Z 162 85.63 74.56 14.22
C VAL Z 162 84.70 75.77 14.29
N THR Z 163 83.96 76.00 13.20
CA THR Z 163 83.14 77.19 13.02
C THR Z 163 81.67 76.95 13.26
N GLU Z 164 81.08 75.97 12.57
CA GLU Z 164 79.66 75.68 12.69
C GLU Z 164 79.47 74.20 13.00
N THR Z 165 78.42 73.89 13.77
CA THR Z 165 78.17 72.54 14.24
C THR Z 165 76.68 72.23 14.24
N LEU Z 166 76.35 71.03 13.78
CA LEU Z 166 75.01 70.48 13.91
C LEU Z 166 75.02 69.46 15.04
N GLU Z 167 74.25 69.72 16.08
CA GLU Z 167 74.26 68.91 17.29
C GLU Z 167 72.84 68.51 17.66
N THR Z 168 72.69 67.26 18.10
CA THR Z 168 71.36 66.82 18.49
C THR Z 168 70.90 67.56 19.75
N VAL Z 169 69.59 67.54 19.99
CA VAL Z 169 69.03 68.20 21.16
C VAL Z 169 68.09 67.25 21.89
N LYS Z 170 68.06 65.99 21.46
CA LYS Z 170 67.15 65.02 22.05
C LYS Z 170 67.82 63.66 22.07
N GLU Z 171 67.43 62.84 23.05
CA GLU Z 171 67.97 61.49 23.16
C GLU Z 171 67.45 60.63 22.02
N GLU Z 172 68.33 60.17 21.16
CA GLU Z 172 67.94 59.46 19.95
C GLU Z 172 68.20 57.97 20.08
N THR Z 173 67.53 57.20 19.22
CA THR Z 173 67.62 55.74 19.22
C THR Z 173 67.56 55.29 17.77
N LEU Z 174 68.72 55.00 17.19
CA LEU Z 174 68.83 54.67 15.78
C LEU Z 174 68.96 53.17 15.59
N LYS Z 175 68.39 52.65 14.48
CA LYS Z 175 68.38 51.22 14.25
C LYS Z 175 68.92 50.89 12.87
N SER Z 176 69.63 49.77 12.79
CA SER Z 176 70.15 49.25 11.53
C SER Z 176 70.01 47.74 11.53
N ASP Z 177 70.13 47.16 10.34
CA ASP Z 177 70.06 45.70 10.20
C ASP Z 177 70.79 45.32 8.91
N ARG Z 178 71.88 44.58 9.04
CA ARG Z 178 72.71 44.20 7.91
C ARG Z 178 72.61 42.70 7.68
N GLN Z 179 72.80 42.29 6.42
CA GLN Z 179 72.82 40.87 6.07
C GLN Z 179 73.85 40.67 4.97
N TYR Z 180 74.81 39.78 5.23
CA TYR Z 180 75.85 39.42 4.26
C TYR Z 180 75.76 37.92 4.02
N LYS Z 181 75.26 37.52 2.85
CA LYS Z 181 75.12 36.10 2.51
C LYS Z 181 75.94 35.85 1.26
N PHE Z 182 77.17 35.34 1.41
CA PHE Z 182 78.01 35.13 0.24
C PHE Z 182 78.72 33.79 0.33
N TRP Z 183 78.79 33.10 -0.81
CA TRP Z 183 79.43 31.79 -0.90
C TRP Z 183 80.22 31.71 -2.20
N SER Z 184 80.96 30.61 -2.33
CA SER Z 184 81.85 30.42 -3.47
C SER Z 184 82.17 28.94 -3.57
N GLN Z 185 81.89 28.35 -4.73
CA GLN Z 185 82.27 26.98 -5.02
C GLN Z 185 83.59 26.96 -5.77
N ILE Z 186 84.49 26.08 -5.34
CA ILE Z 186 85.79 25.91 -5.98
C ILE Z 186 85.80 24.56 -6.67
N SER Z 187 86.89 24.30 -7.41
CA SER Z 187 87.02 23.04 -8.13
C SER Z 187 86.98 21.85 -7.17
N GLN Z 188 87.47 22.04 -5.95
CA GLN Z 188 87.48 20.97 -4.95
C GLN Z 188 86.27 21.04 -4.03
N GLY Z 189 86.08 22.17 -3.37
CA GLY Z 189 85.04 22.31 -2.38
C GLY Z 189 84.32 23.65 -2.47
N HIS Z 190 83.63 23.99 -1.38
CA HIS Z 190 82.81 25.19 -1.31
C HIS Z 190 83.20 25.99 -0.07
N LEU Z 191 82.62 27.19 0.06
CA LEU Z 191 82.81 28.01 1.24
C LEU Z 191 81.71 29.06 1.28
N SER Z 192 80.93 29.08 2.36
CA SER Z 192 79.79 29.98 2.48
C SER Z 192 79.84 30.71 3.81
N TYR Z 193 79.19 31.88 3.86
CA TYR Z 193 79.09 32.66 5.07
C TYR Z 193 77.81 33.48 5.05
N LYS Z 194 77.00 33.33 6.10
CA LYS Z 194 75.74 34.05 6.23
C LYS Z 194 75.73 34.78 7.57
N HIS Z 195 75.60 36.10 7.51
CA HIS Z 195 75.56 36.95 8.70
C HIS Z 195 74.31 37.79 8.65
N LYS Z 196 73.58 37.84 9.78
CA LYS Z 196 72.40 38.69 9.92
C LYS Z 196 72.50 39.38 11.27
N GLY Z 197 72.62 40.70 11.25
CA GLY Z 197 72.78 41.44 12.48
C GLY Z 197 71.89 42.66 12.59
N GLN Z 198 71.07 42.70 13.63
CA GLN Z 198 70.26 43.87 13.96
C GLN Z 198 70.96 44.64 15.07
N ARG Z 199 71.11 45.95 14.87
CA ARG Z 199 71.86 46.80 15.77
C ARG Z 199 71.03 48.03 16.13
N GLU Z 200 71.24 48.54 17.33
CA GLU Z 200 70.47 49.68 17.82
C GLU Z 200 71.32 50.45 18.81
N VAL Z 201 71.34 51.77 18.67
CA VAL Z 201 72.19 52.61 19.51
C VAL Z 201 71.38 53.78 20.04
N THR Z 202 71.82 54.32 21.18
CA THR Z 202 71.18 55.45 21.82
C THR Z 202 72.19 56.58 21.97
N ILE Z 203 71.71 57.81 21.85
CA ILE Z 203 72.55 59.00 21.79
C ILE Z 203 72.03 60.07 22.73
N PRO Z 204 72.88 60.67 23.56
CA PRO Z 204 72.45 61.77 24.41
C PRO Z 204 72.36 63.07 23.62
N PRO Z 205 71.81 64.13 24.20
CA PRO Z 205 71.76 65.41 23.48
C PRO Z 205 73.14 66.02 23.30
N ASN Z 206 73.18 67.04 22.45
CA ASN Z 206 74.35 67.89 22.22
C ASN Z 206 75.51 67.16 21.56
N ARG Z 207 75.26 66.04 20.91
CA ARG Z 207 76.30 65.32 20.20
C ARG Z 207 76.48 65.94 18.81
N VAL Z 208 77.66 66.49 18.55
CA VAL Z 208 77.93 67.18 17.29
C VAL Z 208 77.91 66.16 16.16
N LEU Z 209 77.00 66.37 15.20
CA LEU Z 209 76.87 65.47 14.06
C LEU Z 209 77.70 65.89 12.85
N SER Z 210 78.03 67.18 12.72
CA SER Z 210 78.84 67.64 11.60
C SER Z 210 79.45 68.98 11.95
N TYR Z 211 80.50 69.34 11.21
CA TYR Z 211 81.22 70.57 11.48
C TYR Z 211 81.92 71.03 10.21
N ARG Z 212 82.29 72.31 10.22
CA ARG Z 212 83.11 72.92 9.17
C ARG Z 212 84.19 73.74 9.84
N VAL Z 213 85.29 73.97 9.11
CA VAL Z 213 86.50 74.50 9.72
C VAL Z 213 87.02 75.71 8.95
N LYS Z 214 87.74 76.57 9.66
CA LYS Z 214 88.49 77.68 9.08
C LYS Z 214 89.95 77.55 9.51
N GLN Z 215 90.86 77.67 8.56
CA GLN Z 215 92.24 77.32 8.87
C GLN Z 215 92.87 78.39 9.77
N LEU Z 216 93.95 78.01 10.45
CA LEU Z 216 94.74 78.95 11.24
C LEU Z 216 96.21 78.77 10.86
N VAL Z 217 96.76 79.71 10.10
CA VAL Z 217 98.17 79.70 9.73
C VAL Z 217 98.94 80.56 10.71
N PHE Z 218 100.15 80.12 11.04
CA PHE Z 218 101.00 80.73 12.06
C PHE Z 218 102.38 81.03 11.47
N PRO Z 219 102.57 82.21 10.87
CA PRO Z 219 103.93 82.59 10.45
C PRO Z 219 104.93 82.67 11.60
N ASN Z 220 104.46 82.94 12.81
CA ASN Z 220 105.31 82.91 14.00
C ASN Z 220 104.44 82.49 15.19
N LYS Z 221 104.95 82.70 16.40
CA LYS Z 221 104.30 82.25 17.62
C LYS Z 221 103.30 83.25 18.18
N GLU Z 222 103.11 84.39 17.51
CA GLU Z 222 102.16 85.40 17.97
C GLU Z 222 101.16 85.78 16.88
N THR Z 223 101.05 84.95 15.84
CA THR Z 223 100.21 85.24 14.68
C THR Z 223 99.17 84.14 14.53
N MET Z 224 97.97 84.40 15.05
CA MET Z 224 96.83 83.50 14.84
C MET Z 224 96.10 83.89 13.55
N ASN Z 225 96.81 83.74 12.43
CA ASN Z 225 96.30 84.26 11.17
C ASN Z 225 95.17 83.37 10.67
N ILE Z 226 93.95 83.86 10.75
CA ILE Z 226 92.77 83.06 10.42
C ILE Z 226 92.57 83.07 8.92
N HIS Z 227 92.66 81.90 8.30
CA HIS Z 227 92.58 81.74 6.85
C HIS Z 227 91.19 81.23 6.49
N PHE Z 228 90.49 81.98 5.64
CA PHE Z 228 89.14 81.63 5.21
C PHE Z 228 89.14 80.78 3.95
N ARG Z 229 89.71 81.31 2.88
CA ARG Z 229 89.71 80.65 1.58
C ARG Z 229 91.14 80.40 1.14
N GLY Z 230 91.38 79.23 0.54
CA GLY Z 230 92.68 78.94 -0.02
C GLY Z 230 93.38 77.75 0.61
N LYS Z 231 93.74 76.77 -0.22
CA LYS Z 231 94.52 75.62 0.23
C LYS Z 231 95.96 76.07 0.40
N THR Z 232 96.46 76.06 1.64
CA THR Z 232 97.79 76.57 1.94
C THR Z 232 98.37 75.75 3.08
N LYS Z 233 99.50 76.20 3.61
CA LYS Z 233 100.17 75.57 4.74
C LYS Z 233 99.86 76.34 6.01
N SER Z 234 99.43 75.62 7.04
CA SER Z 234 99.01 76.25 8.29
C SER Z 234 100.17 76.53 9.23
N PHE Z 235 101.39 76.17 8.85
CA PHE Z 235 102.58 76.45 9.66
C PHE Z 235 103.74 76.81 8.74
N PRO Z 236 103.80 78.06 8.30
CA PRO Z 236 104.92 78.49 7.44
C PRO Z 236 106.16 78.87 8.21
N GLU Z 237 106.10 78.88 9.54
CA GLU Z 237 107.24 79.26 10.38
C GLU Z 237 108.39 78.27 10.24
CA MET AA 5 86.14 31.77 20.54
C MET AA 5 86.70 32.86 21.45
N PHE AA 6 85.81 33.72 21.93
CA PHE AA 6 86.22 34.84 22.78
C PHE AA 6 85.27 34.93 23.97
N SER AA 7 85.73 35.59 25.02
CA SER AA 7 84.90 35.83 26.19
C SER AA 7 83.71 36.69 25.82
N VAL AA 8 82.62 36.57 26.58
CA VAL AA 8 81.44 37.40 26.34
C VAL AA 8 81.79 38.87 26.54
N PHE AA 9 82.54 39.17 27.60
CA PHE AA 9 83.01 40.54 27.82
C PHE AA 9 83.89 41.00 26.68
N GLU AA 10 84.70 40.10 26.12
CA GLU AA 10 85.50 40.47 24.96
C GLU AA 10 84.62 40.89 23.80
N GLU AA 11 83.55 40.13 23.55
CA GLU AA 11 82.65 40.47 22.45
C GLU AA 11 81.95 41.80 22.68
N ILE AA 12 81.47 42.04 23.91
CA ILE AA 12 80.75 43.29 24.15
C ILE AA 12 81.71 44.47 24.06
N THR AA 13 82.96 44.30 24.50
CA THR AA 13 83.92 45.39 24.37
C THR AA 13 84.27 45.65 22.91
N ARG AA 14 84.39 44.59 22.11
CA ARG AA 14 84.65 44.79 20.69
C ARG AA 14 83.50 45.53 20.02
N ILE AA 15 82.27 45.19 20.37
CA ILE AA 15 81.11 45.91 19.81
C ILE AA 15 81.13 47.37 20.24
N VAL AA 16 81.40 47.62 21.53
CA VAL AA 16 81.39 49.00 22.02
C VAL AA 16 82.49 49.82 21.35
N VAL AA 17 83.65 49.23 21.11
CA VAL AA 17 84.71 49.97 20.45
C VAL AA 17 84.36 50.22 18.98
N LYS AA 18 83.82 49.21 18.31
CA LYS AA 18 83.45 49.40 16.90
C LYS AA 18 82.35 50.46 16.75
N GLU AA 19 81.51 50.64 17.76
CA GLU AA 19 80.42 51.61 17.62
C GLU AA 19 80.79 52.98 18.17
N MET AA 20 81.12 53.07 19.45
CA MET AA 20 81.35 54.36 20.09
C MET AA 20 82.58 55.08 19.56
N ASP AA 21 83.48 54.39 18.87
CA ASP AA 21 84.64 55.08 18.31
C ASP AA 21 84.95 54.45 16.94
N ALA AA 22 84.37 55.01 15.89
CA ALA AA 22 84.71 54.60 14.55
C ALA AA 22 86.13 55.03 14.24
N GLY AA 23 86.96 54.09 13.82
CA GLY AA 23 88.37 54.40 13.64
C GLY AA 23 88.97 54.84 14.95
N GLY AA 24 89.57 56.04 14.96
CA GLY AA 24 90.10 56.58 16.19
C GLY AA 24 91.24 55.76 16.74
N ASP AA 25 91.37 55.75 18.07
CA ASP AA 25 92.46 55.06 18.74
C ASP AA 25 92.01 54.21 19.92
N MET AA 26 90.75 54.25 20.31
CA MET AA 26 90.30 53.50 21.49
C MET AA 26 90.48 52.00 21.28
N ILE AA 27 91.02 51.33 22.30
CA ILE AA 27 91.18 49.90 22.31
C ILE AA 27 90.27 49.31 23.37
N ALA AA 28 89.80 48.09 23.13
CA ALA AA 28 88.80 47.46 23.97
C ALA AA 28 89.47 46.65 25.08
N VAL AA 29 88.96 46.82 26.30
CA VAL AA 29 89.42 46.00 27.41
C VAL AA 29 89.09 44.53 27.12
N ARG AA 30 90.04 43.66 27.37
CA ARG AA 30 89.87 42.24 27.05
C ARG AA 30 89.27 41.45 28.20
N SER AA 31 89.84 41.56 29.40
CA SER AA 31 89.43 40.77 30.54
C SER AA 31 88.83 41.68 31.61
N LEU AA 32 87.72 41.26 32.19
CA LEU AA 32 87.06 42.11 33.17
C LEU AA 32 87.61 41.93 34.58
N VAL AA 33 88.52 40.97 34.80
CA VAL AA 33 89.18 40.90 36.09
C VAL AA 33 90.05 42.12 36.31
N ASP AA 34 90.78 42.54 35.28
CA ASP AA 34 91.62 43.73 35.34
C ASP AA 34 90.97 44.93 34.63
N ALA AA 35 89.65 44.90 34.46
CA ALA AA 35 88.96 46.07 33.95
C ALA AA 35 89.09 47.24 34.92
N ASP AA 36 88.97 46.96 36.22
CA ASP AA 36 89.10 48.02 37.22
C ASP AA 36 90.49 48.64 37.20
N ARG AA 37 91.49 47.90 36.73
CA ARG AA 37 92.84 48.45 36.68
C ARG AA 37 93.12 49.22 35.39
N PHE AA 38 92.15 49.33 34.49
CA PHE AA 38 92.27 50.17 33.30
C PHE AA 38 91.54 51.50 33.46
N ARG AA 39 91.11 51.82 34.68
CA ARG AA 39 90.44 53.09 34.95
C ARG AA 39 91.38 54.25 34.66
N CYS AA 40 90.81 55.46 34.66
CA CYS AA 40 91.58 56.65 34.37
C CYS AA 40 92.69 56.85 35.40
N PHE AA 41 93.82 57.38 34.93
CA PHE AA 41 95.07 57.64 35.64
C PHE AA 41 95.89 56.37 35.88
N HIS AA 42 95.38 55.19 35.57
CA HIS AA 42 96.14 53.97 35.81
C HIS AA 42 97.20 53.79 34.72
N LEU AA 43 98.45 53.64 35.15
CA LEU AA 43 99.53 53.43 34.20
C LEU AA 43 99.40 52.07 33.54
N VAL AA 44 99.79 52.00 32.27
CA VAL AA 44 99.66 50.81 31.45
C VAL AA 44 100.99 50.60 30.73
N GLY AA 45 101.29 49.34 30.40
CA GLY AA 45 102.50 49.05 29.65
C GLY AA 45 102.16 48.26 28.40
N GLU AA 46 103.12 48.23 27.49
CA GLU AA 46 102.99 47.54 26.23
C GLU AA 46 103.80 46.25 26.24
N LYS AA 47 103.43 45.33 25.35
CA LYS AA 47 104.17 44.09 25.18
C LYS AA 47 104.05 43.63 23.74
N ARG AA 48 105.17 43.21 23.17
CA ARG AA 48 105.23 42.84 21.76
C ARG AA 48 105.14 41.33 21.61
N THR AA 49 104.42 40.89 20.58
CA THR AA 49 104.23 39.47 20.30
C THR AA 49 104.43 39.22 18.81
N PHE AA 50 104.60 37.95 18.45
CA PHE AA 50 104.72 37.59 17.05
C PHE AA 50 103.44 37.91 16.28
N PHE AA 51 102.29 37.83 16.95
CA PHE AA 51 101.03 38.24 16.32
C PHE AA 51 100.93 39.76 16.22
N GLY AA 52 101.40 40.47 17.25
CA GLY AA 52 101.32 41.91 17.28
C GLY AA 52 101.76 42.51 18.60
N CYS AA 53 101.00 43.48 19.09
CA CYS AA 53 101.29 44.12 20.38
C CYS AA 53 100.01 44.21 21.19
N ARG AA 54 100.17 44.15 22.52
CA ARG AA 54 99.04 44.22 23.45
C ARG AA 54 99.43 45.07 24.65
N HIS AA 55 98.44 45.33 25.50
CA HIS AA 55 98.63 46.15 26.69
C HIS AA 55 98.38 45.34 27.94
N TYR AA 56 99.09 45.72 29.01
CA TYR AA 56 98.87 45.16 30.33
C TYR AA 56 98.75 46.32 31.33
N THR AA 57 98.19 46.03 32.49
CA THR AA 57 98.02 47.04 33.52
C THR AA 57 99.02 46.77 34.65
N THR AA 58 99.88 47.75 34.92
CA THR AA 58 100.77 47.64 36.06
C THR AA 58 100.03 47.76 37.38
N GLY AA 59 98.84 48.35 37.38
CA GLY AA 59 98.13 48.63 38.60
C GLY AA 59 98.55 49.91 39.28
N LEU AA 60 99.39 50.72 38.64
CA LEU AA 60 99.88 51.97 39.19
C LEU AA 60 99.04 53.13 38.68
N THR AA 61 98.46 53.89 39.60
CA THR AA 61 97.87 55.16 39.22
C THR AA 61 98.98 56.21 39.07
N LEU AA 62 98.62 57.37 38.52
CA LEU AA 62 99.63 58.40 38.31
C LEU AA 62 100.19 58.93 39.62
N MET AA 63 99.37 58.95 40.68
CA MET AA 63 99.81 59.45 41.96
C MET AA 63 101.00 58.67 42.52
N ASP AA 64 101.20 57.43 42.06
CA ASP AA 64 102.35 56.66 42.50
C ASP AA 64 103.65 57.27 42.02
N ILE AA 65 103.67 57.76 40.78
CA ILE AA 65 104.90 58.30 40.18
C ILE AA 65 104.78 59.81 39.93
N LEU AA 66 103.94 60.51 40.68
CA LEU AA 66 103.79 61.95 40.55
C LEU AA 66 104.24 62.60 41.85
N ASP AA 67 105.17 63.55 41.75
CA ASP AA 67 105.76 64.17 42.94
C ASP AA 67 104.70 64.83 43.80
N THR AA 68 103.79 65.57 43.18
CA THR AA 68 102.70 66.27 43.88
C THR AA 68 103.24 67.19 44.96
N LYS AA 85 77.74 62.21 33.00
CA LYS AA 85 78.54 62.70 31.88
C LYS AA 85 77.83 62.39 30.55
N ALA AA 86 78.41 61.47 29.79
CA ALA AA 86 77.85 61.04 28.51
C ALA AA 86 77.48 59.57 28.61
N GLU AA 87 76.21 59.27 28.38
CA GLU AA 87 75.65 57.94 28.61
C GLU AA 87 75.09 57.39 27.30
N PHE AA 88 75.60 56.25 26.88
CA PHE AA 88 75.20 55.62 25.61
C PHE AA 88 74.62 54.24 25.89
N GLN AA 89 73.41 54.00 25.40
CA GLN AA 89 72.72 52.73 25.62
C GLN AA 89 72.76 51.94 24.32
N ILE AA 90 73.64 50.95 24.26
CA ILE AA 90 73.75 50.08 23.09
C ILE AA 90 72.90 48.85 23.32
N LEU AA 91 72.35 48.31 22.24
CA LEU AA 91 71.54 47.10 22.31
C LEU AA 91 71.54 46.46 20.94
N ASP AA 92 71.90 45.18 20.87
CA ASP AA 92 71.94 44.53 19.56
C ASP AA 92 71.81 43.02 19.72
N ASN AA 93 71.47 42.39 18.60
CA ASN AA 93 71.45 40.94 18.45
C ASN AA 93 72.12 40.60 17.14
N VAL AA 94 72.92 39.54 17.14
CA VAL AA 94 73.71 39.14 15.99
C VAL AA 94 73.46 37.66 15.71
N ASP AA 95 73.27 37.33 14.44
CA ASP AA 95 73.09 35.95 14.00
C ASP AA 95 74.00 35.71 12.81
N SER AA 96 75.05 34.92 13.00
CA SER AA 96 76.02 34.64 11.96
C SER AA 96 76.12 33.14 11.73
N THR AA 97 76.48 32.76 10.50
CA THR AA 97 76.63 31.36 10.14
C THR AA 97 77.60 31.25 8.98
N GLY AA 98 78.52 30.30 9.07
CA GLY AA 98 79.46 30.05 7.99
C GLY AA 98 79.71 28.58 7.75
N GLU AA 99 79.48 28.15 6.51
CA GLU AA 99 79.63 26.71 6.18
C GLU AA 99 80.64 26.55 5.04
N LEU AA 100 81.62 25.68 5.20
CA LEU AA 100 82.64 25.43 4.20
C LEU AA 100 82.74 23.93 3.94
N ILE AA 101 83.12 23.59 2.71
CA ILE AA 101 83.33 22.21 2.29
C ILE AA 101 84.62 22.13 1.49
N VAL AA 102 85.43 21.12 1.77
CA VAL AA 102 86.70 20.92 1.08
C VAL AA 102 86.79 19.47 0.64
N ARG AA 103 87.30 19.25 -0.57
CA ARG AA 103 87.52 17.90 -1.08
C ARG AA 103 88.96 17.78 -1.55
N LEU AA 104 89.50 16.56 -1.39
CA LEU AA 104 90.91 16.29 -1.79
C LEU AA 104 90.95 14.96 -2.54
N PRO AA 105 91.87 14.79 -3.52
CA PRO AA 105 92.00 13.53 -4.27
C PRO AA 105 92.43 12.35 -3.40
N LYS AA 106 92.80 12.58 -2.14
CA LYS AA 106 93.16 11.53 -1.21
C LYS AA 106 91.94 11.00 -0.46
N GLU AA 107 90.75 11.13 -1.05
CA GLU AA 107 89.49 10.70 -0.43
C GLU AA 107 89.26 11.39 0.91
N ILE AA 108 89.54 12.70 0.96
CA ILE AA 108 89.34 13.49 2.17
C ILE AA 108 88.31 14.57 1.89
N THR AA 109 87.10 14.38 2.38
CA THR AA 109 86.00 15.32 2.20
C THR AA 109 85.59 15.87 3.56
N ILE AA 110 85.94 17.12 3.82
CA ILE AA 110 85.63 17.75 5.10
C ILE AA 110 84.54 18.79 4.88
N SER AA 111 83.78 19.06 5.94
CA SER AA 111 82.73 20.07 5.89
C SER AA 111 82.49 20.59 7.29
N GLY AA 112 82.50 21.91 7.44
CA GLY AA 112 82.33 22.52 8.75
C GLY AA 112 81.40 23.72 8.76
N SER AA 113 80.52 23.78 9.75
CA SER AA 113 79.60 24.89 9.94
C SER AA 113 79.84 25.51 11.30
N PHE AA 114 79.84 26.84 11.35
CA PHE AA 114 80.11 27.59 12.58
C PHE AA 114 79.08 28.70 12.67
N GLN AA 115 78.20 28.63 13.67
CA GLN AA 115 77.13 29.60 13.81
C GLN AA 115 77.18 30.23 15.19
N GLY AA 116 76.65 31.45 15.27
CA GLY AA 116 76.64 32.21 16.51
C GLY AA 116 75.42 33.09 16.64
N PHE AA 117 74.91 33.20 17.86
CA PHE AA 117 73.75 34.01 18.18
C PHE AA 117 74.08 34.80 19.45
N HIS AA 118 74.20 36.10 19.32
CA HIS AA 118 74.60 36.97 20.42
C HIS AA 118 73.47 37.94 20.74
N HIS AA 119 73.26 38.22 22.03
CA HIS AA 119 72.31 39.23 22.44
C HIS AA 119 72.92 40.05 23.58
N GLN AA 120 73.01 41.36 23.37
CA GLN AA 120 73.61 42.24 24.36
C GLN AA 120 72.78 43.50 24.49
N LYS AA 121 72.67 43.99 25.73
CA LYS AA 121 72.07 45.27 26.03
C LYS AA 121 72.87 45.89 27.17
N ILE AA 122 73.49 47.04 26.91
CA ILE AA 122 74.43 47.62 27.86
C ILE AA 122 74.24 49.13 27.86
N LYS AA 123 74.56 49.75 28.99
CA LYS AA 123 74.46 51.21 29.16
C LYS AA 123 75.79 51.70 29.71
N ILE AA 124 76.60 52.30 28.85
CA ILE AA 124 77.94 52.73 29.22
C ILE AA 124 77.93 54.23 29.44
N SER AA 125 78.98 54.71 30.12
CA SER AA 125 79.20 56.13 30.34
C SER AA 125 80.65 56.44 30.07
N GLU AA 126 80.93 57.68 29.72
CA GLU AA 126 82.26 58.11 29.35
C GLU AA 126 82.87 58.98 30.44
N ASN AA 127 84.15 58.75 30.74
CA ASN AA 127 84.92 59.63 31.61
C ASN AA 127 86.26 59.88 30.95
N ARG AA 128 86.85 61.03 31.27
CA ARG AA 128 88.09 61.41 30.62
C ARG AA 128 88.77 62.49 31.45
N ILE AA 129 90.10 62.47 31.43
CA ILE AA 129 90.88 63.48 32.12
C ILE AA 129 90.93 64.74 31.26
N SER AA 130 90.62 65.88 31.88
CA SER AA 130 90.54 67.13 31.13
C SER AA 130 91.92 67.51 30.59
N GLN AA 131 91.92 68.14 29.41
CA GLN AA 131 93.16 68.59 28.80
C GLN AA 131 93.88 69.62 29.66
N GLN AA 132 93.19 70.26 30.59
CA GLN AA 132 93.88 71.12 31.55
C GLN AA 132 94.86 70.32 32.39
N TYR AA 133 94.45 69.11 32.83
CA TYR AA 133 95.35 68.28 33.61
C TYR AA 133 96.56 67.86 32.79
N LEU AA 134 96.34 67.37 31.57
CA LEU AA 134 97.46 67.01 30.70
C LEU AA 134 98.35 68.21 30.43
N ALA AA 135 97.79 69.41 30.41
CA ALA AA 135 98.61 70.61 30.33
C ALA AA 135 99.46 70.77 31.59
N THR AA 136 98.89 70.48 32.75
CA THR AA 136 99.65 70.57 34.00
C THR AA 136 100.64 69.43 34.17
N LEU AA 137 100.32 68.23 33.71
CA LEU AA 137 101.18 67.07 33.87
C LEU AA 137 102.24 67.00 32.77
N GLU AA 138 103.00 68.07 32.56
CA GLU AA 138 104.03 68.11 31.54
C GLU AA 138 105.40 68.16 32.18
N ASN AA 139 106.24 67.19 31.83
CA ASN AA 139 107.63 67.11 32.29
C ASN AA 139 107.71 67.25 33.81
N ARG AA 140 106.83 66.53 34.50
CA ARG AA 140 106.83 66.53 35.95
C ARG AA 140 107.95 65.67 36.50
N LYS AA 141 108.44 66.02 37.68
CA LYS AA 141 109.34 65.14 38.41
C LYS AA 141 108.54 64.05 39.09
N LEU AA 142 109.09 62.84 39.12
CA LEU AA 142 108.43 61.71 39.74
C LEU AA 142 108.60 61.79 41.25
N LYS AA 143 108.18 60.74 41.94
CA LYS AA 143 108.42 60.63 43.37
C LYS AA 143 109.79 60.02 43.62
N ARG AA 144 110.50 60.55 44.62
CA ARG AA 144 111.77 59.97 45.01
C ARG AA 144 111.61 58.55 45.54
N GLU AA 145 110.40 58.18 45.97
CA GLU AA 145 110.10 56.83 46.44
C GLU AA 145 109.79 55.93 45.24
N LEU AA 146 110.84 55.64 44.48
CA LEU AA 146 110.73 54.76 43.31
C LEU AA 146 110.25 53.38 43.74
N PRO AA 147 109.03 52.98 43.41
CA PRO AA 147 108.59 51.64 43.76
C PRO AA 147 109.26 50.60 42.88
N PHE AA 148 109.58 49.45 43.47
CA PHE AA 148 110.13 48.36 42.68
C PHE AA 148 109.15 47.91 41.61
N SER AA 149 107.85 48.16 41.81
CA SER AA 149 106.86 47.88 40.77
C SER AA 149 107.20 48.64 39.50
N PHE AA 150 107.58 49.91 39.62
CA PHE AA 150 107.97 50.71 38.47
C PHE AA 150 109.47 50.67 38.22
N ARG AA 151 110.28 50.67 39.27
CA ARG AA 151 111.73 50.73 39.10
C ARG AA 151 112.24 49.57 38.26
N SER AA 152 111.58 48.41 38.34
CA SER AA 152 112.01 47.22 37.62
C SER AA 152 111.37 47.08 36.26
N ILE AA 153 110.59 48.07 35.82
CA ILE AA 153 109.95 47.98 34.51
C ILE AA 153 111.01 47.94 33.44
N ASN AA 154 110.89 46.99 32.52
CA ASN AA 154 111.86 46.85 31.45
C ASN AA 154 111.79 48.06 30.52
N THR AA 155 112.91 48.74 30.33
CA THR AA 155 112.94 49.93 29.50
C THR AA 155 112.77 49.64 28.02
N ARG AA 156 112.90 48.37 27.60
CA ARG AA 156 112.68 48.03 26.20
C ARG AA 156 111.24 48.31 25.78
N GLU AA 157 110.27 47.97 26.63
CA GLU AA 157 108.87 48.24 26.35
C GLU AA 157 108.51 49.68 26.73
N ASN AA 158 107.28 50.06 26.40
CA ASN AA 158 106.83 51.44 26.54
C ASN AA 158 106.03 51.61 27.83
N LEU AA 159 105.48 52.80 28.03
CA LEU AA 159 104.67 53.10 29.20
C LEU AA 159 103.69 54.20 28.84
N TYR AA 160 102.43 54.04 29.25
CA TYR AA 160 101.36 54.93 28.85
C TYR AA 160 100.49 55.26 30.05
N LEU AA 161 99.73 56.33 29.91
CA LEU AA 161 98.74 56.74 30.90
C LEU AA 161 97.36 56.65 30.27
N VAL AA 162 96.43 56.02 30.99
CA VAL AA 162 95.06 55.89 30.50
C VAL AA 162 94.36 57.22 30.62
N THR AA 163 93.80 57.70 29.50
CA THR AA 163 93.24 59.03 29.38
C THR AA 163 91.72 59.03 29.45
N GLU AA 164 91.06 58.25 28.61
CA GLU AA 164 89.59 58.21 28.56
C GLU AA 164 89.12 56.77 28.68
N THR AA 165 87.95 56.60 29.30
CA THR AA 165 87.43 55.27 29.59
C THR AA 165 85.92 55.25 29.42
N LEU AA 166 85.43 54.18 28.80
CA LEU AA 166 84.01 53.86 28.74
C LEU AA 166 83.72 52.76 29.75
N GLU AA 167 82.88 53.07 30.73
CA GLU AA 167 82.63 52.16 31.84
C GLU AA 167 81.12 51.99 32.02
N THR AA 168 80.70 50.77 32.30
CA THR AA 168 79.28 50.53 32.52
C THR AA 168 78.82 51.23 33.80
N VAL AA 169 77.51 51.43 33.91
CA VAL AA 169 76.94 52.08 35.08
C VAL AA 169 75.78 51.25 35.61
N LYS AA 170 75.57 50.06 35.04
CA LYS AA 170 74.45 49.23 35.43
C LYS AA 170 74.87 47.77 35.36
N GLU AA 171 74.24 46.94 36.21
CA GLU AA 171 74.52 45.51 36.22
C GLU AA 171 73.98 44.88 34.95
N GLU AA 172 74.88 44.35 34.12
CA GLU AA 172 74.50 43.84 32.81
C GLU AA 172 74.47 42.32 32.79
N THR AA 173 73.79 41.76 31.80
CA THR AA 173 73.63 40.32 31.65
C THR AA 173 73.65 40.01 30.16
N LEU AA 174 74.80 39.58 29.66
CA LEU AA 174 75.01 39.37 28.24
C LEU AA 174 74.90 37.89 27.89
N LYS AA 175 74.39 37.59 26.69
CA LYS AA 175 74.15 36.21 26.31
C LYS AA 175 74.77 35.91 24.95
N SER AA 176 75.28 34.69 24.82
CA SER AA 176 75.84 34.21 23.56
C SER AA 176 75.45 32.76 23.37
N ASP AA 177 75.59 32.27 22.15
CA ASP AA 177 75.30 30.88 21.84
C ASP AA 177 76.08 30.49 20.59
N ARG AA 178 77.02 29.55 20.74
CA ARG AA 178 77.88 29.13 19.66
C ARG AA 178 77.55 27.70 19.25
N GLN AA 179 77.81 27.38 17.98
CA GLN AA 179 77.63 26.03 17.48
C GLN AA 179 78.72 25.74 16.47
N TYR AA 180 79.48 24.66 16.71
CA TYR AA 180 80.54 24.21 15.81
C TYR AA 180 80.22 22.78 15.41
N LYS AA 181 79.80 22.59 14.15
CA LYS AA 181 79.45 21.26 13.65
C LYS AA 181 80.36 20.98 12.46
N PHE AA 182 81.45 20.25 12.67
CA PHE AA 182 82.37 19.99 11.56
C PHE AA 182 82.83 18.54 11.58
N TRP AA 183 82.90 17.95 10.38
CA TRP AA 183 83.31 16.58 10.20
C TRP AA 183 84.22 16.47 8.98
N SER AA 184 84.77 15.27 8.79
CA SER AA 184 85.73 15.02 7.73
C SER AA 184 85.80 13.52 7.50
N GLN AA 185 85.55 13.10 6.26
CA GLN AA 185 85.72 11.72 5.86
C GLN AA 185 87.10 11.52 5.24
N ILE AA 186 87.77 10.45 5.65
CA ILE AA 186 89.09 10.12 5.13
C ILE AA 186 88.95 8.85 4.29
N SER AA 187 90.05 8.47 3.63
CA SER AA 187 90.04 7.28 2.80
C SER AA 187 89.69 6.04 3.61
N GLN AA 188 90.06 6.02 4.89
CA GLN AA 188 89.78 4.87 5.76
C GLN AA 188 88.49 5.08 6.55
N GLY AA 189 88.44 6.16 7.32
CA GLY AA 189 87.33 6.40 8.22
C GLY AA 189 86.86 7.85 8.20
N HIS AA 190 86.14 8.21 9.26
CA HIS AA 190 85.51 9.52 9.39
C HIS AA 190 85.90 10.13 10.74
N LEU AA 191 85.52 11.39 10.94
CA LEU AA 191 85.72 12.05 12.22
C LEU AA 191 84.81 13.27 12.27
N SER AA 192 83.94 13.34 13.27
CA SER AA 192 82.96 14.41 13.38
C SER AA 192 82.99 14.99 14.78
N TYR AA 193 82.55 16.25 14.89
CA TYR AA 193 82.45 16.92 16.17
C TYR AA 193 81.34 17.96 16.12
N LYS AA 194 80.41 17.87 17.06
CA LYS AA 194 79.28 18.79 17.16
C LYS AA 194 79.25 19.39 18.56
N HIS AA 195 79.36 20.71 18.64
CA HIS AA 195 79.33 21.44 19.90
C HIS AA 195 78.25 22.49 19.83
N LYS AA 196 77.43 22.57 20.88
CA LYS AA 196 76.41 23.61 21.01
C LYS AA 196 76.47 24.15 22.42
N GLY AA 197 76.82 25.42 22.56
CA GLY AA 197 76.96 26.00 23.88
C GLY AA 197 76.29 27.35 24.04
N GLN AA 198 75.37 27.44 25.00
CA GLN AA 198 74.75 28.70 25.38
C GLN AA 198 75.44 29.23 26.62
N ARG AA 199 75.84 30.51 26.58
CA ARG AA 199 76.62 31.11 27.64
C ARG AA 199 75.97 32.43 28.05
N GLU AA 200 76.13 32.78 29.32
CA GLU AA 200 75.52 33.99 29.85
C GLU AA 200 76.38 34.50 31.00
N VAL AA 201 76.64 35.80 31.02
CA VAL AA 201 77.52 36.39 32.02
C VAL AA 201 76.87 37.63 32.60
N THR AA 202 77.26 37.97 33.83
CA THR AA 202 76.77 39.14 34.53
C THR AA 202 77.93 40.05 34.89
N ILE AA 203 77.68 41.35 34.86
CA ILE AA 203 78.72 42.36 35.02
C ILE AA 203 78.28 43.42 36.01
N PRO AA 204 79.13 43.78 36.98
CA PRO AA 204 78.80 44.85 37.91
C PRO AA 204 79.03 46.21 37.27
N PRO AA 205 78.61 47.29 37.90
CA PRO AA 205 78.86 48.62 37.33
C PRO AA 205 80.34 48.98 37.35
N ASN AA 206 80.66 50.06 36.62
CA ASN AA 206 81.97 50.70 36.60
C ASN AA 206 83.06 49.83 35.98
N ARG AA 207 82.68 48.84 35.19
CA ARG AA 207 83.67 48.00 34.51
C ARG AA 207 84.11 48.70 33.22
N VAL AA 208 85.39 49.05 33.13
CA VAL AA 208 85.91 49.79 31.99
C VAL AA 208 85.84 48.91 30.75
N LEU AA 209 85.10 49.36 29.74
CA LEU AA 209 84.95 48.61 28.51
C LEU AA 209 85.97 48.99 27.44
N SER AA 210 86.53 50.20 27.48
CA SER AA 210 87.52 50.60 26.50
C SER AA 210 88.32 51.77 27.05
N TYR AA 211 89.49 51.99 26.47
CA TYR AA 211 90.37 53.04 26.93
C TYR AA 211 91.29 53.49 25.80
N ARG AA 212 91.87 54.67 25.99
CA ARG AA 212 92.89 55.20 25.09
C ARG AA 212 94.02 55.75 25.95
N VAL AA 213 95.22 55.84 25.36
CA VAL AA 213 96.43 56.08 26.13
C VAL AA 213 97.23 57.23 25.56
N LYS AA 214 98.00 57.88 26.42
CA LYS AA 214 99.00 58.88 26.05
C LYS AA 214 100.35 58.46 26.59
N GLN AA 215 101.37 58.48 25.75
CA GLN AA 215 102.63 57.86 26.15
C GLN AA 215 103.32 58.71 27.22
N LEU AA 216 104.24 58.08 27.96
CA LEU AA 216 105.09 58.77 28.91
C LEU AA 216 106.53 58.36 28.66
N VAL AA 217 107.32 59.25 28.06
CA VAL AA 217 108.74 59.02 27.83
C VAL AA 217 109.53 59.63 28.97
N PHE AA 218 110.61 58.94 29.36
CA PHE AA 218 111.43 59.29 30.52
C PHE AA 218 112.89 59.38 30.10
N PRO AA 219 113.36 60.55 29.66
CA PRO AA 219 114.80 60.72 29.41
C PRO AA 219 115.65 60.51 30.65
N ASN AA 220 115.10 60.75 31.84
CA ASN AA 220 115.80 60.45 33.09
C ASN AA 220 114.75 60.09 34.14
N LYS AA 221 115.14 60.09 35.41
CA LYS AA 221 114.28 59.65 36.50
C LYS AA 221 113.42 60.77 37.07
N GLU AA 222 113.50 61.98 36.52
CA GLU AA 222 112.70 63.11 36.99
C GLU AA 222 111.91 63.76 35.87
N THR AA 223 111.77 63.06 34.74
CA THR AA 223 111.14 63.61 33.54
C THR AA 223 109.94 62.74 33.17
N MET AA 224 108.76 63.16 33.61
CA MET AA 224 107.52 62.51 33.18
C MET AA 224 107.02 63.15 31.88
N ASN AA 225 107.80 62.96 30.82
CA ASN AA 225 107.54 63.69 29.58
C ASN AA 225 106.34 63.08 28.88
N ILE AA 226 105.22 63.78 28.90
CA ILE AA 226 103.96 63.23 28.38
C ILE AA 226 103.94 63.43 26.87
N HIS AA 227 103.89 62.32 26.13
CA HIS AA 227 103.96 62.31 24.68
C HIS AA 227 102.56 62.10 24.13
N PHE AA 228 102.09 63.04 23.31
CA PHE AA 228 100.76 62.98 22.72
C PHE AA 228 100.75 62.27 21.38
N ARG AA 229 101.53 62.79 20.42
CA ARG AA 229 101.55 62.26 19.07
C ARG AA 229 102.96 61.79 18.74
N GLY AA 230 103.06 60.66 18.05
CA GLY AA 230 104.35 60.18 17.59
C GLY AA 230 104.75 58.83 18.14
N LYS AA 231 105.03 57.88 17.24
CA LYS AA 231 105.55 56.58 17.64
C LYS AA 231 107.01 56.73 17.99
N THR AA 232 107.35 56.52 19.26
CA THR AA 232 108.71 56.74 19.74
C THR AA 232 109.01 55.72 20.83
N LYS AA 233 110.13 55.93 21.51
CA LYS AA 233 110.55 55.07 22.62
C LYS AA 233 110.23 55.76 23.94
N SER AA 234 109.57 55.05 24.84
CA SER AA 234 109.13 55.61 26.10
C SER AA 234 110.20 55.60 27.18
N PHE AA 235 111.39 55.05 26.88
CA PHE AA 235 112.49 55.03 27.82
C PHE AA 235 113.80 55.25 27.06
N PRO AA 236 114.13 56.51 26.76
CA PRO AA 236 115.39 56.80 26.07
C PRO AA 236 116.60 56.87 27.00
N GLU AA 237 116.38 56.78 28.30
CA GLU AA 237 117.46 56.87 29.28
C GLU AA 237 118.43 55.69 29.15
#